data_3CMV
#
_entry.id   3CMV
#
_cell.length_a   176.600
_cell.length_b   189.800
_cell.length_c   424.300
_cell.angle_alpha   90.00
_cell.angle_beta   90.00
_cell.angle_gamma   90.00
#
_symmetry.space_group_name_H-M   'P 21 21 21'
#
loop_
_entity.id
_entity.type
_entity.pdbx_description
1 polymer 'Protein recA'
2 non-polymer 'MAGNESIUM ION'
3 non-polymer 'PHOSPHOAMINOPHOSPHONIC ACID-ADENYLATE ESTER'
#
_entity_poly.entity_id   1
_entity_poly.type   'polypeptide(L)'
_entity_poly.pdbx_seq_one_letter_code
;GAMHGEDRSMDVETISTGSLSLDIALGAGGLPMGRIVEIYGPESSGKTTLTLQVIAAAQREGKTCAFIDAEHALDPIYAR
KLGVDIDNLLCSQPDTGEQALEICDALARSGAVDVIVVDSVAALTPKAEIEGEIGDSHMGLAARMMSQAMRKLAGNLKQS
NTLLIFINQIRMKIGVMFGNPETTTGGNALKFYASVRLDIRRIGAVKEGENVVGSETRVKVVKNKIAAPFKQAEFQILYG
EGINFYGELVDLGVKEKLIEKAGAWYSYKGEKIGQGKANATAWLKDNPETAKEIEKKVRELLLSNPNSTTGSTGSGTTGS
TGSMAIDENKQKALAAALGQIEKQFGKGSIMRLGEDRSMDVETISTGSLSLDIALGAGGLPMGRIVEIYGPESSGKTTLT
LQVIAAAQREGKTCAFIDAEHALDPIYARKLGVDIDNLLCSQPDTGEQALEICDALARSGAVDVIVVDSVAALTPKAEIE
GEIGDSHMGLAARMMSQAMRKLAGNLKQSNTLLIFINQIRMKIGVMFGNPETTTGGNALKFYASVRLDIRRIGAVKEGEN
VVGSETRVKVVKNKIAAPFKQAEFQILYGEGINFYGELVDLGVKEKLIEKAGAWYSYKGEKIGQGKANATAWLKDNPETA
KEIEKKVRELLLSNPNSTTGSTGSMGHTTGSMSAIDENKQKALAAALGQIEKQFGKGSIMRLGEDRSMDVETISTGSLSL
DIALGAGGLPMGRIVEIYGPESSGKTTLTLQVIAAAQREGKTCAFIDAEHALDPIYARKLGVDIDNLLCSQPDTGEQALE
ICDALARSGAVDVIVVDSVAALTPKAEIEGEIGDSHMGLAARMMSQAMRKLAGNLKQSNTLLIFINQIRMKIGVMFGNPE
TTTGGNALKFYASVRLDIRRIGAVKEGENVVGSETRVKVVKNKIAAPFKQAEFQILYGEGINFYGELVDLGVKEKLIEKA
GAWYSYKGEKIGQGKANATAWLKDNPETAKEIEKKVRELLLSNPNSTTGSTGSASGSSTGSMSAIDENKQKALAAALGQI
EKQFGKGSIMRLGEDRSMDVETISTGSLSLDIALGAGGLPMGRIVEIYGPESSGKTTLTLQVIAAAQREGKTCAFIDAEH
ALDPIYARKLGVDIDNLLCSQPDTGEQALEICDALARSGAVDVIVVDSVAALTPKAEIEGEIGDSHMGLAARMMSQAMRK
LAGNLKQSNTLLIFINQIRMKIGVMFGNPETTTGGNALKFYASVRLDIRRIGAVKEGENVVGSETRVKVVKNKIAAPFKQ
AEFQILYGEGINFYGELVDLGVKEKLIEKAGAWYSYKGEKIGQGKANATAWLKDNPETAKEIEKKVRELLLSNPNST
;
_entity_poly.pdbx_strand_id   A,B,C,D,E,F,G,H
#
# COMPACT_ATOMS: atom_id res chain seq x y z
N VAL A 12 24.86 102.45 15.26
CA VAL A 12 24.78 101.98 16.68
C VAL A 12 24.67 100.45 16.80
N GLU A 13 24.22 99.97 17.97
CA GLU A 13 24.14 98.52 18.28
C GLU A 13 22.86 97.86 17.78
N THR A 14 22.97 96.61 17.33
CA THR A 14 21.84 95.86 16.76
C THR A 14 21.74 94.41 17.22
N ILE A 15 20.49 93.99 17.51
CA ILE A 15 20.18 92.62 17.92
C ILE A 15 19.51 91.87 16.79
N SER A 16 19.98 90.64 16.57
CA SER A 16 19.46 89.78 15.51
C SER A 16 17.99 89.41 15.74
N THR A 17 17.17 89.55 14.69
CA THR A 17 15.73 89.32 14.78
C THR A 17 15.41 87.86 14.99
N GLY A 18 16.34 87.00 14.61
CA GLY A 18 16.08 85.57 14.57
C GLY A 18 15.98 85.16 13.13
N SER A 19 15.51 86.06 12.26
CA SER A 19 15.57 85.83 10.80
C SER A 19 16.70 86.59 10.18
N LEU A 20 17.25 85.97 9.15
CA LEU A 20 18.39 86.52 8.44
C LEU A 20 17.93 87.68 7.56
N SER A 21 16.88 87.45 6.78
CA SER A 21 16.49 88.41 5.77
C SER A 21 15.77 89.60 6.39
N LEU A 22 15.23 89.41 7.59
CA LEU A 22 14.66 90.54 8.32
C LEU A 22 15.77 91.52 8.62
N ASP A 23 16.90 90.98 9.08
CA ASP A 23 18.10 91.76 9.38
C ASP A 23 18.55 92.49 8.12
N ILE A 24 18.45 91.78 7.00
CA ILE A 24 18.86 92.29 5.69
C ILE A 24 18.02 93.47 5.22
N ALA A 25 16.70 93.34 5.35
CA ALA A 25 15.78 94.39 4.92
C ALA A 25 15.73 95.56 5.90
N LEU A 26 16.13 95.29 7.13
CA LEU A 26 16.31 96.34 8.12
C LEU A 26 17.41 97.32 7.70
N GLY A 27 18.45 96.79 7.03
CA GLY A 27 19.65 97.57 6.59
C GLY A 27 20.78 97.66 7.63
N ALA A 28 20.45 97.22 8.86
CA ALA A 28 21.26 97.38 10.07
C ALA A 28 21.77 96.05 10.62
N GLY A 29 21.24 94.94 10.13
CA GLY A 29 21.60 93.63 10.64
C GLY A 29 21.04 93.43 12.04
N GLY A 30 19.81 93.88 12.27
CA GLY A 30 19.17 93.72 13.56
C GLY A 30 18.30 94.91 13.94
N LEU A 31 17.75 94.88 15.16
CA LEU A 31 16.87 95.95 15.66
C LEU A 31 17.57 96.97 16.57
N PRO A 32 17.63 98.24 16.12
CA PRO A 32 18.28 99.37 16.79
C PRO A 32 18.05 99.48 18.30
N MET A 33 19.10 99.21 19.06
CA MET A 33 19.12 99.36 20.51
C MET A 33 18.92 100.81 20.92
N GLY A 34 18.07 101.00 21.93
CA GLY A 34 17.79 102.34 22.43
C GLY A 34 16.60 103.03 21.76
N ARG A 35 15.93 102.32 20.86
CA ARG A 35 14.80 102.87 20.13
C ARG A 35 13.52 102.09 20.36
N ILE A 36 12.40 102.66 19.93
CA ILE A 36 11.13 101.96 20.02
C ILE A 36 10.81 101.30 18.71
N VAL A 37 10.41 100.02 18.82
CA VAL A 37 10.14 99.18 17.65
C VAL A 37 8.78 98.52 17.75
N GLU A 38 7.97 98.76 16.74
CA GLU A 38 6.60 98.25 16.69
C GLU A 38 6.50 97.12 15.70
N ILE A 39 5.98 95.99 16.15
CA ILE A 39 5.64 94.89 15.28
C ILE A 39 4.15 94.72 15.33
N TYR A 40 3.53 94.95 14.20
CA TYR A 40 2.11 94.89 14.13
C TYR A 40 1.70 93.95 13.05
N GLY A 41 0.48 93.46 13.16
CA GLY A 41 -0.09 92.57 12.16
C GLY A 41 -1.20 91.65 12.68
N PRO A 42 -2.07 91.13 11.78
CA PRO A 42 -3.07 90.15 12.15
C PRO A 42 -2.58 89.16 13.20
N GLU A 43 -3.47 88.81 14.11
CA GLU A 43 -3.16 87.84 15.14
C GLU A 43 -2.81 86.51 14.52
N SER A 44 -2.15 85.68 15.33
CA SER A 44 -1.65 84.38 14.89
C SER A 44 -0.91 84.48 13.54
N SER A 45 0.05 85.40 13.48
CA SER A 45 0.80 85.58 12.26
C SER A 45 2.26 85.43 12.55
N GLY A 46 2.58 85.08 13.80
CA GLY A 46 3.95 84.81 14.17
C GLY A 46 4.51 85.97 14.93
N LYS A 47 3.61 86.84 15.34
CA LYS A 47 3.96 88.04 16.06
C LYS A 47 4.87 87.71 17.28
N THR A 48 4.34 86.88 18.18
CA THR A 48 5.01 86.46 19.43
C THR A 48 6.24 85.55 19.22
N THR A 49 6.22 84.72 18.18
CA THR A 49 7.39 83.92 17.87
C THR A 49 8.58 84.84 17.57
N LEU A 50 8.41 85.69 16.56
CA LEU A 50 9.44 86.64 16.17
C LEU A 50 9.95 87.42 17.37
N THR A 51 9.00 87.87 18.20
CA THR A 51 9.31 88.48 19.49
C THR A 51 10.21 87.56 20.33
N LEU A 52 9.70 86.38 20.70
CA LEU A 52 10.45 85.49 21.56
C LEU A 52 11.77 85.12 20.95
N GLN A 53 11.92 85.43 19.67
CA GLN A 53 13.15 85.13 18.97
C GLN A 53 14.26 86.15 19.21
N VAL A 54 13.88 87.41 19.40
CA VAL A 54 14.89 88.40 19.69
C VAL A 54 15.30 88.27 21.15
N ILE A 55 14.35 87.84 21.97
CA ILE A 55 14.63 87.61 23.38
C ILE A 55 15.61 86.45 23.50
N ALA A 56 15.53 85.54 22.55
CA ALA A 56 16.46 84.43 22.47
C ALA A 56 17.85 84.90 22.10
N ALA A 57 17.96 85.51 20.92
CA ALA A 57 19.25 85.95 20.36
C ALA A 57 20.04 86.89 21.30
N ALA A 58 19.30 87.70 22.08
CA ALA A 58 19.90 88.60 23.06
C ALA A 58 20.22 87.88 24.37
N GLN A 59 19.38 86.89 24.71
CA GLN A 59 19.52 86.13 25.94
C GLN A 59 20.78 85.28 25.98
N ARG A 60 21.29 84.94 24.79
CA ARG A 60 22.47 84.12 24.64
C ARG A 60 23.66 85.04 24.53
N GLU A 61 23.51 86.23 25.12
CA GLU A 61 24.59 87.21 25.21
C GLU A 61 24.51 88.04 26.50
N GLY A 62 24.01 87.44 27.58
CA GLY A 62 23.85 88.13 28.88
C GLY A 62 22.59 88.99 28.91
N LYS A 63 22.66 90.12 28.20
CA LYS A 63 21.57 91.13 28.01
C LYS A 63 20.19 90.74 28.65
N THR A 64 20.02 90.95 29.96
CA THR A 64 18.80 90.50 30.65
C THR A 64 17.56 91.27 30.15
N CYS A 65 16.47 90.52 30.00
CA CYS A 65 15.30 91.02 29.29
C CYS A 65 13.95 91.02 30.01
N ALA A 66 13.12 91.97 29.59
CA ALA A 66 11.86 92.22 30.23
C ALA A 66 10.70 91.93 29.32
N PHE A 67 9.69 91.30 29.90
CA PHE A 67 8.48 90.92 29.21
C PHE A 67 7.23 91.50 29.87
N ILE A 68 6.75 92.61 29.32
CA ILE A 68 5.59 93.28 29.85
C ILE A 68 4.37 92.59 29.35
N ASP A 69 3.73 91.81 30.22
CA ASP A 69 2.63 90.95 29.81
C ASP A 69 1.22 91.30 30.28
N ALA A 70 0.34 91.53 29.32
CA ALA A 70 -1.03 91.80 29.64
C ALA A 70 -1.90 90.81 28.92
N GLU A 71 -1.29 90.01 28.06
CA GLU A 71 -2.03 88.99 27.33
C GLU A 71 -2.27 87.75 28.19
N HIS A 72 -1.32 87.49 29.09
CA HIS A 72 -1.30 86.26 29.89
C HIS A 72 -1.29 85.06 28.93
N ALA A 73 -0.51 85.18 27.85
CA ALA A 73 -0.44 84.15 26.80
C ALA A 73 0.77 83.21 26.92
N LEU A 74 1.81 83.47 26.14
CA LEU A 74 3.16 82.90 26.33
C LEU A 74 3.23 81.44 26.84
N ASP A 75 3.65 80.54 25.96
CA ASP A 75 3.87 79.13 26.32
C ASP A 75 5.34 78.95 26.76
N PRO A 76 5.57 78.75 28.08
CA PRO A 76 6.94 78.60 28.55
C PRO A 76 7.69 77.58 27.71
N ILE A 77 7.01 76.50 27.33
CA ILE A 77 7.66 75.38 26.66
C ILE A 77 8.04 75.75 25.23
N TYR A 78 7.09 76.31 24.50
CA TYR A 78 7.34 76.80 23.16
C TYR A 78 8.49 77.81 23.21
N ALA A 79 8.53 78.60 24.27
CA ALA A 79 9.61 79.53 24.44
C ALA A 79 10.93 78.79 24.56
N ARG A 80 10.94 77.76 25.40
CA ARG A 80 12.17 77.04 25.72
C ARG A 80 12.82 76.53 24.45
N LYS A 81 11.98 76.01 23.55
CA LYS A 81 12.46 75.42 22.31
C LYS A 81 12.81 76.48 21.27
N LEU A 82 12.28 77.68 21.46
CA LEU A 82 12.71 78.77 20.63
C LEU A 82 14.08 79.25 21.07
N GLY A 83 14.42 79.02 22.34
CA GLY A 83 15.77 79.24 22.86
C GLY A 83 15.96 80.38 23.84
N VAL A 84 14.95 80.63 24.68
CA VAL A 84 15.02 81.72 25.66
C VAL A 84 15.40 81.22 27.04
N ASP A 85 16.35 81.89 27.69
CA ASP A 85 16.69 81.53 29.06
C ASP A 85 15.51 81.98 29.91
N ILE A 86 14.57 81.07 30.08
CA ILE A 86 13.33 81.39 30.76
C ILE A 86 13.58 81.72 32.21
N ASP A 87 14.42 80.92 32.84
CA ASP A 87 14.72 81.10 34.25
C ASP A 87 15.31 82.49 34.58
N ASN A 88 15.73 83.19 33.54
CA ASN A 88 16.39 84.49 33.69
C ASN A 88 15.65 85.60 32.92
N LEU A 89 14.34 85.46 32.82
CA LEU A 89 13.57 86.43 32.08
C LEU A 89 12.64 87.21 32.99
N LEU A 90 12.47 88.51 32.72
CA LEU A 90 11.62 89.30 33.57
C LEU A 90 10.32 89.50 32.89
N CYS A 91 9.24 89.24 33.62
CA CYS A 91 7.88 89.47 33.12
C CYS A 91 7.13 90.48 34.00
N SER A 92 6.21 91.22 33.39
CA SER A 92 5.49 92.27 34.10
C SER A 92 4.04 91.92 34.11
N GLN A 93 3.55 91.55 35.28
CA GLN A 93 2.14 91.18 35.40
C GLN A 93 1.31 92.37 35.94
N PRO A 94 1.12 93.42 35.12
CA PRO A 94 0.73 94.71 35.68
C PRO A 94 -0.69 94.68 36.21
N ASP A 95 -1.00 95.67 37.05
CA ASP A 95 -2.34 95.81 37.60
C ASP A 95 -3.23 96.68 36.65
N THR A 96 -2.59 97.49 35.81
CA THR A 96 -3.29 98.35 34.86
C THR A 96 -2.40 98.75 33.72
N GLY A 97 -3.03 99.30 32.68
CA GLY A 97 -2.34 99.77 31.49
C GLY A 97 -1.46 100.96 31.78
N GLU A 98 -1.93 101.83 32.65
CA GLU A 98 -1.06 102.89 33.13
C GLU A 98 0.15 102.23 33.79
N GLN A 99 -0.06 101.63 34.95
CA GLN A 99 1.01 100.98 35.71
C GLN A 99 1.95 100.21 34.78
N ALA A 100 1.40 99.49 33.82
CA ALA A 100 2.23 98.79 32.84
C ALA A 100 3.15 99.78 32.16
N LEU A 101 2.55 100.77 31.52
CA LEU A 101 3.30 101.77 30.79
C LEU A 101 4.16 102.64 31.69
N GLU A 102 4.39 102.19 32.92
CA GLU A 102 5.30 102.89 33.86
C GLU A 102 6.38 101.97 34.37
N ILE A 103 6.09 100.68 34.43
CA ILE A 103 7.04 99.69 34.90
C ILE A 103 8.06 99.52 33.82
N CYS A 104 7.56 99.46 32.59
CA CYS A 104 8.44 99.42 31.43
C CYS A 104 9.30 100.69 31.37
N ASP A 105 8.74 101.80 31.81
CA ASP A 105 9.47 103.06 31.86
C ASP A 105 10.57 102.96 32.91
N ALA A 106 10.21 102.46 34.08
CA ALA A 106 11.11 102.39 35.19
C ALA A 106 12.34 101.56 34.86
N LEU A 107 12.14 100.53 34.03
CA LEU A 107 13.25 99.65 33.66
C LEU A 107 14.16 100.34 32.66
N ALA A 108 13.56 101.18 31.84
CA ALA A 108 14.31 101.93 30.87
C ALA A 108 15.36 102.76 31.57
N ARG A 109 14.99 103.34 32.71
CA ARG A 109 15.89 104.20 33.49
C ARG A 109 17.04 103.41 34.08
N SER A 110 16.73 102.17 34.51
CA SER A 110 17.67 101.38 35.31
C SER A 110 18.82 100.78 34.51
N GLY A 111 19.30 101.52 33.51
CA GLY A 111 20.60 101.31 32.84
C GLY A 111 20.86 99.97 32.15
N ALA A 112 21.11 98.95 32.98
CA ALA A 112 21.35 97.58 32.51
C ALA A 112 20.08 96.69 32.68
N VAL A 113 19.04 97.05 31.95
CA VAL A 113 17.98 96.12 31.61
C VAL A 113 17.82 96.34 30.12
N ASP A 114 18.13 95.31 29.36
CA ASP A 114 18.55 95.55 27.97
C ASP A 114 17.50 95.66 26.93
N VAL A 115 16.62 94.67 26.83
CA VAL A 115 15.51 94.78 25.88
C VAL A 115 14.13 94.39 26.44
N ILE A 116 13.15 95.28 26.24
CA ILE A 116 11.83 95.21 26.85
C ILE A 116 10.81 94.87 25.79
N VAL A 117 9.91 93.94 26.13
CA VAL A 117 8.86 93.51 25.21
C VAL A 117 7.45 93.59 25.80
N VAL A 118 6.56 94.30 25.12
CA VAL A 118 5.22 94.58 25.63
C VAL A 118 4.21 93.80 24.88
N ASP A 119 3.36 93.12 25.65
CA ASP A 119 2.39 92.15 25.16
C ASP A 119 1.09 92.29 25.92
N SER A 120 0.11 92.96 25.33
CA SER A 120 0.19 93.61 24.03
C SER A 120 -0.47 94.99 24.02
N VAL A 121 -0.13 95.81 23.03
CA VAL A 121 -0.67 97.14 22.92
C VAL A 121 -2.15 97.12 23.18
N ALA A 122 -2.84 96.18 22.56
CA ALA A 122 -4.29 96.09 22.68
C ALA A 122 -4.75 95.81 24.12
N ALA A 123 -3.98 94.98 24.84
CA ALA A 123 -4.35 94.57 26.21
C ALA A 123 -3.87 95.52 27.31
N LEU A 124 -3.18 96.58 26.90
CA LEU A 124 -2.82 97.70 27.76
C LEU A 124 -4.03 98.62 27.97
N THR A 125 -5.04 98.07 28.64
CA THR A 125 -6.33 98.73 28.82
C THR A 125 -6.22 99.71 29.97
N PRO A 126 -6.51 101.00 29.70
CA PRO A 126 -6.40 102.13 30.65
C PRO A 126 -7.03 101.91 32.01
N LYS A 127 -6.46 102.56 33.03
CA LYS A 127 -6.94 102.44 34.42
C LYS A 127 -8.37 102.89 34.46
N ALA A 128 -8.69 103.85 33.62
CA ALA A 128 -10.04 104.34 33.47
C ALA A 128 -11.02 103.21 33.10
N GLU A 129 -10.76 102.50 32.01
CA GLU A 129 -11.64 101.42 31.56
C GLU A 129 -11.81 100.40 32.66
N ILE A 130 -10.73 100.13 33.37
CA ILE A 130 -10.73 99.10 34.38
C ILE A 130 -11.76 99.41 35.42
N GLU A 131 -12.04 100.70 35.52
CA GLU A 131 -13.26 101.19 36.18
C GLU A 131 -14.39 101.47 35.17
N GLY A 132 -15.23 102.48 35.40
CA GLY A 132 -16.31 102.74 34.48
C GLY A 132 -15.95 103.74 33.41
N GLU A 133 -16.76 104.76 33.32
CA GLU A 133 -16.46 106.00 32.61
C GLU A 133 -16.11 106.05 31.07
N ILE A 134 -15.54 107.20 30.66
CA ILE A 134 -15.80 107.94 29.37
C ILE A 134 -14.69 109.07 28.88
N GLY A 135 -14.65 109.47 27.58
CA GLY A 135 -13.75 110.57 27.02
C GLY A 135 -14.27 111.18 25.68
N ASP A 136 -13.42 111.86 24.88
CA ASP A 136 -13.89 112.32 23.51
C ASP A 136 -12.82 112.23 22.40
N SER A 137 -11.71 111.61 22.78
CA SER A 137 -10.94 110.76 21.89
C SER A 137 -11.14 109.28 22.34
N HIS A 138 -12.35 108.89 22.85
CA HIS A 138 -12.79 107.61 23.73
C HIS A 138 -13.06 106.09 23.23
N MET A 139 -12.55 105.09 23.99
CA MET A 139 -11.78 103.89 23.44
C MET A 139 -10.52 104.52 22.73
N GLY A 140 -10.74 105.80 22.42
CA GLY A 140 -9.75 106.88 22.29
C GLY A 140 -9.07 107.33 23.58
N LEU A 141 -9.33 106.65 24.69
CA LEU A 141 -8.67 106.93 25.97
C LEU A 141 -7.28 106.32 26.04
N ALA A 142 -7.09 105.25 25.26
CA ALA A 142 -5.81 104.56 25.16
C ALA A 142 -4.84 105.32 24.27
N ALA A 143 -5.32 105.82 23.14
CA ALA A 143 -4.53 106.67 22.23
C ALA A 143 -4.01 107.95 22.92
N ARG A 144 -4.54 108.23 24.11
CA ARG A 144 -4.12 109.36 24.93
C ARG A 144 -3.31 108.95 26.17
N MET A 145 -3.52 107.74 26.67
CA MET A 145 -2.59 107.16 27.66
C MET A 145 -1.24 106.89 26.98
N MET A 146 -1.30 106.56 25.69
CA MET A 146 -0.13 106.47 24.84
C MET A 146 0.57 107.82 24.74
N SER A 147 -0.09 108.79 24.10
CA SER A 147 0.43 110.15 23.92
C SER A 147 1.11 110.68 25.19
N GLN A 148 0.71 110.10 26.33
CA GLN A 148 1.14 110.52 27.67
C GLN A 148 2.58 110.11 27.97
N ALA A 149 2.78 109.05 28.76
CA ALA A 149 4.12 108.63 29.21
C ALA A 149 5.03 108.11 28.07
N MET A 150 4.85 108.68 26.87
CA MET A 150 5.57 108.27 25.64
C MET A 150 6.86 109.06 25.38
N ARG A 151 6.76 110.39 25.42
CA ARG A 151 7.93 111.27 25.37
C ARG A 151 8.92 110.84 26.45
N LYS A 152 8.43 110.70 27.68
CA LYS A 152 9.22 110.29 28.86
C LYS A 152 9.98 108.96 28.61
N LEU A 153 9.38 108.06 27.84
CA LEU A 153 10.05 106.83 27.46
C LEU A 153 11.00 107.02 26.30
N ALA A 154 10.54 107.75 25.29
CA ALA A 154 11.33 108.01 24.09
C ALA A 154 12.81 108.30 24.40
N GLY A 155 13.05 109.02 25.49
CA GLY A 155 14.38 109.49 25.91
C GLY A 155 15.08 108.63 26.95
N ASN A 156 14.31 107.90 27.75
CA ASN A 156 14.87 106.99 28.75
C ASN A 156 15.47 105.73 28.10
N LEU A 157 15.54 105.73 26.78
CA LEU A 157 16.00 104.57 26.06
C LEU A 157 17.33 104.84 25.37
N LYS A 158 17.41 105.96 24.67
CA LYS A 158 18.67 106.46 24.14
C LYS A 158 19.67 106.65 25.29
N GLN A 159 19.14 106.60 26.52
CA GLN A 159 19.94 106.69 27.74
C GLN A 159 20.65 105.37 28.04
N SER A 160 19.90 104.26 27.96
CA SER A 160 20.36 102.93 28.44
C SER A 160 20.79 101.95 27.33
N ASN A 161 20.64 102.40 26.08
CA ASN A 161 20.63 101.51 24.93
C ASN A 161 19.50 100.48 25.03
N THR A 162 18.50 100.79 25.88
CA THR A 162 17.35 99.92 26.12
C THR A 162 16.43 99.86 24.88
N LEU A 163 16.29 98.68 24.28
CA LEU A 163 15.42 98.44 23.12
C LEU A 163 14.01 98.02 23.52
N LEU A 164 13.02 98.75 23.05
CA LEU A 164 11.64 98.46 23.43
C LEU A 164 10.84 98.07 22.23
N ILE A 165 10.23 96.90 22.34
CA ILE A 165 9.46 96.30 21.25
C ILE A 165 7.99 96.17 21.59
N PHE A 166 7.17 96.85 20.81
CA PHE A 166 5.71 96.87 21.00
C PHE A 166 5.02 95.95 19.99
N ILE A 167 4.10 95.10 20.47
CA ILE A 167 3.29 94.25 19.56
C ILE A 167 1.80 94.62 19.45
N ASN A 168 1.31 94.80 18.23
CA ASN A 168 0.03 95.46 17.98
C ASN A 168 -0.76 94.69 16.89
N GLN A 169 -2.05 95.05 16.65
CA GLN A 169 -2.99 94.47 15.59
C GLN A 169 -3.63 95.50 14.60
N GLY A 186 -4.59 101.02 17.20
CA GLY A 186 -5.28 101.67 18.31
C GLY A 186 -4.41 102.56 19.20
N GLY A 187 -3.81 103.61 18.61
CA GLY A 187 -3.01 104.61 19.37
C GLY A 187 -1.94 105.35 18.57
N ASN A 188 -2.34 106.47 17.96
CA ASN A 188 -1.51 107.19 16.95
C ASN A 188 -0.23 107.87 17.47
N ALA A 189 -0.04 107.85 18.78
CA ALA A 189 1.17 108.37 19.38
C ALA A 189 2.37 107.46 19.05
N LEU A 190 2.28 106.19 19.43
CA LEU A 190 3.36 105.22 19.24
C LEU A 190 3.94 105.22 17.85
N LYS A 191 3.10 105.53 16.87
CA LYS A 191 3.50 105.56 15.47
C LYS A 191 4.78 106.36 15.20
N PHE A 192 4.86 107.57 15.77
CA PHE A 192 5.95 108.49 15.40
C PHE A 192 7.20 108.33 16.24
N TYR A 193 7.05 107.74 17.43
CA TYR A 193 8.16 107.58 18.37
C TYR A 193 8.88 106.25 18.13
N ALA A 194 8.32 105.45 17.23
CA ALA A 194 8.96 104.23 16.81
C ALA A 194 10.04 104.56 15.81
N SER A 195 11.22 103.99 16.00
CA SER A 195 12.29 104.15 15.03
C SER A 195 12.16 103.09 13.94
N VAL A 196 11.47 102.00 14.27
CA VAL A 196 11.26 100.91 13.33
C VAL A 196 9.91 100.22 13.50
N ARG A 197 9.27 99.92 12.38
CA ARG A 197 7.99 99.24 12.36
C ARG A 197 7.90 98.06 11.39
N LEU A 198 7.30 96.97 11.86
CA LEU A 198 7.18 95.73 11.10
C LEU A 198 5.74 95.24 10.84
N ASP A 199 5.49 94.83 9.60
CA ASP A 199 4.17 94.29 9.14
C ASP A 199 4.22 92.79 8.87
N ILE A 200 4.13 92.03 9.95
CA ILE A 200 4.15 90.60 9.90
C ILE A 200 2.77 90.15 9.46
N ARG A 201 2.72 89.16 8.59
CA ARG A 201 1.48 88.52 8.17
C ARG A 201 1.71 87.08 7.72
N ARG A 202 0.82 86.18 8.10
CA ARG A 202 0.90 84.79 7.63
C ARG A 202 0.24 84.71 6.26
N ILE A 203 0.99 84.29 5.25
CA ILE A 203 0.54 84.37 3.86
C ILE A 203 0.62 83.08 3.09
N GLY A 204 1.00 82.01 3.75
CA GLY A 204 1.11 80.72 3.09
C GLY A 204 0.94 79.56 4.04
N ALA A 205 1.83 78.59 3.91
CA ALA A 205 1.91 77.43 4.76
C ALA A 205 2.92 76.49 4.14
N VAL A 206 3.64 75.73 4.95
CA VAL A 206 4.64 74.82 4.41
C VAL A 206 4.30 73.37 4.74
N LYS A 207 4.46 72.51 3.74
CA LYS A 207 4.06 71.10 3.84
C LYS A 207 5.25 70.13 3.78
N GLU A 208 5.08 68.94 4.39
CA GLU A 208 6.01 67.82 4.19
C GLU A 208 5.30 66.77 3.36
N GLY A 209 4.89 67.17 2.16
CA GLY A 209 4.02 66.34 1.33
C GLY A 209 2.55 66.39 1.78
N GLU A 210 2.27 65.90 2.99
CA GLU A 210 0.88 65.63 3.44
C GLU A 210 0.49 66.26 4.76
N ASN A 211 1.19 67.32 5.16
CA ASN A 211 0.95 67.90 6.49
C ASN A 211 0.99 69.42 6.62
N VAL A 212 0.38 69.92 7.71
CA VAL A 212 0.32 71.36 7.98
C VAL A 212 1.71 71.96 8.29
N VAL A 213 2.32 71.44 9.36
CA VAL A 213 3.59 71.88 10.01
C VAL A 213 4.24 73.26 9.75
N GLY A 214 3.98 73.87 8.58
CA GLY A 214 4.58 75.15 8.24
C GLY A 214 3.68 76.38 8.33
N SER A 215 4.27 77.55 8.09
CA SER A 215 3.57 78.83 8.06
C SER A 215 4.46 79.84 7.31
N GLU A 216 4.34 79.90 5.98
CA GLU A 216 5.14 80.84 5.19
C GLU A 216 4.78 82.28 5.56
N THR A 217 5.75 83.03 6.07
CA THR A 217 5.53 84.38 6.65
C THR A 217 6.23 85.50 5.89
N ARG A 218 5.62 86.68 5.90
CA ARG A 218 6.05 87.82 5.11
C ARG A 218 6.06 89.08 5.96
N VAL A 219 7.25 89.62 6.16
CA VAL A 219 7.45 90.78 7.01
C VAL A 219 7.90 91.95 6.16
N LYS A 220 7.19 93.06 6.33
CA LYS A 220 7.43 94.29 5.58
C LYS A 220 8.00 95.36 6.54
N VAL A 221 9.03 96.08 6.10
CA VAL A 221 9.61 97.17 6.88
C VAL A 221 8.88 98.43 6.47
N VAL A 222 8.04 98.95 7.36
CA VAL A 222 7.27 100.16 7.05
C VAL A 222 7.95 101.43 7.52
N LYS A 223 8.47 101.42 8.75
CA LYS A 223 9.23 102.57 9.28
C LYS A 223 10.72 102.27 9.57
N ASN A 224 11.60 103.07 8.97
CA ASN A 224 13.04 102.95 9.13
C ASN A 224 13.74 104.29 9.02
N LYS A 225 14.11 104.83 10.17
CA LYS A 225 14.94 106.03 10.28
C LYS A 225 16.39 105.63 10.56
N ILE A 226 16.62 104.30 10.60
CA ILE A 226 17.95 103.71 10.80
C ILE A 226 18.68 103.42 9.48
N ALA A 227 17.94 102.99 8.45
CA ALA A 227 18.51 102.83 7.09
C ALA A 227 17.54 103.25 5.96
N ALA A 228 17.13 102.27 5.14
CA ALA A 228 16.16 102.50 4.08
C ALA A 228 14.83 101.76 4.37
N PRO A 229 13.68 102.49 4.33
CA PRO A 229 12.35 101.87 4.48
C PRO A 229 11.88 101.09 3.25
N PHE A 230 10.63 100.61 3.26
CA PHE A 230 9.96 100.01 2.08
C PHE A 230 10.45 98.62 1.61
N LYS A 231 11.58 98.16 2.13
CA LYS A 231 12.11 96.84 1.75
C LYS A 231 11.42 95.74 2.55
N GLN A 232 11.07 94.64 1.89
CA GLN A 232 10.39 93.49 2.52
C GLN A 232 11.24 92.20 2.48
N ALA A 233 10.97 91.28 3.40
CA ALA A 233 11.74 90.04 3.49
C ALA A 233 10.86 88.89 3.92
N GLU A 234 11.07 87.72 3.32
CA GLU A 234 10.22 86.51 3.48
C GLU A 234 10.95 85.32 4.13
N PHE A 235 10.21 84.51 4.89
CA PHE A 235 10.78 83.34 5.57
C PHE A 235 9.75 82.32 6.04
N GLN A 236 10.13 81.45 6.98
CA GLN A 236 9.28 80.36 7.44
C GLN A 236 9.22 80.18 8.97
N ILE A 237 8.11 79.64 9.45
CA ILE A 237 7.94 79.33 10.86
C ILE A 237 7.49 77.89 11.05
N LEU A 238 8.16 77.13 11.91
CA LEU A 238 7.77 75.76 12.12
C LEU A 238 7.11 75.52 13.46
N TYR A 239 5.97 74.83 13.40
CA TYR A 239 5.18 74.51 14.58
C TYR A 239 6.00 73.82 15.65
N GLY A 240 6.46 74.56 16.64
CA GLY A 240 7.17 73.97 17.76
C GLY A 240 8.68 73.96 17.58
N GLU A 241 9.16 74.83 16.69
CA GLU A 241 10.60 74.99 16.48
C GLU A 241 11.07 76.43 16.16
N GLY A 242 10.22 77.27 15.57
CA GLY A 242 10.55 78.69 15.37
C GLY A 242 11.25 79.03 14.08
N ILE A 243 11.68 80.27 13.94
CA ILE A 243 12.23 80.74 12.66
C ILE A 243 13.35 79.85 12.16
N ASN A 244 13.46 79.65 10.83
CA ASN A 244 14.52 78.79 10.26
C ASN A 244 15.50 79.52 9.35
N PHE A 245 16.52 80.12 9.97
CA PHE A 245 17.44 80.97 9.22
C PHE A 245 18.38 80.15 8.36
N TYR A 246 18.52 78.87 8.70
CA TYR A 246 19.27 77.96 7.86
C TYR A 246 18.50 77.80 6.56
N GLY A 247 17.19 77.68 6.70
CA GLY A 247 16.29 77.57 5.56
C GLY A 247 16.54 78.68 4.58
N GLU A 248 16.48 79.92 5.08
CA GLU A 248 16.68 81.10 4.24
C GLU A 248 18.15 81.30 3.85
N LEU A 249 19.06 80.72 4.61
CA LEU A 249 20.48 80.87 4.38
C LEU A 249 20.82 80.29 3.03
N VAL A 250 20.43 79.04 2.84
CA VAL A 250 20.61 78.36 1.58
C VAL A 250 20.20 79.29 0.46
N ASP A 251 18.93 79.70 0.50
CA ASP A 251 18.32 80.57 -0.51
C ASP A 251 19.13 81.87 -0.73
N LEU A 252 19.75 82.36 0.33
CA LEU A 252 20.53 83.58 0.24
C LEU A 252 21.89 83.29 -0.39
N GLY A 253 22.42 82.11 -0.10
CA GLY A 253 23.67 81.66 -0.71
C GLY A 253 23.50 81.42 -2.19
N VAL A 254 22.28 81.10 -2.60
CA VAL A 254 21.94 80.88 -4.00
C VAL A 254 22.16 82.15 -4.80
N LYS A 255 21.46 83.23 -4.43
CA LYS A 255 21.53 84.47 -5.20
C LYS A 255 22.89 85.16 -5.09
N GLU A 256 23.62 84.84 -4.02
CA GLU A 256 24.88 85.51 -3.76
C GLU A 256 26.12 84.66 -4.08
N LYS A 257 26.02 83.90 -5.17
CA LYS A 257 27.11 83.10 -5.74
C LYS A 257 27.65 81.97 -4.83
N LEU A 258 27.93 82.28 -3.57
CA LEU A 258 28.56 81.37 -2.59
C LEU A 258 28.12 79.90 -2.65
N ILE A 259 26.81 79.68 -2.86
CA ILE A 259 26.27 78.33 -3.04
C ILE A 259 25.88 78.12 -4.51
N GLU A 260 26.22 76.96 -5.07
CA GLU A 260 25.90 76.65 -6.47
C GLU A 260 24.80 75.60 -6.61
N LYS A 261 23.83 75.93 -7.46
CA LYS A 261 22.66 75.08 -7.72
C LYS A 261 22.87 74.29 -9.02
N ALA A 262 23.06 72.97 -8.88
CA ALA A 262 23.20 72.10 -10.05
C ALA A 262 21.90 71.34 -10.33
N GLY A 263 20.80 72.09 -10.36
CA GLY A 263 19.46 71.52 -10.60
C GLY A 263 18.75 71.08 -9.33
N ALA A 264 19.09 69.86 -8.88
CA ALA A 264 18.57 69.30 -7.63
C ALA A 264 19.64 69.25 -6.52
N TRP A 265 20.81 68.69 -6.84
CA TRP A 265 21.93 68.60 -5.89
C TRP A 265 22.56 69.98 -5.68
N TYR A 266 22.53 70.47 -4.45
CA TYR A 266 23.13 71.75 -4.11
C TYR A 266 24.63 71.61 -3.85
N SER A 267 25.40 72.66 -4.12
CA SER A 267 26.87 72.62 -4.01
C SER A 267 27.50 73.73 -3.18
N TYR A 268 28.72 73.49 -2.71
CA TYR A 268 29.56 74.52 -2.05
C TYR A 268 31.01 74.50 -2.62
N LYS A 269 31.11 74.79 -3.93
CA LYS A 269 32.37 74.74 -4.71
C LYS A 269 33.09 73.38 -4.65
N GLY A 270 32.58 72.40 -5.41
CA GLY A 270 33.16 71.04 -5.41
C GLY A 270 32.61 70.12 -4.33
N GLU A 271 32.67 70.59 -3.08
CA GLU A 271 32.13 69.91 -1.88
C GLU A 271 30.60 69.79 -1.87
N LYS A 272 30.09 68.63 -2.28
CA LYS A 272 28.62 68.37 -2.37
C LYS A 272 27.95 68.36 -0.98
N ILE A 273 26.80 69.03 -0.86
CA ILE A 273 26.18 69.28 0.45
C ILE A 273 24.87 68.52 0.70
N GLY A 274 24.05 68.35 -0.33
CA GLY A 274 22.81 67.57 -0.20
C GLY A 274 21.90 67.56 -1.42
N GLN A 275 20.85 66.74 -1.33
CA GLN A 275 19.83 66.61 -2.39
C GLN A 275 18.49 67.31 -2.05
N GLY A 276 18.13 68.33 -2.84
CA GLY A 276 16.91 69.14 -2.62
C GLY A 276 17.14 70.33 -1.70
N LYS A 277 16.07 71.04 -1.34
CA LYS A 277 16.21 72.06 -0.32
C LYS A 277 16.06 71.43 1.07
N ALA A 278 15.46 70.25 1.10
CA ALA A 278 15.18 69.50 2.34
C ALA A 278 16.43 69.01 3.06
N ASN A 279 17.40 68.52 2.31
CA ASN A 279 18.68 68.07 2.86
C ASN A 279 19.75 69.16 2.92
N ALA A 280 19.62 70.18 2.08
CA ALA A 280 20.56 71.31 2.03
C ALA A 280 20.46 72.12 3.31
N THR A 281 19.21 72.29 3.75
CA THR A 281 18.95 72.89 5.04
C THR A 281 19.39 71.93 6.14
N ALA A 282 19.01 70.66 6.01
CA ALA A 282 19.28 69.64 7.03
C ALA A 282 20.78 69.35 7.27
N TRP A 283 21.65 69.92 6.43
CA TRP A 283 23.11 69.76 6.58
C TRP A 283 23.78 70.90 7.36
N LEU A 284 23.41 72.14 7.04
CA LEU A 284 23.99 73.29 7.73
C LEU A 284 23.65 73.26 9.21
N LYS A 285 22.80 72.31 9.60
CA LYS A 285 22.44 72.07 10.99
C LYS A 285 23.54 71.28 11.70
N ASP A 286 24.07 70.24 11.02
CA ASP A 286 25.18 69.42 11.52
C ASP A 286 26.54 70.14 11.53
N ASN A 287 26.70 71.13 10.64
CA ASN A 287 27.95 71.89 10.48
C ASN A 287 27.87 73.35 10.98
N PRO A 288 28.23 73.61 12.25
CA PRO A 288 28.04 74.94 12.82
C PRO A 288 29.00 75.99 12.22
N GLU A 289 30.31 75.77 12.36
CA GLU A 289 31.37 76.72 11.96
C GLU A 289 31.30 77.19 10.51
N THR A 290 31.05 76.27 9.58
CA THR A 290 31.05 76.58 8.16
C THR A 290 29.88 77.48 7.78
N ALA A 291 28.76 77.34 8.49
CA ALA A 291 27.59 78.18 8.27
C ALA A 291 27.87 79.62 8.62
N LYS A 292 28.16 79.85 9.91
CA LYS A 292 28.52 81.15 10.48
C LYS A 292 29.41 81.98 9.54
N GLU A 293 30.26 81.28 8.77
CA GLU A 293 31.14 81.92 7.81
C GLU A 293 30.32 82.53 6.68
N ILE A 294 29.48 81.73 6.05
CA ILE A 294 28.70 82.17 4.90
C ILE A 294 27.70 83.22 5.31
N GLU A 295 27.12 83.03 6.50
CA GLU A 295 26.26 84.03 7.13
C GLU A 295 26.86 85.40 6.88
N LYS A 296 28.04 85.62 7.43
CA LYS A 296 28.71 86.91 7.39
C LYS A 296 28.92 87.42 5.96
N LYS A 297 29.49 86.58 5.10
CA LYS A 297 29.84 87.01 3.74
C LYS A 297 28.65 87.56 2.96
N VAL A 298 27.45 87.14 3.36
CA VAL A 298 26.24 87.68 2.77
C VAL A 298 25.94 89.05 3.37
N ARG A 299 26.01 89.13 4.70
CA ARG A 299 25.70 90.36 5.43
C ARG A 299 26.37 91.57 4.81
N GLU A 300 27.68 91.45 4.56
CA GLU A 300 28.50 92.55 4.04
C GLU A 300 28.21 92.88 2.56
N LEU A 301 27.57 91.95 1.85
CA LEU A 301 27.22 92.17 0.43
C LEU A 301 25.88 92.89 0.20
N LEU A 302 25.18 93.26 1.28
CA LEU A 302 23.86 93.97 1.22
C LEU A 302 23.70 95.23 2.11
N LEU A 303 23.84 95.07 3.43
CA LEU A 303 23.62 96.13 4.45
C LEU A 303 24.28 97.50 4.17
N LYS A 330 26.58 97.11 37.63
CA LYS A 330 26.83 95.74 38.18
C LYS A 330 25.49 94.96 38.27
N GLN A 331 25.48 93.85 39.00
CA GLN A 331 24.31 92.97 39.19
C GLN A 331 23.39 93.42 40.30
N LYS A 332 23.71 94.57 40.90
CA LYS A 332 22.86 95.25 41.87
C LYS A 332 22.43 96.64 41.38
N ALA A 333 22.64 96.90 40.09
CA ALA A 333 21.93 97.96 39.38
C ALA A 333 20.53 97.42 39.03
N LEU A 334 20.44 96.09 38.98
CA LEU A 334 19.19 95.33 38.83
C LEU A 334 18.56 95.09 40.20
N ALA A 335 19.08 94.09 40.94
CA ALA A 335 18.53 93.58 42.23
C ALA A 335 18.11 94.64 43.25
N ALA A 336 18.81 95.77 43.25
CA ALA A 336 18.41 96.92 44.06
C ALA A 336 17.27 97.68 43.39
N ALA A 337 17.43 98.00 42.10
CA ALA A 337 16.41 98.74 41.33
C ALA A 337 15.13 97.92 41.09
N LEU A 338 15.17 96.62 41.39
CA LEU A 338 14.01 95.73 41.32
C LEU A 338 13.09 95.93 42.52
N GLY A 339 13.55 95.51 43.70
CA GLY A 339 12.83 95.67 44.96
C GLY A 339 12.24 97.08 45.05
N GLN A 340 12.86 98.00 44.30
CA GLN A 340 12.41 99.40 44.14
C GLN A 340 11.05 99.46 43.45
N ILE A 341 10.95 98.82 42.29
CA ILE A 341 9.71 98.80 41.54
C ILE A 341 8.68 97.98 42.29
N GLU A 342 9.18 97.05 43.11
CA GLU A 342 8.35 96.23 43.96
C GLU A 342 7.67 97.05 45.05
N LYS A 343 8.47 97.68 45.90
CA LYS A 343 7.93 98.52 46.98
C LYS A 343 7.08 99.65 46.42
N GLN A 344 7.45 100.16 45.24
CA GLN A 344 6.81 101.33 44.60
C GLN A 344 5.39 101.05 44.13
N PHE A 345 5.12 99.80 43.70
CA PHE A 345 3.84 99.42 43.08
C PHE A 345 3.05 98.25 43.72
N GLY A 346 3.29 97.97 45.01
CA GLY A 346 2.71 96.78 45.69
C GLY A 346 3.58 95.54 45.50
N LYS A 347 3.72 94.74 46.56
CA LYS A 347 4.72 93.65 46.60
C LYS A 347 4.51 92.50 45.59
N GLY A 348 5.49 92.31 44.72
CA GLY A 348 5.44 91.32 43.69
C GLY A 348 4.59 91.77 42.53
N SER A 349 5.19 92.41 41.54
CA SER A 349 4.46 92.79 40.32
C SER A 349 5.42 92.91 39.16
N ILE A 350 6.57 92.31 39.34
CA ILE A 350 7.49 92.00 38.27
C ILE A 350 8.53 91.05 38.86
N MET A 351 8.99 90.11 38.05
CA MET A 351 10.07 89.19 38.44
C MET A 351 10.70 88.39 37.30
N ARG A 352 11.88 87.85 37.60
CA ARG A 352 12.53 86.81 36.81
C ARG A 352 11.63 85.59 36.99
N LEU A 353 11.53 84.74 35.97
CA LEU A 353 10.58 83.64 35.99
C LEU A 353 11.09 82.45 36.83
N GLY A 354 12.33 82.05 36.61
CA GLY A 354 12.94 80.92 37.32
C GLY A 354 13.36 81.25 38.73
N GLU A 355 12.38 81.28 39.62
CA GLU A 355 12.63 81.72 40.98
C GLU A 355 11.94 80.86 42.00
N ASP A 356 12.67 80.61 43.08
CA ASP A 356 12.18 79.82 44.22
C ASP A 356 11.49 80.73 45.23
N ARG A 357 11.46 82.03 44.89
CA ARG A 357 10.85 83.07 45.72
C ARG A 357 9.30 83.07 45.63
N SER A 358 8.70 82.49 46.66
CA SER A 358 7.28 82.60 46.89
C SER A 358 7.11 83.32 48.22
N MET A 359 6.49 84.51 48.20
CA MET A 359 6.21 85.27 49.44
C MET A 359 5.33 84.42 50.38
N ASP A 360 5.48 84.60 51.70
CA ASP A 360 4.74 83.75 52.68
C ASP A 360 3.37 84.35 53.06
N VAL A 361 2.73 84.89 52.10
CA VAL A 361 1.33 85.18 52.32
C VAL A 361 0.50 83.86 52.42
N GLU A 362 -0.64 83.95 53.13
CA GLU A 362 -1.42 82.78 53.56
C GLU A 362 -2.02 81.91 52.45
N THR A 363 -1.87 80.60 52.60
CA THR A 363 -2.15 79.63 51.54
C THR A 363 -3.33 78.73 51.87
N ILE A 364 -4.24 78.58 50.91
CA ILE A 364 -5.34 77.62 51.04
C ILE A 364 -5.28 76.61 49.91
N SER A 365 -5.22 75.33 50.26
CA SER A 365 -5.03 74.24 49.26
C SER A 365 -6.15 74.12 48.20
N THR A 366 -5.76 73.99 46.93
CA THR A 366 -6.73 73.87 45.86
C THR A 366 -7.37 72.52 45.84
N GLY A 367 -6.73 71.56 46.49
CA GLY A 367 -7.16 70.17 46.46
C GLY A 367 -6.17 69.35 45.65
N SER A 368 -5.53 70.01 44.70
CA SER A 368 -4.49 69.40 43.89
C SER A 368 -3.10 69.89 44.26
N LEU A 369 -2.25 68.94 44.65
CA LEU A 369 -0.82 69.16 44.87
C LEU A 369 -0.20 69.87 43.67
N SER A 370 -0.38 69.29 42.48
CA SER A 370 0.23 69.84 41.27
C SER A 370 -0.26 71.26 40.91
N LEU A 371 -1.44 71.64 41.43
CA LEU A 371 -1.87 73.01 41.30
C LEU A 371 -1.12 73.87 42.30
N ASP A 372 -1.19 73.50 43.57
CA ASP A 372 -0.48 74.24 44.62
C ASP A 372 0.94 74.53 44.18
N ILE A 373 1.55 73.51 43.56
CA ILE A 373 2.90 73.61 43.05
C ILE A 373 3.08 74.71 42.01
N ALA A 374 2.21 74.70 41.00
CA ALA A 374 2.32 75.67 39.92
C ALA A 374 1.79 77.08 40.29
N LEU A 375 0.96 77.13 41.34
CA LEU A 375 0.58 78.39 41.96
C LEU A 375 1.85 79.06 42.42
N GLY A 376 2.75 78.28 43.00
CA GLY A 376 4.01 78.80 43.51
C GLY A 376 3.94 78.89 45.02
N ALA A 377 2.82 79.39 45.56
CA ALA A 377 2.67 79.65 46.99
C ALA A 377 2.27 78.42 47.78
N GLY A 378 1.69 77.45 47.08
CA GLY A 378 1.18 76.23 47.71
C GLY A 378 -0.24 76.40 48.20
N GLY A 379 -1.04 77.11 47.41
CA GLY A 379 -2.45 77.40 47.73
C GLY A 379 -2.87 78.78 47.26
N LEU A 380 -4.17 79.04 47.30
CA LEU A 380 -4.70 80.34 46.92
C LEU A 380 -4.52 81.42 48.02
N PRO A 381 -4.07 82.61 47.61
CA PRO A 381 -3.83 83.81 48.43
C PRO A 381 -5.01 84.35 49.24
N MET A 382 -5.06 83.98 50.52
CA MET A 382 -6.05 84.48 51.45
C MET A 382 -6.15 86.01 51.44
N GLY A 383 -7.35 86.52 51.12
CA GLY A 383 -7.62 87.96 51.11
C GLY A 383 -7.46 88.63 49.75
N ARG A 384 -7.59 87.84 48.68
CA ARG A 384 -7.40 88.32 47.29
C ARG A 384 -8.52 87.84 46.34
N ILE A 385 -8.47 88.29 45.09
CA ILE A 385 -9.48 87.88 44.12
C ILE A 385 -8.93 86.85 43.15
N VAL A 386 -9.61 85.71 43.08
CA VAL A 386 -9.21 84.62 42.20
C VAL A 386 -10.26 84.33 41.14
N GLU A 387 -9.88 84.47 39.86
CA GLU A 387 -10.78 84.09 38.75
C GLU A 387 -10.33 82.78 38.17
N ILE A 388 -11.19 81.76 38.29
CA ILE A 388 -11.00 80.45 37.64
C ILE A 388 -11.94 80.37 36.47
N TYR A 389 -11.39 80.52 35.28
CA TYR A 389 -12.21 80.50 34.10
C TYR A 389 -12.05 79.20 33.38
N GLY A 390 -13.02 78.85 32.56
CA GLY A 390 -12.97 77.63 31.74
C GLY A 390 -14.22 77.18 30.97
N PRO A 391 -14.02 76.77 29.71
CA PRO A 391 -15.07 76.09 28.94
C PRO A 391 -16.07 75.37 29.82
N GLU A 392 -17.34 75.60 29.56
CA GLU A 392 -18.40 74.92 30.30
C GLU A 392 -18.11 73.42 30.45
N SER A 393 -18.46 72.86 31.61
CA SER A 393 -18.30 71.44 31.88
C SER A 393 -16.83 71.00 31.78
N SER A 394 -15.92 71.90 32.16
CA SER A 394 -14.49 71.61 32.10
C SER A 394 -13.99 70.94 33.37
N GLY A 395 -14.59 71.32 34.49
CA GLY A 395 -14.21 70.80 35.76
C GLY A 395 -14.09 71.90 36.77
N LYS A 396 -14.21 73.14 36.31
CA LYS A 396 -13.98 74.29 37.17
C LYS A 396 -14.64 74.17 38.53
N THR A 397 -15.95 73.92 38.54
CA THR A 397 -16.70 73.95 39.81
C THR A 397 -16.27 72.87 40.79
N THR A 398 -15.82 71.73 40.27
CA THR A 398 -15.30 70.66 41.15
C THR A 398 -14.14 71.22 41.95
N LEU A 399 -13.17 71.75 41.23
CA LEU A 399 -12.02 72.38 41.79
C LEU A 399 -12.43 73.48 42.76
N THR A 400 -13.50 74.18 42.41
CA THR A 400 -14.09 75.23 43.23
C THR A 400 -14.58 74.65 44.55
N LEU A 401 -15.39 73.60 44.48
CA LEU A 401 -15.91 72.95 45.67
C LEU A 401 -14.80 72.33 46.46
N GLN A 402 -13.66 72.12 45.83
CA GLN A 402 -12.55 71.49 46.50
C GLN A 402 -11.79 72.47 47.40
N VAL A 403 -11.72 73.74 46.97
CA VAL A 403 -11.10 74.76 47.80
C VAL A 403 -12.00 74.98 48.99
N ILE A 404 -13.31 75.07 48.74
CA ILE A 404 -14.29 75.19 49.81
C ILE A 404 -14.08 74.04 50.79
N ALA A 405 -13.69 72.89 50.23
CA ALA A 405 -13.46 71.69 51.00
C ALA A 405 -12.35 71.91 52.01
N ALA A 406 -11.14 72.15 51.49
CA ALA A 406 -9.92 72.24 52.31
C ALA A 406 -9.98 73.39 53.34
N ALA A 407 -10.68 74.47 53.00
CA ALA A 407 -10.78 75.61 53.89
C ALA A 407 -11.74 75.33 55.03
N GLN A 408 -12.76 74.52 54.73
CA GLN A 408 -13.77 74.16 55.69
C GLN A 408 -13.29 73.09 56.66
N ARG A 409 -12.24 72.40 56.25
CA ARG A 409 -11.65 71.33 57.05
C ARG A 409 -10.56 71.91 57.95
N GLU A 410 -10.29 73.21 57.78
CA GLU A 410 -9.40 73.93 58.68
C GLU A 410 -10.18 74.96 59.48
N GLY A 411 -11.32 74.54 60.04
CA GLY A 411 -12.17 75.41 60.88
C GLY A 411 -12.94 76.56 60.22
N LYS A 412 -12.43 77.08 59.10
CA LYS A 412 -12.94 78.30 58.42
C LYS A 412 -14.37 78.15 57.88
N THR A 413 -15.13 79.25 57.77
CA THR A 413 -16.49 79.21 57.19
C THR A 413 -16.65 80.10 55.96
N CYS A 414 -17.32 79.56 54.94
CA CYS A 414 -17.26 80.08 53.57
C CYS A 414 -18.55 80.44 52.90
N ALA A 415 -18.41 81.28 51.88
CA ALA A 415 -19.57 81.88 51.21
C ALA A 415 -19.77 81.36 49.81
N PHE A 416 -21.04 81.26 49.42
CA PHE A 416 -21.41 80.79 48.10
C PHE A 416 -22.45 81.69 47.48
N ILE A 417 -21.99 82.52 46.58
CA ILE A 417 -22.85 83.44 45.89
C ILE A 417 -23.22 82.71 44.66
N ASP A 418 -24.50 82.36 44.54
CA ASP A 418 -25.01 81.53 43.44
C ASP A 418 -26.08 82.13 42.51
N ALA A 419 -25.69 82.42 41.28
CA ALA A 419 -26.60 82.93 40.30
C ALA A 419 -26.90 81.86 39.26
N GLU A 420 -26.21 80.70 39.39
CA GLU A 420 -26.34 79.54 38.46
C GLU A 420 -27.48 78.58 38.81
N HIS A 421 -27.70 78.41 40.12
CA HIS A 421 -28.70 77.49 40.65
C HIS A 421 -28.34 76.11 40.22
N ALA A 422 -27.07 75.80 40.44
CA ALA A 422 -26.47 74.53 40.02
C ALA A 422 -26.18 73.61 41.19
N LEU A 423 -24.93 73.69 41.66
CA LEU A 423 -24.44 73.03 42.90
C LEU A 423 -25.14 71.72 43.29
N ASP A 424 -24.46 70.60 43.06
CA ASP A 424 -24.98 69.33 43.57
C ASP A 424 -24.55 69.13 45.01
N PRO A 425 -25.49 69.26 45.98
CA PRO A 425 -25.13 69.04 47.38
C PRO A 425 -24.46 67.68 47.58
N ILE A 426 -25.11 66.62 47.12
CA ILE A 426 -24.63 65.25 47.34
C ILE A 426 -23.18 65.03 46.84
N TYR A 427 -22.87 65.58 45.67
CA TYR A 427 -21.52 65.53 45.14
C TYR A 427 -20.56 66.34 46.01
N ALA A 428 -21.00 67.48 46.51
CA ALA A 428 -20.15 68.26 47.37
C ALA A 428 -19.83 67.47 48.62
N ARG A 429 -20.83 66.73 49.11
CA ARG A 429 -20.65 65.98 50.34
C ARG A 429 -19.66 64.83 50.14
N LYS A 430 -19.69 64.17 48.99
CA LYS A 430 -18.64 63.19 48.71
C LYS A 430 -17.33 63.93 48.51
N LEU A 431 -17.39 65.16 48.00
CA LEU A 431 -16.19 65.91 47.69
C LEU A 431 -15.38 66.35 48.90
N GLY A 432 -16.07 66.64 50.00
CA GLY A 432 -15.41 67.04 51.25
C GLY A 432 -15.99 68.28 51.91
N VAL A 433 -17.02 68.85 51.30
CA VAL A 433 -17.63 70.09 51.79
C VAL A 433 -18.65 69.77 52.86
N ASP A 434 -18.55 70.50 53.96
CA ASP A 434 -19.56 70.39 54.99
C ASP A 434 -20.67 71.30 54.61
N ILE A 435 -21.64 70.74 53.91
CA ILE A 435 -22.70 71.53 53.36
C ILE A 435 -23.46 72.29 54.46
N ASP A 436 -23.73 71.61 55.57
CA ASP A 436 -24.55 72.17 56.64
C ASP A 436 -24.09 73.54 57.14
N ASN A 437 -22.78 73.77 57.11
CA ASN A 437 -22.16 75.02 57.58
C ASN A 437 -21.90 76.03 56.47
N LEU A 438 -22.13 75.64 55.22
CA LEU A 438 -21.82 76.49 54.09
C LEU A 438 -22.80 77.63 53.97
N LEU A 439 -22.29 78.83 53.76
CA LEU A 439 -23.14 79.98 53.64
C LEU A 439 -23.48 80.14 52.21
N CYS A 440 -24.77 80.07 51.94
CA CYS A 440 -25.25 80.12 50.58
C CYS A 440 -26.10 81.34 50.30
N SER A 441 -25.83 81.97 49.17
CA SER A 441 -26.54 83.17 48.80
C SER A 441 -27.17 83.00 47.43
N GLN A 442 -28.46 83.32 47.33
CA GLN A 442 -29.17 83.25 46.05
C GLN A 442 -29.74 84.57 45.64
N PRO A 443 -28.92 85.46 45.07
CA PRO A 443 -29.25 86.87 44.94
C PRO A 443 -30.34 87.12 43.94
N ASP A 444 -31.12 88.16 44.22
CA ASP A 444 -32.15 88.66 43.33
C ASP A 444 -31.53 89.32 42.07
N THR A 445 -30.25 89.68 42.11
CA THR A 445 -29.63 90.30 40.96
C THR A 445 -28.15 90.65 40.96
N GLY A 446 -27.68 90.86 39.74
CA GLY A 446 -26.29 91.07 39.38
C GLY A 446 -25.61 91.97 40.35
N GLU A 447 -25.96 93.24 40.30
CA GLU A 447 -25.36 94.15 41.24
C GLU A 447 -25.61 93.66 42.66
N GLN A 448 -26.87 93.39 43.00
CA GLN A 448 -27.20 93.00 44.37
C GLN A 448 -26.24 91.91 44.85
N ALA A 449 -25.96 90.94 43.99
CA ALA A 449 -25.00 89.92 44.31
C ALA A 449 -23.66 90.51 44.69
N LEU A 450 -23.09 91.28 43.76
CA LEU A 450 -21.80 91.92 43.96
C LEU A 450 -21.72 92.73 45.25
N GLU A 451 -22.84 93.30 45.67
CA GLU A 451 -22.88 94.12 46.89
C GLU A 451 -22.97 93.28 48.17
N ILE A 452 -23.39 92.03 48.02
CA ILE A 452 -23.49 91.13 49.17
C ILE A 452 -22.10 90.65 49.56
N CYS A 453 -21.20 90.66 48.60
CA CYS A 453 -19.83 90.36 48.88
C CYS A 453 -19.19 91.49 49.69
N ASP A 454 -19.37 92.73 49.21
CA ASP A 454 -18.85 93.96 49.87
C ASP A 454 -18.95 93.84 51.37
N ALA A 455 -20.13 93.40 51.80
CA ALA A 455 -20.48 93.32 53.20
C ALA A 455 -20.07 91.99 53.87
N LEU A 456 -19.86 90.94 53.07
CA LEU A 456 -19.33 89.68 53.62
C LEU A 456 -17.82 89.81 53.74
N ALA A 457 -17.27 90.83 53.09
CA ALA A 457 -15.87 91.17 53.26
C ALA A 457 -15.70 91.91 54.58
N ARG A 458 -16.47 92.98 54.77
CA ARG A 458 -16.51 93.71 56.05
C ARG A 458 -17.23 92.86 57.11
N SER A 459 -16.83 91.61 57.20
CA SER A 459 -17.21 90.76 58.31
C SER A 459 -15.95 90.22 58.97
N GLY A 460 -15.02 89.71 58.15
CA GLY A 460 -13.71 89.20 58.61
C GLY A 460 -13.67 87.72 58.95
N ALA A 461 -14.81 87.22 59.45
CA ALA A 461 -15.02 85.80 59.78
C ALA A 461 -15.88 85.09 58.70
N VAL A 462 -15.91 85.67 57.51
CA VAL A 462 -16.21 84.94 56.32
C VAL A 462 -14.87 84.83 55.61
N ASP A 463 -14.38 83.61 55.49
CA ASP A 463 -13.01 83.38 55.07
C ASP A 463 -12.85 83.29 53.57
N VAL A 464 -13.73 82.56 52.90
CA VAL A 464 -13.74 82.51 51.43
C VAL A 464 -15.10 82.68 50.77
N ILE A 465 -15.11 83.54 49.78
CA ILE A 465 -16.30 83.82 49.03
C ILE A 465 -16.15 83.14 47.69
N VAL A 466 -17.18 82.40 47.26
CA VAL A 466 -17.25 81.77 45.91
C VAL A 466 -18.46 82.24 45.08
N VAL A 467 -18.16 82.82 43.93
CA VAL A 467 -19.18 83.46 43.11
C VAL A 467 -19.40 82.67 41.83
N ASP A 468 -20.66 82.26 41.64
CA ASP A 468 -21.07 81.34 40.55
C ASP A 468 -22.24 81.91 39.71
N SER A 469 -21.93 82.63 38.62
CA SER A 469 -20.58 82.91 38.16
C SER A 469 -20.66 84.02 37.15
N VAL A 470 -19.58 84.78 37.02
CA VAL A 470 -19.53 85.96 36.15
C VAL A 470 -20.71 86.09 35.21
N ALA A 471 -20.76 85.24 34.19
CA ALA A 471 -21.75 85.35 33.12
C ALA A 471 -23.19 85.37 33.64
N ALA A 472 -23.41 84.63 34.74
CA ALA A 472 -24.74 84.49 35.36
C ALA A 472 -25.19 85.63 36.31
N LEU A 473 -24.25 86.54 36.64
CA LEU A 473 -24.52 87.77 37.40
C LEU A 473 -25.15 88.85 36.52
N THR A 474 -26.28 88.49 35.92
CA THR A 474 -26.94 89.30 34.95
C THR A 474 -27.65 90.49 35.61
N PRO A 475 -27.19 91.71 35.30
CA PRO A 475 -27.49 93.01 35.89
C PRO A 475 -28.94 93.42 35.83
N LYS A 476 -29.24 94.55 36.46
CA LYS A 476 -30.61 95.04 36.60
C LYS A 476 -31.21 95.28 35.25
N ALA A 477 -30.57 96.17 34.50
CA ALA A 477 -31.08 96.65 33.21
C ALA A 477 -31.59 95.54 32.29
N GLU A 478 -30.91 94.39 32.34
CA GLU A 478 -31.34 93.20 31.61
C GLU A 478 -32.60 92.60 32.26
N ILE A 479 -32.59 92.48 33.59
CA ILE A 479 -33.74 91.93 34.29
C ILE A 479 -34.96 92.78 33.98
N GLU A 480 -34.81 94.06 33.95
CA GLU A 480 -36.01 94.77 33.60
C GLU A 480 -36.30 94.77 32.08
N GLY A 481 -35.28 94.84 31.24
CA GLY A 481 -35.54 94.82 29.80
C GLY A 481 -35.31 96.19 29.27
N GLU A 482 -35.11 97.07 30.22
CA GLU A 482 -34.72 98.43 29.99
C GLU A 482 -33.75 98.45 28.87
N ILE A 483 -34.18 99.05 27.77
CA ILE A 483 -33.39 99.08 26.55
C ILE A 483 -32.27 100.08 26.63
N GLY A 484 -31.58 100.19 25.51
CA GLY A 484 -30.29 100.77 25.44
C GLY A 484 -29.47 99.89 26.33
N ASP A 485 -28.86 98.88 25.73
CA ASP A 485 -27.82 98.13 26.43
C ASP A 485 -28.36 97.06 27.40
N SER A 486 -29.66 96.79 27.14
CA SER A 486 -30.26 95.43 26.99
C SER A 486 -29.18 94.55 26.28
N HIS A 487 -28.36 95.22 25.42
CA HIS A 487 -27.29 94.66 24.55
C HIS A 487 -26.32 93.95 25.44
N MET A 488 -26.76 92.76 25.94
CA MET A 488 -26.33 92.23 27.25
C MET A 488 -24.98 92.72 27.29
N GLY A 489 -24.20 92.25 26.33
CA GLY A 489 -22.89 92.23 26.87
C GLY A 489 -22.35 93.62 26.86
N LEU A 490 -22.97 94.52 27.60
CA LEU A 490 -22.47 95.89 27.78
C LEU A 490 -22.29 96.11 29.27
N ALA A 491 -23.31 95.73 30.04
CA ALA A 491 -23.27 95.88 31.44
C ALA A 491 -22.16 95.01 32.11
N ALA A 492 -21.05 94.82 31.41
CA ALA A 492 -19.79 94.37 32.02
C ALA A 492 -19.14 95.49 32.83
N ARG A 493 -19.67 96.69 32.67
CA ARG A 493 -19.31 97.88 33.45
C ARG A 493 -19.82 97.75 34.87
N MET A 494 -20.88 96.99 35.05
CA MET A 494 -21.33 96.61 36.38
C MET A 494 -20.23 95.90 37.15
N MET A 495 -19.39 95.15 36.44
CA MET A 495 -18.22 94.56 37.04
C MET A 495 -17.23 95.67 37.43
N SER A 496 -16.78 96.41 36.43
CA SER A 496 -15.80 97.47 36.65
C SER A 496 -16.17 98.33 37.85
N GLN A 497 -17.47 98.47 38.08
CA GLN A 497 -18.04 99.31 39.14
C GLN A 497 -17.57 98.88 40.53
N ALA A 498 -18.39 98.08 41.20
CA ALA A 498 -18.17 97.67 42.58
C ALA A 498 -16.94 96.75 42.73
N MET A 499 -16.11 96.69 41.68
CA MET A 499 -14.86 95.94 41.70
C MET A 499 -13.78 96.63 42.54
N ARG A 500 -13.43 97.84 42.10
CA ARG A 500 -12.48 98.72 42.77
C ARG A 500 -12.52 98.53 44.27
N LYS A 501 -13.72 98.62 44.84
CA LYS A 501 -13.94 98.63 46.29
C LYS A 501 -13.70 97.28 46.95
N LEU A 502 -14.06 96.21 46.27
CA LEU A 502 -13.88 94.90 46.83
C LEU A 502 -12.41 94.61 47.14
N ALA A 503 -11.52 95.17 46.33
CA ALA A 503 -10.07 94.99 46.50
C ALA A 503 -9.63 95.18 47.96
N GLY A 504 -9.96 96.36 48.53
CA GLY A 504 -9.65 96.71 49.93
C GLY A 504 -10.41 95.86 50.93
N ASN A 505 -11.74 95.94 50.90
CA ASN A 505 -12.63 95.22 51.83
C ASN A 505 -12.23 93.76 52.11
N LEU A 506 -11.55 93.12 51.16
CA LEU A 506 -11.14 91.71 51.29
C LEU A 506 -9.78 91.54 51.92
N LYS A 507 -8.88 92.46 51.59
CA LYS A 507 -7.51 92.43 52.07
C LYS A 507 -7.41 92.67 53.58
N GLN A 508 -8.24 93.57 54.13
CA GLN A 508 -8.29 93.87 55.59
C GLN A 508 -9.35 93.05 56.34
N SER A 509 -9.55 91.82 55.82
CA SER A 509 -10.43 90.81 56.40
C SER A 509 -9.76 89.46 56.31
N ASN A 510 -8.84 89.35 55.35
CA ASN A 510 -8.34 88.06 54.86
C ASN A 510 -9.50 87.21 54.42
N THR A 511 -10.37 87.81 53.62
CA THR A 511 -11.46 87.12 52.98
C THR A 511 -11.04 86.85 51.54
N LEU A 512 -10.91 85.58 51.20
CA LEU A 512 -10.53 85.13 49.84
C LEU A 512 -11.75 84.92 48.91
N LEU A 513 -11.73 85.61 47.79
CA LEU A 513 -12.87 85.56 46.91
C LEU A 513 -12.49 84.99 45.57
N ILE A 514 -13.42 84.20 45.04
CA ILE A 514 -13.24 83.44 43.82
C ILE A 514 -14.38 83.67 42.83
N PHE A 515 -13.97 84.04 41.62
CA PHE A 515 -14.88 84.23 40.50
C PHE A 515 -14.76 83.08 39.49
N ILE A 516 -15.88 82.66 38.90
CA ILE A 516 -15.88 81.65 37.85
C ILE A 516 -16.43 82.23 36.55
N ASN A 517 -15.73 82.06 35.42
CA ASN A 517 -16.12 82.66 34.11
C ASN A 517 -16.19 81.54 33.03
N GLN A 518 -16.38 81.90 31.74
CA GLN A 518 -16.32 80.99 30.53
C GLN A 518 -15.63 81.45 29.22
N ILE A 519 -15.59 82.68 28.81
CA ILE A 519 -15.18 82.71 27.39
C ILE A 519 -16.34 82.70 26.33
N ARG A 520 -16.12 83.48 25.28
CA ARG A 520 -16.94 83.42 24.08
C ARG A 520 -16.07 83.01 22.85
N MET A 521 -16.71 82.29 21.90
CA MET A 521 -16.31 82.02 20.47
C MET A 521 -17.60 82.26 19.58
N LYS A 522 -18.67 82.71 20.25
CA LYS A 522 -20.06 82.28 20.00
C LYS A 522 -21.15 83.41 20.00
N ILE A 523 -22.06 83.34 19.00
CA ILE A 523 -23.53 83.70 19.09
C ILE A 523 -24.18 82.36 19.48
N GLY A 524 -23.94 81.36 18.60
CA GLY A 524 -24.15 79.92 18.80
C GLY A 524 -22.89 79.24 18.33
N VAL A 525 -22.69 79.18 17.02
CA VAL A 525 -21.44 78.64 16.50
C VAL A 525 -20.85 79.42 15.32
N MET A 526 -19.65 79.95 15.59
CA MET A 526 -18.91 80.83 14.70
C MET A 526 -17.67 80.18 14.07
N PHE A 527 -16.56 80.24 14.81
CA PHE A 527 -15.15 79.93 14.42
C PHE A 527 -14.28 81.19 14.25
N GLY A 528 -14.32 82.04 15.29
CA GLY A 528 -13.54 83.28 15.44
C GLY A 528 -12.25 83.18 16.27
N ASN A 529 -12.39 83.19 17.60
CA ASN A 529 -11.30 82.84 18.56
C ASN A 529 -11.54 83.29 20.01
N PRO A 530 -11.09 82.49 21.01
CA PRO A 530 -11.05 82.88 22.44
C PRO A 530 -10.43 84.26 22.79
N GLU A 531 -11.30 85.13 23.29
CA GLU A 531 -10.99 86.36 24.01
C GLU A 531 -11.04 86.02 25.49
N THR A 532 -9.89 86.16 26.16
CA THR A 532 -9.75 85.84 27.59
C THR A 532 -11.09 86.30 28.28
N THR A 533 -11.66 85.44 29.15
CA THR A 533 -12.68 85.84 30.17
C THR A 533 -13.92 86.50 29.59
N THR A 534 -14.85 85.72 29.04
CA THR A 534 -16.05 86.41 28.47
C THR A 534 -17.30 86.58 29.48
N GLY A 535 -16.84 87.22 30.51
CA GLY A 535 -17.39 88.25 31.36
C GLY A 535 -16.86 89.69 31.09
N GLY A 536 -16.32 90.39 32.11
CA GLY A 536 -15.93 91.83 31.99
C GLY A 536 -14.44 92.16 32.12
N ASN A 537 -14.01 93.20 31.41
CA ASN A 537 -12.58 93.58 31.28
C ASN A 537 -11.82 93.77 32.59
N ALA A 538 -12.51 94.24 33.61
CA ALA A 538 -11.91 94.63 34.89
C ALA A 538 -11.22 93.50 35.61
N LEU A 539 -12.00 92.51 35.98
CA LEU A 539 -11.52 91.34 36.68
C LEU A 539 -10.16 90.86 36.17
N LYS A 540 -9.98 90.95 34.87
CA LYS A 540 -8.74 90.57 34.18
C LYS A 540 -7.49 91.11 34.86
N PHE A 541 -7.63 92.13 35.69
CA PHE A 541 -6.48 92.76 36.32
C PHE A 541 -6.57 92.72 37.82
N TYR A 542 -7.77 93.00 38.32
CA TYR A 542 -8.02 93.04 39.77
C TYR A 542 -7.95 91.63 40.41
N ALA A 543 -7.88 90.59 39.58
CA ALA A 543 -7.60 89.26 40.06
C ALA A 543 -6.14 89.18 40.46
N SER A 544 -5.88 88.64 41.65
CA SER A 544 -4.51 88.46 42.13
C SER A 544 -3.92 87.20 41.49
N VAL A 545 -4.78 86.19 41.26
CA VAL A 545 -4.44 84.96 40.55
C VAL A 545 -5.55 84.43 39.62
N ARG A 546 -5.12 83.88 38.49
CA ARG A 546 -6.04 83.45 37.45
C ARG A 546 -5.75 82.09 36.88
N LEU A 547 -6.82 81.31 36.82
CA LEU A 547 -6.85 79.92 36.42
C LEU A 547 -7.59 79.60 35.11
N ASP A 548 -6.94 78.80 34.28
CA ASP A 548 -7.50 78.21 33.05
C ASP A 548 -7.59 76.67 33.22
N ILE A 549 -8.74 76.20 33.68
CA ILE A 549 -9.01 74.78 33.72
C ILE A 549 -9.58 74.42 32.38
N ARG A 550 -9.17 73.29 31.84
CA ARG A 550 -9.71 72.71 30.59
C ARG A 550 -10.07 71.22 30.78
N ARG A 551 -10.30 70.49 29.69
CA ARG A 551 -10.44 69.05 29.80
C ARG A 551 -9.88 68.49 28.54
N ILE A 552 -9.06 67.43 28.61
CA ILE A 552 -8.49 66.85 27.39
C ILE A 552 -8.70 65.35 27.15
N GLY A 553 -8.86 64.58 28.21
CA GLY A 553 -8.79 63.11 28.05
C GLY A 553 -10.02 62.27 28.36
N ALA A 554 -10.32 62.18 29.66
CA ALA A 554 -11.26 61.22 30.21
C ALA A 554 -10.62 59.83 30.35
N VAL A 555 -10.91 59.13 31.44
CA VAL A 555 -10.31 57.82 31.66
C VAL A 555 -11.30 56.69 31.95
N LYS A 556 -10.81 55.45 31.78
CA LYS A 556 -11.64 54.24 31.73
C LYS A 556 -11.29 53.13 32.75
N GLU A 557 -12.36 52.51 33.28
CA GLU A 557 -12.30 51.28 34.08
C GLU A 557 -12.70 50.17 33.15
N GLY A 558 -11.77 49.76 32.30
CA GLY A 558 -12.09 48.84 31.23
C GLY A 558 -12.73 49.60 30.07
N GLU A 559 -14.07 49.49 29.94
CA GLU A 559 -14.82 50.16 28.85
C GLU A 559 -15.69 51.32 29.33
N ASN A 560 -15.97 51.35 30.63
CA ASN A 560 -16.67 52.47 31.26
C ASN A 560 -15.88 53.77 31.15
N VAL A 561 -16.57 54.90 31.13
CA VAL A 561 -15.93 56.23 31.14
C VAL A 561 -16.18 56.86 32.50
N VAL A 562 -15.18 56.78 33.36
CA VAL A 562 -15.40 57.20 34.73
C VAL A 562 -14.47 58.36 35.11
N GLY A 563 -13.63 58.80 34.17
CA GLY A 563 -12.65 59.84 34.44
C GLY A 563 -12.66 61.07 33.55
N SER A 564 -11.89 62.11 33.91
CA SER A 564 -11.69 63.31 33.09
C SER A 564 -10.29 63.92 33.29
N GLU A 565 -9.43 63.80 32.29
CA GLU A 565 -8.07 64.31 32.38
C GLU A 565 -8.06 65.82 32.16
N THR A 566 -7.74 66.55 33.20
CA THR A 566 -7.78 68.01 33.17
C THR A 566 -6.40 68.64 33.14
N ARG A 567 -6.36 69.91 32.77
CA ARG A 567 -5.15 70.71 32.72
C ARG A 567 -5.46 72.14 33.20
N VAL A 568 -4.89 72.50 34.34
CA VAL A 568 -5.03 73.83 34.86
C VAL A 568 -3.79 74.64 34.58
N LYS A 569 -4.00 75.76 33.91
CA LYS A 569 -2.97 76.74 33.66
C LYS A 569 -3.16 77.96 34.60
N VAL A 570 -2.08 78.40 35.23
CA VAL A 570 -2.10 79.59 36.05
C VAL A 570 -1.55 80.65 35.13
N VAL A 571 -2.40 81.52 34.64
CA VAL A 571 -1.94 82.47 33.65
C VAL A 571 -1.70 83.85 34.21
N LYS A 572 -2.51 84.25 35.19
CA LYS A 572 -2.23 85.49 35.89
C LYS A 572 -1.73 85.18 37.29
N ASN A 573 -0.47 85.50 37.55
CA ASN A 573 0.08 85.22 38.86
C ASN A 573 0.93 86.34 39.43
N LYS A 574 0.35 87.03 40.40
CA LYS A 574 1.05 88.03 41.15
C LYS A 574 1.37 87.48 42.55
N ILE A 575 1.51 86.14 42.67
CA ILE A 575 1.99 85.54 43.92
C ILE A 575 3.42 85.08 43.72
N ALA A 576 3.62 84.39 42.59
CA ALA A 576 4.93 83.87 42.23
C ALA A 576 5.05 83.64 40.73
N ALA A 577 5.60 82.49 40.38
CA ALA A 577 5.81 82.10 39.01
C ALA A 577 4.49 82.00 38.23
N PRO A 578 4.29 82.90 37.26
CA PRO A 578 3.15 82.82 36.35
C PRO A 578 3.39 81.83 35.22
N PHE A 579 2.32 81.36 34.57
CA PHE A 579 2.40 80.46 33.41
C PHE A 579 2.84 79.05 33.74
N LYS A 580 2.91 78.72 35.03
CA LYS A 580 3.19 77.35 35.43
C LYS A 580 1.89 76.57 35.26
N GLN A 581 1.97 75.26 35.00
CA GLN A 581 0.78 74.43 34.75
C GLN A 581 0.75 73.10 35.50
N ALA A 582 -0.41 72.46 35.48
CA ALA A 582 -0.63 71.29 36.32
C ALA A 582 -1.65 70.33 35.73
N GLU A 583 -1.20 69.15 35.28
CA GLU A 583 -2.09 68.09 34.79
C GLU A 583 -2.44 67.07 35.90
N PHE A 584 -3.69 66.61 35.89
CA PHE A 584 -4.17 65.60 36.85
C PHE A 584 -5.53 65.02 36.45
N GLN A 585 -6.08 64.18 37.30
CA GLN A 585 -7.34 63.51 36.99
C GLN A 585 -8.50 63.94 37.88
N ILE A 586 -9.69 64.03 37.30
CA ILE A 586 -10.94 64.21 38.06
C ILE A 586 -11.89 63.04 37.84
N LEU A 587 -12.30 62.41 38.94
CA LEU A 587 -13.13 61.22 38.87
C LEU A 587 -14.55 61.50 39.24
N TYR A 588 -15.43 61.17 38.31
CA TYR A 588 -16.86 61.23 38.52
C TYR A 588 -17.20 60.64 39.86
N GLY A 589 -17.93 61.39 40.67
CA GLY A 589 -18.40 60.91 41.96
C GLY A 589 -17.33 60.56 42.98
N GLU A 590 -16.12 61.11 42.82
CA GLU A 590 -15.09 60.90 43.82
C GLU A 590 -14.31 62.17 44.08
N GLY A 591 -14.05 62.93 43.03
CA GLY A 591 -13.35 64.21 43.20
C GLY A 591 -12.04 64.27 42.48
N ILE A 592 -11.08 64.99 43.05
CA ILE A 592 -9.75 65.06 42.47
C ILE A 592 -8.91 63.91 42.88
N ASN A 593 -8.11 63.58 41.89
CA ASN A 593 -7.30 62.44 42.13
C ASN A 593 -6.07 62.69 42.99
N PHE A 594 -6.29 62.86 44.29
CA PHE A 594 -5.24 63.21 45.25
C PHE A 594 -4.09 62.28 44.97
N TYR A 595 -4.38 60.99 45.05
CA TYR A 595 -3.35 59.98 45.03
C TYR A 595 -2.78 59.86 43.66
N GLY A 596 -3.62 60.09 42.68
CA GLY A 596 -3.21 60.10 41.29
C GLY A 596 -1.96 60.91 41.11
N GLU A 597 -2.10 62.23 41.15
CA GLU A 597 -0.95 63.13 41.05
C GLU A 597 0.14 62.81 42.08
N LEU A 598 -0.23 62.23 43.22
CA LEU A 598 0.72 62.02 44.31
C LEU A 598 1.81 61.09 43.88
N VAL A 599 1.40 59.98 43.32
CA VAL A 599 2.32 59.05 42.74
C VAL A 599 3.27 59.83 41.85
N ASP A 600 2.71 60.46 40.83
CA ASP A 600 3.49 61.17 39.79
C ASP A 600 4.57 62.09 40.36
N LEU A 601 4.39 62.55 41.59
CA LEU A 601 5.32 63.47 42.19
C LEU A 601 6.44 62.68 42.88
N GLY A 602 6.06 61.62 43.57
CA GLY A 602 7.03 60.68 44.15
C GLY A 602 7.77 59.87 43.11
N VAL A 603 7.53 60.20 41.86
CA VAL A 603 8.35 59.73 40.78
C VAL A 603 9.52 60.69 40.74
N LYS A 604 9.19 61.97 40.50
CA LYS A 604 10.20 62.98 40.17
C LYS A 604 11.04 63.32 41.41
N GLU A 605 10.44 63.26 42.59
CA GLU A 605 11.19 63.43 43.82
C GLU A 605 11.46 62.05 44.42
N LYS A 606 12.50 61.41 43.90
CA LYS A 606 12.73 59.97 44.04
C LYS A 606 12.38 59.36 45.39
N LEU A 607 11.08 59.29 45.69
CA LEU A 607 10.59 58.60 46.89
C LEU A 607 9.98 57.25 46.52
N ILE A 608 9.35 57.20 45.35
CA ILE A 608 8.81 55.97 44.77
C ILE A 608 9.50 55.68 43.47
N GLU A 609 10.01 54.46 43.37
CA GLU A 609 10.94 54.10 42.30
C GLU A 609 10.23 53.49 41.09
N LYS A 610 10.39 54.14 39.94
CA LYS A 610 9.87 53.63 38.67
C LYS A 610 10.83 52.62 38.08
N ALA A 611 10.47 51.35 38.18
CA ALA A 611 11.22 50.25 37.55
C ALA A 611 10.58 49.81 36.22
N GLY A 612 10.36 50.80 35.35
CA GLY A 612 9.68 50.58 34.05
C GLY A 612 8.15 50.67 34.13
N ALA A 613 7.51 49.56 34.49
CA ALA A 613 6.07 49.47 34.65
C ALA A 613 5.71 49.23 36.11
N TRP A 614 6.74 49.03 36.92
CA TRP A 614 6.59 48.70 38.33
C TRP A 614 6.78 49.91 39.22
N TYR A 615 6.04 49.95 40.31
CA TYR A 615 6.19 51.02 41.27
C TYR A 615 6.67 50.49 42.65
N SER A 616 7.88 50.87 43.03
CA SER A 616 8.51 50.37 44.25
C SER A 616 8.68 51.46 45.33
N TYR A 617 8.46 51.10 46.59
CA TYR A 617 8.67 52.02 47.73
C TYR A 617 9.66 51.46 48.73
N LYS A 618 10.91 51.87 48.57
CA LYS A 618 12.02 51.35 49.35
C LYS A 618 12.09 49.84 49.18
N GLY A 619 12.53 49.41 47.99
CA GLY A 619 12.78 47.98 47.70
C GLY A 619 11.57 47.08 47.54
N GLU A 620 10.61 47.21 48.47
CA GLU A 620 9.30 46.47 48.49
C GLU A 620 8.24 47.03 47.48
N LYS A 621 7.65 46.12 46.68
CA LYS A 621 6.89 46.47 45.48
C LYS A 621 5.44 46.81 45.78
N ILE A 622 4.99 47.97 45.28
CA ILE A 622 3.70 48.53 45.68
C ILE A 622 2.61 48.53 44.63
N GLY A 623 2.99 48.51 43.35
CA GLY A 623 2.01 48.49 42.25
C GLY A 623 2.59 48.36 40.83
N GLN A 624 1.82 47.72 39.95
CA GLN A 624 2.21 47.59 38.55
C GLN A 624 1.24 48.40 37.71
N GLY A 625 1.77 49.32 36.92
CA GLY A 625 0.96 50.32 36.18
C GLY A 625 0.38 51.40 37.09
N LYS A 626 0.45 52.67 36.68
CA LYS A 626 -0.03 53.77 37.52
C LYS A 626 -1.34 53.41 38.23
N ALA A 627 -2.15 52.61 37.55
CA ALA A 627 -3.43 52.14 38.07
C ALA A 627 -3.39 51.76 39.54
N ASN A 628 -2.64 50.70 39.82
CA ASN A 628 -2.61 50.08 41.14
C ASN A 628 -1.76 50.88 42.11
N ALA A 629 -0.77 51.57 41.57
CA ALA A 629 0.03 52.45 42.38
C ALA A 629 -0.92 53.43 42.98
N THR A 630 -1.57 54.21 42.14
CA THR A 630 -2.59 55.10 42.60
C THR A 630 -3.26 54.40 43.78
N ALA A 631 -4.09 53.41 43.48
CA ALA A 631 -4.97 52.81 44.49
C ALA A 631 -4.26 52.06 45.65
N TRP A 632 -2.95 52.00 45.62
CA TRP A 632 -2.24 51.45 46.75
C TRP A 632 -2.19 52.48 47.85
N LEU A 633 -1.72 53.66 47.50
CA LEU A 633 -1.66 54.73 48.46
C LEU A 633 -3.02 54.92 49.12
N LYS A 634 -4.08 54.58 48.42
CA LYS A 634 -5.42 54.72 48.97
C LYS A 634 -5.62 53.94 50.26
N ASP A 635 -4.98 52.77 50.36
CA ASP A 635 -5.18 51.89 51.51
C ASP A 635 -4.18 52.03 52.64
N ASN A 636 -3.11 52.78 52.40
CA ASN A 636 -2.09 53.04 53.41
C ASN A 636 -1.90 54.56 53.58
N PRO A 637 -2.93 55.23 54.14
CA PRO A 637 -3.07 56.68 53.99
C PRO A 637 -1.87 57.49 54.50
N GLU A 638 -1.44 57.24 55.73
CA GLU A 638 -0.31 57.97 56.36
C GLU A 638 0.97 57.92 55.49
N THR A 639 1.30 56.73 54.93
CA THR A 639 2.50 56.55 54.11
C THR A 639 2.42 57.54 52.96
N ALA A 640 1.22 57.76 52.47
CA ALA A 640 1.00 58.77 51.49
C ALA A 640 1.13 60.13 52.11
N LYS A 641 0.19 60.45 53.02
CA LYS A 641 0.09 61.79 53.66
C LYS A 641 1.42 62.26 54.30
N GLU A 642 2.38 61.34 54.39
CA GLU A 642 3.74 61.68 54.78
C GLU A 642 4.55 61.96 53.51
N ILE A 643 4.41 61.10 52.50
CA ILE A 643 5.03 61.33 51.19
C ILE A 643 4.53 62.65 50.60
N GLU A 644 3.25 62.91 50.80
CA GLU A 644 2.68 64.23 50.60
C GLU A 644 3.64 65.25 51.24
N LYS A 645 3.60 65.31 52.57
CA LYS A 645 4.41 66.20 53.38
C LYS A 645 5.85 66.28 52.87
N LYS A 646 6.43 65.13 52.54
CA LYS A 646 7.80 65.08 52.02
C LYS A 646 8.02 65.88 50.73
N VAL A 647 7.00 65.95 49.86
CA VAL A 647 7.16 66.76 48.66
C VAL A 647 6.87 68.21 48.98
N ARG A 648 6.02 68.40 49.97
CA ARG A 648 5.73 69.72 50.50
C ARG A 648 6.92 70.33 51.24
N GLU A 649 7.82 69.48 51.75
CA GLU A 649 9.09 69.96 52.30
C GLU A 649 10.09 70.18 51.16
N LEU A 650 9.95 69.40 50.09
CA LEU A 650 10.90 69.38 48.97
C LEU A 650 10.54 70.31 47.79
N LEU A 651 9.37 70.95 47.83
CA LEU A 651 9.03 72.01 46.86
C LEU A 651 8.28 73.26 47.41
N LEU A 652 8.33 73.46 48.73
CA LEU A 652 7.68 74.60 49.44
C LEU A 652 8.47 75.06 50.70
N LYS A 679 -14.84 85.58 65.86
CA LYS A 679 -15.69 84.88 66.87
C LYS A 679 -17.12 84.69 66.27
N GLN A 680 -18.00 83.96 66.98
CA GLN A 680 -19.45 83.83 66.63
C GLN A 680 -20.23 85.04 67.10
N LYS A 681 -19.47 85.94 67.72
CA LYS A 681 -19.81 87.30 68.14
C LYS A 681 -20.03 88.15 66.87
N ALA A 682 -19.00 88.21 66.01
CA ALA A 682 -18.97 89.08 64.82
C ALA A 682 -19.76 88.53 63.64
N LEU A 683 -19.91 87.20 63.61
CA LEU A 683 -20.61 86.51 62.52
C LEU A 683 -22.13 86.57 62.70
N ALA A 684 -22.62 85.99 63.79
CA ALA A 684 -24.05 85.94 64.08
C ALA A 684 -24.71 87.33 63.99
N ALA A 685 -23.89 88.38 64.07
CA ALA A 685 -24.33 89.79 63.97
C ALA A 685 -24.24 90.38 62.54
N ALA A 686 -23.13 90.15 61.84
CA ALA A 686 -22.99 90.63 60.45
C ALA A 686 -23.83 89.82 59.46
N LEU A 687 -24.48 88.76 59.94
CA LEU A 687 -25.43 87.97 59.16
C LEU A 687 -26.75 88.70 59.01
N GLY A 688 -27.47 88.81 60.10
CA GLY A 688 -28.74 89.52 60.14
C GLY A 688 -28.64 90.94 59.61
N GLN A 689 -27.41 91.38 59.33
CA GLN A 689 -27.10 92.71 58.79
C GLN A 689 -27.47 92.81 57.32
N ILE A 690 -27.53 91.66 56.66
CA ILE A 690 -27.76 91.65 55.23
C ILE A 690 -29.21 91.36 55.02
N GLU A 691 -29.75 90.58 55.95
CA GLU A 691 -31.16 90.28 55.94
C GLU A 691 -31.99 91.52 56.21
N LYS A 692 -31.44 92.43 57.00
CA LYS A 692 -32.09 93.72 57.28
C LYS A 692 -32.05 94.58 56.01
N GLN A 693 -30.90 94.54 55.34
CA GLN A 693 -30.59 95.51 54.28
C GLN A 693 -31.03 95.05 52.89
N PHE A 694 -30.95 93.74 52.63
CA PHE A 694 -31.11 93.20 51.27
C PHE A 694 -32.25 92.20 51.04
N GLY A 695 -33.44 92.51 51.52
CA GLY A 695 -34.57 91.58 51.40
C GLY A 695 -34.42 90.40 52.37
N LYS A 696 -35.51 90.05 53.04
CA LYS A 696 -35.47 89.12 54.18
C LYS A 696 -35.01 87.72 53.75
N GLY A 697 -33.88 87.28 54.30
CA GLY A 697 -33.36 85.94 54.03
C GLY A 697 -32.67 85.75 52.69
N SER A 698 -31.66 86.56 52.41
CA SER A 698 -30.92 86.41 51.17
C SER A 698 -29.58 85.74 51.39
N ILE A 699 -29.53 84.86 52.37
CA ILE A 699 -28.33 84.11 52.67
C ILE A 699 -28.61 83.27 53.89
N MET A 700 -27.94 82.11 53.98
CA MET A 700 -28.04 81.23 55.15
C MET A 700 -27.10 80.04 55.14
N ARG A 701 -26.91 79.47 56.33
CA ARG A 701 -26.27 78.18 56.47
C ARG A 701 -27.25 77.22 55.83
N LEU A 702 -26.73 76.26 55.10
CA LEU A 702 -27.56 75.33 54.39
C LEU A 702 -28.22 74.33 55.32
N GLY A 703 -27.63 74.15 56.50
CA GLY A 703 -28.14 73.17 57.45
C GLY A 703 -29.19 73.73 58.40
N GLU A 704 -29.73 74.89 58.06
CA GLU A 704 -30.64 75.60 58.94
C GLU A 704 -32.10 75.13 58.90
N ASP A 705 -32.69 75.03 60.10
CA ASP A 705 -34.10 74.67 60.33
C ASP A 705 -35.04 75.85 60.10
N ARG A 706 -34.47 77.05 60.22
CA ARG A 706 -35.20 78.31 60.17
C ARG A 706 -35.90 78.49 58.81
N SER A 707 -37.24 78.52 58.87
CA SER A 707 -38.10 78.89 57.76
C SER A 707 -38.84 80.19 58.11
N MET A 708 -38.77 81.17 57.21
CA MET A 708 -39.62 82.36 57.30
C MET A 708 -41.06 81.88 57.24
N ASP A 709 -41.86 82.25 58.25
CA ASP A 709 -43.23 81.75 58.37
C ASP A 709 -44.20 82.55 57.48
N VAL A 710 -44.35 82.04 56.29
CA VAL A 710 -45.37 82.45 55.32
C VAL A 710 -46.16 81.17 54.90
N GLU A 711 -47.41 81.37 54.46
CA GLU A 711 -48.36 80.27 54.33
C GLU A 711 -48.07 79.41 53.13
N THR A 712 -48.47 78.15 53.21
CA THR A 712 -47.98 77.11 52.31
C THR A 712 -49.11 76.27 51.68
N ILE A 713 -49.01 75.99 50.37
CA ILE A 713 -49.93 75.07 49.72
C ILE A 713 -49.16 73.81 49.39
N SER A 714 -49.68 72.67 49.84
CA SER A 714 -49.04 71.35 49.63
C SER A 714 -48.86 71.01 48.14
N THR A 715 -47.67 70.53 47.77
CA THR A 715 -47.40 70.16 46.38
C THR A 715 -48.16 68.91 46.01
N GLY A 716 -48.42 68.10 47.01
CA GLY A 716 -49.05 66.80 46.84
C GLY A 716 -48.09 65.74 47.30
N SER A 717 -46.81 65.98 47.02
CA SER A 717 -45.73 65.11 47.45
C SER A 717 -45.06 65.56 48.75
N LEU A 718 -45.34 64.80 49.82
CA LEU A 718 -44.78 65.02 51.14
C LEU A 718 -43.32 65.31 51.08
N SER A 719 -42.57 64.49 50.35
CA SER A 719 -41.11 64.68 50.26
C SER A 719 -40.71 66.00 49.54
N LEU A 720 -41.56 66.48 48.61
CA LEU A 720 -41.32 67.77 47.99
C LEU A 720 -41.55 68.88 49.02
N ASP A 721 -42.71 68.86 49.67
CA ASP A 721 -43.01 69.81 50.75
C ASP A 721 -41.80 69.93 51.65
N ILE A 722 -41.40 68.78 52.20
CA ILE A 722 -40.26 68.68 53.08
C ILE A 722 -39.02 69.36 52.53
N ALA A 723 -38.55 68.95 51.36
CA ALA A 723 -37.33 69.54 50.84
C ALA A 723 -37.52 71.01 50.37
N LEU A 724 -38.78 71.39 50.16
CA LEU A 724 -39.13 72.76 49.90
C LEU A 724 -38.73 73.63 51.06
N GLY A 725 -38.74 73.03 52.25
CA GLY A 725 -38.31 73.71 53.47
C GLY A 725 -39.47 74.28 54.28
N ALA A 726 -40.43 74.86 53.58
CA ALA A 726 -41.57 75.53 54.20
C ALA A 726 -42.78 74.62 54.36
N GLY A 727 -42.76 73.51 53.62
CA GLY A 727 -43.86 72.52 53.62
C GLY A 727 -44.97 72.77 52.61
N GLY A 728 -44.58 73.23 51.42
CA GLY A 728 -45.52 73.67 50.40
C GLY A 728 -45.04 74.95 49.72
N LEU A 729 -45.68 75.30 48.61
CA LEU A 729 -45.29 76.48 47.87
C LEU A 729 -45.74 77.75 48.53
N PRO A 730 -44.87 78.77 48.51
CA PRO A 730 -45.10 80.12 49.01
C PRO A 730 -46.23 80.84 48.34
N MET A 731 -47.07 81.43 49.17
CA MET A 731 -48.22 82.22 48.76
C MET A 731 -47.78 83.58 48.23
N GLY A 732 -48.36 83.98 47.08
CA GLY A 732 -48.14 85.33 46.55
C GLY A 732 -46.74 85.62 46.03
N ARG A 733 -46.02 84.54 45.68
CA ARG A 733 -44.68 84.62 45.12
C ARG A 733 -44.69 83.90 43.80
N ILE A 734 -43.69 84.16 42.98
CA ILE A 734 -43.61 83.47 41.71
C ILE A 734 -42.80 82.19 41.79
N VAL A 735 -43.36 81.12 41.21
CA VAL A 735 -42.73 79.80 41.16
C VAL A 735 -42.54 79.34 39.74
N GLU A 736 -41.32 78.93 39.41
CA GLU A 736 -40.99 78.31 38.12
C GLU A 736 -40.73 76.82 38.37
N ILE A 737 -41.57 75.99 37.76
CA ILE A 737 -41.31 74.55 37.67
C ILE A 737 -40.96 74.27 36.24
N TYR A 738 -39.79 73.69 36.02
CA TYR A 738 -39.36 73.40 34.69
C TYR A 738 -38.97 71.98 34.60
N GLY A 739 -38.72 71.54 33.37
CA GLY A 739 -38.17 70.21 33.11
C GLY A 739 -38.22 69.81 31.64
N PRO A 740 -37.71 68.62 31.30
CA PRO A 740 -37.97 68.14 29.95
C PRO A 740 -39.47 67.94 29.74
N GLU A 741 -39.90 67.92 28.48
CA GLU A 741 -41.23 67.43 28.15
C GLU A 741 -41.43 66.01 28.75
N SER A 742 -42.68 65.68 29.05
CA SER A 742 -43.03 64.37 29.63
C SER A 742 -42.15 64.00 30.83
N SER A 743 -42.04 64.91 31.79
CA SER A 743 -41.25 64.67 32.99
C SER A 743 -42.15 64.36 34.18
N GLY A 744 -43.18 65.19 34.30
CA GLY A 744 -44.16 65.11 35.37
C GLY A 744 -44.64 66.51 35.69
N LYS A 745 -44.00 67.48 35.05
CA LYS A 745 -44.21 68.87 35.41
C LYS A 745 -45.67 69.26 35.43
N THR A 746 -46.47 68.70 34.54
CA THR A 746 -47.90 69.01 34.57
C THR A 746 -48.62 68.26 35.70
N THR A 747 -48.33 66.98 35.87
CA THR A 747 -48.98 66.21 36.93
C THR A 747 -48.93 66.98 38.24
N LEU A 748 -47.72 67.40 38.58
CA LEU A 748 -47.45 68.19 39.75
C LEU A 748 -48.20 69.50 39.71
N THR A 749 -48.08 70.20 38.59
CA THR A 749 -48.83 71.42 38.35
C THR A 749 -50.31 71.20 38.65
N LEU A 750 -50.88 70.10 38.17
CA LEU A 750 -52.31 69.86 38.38
C LEU A 750 -52.59 69.48 39.80
N GLN A 751 -51.60 68.92 40.46
CA GLN A 751 -51.75 68.44 41.81
C GLN A 751 -51.90 69.56 42.84
N VAL A 752 -51.22 70.67 42.59
CA VAL A 752 -51.33 71.83 43.45
C VAL A 752 -52.66 72.50 43.24
N ILE A 753 -53.10 72.59 41.99
CA ILE A 753 -54.42 73.13 41.65
C ILE A 753 -55.51 72.33 42.33
N ALA A 754 -55.23 71.06 42.59
CA ALA A 754 -56.14 70.18 43.31
C ALA A 754 -56.12 70.53 44.79
N ALA A 755 -54.96 70.33 45.41
CA ALA A 755 -54.78 70.56 46.84
C ALA A 755 -55.29 71.93 47.29
N ALA A 756 -55.28 72.88 46.36
CA ALA A 756 -55.78 74.21 46.64
C ALA A 756 -57.31 74.23 46.65
N GLN A 757 -57.88 73.57 45.65
CA GLN A 757 -59.32 73.56 45.46
C GLN A 757 -60.05 72.83 46.56
N ARG A 758 -59.30 72.00 47.30
CA ARG A 758 -59.87 71.27 48.42
C ARG A 758 -59.58 71.97 49.74
N GLU A 759 -59.26 73.24 49.66
CA GLU A 759 -59.17 74.07 50.85
C GLU A 759 -60.07 75.27 50.66
N GLY A 760 -60.72 75.30 49.50
CA GLY A 760 -61.60 76.42 49.12
C GLY A 760 -60.98 77.31 48.04
N LYS A 761 -59.74 77.74 48.29
CA LYS A 761 -59.00 78.69 47.44
C LYS A 761 -59.13 78.36 45.94
N THR A 762 -59.59 79.31 45.13
CA THR A 762 -59.89 79.04 43.72
C THR A 762 -58.77 79.51 42.80
N CYS A 763 -58.62 78.76 41.70
CA CYS A 763 -57.44 78.79 40.85
C CYS A 763 -57.72 79.10 39.39
N ALA A 764 -56.67 79.55 38.70
CA ALA A 764 -56.77 79.90 37.31
C ALA A 764 -55.66 79.25 36.52
N PHE A 765 -56.01 78.86 35.30
CA PHE A 765 -55.14 78.13 34.41
C PHE A 765 -55.10 78.85 33.05
N ILE A 766 -53.96 79.43 32.76
CA ILE A 766 -53.76 80.13 31.52
C ILE A 766 -53.13 79.15 30.57
N ASP A 767 -53.79 78.91 29.43
CA ASP A 767 -53.34 77.88 28.50
C ASP A 767 -52.87 78.36 27.12
N ALA A 768 -51.57 78.21 26.89
CA ALA A 768 -51.00 78.44 25.58
C ALA A 768 -50.69 77.12 24.91
N GLU A 769 -50.82 76.03 25.67
CA GLU A 769 -50.44 74.68 25.23
C GLU A 769 -51.59 73.88 24.62
N HIS A 770 -52.78 74.06 25.20
CA HIS A 770 -53.96 73.32 24.80
C HIS A 770 -53.63 71.86 24.91
N ALA A 771 -53.36 71.47 26.16
CA ALA A 771 -52.89 70.14 26.50
C ALA A 771 -53.91 69.43 27.37
N LEU A 772 -53.80 69.74 28.67
CA LEU A 772 -54.74 69.34 29.75
C LEU A 772 -55.74 68.20 29.48
N ASP A 773 -55.51 67.07 30.15
CA ASP A 773 -56.46 65.99 30.09
C ASP A 773 -57.48 66.14 31.21
N PRO A 774 -58.71 66.56 30.85
CA PRO A 774 -59.72 66.73 31.89
C PRO A 774 -59.80 65.48 32.75
N ILE A 775 -59.96 64.34 32.10
CA ILE A 775 -60.19 63.06 32.77
C ILE A 775 -59.07 62.76 33.75
N TYR A 776 -57.82 62.95 33.34
CA TYR A 776 -56.70 62.75 34.23
C TYR A 776 -56.75 63.72 35.43
N ALA A 777 -57.12 64.98 35.16
CA ALA A 777 -57.20 65.95 36.24
C ALA A 777 -58.27 65.50 37.20
N ARG A 778 -59.41 65.08 36.65
CA ARG A 778 -60.54 64.64 37.45
C ARG A 778 -60.10 63.52 38.40
N LYS A 779 -59.32 62.57 37.88
CA LYS A 779 -58.89 61.44 38.68
C LYS A 779 -57.73 61.83 39.58
N LEU A 780 -57.07 62.94 39.28
CA LEU A 780 -56.02 63.45 40.15
C LEU A 780 -56.63 64.17 41.33
N GLY A 781 -57.83 64.69 41.15
CA GLY A 781 -58.60 65.34 42.21
C GLY A 781 -58.95 66.81 42.00
N VAL A 782 -59.03 67.22 40.72
CA VAL A 782 -59.32 68.61 40.37
C VAL A 782 -60.79 68.80 40.08
N ASP A 783 -61.36 69.81 40.72
CA ASP A 783 -62.72 70.22 40.42
C ASP A 783 -62.64 71.02 39.14
N ILE A 784 -62.72 70.30 38.03
CA ILE A 784 -62.58 70.92 36.74
C ILE A 784 -63.63 71.99 36.53
N ASP A 785 -64.85 71.70 36.96
CA ASP A 785 -65.99 72.58 36.71
C ASP A 785 -65.71 74.00 37.21
N ASN A 786 -65.08 74.10 38.39
CA ASN A 786 -64.85 75.38 39.07
C ASN A 786 -63.43 75.92 38.93
N LEU A 787 -62.68 75.38 37.97
CA LEU A 787 -61.35 75.87 37.66
C LEU A 787 -61.50 76.91 36.57
N LEU A 788 -60.59 77.88 36.57
CA LEU A 788 -60.66 78.92 35.57
C LEU A 788 -59.67 78.70 34.47
N CYS A 789 -60.15 78.74 33.25
CA CYS A 789 -59.28 78.54 32.12
C CYS A 789 -59.28 79.75 31.24
N SER A 790 -58.10 80.05 30.69
CA SER A 790 -57.92 81.20 29.77
C SER A 790 -57.01 80.89 28.62
N GLN A 791 -57.61 80.81 27.44
CA GLN A 791 -56.91 80.44 26.24
C GLN A 791 -56.63 81.68 25.43
N PRO A 792 -55.54 82.37 25.75
CA PRO A 792 -55.29 83.69 25.27
C PRO A 792 -54.79 83.67 23.85
N ASP A 793 -54.88 84.84 23.22
CA ASP A 793 -54.46 85.09 21.84
C ASP A 793 -52.93 85.43 21.76
N THR A 794 -52.44 86.22 22.72
CA THR A 794 -51.02 86.56 22.74
C THR A 794 -50.41 86.36 24.10
N GLY A 795 -49.15 85.94 24.08
CA GLY A 795 -48.35 85.85 25.28
C GLY A 795 -48.56 87.09 26.11
N GLU A 796 -48.27 88.23 25.52
CA GLU A 796 -48.52 89.51 26.18
C GLU A 796 -49.87 89.40 26.86
N GLN A 797 -50.93 89.33 26.07
CA GLN A 797 -52.30 89.27 26.60
C GLN A 797 -52.37 88.28 27.75
N ALA A 798 -51.83 87.09 27.54
CA ALA A 798 -51.82 86.09 28.57
C ALA A 798 -51.33 86.68 29.90
N LEU A 799 -50.11 87.20 29.89
CA LEU A 799 -49.54 87.76 31.09
C LEU A 799 -50.48 88.81 31.65
N GLU A 800 -50.89 89.75 30.80
CA GLU A 800 -51.73 90.88 31.21
C GLU A 800 -53.00 90.42 31.89
N ILE A 801 -53.42 89.20 31.58
CA ILE A 801 -54.60 88.65 32.21
C ILE A 801 -54.27 88.33 33.66
N CYS A 802 -53.13 87.70 33.87
CA CYS A 802 -52.67 87.44 35.20
C CYS A 802 -52.67 88.74 36.01
N ASP A 803 -52.17 89.80 35.39
CA ASP A 803 -52.10 91.13 36.01
C ASP A 803 -53.33 91.43 36.81
N ALA A 804 -54.48 91.52 36.13
CA ALA A 804 -55.73 91.86 36.79
C ALA A 804 -56.32 90.68 37.57
N LEU A 805 -55.83 89.47 37.29
CA LEU A 805 -56.22 88.30 38.08
C LEU A 805 -55.49 88.36 39.40
N ALA A 806 -54.35 89.04 39.41
CA ALA A 806 -53.67 89.33 40.65
C ALA A 806 -54.44 90.36 41.46
N ARG A 807 -54.78 91.50 40.84
CA ARG A 807 -55.63 92.52 41.49
C ARG A 807 -57.10 92.06 41.54
N SER A 808 -57.35 91.07 42.38
CA SER A 808 -58.69 90.62 42.69
C SER A 808 -58.66 90.06 44.10
N GLY A 809 -57.58 89.34 44.40
CA GLY A 809 -57.35 88.71 45.71
C GLY A 809 -58.16 87.45 45.87
N ALA A 810 -58.90 87.14 44.80
CA ALA A 810 -59.86 86.03 44.74
C ALA A 810 -59.38 84.90 43.85
N VAL A 811 -58.33 85.18 43.09
CA VAL A 811 -57.60 84.12 42.43
C VAL A 811 -56.42 83.87 43.36
N ASP A 812 -56.33 82.67 43.90
CA ASP A 812 -55.29 82.37 44.88
C ASP A 812 -54.12 81.60 44.27
N VAL A 813 -54.35 81.10 43.06
CA VAL A 813 -53.35 80.34 42.35
C VAL A 813 -53.56 80.45 40.85
N ILE A 814 -52.56 80.99 40.18
CA ILE A 814 -52.53 81.04 38.76
C ILE A 814 -51.49 80.07 38.28
N VAL A 815 -51.83 79.29 37.24
CA VAL A 815 -50.89 78.39 36.58
C VAL A 815 -50.77 78.67 35.07
N VAL A 816 -49.52 78.73 34.60
CA VAL A 816 -49.20 79.11 33.23
C VAL A 816 -48.46 77.99 32.49
N ASP A 817 -49.15 77.46 31.48
CA ASP A 817 -48.67 76.37 30.62
C ASP A 817 -48.61 76.97 29.21
N SER A 818 -47.42 77.32 28.71
CA SER A 818 -46.15 77.25 29.42
C SER A 818 -45.28 78.35 28.87
N VAL A 819 -44.27 78.74 29.64
CA VAL A 819 -43.39 79.84 29.30
C VAL A 819 -42.98 79.85 27.86
N ALA A 820 -42.40 78.75 27.38
CA ALA A 820 -41.89 78.69 26.02
C ALA A 820 -42.98 79.00 24.98
N ALA A 821 -44.21 78.54 25.27
CA ALA A 821 -45.35 78.68 24.37
C ALA A 821 -46.04 80.08 24.40
N LEU A 822 -45.72 80.90 25.40
CA LEU A 822 -46.19 82.29 25.47
C LEU A 822 -45.58 83.16 24.39
N THR A 823 -45.64 82.70 23.17
CA THR A 823 -44.98 83.37 22.08
C THR A 823 -45.71 84.69 21.77
N PRO A 824 -44.97 85.79 21.71
CA PRO A 824 -45.41 87.19 21.64
C PRO A 824 -46.14 87.59 20.36
N LYS A 825 -46.72 88.79 20.39
CA LYS A 825 -47.51 89.33 19.29
C LYS A 825 -46.60 89.55 18.12
N ALA A 826 -45.44 90.08 18.45
CA ALA A 826 -44.39 90.32 17.46
C ALA A 826 -44.14 89.08 16.57
N GLU A 827 -44.11 87.89 17.21
CA GLU A 827 -43.84 86.63 16.53
C GLU A 827 -45.11 86.11 15.87
N ILE A 828 -46.25 86.44 16.46
CA ILE A 828 -47.51 86.09 15.84
C ILE A 828 -47.65 86.89 14.53
N GLY A 838 -37.19 83.55 19.10
CA GLY A 838 -35.87 84.14 18.90
C GLY A 838 -35.47 85.13 19.97
N LEU A 839 -35.77 86.41 19.71
CA LEU A 839 -35.33 87.57 20.54
C LEU A 839 -36.30 88.05 21.71
N ALA A 840 -37.62 88.04 21.47
CA ALA A 840 -38.61 88.57 22.42
C ALA A 840 -38.87 87.68 23.66
N ALA A 841 -37.79 87.30 24.34
CA ALA A 841 -37.88 86.87 25.73
C ALA A 841 -38.04 88.14 26.57
N ARG A 842 -38.02 89.29 25.89
CA ARG A 842 -38.18 90.64 26.46
C ARG A 842 -39.57 90.83 27.03
N MET A 843 -40.54 90.25 26.35
CA MET A 843 -41.94 90.24 26.76
C MET A 843 -42.05 89.67 28.17
N MET A 844 -41.38 88.54 28.39
CA MET A 844 -41.32 87.96 29.72
C MET A 844 -40.75 88.95 30.72
N SER A 845 -39.78 89.74 30.30
CA SER A 845 -39.09 90.65 31.19
C SER A 845 -40.02 91.78 31.59
N GLN A 846 -40.94 92.10 30.71
CA GLN A 846 -41.75 93.31 30.82
C GLN A 846 -42.65 93.33 32.06
N ALA A 847 -43.91 92.95 31.86
CA ALA A 847 -44.94 92.99 32.91
C ALA A 847 -44.58 92.05 34.07
N MET A 848 -43.36 91.51 34.03
CA MET A 848 -42.87 90.65 35.09
C MET A 848 -42.82 91.38 36.42
N ARG A 849 -42.04 92.46 36.50
CA ARG A 849 -41.78 93.17 37.76
C ARG A 849 -43.05 93.73 38.39
N LYS A 850 -43.98 94.20 37.56
CA LYS A 850 -45.26 94.75 38.04
C LYS A 850 -46.13 93.66 38.64
N LEU A 851 -46.10 92.49 38.03
CA LEU A 851 -46.89 91.36 38.48
C LEU A 851 -46.34 90.83 39.79
N ALA A 852 -45.03 90.95 39.96
CA ALA A 852 -44.35 90.50 41.17
C ALA A 852 -45.06 91.01 42.43
N GLY A 853 -45.28 92.31 42.49
CA GLY A 853 -45.90 92.98 43.63
C GLY A 853 -47.36 92.64 43.83
N ASN A 854 -48.15 92.75 42.77
CA ASN A 854 -49.61 92.58 42.84
C ASN A 854 -50.03 91.28 43.54
N LEU A 855 -49.08 90.36 43.69
CA LEU A 855 -49.35 89.04 44.25
C LEU A 855 -49.24 88.96 45.77
N LYS A 856 -48.30 89.70 46.34
CA LYS A 856 -48.15 89.80 47.81
C LYS A 856 -49.38 90.42 48.48
N GLN A 857 -50.09 91.30 47.73
CA GLN A 857 -51.32 91.96 48.20
C GLN A 857 -52.59 91.22 47.78
N SER A 858 -52.44 89.93 47.48
CA SER A 858 -53.52 89.07 47.02
C SER A 858 -53.35 87.65 47.52
N ASN A 859 -52.13 87.36 47.94
CA ASN A 859 -51.65 86.00 48.18
C ASN A 859 -51.67 85.17 46.89
N THR A 860 -52.00 85.84 45.78
CA THR A 860 -52.09 85.19 44.48
C THR A 860 -50.78 84.50 44.11
N LEU A 861 -50.76 83.17 44.27
CA LEU A 861 -49.61 82.34 43.92
C LEU A 861 -49.56 82.01 42.42
N LEU A 862 -48.51 82.46 41.74
CA LEU A 862 -48.38 82.19 40.33
C LEU A 862 -47.26 81.22 40.09
N ILE A 863 -47.60 80.18 39.32
CA ILE A 863 -46.69 79.12 38.87
C ILE A 863 -46.48 79.15 37.34
N PHE A 864 -45.21 79.20 36.95
CA PHE A 864 -44.81 79.11 35.56
C PHE A 864 -44.28 77.70 35.21
N ILE A 865 -44.32 77.34 33.93
CA ILE A 865 -43.72 76.07 33.46
C ILE A 865 -42.79 76.26 32.24
N ASN A 866 -41.55 75.79 32.33
CA ASN A 866 -40.55 76.03 31.28
C ASN A 866 -40.05 74.66 30.77
N GLN A 867 -39.06 74.66 29.83
CA GLN A 867 -38.25 73.48 29.28
C GLN A 867 -36.70 73.70 29.21
N GLY A 884 -37.50 79.86 27.41
CA GLY A 884 -37.92 80.92 28.33
C GLY A 884 -36.97 82.13 28.42
N GLY A 885 -37.36 83.18 29.18
CA GLY A 885 -36.58 84.46 29.31
C GLY A 885 -35.90 84.70 30.66
N ASN A 886 -34.80 85.47 30.64
CA ASN A 886 -33.87 85.59 31.80
C ASN A 886 -34.48 86.11 33.12
N ALA A 887 -35.53 86.90 33.02
CA ALA A 887 -36.13 87.56 34.19
C ALA A 887 -36.66 86.58 35.22
N LEU A 888 -37.38 85.58 34.74
CA LEU A 888 -38.04 84.64 35.60
C LEU A 888 -37.08 84.03 36.61
N LYS A 889 -35.90 83.65 36.14
CA LYS A 889 -34.83 83.05 36.97
C LYS A 889 -34.65 83.75 38.30
N PHE A 890 -34.92 85.04 38.31
CA PHE A 890 -34.66 85.83 39.48
C PHE A 890 -35.92 86.16 40.26
N TYR A 891 -36.95 86.69 39.59
CA TYR A 891 -38.17 87.08 40.30
C TYR A 891 -38.91 85.90 40.94
N ALA A 892 -38.56 84.69 40.53
CA ALA A 892 -39.07 83.48 41.15
C ALA A 892 -38.60 83.43 42.56
N SER A 893 -39.48 82.98 43.45
CA SER A 893 -39.10 82.84 44.84
C SER A 893 -38.72 81.38 45.08
N VAL A 894 -39.31 80.50 44.28
CA VAL A 894 -38.97 79.09 44.31
C VAL A 894 -38.91 78.50 42.91
N ARG A 895 -37.81 77.81 42.61
CA ARG A 895 -37.64 77.12 41.33
C ARG A 895 -37.41 75.62 41.49
N LEU A 896 -38.29 74.87 40.83
CA LEU A 896 -38.34 73.42 40.89
C LEU A 896 -37.80 72.70 39.66
N ASP A 897 -37.06 71.62 39.87
CA ASP A 897 -36.47 70.82 38.76
C ASP A 897 -37.02 69.39 38.77
N ILE A 898 -37.98 69.13 37.91
CA ILE A 898 -38.52 67.80 37.79
C ILE A 898 -37.89 67.14 36.59
N ARG A 899 -37.46 65.89 36.77
CA ARG A 899 -36.94 65.04 35.69
C ARG A 899 -37.50 63.65 35.91
N ARG A 900 -37.73 62.90 34.85
CA ARG A 900 -38.18 61.53 35.04
C ARG A 900 -36.97 60.62 34.96
N ILE A 901 -36.81 59.68 35.89
CA ILE A 901 -35.59 58.86 35.91
C ILE A 901 -35.73 57.37 35.59
N GLY A 902 -36.79 56.73 36.10
CA GLY A 902 -36.91 55.25 36.01
C GLY A 902 -38.13 54.70 35.30
N ALA A 903 -39.01 54.09 36.08
CA ALA A 903 -40.21 53.44 35.57
C ALA A 903 -40.68 52.43 36.59
N VAL A 904 -41.98 52.17 36.63
CA VAL A 904 -42.52 51.25 37.61
C VAL A 904 -43.32 50.12 36.97
N LYS A 905 -42.91 48.90 37.27
CA LYS A 905 -43.50 47.72 36.66
C LYS A 905 -44.38 46.90 37.62
N GLU A 906 -45.61 46.60 37.18
CA GLU A 906 -46.57 45.70 37.88
C GLU A 906 -46.51 44.33 37.23
N GLY A 907 -45.71 43.46 37.83
CA GLY A 907 -45.31 42.19 37.22
C GLY A 907 -44.36 42.49 36.08
N GLU A 908 -44.93 42.86 34.93
CA GLU A 908 -44.18 43.20 33.73
C GLU A 908 -45.05 44.09 32.84
N ASN A 909 -45.15 45.37 33.22
CA ASN A 909 -46.04 46.31 32.55
C ASN A 909 -45.75 47.75 33.00
N VAL A 910 -45.35 48.60 32.05
CA VAL A 910 -44.96 49.99 32.35
C VAL A 910 -46.15 50.80 32.88
N VAL A 911 -46.31 50.89 34.20
CA VAL A 911 -47.46 51.64 34.75
C VAL A 911 -47.08 52.88 35.55
N GLY A 912 -45.80 53.22 35.56
CA GLY A 912 -45.33 54.38 36.32
C GLY A 912 -43.97 54.97 35.96
N SER A 913 -43.83 56.26 36.26
CA SER A 913 -42.59 57.00 36.05
C SER A 913 -41.99 57.39 37.41
N GLU A 914 -40.76 56.96 37.67
CA GLU A 914 -40.07 57.35 38.90
C GLU A 914 -39.47 58.73 38.70
N THR A 915 -39.97 59.70 39.45
CA THR A 915 -39.54 61.08 39.26
C THR A 915 -38.65 61.59 40.39
N ARG A 916 -37.98 62.71 40.13
CA ARG A 916 -37.07 63.37 41.06
C ARG A 916 -37.21 64.89 40.95
N VAL A 917 -37.58 65.52 42.06
CA VAL A 917 -37.73 66.95 42.10
C VAL A 917 -36.64 67.57 42.96
N LYS A 918 -35.93 68.53 42.37
CA LYS A 918 -34.82 69.20 43.00
C LYS A 918 -35.15 70.69 43.15
N VAL A 919 -35.13 71.21 44.38
CA VAL A 919 -35.43 72.61 44.62
C VAL A 919 -34.15 73.38 44.41
N VAL A 920 -33.95 73.93 43.21
CA VAL A 920 -32.67 74.54 42.91
C VAL A 920 -32.60 75.98 43.29
N LYS A 921 -33.77 76.62 43.36
CA LYS A 921 -33.82 77.97 43.91
C LYS A 921 -34.86 78.06 45.00
N ASN A 922 -34.44 78.53 46.18
CA ASN A 922 -35.33 78.61 47.33
C ASN A 922 -35.07 79.78 48.26
N LYS A 923 -35.79 80.87 48.01
CA LYS A 923 -35.75 82.03 48.88
C LYS A 923 -36.98 82.01 49.82
N ILE A 924 -37.28 80.83 50.37
CA ILE A 924 -38.32 80.71 51.38
C ILE A 924 -37.77 79.96 52.57
N ALA A 925 -36.78 79.10 52.31
CA ALA A 925 -36.09 78.33 53.33
C ALA A 925 -34.79 77.77 52.78
N ALA A 926 -34.49 76.54 53.15
CA ALA A 926 -33.28 75.89 52.70
C ALA A 926 -33.33 75.42 51.22
N PRO A 927 -32.38 75.91 50.41
CA PRO A 927 -32.31 75.53 49.01
C PRO A 927 -31.41 74.31 48.76
N PHE A 928 -31.63 73.66 47.62
CA PHE A 928 -30.79 72.57 47.09
C PHE A 928 -31.15 71.19 47.59
N LYS A 929 -32.10 71.15 48.52
CA LYS A 929 -32.61 69.89 49.06
C LYS A 929 -33.51 69.23 48.01
N GLN A 930 -33.58 67.89 48.02
CA GLN A 930 -34.27 67.11 46.98
C GLN A 930 -35.24 66.01 47.48
N ALA A 931 -36.09 65.56 46.56
CA ALA A 931 -37.17 64.65 46.92
C ALA A 931 -37.52 63.74 45.75
N GLU A 932 -37.55 62.43 45.99
CA GLU A 932 -37.90 61.43 44.97
C GLU A 932 -39.23 60.72 45.27
N PHE A 933 -40.04 60.49 44.25
CA PHE A 933 -41.36 59.91 44.45
C PHE A 933 -41.91 59.29 43.16
N GLN A 934 -43.02 58.58 43.30
CA GLN A 934 -43.65 57.89 42.17
C GLN A 934 -44.84 58.65 41.58
N ILE A 935 -44.97 58.59 40.26
CA ILE A 935 -46.17 59.03 39.56
C ILE A 935 -46.79 57.86 38.83
N LEU A 936 -48.06 57.60 39.09
CA LEU A 936 -48.73 56.51 38.45
C LEU A 936 -49.80 56.94 37.45
N TYR A 937 -49.72 56.37 36.26
CA TYR A 937 -50.68 56.63 35.20
C TYR A 937 -52.08 56.48 35.75
N GLY A 938 -52.86 57.55 35.73
CA GLY A 938 -54.28 57.50 36.10
C GLY A 938 -54.60 57.49 37.60
N GLU A 939 -53.64 57.87 38.42
CA GLU A 939 -53.85 58.04 39.86
C GLU A 939 -53.02 59.21 40.37
N GLY A 940 -51.87 59.44 39.75
CA GLY A 940 -51.03 60.59 40.07
C GLY A 940 -49.95 60.36 41.11
N ILE A 941 -49.49 61.43 41.73
CA ILE A 941 -48.44 61.36 42.73
C ILE A 941 -48.80 60.31 43.75
N ASN A 942 -47.82 59.50 44.12
CA ASN A 942 -48.06 58.37 45.00
C ASN A 942 -47.84 58.64 46.48
N PHE A 943 -48.87 59.23 47.11
CA PHE A 943 -48.88 59.69 48.50
C PHE A 943 -48.26 58.66 49.42
N TYR A 944 -48.80 57.44 49.35
CA TYR A 944 -48.45 56.40 50.27
C TYR A 944 -47.05 55.89 50.02
N GLY A 945 -46.68 55.89 48.75
CA GLY A 945 -45.39 55.38 48.32
C GLY A 945 -44.21 56.07 48.98
N GLU A 946 -44.26 57.38 49.00
CA GLU A 946 -43.24 58.16 49.69
C GLU A 946 -43.53 58.11 51.19
N LEU A 947 -44.78 57.88 51.58
CA LEU A 947 -45.11 57.87 52.99
C LEU A 947 -44.41 56.74 53.71
N VAL A 948 -44.38 55.58 53.07
CA VAL A 948 -43.67 54.43 53.61
C VAL A 948 -42.21 54.77 53.81
N ASP A 949 -41.55 55.18 52.75
CA ASP A 949 -40.14 55.56 52.79
C ASP A 949 -39.81 56.55 53.93
N LEU A 950 -40.69 57.52 54.14
CA LEU A 950 -40.49 58.54 55.16
C LEU A 950 -40.46 57.88 56.55
N GLY A 951 -41.41 56.97 56.77
CA GLY A 951 -41.53 56.30 58.06
C GLY A 951 -40.43 55.31 58.37
N VAL A 952 -39.63 54.99 57.36
CA VAL A 952 -38.47 54.14 57.54
C VAL A 952 -37.31 54.99 58.02
N LYS A 953 -37.15 56.16 57.40
CA LYS A 953 -36.07 57.08 57.74
C LYS A 953 -36.42 57.91 58.97
N GLU A 954 -37.67 57.86 59.42
CA GLU A 954 -38.08 58.48 60.68
C GLU A 954 -38.51 57.45 61.73
N LYS A 955 -38.13 56.20 61.49
CA LYS A 955 -38.12 55.13 62.49
C LYS A 955 -39.49 54.73 63.06
N LEU A 956 -40.55 55.15 62.38
CA LEU A 956 -41.90 54.71 62.71
C LEU A 956 -42.20 53.32 62.13
N ILE A 957 -41.57 53.00 61.00
CA ILE A 957 -41.67 51.69 60.36
C ILE A 957 -40.29 51.04 60.24
N GLU A 958 -40.22 49.77 60.56
CA GLU A 958 -38.94 49.14 60.80
C GLU A 958 -38.53 48.18 59.70
N LYS A 959 -37.38 48.45 59.12
CA LYS A 959 -36.85 47.63 58.03
C LYS A 959 -36.03 46.45 58.55
N ALA A 960 -36.58 45.23 58.41
CA ALA A 960 -35.86 43.98 58.79
C ALA A 960 -35.20 43.32 57.57
N GLY A 961 -34.37 44.11 56.87
CA GLY A 961 -33.75 43.71 55.58
C GLY A 961 -34.72 43.87 54.40
N ALA A 962 -35.67 42.93 54.32
CA ALA A 962 -36.71 42.91 53.28
C ALA A 962 -38.13 43.09 53.85
N TRP A 963 -38.27 42.95 55.17
CA TRP A 963 -39.56 42.99 55.85
C TRP A 963 -39.92 44.37 56.40
N TYR A 964 -41.21 44.70 56.35
CA TYR A 964 -41.69 46.00 56.79
C TYR A 964 -42.64 45.92 58.00
N SER A 965 -42.17 46.37 59.16
CA SER A 965 -42.92 46.25 60.42
C SER A 965 -43.39 47.58 60.97
N TYR A 966 -44.63 47.60 61.47
CA TYR A 966 -45.15 48.75 62.22
C TYR A 966 -45.39 48.43 63.70
N LYS A 967 -44.30 48.47 64.47
CA LYS A 967 -44.28 48.19 65.92
C LYS A 967 -45.00 46.88 66.33
N GLY A 968 -44.23 45.77 66.33
CA GLY A 968 -44.74 44.42 66.63
C GLY A 968 -45.40 43.74 65.45
N GLU A 969 -46.42 44.41 64.93
CA GLU A 969 -47.13 44.09 63.68
C GLU A 969 -46.26 44.11 62.37
N LYS A 970 -46.30 43.02 61.60
CA LYS A 970 -45.60 42.91 60.31
C LYS A 970 -46.57 43.26 59.18
N ILE A 971 -46.29 44.35 58.48
CA ILE A 971 -47.27 44.90 57.52
C ILE A 971 -46.95 44.71 56.03
N GLY A 972 -45.76 44.23 55.71
CA GLY A 972 -45.41 43.98 54.32
C GLY A 972 -44.02 43.42 54.04
N GLN A 973 -43.84 42.90 52.83
CA GLN A 973 -42.58 42.34 52.39
C GLN A 973 -42.31 42.86 50.99
N GLY A 974 -41.19 43.57 50.84
CA GLY A 974 -40.89 44.29 49.61
C GLY A 974 -41.67 45.59 49.52
N LYS A 975 -40.96 46.70 49.35
CA LYS A 975 -41.56 48.05 49.41
C LYS A 975 -43.00 48.06 48.89
N ALA A 976 -43.22 47.45 47.74
CA ALA A 976 -44.52 47.44 47.08
C ALA A 976 -45.65 46.98 47.99
N ASN A 977 -45.61 45.72 48.37
CA ASN A 977 -46.66 45.12 49.14
C ASN A 977 -46.94 45.87 50.44
N ALA A 978 -45.96 46.62 50.91
CA ALA A 978 -46.12 47.43 52.11
C ALA A 978 -46.81 48.70 51.72
N THR A 979 -46.34 49.30 50.64
CA THR A 979 -46.94 50.53 50.15
C THR A 979 -48.42 50.33 50.21
N ALA A 980 -48.90 49.38 49.41
CA ALA A 980 -50.33 49.21 49.25
C ALA A 980 -51.02 48.58 50.48
N TRP A 981 -50.42 48.72 51.65
CA TRP A 981 -51.07 48.28 52.88
C TRP A 981 -51.60 49.48 53.65
N LEU A 982 -50.90 50.59 53.51
CA LEU A 982 -51.41 51.81 54.08
C LEU A 982 -52.64 52.21 53.29
N LYS A 983 -52.71 51.81 52.03
CA LYS A 983 -53.87 52.08 51.18
C LYS A 983 -55.07 51.26 51.63
N ASP A 984 -54.81 50.22 52.43
CA ASP A 984 -55.83 49.27 52.86
C ASP A 984 -56.51 49.69 54.17
N ASN A 985 -55.76 50.33 55.07
CA ASN A 985 -56.37 50.95 56.28
C ASN A 985 -55.85 52.38 56.58
N PRO A 986 -56.53 53.42 56.02
CA PRO A 986 -56.09 54.81 56.16
C PRO A 986 -56.11 55.30 57.61
N GLU A 987 -56.49 54.42 58.51
CA GLU A 987 -56.53 54.72 59.93
C GLU A 987 -55.11 55.02 60.42
N THR A 988 -54.23 54.04 60.27
CA THR A 988 -52.86 54.13 60.77
C THR A 988 -52.06 55.07 59.87
N ALA A 989 -52.54 55.23 58.65
CA ALA A 989 -51.87 56.08 57.70
C ALA A 989 -51.90 57.50 58.21
N LYS A 990 -53.12 58.01 58.32
CA LYS A 990 -53.38 59.39 58.72
C LYS A 990 -52.71 59.75 60.06
N GLU A 991 -52.36 58.72 60.83
CA GLU A 991 -51.65 58.90 62.10
C GLU A 991 -50.16 59.12 61.80
N ILE A 992 -49.57 58.24 60.99
CA ILE A 992 -48.17 58.35 60.68
C ILE A 992 -47.93 59.54 59.80
N GLU A 993 -48.88 59.82 58.90
CA GLU A 993 -48.86 61.03 58.09
C GLU A 993 -48.46 62.23 58.97
N LYS A 994 -49.26 62.46 60.01
CA LYS A 994 -49.07 63.61 60.87
C LYS A 994 -47.77 63.50 61.67
N LYS A 995 -47.50 62.32 62.22
CA LYS A 995 -46.35 62.15 63.10
C LYS A 995 -45.03 62.46 62.39
N VAL A 996 -45.06 62.43 61.07
CA VAL A 996 -43.89 62.79 60.26
C VAL A 996 -43.88 64.28 59.99
N ARG A 997 -45.07 64.81 59.76
CA ARG A 997 -45.26 66.25 59.65
C ARG A 997 -44.70 66.92 60.89
N GLU A 998 -45.00 66.33 62.05
CA GLU A 998 -44.49 66.82 63.33
C GLU A 998 -42.96 66.72 63.47
N LEU A 999 -42.36 65.73 62.82
CA LEU A 999 -40.91 65.48 62.94
C LEU A 999 -40.02 66.21 61.92
N LEU A 1000 -40.62 66.83 60.91
CA LEU A 1000 -39.89 67.63 59.91
C LEU A 1000 -40.44 69.04 59.55
N LEU A 1001 -41.68 69.32 59.92
CA LEU A 1001 -42.30 70.68 59.79
C LEU A 1001 -42.45 71.39 61.17
N LYS A 1029 -65.50 88.61 50.29
CA LYS A 1029 -66.59 87.67 49.87
C LYS A 1029 -66.54 87.43 48.34
N GLN A 1030 -67.67 86.97 47.76
CA GLN A 1030 -67.82 86.75 46.31
C GLN A 1030 -68.11 88.04 45.54
N LYS A 1031 -67.79 89.17 46.20
CA LYS A 1031 -67.95 90.54 45.70
C LYS A 1031 -66.85 90.87 44.68
N ALA A 1032 -65.58 90.65 45.06
CA ALA A 1032 -64.42 90.95 44.22
C ALA A 1032 -64.29 89.99 43.03
N LEU A 1033 -64.84 88.78 43.19
CA LEU A 1033 -64.76 87.71 42.18
C LEU A 1033 -65.84 87.89 41.11
N ALA A 1034 -67.10 87.66 41.52
CA ALA A 1034 -68.26 87.68 40.62
C ALA A 1034 -68.45 89.01 39.87
N ALA A 1035 -67.49 89.93 40.06
CA ALA A 1035 -67.44 91.20 39.32
C ALA A 1035 -66.18 91.30 38.44
N ALA A 1036 -65.00 91.17 39.04
CA ALA A 1036 -63.75 91.36 38.32
C ALA A 1036 -63.64 90.44 37.11
N LEU A 1037 -64.43 89.36 37.10
CA LEU A 1037 -64.45 88.40 36.01
C LEU A 1037 -64.69 89.06 34.65
N GLY A 1038 -65.94 89.43 34.40
CA GLY A 1038 -66.35 90.02 33.13
C GLY A 1038 -65.51 91.20 32.71
N GLN A 1039 -64.90 91.86 33.70
CA GLN A 1039 -64.04 93.02 33.47
C GLN A 1039 -62.97 92.67 32.45
N ILE A 1040 -62.50 91.45 32.54
CA ILE A 1040 -61.40 91.01 31.73
C ILE A 1040 -61.91 90.73 30.32
N GLU A 1041 -63.14 90.20 30.26
CA GLU A 1041 -63.79 89.94 28.98
C GLU A 1041 -63.95 91.24 28.24
N LYS A 1042 -64.32 92.29 28.96
CA LYS A 1042 -64.53 93.60 28.35
C LYS A 1042 -63.20 94.21 27.86
N GLN A 1043 -62.15 94.06 28.67
CA GLN A 1043 -60.85 94.69 28.38
C GLN A 1043 -60.14 94.14 27.14
N PHE A 1044 -60.32 92.84 26.85
CA PHE A 1044 -59.58 92.18 25.78
C PHE A 1044 -60.46 91.62 24.65
N GLY A 1045 -60.99 90.42 24.86
CA GLY A 1045 -61.89 89.76 23.93
C GLY A 1045 -63.03 89.11 24.68
N LYS A 1046 -64.22 89.13 24.11
CA LYS A 1046 -65.41 88.61 24.77
C LYS A 1046 -65.36 87.07 24.77
N GLY A 1047 -65.06 86.51 25.94
CA GLY A 1047 -65.00 85.06 26.13
C GLY A 1047 -63.61 84.43 26.08
N SER A 1048 -62.63 85.07 26.70
CA SER A 1048 -61.31 84.48 26.75
C SER A 1048 -60.89 84.17 28.18
N ILE A 1049 -61.88 83.98 29.04
CA ILE A 1049 -61.69 83.36 30.35
C ILE A 1049 -63.04 82.84 30.78
N MET A 1050 -63.07 81.66 31.43
CA MET A 1050 -64.32 81.15 32.05
C MET A 1050 -64.16 79.96 32.98
N ARG A 1051 -65.23 79.65 33.72
CA ARG A 1051 -65.34 78.42 34.49
C ARG A 1051 -65.59 77.32 33.46
N LEU A 1052 -64.97 76.16 33.68
CA LEU A 1052 -64.99 75.10 32.69
C LEU A 1052 -66.26 74.26 32.69
N GLY A 1053 -67.02 74.34 33.79
CA GLY A 1053 -68.29 73.61 33.90
C GLY A 1053 -69.48 74.52 33.63
N GLU A 1054 -69.42 75.23 32.50
CA GLU A 1054 -70.39 76.27 32.16
C GLU A 1054 -71.27 76.00 30.96
N ASP A 1055 -72.57 76.21 31.17
CA ASP A 1055 -73.62 76.14 30.15
C ASP A 1055 -73.44 77.29 29.17
N ARG A 1056 -73.11 78.45 29.73
CA ARG A 1056 -72.96 79.72 29.01
C ARG A 1056 -72.12 79.60 27.71
N SER A 1057 -72.81 79.30 26.62
CA SER A 1057 -72.29 79.49 25.27
C SER A 1057 -72.78 80.84 24.73
N MET A 1058 -72.22 81.26 23.62
CA MET A 1058 -72.54 82.57 23.07
C MET A 1058 -73.38 82.43 21.79
N ASP A 1059 -73.60 83.55 21.13
CA ASP A 1059 -74.35 83.61 19.88
C ASP A 1059 -73.39 83.64 18.73
N VAL A 1060 -73.32 82.54 17.98
CA VAL A 1060 -72.73 82.62 16.66
C VAL A 1060 -73.46 81.65 15.75
N GLU A 1061 -73.45 81.98 14.46
CA GLU A 1061 -73.82 81.01 13.42
C GLU A 1061 -72.88 79.81 13.56
N THR A 1062 -73.48 78.62 13.71
CA THR A 1062 -72.75 77.38 13.91
C THR A 1062 -73.06 76.34 12.84
N ILE A 1063 -72.06 75.94 12.05
CA ILE A 1063 -72.26 74.88 11.06
C ILE A 1063 -72.14 73.57 11.77
N SER A 1064 -72.94 72.58 11.38
CA SER A 1064 -72.86 71.26 12.01
C SER A 1064 -71.55 70.64 11.56
N THR A 1065 -70.86 69.94 12.47
CA THR A 1065 -69.56 69.41 12.15
C THR A 1065 -69.71 68.12 11.39
N GLY A 1066 -70.93 67.59 11.36
CA GLY A 1066 -71.18 66.30 10.75
C GLY A 1066 -71.45 65.27 11.83
N SER A 1067 -70.70 65.36 12.93
CA SER A 1067 -70.98 64.61 14.17
C SER A 1067 -72.18 65.20 14.88
N LEU A 1068 -72.42 64.73 16.10
CA LEU A 1068 -73.50 65.24 16.93
C LEU A 1068 -72.87 65.56 18.26
N SER A 1069 -72.09 64.61 18.73
CA SER A 1069 -71.45 64.77 20.01
C SER A 1069 -70.31 65.74 19.89
N LEU A 1070 -69.76 65.91 18.68
CA LEU A 1070 -68.78 66.92 18.48
C LEU A 1070 -69.44 68.28 18.74
N ASP A 1071 -70.60 68.45 18.14
CA ASP A 1071 -71.33 69.73 18.17
C ASP A 1071 -71.92 69.95 19.54
N ILE A 1072 -71.82 68.93 20.36
CA ILE A 1072 -72.19 69.00 21.75
C ILE A 1072 -70.97 69.30 22.58
N ALA A 1073 -69.82 68.78 22.16
CA ALA A 1073 -68.61 69.01 22.91
C ALA A 1073 -68.05 70.38 22.60
N LEU A 1074 -68.42 70.89 21.42
CA LEU A 1074 -68.20 72.28 21.09
C LEU A 1074 -68.98 73.14 22.07
N GLY A 1075 -70.24 72.79 22.31
CA GLY A 1075 -71.10 73.50 23.25
C GLY A 1075 -71.94 74.53 22.56
N ALA A 1076 -71.48 74.89 21.36
CA ALA A 1076 -72.04 75.99 20.57
C ALA A 1076 -73.06 75.51 19.53
N GLY A 1077 -72.89 74.25 19.12
CA GLY A 1077 -73.75 73.63 18.12
C GLY A 1077 -72.96 73.27 16.87
N GLY A 1078 -71.69 73.66 16.84
CA GLY A 1078 -70.86 73.44 15.67
C GLY A 1078 -69.81 74.51 15.57
N LEU A 1079 -69.17 74.59 14.41
CA LEU A 1079 -68.06 75.51 14.20
C LEU A 1079 -68.54 76.93 13.98
N PRO A 1080 -67.91 77.87 14.70
CA PRO A 1080 -68.18 79.32 14.71
C PRO A 1080 -67.95 80.00 13.40
N MET A 1081 -69.01 80.55 12.83
CA MET A 1081 -68.92 81.21 11.54
C MET A 1081 -68.06 82.45 11.58
N GLY A 1082 -67.05 82.46 10.71
CA GLY A 1082 -66.19 83.62 10.54
C GLY A 1082 -65.12 83.77 11.62
N ARG A 1083 -64.57 82.64 12.05
CA ARG A 1083 -63.39 82.63 12.88
C ARG A 1083 -62.44 81.65 12.18
N ILE A 1084 -61.37 81.24 12.85
CA ILE A 1084 -60.57 80.19 12.28
C ILE A 1084 -60.61 78.93 13.11
N VAL A 1085 -60.59 77.81 12.39
CA VAL A 1085 -60.68 76.51 13.00
C VAL A 1085 -59.62 75.56 12.46
N GLU A 1086 -58.87 74.98 13.39
CA GLU A 1086 -57.79 74.06 13.04
C GLU A 1086 -58.15 72.68 13.49
N ILE A 1087 -58.08 71.75 12.56
CA ILE A 1087 -58.20 70.34 12.89
C ILE A 1087 -56.86 69.66 12.65
N TYR A 1088 -56.40 68.89 13.61
CA TYR A 1088 -55.14 68.25 13.44
C TYR A 1088 -55.17 66.84 13.91
N GLY A 1089 -54.12 66.10 13.60
CA GLY A 1089 -53.95 64.72 13.98
C GLY A 1089 -53.25 63.92 12.92
N PRO A 1090 -52.67 62.79 13.32
CA PRO A 1090 -51.93 61.80 12.55
C PRO A 1090 -52.55 61.42 11.22
N GLU A 1091 -51.72 60.82 10.36
CA GLU A 1091 -52.14 60.44 9.01
C GLU A 1091 -53.07 59.25 9.06
N SER A 1092 -54.03 59.27 8.15
CA SER A 1092 -55.11 58.31 8.10
C SER A 1092 -55.81 58.34 9.45
N SER A 1093 -56.15 59.52 9.94
CA SER A 1093 -56.85 59.60 11.21
C SER A 1093 -58.31 59.84 10.92
N GLY A 1094 -58.55 60.51 9.79
CA GLY A 1094 -59.90 60.85 9.38
C GLY A 1094 -60.08 62.34 9.20
N LYS A 1095 -58.97 63.04 9.28
CA LYS A 1095 -58.87 64.47 9.11
C LYS A 1095 -59.81 65.01 7.99
N THR A 1096 -59.37 64.77 6.74
CA THR A 1096 -60.08 65.03 5.46
C THR A 1096 -61.60 64.65 5.55
N THR A 1097 -61.87 63.38 5.79
CA THR A 1097 -63.22 62.87 5.93
C THR A 1097 -64.06 63.80 6.79
N LEU A 1098 -63.54 64.17 7.95
CA LEU A 1098 -64.32 64.96 8.85
C LEU A 1098 -64.76 66.21 8.15
N THR A 1099 -63.77 66.92 7.58
CA THR A 1099 -64.02 68.21 6.88
C THR A 1099 -65.10 68.06 5.84
N LEU A 1100 -64.92 67.04 4.97
CA LEU A 1100 -65.88 66.70 3.92
C LEU A 1100 -67.28 66.40 4.43
N GLN A 1101 -67.35 65.85 5.64
CA GLN A 1101 -68.61 65.73 6.32
C GLN A 1101 -69.18 67.08 6.77
N VAL A 1102 -68.34 68.09 6.94
CA VAL A 1102 -68.83 69.41 7.24
C VAL A 1102 -69.32 70.10 5.98
N ILE A 1103 -68.51 69.96 4.93
CA ILE A 1103 -68.84 70.50 3.63
C ILE A 1103 -70.16 69.91 3.21
N ALA A 1104 -70.37 68.65 3.56
CA ALA A 1104 -71.62 68.00 3.25
C ALA A 1104 -72.77 68.80 3.86
N ALA A 1105 -72.69 69.03 5.16
CA ALA A 1105 -73.81 69.63 5.89
C ALA A 1105 -73.76 71.14 5.91
N ALA A 1106 -73.02 71.68 4.97
CA ALA A 1106 -73.20 73.04 4.56
C ALA A 1106 -74.01 73.01 3.29
N GLN A 1107 -73.57 72.13 2.39
CA GLN A 1107 -74.21 71.83 1.12
C GLN A 1107 -75.69 71.58 1.38
N ARG A 1108 -75.94 71.08 2.58
CA ARG A 1108 -77.24 70.68 3.03
C ARG A 1108 -78.11 71.90 3.28
N GLU A 1109 -77.50 73.07 3.31
CA GLU A 1109 -78.28 74.28 3.36
C GLU A 1109 -77.67 75.43 2.59
N GLY A 1110 -77.53 75.27 1.27
CA GLY A 1110 -77.08 76.34 0.37
C GLY A 1110 -75.59 76.71 0.43
N LYS A 1111 -75.15 77.15 1.63
CA LYS A 1111 -73.76 77.64 1.92
C LYS A 1111 -72.72 77.03 1.00
N THR A 1112 -72.14 77.82 0.12
CA THR A 1112 -71.32 77.23 -0.90
C THR A 1112 -69.88 77.09 -0.46
N CYS A 1113 -69.20 76.13 -1.08
CA CYS A 1113 -67.92 75.64 -0.60
C CYS A 1113 -66.75 75.50 -1.57
N ALA A 1114 -65.60 75.91 -1.08
CA ALA A 1114 -64.39 75.66 -1.79
C ALA A 1114 -63.43 74.95 -0.84
N PHE A 1115 -62.63 74.09 -1.45
CA PHE A 1115 -61.84 73.10 -0.77
C PHE A 1115 -60.44 73.18 -1.41
N ILE A 1116 -59.54 73.87 -0.72
CA ILE A 1116 -58.23 74.13 -1.24
C ILE A 1116 -57.45 72.85 -1.09
N ASP A 1117 -57.24 72.16 -2.20
CA ASP A 1117 -56.68 70.83 -2.13
C ASP A 1117 -55.18 70.75 -2.39
N ALA A 1118 -54.40 71.48 -1.61
CA ALA A 1118 -52.95 71.49 -1.76
C ALA A 1118 -52.37 70.10 -1.85
N GLU A 1119 -52.91 69.19 -1.06
CA GLU A 1119 -52.34 67.85 -0.93
C GLU A 1119 -52.44 67.02 -2.20
N HIS A 1120 -53.28 67.44 -3.13
CA HIS A 1120 -53.57 66.64 -4.34
C HIS A 1120 -54.20 65.26 -3.93
N ALA A 1121 -54.93 65.31 -2.82
CA ALA A 1121 -55.70 64.18 -2.25
C ALA A 1121 -57.10 64.07 -2.87
N LEU A 1122 -58.11 63.84 -2.01
CA LEU A 1122 -59.56 63.74 -2.38
C LEU A 1122 -59.95 62.90 -3.61
N ASP A 1123 -60.71 61.85 -3.34
CA ASP A 1123 -61.28 61.01 -4.38
C ASP A 1123 -62.72 61.48 -4.64
N PRO A 1124 -62.93 62.33 -5.66
CA PRO A 1124 -64.25 62.95 -5.81
C PRO A 1124 -65.32 61.92 -5.59
N ILE A 1125 -65.17 60.78 -6.23
CA ILE A 1125 -66.06 59.64 -6.05
C ILE A 1125 -66.38 59.45 -4.54
N TYR A 1126 -65.35 59.07 -3.78
CA TYR A 1126 -65.43 58.95 -2.32
C TYR A 1126 -66.18 60.17 -1.73
N ALA A 1127 -65.80 61.35 -2.15
CA ALA A 1127 -66.42 62.54 -1.64
C ALA A 1127 -67.93 62.43 -1.81
N ARG A 1128 -68.36 62.04 -3.01
CA ARG A 1128 -69.77 62.00 -3.30
C ARG A 1128 -70.39 61.10 -2.30
N LYS A 1129 -69.78 59.93 -2.13
CA LYS A 1129 -70.30 58.89 -1.26
C LYS A 1129 -70.47 59.37 0.20
N LEU A 1130 -69.71 60.39 0.57
CA LEU A 1130 -69.83 60.98 1.89
C LEU A 1130 -70.97 62.01 1.97
N GLY A 1131 -71.33 62.58 0.79
CA GLY A 1131 -72.54 63.39 0.65
C GLY A 1131 -72.33 64.82 0.17
N VAL A 1132 -71.26 65.09 -0.56
CA VAL A 1132 -71.04 66.46 -0.96
C VAL A 1132 -71.66 66.67 -2.33
N ASP A 1133 -72.00 67.91 -2.63
CA ASP A 1133 -72.41 68.23 -3.99
C ASP A 1133 -71.12 68.42 -4.77
N ILE A 1134 -70.77 67.41 -5.54
CA ILE A 1134 -69.48 67.38 -6.20
C ILE A 1134 -69.37 68.54 -7.13
N ASP A 1135 -70.49 68.91 -7.72
CA ASP A 1135 -70.47 69.86 -8.81
C ASP A 1135 -70.54 71.31 -8.33
N ASN A 1136 -70.98 71.46 -7.08
CA ASN A 1136 -71.12 72.77 -6.43
C ASN A 1136 -70.12 73.03 -5.31
N LEU A 1137 -68.98 72.37 -5.41
CA LEU A 1137 -67.89 72.51 -4.47
C LEU A 1137 -66.68 72.95 -5.27
N LEU A 1138 -66.68 74.21 -5.70
CA LEU A 1138 -65.70 74.67 -6.68
C LEU A 1138 -64.38 74.85 -5.93
N CYS A 1139 -63.38 74.11 -6.41
CA CYS A 1139 -62.14 73.82 -5.69
C CYS A 1139 -60.86 73.89 -6.55
N SER A 1140 -59.74 73.98 -5.86
CA SER A 1140 -58.47 74.37 -6.45
C SER A 1140 -57.42 73.30 -6.22
N GLN A 1141 -56.47 73.21 -7.14
CA GLN A 1141 -55.30 72.33 -6.99
C GLN A 1141 -53.99 73.11 -7.13
N PRO A 1142 -53.72 74.00 -6.14
CA PRO A 1142 -52.64 75.00 -6.23
C PRO A 1142 -51.26 74.40 -6.44
N ASP A 1143 -50.36 75.22 -6.97
CA ASP A 1143 -48.98 74.83 -7.20
C ASP A 1143 -48.16 75.18 -5.93
N THR A 1144 -48.30 76.42 -5.46
CA THR A 1144 -47.51 76.90 -4.33
C THR A 1144 -48.35 77.12 -3.13
N GLY A 1145 -47.70 77.04 -1.97
CA GLY A 1145 -48.30 77.42 -0.71
C GLY A 1145 -48.96 78.78 -0.82
N GLU A 1146 -48.22 79.74 -1.39
CA GLU A 1146 -48.73 81.10 -1.48
C GLU A 1146 -49.98 81.19 -2.35
N GLN A 1147 -49.92 80.66 -3.56
CA GLN A 1147 -51.07 80.68 -4.44
C GLN A 1147 -52.28 80.31 -3.61
N ALA A 1148 -52.22 79.16 -2.93
CA ALA A 1148 -53.31 78.70 -2.09
C ALA A 1148 -53.77 79.77 -1.11
N LEU A 1149 -52.83 80.31 -0.35
CA LEU A 1149 -53.15 81.35 0.61
C LEU A 1149 -53.90 82.51 0.01
N GLU A 1150 -53.25 83.19 -0.92
CA GLU A 1150 -53.86 84.35 -1.58
C GLU A 1150 -55.11 84.01 -2.40
N ILE A 1151 -55.36 82.71 -2.63
CA ILE A 1151 -56.60 82.25 -3.24
C ILE A 1151 -57.66 82.35 -2.20
N CYS A 1152 -57.44 81.72 -1.06
CA CYS A 1152 -58.48 81.79 -0.06
C CYS A 1152 -58.58 83.17 0.56
N ASP A 1153 -57.48 83.92 0.50
CA ASP A 1153 -57.54 85.33 0.91
C ASP A 1153 -58.65 86.03 0.12
N ALA A 1154 -58.58 85.89 -1.20
CA ALA A 1154 -59.54 86.52 -2.09
C ALA A 1154 -60.95 85.92 -2.00
N LEU A 1155 -61.11 84.80 -1.29
CA LEU A 1155 -62.42 84.19 -1.15
C LEU A 1155 -63.01 84.60 0.17
N ALA A 1156 -62.13 85.09 1.03
CA ALA A 1156 -62.57 85.63 2.29
C ALA A 1156 -63.22 86.98 2.07
N ARG A 1157 -62.67 87.76 1.14
CA ARG A 1157 -63.24 89.06 0.80
C ARG A 1157 -64.45 88.88 -0.13
N SER A 1158 -64.47 87.76 -0.86
CA SER A 1158 -65.51 87.49 -1.91
C SER A 1158 -66.90 87.21 -1.36
N GLY A 1159 -67.39 88.15 -0.55
CA GLY A 1159 -68.75 88.15 0.01
C GLY A 1159 -69.18 86.85 0.69
N ALA A 1160 -70.33 86.34 0.26
CA ALA A 1160 -70.84 85.06 0.78
C ALA A 1160 -70.40 83.83 -0.07
N VAL A 1161 -69.11 83.47 -0.03
CA VAL A 1161 -68.65 82.11 -0.35
C VAL A 1161 -68.36 81.49 1.00
N ASP A 1162 -69.25 80.59 1.45
CA ASP A 1162 -69.58 80.48 2.88
C ASP A 1162 -68.72 79.63 3.81
N VAL A 1163 -67.91 78.74 3.28
CA VAL A 1163 -66.89 78.04 4.10
C VAL A 1163 -65.74 77.38 3.29
N ILE A 1164 -64.51 77.46 3.82
CA ILE A 1164 -63.34 77.08 3.09
C ILE A 1164 -62.54 76.10 3.87
N VAL A 1165 -62.20 74.99 3.20
CA VAL A 1165 -61.34 73.97 3.82
C VAL A 1165 -59.96 73.90 3.13
N VAL A 1166 -58.87 73.98 3.92
CA VAL A 1166 -57.51 73.96 3.39
C VAL A 1166 -56.81 72.69 3.74
N ASP A 1167 -56.62 71.85 2.75
CA ASP A 1167 -56.03 70.51 2.90
C ASP A 1167 -54.75 70.47 2.07
N SER A 1168 -53.58 70.53 2.71
CA SER A 1168 -53.46 70.72 4.13
C SER A 1168 -52.20 71.52 4.41
N VAL A 1169 -52.17 72.19 5.57
CA VAL A 1169 -51.04 72.99 6.00
C VAL A 1169 -49.74 72.30 5.62
N ALA A 1170 -49.83 70.97 5.54
CA ALA A 1170 -48.72 70.10 5.14
C ALA A 1170 -47.89 70.63 3.93
N ALA A 1171 -48.44 70.57 2.71
CA ALA A 1171 -47.70 70.94 1.47
C ALA A 1171 -47.37 72.45 1.33
N LEU A 1172 -47.51 73.15 2.46
CA LEU A 1172 -47.18 74.56 2.63
C LEU A 1172 -45.89 74.79 3.44
N THR A 1173 -44.90 73.89 3.30
CA THR A 1173 -43.47 74.29 3.41
C THR A 1173 -43.07 74.75 1.96
N PRO A 1174 -42.65 76.04 1.81
CA PRO A 1174 -42.81 77.00 0.66
C PRO A 1174 -43.09 76.46 -0.77
N LEU A 1189 -39.07 79.60 6.49
CA LEU A 1189 -40.12 80.46 7.03
C LEU A 1189 -41.53 79.94 6.72
N ALA A 1190 -41.70 78.64 6.93
CA ALA A 1190 -42.99 77.92 6.77
C ALA A 1190 -44.09 78.29 7.79
N ALA A 1191 -43.87 79.43 8.46
CA ALA A 1191 -44.82 80.07 9.42
C ALA A 1191 -44.73 81.60 9.35
N ARG A 1192 -43.62 82.10 8.80
CA ARG A 1192 -43.44 83.51 8.57
C ARG A 1192 -44.24 83.86 7.35
N MET A 1193 -44.35 82.89 6.44
CA MET A 1193 -45.27 82.94 5.32
C MET A 1193 -46.74 82.96 5.79
N MET A 1194 -47.03 82.14 6.79
CA MET A 1194 -48.36 82.01 7.33
C MET A 1194 -48.75 83.26 8.05
N SER A 1195 -47.99 83.54 9.10
CA SER A 1195 -48.22 84.67 9.99
C SER A 1195 -48.51 85.92 9.18
N GLN A 1196 -48.17 85.86 7.89
CA GLN A 1196 -48.46 86.94 6.95
C GLN A 1196 -49.98 87.00 6.74
N ALA A 1197 -50.52 86.11 5.90
CA ALA A 1197 -51.95 86.13 5.56
C ALA A 1197 -52.83 85.68 6.73
N MET A 1198 -52.20 85.16 7.78
CA MET A 1198 -52.92 84.77 8.95
C MET A 1198 -53.51 85.98 9.64
N ARG A 1199 -52.80 87.09 9.59
CA ARG A 1199 -53.28 88.36 10.13
C ARG A 1199 -54.43 88.88 9.27
N LYS A 1200 -54.34 88.60 7.96
CA LYS A 1200 -55.18 89.20 6.92
C LYS A 1200 -56.51 88.48 6.83
N LEU A 1201 -56.47 87.15 6.91
CA LEU A 1201 -57.67 86.35 6.89
C LEU A 1201 -58.43 86.48 8.19
N ALA A 1202 -57.74 86.98 9.20
CA ALA A 1202 -58.34 87.16 10.53
C ALA A 1202 -59.46 88.17 10.55
N GLY A 1203 -59.30 89.22 9.74
CA GLY A 1203 -60.22 90.36 9.67
C GLY A 1203 -61.05 90.44 8.39
N ASN A 1204 -60.80 89.51 7.47
CA ASN A 1204 -61.60 89.36 6.26
C ASN A 1204 -62.71 88.34 6.50
N LEU A 1205 -62.61 87.61 7.61
CA LEU A 1205 -63.62 86.62 7.91
C LEU A 1205 -64.70 87.15 8.84
N LYS A 1206 -64.29 87.82 9.92
CA LYS A 1206 -65.24 88.50 10.84
C LYS A 1206 -66.11 89.49 10.07
N GLN A 1207 -65.73 89.75 8.81
CA GLN A 1207 -66.48 90.61 7.90
C GLN A 1207 -67.53 89.81 7.13
N SER A 1208 -67.10 88.69 6.53
CA SER A 1208 -67.89 87.91 5.52
C SER A 1208 -68.69 86.70 6.08
N ASN A 1209 -68.57 86.52 7.40
CA ASN A 1209 -69.05 85.33 8.06
C ASN A 1209 -68.43 84.06 7.54
N THR A 1210 -67.80 84.15 6.37
CA THR A 1210 -66.99 83.09 5.82
C THR A 1210 -66.12 82.38 6.91
N LEU A 1211 -66.25 81.06 7.00
CA LEU A 1211 -65.49 80.23 7.96
C LEU A 1211 -64.33 79.45 7.31
N LEU A 1212 -63.21 79.32 8.03
CA LEU A 1212 -62.02 78.70 7.47
C LEU A 1212 -61.47 77.61 8.35
N ILE A 1213 -61.29 76.45 7.75
CA ILE A 1213 -60.83 75.26 8.44
C ILE A 1213 -59.53 74.77 7.88
N PHE A 1214 -58.52 74.84 8.73
CA PHE A 1214 -57.20 74.37 8.41
C PHE A 1214 -57.05 72.96 8.98
N ILE A 1215 -56.33 72.10 8.26
CA ILE A 1215 -55.93 70.80 8.79
C ILE A 1215 -54.39 70.61 8.90
N ASN A 1216 -53.93 69.83 9.88
CA ASN A 1216 -52.51 69.67 10.20
C ASN A 1216 -52.18 68.20 10.62
N GLN A 1217 -50.90 67.85 10.93
CA GLN A 1217 -50.41 66.44 11.35
C GLN A 1217 -49.87 66.13 12.79
N GLY A 1234 -45.80 71.67 13.05
CA GLY A 1234 -46.13 72.16 11.70
C GLY A 1234 -45.86 73.63 11.25
N GLY A 1235 -46.49 74.62 11.92
CA GLY A 1235 -46.42 76.07 11.56
C GLY A 1235 -47.24 76.99 12.47
N ASN A 1236 -46.57 77.51 13.52
CA ASN A 1236 -47.19 78.02 14.79
C ASN A 1236 -48.46 78.88 14.68
N ALA A 1237 -48.25 80.19 14.61
CA ALA A 1237 -49.27 81.24 14.57
C ALA A 1237 -50.71 80.75 14.68
N LEU A 1238 -51.18 80.11 13.61
CA LEU A 1238 -52.51 79.52 13.52
C LEU A 1238 -53.03 79.02 14.86
N LYS A 1239 -52.17 78.29 15.56
CA LYS A 1239 -52.42 77.81 16.94
C LYS A 1239 -53.22 78.77 17.80
N PHE A 1240 -52.89 80.05 17.65
CA PHE A 1240 -53.53 81.12 18.39
C PHE A 1240 -54.65 81.76 17.57
N TYR A 1241 -54.45 81.84 16.25
CA TYR A 1241 -55.40 82.53 15.40
C TYR A 1241 -56.70 81.76 15.16
N ALA A 1242 -56.80 80.59 15.75
CA ALA A 1242 -58.06 79.83 15.74
C ALA A 1242 -58.98 80.28 16.86
N SER A 1243 -60.28 80.04 16.68
CA SER A 1243 -61.22 80.20 17.77
C SER A 1243 -61.66 78.82 18.24
N VAL A 1244 -61.34 77.83 17.41
CA VAL A 1244 -61.54 76.44 17.78
C VAL A 1244 -60.52 75.49 17.16
N ARG A 1245 -60.02 74.57 17.98
CA ARG A 1245 -59.11 73.53 17.52
C ARG A 1245 -59.61 72.14 17.80
N LEU A 1246 -59.32 71.22 16.89
CA LEU A 1246 -59.71 69.83 17.01
C LEU A 1246 -58.56 68.83 16.96
N ASP A 1247 -58.59 67.89 17.90
CA ASP A 1247 -57.69 66.75 17.96
C ASP A 1247 -58.41 65.45 17.58
N ILE A 1248 -58.22 65.05 16.32
CA ILE A 1248 -58.77 63.81 15.80
C ILE A 1248 -57.75 62.69 16.00
N ARG A 1249 -58.25 61.48 16.18
CA ARG A 1249 -57.42 60.31 16.30
C ARG A 1249 -58.25 59.06 16.09
N ARG A 1250 -57.70 58.10 15.36
CA ARG A 1250 -58.38 56.81 15.15
C ARG A 1250 -57.95 55.87 16.26
N ILE A 1251 -58.92 55.28 16.96
CA ILE A 1251 -58.57 54.47 18.13
C ILE A 1251 -59.12 53.08 18.20
N GLY A 1252 -59.88 52.66 17.19
CA GLY A 1252 -60.53 51.35 17.26
C GLY A 1252 -60.55 50.59 15.96
N ALA A 1253 -61.64 50.76 15.22
CA ALA A 1253 -61.95 49.99 14.02
C ALA A 1253 -63.24 49.23 14.24
N VAL A 1254 -64.13 49.35 13.28
CA VAL A 1254 -65.39 48.66 13.36
C VAL A 1254 -65.33 47.49 12.41
N LYS A 1255 -65.56 46.32 12.96
CA LYS A 1255 -65.59 45.07 12.22
C LYS A 1255 -67.05 44.62 12.02
N GLU A 1256 -67.32 43.85 10.97
CA GLU A 1256 -68.60 43.14 10.84
C GLU A 1256 -68.34 41.66 10.72
N GLY A 1257 -67.79 41.09 11.79
CA GLY A 1257 -67.28 39.72 11.78
C GLY A 1257 -65.80 39.64 11.41
N GLU A 1258 -65.48 39.98 10.16
CA GLU A 1258 -64.13 39.81 9.59
C GLU A 1258 -63.66 41.04 8.80
N ASN A 1259 -64.54 42.01 8.59
CA ASN A 1259 -64.28 43.13 7.67
C ASN A 1259 -63.90 44.43 8.36
N VAL A 1260 -62.77 44.99 7.93
CA VAL A 1260 -62.37 46.34 8.37
C VAL A 1260 -63.24 47.40 7.67
N VAL A 1261 -64.44 47.66 8.17
CA VAL A 1261 -65.31 48.63 7.49
C VAL A 1261 -65.46 49.95 8.25
N GLY A 1262 -64.70 50.09 9.34
CA GLY A 1262 -64.80 51.30 10.17
C GLY A 1262 -63.56 51.82 10.85
N SER A 1263 -63.72 52.95 11.55
CA SER A 1263 -62.69 53.56 12.38
C SER A 1263 -63.37 54.23 13.57
N GLU A 1264 -63.14 53.69 14.78
CA GLU A 1264 -63.67 54.32 15.98
C GLU A 1264 -62.85 55.55 16.30
N THR A 1265 -63.53 56.67 16.47
CA THR A 1265 -62.85 57.94 16.47
C THR A 1265 -63.13 58.80 17.69
N ARG A 1266 -62.07 59.45 18.19
CA ARG A 1266 -62.14 60.41 19.29
C ARG A 1266 -61.59 61.75 18.89
N VAL A 1267 -62.43 62.75 19.07
CA VAL A 1267 -62.09 64.10 18.77
C VAL A 1267 -62.15 64.90 20.06
N LYS A 1268 -61.03 65.50 20.41
CA LYS A 1268 -60.95 66.39 21.54
C LYS A 1268 -61.05 67.83 21.08
N VAL A 1269 -61.89 68.63 21.74
CA VAL A 1269 -61.95 70.06 21.54
C VAL A 1269 -60.80 70.63 22.36
N VAL A 1270 -59.70 71.00 21.71
CA VAL A 1270 -58.51 71.40 22.44
C VAL A 1270 -58.53 72.87 22.70
N LYS A 1271 -58.78 73.66 21.66
CA LYS A 1271 -58.95 75.11 21.81
C LYS A 1271 -60.38 75.54 21.54
N ASN A 1272 -60.98 76.22 22.51
CA ASN A 1272 -62.38 76.64 22.42
C ASN A 1272 -62.62 78.04 22.97
N LYS A 1273 -62.46 79.04 22.10
CA LYS A 1273 -62.78 80.41 22.48
C LYS A 1273 -64.21 80.70 22.01
N ILE A 1274 -65.08 79.70 22.12
CA ILE A 1274 -66.50 79.90 21.78
C ILE A 1274 -67.38 79.52 22.94
N ALA A 1275 -66.95 78.50 23.67
CA ALA A 1275 -67.63 78.04 24.88
C ALA A 1275 -66.63 77.28 25.73
N ALA A 1276 -67.11 76.27 26.44
CA ALA A 1276 -66.25 75.44 27.28
C ALA A 1276 -65.28 74.55 26.50
N PRO A 1277 -63.98 74.67 26.79
CA PRO A 1277 -62.97 73.90 26.10
C PRO A 1277 -62.74 72.52 26.72
N PHE A 1278 -61.86 71.75 26.12
CA PHE A 1278 -61.39 70.45 26.64
C PHE A 1278 -62.44 69.35 26.80
N LYS A 1279 -63.57 69.52 26.12
CA LYS A 1279 -64.58 68.45 26.09
C LYS A 1279 -64.35 67.55 24.88
N GLN A 1280 -64.77 66.29 24.96
CA GLN A 1280 -64.50 65.31 23.91
C GLN A 1280 -65.71 64.51 23.49
N ALA A 1281 -65.62 63.93 22.32
CA ALA A 1281 -66.72 63.21 21.74
C ALA A 1281 -66.19 62.03 20.96
N GLU A 1282 -66.89 60.90 21.05
CA GLU A 1282 -66.50 59.68 20.33
C GLU A 1282 -67.58 59.26 19.33
N PHE A 1283 -67.18 58.63 18.22
CA PHE A 1283 -68.15 58.15 17.22
C PHE A 1283 -67.54 57.24 16.17
N GLN A 1284 -68.41 56.54 15.45
CA GLN A 1284 -68.02 55.68 14.33
C GLN A 1284 -67.93 56.44 12.97
N ILE A 1285 -66.85 56.20 12.20
CA ILE A 1285 -66.76 56.67 10.82
C ILE A 1285 -66.79 55.50 9.87
N LEU A 1286 -67.85 55.36 9.10
CA LEU A 1286 -67.95 54.21 8.22
C LEU A 1286 -67.42 54.50 6.82
N TYR A 1287 -66.44 53.70 6.43
CA TYR A 1287 -65.72 53.87 5.18
C TYR A 1287 -66.65 53.90 3.97
N GLY A 1288 -66.86 55.08 3.40
CA GLY A 1288 -67.70 55.17 2.19
C GLY A 1288 -69.17 55.35 2.48
N GLU A 1289 -69.46 55.80 3.69
CA GLU A 1289 -70.79 56.25 4.07
C GLU A 1289 -70.59 57.54 4.86
N GLY A 1290 -69.70 57.50 5.84
CA GLY A 1290 -69.41 58.68 6.62
C GLY A 1290 -69.69 58.54 8.09
N ILE A 1291 -69.85 59.67 8.75
CA ILE A 1291 -70.14 59.68 10.15
C ILE A 1291 -71.46 58.89 10.43
N ASN A 1292 -71.65 58.41 11.67
CA ASN A 1292 -72.78 57.57 12.03
C ASN A 1292 -73.91 58.20 12.87
N PHE A 1293 -74.74 59.00 12.19
CA PHE A 1293 -75.92 59.73 12.74
C PHE A 1293 -76.46 58.95 13.93
N TYR A 1294 -76.77 57.68 13.67
CA TYR A 1294 -77.48 56.81 14.57
C TYR A 1294 -76.53 56.19 15.54
N GLY A 1295 -75.30 56.00 15.08
CA GLY A 1295 -74.25 55.44 15.91
C GLY A 1295 -74.14 56.19 17.22
N GLU A 1296 -73.67 57.43 17.13
CA GLU A 1296 -73.59 58.28 18.31
C GLU A 1296 -74.96 58.55 18.96
N LEU A 1297 -76.04 58.40 18.19
CA LEU A 1297 -77.38 58.69 18.70
C LEU A 1297 -77.78 57.71 19.76
N VAL A 1298 -77.68 56.43 19.45
CA VAL A 1298 -77.95 55.40 20.43
C VAL A 1298 -77.33 55.82 21.75
N ASP A 1299 -76.01 55.98 21.73
CA ASP A 1299 -75.19 56.30 22.92
C ASP A 1299 -75.71 57.50 23.71
N LEU A 1300 -76.06 58.54 22.98
CA LEU A 1300 -76.54 59.73 23.62
C LEU A 1300 -77.85 59.42 24.35
N GLY A 1301 -78.77 58.78 23.65
CA GLY A 1301 -80.04 58.37 24.24
C GLY A 1301 -79.90 57.48 25.45
N VAL A 1302 -78.74 56.87 25.59
CA VAL A 1302 -78.46 56.02 26.72
C VAL A 1302 -78.15 56.87 27.92
N LYS A 1303 -77.22 57.82 27.75
CA LYS A 1303 -76.80 58.64 28.86
C LYS A 1303 -77.87 59.68 29.17
N GLU A 1304 -78.88 59.77 28.32
CA GLU A 1304 -80.03 60.63 28.63
C GLU A 1304 -81.32 59.85 28.93
N LYS A 1305 -81.14 58.77 29.67
CA LYS A 1305 -82.21 57.99 30.28
C LYS A 1305 -83.37 57.60 29.34
N LEU A 1306 -83.22 57.87 28.05
CA LEU A 1306 -84.24 57.56 27.02
C LEU A 1306 -84.21 56.12 26.47
N ILE A 1307 -83.02 55.57 26.34
CA ILE A 1307 -82.84 54.15 26.05
C ILE A 1307 -82.03 53.53 27.21
N GLU A 1308 -82.45 52.36 27.68
CA GLU A 1308 -81.92 51.83 28.95
C GLU A 1308 -81.00 50.63 28.75
N LYS A 1309 -79.80 50.70 29.34
CA LYS A 1309 -78.81 49.64 29.20
C LYS A 1309 -79.04 48.55 30.24
N ALA A 1310 -79.45 47.37 29.76
CA ALA A 1310 -79.63 46.19 30.63
C ALA A 1310 -78.49 45.18 30.44
N GLY A 1311 -77.25 45.66 30.66
CA GLY A 1311 -76.03 44.91 30.30
C GLY A 1311 -75.77 44.93 28.81
N ALA A 1312 -76.32 43.94 28.11
CA ALA A 1312 -76.17 43.81 26.66
C ALA A 1312 -77.44 44.24 25.93
N TRP A 1313 -78.55 44.29 26.67
CA TRP A 1313 -79.86 44.58 26.11
C TRP A 1313 -80.11 46.09 26.06
N TYR A 1314 -80.70 46.55 24.97
CA TYR A 1314 -81.13 47.95 24.86
C TYR A 1314 -82.64 48.07 24.82
N SER A 1315 -83.21 48.94 25.68
CA SER A 1315 -84.66 49.02 25.87
C SER A 1315 -85.26 50.40 25.49
N TYR A 1316 -86.52 50.41 25.04
CA TYR A 1316 -87.26 51.64 24.73
C TYR A 1316 -88.75 51.60 25.05
N LYS A 1317 -89.10 52.27 26.15
CA LYS A 1317 -90.44 52.25 26.73
C LYS A 1317 -90.84 50.84 27.23
N GLY A 1318 -89.90 50.18 27.91
CA GLY A 1318 -90.06 48.79 28.35
C GLY A 1318 -89.94 47.76 27.21
N GLU A 1319 -89.85 48.27 25.97
CA GLU A 1319 -89.77 47.48 24.74
C GLU A 1319 -88.35 47.14 24.28
N LYS A 1320 -88.15 45.88 23.90
CA LYS A 1320 -86.85 45.39 23.46
C LYS A 1320 -86.56 45.88 22.04
N ILE A 1321 -85.38 46.47 21.84
CA ILE A 1321 -85.03 47.05 20.55
C ILE A 1321 -83.73 46.53 19.96
N GLY A 1322 -82.78 46.18 20.80
CA GLY A 1322 -81.51 45.63 20.32
C GLY A 1322 -80.64 44.99 21.39
N GLN A 1323 -79.89 43.97 20.98
CA GLN A 1323 -78.90 43.33 21.84
C GLN A 1323 -77.54 43.59 21.20
N GLY A 1324 -76.61 44.19 21.95
CA GLY A 1324 -75.32 44.65 21.42
C GLY A 1324 -75.40 45.93 20.59
N LYS A 1325 -74.64 46.96 20.98
CA LYS A 1325 -74.71 48.30 20.35
C LYS A 1325 -74.95 48.19 18.86
N ALA A 1326 -74.21 47.26 18.25
CA ALA A 1326 -74.35 46.89 16.86
C ALA A 1326 -75.82 46.93 16.39
N ASN A 1327 -76.58 45.91 16.75
CA ASN A 1327 -77.94 45.73 16.24
C ASN A 1327 -78.87 46.87 16.67
N ALA A 1328 -78.52 47.51 17.78
CA ALA A 1328 -79.28 48.62 18.31
C ALA A 1328 -79.24 49.73 17.31
N THR A 1329 -78.05 49.98 16.79
CA THR A 1329 -77.86 51.01 15.82
C THR A 1329 -78.84 50.74 14.68
N ALA A 1330 -78.46 49.81 13.80
CA ALA A 1330 -79.24 49.54 12.58
C ALA A 1330 -80.74 49.27 12.84
N TRP A 1331 -81.14 49.36 14.11
CA TRP A 1331 -82.54 49.41 14.47
C TRP A 1331 -83.11 50.81 14.22
N LEU A 1332 -82.55 51.81 14.92
CA LEU A 1332 -82.97 53.16 14.71
C LEU A 1332 -82.93 53.56 13.26
N LYS A 1333 -82.11 52.90 12.46
CA LYS A 1333 -82.03 53.17 11.02
C LYS A 1333 -83.35 52.85 10.37
N ASP A 1334 -84.06 51.87 10.94
CA ASP A 1334 -85.28 51.34 10.36
C ASP A 1334 -86.56 51.86 11.01
N ASN A 1335 -86.44 52.81 11.92
CA ASN A 1335 -87.61 53.41 12.57
C ASN A 1335 -87.51 54.93 12.63
N PRO A 1336 -87.27 55.59 11.47
CA PRO A 1336 -86.86 56.99 11.48
C PRO A 1336 -87.75 57.80 12.40
N GLU A 1337 -89.05 57.55 12.32
CA GLU A 1337 -90.05 58.22 13.13
C GLU A 1337 -89.63 58.31 14.60
N THR A 1338 -89.56 57.15 15.26
CA THR A 1338 -89.25 57.10 16.69
C THR A 1338 -87.77 57.41 16.93
N ALA A 1339 -87.03 57.64 15.85
CA ALA A 1339 -85.64 58.01 15.94
C ALA A 1339 -85.52 59.51 16.02
N LYS A 1340 -85.93 60.16 14.93
CA LYS A 1340 -85.99 61.61 14.84
C LYS A 1340 -86.59 62.18 16.14
N GLU A 1341 -87.49 61.42 16.75
CA GLU A 1341 -88.19 61.88 17.96
C GLU A 1341 -87.25 61.87 19.17
N ILE A 1342 -86.27 60.98 19.16
CA ILE A 1342 -85.27 60.99 20.20
C ILE A 1342 -84.25 62.05 19.88
N GLU A 1343 -83.91 62.17 18.61
CA GLU A 1343 -82.99 63.21 18.16
C GLU A 1343 -83.31 64.51 18.88
N LYS A 1344 -84.50 65.03 18.57
CA LYS A 1344 -84.94 66.28 19.14
C LYS A 1344 -84.77 66.28 20.66
N LYS A 1345 -85.28 65.27 21.36
CA LYS A 1345 -85.37 65.32 22.84
C LYS A 1345 -84.00 65.26 23.54
N VAL A 1346 -82.95 65.08 22.76
CA VAL A 1346 -81.60 65.18 23.26
C VAL A 1346 -81.07 66.55 22.94
N ARG A 1347 -81.37 66.99 21.72
CA ARG A 1347 -81.08 68.35 21.29
C ARG A 1347 -81.70 69.38 22.24
N GLU A 1348 -82.86 69.05 22.81
CA GLU A 1348 -83.51 69.92 23.79
C GLU A 1348 -82.78 69.88 25.12
N LEU A 1349 -82.10 68.75 25.39
CA LEU A 1349 -81.41 68.53 26.65
C LEU A 1349 -79.90 68.80 26.63
N LEU A 1350 -79.37 69.23 25.47
CA LEU A 1350 -77.98 69.72 25.38
C LEU A 1350 -77.69 70.93 24.42
N LEU A 1351 -78.75 71.61 23.96
CA LEU A 1351 -78.66 72.80 23.08
C LEU A 1351 -79.80 73.83 23.34
N VAL B 12 -108.74 73.45 -9.16
CA VAL B 12 -108.54 73.33 -10.64
C VAL B 12 -107.76 72.06 -11.05
N GLU B 13 -107.22 72.05 -12.27
CA GLU B 13 -106.52 70.88 -12.85
C GLU B 13 -105.06 70.79 -12.43
N THR B 14 -104.56 69.56 -12.24
CA THR B 14 -103.19 69.32 -11.79
C THR B 14 -102.47 68.18 -12.51
N ILE B 15 -101.20 68.42 -12.84
CA ILE B 15 -100.33 67.44 -13.50
C ILE B 15 -99.35 66.86 -12.49
N SER B 16 -99.20 65.55 -12.52
CA SER B 16 -98.28 64.82 -11.64
C SER B 16 -96.81 65.20 -11.87
N THR B 17 -96.10 65.51 -10.79
CA THR B 17 -94.71 65.95 -10.89
C THR B 17 -93.79 64.86 -11.37
N GLY B 18 -94.20 63.62 -11.20
CA GLY B 18 -93.34 62.50 -11.41
C GLY B 18 -92.99 61.91 -10.06
N SER B 19 -92.92 62.75 -9.02
CA SER B 19 -92.79 62.25 -7.65
C SER B 19 -94.10 62.29 -6.92
N LEU B 20 -94.27 61.31 -6.05
CA LEU B 20 -95.49 61.16 -5.30
C LEU B 20 -95.53 62.20 -4.19
N SER B 21 -94.44 62.33 -3.44
CA SER B 21 -94.45 63.17 -2.25
C SER B 21 -94.37 64.64 -2.61
N LEU B 22 -93.89 64.94 -3.82
CA LEU B 22 -93.93 66.30 -4.30
C LEU B 22 -95.37 66.73 -4.44
N ASP B 23 -96.17 65.84 -5.03
CA ASP B 23 -97.60 66.06 -5.20
C ASP B 23 -98.26 66.25 -3.84
N ILE B 24 -97.80 65.47 -2.87
CA ILE B 24 -98.33 65.49 -1.51
C ILE B 24 -98.07 66.81 -0.80
N ALA B 25 -96.84 67.31 -0.90
CA ALA B 25 -96.46 68.56 -0.24
C ALA B 25 -96.99 69.78 -0.99
N LEU B 26 -97.31 69.60 -2.27
CA LEU B 26 -97.98 70.61 -3.05
C LEU B 26 -99.36 70.90 -2.49
N GLY B 27 -100.02 69.85 -1.95
CA GLY B 27 -101.39 69.92 -1.42
C GLY B 27 -102.51 69.70 -2.46
N ALA B 28 -102.09 69.68 -3.74
CA ALA B 28 -102.98 69.68 -4.91
C ALA B 28 -102.87 68.38 -5.73
N GLY B 29 -101.88 67.56 -5.43
CA GLY B 29 -101.64 66.34 -6.20
C GLY B 29 -101.13 66.67 -7.59
N GLY B 30 -100.24 67.65 -7.68
CA GLY B 30 -99.65 68.05 -8.97
C GLY B 30 -99.43 69.54 -9.09
N LEU B 31 -99.01 69.99 -10.28
CA LEU B 31 -98.74 71.40 -10.55
C LEU B 31 -99.87 72.15 -11.25
N PRO B 32 -100.46 73.15 -10.57
CA PRO B 32 -101.58 73.97 -11.04
C PRO B 32 -101.50 74.46 -12.49
N MET B 33 -102.36 73.88 -13.33
CA MET B 33 -102.54 74.27 -14.73
C MET B 33 -103.02 75.72 -14.84
N GLY B 34 -102.41 76.45 -15.75
CA GLY B 34 -102.79 77.85 -16.00
C GLY B 34 -102.01 78.86 -15.17
N ARG B 35 -101.04 78.36 -14.40
CA ARG B 35 -100.22 79.22 -13.53
C ARG B 35 -98.73 79.15 -13.88
N ILE B 36 -97.96 80.08 -13.30
CA ILE B 36 -96.54 80.04 -13.49
C ILE B 36 -95.87 79.34 -12.32
N VAL B 37 -94.97 78.43 -12.64
CA VAL B 37 -94.27 77.60 -11.66
C VAL B 37 -92.77 77.67 -11.85
N GLU B 38 -92.08 78.07 -10.78
CA GLU B 38 -90.64 78.23 -10.79
C GLU B 38 -89.99 77.09 -10.01
N ILE B 39 -89.05 76.40 -10.67
CA ILE B 39 -88.22 75.44 -10.00
C ILE B 39 -86.81 75.97 -10.04
N TYR B 40 -86.29 76.26 -8.85
CA TYR B 40 -84.98 76.82 -8.76
C TYR B 40 -84.12 75.97 -7.86
N GLY B 41 -82.82 76.10 -8.03
CA GLY B 41 -81.85 75.40 -7.19
C GLY B 41 -80.50 75.20 -7.85
N PRO B 42 -79.46 74.97 -7.04
CA PRO B 42 -78.14 74.62 -7.56
C PRO B 42 -78.18 73.74 -8.79
N GLU B 43 -77.27 73.99 -9.72
CA GLU B 43 -77.17 73.20 -10.93
C GLU B 43 -76.87 71.76 -10.59
N SER B 44 -77.14 70.88 -11.55
CA SER B 44 -76.98 69.44 -11.39
C SER B 44 -77.62 68.95 -10.08
N SER B 45 -78.87 69.32 -9.86
CA SER B 45 -79.56 68.92 -8.66
C SER B 45 -80.83 68.18 -9.02
N GLY B 46 -81.02 67.95 -10.31
CA GLY B 46 -82.13 67.16 -10.76
C GLY B 46 -83.20 68.07 -11.31
N LYS B 47 -82.80 69.31 -11.51
CA LYS B 47 -83.72 70.35 -12.02
C LYS B 47 -84.44 69.88 -13.30
N THR B 48 -83.65 69.56 -14.33
CA THR B 48 -84.13 69.12 -15.66
C THR B 48 -84.82 67.74 -15.66
N THR B 49 -84.37 66.82 -14.79
CA THR B 49 -85.04 65.53 -14.68
C THR B 49 -86.48 65.75 -14.26
N LEU B 50 -86.66 66.39 -13.11
CA LEU B 50 -87.98 66.69 -12.57
C LEU B 50 -88.83 67.36 -13.61
N THR B 51 -88.23 68.33 -14.31
CA THR B 51 -88.86 68.96 -15.47
C THR B 51 -89.30 67.92 -16.49
N LEU B 52 -88.36 67.18 -17.06
CA LEU B 52 -88.68 66.21 -18.10
C LEU B 52 -89.65 65.19 -17.62
N GLN B 53 -89.86 65.14 -16.31
CA GLN B 53 -90.78 64.20 -15.72
C GLN B 53 -92.24 64.64 -15.80
N VAL B 54 -92.48 65.94 -15.72
CA VAL B 54 -93.83 66.43 -15.85
C VAL B 54 -94.22 66.41 -17.32
N ILE B 55 -93.23 66.61 -18.19
CA ILE B 55 -93.47 66.55 -19.63
C ILE B 55 -93.82 65.12 -20.00
N ALA B 56 -93.29 64.17 -19.22
CA ALA B 56 -93.61 62.76 -19.39
C ALA B 56 -95.05 62.49 -18.98
N ALA B 57 -95.36 62.75 -17.70
CA ALA B 57 -96.69 62.46 -17.12
C ALA B 57 -97.86 63.10 -17.89
N ALA B 58 -97.61 64.27 -18.47
CA ALA B 58 -98.59 64.98 -19.28
C ALA B 58 -98.62 64.44 -20.70
N GLN B 59 -97.46 64.02 -21.19
CA GLN B 59 -97.31 63.52 -22.57
C GLN B 59 -98.06 62.21 -22.81
N ARG B 60 -98.30 61.47 -21.72
CA ARG B 60 -98.97 60.20 -21.77
C ARG B 60 -100.45 60.45 -21.52
N GLU B 61 -100.87 61.66 -21.88
CA GLU B 61 -102.28 62.05 -21.82
C GLU B 61 -102.65 63.06 -22.91
N GLY B 62 -102.00 62.96 -24.07
CA GLY B 62 -102.24 63.88 -25.20
C GLY B 62 -101.50 65.20 -25.04
N LYS B 63 -102.00 66.02 -24.11
CA LYS B 63 -101.48 67.35 -23.71
C LYS B 63 -100.12 67.75 -24.37
N THR B 64 -100.15 68.25 -25.61
CA THR B 64 -98.88 68.54 -26.33
C THR B 64 -98.10 69.67 -25.67
N CYS B 65 -96.77 69.49 -25.63
CA CYS B 65 -95.90 70.31 -24.79
C CYS B 65 -94.76 71.05 -25.45
N ALA B 66 -94.41 72.18 -24.84
CA ALA B 66 -93.42 73.09 -25.38
C ALA B 66 -92.20 73.18 -24.51
N PHE B 67 -91.06 73.20 -25.16
CA PHE B 67 -89.77 73.27 -24.50
C PHE B 67 -88.97 74.44 -25.01
N ILE B 68 -89.00 75.52 -24.25
CA ILE B 68 -88.29 76.74 -24.61
C ILE B 68 -86.83 76.59 -24.21
N ASP B 69 -85.97 76.35 -25.19
CA ASP B 69 -84.58 76.00 -24.93
C ASP B 69 -83.52 77.06 -25.27
N ALA B 70 -82.79 77.47 -24.26
CA ALA B 70 -81.70 78.39 -24.47
C ALA B 70 -80.43 77.77 -23.91
N GLU B 71 -80.56 76.63 -23.24
CA GLU B 71 -79.40 75.91 -22.70
C GLU B 71 -78.69 75.10 -23.77
N HIS B 72 -79.47 74.60 -24.73
CA HIS B 72 -79.00 73.68 -25.75
C HIS B 72 -78.43 72.45 -25.05
N ALA B 73 -79.12 72.00 -24.00
CA ALA B 73 -78.64 70.90 -23.16
C ALA B 73 -79.31 69.55 -23.50
N LEU B 74 -80.32 69.16 -22.71
CA LEU B 74 -81.27 68.10 -23.05
C LEU B 74 -80.73 66.87 -23.83
N ASP B 75 -80.66 65.74 -23.14
CA ASP B 75 -80.24 64.48 -23.77
C ASP B 75 -81.50 63.77 -24.29
N PRO B 76 -81.68 63.72 -25.62
CA PRO B 76 -82.86 63.05 -26.16
C PRO B 76 -83.03 61.66 -25.56
N ILE B 77 -81.93 60.95 -25.37
CA ILE B 77 -81.96 59.55 -24.93
C ILE B 77 -82.39 59.43 -23.48
N TYR B 78 -81.75 60.22 -22.63
CA TYR B 78 -82.12 60.30 -21.23
C TYR B 78 -83.59 60.67 -21.13
N ALA B 79 -84.05 61.54 -22.01
CA ALA B 79 -85.44 61.90 -22.04
C ALA B 79 -86.28 60.69 -22.34
N ARG B 80 -85.89 59.94 -23.35
CA ARG B 80 -86.70 58.83 -23.84
C ARG B 80 -86.96 57.85 -22.70
N LYS B 81 -85.93 57.60 -21.90
CA LYS B 81 -86.03 56.63 -20.81
C LYS B 81 -86.75 57.22 -19.60
N LEU B 82 -86.82 58.54 -19.54
CA LEU B 82 -87.65 59.15 -18.53
C LEU B 82 -89.12 59.04 -18.92
N GLY B 83 -89.39 58.91 -20.22
CA GLY B 83 -90.73 58.61 -20.73
C GLY B 83 -91.47 59.71 -21.48
N VAL B 84 -90.73 60.53 -22.23
CA VAL B 84 -91.33 61.62 -22.98
C VAL B 84 -91.50 61.25 -24.43
N ASP B 85 -92.69 61.53 -24.98
CA ASP B 85 -92.91 61.33 -26.40
C ASP B 85 -92.12 62.41 -27.12
N ILE B 86 -90.87 62.07 -27.44
CA ILE B 86 -89.94 63.03 -28.00
C ILE B 86 -90.40 63.49 -29.37
N ASP B 87 -90.82 62.53 -30.17
CA ASP B 87 -91.26 62.79 -31.53
C ASP B 87 -92.42 63.81 -31.59
N ASN B 88 -93.05 64.07 -30.45
CA ASN B 88 -94.23 64.92 -30.37
C ASN B 88 -94.02 66.07 -29.40
N LEU B 89 -92.78 66.53 -29.28
CA LEU B 89 -92.48 67.58 -28.34
C LEU B 89 -92.06 68.84 -29.06
N LEU B 90 -92.47 69.99 -28.56
CA LEU B 90 -92.12 71.25 -29.21
C LEU B 90 -90.99 71.90 -28.46
N CYS B 91 -89.96 72.28 -29.20
CA CYS B 91 -88.81 72.99 -28.62
C CYS B 91 -88.66 74.36 -29.26
N SER B 92 -88.13 75.31 -28.50
CA SER B 92 -87.99 76.68 -28.96
C SER B 92 -86.53 77.02 -28.99
N GLN B 93 -85.98 77.14 -30.19
CA GLN B 93 -84.57 77.46 -30.35
C GLN B 93 -84.40 78.96 -30.62
N PRO B 94 -84.65 79.83 -29.60
CA PRO B 94 -84.90 81.23 -29.90
C PRO B 94 -83.66 81.94 -30.39
N ASP B 95 -83.86 83.09 -31.02
CA ASP B 95 -82.74 83.94 -31.48
C ASP B 95 -82.29 84.91 -30.37
N THR B 96 -83.17 85.18 -29.40
CA THR B 96 -82.87 86.07 -28.28
C THR B 96 -83.79 85.82 -27.10
N GLY B 97 -83.42 86.39 -25.96
CA GLY B 97 -84.16 86.26 -24.72
C GLY B 97 -85.49 86.96 -24.82
N GLU B 98 -85.52 88.10 -25.49
CA GLU B 98 -86.79 88.73 -25.80
C GLU B 98 -87.62 87.73 -26.59
N GLN B 99 -87.24 87.51 -27.86
CA GLN B 99 -87.94 86.58 -28.75
C GLN B 99 -88.39 85.32 -28.01
N ALA B 100 -87.52 84.75 -27.20
CA ALA B 100 -87.89 83.61 -26.40
C ALA B 100 -89.11 83.95 -25.57
N LEU B 101 -88.98 84.96 -24.73
CA LEU B 101 -90.06 85.37 -23.84
C LEU B 101 -91.27 85.91 -24.59
N GLU B 102 -91.34 85.63 -25.89
CA GLU B 102 -92.51 86.01 -26.70
C GLU B 102 -93.10 84.81 -27.41
N ILE B 103 -92.26 83.84 -27.72
CA ILE B 103 -92.71 82.64 -28.39
C ILE B 103 -93.48 81.82 -27.40
N CYS B 104 -92.95 81.76 -26.18
CA CYS B 104 -93.64 81.11 -25.07
C CYS B 104 -94.97 81.83 -24.79
N ASP B 105 -95.00 83.14 -25.00
CA ASP B 105 -96.21 83.94 -24.84
C ASP B 105 -97.21 83.55 -25.92
N ALA B 106 -96.73 83.49 -27.15
CA ALA B 106 -97.58 83.22 -28.29
C ALA B 106 -98.27 81.87 -28.17
N LEU B 107 -97.60 80.91 -27.54
CA LEU B 107 -98.17 79.58 -27.39
C LEU B 107 -99.24 79.59 -26.29
N ALA B 108 -99.03 80.45 -25.31
CA ALA B 108 -99.97 80.59 -24.23
C ALA B 108 -101.33 80.97 -24.80
N ARG B 109 -101.32 81.85 -25.80
CA ARG B 109 -102.54 82.36 -26.42
C ARG B 109 -103.25 81.26 -27.20
N SER B 110 -102.45 80.39 -27.85
CA SER B 110 -102.99 79.43 -28.80
C SER B 110 -103.69 78.23 -28.18
N GLY B 111 -104.40 78.48 -27.06
CA GLY B 111 -105.44 77.59 -26.49
C GLY B 111 -105.04 76.17 -26.08
N ALA B 112 -104.86 75.32 -27.09
CA ALA B 112 -104.42 73.93 -26.91
C ALA B 112 -102.91 73.74 -27.20
N VAL B 113 -102.09 74.39 -26.38
CA VAL B 113 -100.71 73.99 -26.17
C VAL B 113 -100.57 73.98 -24.68
N ASP B 114 -100.36 72.80 -24.12
CA ASP B 114 -100.76 72.58 -22.75
C ASP B 114 -99.80 72.96 -21.67
N VAL B 115 -98.57 72.47 -21.73
CA VAL B 115 -97.58 72.89 -20.73
C VAL B 115 -96.21 73.26 -21.34
N ILE B 116 -95.73 74.44 -20.93
CA ILE B 116 -94.55 75.08 -21.49
C ILE B 116 -93.40 75.03 -20.48
N VAL B 117 -92.21 74.69 -20.96
CA VAL B 117 -91.04 74.62 -20.11
C VAL B 117 -89.85 75.45 -20.63
N VAL B 118 -89.34 76.33 -19.80
CA VAL B 118 -88.29 77.27 -20.19
C VAL B 118 -86.98 76.88 -19.58
N ASP B 119 -85.97 76.80 -20.44
CA ASP B 119 -84.65 76.30 -20.10
C ASP B 119 -83.58 77.17 -20.79
N SER B 120 -82.97 78.11 -20.05
CA SER B 120 -83.28 78.39 -18.65
C SER B 120 -83.30 79.87 -18.37
N VAL B 121 -83.91 80.24 -17.26
CA VAL B 121 -84.00 81.62 -16.88
C VAL B 121 -82.69 82.33 -17.11
N ALA B 122 -81.61 81.71 -16.64
CA ALA B 122 -80.29 82.30 -16.72
C ALA B 122 -79.83 82.53 -18.17
N ALA B 123 -80.20 81.59 -19.06
CA ALA B 123 -79.75 81.63 -20.46
C ALA B 123 -80.67 82.46 -21.37
N LEU B 124 -81.74 83.01 -20.79
CA LEU B 124 -82.61 83.99 -21.44
C LEU B 124 -81.95 85.37 -21.43
N THR B 125 -80.85 85.47 -22.16
CA THR B 125 -79.99 86.64 -22.17
C THR B 125 -80.61 87.67 -23.12
N PRO B 126 -80.90 88.88 -22.61
CA PRO B 126 -81.55 90.00 -23.32
C PRO B 126 -80.96 90.33 -24.69
N LYS B 127 -81.82 90.82 -25.59
CA LYS B 127 -81.41 91.19 -26.95
C LYS B 127 -80.34 92.24 -26.87
N ALA B 128 -80.44 93.07 -25.85
CA ALA B 128 -79.43 94.09 -25.56
C ALA B 128 -78.03 93.47 -25.38
N GLU B 129 -77.89 92.53 -24.44
CA GLU B 129 -76.58 91.89 -24.17
C GLU B 129 -76.04 91.27 -25.45
N ILE B 130 -76.93 90.67 -26.22
CA ILE B 130 -76.54 89.96 -27.42
C ILE B 130 -75.77 90.89 -28.38
N GLU B 131 -75.89 92.19 -28.31
CA GLU B 131 -74.72 92.94 -28.82
C GLU B 131 -74.20 93.95 -27.82
N GLY B 132 -74.12 93.51 -26.56
CA GLY B 132 -73.61 94.31 -25.44
C GLY B 132 -73.93 95.79 -25.53
N GLU B 133 -74.72 96.27 -24.57
CA GLU B 133 -74.95 97.70 -24.46
C GLU B 133 -74.93 98.02 -23.00
N ILE B 134 -74.31 99.17 -22.67
CA ILE B 134 -73.89 99.54 -21.28
C ILE B 134 -75.03 99.43 -20.25
N SER B 137 -79.17 97.48 -14.22
CA SER B 137 -78.73 97.60 -15.61
C SER B 137 -77.27 97.16 -15.83
N HIS B 138 -77.13 95.97 -16.45
CA HIS B 138 -75.91 95.14 -16.70
C HIS B 138 -76.28 93.68 -16.28
N MET B 139 -76.21 93.40 -14.96
CA MET B 139 -76.81 92.21 -14.27
C MET B 139 -78.34 92.47 -13.97
N GLY B 140 -78.83 93.64 -14.41
CA GLY B 140 -80.17 94.15 -14.11
C GLY B 140 -81.06 94.45 -15.31
N LEU B 141 -80.58 94.18 -16.53
CA LEU B 141 -81.38 94.36 -17.75
C LEU B 141 -82.36 93.21 -17.99
N ALA B 142 -82.01 92.05 -17.44
CA ALA B 142 -82.84 90.85 -17.50
C ALA B 142 -84.00 90.90 -16.51
N ALA B 143 -83.72 91.36 -15.28
CA ALA B 143 -84.75 91.58 -14.26
C ALA B 143 -85.84 92.60 -14.70
N ARG B 144 -85.57 93.30 -15.81
CA ARG B 144 -86.49 94.26 -16.41
C ARG B 144 -87.10 93.77 -17.73
N MET B 145 -86.40 92.89 -18.44
CA MET B 145 -87.02 92.15 -19.55
C MET B 145 -88.07 91.19 -18.98
N MET B 146 -87.79 90.69 -17.78
CA MET B 146 -88.74 89.91 -17.01
C MET B 146 -89.97 90.77 -16.68
N SER B 147 -89.77 91.80 -15.84
CA SER B 147 -90.83 92.72 -15.43
C SER B 147 -91.75 93.11 -16.60
N GLN B 148 -91.20 93.00 -17.81
CA GLN B 148 -91.85 93.41 -19.05
C GLN B 148 -92.98 92.47 -19.47
N ALA B 149 -92.72 91.60 -20.46
CA ALA B 149 -93.75 90.72 -21.01
C ALA B 149 -94.26 89.64 -20.02
N MET B 150 -94.30 90.00 -18.74
CA MET B 150 -94.69 89.10 -17.63
C MET B 150 -96.16 89.16 -17.26
N ARG B 151 -96.67 90.38 -17.05
CA ARG B 151 -98.11 90.61 -16.88
C ARG B 151 -98.88 89.98 -18.04
N LYS B 152 -98.46 90.32 -19.26
CA LYS B 152 -99.05 89.81 -20.51
C LYS B 152 -99.13 88.27 -20.55
N LEU B 153 -98.14 87.60 -19.95
CA LEU B 153 -98.16 86.15 -19.83
C LEU B 153 -99.04 85.68 -18.69
N ALA B 154 -98.88 86.34 -17.54
CA ALA B 154 -99.64 86.00 -16.34
C ALA B 154 -101.09 85.65 -16.63
N GLY B 155 -101.70 86.38 -17.57
CA GLY B 155 -103.12 86.26 -17.93
C GLY B 155 -103.42 85.39 -19.15
N ASN B 156 -102.45 85.24 -20.06
CA ASN B 156 -102.61 84.37 -21.22
C ASN B 156 -102.54 82.88 -20.85
N LEU B 157 -102.53 82.60 -19.55
CA LEU B 157 -102.38 81.25 -19.06
C LEU B 157 -103.64 80.75 -18.38
N LYS B 158 -104.18 81.58 -17.48
CA LYS B 158 -105.50 81.35 -16.90
C LYS B 158 -106.54 81.29 -18.03
N GLN B 159 -106.12 81.70 -19.23
CA GLN B 159 -106.94 81.64 -20.44
C GLN B 159 -107.01 80.23 -21.02
N SER B 160 -105.85 79.57 -21.13
CA SER B 160 -105.70 78.30 -21.86
C SER B 160 -105.58 77.06 -20.97
N ASN B 161 -105.56 77.29 -19.66
CA ASN B 161 -105.09 76.29 -18.69
C ASN B 161 -103.62 75.92 -18.95
N THR B 162 -102.92 76.79 -19.69
CA THR B 162 -101.52 76.59 -20.06
C THR B 162 -100.61 76.73 -18.83
N LEU B 163 -99.93 75.64 -18.46
CA LEU B 163 -98.98 75.61 -17.34
C LEU B 163 -97.54 75.96 -17.77
N LEU B 164 -96.95 76.97 -17.15
CA LEU B 164 -95.62 77.39 -17.53
C LEU B 164 -94.67 77.18 -16.39
N ILE B 165 -93.61 76.44 -16.69
CA ILE B 165 -92.60 76.07 -15.72
C ILE B 165 -91.23 76.69 -16.03
N PHE B 166 -90.76 77.51 -15.10
CA PHE B 166 -89.48 78.21 -15.23
C PHE B 166 -88.38 77.52 -14.40
N ILE B 167 -87.21 77.28 -15.00
CA ILE B 167 -86.06 76.72 -14.24
C ILE B 167 -84.89 77.71 -14.02
N ASN B 168 -84.47 77.85 -12.78
CA ASN B 168 -83.60 78.96 -12.36
C ASN B 168 -82.48 78.43 -11.41
N GLN B 169 -81.49 79.30 -11.07
CA GLN B 169 -80.34 79.00 -10.10
C GLN B 169 -80.17 80.01 -8.92
N GLY B 186 -81.90 85.75 -10.40
CA GLY B 186 -81.64 86.83 -11.35
C GLY B 186 -82.86 87.38 -12.08
N GLY B 187 -83.83 87.92 -11.32
CA GLY B 187 -85.02 88.57 -11.90
C GLY B 187 -86.27 88.59 -11.00
N ASN B 188 -86.38 89.64 -10.18
CA ASN B 188 -87.37 89.72 -9.08
C ASN B 188 -88.85 89.83 -9.50
N ALA B 189 -89.09 89.98 -10.79
CA ALA B 189 -90.46 89.99 -11.33
C ALA B 189 -91.11 88.60 -11.22
N LEU B 190 -90.49 87.60 -11.84
CA LEU B 190 -91.00 86.24 -11.87
C LEU B 190 -91.44 85.73 -10.51
N LYS B 191 -90.77 86.18 -9.46
CA LYS B 191 -91.05 85.76 -8.09
C LYS B 191 -92.54 85.85 -7.70
N PHE B 192 -93.19 86.96 -8.04
CA PHE B 192 -94.55 87.22 -7.55
C PHE B 192 -95.64 86.68 -8.44
N TYR B 193 -95.32 86.45 -9.71
CA TYR B 193 -96.30 85.98 -10.70
C TYR B 193 -96.33 84.46 -10.74
N ALA B 194 -95.41 83.85 -10.00
CA ALA B 194 -95.42 82.41 -9.83
C ALA B 194 -96.47 82.03 -8.81
N SER B 195 -97.28 81.03 -9.16
CA SER B 195 -98.25 80.52 -8.21
C SER B 195 -97.60 79.45 -7.34
N VAL B 196 -96.52 78.86 -7.85
CA VAL B 196 -95.79 77.83 -7.12
C VAL B 196 -94.29 77.85 -7.38
N ARG B 197 -93.52 77.68 -6.30
CA ARG B 197 -92.06 77.66 -6.38
C ARG B 197 -91.43 76.48 -5.65
N LEU B 198 -90.41 75.89 -6.31
CA LEU B 198 -89.71 74.71 -5.79
C LEU B 198 -88.19 74.90 -5.58
N ASP B 199 -87.70 74.43 -4.43
CA ASP B 199 -86.27 74.46 -4.04
C ASP B 199 -85.64 73.06 -4.08
N ILE B 200 -85.29 72.64 -5.28
CA ILE B 200 -84.66 71.36 -5.50
C ILE B 200 -83.20 71.51 -5.10
N ARG B 201 -82.66 70.49 -4.43
CA ARG B 201 -81.23 70.43 -4.09
C ARG B 201 -80.77 68.98 -3.95
N ARG B 202 -79.59 68.66 -4.46
CA ARG B 202 -79.02 67.33 -4.27
C ARG B 202 -78.32 67.31 -2.91
N ILE B 203 -78.76 66.40 -2.02
CA ILE B 203 -78.32 66.43 -0.63
C ILE B 203 -77.77 65.12 -0.13
N GLY B 204 -77.69 64.13 -1.00
CA GLY B 204 -77.15 62.84 -0.60
C GLY B 204 -76.53 62.07 -1.75
N ALA B 205 -76.89 60.79 -1.82
CA ALA B 205 -76.48 59.90 -2.88
C ALA B 205 -76.93 58.51 -2.47
N VAL B 206 -77.29 57.67 -3.44
CA VAL B 206 -77.74 56.32 -3.10
C VAL B 206 -76.82 55.28 -3.71
N LYS B 207 -76.52 54.26 -2.90
CA LYS B 207 -75.54 53.24 -3.25
C LYS B 207 -76.16 51.83 -3.41
N GLU B 208 -75.51 50.98 -4.21
CA GLU B 208 -75.83 49.56 -4.28
C GLU B 208 -74.68 48.80 -3.63
N GLY B 209 -74.43 49.11 -2.37
CA GLY B 209 -73.24 48.63 -1.68
C GLY B 209 -71.98 49.40 -2.06
N GLU B 210 -71.57 49.32 -3.34
CA GLU B 210 -70.24 49.79 -3.79
C GLU B 210 -70.25 50.77 -4.95
N ASN B 211 -71.37 51.44 -5.18
CA ASN B 211 -71.49 52.31 -6.35
C ASN B 211 -72.21 53.65 -6.20
N VAL B 212 -71.95 54.55 -7.14
CA VAL B 212 -72.56 55.90 -7.14
C VAL B 212 -74.07 55.86 -7.38
N VAL B 213 -74.45 55.32 -8.55
CA VAL B 213 -75.81 55.25 -9.13
C VAL B 213 -76.99 56.14 -8.63
N GLY B 214 -76.96 56.56 -7.36
CA GLY B 214 -78.05 57.36 -6.81
C GLY B 214 -77.80 58.85 -6.63
N SER B 215 -78.83 59.56 -6.21
CA SER B 215 -78.79 60.99 -5.90
C SER B 215 -79.98 61.35 -5.01
N GLU B 216 -79.83 61.20 -3.69
CA GLU B 216 -80.91 61.52 -2.75
C GLU B 216 -81.25 63.02 -2.83
N THR B 217 -82.49 63.32 -3.24
CA THR B 217 -82.93 64.71 -3.54
C THR B 217 -84.02 65.24 -2.61
N ARG B 218 -84.00 66.55 -2.38
CA ARG B 218 -84.84 67.21 -1.38
C ARG B 218 -85.45 68.46 -1.97
N VAL B 219 -86.77 68.43 -2.12
CA VAL B 219 -87.52 69.52 -2.73
C VAL B 219 -88.40 70.19 -1.70
N LYS B 220 -88.26 71.51 -1.63
CA LYS B 220 -88.97 72.33 -0.66
C LYS B 220 -90.03 73.18 -1.42
N VAL B 221 -91.24 73.26 -0.88
CA VAL B 221 -92.29 74.11 -1.46
C VAL B 221 -92.17 75.47 -0.78
N VAL B 222 -91.72 76.47 -1.53
CA VAL B 222 -91.55 77.81 -0.97
C VAL B 222 -92.75 78.70 -1.20
N LYS B 223 -93.27 78.68 -2.43
CA LYS B 223 -94.47 79.45 -2.76
C LYS B 223 -95.68 78.57 -3.15
N ASN B 224 -96.79 78.77 -2.44
CA ASN B 224 -98.05 78.05 -2.67
C ASN B 224 -99.27 78.90 -2.32
N LYS B 225 -99.91 79.40 -3.37
CA LYS B 225 -101.20 80.10 -3.27
C LYS B 225 -102.33 79.15 -3.68
N ILE B 226 -101.94 77.90 -3.97
CA ILE B 226 -102.85 76.83 -4.32
C ILE B 226 -103.31 76.00 -3.10
N ALA B 227 -102.39 75.76 -2.16
CA ALA B 227 -102.74 75.12 -0.87
C ALA B 227 -102.01 75.72 0.34
N ALA B 228 -101.18 74.90 0.99
CA ALA B 228 -100.34 75.34 2.10
C ALA B 228 -98.85 75.35 1.72
N PRO B 229 -98.15 76.48 1.94
CA PRO B 229 -96.68 76.56 1.71
C PRO B 229 -95.85 75.86 2.79
N PHE B 230 -94.52 76.01 2.73
CA PHE B 230 -93.58 75.56 3.80
C PHE B 230 -93.38 74.05 3.98
N LYS B 231 -94.22 73.23 3.35
CA LYS B 231 -94.08 71.76 3.44
C LYS B 231 -93.02 71.25 2.46
N GLN B 232 -92.17 70.32 2.91
CA GLN B 232 -91.10 69.74 2.09
C GLN B 232 -91.28 68.24 1.87
N ALA B 233 -90.70 67.72 0.80
CA ALA B 233 -90.83 66.31 0.44
C ALA B 233 -89.55 65.77 -0.18
N GLU B 234 -89.19 64.53 0.20
CA GLU B 234 -87.89 63.89 -0.16
C GLU B 234 -88.05 62.65 -1.05
N PHE B 235 -87.07 62.40 -1.92
CA PHE B 235 -87.10 61.26 -2.83
C PHE B 235 -85.74 60.90 -3.45
N GLN B 236 -85.75 60.15 -4.55
CA GLN B 236 -84.54 59.65 -5.18
C GLN B 236 -84.49 59.80 -6.70
N ILE B 237 -83.29 59.92 -7.26
CA ILE B 237 -83.08 59.98 -8.70
C ILE B 237 -82.03 58.97 -9.15
N LEU B 238 -82.35 58.16 -10.15
CA LEU B 238 -81.40 57.16 -10.60
C LEU B 238 -80.78 57.51 -11.93
N TYR B 239 -79.46 57.40 -11.98
CA TYR B 239 -78.66 57.69 -13.17
C TYR B 239 -79.14 56.90 -14.38
N GLY B 240 -79.94 57.53 -15.23
CA GLY B 240 -80.39 56.89 -16.47
C GLY B 240 -81.73 56.18 -16.34
N GLU B 241 -82.50 56.58 -15.33
CA GLU B 241 -83.84 56.04 -15.13
C GLU B 241 -84.89 57.02 -14.55
N GLY B 242 -84.46 58.02 -13.79
CA GLY B 242 -85.38 59.09 -13.33
C GLY B 242 -86.09 58.84 -12.02
N ILE B 243 -87.01 59.71 -11.65
CA ILE B 243 -87.65 59.64 -10.34
C ILE B 243 -88.21 58.28 -10.05
N ASN B 244 -88.14 57.91 -8.80
CA ASN B 244 -88.61 56.60 -8.45
C ASN B 244 -89.75 56.61 -7.47
N PHE B 245 -90.95 56.78 -7.99
CA PHE B 245 -92.11 56.94 -7.12
C PHE B 245 -92.51 55.63 -6.45
N TYR B 246 -92.08 54.52 -7.05
CA TYR B 246 -92.27 53.22 -6.43
C TYR B 246 -91.43 53.20 -5.17
N GLY B 247 -90.22 53.73 -5.29
CA GLY B 247 -89.30 53.84 -4.16
C GLY B 247 -89.97 54.52 -2.99
N GLU B 248 -90.53 55.71 -3.23
CA GLU B 248 -91.19 56.49 -2.18
C GLU B 248 -92.57 55.92 -1.80
N LEU B 249 -93.16 55.13 -2.71
CA LEU B 249 -94.47 54.54 -2.48
C LEU B 249 -94.43 53.63 -1.29
N VAL B 250 -93.50 52.68 -1.33
CA VAL B 250 -93.28 51.77 -0.24
C VAL B 250 -93.25 52.57 1.06
N ASP B 251 -92.32 53.52 1.14
CA ASP B 251 -92.11 54.38 2.32
C ASP B 251 -93.41 55.07 2.76
N LEU B 252 -94.25 55.41 1.79
CA LEU B 252 -95.50 56.08 2.09
C LEU B 252 -96.53 55.09 2.62
N GLY B 253 -96.48 53.87 2.08
CA GLY B 253 -97.34 52.80 2.54
C GLY B 253 -96.99 52.39 3.95
N VAL B 254 -95.73 52.61 4.33
CA VAL B 254 -95.26 52.30 5.67
C VAL B 254 -95.98 53.14 6.71
N LYS B 255 -95.89 54.47 6.59
CA LYS B 255 -96.46 55.37 7.58
C LYS B 255 -97.99 55.35 7.54
N GLU B 256 -98.55 54.95 6.40
CA GLU B 256 -100.00 55.00 6.24
C GLU B 256 -100.68 53.62 6.34
N LYS B 257 -100.18 52.80 7.27
CA LYS B 257 -100.75 51.48 7.65
C LYS B 257 -100.75 50.42 6.52
N LEU B 258 -101.23 50.81 5.33
CA LEU B 258 -101.42 49.91 4.17
C LEU B 258 -100.36 48.83 3.95
N ILE B 259 -99.09 49.19 4.16
CA ILE B 259 -97.98 48.25 4.09
C ILE B 259 -97.43 47.97 5.50
N GLU B 260 -97.16 46.71 5.80
CA GLU B 260 -96.66 46.33 7.12
C GLU B 260 -95.18 45.93 7.09
N LYS B 261 -94.41 46.50 8.03
CA LYS B 261 -92.97 46.24 8.16
C LYS B 261 -92.71 45.21 9.27
N ALA B 262 -92.29 44.01 8.88
CA ALA B 262 -91.94 42.96 9.83
C ALA B 262 -90.43 42.85 10.01
N GLY B 263 -89.79 44.00 10.23
CA GLY B 263 -88.33 44.09 10.40
C GLY B 263 -87.58 44.28 9.09
N ALA B 264 -87.34 43.15 8.41
CA ALA B 264 -86.70 43.14 7.08
C ALA B 264 -87.69 42.81 5.95
N TRP B 265 -88.45 41.73 6.11
CA TRP B 265 -89.46 41.31 5.13
C TRP B 265 -90.68 42.24 5.17
N TYR B 266 -90.94 42.92 4.07
CA TYR B 266 -92.09 43.83 3.95
C TYR B 266 -93.38 43.05 3.62
N SER B 267 -94.53 43.56 4.06
CA SER B 267 -95.82 42.85 3.91
C SER B 267 -96.93 43.69 3.29
N TYR B 268 -97.94 43.01 2.75
CA TYR B 268 -99.19 43.62 2.27
C TYR B 268 -100.43 42.83 2.78
N LYS B 269 -100.57 42.79 4.11
CA LYS B 269 -101.61 42.02 4.83
C LYS B 269 -101.63 40.51 4.48
N GLY B 270 -100.69 39.75 5.05
CA GLY B 270 -100.56 38.31 4.77
C GLY B 270 -99.72 37.97 3.55
N GLU B 271 -100.08 38.59 2.41
CA GLU B 271 -99.35 38.48 1.11
C GLU B 271 -97.94 39.08 1.13
N LYS B 272 -96.92 38.23 1.33
CA LYS B 272 -95.51 38.67 1.40
C LYS B 272 -95.01 39.24 0.06
N ILE B 273 -94.31 40.36 0.12
CA ILE B 273 -93.94 41.13 -1.09
C ILE B 273 -92.44 41.13 -1.45
N GLY B 274 -91.56 41.16 -0.45
CA GLY B 274 -90.12 41.09 -0.68
C GLY B 274 -89.24 41.27 0.53
N GLN B 275 -87.93 41.07 0.33
CA GLN B 275 -86.92 41.23 1.37
C GLN B 275 -86.06 42.51 1.22
N GLY B 276 -86.17 43.41 2.21
CA GLY B 276 -85.48 44.71 2.19
C GLY B 276 -86.29 45.81 1.53
N LYS B 277 -85.70 46.99 1.34
CA LYS B 277 -86.34 48.03 0.53
C LYS B 277 -86.00 47.81 -0.95
N ALA B 278 -84.92 47.06 -1.19
CA ALA B 278 -84.40 46.78 -2.54
C ALA B 278 -85.34 45.91 -3.39
N ASN B 279 -85.93 44.88 -2.77
CA ASN B 279 -86.89 44.00 -3.44
C ASN B 279 -88.35 44.46 -3.32
N ALA B 280 -88.65 45.25 -2.29
CA ALA B 280 -90.00 45.78 -2.06
C ALA B 280 -90.36 46.77 -3.16
N THR B 281 -89.37 47.58 -3.52
CA THR B 281 -89.50 48.48 -4.65
C THR B 281 -89.50 47.64 -5.92
N ALA B 282 -88.56 46.69 -6.04
CA ALA B 282 -88.40 45.87 -7.24
C ALA B 282 -89.61 44.98 -7.59
N TRP B 283 -90.58 44.91 -6.68
CA TRP B 283 -91.81 44.12 -6.90
C TRP B 283 -92.97 44.96 -7.46
N LEU B 284 -93.21 46.13 -6.91
CA LEU B 284 -94.29 46.98 -7.38
C LEU B 284 -94.07 47.41 -8.83
N LYS B 285 -92.91 47.04 -9.37
CA LYS B 285 -92.56 47.27 -10.77
C LYS B 285 -93.22 46.21 -11.66
N ASP B 286 -93.15 44.95 -11.22
CA ASP B 286 -93.80 43.80 -11.90
C ASP B 286 -95.35 43.79 -11.81
N ASN B 287 -95.88 44.39 -10.74
CA ASN B 287 -97.35 44.44 -10.47
C ASN B 287 -97.97 45.84 -10.67
N PRO B 288 -98.50 46.14 -11.90
CA PRO B 288 -98.97 47.50 -12.18
C PRO B 288 -100.25 47.85 -11.43
N GLU B 289 -101.31 47.08 -11.65
CA GLU B 289 -102.66 47.34 -11.11
C GLU B 289 -102.73 47.51 -9.58
N THR B 290 -102.02 46.65 -8.84
CA THR B 290 -102.08 46.65 -7.39
C THR B 290 -101.44 47.91 -6.79
N ALA B 291 -100.43 48.43 -7.48
CA ALA B 291 -99.77 49.66 -7.06
C ALA B 291 -100.71 50.85 -7.15
N LYS B 292 -101.15 51.14 -8.37
CA LYS B 292 -102.10 52.21 -8.69
C LYS B 292 -103.20 52.34 -7.63
N GLU B 293 -103.59 51.21 -7.04
CA GLU B 293 -104.60 51.17 -6.00
C GLU B 293 -104.08 51.87 -4.75
N ILE B 294 -102.93 51.42 -4.26
CA ILE B 294 -102.38 51.96 -3.02
C ILE B 294 -102.00 53.42 -3.18
N GLU B 295 -101.47 53.74 -4.36
CA GLU B 295 -101.21 55.13 -4.75
C GLU B 295 -102.37 56.00 -4.26
N LYS B 296 -103.55 55.75 -4.80
CA LYS B 296 -104.73 56.54 -4.53
C LYS B 296 -105.06 56.61 -3.04
N LYS B 297 -105.12 55.46 -2.37
CA LYS B 297 -105.55 55.40 -0.98
C LYS B 297 -104.70 56.28 -0.06
N VAL B 298 -103.48 56.54 -0.49
CA VAL B 298 -102.62 57.47 0.22
C VAL B 298 -103.03 58.91 -0.10
N ARG B 299 -103.21 59.20 -1.38
CA ARG B 299 -103.53 60.55 -1.84
C ARG B 299 -104.64 61.17 -1.02
N GLU B 300 -105.71 60.40 -0.83
CA GLU B 300 -106.91 60.88 -0.13
C GLU B 300 -106.73 61.01 1.39
N LEU B 301 -105.70 60.37 1.93
CA LEU B 301 -105.41 60.46 3.36
C LEU B 301 -104.53 61.66 3.77
N LEU B 302 -104.14 62.51 2.81
CA LEU B 302 -103.30 63.71 3.05
C LEU B 302 -103.79 65.05 2.43
N LEU B 303 -103.93 65.09 1.11
CA LEU B 303 -104.29 66.30 0.33
C LEU B 303 -105.49 67.13 0.87
N LYS B 330 -109.31 71.65 -31.77
CA LYS B 330 -108.97 70.46 -32.64
C LYS B 330 -107.44 70.40 -32.86
N GLN B 331 -107.00 69.60 -33.85
CA GLN B 331 -105.56 69.41 -34.20
C GLN B 331 -105.02 70.48 -35.16
N LYS B 332 -105.86 71.46 -35.47
CA LYS B 332 -105.47 72.66 -36.23
C LYS B 332 -105.66 73.95 -35.40
N ALA B 333 -105.87 73.78 -34.10
CA ALA B 333 -105.66 74.85 -33.13
C ALA B 333 -104.15 74.93 -32.87
N LEU B 334 -103.47 73.80 -33.12
CA LEU B 334 -102.00 73.66 -33.12
C LEU B 334 -101.43 74.05 -34.52
N ALA B 335 -101.52 73.12 -35.48
CA ALA B 335 -100.89 73.21 -36.82
C ALA B 335 -101.06 74.56 -37.54
N ALA B 336 -102.19 75.23 -37.29
CA ALA B 336 -102.41 76.58 -37.80
C ALA B 336 -101.66 77.60 -36.93
N ALA B 337 -101.85 77.52 -35.62
CA ALA B 337 -101.21 78.44 -34.68
C ALA B 337 -99.70 78.25 -34.60
N LEU B 338 -99.19 77.16 -35.20
CA LEU B 338 -97.75 76.90 -35.29
C LEU B 338 -97.11 77.75 -36.38
N GLY B 339 -97.44 77.45 -37.64
CA GLY B 339 -96.97 78.20 -38.79
C GLY B 339 -97.06 79.69 -38.53
N GLN B 340 -97.96 80.05 -37.62
CA GLN B 340 -98.15 81.42 -37.10
C GLN B 340 -96.91 81.94 -36.37
N ILE B 341 -96.43 81.17 -35.41
CA ILE B 341 -95.27 81.55 -34.63
C ILE B 341 -94.05 81.46 -35.53
N GLU B 342 -94.16 80.62 -36.56
CA GLU B 342 -93.09 80.47 -37.54
C GLU B 342 -92.95 81.72 -38.38
N LYS B 343 -94.01 82.09 -39.09
CA LYS B 343 -93.99 83.29 -39.92
C LYS B 343 -93.68 84.53 -39.08
N GLN B 344 -94.15 84.53 -37.83
CA GLN B 344 -94.04 85.68 -36.91
C GLN B 344 -92.61 85.98 -36.47
N PHE B 345 -91.78 84.93 -36.35
CA PHE B 345 -90.41 85.04 -35.81
C PHE B 345 -89.24 84.52 -36.67
N GLY B 346 -89.42 84.47 -38.00
CA GLY B 346 -88.44 83.85 -38.90
C GLY B 346 -88.65 82.34 -39.03
N LYS B 347 -88.51 81.83 -40.26
CA LYS B 347 -88.94 80.44 -40.60
C LYS B 347 -88.17 79.32 -39.89
N GLY B 348 -88.90 78.52 -39.12
CA GLY B 348 -88.33 77.43 -38.33
C GLY B 348 -87.68 77.96 -37.08
N SER B 349 -88.43 78.02 -35.99
CA SER B 349 -87.85 78.42 -34.70
C SER B 349 -88.67 77.83 -33.58
N ILE B 350 -89.45 76.83 -33.96
CA ILE B 350 -90.05 75.91 -33.02
C ILE B 350 -90.60 74.75 -33.84
N MET B 351 -90.54 73.54 -33.27
CA MET B 351 -91.11 72.36 -33.90
C MET B 351 -91.23 71.13 -33.01
N ARG B 352 -92.06 70.18 -33.47
CA ARG B 352 -92.12 68.81 -32.97
C ARG B 352 -90.80 68.19 -33.41
N LEU B 353 -90.27 67.29 -32.61
CA LEU B 353 -88.93 66.77 -32.86
C LEU B 353 -88.93 65.71 -33.97
N GLY B 354 -89.85 64.75 -33.87
CA GLY B 354 -89.93 63.66 -34.85
C GLY B 354 -90.58 64.07 -36.15
N GLU B 355 -89.80 64.75 -36.98
CA GLU B 355 -90.31 65.33 -38.21
C GLU B 355 -89.41 65.11 -39.39
N ASP B 356 -90.03 64.79 -40.53
CA ASP B 356 -89.33 64.60 -41.81
C ASP B 356 -89.18 65.92 -42.54
N ARG B 357 -89.70 66.97 -41.91
CA ARG B 357 -89.67 68.35 -42.43
C ARG B 357 -88.29 69.01 -42.31
N SER B 358 -87.56 69.01 -43.42
CA SER B 358 -86.35 69.80 -43.59
C SER B 358 -86.63 70.80 -44.70
N MET B 359 -86.59 72.09 -44.37
CA MET B 359 -86.78 73.15 -45.38
C MET B 359 -85.69 73.02 -46.47
N ASP B 360 -86.00 73.41 -47.72
CA ASP B 360 -85.04 73.23 -48.83
C ASP B 360 -84.03 74.42 -49.00
N VAL B 361 -83.18 74.64 -48.00
CA VAL B 361 -82.00 75.54 -48.08
C VAL B 361 -80.70 74.74 -48.39
N GLU B 362 -79.74 75.42 -49.03
CA GLU B 362 -78.55 74.80 -49.65
C GLU B 362 -77.60 74.07 -48.68
N THR B 363 -77.20 72.87 -49.09
CA THR B 363 -76.48 71.92 -48.22
C THR B 363 -75.03 71.69 -48.66
N ILE B 364 -74.11 71.75 -47.71
CA ILE B 364 -72.71 71.39 -47.98
C ILE B 364 -72.30 70.25 -47.08
N SER B 365 -71.83 69.16 -47.66
CA SER B 365 -71.51 67.93 -46.90
C SER B 365 -70.39 68.09 -45.83
N THR B 366 -70.63 67.58 -44.61
CA THR B 366 -69.65 67.68 -43.55
C THR B 366 -68.51 66.75 -43.77
N GLY B 367 -68.72 65.75 -44.62
CA GLY B 367 -67.74 64.69 -44.84
C GLY B 367 -68.26 63.39 -44.24
N SER B 368 -69.09 63.53 -43.21
CA SER B 368 -69.72 62.38 -42.57
C SER B 368 -71.17 62.31 -42.89
N LEU B 369 -71.57 61.19 -43.48
CA LEU B 369 -72.97 60.82 -43.70
C LEU B 369 -73.77 60.96 -42.41
N SER B 370 -73.32 60.30 -41.35
CA SER B 370 -74.05 60.30 -40.08
C SER B 370 -74.19 61.70 -39.45
N LEU B 371 -73.31 62.63 -39.82
CA LEU B 371 -73.49 64.02 -39.43
C LEU B 371 -74.58 64.65 -40.28
N ASP B 372 -74.41 64.61 -41.59
CA ASP B 372 -75.42 65.15 -42.52
C ASP B 372 -76.81 64.73 -42.07
N ILE B 373 -76.92 63.47 -41.71
CA ILE B 373 -78.15 62.89 -41.24
C ILE B 373 -78.72 63.59 -40.00
N ALA B 374 -77.88 63.74 -38.97
CA ALA B 374 -78.34 64.34 -37.73
C ALA B 374 -78.47 65.90 -37.82
N LEU B 375 -77.80 66.49 -38.82
CA LEU B 375 -78.01 67.89 -39.17
C LEU B 375 -79.46 68.04 -39.54
N GLY B 376 -79.96 67.08 -40.29
CA GLY B 376 -81.34 67.10 -40.73
C GLY B 376 -81.39 67.48 -42.20
N ALA B 377 -80.61 68.50 -42.58
CA ALA B 377 -80.65 69.07 -43.94
C ALA B 377 -79.82 68.29 -44.94
N GLY B 378 -78.84 67.55 -44.41
CA GLY B 378 -77.90 66.80 -45.23
C GLY B 378 -76.70 67.64 -45.62
N GLY B 379 -76.23 68.45 -44.68
CA GLY B 379 -75.11 69.36 -44.89
C GLY B 379 -75.28 70.69 -44.16
N LEU B 380 -74.22 71.47 -44.11
CA LEU B 380 -74.27 72.78 -43.47
C LEU B 380 -74.91 73.85 -44.33
N PRO B 381 -75.82 74.64 -43.73
CA PRO B 381 -76.59 75.75 -44.31
C PRO B 381 -75.79 76.90 -44.97
N MET B 382 -75.65 76.83 -46.29
CA MET B 382 -75.00 77.87 -47.08
C MET B 382 -75.54 79.26 -46.76
N GLY B 383 -74.66 80.15 -46.30
CA GLY B 383 -75.01 81.54 -46.00
C GLY B 383 -75.37 81.82 -44.56
N ARG B 384 -74.88 80.97 -43.65
CA ARG B 384 -75.18 81.06 -42.21
C ARG B 384 -73.92 80.92 -41.32
N ILE B 385 -74.10 81.06 -40.01
CA ILE B 385 -72.98 80.95 -39.08
C ILE B 385 -73.00 79.61 -38.36
N VAL B 386 -71.91 78.87 -38.47
CA VAL B 386 -71.76 77.57 -37.83
C VAL B 386 -70.63 77.57 -36.80
N GLU B 387 -70.97 77.29 -35.54
CA GLU B 387 -69.96 77.12 -34.49
C GLU B 387 -69.79 75.64 -34.19
N ILE B 388 -68.58 75.13 -34.47
CA ILE B 388 -68.19 73.77 -34.09
C ILE B 388 -67.26 73.89 -32.91
N TYR B 389 -67.77 73.56 -31.74
CA TYR B 389 -66.95 73.66 -30.56
C TYR B 389 -66.51 72.29 -30.10
N GLY B 390 -65.44 72.25 -29.31
CA GLY B 390 -64.94 70.99 -28.74
C GLY B 390 -63.59 70.97 -28.02
N PRO B 391 -63.51 70.30 -26.88
CA PRO B 391 -62.27 69.99 -26.21
C PRO B 391 -61.09 69.95 -27.17
N GLU B 392 -60.01 70.64 -26.82
CA GLU B 392 -58.79 70.62 -27.64
C GLU B 392 -58.43 69.18 -28.06
N SER B 393 -57.93 69.06 -29.30
CA SER B 393 -57.50 67.76 -29.84
C SER B 393 -58.65 66.74 -29.89
N SER B 394 -59.86 67.23 -30.15
CA SER B 394 -61.05 66.37 -30.19
C SER B 394 -61.27 65.80 -31.59
N GLY B 395 -60.92 66.61 -32.58
CA GLY B 395 -61.10 66.21 -33.94
C GLY B 395 -61.74 67.33 -34.71
N LYS B 396 -62.13 68.39 -34.01
CA LYS B 396 -62.87 69.48 -34.67
C LYS B 396 -62.28 69.91 -36.01
N THR B 397 -60.99 70.24 -36.02
CA THR B 397 -60.37 70.82 -37.22
C THR B 397 -60.36 69.86 -38.42
N THR B 398 -60.27 68.56 -38.16
CA THR B 398 -60.32 67.56 -39.22
C THR B 398 -61.63 67.72 -39.94
N LEU B 399 -62.70 67.65 -39.17
CA LEU B 399 -64.04 67.82 -39.66
C LEU B 399 -64.18 69.16 -40.36
N THR B 400 -63.49 70.17 -39.84
CA THR B 400 -63.43 71.50 -40.43
C THR B 400 -62.80 71.45 -41.82
N LEU B 401 -61.62 70.83 -41.91
CA LEU B 401 -60.93 70.70 -43.19
C LEU B 401 -61.70 69.82 -44.13
N GLN B 402 -62.63 69.04 -43.59
CA GLN B 402 -63.41 68.13 -44.42
C GLN B 402 -64.56 68.84 -45.13
N VAL B 403 -65.12 69.87 -44.48
CA VAL B 403 -66.15 70.67 -45.13
C VAL B 403 -65.48 71.48 -46.23
N ILE B 404 -64.33 72.07 -45.90
CA ILE B 404 -63.55 72.79 -46.89
C ILE B 404 -63.30 71.85 -48.07
N ALA B 405 -63.15 70.57 -47.75
CA ALA B 405 -62.89 69.53 -48.76
C ALA B 405 -64.03 69.45 -49.74
N ALA B 406 -65.19 69.06 -49.23
CA ALA B 406 -66.37 68.79 -50.06
C ALA B 406 -66.84 70.01 -50.86
N ALA B 407 -66.65 71.20 -50.29
CA ALA B 407 -67.09 72.42 -50.96
C ALA B 407 -66.14 72.80 -52.08
N GLN B 408 -64.87 72.46 -51.90
CA GLN B 408 -63.84 72.75 -52.89
C GLN B 408 -63.87 71.77 -54.05
N ARG B 409 -64.52 70.64 -53.83
CA ARG B 409 -64.63 69.59 -54.83
C ARG B 409 -65.90 69.81 -55.64
N GLU B 410 -66.68 70.82 -55.24
CA GLU B 410 -67.84 71.26 -56.03
C GLU B 410 -67.59 72.66 -56.59
N GLY B 411 -66.41 72.87 -57.18
CA GLY B 411 -66.06 74.15 -57.80
C GLY B 411 -65.80 75.37 -56.90
N LYS B 412 -66.44 75.41 -55.71
CA LYS B 412 -66.45 76.58 -54.80
C LYS B 412 -65.06 76.95 -54.23
N THR B 413 -64.85 78.21 -53.90
CA THR B 413 -63.56 78.64 -53.29
C THR B 413 -63.75 79.28 -51.90
N CYS B 414 -62.86 78.90 -50.98
CA CYS B 414 -63.08 79.07 -49.54
C CYS B 414 -62.02 79.82 -48.77
N ALA B 415 -62.44 80.33 -47.62
CA ALA B 415 -61.62 81.21 -46.81
C ALA B 415 -61.15 80.55 -45.51
N PHE B 416 -59.93 80.91 -45.10
CA PHE B 416 -59.36 80.41 -43.88
C PHE B 416 -58.76 81.54 -43.07
N ILE B 417 -59.49 81.91 -42.04
CA ILE B 417 -59.07 82.96 -41.16
C ILE B 417 -58.37 82.25 -40.06
N ASP B 418 -57.05 82.45 -39.96
CA ASP B 418 -56.18 81.71 -39.01
C ASP B 418 -55.43 82.52 -37.95
N ALA B 419 -55.87 82.38 -36.71
CA ALA B 419 -55.20 83.04 -35.62
C ALA B 419 -54.44 82.02 -34.79
N GLU B 420 -54.57 80.73 -35.16
CA GLU B 420 -53.92 79.58 -34.46
C GLU B 420 -52.52 79.28 -34.95
N HIS B 421 -52.31 79.48 -36.26
CA HIS B 421 -51.04 79.18 -36.92
C HIS B 421 -50.76 77.70 -36.76
N ALA B 422 -51.79 76.93 -37.10
CA ALA B 422 -51.77 75.48 -36.93
C ALA B 422 -51.71 74.75 -38.28
N LEU B 423 -52.90 74.38 -38.77
CA LEU B 423 -53.11 73.84 -40.12
C LEU B 423 -51.96 73.03 -40.73
N ASP B 424 -52.09 71.71 -40.75
CA ASP B 424 -51.10 70.91 -41.47
C ASP B 424 -51.48 70.81 -42.96
N PRO B 425 -50.72 71.50 -43.82
CA PRO B 425 -51.02 71.42 -45.25
C PRO B 425 -51.07 69.98 -45.74
N ILE B 426 -50.01 69.22 -45.45
CA ILE B 426 -49.86 67.84 -45.94
C ILE B 426 -51.06 66.95 -45.56
N TYR B 427 -51.51 67.09 -44.32
CA TYR B 427 -52.70 66.36 -43.85
C TYR B 427 -53.96 66.83 -44.59
N ALA B 428 -54.05 68.14 -44.85
CA ALA B 428 -55.20 68.64 -45.59
C ALA B 428 -55.21 68.03 -46.97
N ARG B 429 -54.03 67.89 -47.56
CA ARG B 429 -53.92 67.38 -48.92
C ARG B 429 -54.33 65.90 -48.97
N LYS B 430 -53.96 65.11 -47.96
CA LYS B 430 -54.49 63.75 -47.92
C LYS B 430 -56.00 63.82 -47.64
N LEU B 431 -56.42 64.85 -46.90
CA LEU B 431 -57.82 64.94 -46.49
C LEU B 431 -58.78 65.21 -47.63
N GLY B 432 -58.33 65.97 -48.63
CA GLY B 432 -59.15 66.28 -49.81
C GLY B 432 -59.19 67.75 -50.19
N VAL B 433 -58.46 68.58 -49.45
CA VAL B 433 -58.45 70.02 -49.66
C VAL B 433 -57.45 70.36 -50.75
N ASP B 434 -57.89 71.18 -51.70
CA ASP B 434 -56.98 71.70 -52.69
C ASP B 434 -56.33 72.92 -52.08
N ILE B 435 -55.18 72.71 -51.47
CA ILE B 435 -54.52 73.76 -50.74
C ILE B 435 -54.20 74.94 -51.64
N ASP B 436 -53.73 74.65 -52.84
CA ASP B 436 -53.26 75.69 -53.76
C ASP B 436 -54.28 76.82 -54.00
N ASN B 437 -55.57 76.46 -53.98
CA ASN B 437 -56.68 77.39 -54.23
C ASN B 437 -57.29 77.97 -52.96
N LEU B 438 -56.86 77.49 -51.81
CA LEU B 438 -57.46 77.91 -50.56
C LEU B 438 -57.03 79.31 -50.19
N LEU B 439 -58.00 80.11 -49.78
CA LEU B 439 -57.71 81.47 -49.41
C LEU B 439 -57.39 81.50 -47.95
N CYS B 440 -56.18 81.92 -47.66
CA CYS B 440 -55.70 81.91 -46.29
C CYS B 440 -55.43 83.29 -45.76
N SER B 441 -55.89 83.51 -44.53
CA SER B 441 -55.75 84.81 -43.91
C SER B 441 -55.04 84.68 -42.59
N GLN B 442 -54.01 85.49 -42.37
CA GLN B 442 -53.27 85.49 -41.12
C GLN B 442 -53.29 86.84 -40.45
N PRO B 443 -54.40 87.17 -39.75
CA PRO B 443 -54.68 88.54 -39.33
C PRO B 443 -53.75 89.04 -38.26
N ASP B 444 -53.49 90.34 -38.32
CA ASP B 444 -52.72 91.05 -37.30
C ASP B 444 -53.49 91.14 -35.98
N THR B 445 -54.80 90.91 -35.99
CA THR B 445 -55.57 90.97 -34.75
C THR B 445 -57.07 90.64 -34.74
N GLY B 446 -57.52 90.41 -33.51
CA GLY B 446 -58.85 89.95 -33.19
C GLY B 446 -59.89 90.65 -33.99
N GLU B 447 -60.10 91.92 -33.70
CA GLU B 447 -61.07 92.67 -34.48
C GLU B 447 -60.70 92.61 -35.95
N GLN B 448 -59.47 92.96 -36.30
CA GLN B 448 -59.09 93.01 -37.71
C GLN B 448 -59.51 91.72 -38.42
N ALA B 449 -59.31 90.59 -37.77
CA ALA B 449 -59.76 89.32 -38.31
C ALA B 449 -61.26 89.36 -38.62
N LEU B 450 -62.05 89.62 -37.59
CA LEU B 450 -63.50 89.68 -37.71
C LEU B 450 -63.96 90.60 -38.81
N GLU B 451 -63.20 91.65 -39.08
CA GLU B 451 -63.58 92.64 -40.11
C GLU B 451 -63.20 92.18 -41.53
N ILE B 452 -62.27 91.21 -41.61
CA ILE B 452 -61.86 90.68 -42.90
C ILE B 452 -62.94 89.75 -43.43
N CYS B 453 -63.71 89.18 -42.51
CA CYS B 453 -64.85 88.39 -42.90
C CYS B 453 -65.95 89.29 -43.50
N ASP B 454 -66.27 90.37 -42.79
CA ASP B 454 -67.29 91.36 -43.22
C ASP B 454 -67.21 91.58 -44.72
N ALA B 455 -65.97 91.77 -45.18
CA ALA B 455 -65.69 92.12 -46.56
C ALA B 455 -65.52 90.89 -47.48
N LEU B 456 -65.26 89.72 -46.90
CA LEU B 456 -65.24 88.48 -47.69
C LEU B 456 -66.66 87.97 -47.85
N ALA B 457 -67.55 88.53 -47.05
CA ALA B 457 -68.97 88.27 -47.20
C ALA B 457 -69.49 89.10 -48.36
N ARG B 458 -69.25 90.41 -48.31
CA ARG B 458 -69.59 91.32 -49.43
C ARG B 458 -68.63 91.06 -50.60
N SER B 459 -68.48 89.79 -50.96
CA SER B 459 -67.81 89.42 -52.17
C SER B 459 -68.76 88.53 -52.96
N GLY B 460 -69.34 87.52 -52.29
CA GLY B 460 -70.34 86.62 -52.88
C GLY B 460 -69.77 85.34 -53.50
N ALA B 461 -68.55 85.48 -54.05
CA ALA B 461 -67.79 84.36 -54.64
C ALA B 461 -66.65 83.89 -53.69
N VAL B 462 -66.83 84.20 -52.42
CA VAL B 462 -66.19 83.46 -51.35
C VAL B 462 -67.32 82.66 -50.74
N ASP B 463 -67.24 81.35 -50.88
CA ASP B 463 -68.37 80.49 -50.55
C ASP B 463 -68.41 80.06 -49.09
N VAL B 464 -67.26 79.65 -48.54
CA VAL B 464 -67.18 79.33 -47.12
C VAL B 464 -65.99 79.94 -46.40
N ILE B 465 -66.28 80.53 -45.26
CA ILE B 465 -65.30 81.14 -44.40
C ILE B 465 -65.09 80.21 -43.22
N VAL B 466 -63.82 79.91 -42.90
CA VAL B 466 -63.44 79.14 -41.70
C VAL B 466 -62.51 79.92 -40.78
N VAL B 467 -62.97 80.09 -39.54
CA VAL B 467 -62.28 80.92 -38.56
C VAL B 467 -61.68 80.08 -37.42
N ASP B 468 -60.36 80.20 -37.27
CA ASP B 468 -59.55 79.36 -36.38
C ASP B 468 -58.71 80.22 -35.42
N SER B 469 -59.24 80.52 -34.23
CA SER B 469 -60.56 80.09 -33.78
C SER B 469 -60.90 80.92 -32.58
N VAL B 470 -62.20 81.11 -32.34
CA VAL B 470 -62.70 81.97 -31.25
C VAL B 470 -61.63 82.42 -30.24
N ALA B 471 -61.18 81.49 -29.39
CA ALA B 471 -60.29 81.80 -28.29
C ALA B 471 -59.02 82.52 -28.76
N ALA B 472 -58.56 82.15 -29.96
CA ALA B 472 -57.31 82.71 -30.56
C ALA B 472 -57.44 84.09 -31.27
N LEU B 473 -58.68 84.57 -31.43
CA LEU B 473 -59.00 85.93 -31.94
C LEU B 473 -58.84 86.99 -30.87
N THR B 474 -57.64 87.03 -30.31
CA THR B 474 -57.34 87.84 -29.15
C THR B 474 -57.23 89.31 -29.56
N PRO B 475 -58.14 90.14 -29.04
CA PRO B 475 -58.43 91.53 -29.36
C PRO B 475 -57.29 92.50 -29.17
N LYS B 476 -57.51 93.75 -29.58
CA LYS B 476 -56.48 94.80 -29.57
C LYS B 476 -55.98 95.01 -28.15
N ALA B 477 -56.91 95.38 -27.27
CA ALA B 477 -56.58 95.78 -25.90
C ALA B 477 -55.60 94.82 -25.18
N GLU B 478 -55.73 93.53 -25.49
CA GLU B 478 -54.82 92.52 -24.97
C GLU B 478 -53.47 92.65 -25.68
N ILE B 479 -53.47 92.79 -27.00
CA ILE B 479 -52.24 92.93 -27.73
C ILE B 479 -51.50 94.18 -27.25
N GLY B 489 -60.61 87.67 -20.18
CA GLY B 489 -61.81 87.24 -20.86
C GLY B 489 -62.91 88.22 -20.58
N LEU B 490 -62.76 89.43 -21.10
CA LEU B 490 -63.80 90.46 -21.03
C LEU B 490 -64.14 90.86 -22.47
N ALA B 491 -63.10 91.10 -23.25
CA ALA B 491 -63.25 91.48 -24.64
C ALA B 491 -63.93 90.36 -25.48
N ALA B 492 -64.82 89.59 -24.87
CA ALA B 492 -65.80 88.76 -25.60
C ALA B 492 -66.91 89.64 -26.21
N ARG B 493 -66.93 90.92 -25.79
CA ARG B 493 -67.79 91.96 -26.35
C ARG B 493 -67.33 92.33 -27.74
N MET B 494 -66.04 92.14 -28.03
CA MET B 494 -65.54 92.24 -29.39
C MET B 494 -66.28 91.28 -30.32
N MET B 495 -66.69 90.13 -29.79
CA MET B 495 -67.54 89.21 -30.55
C MET B 495 -68.92 89.85 -30.76
N SER B 496 -69.60 90.14 -29.66
CA SER B 496 -70.93 90.70 -29.72
C SER B 496 -71.01 91.86 -30.73
N GLN B 497 -69.90 92.58 -30.87
CA GLN B 497 -69.78 93.77 -31.73
C GLN B 497 -70.09 93.43 -33.18
N ALA B 498 -69.04 93.21 -33.96
CA ALA B 498 -69.14 93.00 -35.40
C ALA B 498 -69.87 91.69 -35.77
N MET B 499 -70.55 91.10 -34.78
CA MET B 499 -71.37 89.92 -34.98
C MET B 499 -72.68 90.23 -35.70
N ARG B 500 -73.47 91.06 -35.06
CA ARG B 500 -74.73 91.57 -35.60
C ARG B 500 -74.69 91.70 -37.12
N LYS B 501 -73.68 92.41 -37.61
CA LYS B 501 -73.56 92.78 -39.02
C LYS B 501 -73.23 91.60 -39.94
N LEU B 502 -72.42 90.68 -39.45
CA LEU B 502 -72.06 89.52 -40.27
C LEU B 502 -73.27 88.71 -40.68
N ALA B 503 -74.28 88.69 -39.81
CA ALA B 503 -75.53 87.97 -40.07
C ALA B 503 -76.06 88.22 -41.48
N GLY B 504 -76.30 89.49 -41.80
CA GLY B 504 -76.78 89.93 -43.11
C GLY B 504 -75.79 89.69 -44.24
N ASN B 505 -74.61 90.31 -44.13
CA ASN B 505 -73.55 90.24 -45.15
C ASN B 505 -73.32 88.82 -45.72
N LEU B 506 -73.63 87.79 -44.94
CA LEU B 506 -73.40 86.39 -45.34
C LEU B 506 -74.59 85.77 -46.04
N LYS B 507 -75.77 86.16 -45.59
CA LYS B 507 -77.04 85.65 -46.12
C LYS B 507 -77.29 86.10 -47.56
N GLN B 508 -76.94 87.37 -47.88
CA GLN B 508 -77.09 87.92 -49.27
C GLN B 508 -75.81 87.77 -50.11
N SER B 509 -75.09 86.68 -49.83
CA SER B 509 -73.88 86.26 -50.55
C SER B 509 -73.93 84.75 -50.75
N ASN B 510 -74.67 84.08 -49.87
CA ASN B 510 -74.56 82.65 -49.64
C ASN B 510 -73.13 82.30 -49.32
N THR B 511 -72.56 83.06 -48.40
CA THR B 511 -71.26 82.76 -47.86
C THR B 511 -71.47 82.07 -46.51
N LEU B 512 -71.03 80.81 -46.42
CA LEU B 512 -71.12 80.01 -45.19
C LEU B 512 -69.90 80.17 -44.27
N LEU B 513 -70.14 80.57 -43.03
CA LEU B 513 -69.04 80.85 -42.13
C LEU B 513 -69.08 79.94 -40.93
N ILE B 514 -67.89 79.52 -40.53
CA ILE B 514 -67.67 78.53 -39.49
C ILE B 514 -66.69 79.02 -38.44
N PHE B 515 -67.18 78.97 -37.22
CA PHE B 515 -66.39 79.31 -36.04
C PHE B 515 -65.94 78.03 -35.25
N ILE B 516 -64.72 78.03 -34.71
CA ILE B 516 -64.27 76.94 -33.87
C ILE B 516 -63.96 77.45 -32.46
N ASN B 517 -64.47 76.79 -31.41
CA ASN B 517 -64.30 77.23 -30.01
C ASN B 517 -63.72 76.06 -29.17
N GLN B 518 -63.64 76.22 -27.82
CA GLN B 518 -63.24 75.15 -26.79
C GLN B 518 -64.05 75.02 -25.45
N GLY B 535 -65.32 80.89 -25.51
CA GLY B 535 -65.39 82.19 -26.19
C GLY B 535 -66.45 83.20 -25.68
N GLY B 536 -67.27 83.80 -26.57
CA GLY B 536 -68.22 84.89 -26.21
C GLY B 536 -69.71 84.58 -26.32
N ASN B 537 -70.52 85.18 -25.43
CA ASN B 537 -71.97 84.91 -25.30
C ASN B 537 -72.80 84.99 -26.57
N ALA B 538 -72.42 85.91 -27.46
CA ALA B 538 -73.17 86.23 -28.67
C ALA B 538 -73.37 85.07 -29.62
N LEU B 539 -72.25 84.58 -30.15
CA LEU B 539 -72.24 83.48 -31.07
C LEU B 539 -73.25 82.39 -30.71
N LYS B 540 -73.39 82.15 -29.41
CA LYS B 540 -74.32 81.17 -28.85
C LYS B 540 -75.71 81.24 -29.47
N PHE B 541 -76.04 82.36 -30.09
CA PHE B 541 -77.38 82.54 -30.62
C PHE B 541 -77.36 82.85 -32.12
N TYR B 542 -76.41 83.69 -32.51
CA TYR B 542 -76.26 84.10 -33.91
C TYR B 542 -75.76 82.95 -34.81
N ALA B 543 -75.33 81.85 -34.19
CA ALA B 543 -75.06 80.60 -34.92
C ALA B 543 -76.37 79.99 -35.40
N SER B 544 -76.43 79.63 -36.67
CA SER B 544 -77.62 78.99 -37.22
C SER B 544 -77.60 77.50 -36.84
N VAL B 545 -76.39 76.95 -36.79
CA VAL B 545 -76.15 75.57 -36.33
C VAL B 545 -74.86 75.40 -35.47
N ARG B 546 -74.96 74.50 -34.49
CA ARG B 546 -73.93 74.30 -33.52
C ARG B 546 -73.61 72.86 -33.24
N LEU B 547 -72.30 72.63 -33.25
CA LEU B 547 -71.65 71.34 -33.13
C LEU B 547 -70.78 71.13 -31.88
N ASP B 548 -71.00 69.98 -31.25
CA ASP B 548 -70.20 69.45 -30.15
C ASP B 548 -69.47 68.16 -30.60
N ILE B 549 -68.25 68.31 -31.09
CA ILE B 549 -67.42 67.18 -31.39
C ILE B 549 -66.69 66.84 -30.10
N ARG B 550 -66.58 65.55 -29.81
CA ARG B 550 -65.77 65.03 -28.68
C ARG B 550 -64.83 63.90 -29.14
N ARG B 551 -64.25 63.14 -28.21
CA ARG B 551 -63.51 61.94 -28.58
C ARG B 551 -63.75 60.97 -27.46
N ILE B 552 -64.05 59.70 -27.78
CA ILE B 552 -64.25 58.73 -26.70
C ILE B 552 -63.42 57.45 -26.73
N GLY B 553 -63.00 57.02 -27.92
CA GLY B 553 -62.45 55.66 -28.04
C GLY B 553 -61.01 55.48 -28.45
N ALA B 554 -60.75 55.79 -29.73
CA ALA B 554 -59.51 55.42 -30.41
C ALA B 554 -59.54 53.94 -30.85
N VAL B 555 -59.03 53.65 -32.04
CA VAL B 555 -59.03 52.28 -32.52
C VAL B 555 -57.66 51.74 -32.99
N LYS B 556 -57.58 50.41 -33.07
CA LYS B 556 -56.31 49.67 -33.21
C LYS B 556 -56.20 48.73 -34.44
N GLU B 557 -55.00 48.73 -35.03
CA GLU B 557 -54.57 47.77 -36.06
C GLU B 557 -53.70 46.78 -35.33
N GLY B 558 -54.34 45.86 -34.62
CA GLY B 558 -53.61 44.97 -33.71
C GLY B 558 -53.29 45.71 -32.42
N GLU B 559 -52.04 46.15 -32.25
CA GLU B 559 -51.59 46.85 -31.03
C GLU B 559 -51.30 48.34 -31.25
N ASN B 560 -51.12 48.72 -32.51
CA ASN B 560 -50.97 50.13 -32.90
C ASN B 560 -52.24 50.93 -32.56
N VAL B 561 -52.09 52.23 -32.31
CA VAL B 561 -53.23 53.14 -32.08
C VAL B 561 -53.32 54.05 -33.30
N VAL B 562 -54.25 53.73 -34.19
CA VAL B 562 -54.29 54.44 -35.46
C VAL B 562 -55.63 55.15 -35.66
N GLY B 563 -56.52 55.02 -34.68
CA GLY B 563 -57.87 55.58 -34.78
C GLY B 563 -58.35 56.51 -33.67
N SER B 564 -59.49 57.17 -33.86
CA SER B 564 -60.13 58.01 -32.84
C SER B 564 -61.65 58.01 -32.98
N GLU B 565 -62.34 57.35 -32.05
CA GLU B 565 -63.81 57.24 -32.08
C GLU B 565 -64.43 58.53 -31.57
N THR B 566 -65.09 59.24 -32.49
CA THR B 566 -65.66 60.54 -32.17
C THR B 566 -67.17 60.51 -32.09
N ARG B 567 -67.71 61.56 -31.48
CA ARG B 567 -69.16 61.76 -31.32
C ARG B 567 -69.51 63.24 -31.50
N VAL B 568 -70.23 63.53 -32.58
CA VAL B 568 -70.67 64.88 -32.84
C VAL B 568 -72.12 65.02 -32.46
N LYS B 569 -72.38 65.97 -31.59
CA LYS B 569 -73.70 66.36 -31.19
C LYS B 569 -74.09 67.69 -31.88
N VAL B 570 -75.29 67.75 -32.45
CA VAL B 570 -75.81 68.98 -33.02
C VAL B 570 -76.71 69.50 -31.96
N VAL B 571 -76.29 70.55 -31.28
CA VAL B 571 -77.05 71.00 -30.13
C VAL B 571 -77.87 72.24 -30.43
N LYS B 572 -77.34 73.11 -31.27
CA LYS B 572 -78.15 74.24 -31.73
C LYS B 572 -78.55 74.01 -33.20
N ASN B 573 -79.83 73.80 -33.44
CA ASN B 573 -80.27 73.58 -34.81
C ASN B 573 -81.55 74.32 -35.19
N LYS B 574 -81.36 75.36 -35.98
CA LYS B 574 -82.46 76.09 -36.56
C LYS B 574 -82.58 75.72 -38.06
N ILE B 575 -82.15 74.51 -38.43
CA ILE B 575 -82.39 74.02 -39.79
C ILE B 575 -83.47 72.96 -39.72
N ALA B 576 -83.31 72.05 -38.76
CA ALA B 576 -84.26 70.96 -38.56
C ALA B 576 -84.20 70.43 -37.14
N ALA B 577 -84.20 69.11 -37.02
CA ALA B 577 -84.17 68.42 -35.75
C ALA B 577 -82.90 68.74 -34.95
N PRO B 578 -83.06 69.44 -33.82
CA PRO B 578 -81.95 69.68 -32.91
C PRO B 578 -81.69 68.47 -32.01
N PHE B 579 -80.50 68.39 -31.43
CA PHE B 579 -80.14 67.34 -30.44
C PHE B 579 -79.96 65.95 -31.06
N LYS B 580 -79.95 65.89 -32.39
CA LYS B 580 -79.63 64.63 -33.05
C LYS B 580 -78.11 64.45 -32.99
N GLN B 581 -77.63 63.21 -32.98
CA GLN B 581 -76.18 62.93 -32.85
C GLN B 581 -75.63 61.91 -33.83
N ALA B 582 -74.30 61.83 -33.90
CA ALA B 582 -73.66 61.03 -34.93
C ALA B 582 -72.31 60.50 -34.49
N GLU B 583 -72.22 59.18 -34.30
CA GLU B 583 -70.94 58.51 -33.97
C GLU B 583 -70.24 57.96 -35.23
N PHE B 584 -68.91 58.08 -35.27
CA PHE B 584 -68.09 57.57 -36.37
C PHE B 584 -66.59 57.56 -36.04
N GLN B 585 -65.78 57.19 -37.02
CA GLN B 585 -64.35 57.08 -36.79
C GLN B 585 -63.52 58.11 -37.54
N ILE B 586 -62.43 58.59 -36.91
CA ILE B 586 -61.41 59.42 -37.56
C ILE B 586 -60.06 58.73 -37.54
N LEU B 587 -59.49 58.54 -38.71
CA LEU B 587 -58.22 57.82 -38.83
C LEU B 587 -57.06 58.74 -39.09
N TYR B 588 -56.08 58.66 -38.20
CA TYR B 588 -54.82 59.35 -38.35
C TYR B 588 -54.32 59.22 -39.76
N GLY B 589 -54.02 60.35 -40.38
CA GLY B 589 -53.44 60.36 -41.74
C GLY B 589 -54.31 59.78 -42.84
N GLU B 590 -55.63 59.74 -42.63
CA GLU B 590 -56.53 59.30 -43.69
C GLU B 590 -57.79 60.16 -43.74
N GLY B 591 -58.30 60.53 -42.58
CA GLY B 591 -59.46 61.40 -42.52
C GLY B 591 -60.65 60.76 -41.85
N ILE B 592 -61.86 61.09 -42.32
CA ILE B 592 -63.07 60.48 -41.79
C ILE B 592 -63.36 59.13 -42.48
N ASN B 593 -63.92 58.14 -41.79
CA ASN B 593 -64.17 56.78 -42.31
C ASN B 593 -65.45 56.61 -43.12
N PHE B 594 -65.40 57.02 -44.38
CA PHE B 594 -66.56 57.02 -45.28
C PHE B 594 -67.25 55.68 -45.14
N TYR B 595 -66.49 54.63 -45.44
CA TYR B 595 -67.02 53.30 -45.54
C TYR B 595 -67.40 52.77 -44.19
N GLY B 596 -66.64 53.18 -43.18
CA GLY B 596 -66.93 52.84 -41.80
C GLY B 596 -68.40 53.06 -41.48
N GLU B 597 -68.80 54.32 -41.34
CA GLU B 597 -70.19 54.67 -41.11
C GLU B 597 -71.15 54.09 -42.18
N LEU B 598 -70.66 53.89 -43.40
CA LEU B 598 -71.52 53.44 -44.50
C LEU B 598 -72.13 52.10 -44.22
N VAL B 599 -71.27 51.18 -43.82
CA VAL B 599 -71.70 49.88 -43.38
C VAL B 599 -72.81 50.08 -42.39
N ASP B 600 -72.49 50.75 -41.27
CA ASP B 600 -73.41 50.93 -40.13
C ASP B 600 -74.80 51.42 -40.54
N LEU B 601 -74.89 52.09 -41.69
CA LEU B 601 -76.16 52.61 -42.16
C LEU B 601 -76.93 51.55 -42.95
N GLY B 602 -76.20 50.83 -43.80
CA GLY B 602 -76.74 49.66 -44.52
C GLY B 602 -77.04 48.49 -43.60
N VAL B 603 -76.87 48.72 -42.31
CA VAL B 603 -77.37 47.80 -41.31
C VAL B 603 -78.82 48.21 -41.11
N LYS B 604 -79.02 49.47 -40.68
CA LYS B 604 -80.30 49.94 -40.21
C LYS B 604 -81.30 50.08 -41.36
N GLU B 605 -80.78 50.43 -42.55
CA GLU B 605 -81.62 50.45 -43.74
C GLU B 605 -81.35 49.19 -44.54
N LYS B 606 -82.02 48.11 -44.12
CA LYS B 606 -81.70 46.72 -44.47
C LYS B 606 -81.22 46.50 -45.90
N LEU B 607 -80.03 46.99 -46.23
CA LEU B 607 -79.38 46.72 -47.52
C LEU B 607 -78.24 45.69 -47.35
N ILE B 608 -77.58 45.74 -46.19
CA ILE B 608 -76.57 44.77 -45.80
C ILE B 608 -76.99 44.04 -44.54
N GLU B 609 -77.00 42.73 -44.64
CA GLU B 609 -77.62 41.87 -43.64
C GLU B 609 -76.65 41.44 -42.54
N LYS B 610 -76.99 41.82 -41.29
CA LYS B 610 -76.23 41.40 -40.12
C LYS B 610 -76.67 40.00 -39.68
N ALA B 611 -75.84 39.02 -39.98
CA ALA B 611 -76.05 37.64 -39.51
C ALA B 611 -75.20 37.32 -38.26
N GLY B 612 -75.33 38.19 -37.25
CA GLY B 612 -74.54 38.09 -36.01
C GLY B 612 -73.19 38.78 -36.08
N ALA B 613 -72.19 38.07 -36.60
CA ALA B 613 -70.83 38.59 -36.79
C ALA B 613 -70.50 38.73 -38.27
N TRP B 614 -71.42 38.23 -39.10
CA TRP B 614 -71.24 38.18 -40.54
C TRP B 614 -71.96 39.34 -41.24
N TYR B 615 -71.36 39.82 -42.31
CA TYR B 615 -71.98 40.87 -43.11
C TYR B 615 -72.29 40.39 -44.54
N SER B 616 -73.57 40.30 -44.86
CA SER B 616 -74.03 39.74 -46.13
C SER B 616 -74.70 40.81 -47.03
N TYR B 617 -74.43 40.74 -48.33
CA TYR B 617 -75.06 41.64 -49.30
C TYR B 617 -75.83 40.89 -50.38
N LYS B 618 -77.13 40.72 -50.15
CA LYS B 618 -77.99 39.90 -51.01
C LYS B 618 -77.46 38.48 -51.07
N GLY B 619 -77.62 37.76 -49.97
CA GLY B 619 -77.25 36.33 -49.89
C GLY B 619 -75.75 35.97 -49.85
N GLU B 620 -74.98 36.58 -50.77
CA GLU B 620 -73.50 36.45 -50.90
C GLU B 620 -72.67 37.25 -49.83
N LYS B 621 -71.73 36.55 -49.17
CA LYS B 621 -71.10 37.02 -47.93
C LYS B 621 -69.93 37.95 -48.20
N ILE B 622 -69.95 39.11 -47.53
CA ILE B 622 -69.00 40.20 -47.85
C ILE B 622 -67.93 40.48 -46.81
N GLY B 623 -68.19 40.13 -45.55
CA GLY B 623 -67.22 40.37 -44.47
C GLY B 623 -67.60 39.83 -43.09
N GLN B 624 -66.60 39.44 -42.31
CA GLN B 624 -66.81 38.97 -40.95
C GLN B 624 -66.19 40.00 -40.00
N GLY B 625 -67.01 40.53 -39.10
CA GLY B 625 -66.61 41.63 -38.20
C GLY B 625 -66.54 42.96 -38.94
N LYS B 626 -67.07 44.02 -38.33
CA LYS B 626 -67.12 45.35 -39.00
C LYS B 626 -65.82 45.65 -39.77
N ALA B 627 -64.71 45.14 -39.23
CA ALA B 627 -63.38 45.28 -39.82
C ALA B 627 -63.38 45.11 -41.32
N ASN B 628 -63.66 43.89 -41.76
CA ASN B 628 -63.52 43.50 -43.16
C ASN B 628 -64.70 44.00 -43.99
N ALA B 629 -65.84 44.16 -43.35
CA ALA B 629 -66.97 44.75 -44.02
C ALA B 629 -66.53 46.13 -44.48
N THR B 630 -66.18 46.99 -43.52
CA THR B 630 -65.64 48.28 -43.86
C THR B 630 -64.83 48.07 -45.13
N ALA B 631 -63.65 47.47 -44.99
CA ALA B 631 -62.66 47.41 -46.09
C ALA B 631 -63.08 46.59 -47.34
N TRP B 632 -64.27 46.00 -47.31
CA TRP B 632 -64.77 45.36 -48.50
C TRP B 632 -65.30 46.43 -49.43
N LEU B 633 -66.17 47.28 -48.92
CA LEU B 633 -66.71 48.34 -49.71
C LEU B 633 -65.59 49.12 -50.33
N LYS B 634 -64.44 49.15 -49.70
CA LYS B 634 -63.30 49.90 -50.22
C LYS B 634 -62.89 49.44 -51.62
N ASP B 635 -63.02 48.15 -51.88
CA ASP B 635 -62.56 47.57 -53.16
C ASP B 635 -63.62 47.45 -54.25
N ASN B 636 -64.88 47.67 -53.89
CA ASN B 636 -65.98 47.63 -54.86
C ASN B 636 -66.76 48.96 -54.81
N PRO B 637 -66.13 50.07 -55.27
CA PRO B 637 -66.55 51.43 -54.89
C PRO B 637 -68.00 51.75 -55.26
N GLU B 638 -68.37 51.49 -56.52
CA GLU B 638 -69.73 51.78 -57.01
C GLU B 638 -70.84 51.11 -56.16
N THR B 639 -70.63 49.84 -55.79
CA THR B 639 -71.61 49.07 -55.01
C THR B 639 -71.87 49.85 -53.73
N ALA B 640 -70.82 50.47 -53.21
CA ALA B 640 -70.95 51.35 -52.07
C ALA B 640 -71.64 52.63 -52.48
N LYS B 641 -70.97 53.41 -53.34
CA LYS B 641 -71.44 54.74 -53.78
C LYS B 641 -72.87 54.71 -54.33
N GLU B 642 -73.41 53.51 -54.54
CA GLU B 642 -74.82 53.33 -54.86
C GLU B 642 -75.60 53.09 -53.57
N ILE B 643 -75.06 52.25 -52.70
CA ILE B 643 -75.64 52.01 -51.38
C ILE B 643 -75.67 53.32 -50.61
N GLU B 644 -74.61 54.10 -50.78
CA GLU B 644 -74.59 55.49 -50.37
C GLU B 644 -75.91 56.12 -50.84
N LYS B 645 -75.98 56.35 -52.15
CA LYS B 645 -77.14 56.96 -52.82
C LYS B 645 -78.44 56.38 -52.29
N LYS B 646 -78.50 55.06 -52.13
CA LYS B 646 -79.70 54.39 -51.62
C LYS B 646 -80.12 54.88 -50.23
N VAL B 647 -79.17 55.23 -49.37
CA VAL B 647 -79.55 55.73 -48.05
C VAL B 647 -79.88 57.19 -48.14
N ARG B 648 -79.24 57.85 -49.10
CA ARG B 648 -79.53 59.24 -49.44
C ARG B 648 -80.92 59.41 -50.07
N GLU B 649 -81.44 58.36 -50.69
CA GLU B 649 -82.83 58.35 -51.16
C GLU B 649 -83.76 58.00 -49.99
N LEU B 650 -83.25 57.19 -49.06
CA LEU B 650 -84.05 56.65 -47.94
C LEU B 650 -84.01 57.47 -46.63
N LEU B 651 -83.19 58.53 -46.59
CA LEU B 651 -83.23 59.51 -45.47
C LEU B 651 -83.07 61.02 -45.84
N LEU B 652 -83.28 61.36 -47.12
CA LEU B 652 -83.19 62.74 -47.64
C LEU B 652 -84.18 63.00 -48.82
N LYS B 679 -67.83 84.72 -60.53
CA LYS B 679 -66.80 84.60 -61.62
C LYS B 679 -65.41 84.94 -61.03
N GLN B 680 -64.34 84.78 -61.84
CA GLN B 680 -62.96 85.21 -61.48
C GLN B 680 -62.77 86.70 -61.74
N LYS B 681 -63.87 87.27 -62.24
CA LYS B 681 -64.14 88.69 -62.43
C LYS B 681 -64.25 89.35 -61.03
N ALA B 682 -65.18 88.85 -60.20
CA ALA B 682 -65.53 89.44 -58.89
C ALA B 682 -64.51 89.11 -57.78
N LEU B 683 -63.83 87.97 -57.94
CA LEU B 683 -62.86 87.49 -56.95
C LEU B 683 -61.52 88.21 -57.09
N ALA B 684 -60.87 88.07 -58.25
CA ALA B 684 -59.56 88.67 -58.53
C ALA B 684 -59.53 90.19 -58.22
N ALA B 685 -60.73 90.79 -58.14
CA ALA B 685 -60.92 92.22 -57.81
C ALA B 685 -61.17 92.50 -56.30
N ALA B 686 -62.05 91.71 -55.68
CA ALA B 686 -62.34 91.87 -54.24
C ALA B 686 -61.19 91.36 -53.37
N LEU B 687 -60.19 90.75 -54.00
CA LEU B 687 -58.96 90.34 -53.31
C LEU B 687 -58.06 91.53 -53.02
N GLY B 688 -57.48 92.10 -54.08
CA GLY B 688 -56.63 93.27 -53.98
C GLY B 688 -57.29 94.41 -53.24
N GLN B 689 -58.59 94.25 -52.93
CA GLN B 689 -59.40 95.21 -52.18
C GLN B 689 -59.06 95.24 -50.70
N ILE B 690 -58.49 94.15 -50.21
CA ILE B 690 -58.22 94.03 -48.81
C ILE B 690 -56.78 94.35 -48.61
N GLU B 691 -56.00 94.02 -49.62
CA GLU B 691 -54.57 94.34 -49.65
C GLU B 691 -54.37 95.84 -49.72
N LYS B 692 -55.28 96.54 -50.37
CA LYS B 692 -55.24 98.01 -50.43
C LYS B 692 -55.58 98.57 -49.04
N GLN B 693 -56.58 97.94 -48.40
CA GLN B 693 -57.22 98.52 -47.23
C GLN B 693 -56.57 98.09 -45.91
N PHE B 694 -56.09 96.85 -45.85
CA PHE B 694 -55.65 96.24 -44.59
C PHE B 694 -54.18 95.79 -44.48
N GLY B 695 -53.25 96.66 -44.88
CA GLY B 695 -51.83 96.27 -44.88
C GLY B 695 -51.50 95.29 -46.00
N LYS B 696 -50.39 95.54 -46.71
CA LYS B 696 -50.09 94.86 -47.97
C LYS B 696 -49.91 93.34 -47.76
N GLY B 697 -50.78 92.55 -48.41
CA GLY B 697 -50.69 91.09 -48.37
C GLY B 697 -51.18 90.44 -47.10
N SER B 698 -52.42 90.72 -46.72
CA SER B 698 -52.98 90.07 -45.53
C SER B 698 -53.93 88.95 -45.88
N ILE B 699 -53.66 88.30 -47.00
CA ILE B 699 -54.44 87.15 -47.44
C ILE B 699 -53.87 86.68 -48.76
N MET B 700 -53.99 85.38 -49.04
CA MET B 700 -53.60 84.81 -50.32
C MET B 700 -53.94 83.35 -50.51
N ARG B 701 -53.93 82.92 -51.76
CA ARG B 701 -53.96 81.52 -52.13
C ARG B 701 -52.65 80.98 -51.63
N LEU B 702 -52.69 79.79 -51.07
CA LEU B 702 -51.51 79.21 -50.48
C LEU B 702 -50.54 78.74 -51.54
N GLY B 703 -51.05 78.51 -52.75
CA GLY B 703 -50.22 77.98 -53.83
C GLY B 703 -49.53 79.06 -54.65
N GLU B 704 -49.52 80.28 -54.12
CA GLU B 704 -49.01 81.43 -54.86
C GLU B 704 -47.49 81.61 -54.87
N ASP B 705 -46.98 81.95 -56.04
CA ASP B 705 -45.56 82.25 -56.29
C ASP B 705 -45.20 83.68 -55.87
N ARG B 706 -46.22 84.53 -55.80
CA ARG B 706 -46.07 85.96 -55.55
C ARG B 706 -45.45 86.22 -54.17
N SER B 707 -44.25 86.81 -54.19
CA SER B 707 -43.58 87.33 -53.02
C SER B 707 -43.49 88.86 -53.14
N MET B 708 -43.93 89.58 -52.10
CA MET B 708 -43.66 91.02 -51.99
C MET B 708 -42.14 91.20 -51.99
N ASP B 709 -41.62 92.01 -52.90
CA ASP B 709 -40.17 92.15 -53.06
C ASP B 709 -39.63 93.13 -52.02
N VAL B 710 -39.57 92.62 -50.81
CA VAL B 710 -38.77 93.24 -49.74
C VAL B 710 -37.49 92.36 -49.54
N GLU B 711 -36.42 92.98 -49.04
CA GLU B 711 -35.09 92.39 -49.09
C GLU B 711 -34.94 91.29 -48.05
N THR B 712 -34.05 90.35 -48.34
CA THR B 712 -34.00 89.07 -47.64
C THR B 712 -32.60 88.69 -47.14
N ILE B 713 -32.51 88.18 -45.92
CA ILE B 713 -31.25 87.62 -45.42
C ILE B 713 -31.40 86.12 -45.35
N SER B 714 -30.47 85.40 -45.98
CA SER B 714 -30.48 83.93 -46.04
C SER B 714 -30.44 83.29 -44.63
N THR B 715 -31.29 82.30 -44.38
CA THR B 715 -31.30 81.62 -43.08
C THR B 715 -30.06 80.76 -42.93
N GLY B 716 -29.53 80.32 -44.06
CA GLY B 716 -28.40 79.41 -44.09
C GLY B 716 -28.86 78.14 -44.77
N SER B 717 -30.11 77.76 -44.49
CA SER B 717 -30.74 76.60 -45.10
C SER B 717 -31.60 76.94 -46.30
N LEU B 718 -31.09 76.57 -47.47
CA LEU B 718 -31.75 76.76 -48.75
C LEU B 718 -33.21 76.38 -48.69
N SER B 719 -33.50 75.21 -48.13
CA SER B 719 -34.88 74.74 -48.05
C SER B 719 -35.75 75.62 -47.13
N LEU B 720 -35.14 76.24 -46.12
CA LEU B 720 -35.87 77.19 -45.28
C LEU B 720 -36.19 78.44 -46.08
N ASP B 721 -35.16 79.03 -46.69
CA ASP B 721 -35.34 80.20 -47.58
C ASP B 721 -36.54 79.95 -48.47
N ILE B 722 -36.45 78.86 -49.22
CA ILE B 722 -37.48 78.43 -50.13
C ILE B 722 -38.87 78.43 -49.51
N ALA B 723 -39.05 77.66 -48.44
CA ALA B 723 -40.39 77.58 -47.87
C ALA B 723 -40.81 78.88 -47.13
N LEU B 724 -39.82 79.71 -46.83
CA LEU B 724 -40.07 81.04 -46.31
C LEU B 724 -40.84 81.83 -47.32
N GLY B 725 -40.65 81.51 -48.59
CA GLY B 725 -41.38 82.14 -49.67
C GLY B 725 -40.61 83.27 -50.34
N ALA B 726 -39.96 84.09 -49.50
CA ALA B 726 -39.24 85.27 -49.99
C ALA B 726 -37.77 85.01 -50.26
N GLY B 727 -37.27 83.87 -49.74
CA GLY B 727 -35.87 83.46 -49.89
C GLY B 727 -34.91 83.97 -48.82
N GLY B 728 -35.41 84.02 -47.58
CA GLY B 728 -34.68 84.63 -46.45
C GLY B 728 -35.61 85.45 -45.57
N LEU B 729 -35.12 85.84 -44.41
CA LEU B 729 -35.94 86.59 -43.48
C LEU B 729 -36.10 88.04 -43.89
N PRO B 730 -37.34 88.57 -43.73
CA PRO B 730 -37.72 89.95 -43.97
C PRO B 730 -36.95 90.96 -43.14
N MET B 731 -36.48 91.99 -43.84
CA MET B 731 -35.76 93.09 -43.24
C MET B 731 -36.69 94.03 -42.49
N GLY B 732 -36.29 94.42 -41.29
CA GLY B 732 -37.03 95.44 -40.53
C GLY B 732 -38.40 95.02 -39.99
N ARG B 733 -38.57 93.70 -39.87
CA ARG B 733 -39.80 93.11 -39.34
C ARG B 733 -39.42 92.23 -38.16
N ILE B 734 -40.40 91.90 -37.33
CA ILE B 734 -40.11 91.02 -36.21
C ILE B 734 -40.30 89.56 -36.57
N VAL B 735 -39.32 88.75 -36.16
CA VAL B 735 -39.33 87.31 -36.36
C VAL B 735 -39.25 86.56 -35.03
N GLU B 736 -40.16 85.61 -34.83
CA GLU B 736 -40.13 84.70 -33.71
C GLU B 736 -39.75 83.33 -34.21
N ILE B 737 -38.61 82.82 -33.75
CA ILE B 737 -38.23 81.43 -33.91
C ILE B 737 -38.35 80.78 -32.54
N TYR B 738 -39.14 79.73 -32.47
CA TYR B 738 -39.34 79.06 -31.23
C TYR B 738 -39.12 77.61 -31.41
N GLY B 739 -39.08 76.90 -30.30
CA GLY B 739 -39.01 75.43 -30.28
C GLY B 739 -38.71 74.85 -28.91
N PRO B 740 -38.66 73.51 -28.80
CA PRO B 740 -38.16 72.96 -27.53
C PRO B 740 -36.71 73.37 -27.33
N GLU B 741 -36.24 73.30 -26.09
CA GLU B 741 -34.80 73.37 -25.82
C GLU B 741 -34.06 72.31 -26.65
N SER B 742 -32.80 72.60 -26.98
CA SER B 742 -31.96 71.69 -27.77
C SER B 742 -32.67 71.21 -29.03
N SER B 743 -33.20 72.14 -29.82
CA SER B 743 -33.87 71.80 -31.08
C SER B 743 -32.98 72.12 -32.28
N GLY B 744 -32.40 73.31 -32.22
CA GLY B 744 -31.54 73.84 -33.25
C GLY B 744 -31.70 75.34 -33.31
N LYS B 745 -32.66 75.82 -32.53
CA LYS B 745 -33.08 77.20 -32.62
C LYS B 745 -31.92 78.18 -32.54
N THR B 746 -30.92 77.86 -31.73
CA THR B 746 -29.76 78.75 -31.66
C THR B 746 -28.85 78.58 -32.88
N THR B 747 -28.59 77.34 -33.28
CA THR B 747 -27.72 77.12 -34.45
C THR B 747 -28.16 78.02 -35.60
N LEU B 748 -29.46 77.94 -35.89
CA LEU B 748 -30.11 78.73 -36.91
C LEU B 748 -29.96 80.20 -36.62
N THR B 749 -30.32 80.58 -35.41
CA THR B 749 -30.12 81.93 -34.93
C THR B 749 -28.71 82.42 -35.23
N LEU B 750 -27.70 81.61 -34.94
CA LEU B 750 -26.33 82.03 -35.14
C LEU B 750 -25.99 82.07 -36.58
N GLN B 751 -26.69 81.25 -37.36
CA GLN B 751 -26.42 81.13 -38.77
C GLN B 751 -26.80 82.37 -39.59
N VAL B 752 -27.87 83.02 -39.16
CA VAL B 752 -28.29 84.24 -39.80
C VAL B 752 -27.35 85.37 -39.43
N ILE B 753 -26.93 85.41 -38.16
CA ILE B 753 -25.95 86.39 -37.70
C ILE B 753 -24.66 86.29 -38.50
N ALA B 754 -24.40 85.08 -38.97
CA ALA B 754 -23.24 84.81 -39.83
C ALA B 754 -23.47 85.36 -41.21
N ALA B 755 -24.48 84.81 -41.89
CA ALA B 755 -24.80 85.18 -43.26
C ALA B 755 -24.95 86.68 -43.44
N ALA B 756 -25.30 87.36 -42.36
CA ALA B 756 -25.43 88.80 -42.38
C ALA B 756 -24.07 89.47 -42.33
N GLN B 757 -23.21 88.95 -41.45
CA GLN B 757 -21.89 89.52 -41.23
C GLN B 757 -20.97 89.37 -42.43
N ARG B 758 -21.33 88.45 -43.31
CA ARG B 758 -20.57 88.22 -44.53
C ARG B 758 -21.20 88.96 -45.73
N GLU B 759 -22.03 89.95 -45.43
CA GLU B 759 -22.52 90.85 -46.46
C GLU B 759 -22.19 92.26 -46.02
N GLY B 760 -21.55 92.37 -44.85
CA GLY B 760 -21.22 93.65 -44.25
C GLY B 760 -22.09 94.00 -43.05
N LYS B 761 -23.40 93.91 -43.26
CA LYS B 761 -24.43 94.29 -42.27
C LYS B 761 -24.12 93.79 -40.86
N THR B 762 -24.05 94.68 -39.87
CA THR B 762 -23.61 94.32 -38.52
C THR B 762 -24.76 94.12 -37.57
N CYS B 763 -24.52 93.20 -36.64
CA CYS B 763 -25.57 92.58 -35.81
C CYS B 763 -25.38 92.74 -34.32
N ALA B 764 -26.48 92.56 -33.60
CA ALA B 764 -26.46 92.66 -32.16
C ALA B 764 -27.14 91.48 -31.53
N PHE B 765 -26.61 91.07 -30.39
CA PHE B 765 -27.04 89.89 -29.66
C PHE B 765 -27.31 90.28 -28.22
N ILE B 766 -28.59 90.26 -27.87
CA ILE B 766 -29.00 90.58 -26.52
C ILE B 766 -29.10 89.27 -25.77
N ASP B 767 -28.35 89.15 -24.69
CA ASP B 767 -28.27 87.87 -23.96
C ASP B 767 -28.83 87.87 -22.53
N ALA B 768 -29.95 87.17 -22.36
CA ALA B 768 -30.49 86.90 -21.05
C ALA B 768 -30.19 85.47 -20.63
N GLU B 769 -29.63 84.68 -21.57
CA GLU B 769 -29.37 83.23 -21.39
C GLU B 769 -27.96 82.90 -20.91
N HIS B 770 -27.00 83.66 -21.41
CA HIS B 770 -25.59 83.45 -21.12
C HIS B 770 -25.30 82.02 -21.50
N ALA B 771 -25.45 81.79 -22.80
CA ALA B 771 -25.32 80.47 -23.39
C ALA B 771 -24.13 80.42 -24.35
N LEU B 772 -24.42 80.87 -25.58
CA LEU B 772 -23.48 81.09 -26.67
C LEU B 772 -22.07 80.45 -26.57
N ASP B 773 -21.83 79.48 -27.43
CA ASP B 773 -20.50 78.91 -27.54
C ASP B 773 -19.69 79.67 -28.60
N PRO B 774 -18.76 80.50 -28.14
CA PRO B 774 -17.96 81.26 -29.10
C PRO B 774 -17.40 80.33 -30.16
N ILE B 775 -16.74 79.28 -29.73
CA ILE B 775 -16.04 78.36 -30.60
C ILE B 775 -16.97 77.79 -31.68
N TYR B 776 -18.16 77.36 -31.26
CA TYR B 776 -19.15 76.86 -32.21
C TYR B 776 -19.57 77.97 -33.20
N ALA B 777 -19.74 79.18 -32.71
CA ALA B 777 -20.13 80.25 -33.60
C ALA B 777 -19.02 80.47 -34.59
N ARG B 778 -17.79 80.48 -34.09
CA ARG B 778 -16.63 80.72 -34.92
C ARG B 778 -16.60 79.71 -36.06
N LYS B 779 -16.86 78.45 -35.74
CA LYS B 779 -16.82 77.39 -36.75
C LYS B 779 -18.09 77.41 -37.61
N LEU B 780 -19.14 78.07 -37.12
CA LEU B 780 -20.34 78.22 -37.92
C LEU B 780 -20.17 79.32 -38.95
N GLY B 781 -19.29 80.26 -38.63
CA GLY B 781 -18.94 81.36 -39.54
C GLY B 781 -19.21 82.76 -39.04
N VAL B 782 -19.24 82.93 -37.73
CA VAL B 782 -19.55 84.24 -37.13
C VAL B 782 -18.29 84.98 -36.77
N ASP B 783 -18.21 86.24 -37.20
CA ASP B 783 -17.14 87.12 -36.79
C ASP B 783 -17.48 87.59 -35.38
N ILE B 784 -17.07 86.79 -34.41
CA ILE B 784 -17.39 87.05 -33.04
C ILE B 784 -16.88 88.41 -32.61
N ASP B 785 -15.66 88.74 -33.04
CA ASP B 785 -15.00 89.96 -32.60
C ASP B 785 -15.86 91.19 -32.86
N ASN B 786 -16.53 91.21 -34.02
CA ASN B 786 -17.32 92.39 -34.47
C ASN B 786 -18.84 92.25 -34.27
N LEU B 787 -19.24 91.27 -33.46
CA LEU B 787 -20.63 91.09 -33.10
C LEU B 787 -20.89 91.89 -31.84
N LEU B 788 -22.11 92.36 -31.68
CA LEU B 788 -22.44 93.14 -30.50
C LEU B 788 -23.19 92.34 -29.51
N CYS B 789 -22.71 92.38 -28.28
CA CYS B 789 -23.37 91.63 -27.23
C CYS B 789 -23.83 92.54 -26.14
N SER B 790 -25.00 92.22 -25.58
CA SER B 790 -25.58 92.99 -24.49
C SER B 790 -26.21 92.13 -23.45
N GLN B 791 -25.57 92.11 -22.29
CA GLN B 791 -25.99 91.27 -21.18
C GLN B 791 -26.73 92.13 -20.17
N PRO B 792 -28.03 92.32 -20.38
CA PRO B 792 -28.80 93.31 -19.67
C PRO B 792 -29.17 92.85 -18.31
N ASP B 793 -29.55 93.81 -17.48
CA ASP B 793 -29.97 93.62 -16.09
C ASP B 793 -31.49 93.25 -15.98
N THR B 794 -32.31 93.90 -16.79
CA THR B 794 -33.73 93.59 -16.79
C THR B 794 -34.27 93.40 -18.17
N GLY B 795 -35.25 92.50 -18.26
CA GLY B 795 -35.98 92.29 -19.50
C GLY B 795 -36.37 93.62 -20.10
N GLU B 796 -37.08 94.42 -19.31
CA GLU B 796 -37.43 95.78 -19.73
C GLU B 796 -36.18 96.38 -20.39
N GLN B 797 -35.16 96.65 -19.58
CA GLN B 797 -33.91 97.25 -20.07
C GLN B 797 -33.50 96.60 -21.39
N ALA B 798 -33.48 95.27 -21.42
CA ALA B 798 -33.11 94.55 -22.60
C ALA B 798 -33.87 95.10 -23.80
N LEU B 799 -35.19 95.04 -23.73
CA LEU B 799 -36.00 95.52 -24.83
C LEU B 799 -35.64 96.94 -25.18
N GLU B 800 -35.61 97.80 -24.17
CA GLU B 800 -35.35 99.23 -24.35
C GLU B 800 -34.03 99.49 -25.06
N ILE B 801 -33.11 98.53 -24.96
CA ILE B 801 -31.85 98.66 -25.64
C ILE B 801 -32.09 98.48 -27.12
N CYS B 802 -32.87 97.47 -27.48
CA CYS B 802 -33.24 97.26 -28.86
C CYS B 802 -33.83 98.56 -29.41
N ASP B 803 -34.70 99.18 -28.61
CA ASP B 803 -35.35 100.43 -28.98
C ASP B 803 -34.39 101.37 -29.71
N ALA B 804 -33.36 101.82 -28.98
CA ALA B 804 -32.41 102.77 -29.54
C ALA B 804 -31.43 102.10 -30.50
N LEU B 805 -31.34 100.78 -30.46
CA LEU B 805 -30.54 100.04 -31.43
C LEU B 805 -31.29 100.02 -32.75
N ALA B 806 -32.60 100.16 -32.67
CA ALA B 806 -33.42 100.32 -33.85
C ALA B 806 -33.18 101.70 -34.43
N ARG B 807 -33.34 102.74 -33.62
CA ARG B 807 -33.03 104.13 -34.04
C ARG B 807 -31.52 104.35 -34.13
N SER B 808 -30.91 103.71 -35.13
CA SER B 808 -29.51 103.93 -35.49
C SER B 808 -29.37 103.67 -36.98
N GLY B 809 -30.07 102.61 -37.43
CA GLY B 809 -30.08 102.20 -38.84
C GLY B 809 -28.83 101.45 -39.20
N ALA B 810 -27.97 101.30 -38.18
CA ALA B 810 -26.62 100.72 -38.29
C ALA B 810 -26.54 99.35 -37.62
N VAL B 811 -27.58 99.03 -36.86
CA VAL B 811 -27.76 97.66 -36.43
C VAL B 811 -28.76 97.10 -37.41
N ASP B 812 -28.36 96.09 -38.17
CA ASP B 812 -29.23 95.54 -39.21
C ASP B 812 -29.92 94.27 -38.79
N VAL B 813 -29.45 93.71 -37.68
CA VAL B 813 -30.00 92.48 -37.14
C VAL B 813 -29.77 92.40 -35.64
N ILE B 814 -30.89 92.34 -34.93
CA ILE B 814 -30.87 92.13 -33.51
C ILE B 814 -31.38 90.72 -33.23
N VAL B 815 -30.69 90.01 -32.34
CA VAL B 815 -31.13 88.69 -31.87
C VAL B 815 -31.28 88.64 -30.34
N VAL B 816 -32.41 88.09 -29.92
CA VAL B 816 -32.77 88.04 -28.52
C VAL B 816 -32.93 86.60 -28.00
N ASP B 817 -32.03 86.24 -27.09
CA ASP B 817 -31.97 84.94 -26.45
C ASP B 817 -32.21 85.20 -24.94
N SER B 818 -33.41 84.91 -24.43
CA SER B 818 -34.56 84.45 -25.19
C SER B 818 -35.78 84.95 -24.47
N VAL B 819 -36.89 84.98 -25.18
CA VAL B 819 -38.14 85.54 -24.67
C VAL B 819 -38.44 85.12 -23.27
N ALA B 820 -38.48 83.83 -23.02
CA ALA B 820 -38.85 83.32 -21.69
C ALA B 820 -37.93 83.86 -20.59
N ALA B 821 -36.65 84.04 -20.92
CA ALA B 821 -35.62 84.51 -19.98
C ALA B 821 -35.59 86.02 -19.74
N LEU B 822 -36.28 86.79 -20.58
CA LEU B 822 -36.47 88.24 -20.40
C LEU B 822 -37.34 88.57 -19.19
N THR B 823 -37.01 87.97 -18.07
CA THR B 823 -37.83 88.11 -16.89
C THR B 823 -37.70 89.53 -16.35
N PRO B 824 -38.85 90.19 -16.12
CA PRO B 824 -39.01 91.61 -15.78
C PRO B 824 -38.48 92.06 -14.43
N LYS B 825 -38.45 93.38 -14.23
CA LYS B 825 -37.91 93.99 -13.01
C LYS B 825 -38.77 93.61 -11.84
N ALA B 826 -40.07 93.63 -12.10
CA ALA B 826 -41.06 93.22 -11.13
C ALA B 826 -40.72 91.86 -10.48
N GLU B 827 -40.27 90.91 -11.32
CA GLU B 827 -39.95 89.56 -10.89
C GLU B 827 -38.54 89.52 -10.29
N ILE B 828 -37.69 90.40 -10.77
CA ILE B 828 -36.36 90.52 -10.20
C ILE B 828 -36.50 91.05 -8.76
N GLY B 838 -44.80 84.45 -14.14
CA GLY B 838 -46.24 84.38 -13.88
C GLY B 838 -47.07 85.29 -14.77
N LEU B 839 -47.31 86.51 -14.27
CA LEU B 839 -48.25 87.49 -14.90
C LEU B 839 -47.63 88.52 -15.94
N ALA B 840 -46.42 89.03 -15.66
CA ALA B 840 -45.81 90.08 -16.47
C ALA B 840 -45.26 89.61 -17.85
N ALA B 841 -46.11 88.93 -18.62
CA ALA B 841 -45.93 88.83 -20.05
C ALA B 841 -46.35 90.18 -20.65
N ARG B 842 -46.82 91.08 -19.78
CA ARG B 842 -47.27 92.46 -20.09
C ARG B 842 -46.12 93.33 -20.58
N MET B 843 -44.96 93.09 -19.98
CA MET B 843 -43.71 93.74 -20.35
C MET B 843 -43.45 93.52 -21.83
N MET B 844 -43.59 92.28 -22.28
CA MET B 844 -43.47 91.95 -23.68
C MET B 844 -44.45 92.78 -24.52
N SER B 845 -45.64 92.99 -23.99
CA SER B 845 -46.68 93.66 -24.72
C SER B 845 -46.34 95.13 -24.88
N GLN B 846 -45.59 95.65 -23.92
CA GLN B 846 -45.38 97.09 -23.80
C GLN B 846 -44.63 97.70 -24.99
N ALA B 847 -43.32 97.87 -24.83
CA ALA B 847 -42.47 98.52 -25.83
C ALA B 847 -42.46 97.74 -27.15
N MET B 848 -43.33 96.74 -27.24
CA MET B 848 -43.47 95.95 -28.44
C MET B 848 -43.88 96.80 -29.63
N ARG B 849 -45.04 97.45 -29.53
CA ARG B 849 -45.64 98.19 -30.65
C ARG B 849 -44.76 99.33 -31.14
N LYS B 850 -44.08 100.01 -30.21
CA LYS B 850 -43.19 101.12 -30.54
C LYS B 850 -41.96 100.63 -31.31
N LEU B 851 -41.47 99.46 -30.91
CA LEU B 851 -40.30 98.87 -31.54
C LEU B 851 -40.63 98.39 -32.95
N ALA B 852 -41.88 97.98 -33.13
CA ALA B 852 -42.38 97.50 -34.41
C ALA B 852 -42.00 98.46 -35.54
N GLY B 853 -42.36 99.74 -35.35
CA GLY B 853 -42.13 100.78 -36.34
C GLY B 853 -40.67 101.13 -36.56
N ASN B 854 -39.95 101.38 -35.47
CA ASN B 854 -38.57 101.86 -35.54
C ASN B 854 -37.68 101.01 -36.45
N LEU B 855 -38.16 99.81 -36.79
CA LEU B 855 -37.37 98.86 -37.56
C LEU B 855 -37.53 98.99 -39.08
N LYS B 856 -38.72 99.37 -39.54
CA LYS B 856 -38.98 99.64 -40.96
C LYS B 856 -38.16 100.83 -41.47
N GLN B 857 -37.84 101.78 -40.57
CA GLN B 857 -37.02 102.98 -40.87
C GLN B 857 -35.55 102.79 -40.56
N SER B 858 -35.12 101.52 -40.50
CA SER B 858 -33.75 101.13 -40.17
C SER B 858 -33.34 99.88 -40.92
N ASN B 859 -34.35 99.18 -41.43
CA ASN B 859 -34.22 97.81 -41.91
C ASN B 859 -33.79 96.86 -40.78
N THR B 860 -33.71 97.40 -39.57
CA THR B 860 -33.30 96.63 -38.39
C THR B 860 -34.17 95.38 -38.18
N LEU B 861 -33.63 94.23 -38.58
CA LEU B 861 -34.31 92.95 -38.43
C LEU B 861 -34.14 92.39 -37.01
N LEU B 862 -35.24 92.22 -36.30
CA LEU B 862 -35.18 91.67 -34.96
C LEU B 862 -35.77 90.28 -34.93
N ILE B 863 -34.99 89.37 -34.33
CA ILE B 863 -35.35 87.98 -34.11
C ILE B 863 -35.47 87.65 -32.62
N PHE B 864 -36.61 87.08 -32.25
CA PHE B 864 -36.87 86.59 -30.91
C PHE B 864 -36.73 85.05 -30.85
N ILE B 865 -36.49 84.51 -29.66
CA ILE B 865 -36.47 83.07 -29.45
C ILE B 865 -37.34 82.62 -28.24
N ASN B 866 -38.26 81.70 -28.44
CA ASN B 866 -39.20 81.30 -27.39
C ASN B 866 -39.06 79.78 -27.14
N GLN B 867 -39.91 79.21 -26.24
CA GLN B 867 -40.10 77.73 -25.94
C GLN B 867 -41.60 77.23 -25.89
N GLY B 884 -43.39 82.74 -22.96
CA GLY B 884 -43.51 84.02 -23.68
C GLY B 884 -44.87 84.72 -23.59
N GLY B 885 -45.00 85.95 -24.14
CA GLY B 885 -46.25 86.77 -24.04
C GLY B 885 -47.04 86.93 -25.35
N ASN B 886 -48.37 87.13 -25.22
CA ASN B 886 -49.32 87.07 -26.36
C ASN B 886 -49.05 88.00 -27.56
N ALA B 887 -48.43 89.15 -27.28
CA ALA B 887 -48.22 90.18 -28.29
C ALA B 887 -47.39 89.73 -29.48
N LEU B 888 -46.29 89.05 -29.17
CA LEU B 888 -45.34 88.64 -30.17
C LEU B 888 -46.01 87.88 -31.29
N LYS B 889 -46.88 86.95 -30.91
CA LYS B 889 -47.64 86.11 -31.86
C LYS B 889 -48.17 86.89 -33.06
N PHE B 890 -48.47 88.16 -32.84
CA PHE B 890 -49.09 88.96 -33.86
C PHE B 890 -48.13 89.90 -34.54
N TYR B 891 -47.40 90.70 -33.75
CA TYR B 891 -46.49 91.69 -34.34
C TYR B 891 -45.34 91.07 -35.16
N ALA B 892 -45.13 89.76 -34.98
CA ALA B 892 -44.18 89.02 -35.78
C ALA B 892 -44.67 89.02 -37.22
N SER B 893 -43.73 89.14 -38.14
CA SER B 893 -44.07 89.10 -39.54
C SER B 893 -43.82 87.69 -40.04
N VAL B 894 -42.88 87.01 -39.40
CA VAL B 894 -42.60 85.61 -39.69
C VAL B 894 -42.33 84.82 -38.41
N ARG B 895 -43.02 83.69 -38.28
CA ARG B 895 -42.82 82.78 -37.15
C ARG B 895 -42.39 81.39 -37.58
N LEU B 896 -41.24 80.98 -37.05
CA LEU B 896 -40.60 79.71 -37.37
C LEU B 896 -40.73 78.63 -36.29
N ASP B 897 -40.96 77.39 -36.72
CA ASP B 897 -41.08 76.25 -35.79
C ASP B 897 -40.00 75.22 -36.04
N ILE B 898 -38.96 75.24 -35.21
CA ILE B 898 -37.91 74.25 -35.31
C ILE B 898 -38.15 73.19 -34.27
N ARG B 899 -38.01 71.94 -34.69
CA ARG B 899 -38.07 70.77 -33.79
C ARG B 899 -36.98 69.81 -34.25
N ARG B 900 -36.41 69.05 -33.32
CA ARG B 900 -35.43 68.06 -33.73
C ARG B 900 -36.16 66.73 -33.86
N ILE B 901 -35.95 66.00 -34.96
CA ILE B 901 -36.70 64.74 -35.14
C ILE B 901 -35.92 63.42 -35.09
N GLY B 902 -34.72 63.38 -35.67
CA GLY B 902 -33.99 62.10 -35.85
C GLY B 902 -32.61 62.01 -35.22
N ALA B 903 -31.60 61.99 -36.07
CA ALA B 903 -30.21 61.83 -35.65
C ALA B 903 -29.40 61.29 -36.82
N VAL B 904 -28.12 61.64 -36.87
CA VAL B 904 -27.29 61.21 -37.97
C VAL B 904 -26.06 60.43 -37.52
N LYS B 905 -25.94 59.23 -38.05
CA LYS B 905 -24.88 58.33 -37.64
C LYS B 905 -23.79 58.11 -38.71
N GLU B 906 -22.52 58.31 -38.29
CA GLU B 906 -21.31 58.03 -39.12
C GLU B 906 -20.75 56.68 -38.72
N GLY B 907 -21.15 55.67 -39.50
CA GLY B 907 -20.94 54.28 -39.14
C GLY B 907 -21.87 53.94 -37.99
N GLU B 908 -21.45 54.30 -36.78
CA GLU B 908 -22.22 54.08 -35.56
C GLU B 908 -21.76 55.09 -34.50
N ASN B 909 -22.22 56.33 -34.64
CA ASN B 909 -21.78 57.42 -33.78
C ASN B 909 -22.65 58.67 -33.97
N VAL B 910 -23.34 59.09 -32.91
CA VAL B 910 -24.29 60.22 -32.96
C VAL B 910 -23.58 61.52 -33.30
N VAL B 911 -23.55 61.91 -34.58
CA VAL B 911 -22.85 63.15 -34.95
C VAL B 911 -23.75 64.25 -35.54
N GLY B 912 -25.06 63.99 -35.53
CA GLY B 912 -26.01 64.95 -36.08
C GLY B 912 -27.48 64.85 -35.66
N SER B 913 -28.17 65.99 -35.72
CA SER B 913 -29.60 66.07 -35.42
C SER B 913 -30.35 66.41 -36.68
N GLU B 914 -31.30 65.55 -37.06
CA GLU B 914 -32.15 65.82 -38.21
C GLU B 914 -33.28 66.76 -37.80
N THR B 915 -33.27 67.97 -38.34
CA THR B 915 -34.24 68.98 -37.93
C THR B 915 -35.30 69.24 -38.97
N ARG B 916 -36.36 69.92 -38.54
CA ARG B 916 -37.52 70.27 -39.37
C ARG B 916 -38.02 71.66 -38.98
N VAL B 917 -38.02 72.57 -39.95
CA VAL B 917 -38.49 73.91 -39.73
C VAL B 917 -39.78 74.14 -40.49
N LYS B 918 -40.79 74.60 -39.75
CA LYS B 918 -42.11 74.84 -40.29
C LYS B 918 -42.45 76.33 -40.15
N VAL B 919 -42.75 76.99 -41.28
CA VAL B 919 -43.09 78.41 -41.25
C VAL B 919 -44.55 78.52 -40.94
N VAL B 920 -44.90 78.71 -39.68
CA VAL B 920 -46.30 78.65 -39.30
C VAL B 920 -46.99 79.98 -39.42
N LYS B 921 -46.21 81.05 -39.36
CA LYS B 921 -46.76 82.38 -39.65
C LYS B 921 -45.91 83.08 -40.69
N ASN B 922 -46.55 83.53 -41.76
CA ASN B 922 -45.83 84.17 -42.85
C ASN B 922 -46.61 85.27 -43.56
N LYS B 923 -46.41 86.50 -43.11
CA LYS B 923 -46.99 87.67 -43.76
C LYS B 923 -45.91 88.33 -44.65
N ILE B 924 -45.17 87.50 -45.39
CA ILE B 924 -44.22 88.00 -46.38
C ILE B 924 -44.46 87.31 -47.71
N ALA B 925 -44.97 86.09 -47.62
CA ALA B 925 -45.33 85.29 -48.78
C ALA B 925 -46.23 84.14 -48.37
N ALA B 926 -46.02 82.98 -48.98
CA ALA B 926 -46.82 81.82 -48.69
C ALA B 926 -46.51 81.17 -47.31
N PRO B 927 -47.52 81.06 -46.44
CA PRO B 927 -47.37 80.44 -45.13
C PRO B 927 -47.65 78.94 -45.14
N PHE B 928 -47.12 78.26 -44.12
CA PHE B 928 -47.39 76.85 -43.82
C PHE B 928 -46.50 75.85 -44.56
N LYS B 929 -45.67 76.38 -45.46
CA LYS B 929 -44.71 75.56 -46.20
C LYS B 929 -43.57 75.17 -45.25
N GLN B 930 -42.95 74.02 -45.50
CA GLN B 930 -41.93 73.43 -44.59
C GLN B 930 -40.62 72.95 -45.25
N ALA B 931 -39.60 72.76 -44.42
CA ALA B 931 -38.26 72.46 -44.89
C ALA B 931 -37.51 71.61 -43.89
N GLU B 932 -36.95 70.49 -44.35
CA GLU B 932 -36.15 69.57 -43.53
C GLU B 932 -34.67 69.57 -43.92
N PHE B 933 -33.78 69.53 -42.93
CA PHE B 933 -32.35 69.60 -43.19
C PHE B 933 -31.52 69.07 -42.02
N GLN B 934 -30.22 68.92 -42.26
CA GLN B 934 -29.31 68.38 -41.25
C GLN B 934 -28.52 69.46 -40.51
N ILE B 935 -28.32 69.23 -39.21
CA ILE B 935 -27.37 70.01 -38.40
C ILE B 935 -26.28 69.10 -37.87
N LEU B 936 -25.03 69.46 -38.15
CA LEU B 936 -23.92 68.67 -37.69
C LEU B 936 -23.10 69.32 -36.60
N TYR B 937 -22.88 68.58 -35.52
CA TYR B 937 -22.06 69.03 -34.42
C TYR B 937 -20.76 69.58 -34.95
N GLY B 938 -20.51 70.87 -34.71
CA GLY B 938 -19.22 71.48 -35.05
C GLY B 938 -18.99 71.88 -36.51
N GLU B 939 -20.07 71.95 -37.28
CA GLU B 939 -20.01 72.44 -38.66
C GLU B 939 -21.30 73.21 -38.98
N GLY B 940 -22.40 72.81 -38.36
CA GLY B 940 -23.66 73.54 -38.48
C GLY B 940 -24.59 73.06 -39.58
N ILE B 941 -25.50 73.93 -40.01
CA ILE B 941 -26.46 73.61 -41.05
C ILE B 941 -25.75 73.00 -42.23
N ASN B 942 -26.33 71.92 -42.76
CA ASN B 942 -25.66 71.17 -43.82
C ASN B 942 -26.04 71.57 -45.24
N PHE B 943 -25.40 72.63 -45.71
CA PHE B 943 -25.67 73.29 -47.01
C PHE B 943 -25.84 72.27 -48.11
N TYR B 944 -24.83 71.43 -48.24
CA TYR B 944 -24.74 70.50 -49.35
C TYR B 944 -25.79 69.41 -49.22
N GLY B 945 -26.07 69.04 -47.98
CA GLY B 945 -27.00 67.96 -47.70
C GLY B 945 -28.39 68.19 -48.25
N GLU B 946 -28.90 69.39 -48.03
CA GLU B 946 -30.16 69.75 -48.59
C GLU B 946 -29.96 70.08 -50.07
N LEU B 947 -28.76 70.48 -50.46
CA LEU B 947 -28.53 70.86 -51.85
C LEU B 947 -28.73 69.69 -52.76
N VAL B 948 -28.25 68.53 -52.35
CA VAL B 948 -28.42 67.31 -53.11
C VAL B 948 -29.89 67.01 -53.29
N ASP B 949 -30.61 66.92 -52.19
CA ASP B 949 -32.05 66.67 -52.20
C ASP B 949 -32.82 67.60 -53.16
N LEU B 950 -32.43 68.88 -53.18
CA LEU B 950 -33.11 69.86 -54.00
C LEU B 950 -32.94 69.52 -55.46
N GLY B 951 -31.71 69.15 -55.82
CA GLY B 951 -31.37 68.83 -57.21
C GLY B 951 -31.97 67.53 -57.72
N VAL B 952 -32.51 66.74 -56.80
CA VAL B 952 -33.20 65.52 -57.16
C VAL B 952 -34.64 65.86 -57.51
N LYS B 953 -35.23 66.73 -56.70
CA LYS B 953 -36.61 67.14 -56.90
C LYS B 953 -36.73 68.25 -57.96
N GLU B 954 -35.58 68.81 -58.36
CA GLU B 954 -35.55 69.76 -59.50
C GLU B 954 -34.78 69.21 -60.70
N LYS B 955 -34.58 67.90 -60.69
CA LYS B 955 -34.19 67.11 -61.88
C LYS B 955 -32.81 67.43 -62.46
N LEU B 956 -31.99 68.14 -61.69
CA LEU B 956 -30.60 68.37 -62.05
C LEU B 956 -29.72 67.16 -61.73
N ILE B 957 -30.10 66.41 -60.69
CA ILE B 957 -29.42 65.18 -60.30
C ILE B 957 -30.39 64.02 -60.32
N GLU B 958 -29.94 62.91 -60.86
CA GLU B 958 -30.84 61.83 -61.26
C GLU B 958 -30.75 60.62 -60.36
N LYS B 959 -31.89 60.26 -59.76
CA LYS B 959 -31.95 59.13 -58.85
C LYS B 959 -32.23 57.82 -59.59
N ALA B 960 -31.22 56.95 -59.67
CA ALA B 960 -31.35 55.61 -60.27
C ALA B 960 -31.62 54.52 -59.20
N GLY B 961 -32.66 54.76 -58.40
CA GLY B 961 -32.98 53.92 -57.24
C GLY B 961 -32.12 54.25 -56.02
N ALA B 962 -30.85 53.82 -56.08
CA ALA B 962 -29.85 54.05 -55.03
C ALA B 962 -28.67 54.91 -55.53
N TRP B 963 -28.56 55.08 -56.85
CA TRP B 963 -27.44 55.76 -57.48
C TRP B 963 -27.72 57.25 -57.75
N TYR B 964 -26.69 58.08 -57.63
CA TYR B 964 -26.82 59.50 -57.81
C TYR B 964 -25.97 60.05 -58.97
N SER B 965 -26.65 60.45 -60.04
CA SER B 965 -25.98 60.87 -61.29
C SER B 965 -26.15 62.36 -61.58
N TYR B 966 -25.07 62.99 -62.05
CA TYR B 966 -25.13 64.37 -62.56
C TYR B 966 -24.85 64.43 -64.05
N LYS B 967 -25.89 64.15 -64.83
CA LYS B 967 -25.86 64.14 -66.31
C LYS B 967 -24.69 63.34 -66.92
N GLY B 968 -24.92 62.04 -67.14
CA GLY B 968 -23.90 61.11 -67.67
C GLY B 968 -22.95 60.57 -66.61
N GLU B 969 -22.30 61.51 -65.93
CA GLU B 969 -21.44 61.32 -64.75
C GLU B 969 -22.18 60.73 -63.50
N LYS B 970 -21.63 59.64 -62.93
CA LYS B 970 -22.16 59.03 -61.70
C LYS B 970 -21.38 59.56 -60.50
N ILE B 971 -22.06 60.29 -59.62
CA ILE B 971 -21.36 61.02 -58.55
C ILE B 971 -21.48 60.48 -57.14
N GLY B 972 -22.33 59.48 -56.94
CA GLY B 972 -22.48 58.87 -55.62
C GLY B 972 -23.48 57.73 -55.49
N GLN B 973 -23.37 56.98 -54.39
CA GLN B 973 -24.25 55.87 -54.10
C GLN B 973 -24.64 55.97 -52.64
N GLY B 974 -25.94 56.11 -52.39
CA GLY B 974 -26.46 56.41 -51.05
C GLY B 974 -26.30 57.89 -50.72
N LYS B 975 -27.40 58.55 -50.37
CA LYS B 975 -27.42 59.99 -50.16
C LYS B 975 -26.09 60.53 -49.62
N ALA B 976 -25.59 59.88 -48.59
CA ALA B 976 -24.38 60.32 -47.90
C ALA B 976 -23.20 60.55 -48.85
N ASN B 977 -22.74 59.46 -49.47
CA ASN B 977 -21.56 59.51 -50.31
C ASN B 977 -21.68 60.51 -51.44
N ALA B 978 -22.92 60.85 -51.79
CA ALA B 978 -23.19 61.85 -52.82
C ALA B 978 -23.08 63.21 -52.19
N THR B 979 -23.71 63.36 -51.04
CA THR B 979 -23.64 64.61 -50.32
C THR B 979 -22.22 65.07 -50.37
N ALA B 980 -21.34 64.30 -49.73
CA ALA B 980 -19.97 64.72 -49.56
C ALA B 980 -19.12 64.66 -50.87
N TRP B 981 -19.80 64.73 -52.02
CA TRP B 981 -19.09 64.84 -53.29
C TRP B 981 -19.16 66.25 -53.82
N LEU B 982 -20.25 66.93 -53.51
CA LEU B 982 -20.33 68.32 -53.82
C LEU B 982 -19.34 69.07 -52.94
N LYS B 983 -19.06 68.53 -51.77
CA LYS B 983 -18.07 69.10 -50.86
C LYS B 983 -16.66 68.96 -51.41
N ASP B 984 -16.50 68.07 -52.40
CA ASP B 984 -15.19 67.73 -52.95
C ASP B 984 -14.82 68.61 -54.15
N ASN B 985 -15.82 69.02 -54.95
CA ASN B 985 -15.59 70.03 -56.00
C ASN B 985 -16.68 71.14 -56.05
N PRO B 986 -16.48 72.26 -55.31
CA PRO B 986 -17.47 73.34 -55.19
C PRO B 986 -17.73 74.03 -56.53
N GLU B 987 -17.06 73.57 -57.58
CA GLU B 987 -17.22 74.09 -58.92
C GLU B 987 -18.65 73.85 -59.40
N THR B 988 -19.04 72.57 -59.44
CA THR B 988 -20.34 72.16 -59.95
C THR B 988 -21.41 72.51 -58.93
N ALA B 989 -20.99 72.63 -57.68
CA ALA B 989 -21.89 72.95 -56.61
C ALA B 989 -22.49 74.30 -56.85
N LYS B 990 -21.62 75.30 -56.83
CA LYS B 990 -21.98 76.71 -56.97
C LYS B 990 -22.80 76.97 -58.24
N GLU B 991 -22.72 76.04 -59.20
CA GLU B 991 -23.51 76.12 -60.43
C GLU B 991 -24.94 75.63 -60.15
N ILE B 992 -25.05 74.46 -59.54
CA ILE B 992 -26.35 73.90 -59.24
C ILE B 992 -27.02 74.72 -58.16
N GLU B 993 -26.23 75.20 -57.21
CA GLU B 993 -26.73 76.13 -56.19
C GLU B 993 -27.63 77.18 -56.85
N LYS B 994 -27.06 77.90 -57.82
CA LYS B 994 -27.75 79.00 -58.47
C LYS B 994 -28.92 78.50 -59.31
N LYS B 995 -28.70 77.43 -60.07
CA LYS B 995 -29.72 76.93 -61.00
C LYS B 995 -31.01 76.52 -60.28
N VAL B 996 -30.92 76.29 -58.98
CA VAL B 996 -32.07 75.96 -58.15
C VAL B 996 -32.70 77.24 -57.62
N ARG B 997 -31.83 78.19 -57.26
CA ARG B 997 -32.26 79.53 -56.88
C ARG B 997 -33.12 80.10 -58.01
N GLU B 998 -32.66 79.90 -59.25
CA GLU B 998 -33.40 80.35 -60.44
C GLU B 998 -34.74 79.64 -60.64
N LEU B 999 -34.83 78.38 -60.19
CA LEU B 999 -36.05 77.57 -60.39
C LEU B 999 -37.12 77.67 -59.30
N LEU B 1000 -36.77 78.29 -58.16
CA LEU B 1000 -37.73 78.52 -57.05
C LEU B 1000 -37.81 79.95 -56.42
N LEU B 1001 -36.81 80.80 -56.71
CA LEU B 1001 -36.82 82.24 -56.33
C LEU B 1001 -37.05 83.18 -57.55
N LYS B 1029 -22.88 106.36 -43.13
CA LYS B 1029 -21.48 105.90 -42.87
C LYS B 1029 -21.34 105.42 -41.40
N GLN B 1030 -20.11 105.39 -40.88
CA GLN B 1030 -19.79 105.00 -39.49
C GLN B 1030 -20.04 106.14 -38.50
N LYS B 1031 -20.84 107.11 -38.95
CA LYS B 1031 -21.25 108.32 -38.22
C LYS B 1031 -22.33 107.96 -37.17
N ALA B 1032 -23.39 107.30 -37.63
CA ALA B 1032 -24.54 106.93 -36.78
C ALA B 1032 -24.19 105.80 -35.78
N LEU B 1033 -23.19 105.00 -36.14
CA LEU B 1033 -22.76 103.84 -35.34
C LEU B 1033 -21.81 104.28 -34.23
N ALA B 1034 -20.60 104.67 -34.63
CA ALA B 1034 -19.50 105.02 -33.71
C ALA B 1034 -19.86 106.16 -32.73
N ALA B 1035 -21.11 106.60 -32.77
CA ALA B 1035 -21.66 107.59 -31.82
C ALA B 1035 -22.80 106.99 -30.97
N ALA B 1036 -23.84 106.47 -31.63
CA ALA B 1036 -25.02 106.00 -30.91
C ALA B 1036 -24.68 104.92 -29.90
N LEU B 1037 -23.51 104.29 -30.06
CA LEU B 1037 -23.04 103.25 -29.15
C LEU B 1037 -23.02 103.71 -27.70
N GLY B 1038 -22.02 104.52 -27.35
CA GLY B 1038 -21.83 104.99 -25.98
C GLY B 1038 -23.07 105.62 -25.39
N GLN B 1039 -23.96 106.12 -26.25
CA GLN B 1039 -25.21 106.74 -25.84
C GLN B 1039 -25.97 105.81 -24.93
N ILE B 1040 -25.90 104.53 -25.25
CA ILE B 1040 -26.66 103.53 -24.57
C ILE B 1040 -26.02 103.26 -23.22
N GLU B 1041 -24.69 103.30 -23.21
CA GLU B 1041 -23.92 103.13 -21.99
C GLU B 1041 -24.28 104.22 -21.02
N LYS B 1042 -24.43 105.43 -21.54
CA LYS B 1042 -24.76 106.58 -20.70
C LYS B 1042 -26.18 106.47 -20.15
N GLN B 1043 -27.12 106.04 -20.99
CA GLN B 1043 -28.54 106.00 -20.63
C GLN B 1043 -28.88 104.99 -19.52
N PHE B 1044 -28.16 103.86 -19.47
CA PHE B 1044 -28.51 102.76 -18.55
C PHE B 1044 -27.42 102.46 -17.51
N GLY B 1045 -26.45 101.65 -17.92
CA GLY B 1045 -25.30 101.29 -17.09
C GLY B 1045 -24.03 101.32 -17.93
N LYS B 1046 -22.93 101.75 -17.31
CA LYS B 1046 -21.65 101.90 -18.03
C LYS B 1046 -21.07 100.51 -18.31
N GLY B 1047 -21.16 100.08 -19.58
CA GLY B 1047 -20.61 98.81 -20.02
C GLY B 1047 -21.60 97.65 -20.13
N SER B 1048 -22.79 97.91 -20.66
CA SER B 1048 -23.75 96.82 -20.85
C SER B 1048 -24.07 96.64 -22.31
N ILE B 1049 -23.13 97.03 -23.16
CA ILE B 1049 -23.11 96.62 -24.56
C ILE B 1049 -21.69 96.80 -25.04
N MET B 1050 -21.19 95.88 -25.89
CA MET B 1050 -19.88 96.07 -26.56
C MET B 1050 -19.57 95.10 -27.68
N ARG B 1051 -18.52 95.42 -28.43
CA ARG B 1051 -17.93 94.50 -29.41
C ARG B 1051 -17.19 93.44 -28.59
N LEU B 1052 -17.27 92.19 -29.03
CA LEU B 1052 -16.75 91.07 -28.25
C LEU B 1052 -15.25 90.89 -28.37
N GLY B 1053 -14.65 91.46 -29.41
CA GLY B 1053 -13.21 91.38 -29.61
C GLY B 1053 -12.50 92.64 -29.16
N GLU B 1054 -12.81 93.04 -27.92
CA GLU B 1054 -12.34 94.31 -27.36
C GLU B 1054 -11.36 94.25 -26.21
N ASP B 1055 -10.28 95.01 -26.35
CA ASP B 1055 -9.26 95.22 -25.33
C ASP B 1055 -9.85 96.00 -24.16
N ARG B 1056 -10.67 96.99 -24.52
CA ARG B 1056 -11.31 97.92 -23.58
C ARG B 1056 -11.95 97.24 -22.35
N SER B 1057 -11.15 97.08 -21.31
CA SER B 1057 -11.64 96.79 -19.96
C SER B 1057 -11.72 98.10 -19.18
N MET B 1058 -12.35 98.05 -18.02
CA MET B 1058 -12.59 99.26 -17.24
C MET B 1058 -11.71 99.26 -15.99
N ASP B 1059 -11.95 100.25 -15.13
CA ASP B 1059 -11.22 100.39 -13.87
C ASP B 1059 -12.04 99.81 -12.76
N VAL B 1060 -11.62 98.69 -12.21
CA VAL B 1060 -12.10 98.28 -10.91
C VAL B 1060 -11.00 97.57 -10.17
N GLU B 1061 -11.09 97.64 -8.84
CA GLU B 1061 -10.31 96.74 -7.98
C GLU B 1061 -10.65 95.27 -8.34
N THR B 1062 -9.62 94.49 -8.68
CA THR B 1062 -9.79 93.13 -9.14
C THR B 1062 -9.01 92.17 -8.26
N ILE B 1063 -9.71 91.26 -7.58
CA ILE B 1063 -9.03 90.22 -6.79
C ILE B 1063 -8.59 89.12 -7.74
N SER B 1064 -7.41 88.54 -7.52
CA SER B 1064 -6.98 87.43 -8.38
C SER B 1064 -7.90 86.24 -8.07
N THR B 1065 -8.27 85.50 -9.10
CA THR B 1065 -9.20 84.41 -8.91
C THR B 1065 -8.47 83.18 -8.41
N GLY B 1066 -7.14 83.23 -8.42
CA GLY B 1066 -6.34 82.08 -8.05
C GLY B 1066 -5.72 81.47 -9.29
N SER B 1067 -6.50 81.40 -10.37
CA SER B 1067 -5.98 81.10 -11.72
C SER B 1067 -5.17 82.27 -12.29
N LEU B 1068 -4.81 82.17 -13.57
CA LEU B 1068 -4.10 83.22 -14.23
C LEU B 1068 -4.87 83.45 -15.49
N SER B 1069 -5.19 82.35 -16.15
CA SER B 1069 -5.91 82.44 -17.41
C SER B 1069 -7.37 82.80 -17.16
N LEU B 1070 -7.87 82.50 -15.96
CA LEU B 1070 -9.17 82.97 -15.61
C LEU B 1070 -9.15 84.50 -15.60
N ASP B 1071 -8.13 85.05 -14.95
CA ASP B 1071 -8.04 86.47 -14.73
C ASP B 1071 -7.64 87.14 -16.02
N ILE B 1072 -7.36 86.32 -17.01
CA ILE B 1072 -7.11 86.80 -18.35
C ILE B 1072 -8.38 86.70 -19.15
N ALA B 1073 -9.19 85.69 -18.85
CA ALA B 1073 -10.43 85.50 -19.59
C ALA B 1073 -11.49 86.45 -19.06
N LEU B 1074 -11.32 86.84 -17.80
CA LEU B 1074 -12.09 87.92 -17.25
C LEU B 1074 -11.81 89.18 -18.05
N GLY B 1075 -10.54 89.46 -18.29
CA GLY B 1075 -10.11 90.63 -19.08
C GLY B 1075 -9.72 91.79 -18.18
N ALA B 1076 -10.22 91.72 -16.94
CA ALA B 1076 -10.14 92.78 -15.95
C ALA B 1076 -8.98 92.61 -14.98
N GLY B 1077 -8.58 91.35 -14.81
CA GLY B 1077 -7.50 90.99 -13.91
C GLY B 1077 -7.97 90.10 -12.77
N GLY B 1078 -9.29 89.90 -12.71
CA GLY B 1078 -9.89 89.13 -11.64
C GLY B 1078 -11.27 89.63 -11.38
N LEU B 1079 -11.85 89.22 -10.25
CA LEU B 1079 -13.24 89.55 -9.89
C LEU B 1079 -13.40 90.99 -9.39
N PRO B 1080 -14.42 91.67 -9.94
CA PRO B 1080 -14.76 93.05 -9.71
C PRO B 1080 -15.19 93.31 -8.30
N MET B 1081 -14.43 94.16 -7.62
CA MET B 1081 -14.72 94.50 -6.24
C MET B 1081 -16.03 95.25 -6.09
N GLY B 1082 -16.91 94.67 -5.27
CA GLY B 1082 -18.16 95.32 -4.91
C GLY B 1082 -19.24 95.20 -5.97
N ARG B 1083 -19.29 94.04 -6.61
CA ARG B 1083 -20.42 93.67 -7.46
C ARG B 1083 -20.82 92.28 -6.98
N ILE B 1084 -21.62 91.57 -7.77
CA ILE B 1084 -21.88 90.20 -7.40
C ILE B 1084 -21.37 89.22 -8.43
N VAL B 1085 -20.90 88.08 -7.94
CA VAL B 1085 -20.29 87.07 -8.77
C VAL B 1085 -20.84 85.72 -8.45
N GLU B 1086 -21.32 85.04 -9.48
CA GLU B 1086 -21.86 83.73 -9.31
C GLU B 1086 -20.98 82.72 -9.98
N ILE B 1087 -20.60 81.69 -9.25
CA ILE B 1087 -19.90 80.55 -9.81
C ILE B 1087 -20.80 79.33 -9.74
N TYR B 1088 -20.93 78.61 -10.83
CA TYR B 1088 -21.81 77.48 -10.80
C TYR B 1088 -21.21 76.32 -11.52
N GLY B 1089 -21.85 75.18 -11.36
CA GLY B 1089 -21.43 73.94 -11.98
C GLY B 1089 -21.67 72.73 -11.10
N PRO B 1090 -21.75 71.55 -11.72
CA PRO B 1090 -21.98 70.22 -11.16
C PRO B 1090 -21.17 69.90 -9.91
N GLU B 1091 -21.64 68.88 -9.20
CA GLU B 1091 -21.03 68.51 -7.94
C GLU B 1091 -19.68 67.85 -8.18
N SER B 1092 -18.76 68.13 -7.25
CA SER B 1092 -17.38 67.72 -7.32
C SER B 1092 -16.85 68.27 -8.64
N SER B 1093 -17.06 69.54 -8.89
CA SER B 1093 -16.52 70.12 -10.10
C SER B 1093 -15.31 70.93 -9.74
N GLY B 1094 -15.34 71.46 -8.52
CA GLY B 1094 -14.21 72.24 -8.02
C GLY B 1094 -14.66 73.59 -7.56
N LYS B 1095 -15.97 73.73 -7.55
CA LYS B 1095 -16.63 74.94 -7.12
C LYS B 1095 -15.96 75.64 -5.89
N THR B 1096 -16.20 75.02 -4.71
CA THR B 1096 -15.59 75.34 -3.39
C THR B 1096 -14.05 75.64 -3.48
N THR B 1097 -13.27 74.67 -3.93
CA THR B 1097 -11.84 74.80 -4.12
C THR B 1097 -11.52 76.14 -4.78
N LEU B 1098 -12.23 76.50 -5.86
CA LEU B 1098 -11.90 77.69 -6.61
C LEU B 1098 -12.01 78.86 -5.71
N THR B 1099 -13.16 78.98 -5.06
CA THR B 1099 -13.42 80.08 -4.11
C THR B 1099 -12.34 80.22 -3.05
N LEU B 1100 -12.05 79.10 -2.39
CA LEU B 1100 -10.99 79.02 -1.40
C LEU B 1100 -9.62 79.44 -1.92
N GLN B 1101 -9.37 79.16 -3.21
CA GLN B 1101 -8.21 79.70 -3.88
C GLN B 1101 -8.25 81.25 -4.03
N VAL B 1102 -9.47 81.83 -4.03
CA VAL B 1102 -9.59 83.28 -4.11
C VAL B 1102 -9.38 83.87 -2.75
N ILE B 1103 -9.99 83.21 -1.77
CA ILE B 1103 -9.87 83.59 -0.38
C ILE B 1103 -8.41 83.55 -0.03
N ALA B 1104 -7.70 82.56 -0.58
CA ALA B 1104 -6.28 82.46 -0.36
C ALA B 1104 -5.61 83.75 -0.80
N ALA B 1105 -5.85 84.15 -2.05
CA ALA B 1105 -5.14 85.31 -2.63
C ALA B 1105 -5.83 86.66 -2.37
N ALA B 1106 -6.69 86.66 -1.36
CA ALA B 1106 -7.07 87.87 -0.72
C ALA B 1106 -6.24 87.95 0.55
N GLN B 1107 -6.21 86.84 1.27
CA GLN B 1107 -5.44 86.65 2.50
C GLN B 1107 -4.04 87.11 2.26
N ARG B 1108 -3.66 86.97 0.99
CA ARG B 1108 -2.33 87.23 0.49
C ARG B 1108 -2.06 88.72 0.49
N GLU B 1109 -3.12 89.50 0.66
CA GLU B 1109 -2.91 90.92 0.84
C GLU B 1109 -3.90 91.53 1.77
N GLY B 1110 -3.90 91.08 3.03
CA GLY B 1110 -4.72 91.70 4.11
C GLY B 1110 -6.23 91.44 4.08
N LYS B 1111 -6.88 91.86 2.99
CA LYS B 1111 -8.35 91.77 2.73
C LYS B 1111 -8.96 90.60 3.50
N THR B 1112 -9.79 90.91 4.48
CA THR B 1112 -10.24 89.85 5.36
C THR B 1112 -11.53 89.19 4.86
N CYS B 1113 -11.71 87.93 5.27
CA CYS B 1113 -12.69 87.06 4.68
C CYS B 1113 -13.63 86.28 5.58
N ALA B 1114 -14.87 86.23 5.14
CA ALA B 1114 -15.82 85.36 5.75
C ALA B 1114 -16.45 84.49 4.67
N PHE B 1115 -16.80 83.28 5.09
CA PHE B 1115 -17.12 82.19 4.20
C PHE B 1115 -18.34 81.54 4.77
N ILE B 1116 -19.47 81.88 4.19
CA ILE B 1116 -20.75 81.47 4.74
C ILE B 1116 -20.95 80.02 4.37
N ASP B 1117 -20.81 79.14 5.34
CA ASP B 1117 -20.74 77.74 5.01
C ASP B 1117 -22.04 77.00 5.21
N ALA B 1118 -23.10 77.46 4.55
CA ALA B 1118 -24.41 76.81 4.65
C ALA B 1118 -24.36 75.30 4.49
N GLU B 1119 -23.54 74.86 3.56
CA GLU B 1119 -23.49 73.46 3.19
C GLU B 1119 -22.98 72.54 4.30
N HIS B 1120 -22.32 73.10 5.31
CA HIS B 1120 -21.65 72.31 6.35
C HIS B 1120 -20.52 71.43 5.73
N ALA B 1121 -19.93 71.98 4.67
CA ALA B 1121 -18.81 71.39 3.92
C ALA B 1121 -17.48 71.77 4.55
N LEU B 1122 -16.50 72.15 3.71
CA LEU B 1122 -15.14 72.62 4.09
C LEU B 1122 -14.37 71.82 5.17
N ASP B 1123 -13.25 71.24 4.75
CA ASP B 1123 -12.32 70.55 5.64
C ASP B 1123 -11.18 71.56 6.02
N PRO B 1124 -11.31 72.22 7.17
CA PRO B 1124 -10.37 73.28 7.46
C PRO B 1124 -8.97 72.86 7.08
N ILE B 1125 -8.60 71.67 7.49
CA ILE B 1125 -7.33 71.09 7.13
C ILE B 1125 -7.04 71.31 5.64
N TYR B 1126 -7.83 70.66 4.80
CA TYR B 1126 -7.79 70.85 3.35
C TYR B 1126 -7.66 72.34 3.01
N ALA B 1127 -8.50 73.16 3.61
CA ALA B 1127 -8.45 74.58 3.34
C ALA B 1127 -7.02 75.09 3.54
N ARG B 1128 -6.41 74.73 4.66
CA ARG B 1128 -5.10 75.25 4.99
C ARG B 1128 -4.21 74.87 3.84
N LYS B 1129 -4.28 73.61 3.43
CA LYS B 1129 -3.41 73.05 2.39
C LYS B 1129 -3.53 73.79 1.08
N LEU B 1130 -4.66 74.46 0.87
CA LEU B 1130 -4.90 75.27 -0.31
C LEU B 1130 -4.30 76.66 -0.21
N GLY B 1131 -4.16 77.10 1.04
CA GLY B 1131 -3.40 78.32 1.41
C GLY B 1131 -4.14 79.44 2.15
N VAL B 1132 -5.19 79.09 2.88
CA VAL B 1132 -5.94 80.15 3.48
C VAL B 1132 -5.39 80.34 4.87
N ASP B 1133 -5.62 81.52 5.42
CA ASP B 1133 -5.32 81.77 6.83
C ASP B 1133 -6.53 81.28 7.58
N ILE B 1134 -6.39 80.09 8.16
CA ILE B 1134 -7.50 79.40 8.79
C ILE B 1134 -8.04 80.21 9.92
N ASP B 1135 -7.16 80.92 10.59
CA ASP B 1135 -7.53 81.55 11.82
C ASP B 1135 -8.09 82.94 11.59
N ASN B 1136 -7.82 83.49 10.41
CA ASN B 1136 -8.28 84.85 10.02
C ASN B 1136 -9.36 84.86 8.94
N LEU B 1137 -10.11 83.77 8.88
CA LEU B 1137 -11.19 83.58 7.93
C LEU B 1137 -12.40 83.32 8.77
N LEU B 1138 -12.90 84.35 9.42
CA LEU B 1138 -13.96 84.18 10.43
C LEU B 1138 -15.28 83.90 9.67
N CYS B 1139 -15.84 82.74 10.00
CA CYS B 1139 -16.88 82.10 9.20
C CYS B 1139 -17.99 81.46 10.03
N SER B 1140 -19.10 81.19 9.34
CA SER B 1140 -20.39 80.90 9.97
C SER B 1140 -20.90 79.55 9.53
N GLN B 1141 -21.68 78.90 10.40
CA GLN B 1141 -22.37 77.65 10.07
C GLN B 1141 -23.88 77.77 10.28
N PRO B 1142 -24.56 78.59 9.46
CA PRO B 1142 -25.94 79.00 9.68
C PRO B 1142 -26.90 77.85 9.73
N ASP B 1143 -28.05 78.10 10.37
CA ASP B 1143 -29.14 77.15 10.49
C ASP B 1143 -30.11 77.33 9.30
N THR B 1144 -30.54 78.57 9.06
CA THR B 1144 -31.51 78.86 8.01
C THR B 1144 -30.90 79.62 6.86
N GLY B 1145 -31.52 79.48 5.70
CA GLY B 1145 -31.17 80.29 4.55
C GLY B 1145 -31.14 81.76 4.91
N GLU B 1146 -32.18 82.19 5.62
CA GLU B 1146 -32.30 83.59 5.97
C GLU B 1146 -31.17 84.06 6.87
N GLN B 1147 -30.95 83.35 7.98
CA GLN B 1147 -29.85 83.71 8.89
C GLN B 1147 -28.63 84.04 8.02
N ALA B 1148 -28.23 83.10 7.15
CA ALA B 1148 -27.10 83.29 6.27
C ALA B 1148 -27.19 84.61 5.51
N LEU B 1149 -28.30 84.82 4.83
CA LEU B 1149 -28.51 86.05 4.08
C LEU B 1149 -28.29 87.30 4.90
N GLU B 1150 -29.11 87.48 5.93
CA GLU B 1150 -29.03 88.65 6.80
C GLU B 1150 -27.70 88.73 7.58
N ILE B 1151 -26.91 87.63 7.58
CA ILE B 1151 -25.56 87.65 8.14
C ILE B 1151 -24.69 88.37 7.17
N CYS B 1152 -24.69 87.92 5.93
CA CYS B 1152 -23.83 88.60 4.97
C CYS B 1152 -24.36 89.98 4.64
N ASP B 1153 -25.66 90.18 4.78
CA ASP B 1153 -26.22 91.51 4.63
C ASP B 1153 -25.47 92.46 5.55
N ALA B 1154 -25.41 92.08 6.83
CA ALA B 1154 -24.76 92.90 7.85
C ALA B 1154 -23.24 92.98 7.70
N LEU B 1155 -22.67 92.16 6.80
CA LEU B 1155 -21.23 92.21 6.59
C LEU B 1155 -20.96 93.05 5.37
N ALA B 1156 -21.99 93.27 4.58
CA ALA B 1156 -21.89 94.14 3.45
C ALA B 1156 -21.85 95.59 3.92
N ARG B 1157 -22.63 95.89 4.96
CA ARG B 1157 -22.63 97.22 5.56
C ARG B 1157 -21.43 97.42 6.48
N SER B 1158 -20.89 96.31 7.02
CA SER B 1158 -19.78 96.32 8.02
C SER B 1158 -18.41 96.74 7.45
N GLY B 1159 -18.41 97.93 6.83
CA GLY B 1159 -17.20 98.61 6.32
C GLY B 1159 -16.31 97.75 5.46
N ALA B 1160 -15.04 97.70 5.82
CA ALA B 1160 -14.07 96.89 5.09
C ALA B 1160 -13.91 95.47 5.71
N VAL B 1161 -14.94 94.61 5.56
CA VAL B 1161 -14.76 93.15 5.61
C VAL B 1161 -14.82 92.70 4.14
N ASP B 1162 -13.66 92.35 3.58
CA ASP B 1162 -13.37 92.65 2.17
C ASP B 1162 -13.84 91.70 1.08
N VAL B 1163 -14.21 90.47 1.43
CA VAL B 1163 -14.87 89.56 0.46
C VAL B 1163 -15.57 88.36 1.11
N ILE B 1164 -16.73 88.01 0.56
CA ILE B 1164 -17.59 87.03 1.17
C ILE B 1164 -17.95 85.92 0.20
N VAL B 1165 -17.78 84.68 0.64
CA VAL B 1165 -18.17 83.54 -0.18
C VAL B 1165 -19.31 82.76 0.47
N VAL B 1166 -20.36 82.53 -0.31
CA VAL B 1166 -21.57 81.83 0.15
C VAL B 1166 -21.73 80.44 -0.44
N ASP B 1167 -21.49 79.44 0.39
CA ASP B 1167 -21.45 78.03 -0.01
C ASP B 1167 -22.54 77.33 0.77
N SER B 1168 -23.65 77.02 0.12
CA SER B 1168 -23.90 77.37 -1.26
C SER B 1168 -25.40 77.58 -1.43
N VAL B 1169 -25.77 78.37 -2.43
CA VAL B 1169 -27.17 78.65 -2.75
C VAL B 1169 -28.02 77.42 -2.53
N ALA B 1170 -27.38 76.26 -2.68
CA ALA B 1170 -28.00 74.96 -2.48
C ALA B 1170 -28.90 74.88 -1.26
N ALA B 1171 -28.31 74.86 -0.04
CA ALA B 1171 -29.08 74.66 1.23
C ALA B 1171 -30.02 75.83 1.63
N LEU B 1172 -30.24 76.70 0.64
CA LEU B 1172 -31.13 77.84 0.73
C LEU B 1172 -32.45 77.63 -0.07
N THR B 1173 -32.97 76.40 -0.11
CA THR B 1173 -34.44 76.17 -0.19
C THR B 1173 -34.92 76.14 1.28
N PRO B 1174 -35.83 77.09 1.65
CA PRO B 1174 -36.03 77.82 2.97
C PRO B 1174 -35.48 77.22 4.30
N LEU B 1189 -40.79 79.55 -2.40
CA LEU B 1189 -40.23 80.86 -2.75
C LEU B 1189 -38.73 80.93 -2.50
N ALA B 1190 -38.04 79.87 -2.92
CA ALA B 1190 -36.55 79.76 -2.87
C ALA B 1190 -35.77 80.74 -3.79
N ALA B 1191 -36.49 81.78 -4.25
CA ALA B 1191 -35.94 82.91 -5.03
C ALA B 1191 -36.66 84.23 -4.70
N ARG B 1192 -37.86 84.10 -4.11
CA ARG B 1192 -38.60 85.25 -3.64
C ARG B 1192 -37.94 85.68 -2.34
N MET B 1193 -37.39 84.70 -1.62
CA MET B 1193 -36.54 84.95 -0.47
C MET B 1193 -35.25 85.67 -0.89
N MET B 1194 -34.70 85.24 -2.02
CA MET B 1194 -33.45 85.79 -2.54
C MET B 1194 -33.67 87.19 -3.01
N SER B 1195 -34.53 87.29 -4.02
CA SER B 1195 -34.83 88.55 -4.68
C SER B 1195 -35.06 89.64 -3.65
N GLN B 1196 -35.28 89.21 -2.40
CA GLN B 1196 -35.41 90.14 -1.28
C GLN B 1196 -34.05 90.80 -1.03
N ALA B 1197 -33.16 90.09 -0.33
CA ALA B 1197 -31.85 90.66 0.04
C ALA B 1197 -30.91 90.83 -1.17
N MET B 1198 -31.33 90.29 -2.31
CA MET B 1198 -30.56 90.45 -3.52
C MET B 1198 -30.58 91.88 -3.96
N ARG B 1199 -31.69 92.57 -3.74
CA ARG B 1199 -31.81 93.99 -4.02
C ARG B 1199 -30.95 94.79 -3.04
N LYS B 1200 -30.86 94.28 -1.82
CA LYS B 1200 -30.29 94.98 -0.66
C LYS B 1200 -28.77 94.90 -0.67
N LEU B 1201 -28.26 93.72 -0.98
CA LEU B 1201 -26.83 93.50 -1.07
C LEU B 1201 -26.25 94.16 -2.31
N ALA B 1202 -27.14 94.50 -3.24
CA ALA B 1202 -26.76 95.13 -4.50
C ALA B 1202 -26.17 96.52 -4.29
N GLY B 1203 -26.72 97.23 -3.31
CA GLY B 1203 -26.36 98.63 -3.02
C GLY B 1203 -25.58 98.83 -1.73
N ASN B 1204 -25.36 97.73 -0.99
CA ASN B 1204 -24.50 97.74 0.20
C ASN B 1204 -23.07 97.35 -0.20
N LEU B 1205 -22.91 96.85 -1.40
CA LEU B 1205 -21.61 96.45 -1.85
C LEU B 1205 -20.91 97.55 -2.64
N LYS B 1206 -21.61 98.15 -3.60
CA LYS B 1206 -21.08 99.30 -4.36
C LYS B 1206 -20.68 100.42 -3.39
N GLN B 1207 -21.07 100.27 -2.13
CA GLN B 1207 -20.71 101.19 -1.05
C GLN B 1207 -19.37 100.80 -0.41
N SER B 1208 -19.26 99.52 -0.03
CA SER B 1208 -18.18 98.97 0.84
C SER B 1208 -16.96 98.34 0.10
N ASN B 1209 -17.05 98.37 -1.22
CA ASN B 1209 -16.15 97.64 -2.09
C ASN B 1209 -16.16 96.15 -1.81
N THR B 1210 -16.70 95.78 -0.66
CA THR B 1210 -16.97 94.38 -0.34
C THR B 1210 -17.51 93.57 -1.56
N LEU B 1211 -16.84 92.45 -1.89
CA LEU B 1211 -17.23 91.57 -3.00
C LEU B 1211 -17.91 90.28 -2.53
N LEU B 1212 -18.90 89.81 -3.29
CA LEU B 1212 -19.70 88.65 -2.88
C LEU B 1212 -19.77 87.61 -3.95
N ILE B 1213 -19.41 86.38 -3.56
CA ILE B 1213 -19.36 85.26 -4.47
C ILE B 1213 -20.31 84.16 -4.04
N PHE B 1214 -21.31 83.95 -4.89
CA PHE B 1214 -22.28 82.91 -4.71
C PHE B 1214 -21.87 81.71 -5.53
N ILE B 1215 -22.13 80.52 -4.99
CA ILE B 1215 -21.95 79.27 -5.74
C ILE B 1215 -23.26 78.46 -5.92
N ASN B 1216 -23.40 77.75 -7.04
CA ASN B 1216 -24.64 77.06 -7.43
C ASN B 1216 -24.34 75.70 -8.13
N GLN B 1217 -25.37 74.89 -8.53
CA GLN B 1217 -25.22 73.51 -9.20
C GLN B 1217 -25.66 73.25 -10.70
N GLY B 1234 -31.68 76.49 -10.09
CA GLY B 1234 -31.53 76.85 -8.66
C GLY B 1234 -32.37 77.96 -7.97
N GLY B 1235 -32.25 79.22 -8.42
CA GLY B 1235 -32.92 80.41 -7.80
C GLY B 1235 -32.61 81.73 -8.53
N ASN B 1236 -33.49 82.10 -9.48
CA ASN B 1236 -33.21 83.03 -10.61
C ASN B 1236 -32.41 84.31 -10.32
N ALA B 1237 -33.16 85.37 -10.02
CA ALA B 1237 -32.66 86.73 -9.77
C ALA B 1237 -31.15 86.94 -9.91
N LEU B 1238 -30.41 86.39 -8.96
CA LEU B 1238 -28.96 86.38 -8.95
C LEU B 1238 -28.34 86.41 -10.35
N LYS B 1239 -28.84 85.52 -11.21
CA LYS B 1239 -28.49 85.43 -12.63
C LYS B 1239 -28.21 86.78 -13.27
N PHE B 1240 -29.04 87.75 -12.91
CA PHE B 1240 -28.94 89.10 -13.42
C PHE B 1240 -28.17 90.00 -12.47
N TYR B 1241 -28.34 89.76 -11.18
CA TYR B 1241 -27.72 90.63 -10.19
C TYR B 1241 -26.18 90.46 -10.06
N ALA B 1242 -25.61 89.55 -10.85
CA ALA B 1242 -24.18 89.40 -10.92
C ALA B 1242 -23.58 90.38 -11.93
N SER B 1243 -22.31 90.69 -11.75
CA SER B 1243 -21.58 91.43 -12.78
C SER B 1243 -20.62 90.47 -13.46
N VAL B 1244 -20.44 89.32 -12.84
CA VAL B 1244 -19.69 88.23 -13.43
C VAL B 1244 -20.19 86.84 -13.02
N ARG B 1245 -20.30 85.96 -14.02
CA ARG B 1245 -20.67 84.57 -13.78
C ARG B 1245 -19.64 83.58 -14.30
N LEU B 1246 -19.46 82.47 -13.57
CA LEU B 1246 -18.52 81.44 -13.92
C LEU B 1246 -19.14 80.07 -14.07
N ASP B 1247 -18.76 79.42 -15.16
CA ASP B 1247 -19.11 78.01 -15.45
C ASP B 1247 -17.88 77.08 -15.28
N ILE B 1248 -17.81 76.43 -14.12
CA ILE B 1248 -16.78 75.47 -13.80
C ILE B 1248 -17.26 74.08 -14.22
N ARG B 1249 -16.30 73.25 -14.60
CA ARG B 1249 -16.56 71.87 -14.97
C ARG B 1249 -15.26 71.07 -14.96
N ARG B 1250 -15.31 69.85 -14.43
CA ARG B 1250 -14.15 68.99 -14.44
C ARG B 1250 -14.19 68.16 -15.71
N ILE B 1251 -13.10 68.17 -16.48
CA ILE B 1251 -13.14 67.51 -17.77
C ILE B 1251 -12.05 66.51 -18.08
N GLY B 1252 -11.15 66.29 -17.13
CA GLY B 1252 -10.02 65.41 -17.41
C GLY B 1252 -9.61 64.50 -16.28
N ALA B 1253 -8.66 64.99 -15.49
CA ALA B 1253 -7.97 64.23 -14.44
C ALA B 1253 -6.50 64.15 -14.76
N VAL B 1254 -5.70 64.47 -13.77
CA VAL B 1254 -4.28 64.40 -13.94
C VAL B 1254 -3.79 63.17 -13.21
N LYS B 1255 -3.10 62.33 -13.96
CA LYS B 1255 -2.51 61.10 -13.43
C LYS B 1255 -1.00 61.28 -13.28
N GLU B 1256 -0.37 60.52 -12.38
CA GLU B 1256 1.08 60.42 -12.35
C GLU B 1256 1.48 58.97 -12.51
N GLY B 1257 1.17 58.42 -13.68
CA GLY B 1257 1.28 56.98 -13.93
C GLY B 1257 -0.01 56.21 -13.62
N GLU B 1258 -0.38 56.16 -12.34
CA GLU B 1258 -1.49 55.34 -11.85
C GLU B 1258 -2.40 56.10 -10.85
N ASN B 1259 -1.99 57.30 -10.45
CA ASN B 1259 -2.65 58.02 -9.35
C ASN B 1259 -3.59 59.13 -9.82
N VAL B 1260 -4.82 59.08 -9.32
CA VAL B 1260 -5.78 60.18 -9.52
C VAL B 1260 -5.40 61.36 -8.63
N VAL B 1261 -4.45 62.20 -9.04
CA VAL B 1261 -4.03 63.32 -8.17
C VAL B 1261 -4.49 64.68 -8.68
N GLY B 1262 -5.29 64.68 -9.74
CA GLY B 1262 -5.74 65.94 -10.34
C GLY B 1262 -7.13 66.00 -10.96
N SER B 1263 -7.49 67.19 -11.44
CA SER B 1263 -8.72 67.44 -12.17
C SER B 1263 -8.45 68.52 -13.20
N GLU B 1264 -8.49 68.15 -14.48
CA GLU B 1264 -8.35 69.14 -15.55
C GLU B 1264 -9.64 69.96 -15.67
N THR B 1265 -9.49 71.27 -15.61
CA THR B 1265 -10.65 72.11 -15.39
C THR B 1265 -10.81 73.20 -16.42
N ARG B 1266 -12.07 73.43 -16.83
CA ARG B 1266 -12.47 74.49 -17.76
C ARG B 1266 -13.50 75.37 -17.15
N VAL B 1267 -13.18 76.66 -17.13
CA VAL B 1267 -14.05 77.68 -16.60
C VAL B 1267 -14.37 78.62 -17.72
N LYS B 1268 -15.67 78.74 -17.99
CA LYS B 1268 -16.18 79.70 -18.96
C LYS B 1268 -16.68 80.95 -18.24
N VAL B 1269 -16.31 82.13 -18.75
CA VAL B 1269 -16.84 83.39 -18.26
C VAL B 1269 -18.14 83.54 -19.01
N VAL B 1270 -19.25 83.29 -18.34
CA VAL B 1270 -20.55 83.27 -19.01
C VAL B 1270 -21.16 84.62 -18.99
N LYS B 1271 -21.23 85.26 -17.82
CA LYS B 1271 -21.69 86.64 -17.71
C LYS B 1271 -20.56 87.59 -17.33
N ASN B 1272 -20.35 88.61 -18.16
CA ASN B 1272 -19.26 89.56 -17.95
C ASN B 1272 -19.66 91.00 -18.24
N LYS B 1273 -20.18 91.67 -17.22
CA LYS B 1273 -20.49 93.10 -17.32
C LYS B 1273 -19.29 93.88 -16.77
N ILE B 1274 -18.08 93.38 -17.02
CA ILE B 1274 -16.86 94.10 -16.61
C ILE B 1274 -15.97 94.33 -17.79
N ALA B 1275 -15.98 93.37 -18.71
CA ALA B 1275 -15.22 93.46 -19.97
C ALA B 1275 -15.84 92.50 -20.97
N ALA B 1276 -15.01 91.93 -21.83
CA ALA B 1276 -15.48 90.99 -22.83
C ALA B 1276 -15.96 89.65 -22.24
N PRO B 1277 -17.20 89.26 -22.55
CA PRO B 1277 -17.76 88.02 -22.04
C PRO B 1277 -17.42 86.80 -22.89
N PHE B 1278 -17.87 85.63 -22.46
CA PHE B 1278 -17.76 84.38 -23.22
C PHE B 1278 -16.34 83.86 -23.55
N LYS B 1279 -15.36 84.36 -22.82
CA LYS B 1279 -14.00 83.84 -22.96
C LYS B 1279 -13.76 82.74 -21.91
N GLN B 1280 -12.85 81.83 -22.20
CA GLN B 1280 -12.63 80.66 -21.35
C GLN B 1280 -11.17 80.39 -21.06
N ALA B 1281 -10.96 79.63 -20.01
CA ALA B 1281 -9.64 79.36 -19.54
C ALA B 1281 -9.58 77.93 -19.01
N GLU B 1282 -8.48 77.24 -19.28
CA GLU B 1282 -8.26 75.87 -18.80
C GLU B 1282 -7.06 75.78 -17.85
N PHE B 1283 -7.11 74.87 -16.88
CA PHE B 1283 -5.98 74.68 -15.96
C PHE B 1283 -6.09 73.43 -15.09
N GLN B 1284 -4.97 73.06 -14.47
CA GLN B 1284 -4.90 71.92 -13.55
C GLN B 1284 -5.22 72.32 -12.10
N ILE B 1285 -6.06 71.53 -11.42
CA ILE B 1285 -6.28 71.66 -9.97
C ILE B 1285 -5.72 70.46 -9.24
N LEU B 1286 -4.66 70.66 -8.47
CA LEU B 1286 -4.04 69.53 -7.81
C LEU B 1286 -4.59 69.33 -6.40
N TYR B 1287 -5.12 68.13 -6.18
CA TYR B 1287 -5.76 67.75 -4.94
C TYR B 1287 -4.88 67.98 -3.74
N GLY B 1288 -5.14 69.02 -2.95
CA GLY B 1288 -4.37 69.23 -1.73
C GLY B 1288 -3.13 70.06 -1.94
N GLU B 1289 -3.14 70.80 -3.03
CA GLU B 1289 -2.14 71.82 -3.28
C GLU B 1289 -2.89 73.01 -3.84
N GLY B 1290 -3.72 72.77 -4.83
CA GLY B 1290 -4.53 73.83 -5.40
C GLY B 1290 -4.28 74.09 -6.86
N ILE B 1291 -4.64 75.28 -7.31
CA ILE B 1291 -4.45 75.65 -8.68
C ILE B 1291 -2.97 75.57 -9.02
N ASN B 1292 -2.66 75.45 -10.26
CA ASN B 1292 -1.28 75.30 -10.63
C ASN B 1292 -0.55 76.51 -11.25
N PHE B 1293 -0.19 77.46 -10.37
CA PHE B 1293 0.53 78.73 -10.68
C PHE B 1293 1.34 78.50 -11.91
N TYR B 1294 2.20 77.47 -11.85
CA TYR B 1294 3.22 77.20 -12.83
C TYR B 1294 2.63 76.45 -13.99
N GLY B 1295 1.63 75.65 -13.68
CA GLY B 1295 0.94 74.88 -14.67
C GLY B 1295 0.50 75.74 -15.82
N GLU B 1296 -0.47 76.60 -15.55
CA GLU B 1296 -0.93 77.53 -16.56
C GLU B 1296 0.17 78.51 -17.03
N LEU B 1297 1.22 78.70 -16.23
CA LEU B 1297 2.26 79.64 -16.57
C LEU B 1297 3.05 79.16 -17.74
N VAL B 1298 3.51 77.93 -17.69
CA VAL B 1298 4.21 77.35 -18.81
C VAL B 1298 3.47 77.70 -20.07
N ASP B 1299 2.23 77.23 -20.13
CA ASP B 1299 1.37 77.41 -21.31
C ASP B 1299 1.29 78.86 -21.83
N LEU B 1300 1.13 79.79 -20.90
CA LEU B 1300 1.00 81.16 -21.28
C LEU B 1300 2.30 81.61 -21.94
N GLY B 1301 3.41 81.32 -21.30
CA GLY B 1301 4.72 81.64 -21.84
C GLY B 1301 5.00 81.02 -23.20
N VAL B 1302 4.23 79.99 -23.53
CA VAL B 1302 4.35 79.35 -24.82
C VAL B 1302 3.68 80.19 -25.86
N LYS B 1303 2.43 80.58 -25.60
CA LYS B 1303 1.69 81.36 -26.58
C LYS B 1303 2.16 82.81 -26.59
N GLU B 1304 3.03 83.18 -25.65
CA GLU B 1304 3.69 84.49 -25.71
C GLU B 1304 5.18 84.42 -26.02
N LYS B 1305 5.49 83.55 -26.97
CA LYS B 1305 6.79 83.44 -27.63
C LYS B 1305 8.01 83.44 -26.68
N LEU B 1306 7.76 83.37 -25.37
CA LEU B 1306 8.82 83.36 -24.35
C LEU B 1306 9.44 81.97 -24.09
N ILE B 1307 8.62 80.92 -24.17
CA ILE B 1307 9.11 79.54 -24.16
C ILE B 1307 8.66 78.87 -25.46
N GLU B 1308 9.56 78.13 -26.10
CA GLU B 1308 9.30 77.69 -27.47
C GLU B 1308 9.02 76.20 -27.57
N LYS B 1309 7.92 75.85 -28.23
CA LYS B 1309 7.52 74.45 -28.38
C LYS B 1309 8.20 73.80 -29.59
N ALA B 1310 9.10 72.85 -29.31
CA ALA B 1310 9.79 72.09 -30.35
C ALA B 1310 9.22 70.66 -30.44
N GLY B 1311 7.91 70.58 -30.67
CA GLY B 1311 7.16 69.33 -30.55
C GLY B 1311 6.92 68.93 -29.09
N ALA B 1312 7.86 68.15 -28.54
CA ALA B 1312 7.80 67.69 -27.16
C ALA B 1312 8.75 68.48 -26.27
N TRP B 1313 9.71 69.14 -26.89
CA TRP B 1313 10.74 69.86 -26.18
C TRP B 1313 10.30 71.28 -25.85
N TYR B 1314 10.62 71.74 -24.64
CA TYR B 1314 10.38 73.12 -24.25
C TYR B 1314 11.68 73.89 -24.07
N SER B 1315 11.78 75.06 -24.69
CA SER B 1315 13.05 75.81 -24.74
C SER B 1315 12.96 77.22 -24.07
N TYR B 1316 14.10 77.70 -23.53
CA TYR B 1316 14.21 79.03 -22.94
C TYR B 1316 15.57 79.72 -23.15
N LYS B 1317 15.56 80.66 -24.08
CA LYS B 1317 16.75 81.36 -24.53
C LYS B 1317 17.72 80.41 -25.23
N GLY B 1318 17.16 79.55 -26.09
CA GLY B 1318 17.92 78.48 -26.76
C GLY B 1318 18.30 77.31 -25.85
N GLU B 1319 18.01 77.48 -24.55
CA GLU B 1319 18.32 76.50 -23.50
C GLU B 1319 17.21 75.48 -23.23
N LYS B 1320 17.59 74.22 -23.10
CA LYS B 1320 16.64 73.13 -22.87
C LYS B 1320 16.19 73.14 -21.41
N ILE B 1321 14.89 73.09 -21.21
CA ILE B 1321 14.31 73.18 -19.86
C ILE B 1321 13.38 72.04 -19.48
N GLY B 1322 12.67 71.48 -20.44
CA GLY B 1322 11.80 70.35 -20.17
C GLY B 1322 11.30 69.62 -21.41
N GLN B 1323 11.08 68.32 -21.26
CA GLN B 1323 10.49 67.51 -22.30
C GLN B 1323 9.16 67.01 -21.74
N GLY B 1324 8.06 67.28 -22.45
CA GLY B 1324 6.71 67.00 -21.95
C GLY B 1324 6.20 67.99 -20.90
N LYS B 1325 5.06 68.63 -21.15
CA LYS B 1325 4.53 69.70 -20.28
C LYS B 1325 4.79 69.41 -18.82
N ALA B 1326 4.52 68.17 -18.45
CA ALA B 1326 4.84 67.63 -17.16
C ALA B 1326 6.15 68.22 -16.57
N ASN B 1327 7.29 67.72 -17.05
CA ASN B 1327 8.58 68.05 -16.47
C ASN B 1327 8.90 69.53 -16.60
N ALA B 1328 8.29 70.16 -17.60
CA ALA B 1328 8.46 71.59 -17.84
C ALA B 1328 7.92 72.35 -16.68
N THR B 1329 6.76 71.94 -16.25
CA THR B 1329 6.16 72.57 -15.11
C THR B 1329 7.14 72.52 -13.95
N ALA B 1330 7.22 71.39 -13.27
CA ALA B 1330 8.06 71.25 -12.08
C ALA B 1330 9.52 71.74 -12.25
N TRP B 1331 9.85 72.23 -13.45
CA TRP B 1331 11.10 72.96 -13.68
C TRP B 1331 10.96 74.38 -13.13
N LEU B 1332 10.03 75.14 -13.68
CA LEU B 1332 9.77 76.47 -13.20
C LEU B 1332 9.58 76.49 -11.71
N LYS B 1333 9.15 75.39 -11.12
CA LYS B 1333 8.97 75.30 -9.68
C LYS B 1333 10.30 75.48 -8.99
N ASP B 1334 11.35 75.07 -9.68
CA ASP B 1334 12.67 75.03 -9.09
C ASP B 1334 13.58 76.17 -9.53
N ASN B 1335 13.02 77.13 -10.26
CA ASN B 1335 13.80 78.29 -10.67
C ASN B 1335 13.04 79.61 -10.46
N PRO B 1336 12.55 79.84 -9.22
CA PRO B 1336 11.54 80.89 -9.03
C PRO B 1336 11.97 82.17 -9.71
N GLU B 1337 13.24 82.49 -9.57
CA GLU B 1337 13.84 83.69 -10.16
C GLU B 1337 13.41 83.87 -11.61
N THR B 1338 13.86 82.96 -12.46
CA THR B 1338 13.59 83.07 -13.90
C THR B 1338 12.12 82.76 -14.19
N ALA B 1339 11.37 82.42 -13.15
CA ALA B 1339 9.96 82.14 -13.29
C ALA B 1339 9.18 83.40 -13.11
N LYS B 1340 9.25 83.92 -11.90
CA LYS B 1340 8.68 85.22 -11.54
C LYS B 1340 8.95 86.24 -12.66
N GLU B 1341 10.10 86.10 -13.34
CA GLU B 1341 10.51 87.05 -14.38
C GLU B 1341 9.68 86.87 -15.63
N ILE B 1342 9.19 85.65 -15.87
CA ILE B 1342 8.27 85.42 -16.96
C ILE B 1342 6.87 85.83 -16.54
N GLU B 1343 6.53 85.52 -15.31
CA GLU B 1343 5.24 85.96 -14.75
C GLU B 1343 4.95 87.38 -15.18
N LYS B 1344 5.77 88.30 -14.68
CA LYS B 1344 5.61 89.70 -14.99
C LYS B 1344 5.44 89.95 -16.51
N LYS B 1345 6.36 89.43 -17.33
CA LYS B 1345 6.40 89.80 -18.76
C LYS B 1345 5.19 89.28 -19.57
N VAL B 1346 4.33 88.51 -18.92
CA VAL B 1346 3.07 88.10 -19.52
C VAL B 1346 2.00 89.01 -19.00
N ARG B 1347 2.08 89.27 -17.70
CA ARG B 1347 1.22 90.24 -17.04
C ARG B 1347 1.31 91.60 -17.73
N GLU B 1348 2.48 91.94 -18.25
CA GLU B 1348 2.67 93.18 -19.01
C GLU B 1348 2.02 93.07 -20.38
N LEU B 1349 1.91 91.84 -20.89
CA LEU B 1349 1.38 91.60 -22.23
C LEU B 1349 -0.09 91.17 -22.29
N LEU B 1350 -0.73 91.07 -21.12
CA LEU B 1350 -2.20 90.86 -21.05
C LEU B 1350 -3.00 91.61 -19.90
N LEU B 1351 -2.36 92.59 -19.26
CA LEU B 1351 -2.96 93.43 -18.18
C LEU B 1351 -2.40 94.89 -18.15
N VAL C 12 41.07 20.43 15.25
CA VAL C 12 41.48 20.89 13.88
C VAL C 12 40.87 22.25 13.50
N GLU C 13 40.87 22.56 12.19
CA GLU C 13 40.40 23.86 11.66
C GLU C 13 38.90 23.93 11.46
N THR C 14 38.31 25.11 11.71
CA THR C 14 36.86 25.31 11.61
C THR C 14 36.44 26.61 10.93
N ILE C 15 35.42 26.51 10.08
CA ILE C 15 34.84 27.66 9.37
C ILE C 15 33.50 28.03 9.98
N SER C 16 33.30 29.32 10.20
CA SER C 16 32.08 29.87 10.79
C SER C 16 30.87 29.63 9.89
N THR C 17 29.79 29.13 10.50
CA THR C 17 28.58 28.78 9.75
C THR C 17 27.87 29.97 9.20
N GLY C 18 28.13 31.12 9.81
CA GLY C 18 27.36 32.32 9.52
C GLY C 18 26.46 32.60 10.70
N SER C 19 26.01 31.54 11.40
CA SER C 19 25.33 31.73 12.68
C SER C 19 26.23 31.46 13.84
N LEU C 20 25.99 32.21 14.91
CA LEU C 20 26.78 32.13 16.11
C LEU C 20 26.43 30.87 16.86
N SER C 21 25.14 30.63 17.06
CA SER C 21 24.73 29.53 17.93
C SER C 21 24.86 28.18 17.25
N LEU C 22 24.92 28.18 15.91
CA LEU C 22 25.21 26.96 15.20
C LEU C 22 26.61 26.51 15.56
N ASP C 23 27.52 27.48 15.56
CA ASP C 23 28.93 27.25 15.93
C ASP C 23 28.99 26.72 17.36
N ILE C 24 28.13 27.28 18.21
CA ILE C 24 28.06 26.93 19.62
C ILE C 24 27.60 25.49 19.85
N ALA C 25 26.55 25.08 19.14
CA ALA C 25 26.00 23.74 19.30
C ALA C 25 26.85 22.70 18.57
N LEU C 26 27.64 23.17 17.61
CA LEU C 26 28.63 22.32 16.97
C LEU C 26 29.69 21.85 17.96
N GLY C 27 30.02 22.72 18.93
CA GLY C 27 31.07 22.46 19.95
C GLY C 27 32.50 22.86 19.53
N ALA C 28 32.62 23.19 18.24
CA ALA C 28 33.90 23.41 17.54
C ALA C 28 34.07 24.86 17.06
N GLY C 29 32.99 25.63 17.11
CA GLY C 29 33.02 27.01 16.61
C GLY C 29 33.15 27.02 15.10
N GLY C 30 32.44 26.12 14.44
CA GLY C 30 32.45 26.05 12.98
C GLY C 30 32.36 24.64 12.44
N LEU C 31 32.47 24.50 11.12
CA LEU C 31 32.38 23.20 10.45
C LEU C 31 33.75 22.60 10.12
N PRO C 32 34.06 21.43 10.74
CA PRO C 32 35.32 20.68 10.58
C PRO C 32 35.85 20.53 9.14
N MET C 33 36.96 21.25 8.89
CA MET C 33 37.70 21.17 7.63
C MET C 33 38.26 19.78 7.40
N GLY C 34 38.10 19.30 6.17
CA GLY C 34 38.61 17.99 5.78
C GLY C 34 37.61 16.85 5.98
N ARG C 35 36.39 17.21 6.38
CA ARG C 35 35.35 16.21 6.64
C ARG C 35 34.13 16.41 5.75
N ILE C 36 33.24 15.43 5.74
CA ILE C 36 32.00 15.56 4.99
C ILE C 36 30.89 16.00 5.93
N VAL C 37 30.13 17.01 5.47
CA VAL C 37 29.06 17.63 6.24
C VAL C 37 27.77 17.67 5.45
N GLU C 38 26.73 17.08 6.04
CA GLU C 38 25.43 17.00 5.42
C GLU C 38 24.46 17.95 6.11
N ILE C 39 23.83 18.80 5.31
CA ILE C 39 22.75 19.65 5.77
C ILE C 39 21.51 19.21 5.04
N TYR C 40 20.58 18.68 5.82
CA TYR C 40 19.38 18.18 5.24
C TYR C 40 18.18 18.83 5.88
N GLY C 41 17.07 18.81 5.18
CA GLY C 41 15.82 19.36 5.70
C GLY C 41 14.85 19.77 4.61
N PRO C 42 13.55 19.86 4.95
CA PRO C 42 12.54 20.36 4.04
C PRO C 42 13.03 21.50 3.16
N GLU C 43 12.58 21.50 1.92
CA GLU C 43 12.93 22.55 0.99
C GLU C 43 12.44 23.89 1.49
N SER C 44 13.04 24.96 0.95
CA SER C 44 12.77 26.32 1.36
C SER C 44 12.78 26.48 2.89
N SER C 45 13.87 26.02 3.49
CA SER C 45 13.99 26.10 4.94
C SER C 45 15.25 26.82 5.29
N GLY C 46 15.93 27.31 4.27
CA GLY C 46 17.10 28.15 4.50
C GLY C 46 18.34 27.34 4.24
N LYS C 47 18.13 26.20 3.62
CA LYS C 47 19.20 25.27 3.30
C LYS C 47 20.36 25.98 2.58
N THR C 48 20.04 26.55 1.41
CA THR C 48 20.99 27.26 0.52
C THR C 48 21.55 28.59 1.12
N THR C 49 20.75 29.31 1.91
CA THR C 49 21.25 30.50 2.57
C THR C 49 22.41 30.12 3.49
N LEU C 50 22.15 29.22 4.44
CA LEU C 50 23.14 28.74 5.37
C LEU C 50 24.38 28.28 4.64
N THR C 51 24.17 27.53 3.56
CA THR C 51 25.24 27.16 2.64
C THR C 51 26.00 28.38 2.15
N LEU C 52 25.33 29.27 1.42
CA LEU C 52 25.98 30.43 0.85
C LEU C 52 26.64 31.27 1.92
N GLN C 53 26.30 31.00 3.17
CA GLN C 53 26.85 31.75 4.28
C GLN C 53 28.23 31.27 4.68
N VAL C 54 28.48 29.97 4.55
CA VAL C 54 29.79 29.48 4.87
C VAL C 54 30.74 29.83 3.73
N ILE C 55 30.20 29.87 2.52
CA ILE C 55 31.00 30.24 1.36
C ILE C 55 31.40 31.69 1.51
N ALA C 56 30.56 32.45 2.20
CA ALA C 56 30.85 33.84 2.49
C ALA C 56 31.98 33.94 3.50
N ALA C 57 31.77 33.39 4.69
CA ALA C 57 32.73 33.49 5.80
C ALA C 57 34.14 32.99 5.45
N ALA C 58 34.20 31.99 4.57
CA ALA C 58 35.46 31.45 4.09
C ALA C 58 36.05 32.28 2.96
N GLN C 59 35.17 32.86 2.16
CA GLN C 59 35.55 33.66 0.99
C GLN C 59 36.26 34.96 1.38
N ARG C 60 36.01 35.41 2.61
CA ARG C 60 36.58 36.64 3.13
C ARG C 60 37.84 36.26 3.88
N GLU C 61 38.42 35.14 3.48
CA GLU C 61 39.71 34.68 4.00
C GLU C 61 40.54 33.93 2.95
N GLY C 62 40.41 34.33 1.68
CA GLY C 62 41.13 33.69 0.56
C GLY C 62 40.45 32.40 0.11
N LYS C 63 40.58 31.37 0.96
CA LYS C 63 40.01 29.99 0.79
C LYS C 63 39.06 29.82 -0.41
N THR C 64 39.59 29.61 -1.62
CA THR C 64 38.76 29.56 -2.84
C THR C 64 37.82 28.35 -2.83
N CYS C 65 36.59 28.57 -3.28
CA CYS C 65 35.50 27.63 -3.08
C CYS C 65 34.75 27.11 -4.30
N ALA C 66 34.23 25.90 -4.14
CA ALA C 66 33.61 25.18 -5.23
C ALA C 66 32.16 24.96 -4.97
N PHE C 67 31.37 25.15 -6.02
CA PHE C 67 29.94 24.98 -5.98
C PHE C 67 29.45 23.98 -7.02
N ILE C 68 29.20 22.75 -6.57
CA ILE C 68 28.77 21.68 -7.45
C ILE C 68 27.29 21.81 -7.64
N ASP C 69 26.88 22.28 -8.81
CA ASP C 69 25.49 22.64 -9.05
C ASP C 69 24.71 21.76 -10.02
N ALA C 70 23.65 21.16 -9.51
CA ALA C 70 22.78 20.38 -10.35
C ALA C 70 21.37 20.90 -10.24
N GLU C 71 21.17 21.85 -9.33
CA GLU C 71 19.86 22.48 -9.15
C GLU C 71 19.60 23.55 -10.21
N HIS C 72 20.68 24.20 -10.63
CA HIS C 72 20.60 25.35 -11.53
C HIS C 72 19.74 26.41 -10.85
N ALA C 73 19.93 26.57 -9.54
CA ALA C 73 19.10 27.49 -8.72
C ALA C 73 19.79 28.86 -8.45
N LEU C 74 20.37 29.01 -7.27
CA LEU C 74 21.31 30.07 -6.95
C LEU C 74 21.07 31.46 -7.58
N ASP C 75 20.66 32.42 -6.75
CA ASP C 75 20.49 33.81 -7.18
C ASP C 75 21.81 34.57 -6.97
N PRO C 76 22.51 34.90 -8.06
CA PRO C 76 23.78 35.62 -7.91
C PRO C 76 23.63 36.82 -7.00
N ILE C 77 22.50 37.51 -7.12
CA ILE C 77 22.27 38.77 -6.42
C ILE C 77 22.07 38.54 -4.92
N TYR C 78 21.18 37.61 -4.61
CA TYR C 78 20.97 37.20 -3.24
C TYR C 78 22.30 36.75 -2.63
N ALA C 79 23.11 36.08 -3.44
CA ALA C 79 24.41 35.66 -2.97
C ALA C 79 25.23 36.87 -2.61
N ARG C 80 25.24 37.85 -3.50
CA ARG C 80 26.12 39.01 -3.36
C ARG C 80 25.86 39.69 -2.02
N LYS C 81 24.58 39.78 -1.67
CA LYS C 81 24.18 40.48 -0.45
C LYS C 81 24.39 39.60 0.77
N LEU C 82 24.50 38.31 0.55
CA LEU C 82 24.87 37.46 1.64
C LEU C 82 26.36 37.58 1.91
N GLY C 83 27.13 37.96 0.89
CA GLY C 83 28.54 38.32 1.06
C GLY C 83 29.56 37.40 0.44
N VAL C 84 29.24 36.81 -0.70
CA VAL C 84 30.14 35.89 -1.36
C VAL C 84 30.89 36.57 -2.49
N ASP C 85 32.19 36.37 -2.56
CA ASP C 85 32.97 36.87 -3.69
C ASP C 85 32.58 36.02 -4.89
N ILE C 86 31.56 36.47 -5.59
CA ILE C 86 30.98 35.71 -6.68
C ILE C 86 31.98 35.56 -7.81
N ASP C 87 32.64 36.66 -8.14
CA ASP C 87 33.60 36.69 -9.24
C ASP C 87 34.74 35.66 -9.05
N ASN C 88 34.87 35.13 -7.84
CA ASN C 88 35.96 34.22 -7.49
C ASN C 88 35.43 32.89 -6.96
N LEU C 89 34.27 32.48 -7.47
CA LEU C 89 33.66 31.25 -7.00
C LEU C 89 33.63 30.20 -8.09
N LEU C 90 33.87 28.94 -7.74
CA LEU C 90 33.86 27.89 -8.73
C LEU C 90 32.58 27.15 -8.67
N CYS C 91 31.93 26.99 -9.82
CA CYS C 91 30.69 26.23 -9.93
C CYS C 91 30.86 25.04 -10.88
N SER C 92 30.11 23.96 -10.64
CA SER C 92 30.26 22.75 -11.42
C SER C 92 28.97 22.49 -12.11
N GLN C 93 28.95 22.67 -13.41
CA GLN C 93 27.74 22.47 -14.20
C GLN C 93 27.76 21.07 -14.84
N PRO C 94 27.62 19.98 -14.04
CA PRO C 94 28.06 18.67 -14.51
C PRO C 94 27.16 18.15 -15.61
N ASP C 95 27.66 17.16 -16.36
CA ASP C 95 26.87 16.50 -17.40
C ASP C 95 26.04 15.32 -16.82
N THR C 96 26.47 14.80 -15.67
CA THR C 96 25.79 13.69 -15.01
C THR C 96 26.15 13.63 -13.52
N GLY C 97 25.36 12.83 -12.79
CA GLY C 97 25.55 12.64 -11.37
C GLY C 97 26.84 11.93 -11.07
N GLU C 98 27.18 10.97 -11.91
CA GLU C 98 28.50 10.38 -11.81
C GLU C 98 29.53 11.48 -11.96
N GLN C 99 29.68 11.99 -13.18
CA GLN C 99 30.64 13.05 -13.48
C GLN C 99 30.70 14.09 -12.36
N ALA C 100 29.53 14.50 -11.86
CA ALA C 100 29.48 15.42 -10.74
C ALA C 100 30.28 14.86 -9.59
N LEU C 101 29.87 13.68 -9.12
CA LEU C 101 30.52 13.03 -8.00
C LEU C 101 31.96 12.62 -8.29
N GLU C 102 32.55 13.17 -9.36
CA GLU C 102 33.95 12.95 -9.69
C GLU C 102 34.73 14.23 -9.81
N ILE C 103 34.02 15.30 -10.20
CA ILE C 103 34.64 16.60 -10.34
C ILE C 103 34.91 17.13 -8.96
N CYS C 104 33.92 16.94 -8.08
CA CYS C 104 34.09 17.29 -6.68
C CYS C 104 35.23 16.46 -6.07
N ASP C 105 35.39 15.23 -6.54
CA ASP C 105 36.48 14.39 -6.08
C ASP C 105 37.81 14.96 -6.54
N ALA C 106 37.86 15.31 -7.81
CA ALA C 106 39.08 15.78 -8.42
C ALA C 106 39.60 17.04 -7.72
N LEU C 107 38.69 17.85 -7.23
CA LEU C 107 39.08 19.08 -6.56
C LEU C 107 39.62 18.78 -5.16
N ALA C 108 39.07 17.72 -4.57
CA ALA C 108 39.52 17.30 -3.27
C ALA C 108 40.99 17.00 -3.31
N ARG C 109 41.42 16.37 -4.39
CA ARG C 109 42.82 15.97 -4.57
C ARG C 109 43.73 17.19 -4.73
N SER C 110 43.22 18.21 -5.42
CA SER C 110 44.05 19.33 -5.84
C SER C 110 44.37 20.32 -4.72
N GLY C 111 44.59 19.80 -3.51
CA GLY C 111 45.26 20.48 -2.37
C GLY C 111 44.65 21.78 -1.85
N ALA C 112 44.85 22.85 -2.63
CA ALA C 112 44.31 24.18 -2.33
C ALA C 112 43.03 24.50 -3.16
N VAL C 113 41.99 23.72 -2.92
CA VAL C 113 40.64 24.14 -3.20
C VAL C 113 39.90 23.81 -1.93
N ASP C 114 39.43 24.85 -1.25
CA ASP C 114 39.22 24.75 0.18
C ASP C 114 37.92 24.17 0.68
N VAL C 115 36.80 24.71 0.23
CA VAL C 115 35.53 24.12 0.61
C VAL C 115 34.53 23.96 -0.57
N ILE C 116 33.99 22.75 -0.66
CA ILE C 116 33.17 22.31 -1.79
C ILE C 116 31.71 22.18 -1.34
N VAL C 117 30.79 22.68 -2.18
CA VAL C 117 29.37 22.61 -1.87
C VAL C 117 28.54 21.98 -3.00
N VAL C 118 27.78 20.95 -2.67
CA VAL C 118 27.03 20.18 -3.66
C VAL C 118 25.56 20.46 -3.55
N ASP C 119 24.99 20.77 -4.71
CA ASP C 119 23.62 21.25 -4.83
C ASP C 119 22.99 20.63 -6.06
N SER C 120 22.17 19.59 -5.86
CA SER C 120 21.89 18.99 -4.55
C SER C 120 21.86 17.47 -4.63
N VAL C 121 21.99 16.82 -3.49
CA VAL C 121 21.99 15.38 -3.43
C VAL C 121 20.93 14.81 -4.33
N ALA C 122 19.73 15.36 -4.21
CA ALA C 122 18.59 14.86 -4.95
C ALA C 122 18.77 15.00 -6.47
N ALA C 123 19.41 16.09 -6.89
CA ALA C 123 19.56 16.39 -8.32
C ALA C 123 20.80 15.75 -8.95
N LEU C 124 21.57 15.03 -8.12
CA LEU C 124 22.68 14.18 -8.57
C LEU C 124 22.15 12.87 -9.14
N THR C 125 21.43 12.99 -10.26
CA THR C 125 20.72 11.89 -10.88
C THR C 125 21.71 11.07 -11.70
N PRO C 126 21.84 9.77 -11.40
CA PRO C 126 22.78 8.82 -12.02
C PRO C 126 22.81 8.82 -13.54
N LYS C 127 23.98 8.51 -14.10
CA LYS C 127 24.17 8.49 -15.56
C LYS C 127 23.20 7.50 -16.16
N ALA C 128 22.93 6.44 -15.40
CA ALA C 128 21.94 5.44 -15.78
C ALA C 128 20.56 6.07 -16.05
N GLU C 129 20.01 6.78 -15.07
CA GLU C 129 18.68 7.40 -15.21
C GLU C 129 18.67 8.31 -16.42
N ILE C 130 19.76 9.04 -16.62
CA ILE C 130 19.83 10.01 -17.67
C ILE C 130 19.65 9.39 -19.04
N GLU C 131 20.42 8.38 -19.35
CA GLU C 131 20.58 8.08 -20.76
C GLU C 131 19.48 7.14 -21.23
N GLY C 132 18.42 7.09 -20.42
CA GLY C 132 17.17 6.42 -20.75
C GLY C 132 17.07 5.01 -20.23
N GLU C 133 17.28 4.84 -18.92
CA GLU C 133 17.42 3.50 -18.33
C GLU C 133 16.16 2.98 -17.61
N ILE C 134 15.94 1.65 -17.76
CA ILE C 134 14.85 0.87 -17.14
C ILE C 134 15.13 0.60 -15.63
N GLY C 135 14.68 -0.56 -15.12
CA GLY C 135 15.03 -1.01 -13.76
C GLY C 135 14.03 -0.69 -12.66
N ASP C 136 13.30 -1.71 -12.22
CA ASP C 136 12.30 -1.62 -11.12
C ASP C 136 12.62 -0.50 -10.12
N SER C 137 13.92 -0.29 -9.85
CA SER C 137 14.43 0.64 -8.81
C SER C 137 14.10 2.15 -9.01
N HIS C 138 14.68 2.80 -10.04
CA HIS C 138 14.50 4.27 -10.36
C HIS C 138 15.00 5.30 -9.25
N MET C 139 15.09 4.85 -7.98
CA MET C 139 15.92 5.51 -6.95
C MET C 139 17.12 4.60 -6.63
N GLY C 140 16.89 3.40 -6.05
CA GLY C 140 18.00 2.73 -5.36
C GLY C 140 19.32 2.69 -6.13
N LEU C 141 19.37 3.26 -7.34
CA LEU C 141 20.60 3.32 -8.14
C LEU C 141 21.52 4.44 -7.69
N ALA C 142 20.93 5.45 -7.08
CA ALA C 142 21.65 6.60 -6.53
C ALA C 142 22.32 6.27 -5.19
N ALA C 143 21.58 5.57 -4.33
CA ALA C 143 22.12 5.08 -3.05
C ALA C 143 23.36 4.13 -3.24
N ARG C 144 23.58 3.72 -4.49
CA ARG C 144 24.71 2.88 -4.86
C ARG C 144 25.78 3.63 -5.68
N MET C 145 25.38 4.68 -6.40
CA MET C 145 26.36 5.61 -6.96
C MET C 145 27.04 6.36 -5.81
N MET C 146 26.28 6.58 -4.74
CA MET C 146 26.79 7.12 -3.49
C MET C 146 27.82 6.16 -2.90
N SER C 147 27.35 4.98 -2.48
CA SER C 147 28.21 3.95 -1.89
C SER C 147 29.53 3.78 -2.64
N GLN C 148 29.51 4.20 -3.91
CA GLN C 148 30.62 4.05 -4.86
C GLN C 148 31.78 5.01 -4.55
N ALA C 149 31.90 6.09 -5.33
CA ALA C 149 33.03 7.02 -5.21
C ALA C 149 33.03 7.83 -3.88
N MET C 150 32.57 7.19 -2.81
CA MET C 150 32.43 7.79 -1.47
C MET C 150 33.64 7.57 -0.55
N ARG C 151 34.09 6.32 -0.45
CA ARG C 151 35.33 5.98 0.24
C ARG C 151 36.47 6.81 -0.34
N LYS C 152 36.59 6.80 -1.68
CA LYS C 152 37.61 7.55 -2.43
C LYS C 152 37.63 9.05 -2.08
N LEU C 153 36.44 9.60 -1.79
CA LEU C 153 36.35 10.98 -1.34
C LEU C 153 36.66 11.14 0.13
N ALA C 154 36.10 10.25 0.93
CA ALA C 154 36.28 10.27 2.37
C ALA C 154 37.71 10.62 2.78
N GLY C 155 38.67 10.10 2.02
CA GLY C 155 40.12 10.22 2.30
C GLY C 155 40.84 11.34 1.55
N ASN C 156 40.32 11.73 0.39
CA ASN C 156 40.89 12.83 -0.38
C ASN C 156 40.60 14.20 0.27
N LEU C 157 40.06 14.18 1.47
CA LEU C 157 39.66 15.39 2.14
C LEU C 157 40.52 15.65 3.36
N LYS C 158 40.68 14.62 4.20
CA LYS C 158 41.64 14.65 5.30
C LYS C 158 43.04 14.92 4.73
N GLN C 159 43.15 14.82 3.39
CA GLN C 159 44.38 15.10 2.66
C GLN C 159 44.61 16.61 2.51
N SER C 160 43.56 17.31 2.09
CA SER C 160 43.65 18.72 1.67
C SER C 160 43.12 19.75 2.69
N ASN C 161 42.59 19.23 3.79
CA ASN C 161 41.73 19.98 4.68
C ASN C 161 40.48 20.47 3.93
N THR C 162 40.20 19.83 2.81
CA THR C 162 39.05 20.18 1.98
C THR C 162 37.71 19.80 2.66
N LEU C 163 36.88 20.82 2.95
CA LEU C 163 35.56 20.64 3.57
C LEU C 163 34.46 20.48 2.54
N LEU C 164 33.71 19.37 2.61
CA LEU C 164 32.66 19.11 1.64
C LEU C 164 31.31 19.09 2.31
N ILE C 165 30.42 19.91 1.77
CA ILE C 165 29.10 20.11 2.32
C ILE C 165 28.02 19.65 1.37
N PHE C 166 27.26 18.66 1.81
CA PHE C 166 26.18 18.09 1.02
C PHE C 166 24.79 18.60 1.46
N ILE C 167 23.94 19.02 0.51
CA ILE C 167 22.56 19.45 0.84
C ILE C 167 21.48 18.51 0.34
N ASN C 168 20.59 18.11 1.25
CA ASN C 168 19.66 16.98 1.02
C ASN C 168 18.25 17.32 1.53
N GLN C 169 17.24 16.46 1.23
CA GLN C 169 15.79 16.58 1.68
C GLN C 169 15.19 15.33 2.44
N GLY C 186 17.67 10.01 0.53
CA GLY C 186 17.87 9.19 -0.66
C GLY C 186 19.31 8.76 -0.94
N GLY C 187 19.91 8.02 0.00
CA GLY C 187 21.27 7.45 -0.17
C GLY C 187 22.04 7.16 1.12
N ASN C 188 21.87 5.95 1.66
CA ASN C 188 22.33 5.58 3.02
C ASN C 188 23.86 5.49 3.21
N ALA C 189 24.61 5.64 2.13
CA ALA C 189 26.06 5.69 2.21
C ALA C 189 26.56 6.99 2.88
N LEU C 190 26.18 8.13 2.31
CA LEU C 190 26.59 9.43 2.80
C LEU C 190 26.43 9.60 4.30
N LYS C 191 25.42 8.96 4.85
CA LYS C 191 25.10 9.04 6.27
C LYS C 191 26.31 8.80 7.18
N PHE C 192 27.09 7.77 6.90
CA PHE C 192 28.13 7.33 7.84
C PHE C 192 29.47 8.01 7.60
N TYR C 193 29.67 8.54 6.40
CA TYR C 193 30.94 9.17 6.03
C TYR C 193 30.91 10.66 6.35
N ALA C 194 29.74 11.13 6.78
CA ALA C 194 29.62 12.49 7.25
C ALA C 194 30.15 12.59 8.66
N SER C 195 30.98 13.59 8.91
CA SER C 195 31.46 13.82 10.26
C SER C 195 30.46 14.70 11.01
N VAL C 196 29.64 15.43 10.26
CA VAL C 196 28.64 16.31 10.84
C VAL C 196 27.37 16.42 10.00
N ARG C 197 26.23 16.38 10.68
CA ARG C 197 24.94 16.49 10.02
C ARG C 197 23.98 17.50 10.66
N LEU C 198 23.31 18.27 9.82
CA LEU C 198 22.40 19.33 10.26
C LEU C 198 20.95 19.17 9.80
N ASP C 199 20.00 19.39 10.73
CA ASP C 199 18.53 19.35 10.49
C ASP C 199 17.89 20.74 10.52
N ILE C 200 18.02 21.44 9.40
CA ILE C 200 17.48 22.77 9.24
C ILE C 200 15.99 22.59 8.96
N ARG C 201 15.19 23.45 9.57
CA ARG C 201 13.74 23.52 9.30
C ARG C 201 13.20 24.90 9.58
N ARG C 202 12.30 25.38 8.72
CA ARG C 202 11.65 26.65 8.96
C ARG C 202 10.46 26.41 9.89
N ILE C 203 10.45 27.06 11.06
CA ILE C 203 9.48 26.74 12.12
C ILE C 203 8.72 27.92 12.64
N GLY C 204 8.93 29.10 12.04
CA GLY C 204 8.21 30.30 12.47
C GLY C 204 8.08 31.33 11.38
N ALA C 205 8.37 32.57 11.75
CA ALA C 205 8.39 33.71 10.84
C ALA C 205 8.57 34.94 11.70
N VAL C 206 9.24 35.96 11.18
CA VAL C 206 9.45 37.17 11.97
C VAL C 206 8.80 38.37 11.29
N LYS C 207 8.15 39.18 12.11
CA LYS C 207 7.35 40.30 11.65
C LYS C 207 7.90 41.69 12.08
N GLU C 208 7.60 42.74 11.30
CA GLU C 208 7.85 44.12 11.71
C GLU C 208 6.51 44.74 11.97
N GLY C 209 5.78 44.17 12.92
CA GLY C 209 4.39 44.54 13.15
C GLY C 209 3.42 43.93 12.13
N GLU C 210 3.57 44.32 10.86
CA GLU C 210 2.56 44.03 9.82
C GLU C 210 3.08 43.35 8.56
N ASN C 211 4.22 42.67 8.66
CA ASN C 211 4.85 42.10 7.47
C ASN C 211 5.51 40.73 7.59
N VAL C 212 5.71 40.08 6.45
CA VAL C 212 6.31 38.75 6.40
C VAL C 212 7.79 38.76 6.80
N VAL C 213 8.59 39.53 6.04
CA VAL C 213 10.07 39.67 6.09
C VAL C 213 11.00 38.63 6.81
N GLY C 214 10.48 37.94 7.82
CA GLY C 214 11.28 36.99 8.58
C GLY C 214 11.04 35.52 8.30
N SER C 215 11.87 34.67 8.92
CA SER C 215 11.77 33.22 8.86
C SER C 215 12.52 32.61 10.05
N GLU C 216 11.85 32.46 11.18
CA GLU C 216 12.48 31.88 12.39
C GLU C 216 12.90 30.43 12.12
N THR C 217 14.20 30.16 12.20
CA THR C 217 14.78 28.88 11.79
C THR C 217 15.43 28.10 12.94
N ARG C 218 15.39 26.76 12.84
CA ARG C 218 15.80 25.85 13.91
C ARG C 218 16.66 24.74 13.34
N VAL C 219 17.90 24.73 13.76
CA VAL C 219 18.90 23.79 13.26
C VAL C 219 19.30 22.87 14.38
N LYS C 220 19.22 21.57 14.09
CA LYS C 220 19.53 20.52 15.05
C LYS C 220 20.83 19.81 14.62
N VAL C 221 21.73 19.55 15.58
CA VAL C 221 22.97 18.81 15.30
C VAL C 221 22.65 17.34 15.54
N VAL C 222 22.58 16.56 14.46
CA VAL C 222 22.25 15.14 14.60
C VAL C 222 23.51 14.28 14.66
N LYS C 223 24.49 14.55 13.78
CA LYS C 223 25.78 13.82 13.82
C LYS C 223 27.00 14.71 14.15
N ASN C 224 27.72 14.30 15.19
CA ASN C 224 28.92 15.00 15.65
C ASN C 224 29.94 14.04 16.25
N LYS C 225 30.97 13.75 15.47
CA LYS C 225 32.14 12.98 15.92
C LYS C 225 33.29 13.95 16.23
N ILE C 226 32.98 15.24 16.10
CA ILE C 226 33.93 16.32 16.40
C ILE C 226 33.79 16.83 17.85
N ALA C 227 32.57 16.89 18.38
CA ALA C 227 32.35 17.21 19.81
C ALA C 227 31.21 16.39 20.45
N ALA C 228 30.15 17.08 20.87
CA ALA C 228 28.96 16.43 21.42
C ALA C 228 27.74 16.58 20.46
N PRO C 229 27.07 15.45 20.12
CA PRO C 229 25.84 15.49 19.30
C PRO C 229 24.60 15.98 20.10
N PHE C 230 23.41 15.93 19.47
CA PHE C 230 22.11 16.15 20.14
C PHE C 230 21.78 17.60 20.56
N LYS C 231 22.76 18.50 20.52
CA LYS C 231 22.50 19.91 20.87
C LYS C 231 21.91 20.66 19.69
N GLN C 232 20.91 21.50 19.96
CA GLN C 232 20.22 22.30 18.95
C GLN C 232 20.40 23.82 19.16
N ALA C 233 20.27 24.59 18.08
CA ALA C 233 20.46 26.04 18.14
C ALA C 233 19.52 26.76 17.20
N GLU C 234 18.98 27.90 17.66
CA GLU C 234 17.92 28.67 16.96
C GLU C 234 18.35 30.07 16.53
N PHE C 235 17.79 30.55 15.40
CA PHE C 235 18.13 31.87 14.88
C PHE C 235 17.13 32.42 13.85
N GLN C 236 17.54 33.40 13.06
CA GLN C 236 16.65 34.09 12.12
C GLN C 236 17.24 34.29 10.72
N ILE C 237 16.37 34.36 9.72
CA ILE C 237 16.78 34.63 8.34
C ILE C 237 15.95 35.77 7.75
N LEU C 238 16.60 36.76 7.18
CA LEU C 238 15.85 37.89 6.61
C LEU C 238 15.85 37.89 5.09
N TYR C 239 14.66 38.05 4.54
CA TYR C 239 14.44 38.08 3.11
C TYR C 239 15.33 39.09 2.41
N GLY C 240 16.43 38.63 1.84
CA GLY C 240 17.29 39.52 1.06
C GLY C 240 18.41 40.12 1.88
N GLU C 241 18.72 39.48 3.00
CA GLU C 241 19.86 39.89 3.85
C GLU C 241 20.64 38.76 4.56
N GLY C 242 19.98 37.63 4.84
CA GLY C 242 20.68 36.43 5.37
C GLY C 242 20.80 36.35 6.87
N ILE C 243 21.53 35.37 7.37
CA ILE C 243 21.58 35.11 8.81
C ILE C 243 21.92 36.36 9.59
N ASN C 244 21.29 36.51 10.74
CA ASN C 244 21.52 37.68 11.54
C ASN C 244 22.13 37.39 12.89
N PHE C 245 23.47 37.28 12.92
CA PHE C 245 24.16 36.87 14.14
C PHE C 245 24.18 37.95 15.19
N TYR C 246 23.97 39.19 14.74
CA TYR C 246 23.79 40.29 15.66
C TYR C 246 22.49 40.05 16.42
N GLY C 247 21.48 39.63 15.66
CA GLY C 247 20.18 39.30 16.22
C GLY C 247 20.33 38.35 17.38
N GLU C 248 21.00 37.23 17.13
CA GLU C 248 21.19 36.20 18.16
C GLU C 248 22.23 36.60 19.20
N LEU C 249 23.09 37.55 18.85
CA LEU C 249 24.16 37.98 19.74
C LEU C 249 23.56 38.59 20.97
N VAL C 250 22.69 39.56 20.76
CA VAL C 250 21.96 40.19 21.84
C VAL C 250 21.44 39.12 22.77
N ASP C 251 20.62 38.22 22.21
CA ASP C 251 19.99 37.13 22.96
C ASP C 251 21.00 36.28 23.74
N LEU C 252 22.20 36.13 23.18
CA LEU C 252 23.23 35.34 23.82
C LEU C 252 23.86 36.13 24.95
N GLY C 253 23.98 37.44 24.75
CA GLY C 253 24.50 38.33 25.78
C GLY C 253 23.56 38.41 26.96
N VAL C 254 22.29 38.18 26.69
CA VAL C 254 21.26 38.18 27.72
C VAL C 254 21.53 37.09 28.74
N LYS C 255 21.57 35.84 28.27
CA LYS C 255 21.70 34.70 29.17
C LYS C 255 23.09 34.65 29.80
N GLU C 256 24.06 35.28 29.15
CA GLU C 256 25.44 35.21 29.62
C GLU C 256 25.94 36.49 30.32
N LYS C 257 25.04 37.09 31.11
CA LYS C 257 25.32 38.24 31.98
C LYS C 257 25.74 39.52 31.25
N LEU C 258 26.71 39.41 30.33
CA LEU C 258 27.32 40.55 29.62
C LEU C 258 26.40 41.70 29.22
N ILE C 259 25.19 41.36 28.78
CA ILE C 259 24.16 42.35 28.46
C ILE C 259 23.06 42.30 29.51
N GLU C 260 22.61 43.49 29.96
CA GLU C 260 21.57 43.56 30.98
C GLU C 260 20.22 44.04 30.42
N LYS C 261 19.16 43.31 30.77
CA LYS C 261 17.80 43.60 30.34
C LYS C 261 17.02 44.35 31.43
N ALA C 262 16.75 45.63 31.20
CA ALA C 262 15.97 46.44 32.13
C ALA C 262 14.52 46.58 31.66
N GLY C 263 13.92 45.45 31.31
CA GLY C 263 12.53 45.40 30.80
C GLY C 263 12.42 45.58 29.30
N ALA C 264 12.44 46.83 28.86
CA ALA C 264 12.41 47.18 27.44
C ALA C 264 13.78 47.71 26.95
N TRP C 265 14.34 48.69 27.67
CA TRP C 265 15.66 49.29 27.35
C TRP C 265 16.79 48.30 27.68
N TYR C 266 17.53 47.88 26.67
CA TYR C 266 18.66 46.98 26.86
C TYR C 266 19.91 47.75 27.30
N SER C 267 20.80 47.09 28.07
CA SER C 267 21.99 47.75 28.65
C SER C 267 23.31 47.03 28.38
N TYR C 268 24.42 47.76 28.49
CA TYR C 268 25.79 47.21 28.47
C TYR C 268 26.63 47.79 29.63
N LYS C 269 26.18 47.52 30.86
CA LYS C 269 26.78 48.05 32.12
C LYS C 269 26.86 49.59 32.17
N GLY C 270 25.72 50.25 32.44
CA GLY C 270 25.64 51.71 32.49
C GLY C 270 25.40 52.36 31.14
N GLU C 271 26.23 52.02 30.16
CA GLU C 271 26.13 52.47 28.75
C GLU C 271 24.88 51.95 28.02
N LYS C 272 23.82 52.77 27.95
CA LYS C 272 22.54 52.40 27.31
C LYS C 272 22.69 52.21 25.79
N ILE C 273 22.09 51.13 25.27
CA ILE C 273 22.33 50.69 23.89
C ILE C 273 21.14 50.84 22.93
N GLY C 274 19.93 50.63 23.43
CA GLY C 274 18.72 50.84 22.62
C GLY C 274 17.41 50.41 23.25
N GLN C 275 16.32 50.72 22.56
CA GLN C 275 14.96 50.38 22.99
C GLN C 275 14.32 49.21 22.20
N GLY C 276 14.04 48.10 22.90
CA GLY C 276 13.50 46.87 22.28
C GLY C 276 14.58 45.93 21.77
N LYS C 277 14.20 44.86 21.08
CA LYS C 277 15.19 44.00 20.41
C LYS C 277 15.51 44.58 19.02
N ALA C 278 14.60 45.42 18.54
CA ALA C 278 14.69 46.03 17.21
C ALA C 278 15.85 47.02 17.07
N ASN C 279 16.04 47.84 18.10
CA ASN C 279 17.14 48.82 18.12
C ASN C 279 18.44 48.26 18.74
N ALA C 280 18.31 47.23 19.57
CA ALA C 280 19.46 46.61 20.24
C ALA C 280 20.29 45.89 19.21
N THR C 281 19.60 45.25 18.28
CA THR C 281 20.25 44.64 17.14
C THR C 281 20.76 45.73 16.23
N ALA C 282 19.91 46.72 15.96
CA ALA C 282 20.25 47.82 15.04
C ALA C 282 21.43 48.71 15.46
N TRP C 283 21.93 48.51 16.69
CA TRP C 283 23.09 49.27 17.20
C TRP C 283 24.41 48.54 17.01
N LEU C 284 24.45 47.25 17.33
CA LEU C 284 25.67 46.48 17.17
C LEU C 284 26.11 46.43 15.71
N LYS C 285 25.28 46.96 14.83
CA LYS C 285 25.58 47.09 13.41
C LYS C 285 26.50 48.30 13.16
N ASP C 286 26.18 49.42 13.82
CA ASP C 286 26.98 50.66 13.76
C ASP C 286 28.33 50.56 14.52
N ASN C 287 28.41 49.69 15.53
CA ASN C 287 29.61 49.51 16.38
C ASN C 287 30.33 48.16 16.14
N PRO C 288 31.33 48.14 15.23
CA PRO C 288 31.96 46.86 14.87
C PRO C 288 32.83 46.28 16.00
N GLU C 289 33.84 47.03 16.44
CA GLU C 289 34.84 46.58 17.42
C GLU C 289 34.26 46.06 18.75
N THR C 290 33.26 46.76 19.28
CA THR C 290 32.68 46.41 20.58
C THR C 290 31.92 45.09 20.52
N ALA C 291 31.34 44.79 19.36
CA ALA C 291 30.63 43.53 19.17
C ALA C 291 31.58 42.34 19.22
N LYS C 292 32.52 42.32 18.26
CA LYS C 292 33.57 41.29 18.15
C LYS C 292 34.12 40.87 19.51
N GLU C 293 34.15 41.81 20.45
CA GLU C 293 34.63 41.56 21.81
C GLU C 293 33.66 40.62 22.52
N ILE C 294 32.38 40.98 22.56
CA ILE C 294 31.38 40.21 23.28
C ILE C 294 31.19 38.85 22.63
N GLU C 295 31.24 38.83 21.30
CA GLU C 295 31.25 37.60 20.51
C GLU C 295 32.13 36.59 21.23
N LYS C 296 33.41 36.90 21.31
CA LYS C 296 34.41 36.00 21.88
C LYS C 296 34.07 35.55 23.31
N LYS C 297 33.77 36.51 24.19
CA LYS C 297 33.57 36.22 25.62
C LYS C 297 32.46 35.19 25.84
N VAL C 298 31.56 35.10 24.88
CA VAL C 298 30.53 34.08 24.91
C VAL C 298 31.11 32.74 24.48
N ARG C 299 31.85 32.76 23.36
CA ARG C 299 32.41 31.53 22.79
C ARG C 299 33.10 30.69 23.84
N GLU C 300 33.94 31.33 24.63
CA GLU C 300 34.75 30.65 25.63
C GLU C 300 33.94 30.16 26.84
N LEU C 301 32.74 30.71 27.02
CA LEU C 301 31.87 30.30 28.13
C LEU C 301 30.97 29.08 27.83
N LEU C 302 31.09 28.50 26.63
CA LEU C 302 30.27 27.32 26.20
C LEU C 302 31.06 26.14 25.56
N LEU C 303 31.77 26.41 24.46
CA LEU C 303 32.49 25.40 23.64
C LEU C 303 33.38 24.41 24.42
N LYS C 330 50.70 27.04 -4.27
CA LYS C 330 50.69 28.39 -4.90
C LYS C 330 49.39 28.58 -5.72
N GLN C 331 49.34 29.61 -6.59
CA GLN C 331 48.17 29.94 -7.43
C GLN C 331 48.11 29.15 -8.75
N LYS C 332 49.06 28.24 -8.91
CA LYS C 332 49.08 27.27 -10.01
C LYS C 332 48.98 25.82 -9.48
N ALA C 333 48.63 25.66 -8.21
CA ALA C 333 48.09 24.41 -7.69
C ALA C 333 46.61 24.35 -8.11
N LEU C 334 46.05 25.54 -8.36
CA LEU C 334 44.70 25.75 -8.93
C LEU C 334 44.76 25.71 -10.47
N ALA C 335 45.20 26.83 -11.06
CA ALA C 335 45.19 27.07 -12.53
C ALA C 335 45.71 25.92 -13.41
N ALA C 336 46.66 25.16 -12.89
CA ALA C 336 47.14 23.96 -13.56
C ALA C 336 46.16 22.81 -13.33
N ALA C 337 45.78 22.59 -12.07
CA ALA C 337 44.86 21.50 -11.72
C ALA C 337 43.43 21.75 -12.20
N LEU C 338 43.16 22.96 -12.70
CA LEU C 338 41.87 23.31 -13.32
C LEU C 338 41.77 22.76 -14.74
N GLY C 339 42.57 23.34 -15.64
CA GLY C 339 42.66 22.88 -17.04
C GLY C 339 42.72 21.37 -17.11
N GLN C 340 43.18 20.76 -16.02
CA GLN C 340 43.21 19.31 -15.79
C GLN C 340 41.79 18.71 -15.78
N ILE C 341 40.94 19.26 -14.94
CA ILE C 341 39.57 18.76 -14.82
C ILE C 341 38.84 19.12 -16.09
N GLU C 342 39.31 20.15 -16.76
CA GLU C 342 38.75 20.58 -18.04
C GLU C 342 39.03 19.57 -19.12
N LYS C 343 40.30 19.31 -19.39
CA LYS C 343 40.67 18.34 -20.41
C LYS C 343 40.10 16.96 -20.09
N GLN C 344 40.01 16.65 -18.78
CA GLN C 344 39.60 15.33 -18.29
C GLN C 344 38.12 15.01 -18.55
N PHE C 345 37.28 16.05 -18.54
CA PHE C 345 35.81 15.88 -18.65
C PHE C 345 35.09 16.64 -19.78
N GLY C 346 35.79 17.00 -20.86
CA GLY C 346 35.22 17.84 -21.93
C GLY C 346 35.39 19.32 -21.61
N LYS C 347 35.75 20.12 -22.63
CA LYS C 347 36.21 21.51 -22.44
C LYS C 347 35.15 22.49 -21.86
N GLY C 348 35.46 23.05 -20.69
CA GLY C 348 34.58 23.96 -19.99
C GLY C 348 33.50 23.20 -19.27
N SER C 349 33.73 22.86 -18.02
CA SER C 349 32.69 22.22 -17.22
C SER C 349 32.96 22.48 -15.75
N ILE C 350 33.76 23.49 -15.53
CA ILE C 350 33.87 24.14 -14.24
C ILE C 350 34.63 25.43 -14.48
N MET C 351 34.29 26.48 -13.74
CA MET C 351 35.02 27.74 -13.77
C MET C 351 34.71 28.73 -12.66
N ARG C 352 35.61 29.70 -12.50
CA ARG C 352 35.40 30.93 -11.71
C ARG C 352 34.35 31.68 -12.52
N LEU C 353 33.47 32.42 -11.82
CA LEU C 353 32.34 33.05 -12.49
C LEU C 353 32.74 34.34 -13.22
N GLY C 354 33.51 35.20 -12.55
CA GLY C 354 33.93 36.48 -13.12
C GLY C 354 35.07 36.35 -14.11
N GLU C 355 34.73 35.91 -15.31
CA GLU C 355 35.73 35.60 -16.32
C GLU C 355 35.38 36.12 -17.68
N ASP C 356 36.39 36.65 -18.35
CA ASP C 356 36.27 37.17 -19.72
C ASP C 356 36.50 36.06 -20.73
N ARG C 357 36.77 34.87 -20.20
CA ARG C 357 37.03 33.66 -20.99
C ARG C 357 35.75 33.05 -21.60
N SER C 358 35.56 33.34 -22.88
CA SER C 358 34.56 32.67 -23.69
C SER C 358 35.33 31.94 -24.79
N MET C 359 35.23 30.61 -24.82
CA MET C 359 35.86 29.81 -25.88
C MET C 359 35.32 30.23 -27.26
N ASP C 360 36.12 30.11 -28.32
CA ASP C 360 35.72 30.60 -29.64
C ASP C 360 34.86 29.60 -30.39
N VAL C 361 33.62 29.52 -29.76
CA VAL C 361 32.54 28.78 -30.43
C VAL C 361 31.45 29.68 -31.01
N GLU C 362 30.85 29.24 -32.13
CA GLU C 362 29.99 30.07 -32.99
C GLU C 362 28.71 30.61 -32.34
N THR C 363 28.42 31.89 -32.56
CA THR C 363 27.39 32.62 -31.84
C THR C 363 26.23 33.05 -32.74
N ILE C 364 25.01 32.80 -32.29
CA ILE C 364 23.81 33.29 -32.99
C ILE C 364 23.02 34.20 -32.06
N SER C 365 22.77 35.43 -32.49
CA SER C 365 22.11 36.46 -31.64
C SER C 365 20.67 36.11 -31.18
N THR C 366 20.39 36.27 -29.90
CA THR C 366 19.06 35.96 -29.36
C THR C 366 18.08 36.99 -29.77
N GLY C 367 18.56 38.15 -30.18
CA GLY C 367 17.71 39.30 -30.49
C GLY C 367 17.87 40.38 -29.44
N SER C 368 18.21 39.95 -28.23
CA SER C 368 18.49 40.85 -27.13
C SER C 368 19.96 40.93 -26.82
N LEU C 369 20.51 42.14 -26.90
CA LEU C 369 21.86 42.45 -26.46
C LEU C 369 22.07 41.95 -25.05
N SER C 370 21.19 42.35 -24.13
CA SER C 370 21.37 41.98 -22.71
C SER C 370 21.32 40.46 -22.45
N LEU C 371 20.71 39.71 -23.36
CA LEU C 371 20.80 38.28 -23.28
C LEU C 371 22.16 37.81 -23.75
N ASP C 372 22.52 38.18 -24.97
CA ASP C 372 23.82 37.81 -25.52
C ASP C 372 24.89 38.05 -24.48
N ILE C 373 24.78 39.18 -23.79
CA ILE C 373 25.71 39.55 -22.74
C ILE C 373 25.78 38.54 -21.60
N ALA C 374 24.62 38.18 -21.08
CA ALA C 374 24.58 37.25 -19.96
C ALA C 374 24.79 35.76 -20.36
N LEU C 375 24.58 35.47 -21.64
CA LEU C 375 24.98 34.21 -22.21
C LEU C 375 26.48 34.08 -22.01
N GLY C 376 27.22 35.16 -22.23
CA GLY C 376 28.66 35.17 -22.09
C GLY C 376 29.30 35.14 -23.47
N ALA C 377 28.78 34.31 -24.36
CA ALA C 377 29.39 34.09 -25.69
C ALA C 377 28.97 35.13 -26.70
N GLY C 378 27.83 35.77 -26.43
CA GLY C 378 27.26 36.76 -27.35
C GLY C 378 26.36 36.11 -28.39
N GLY C 379 25.59 35.12 -27.94
CA GLY C 379 24.68 34.37 -28.79
C GLY C 379 24.62 32.90 -28.41
N LEU C 380 23.66 32.19 -28.97
CA LEU C 380 23.51 30.76 -28.71
C LEU C 380 24.50 29.89 -29.50
N PRO C 381 25.10 28.92 -28.80
CA PRO C 381 26.09 27.94 -29.30
C PRO C 381 25.67 27.04 -30.48
N MET C 382 26.06 27.45 -31.69
CA MET C 382 25.82 26.67 -32.90
C MET C 382 26.28 25.22 -32.75
N GLY C 383 25.32 24.31 -32.91
CA GLY C 383 25.60 22.87 -32.86
C GLY C 383 25.37 22.21 -31.50
N ARG C 384 24.52 22.84 -30.69
CA ARG C 384 24.24 22.37 -29.32
C ARG C 384 22.74 22.35 -29.00
N ILE C 385 22.37 21.88 -27.81
CA ILE C 385 20.96 21.84 -27.41
C ILE C 385 20.62 22.93 -26.43
N VAL C 386 19.61 23.74 -26.78
CA VAL C 386 19.18 24.86 -25.93
C VAL C 386 17.76 24.69 -25.47
N GLU C 387 17.56 24.62 -24.15
CA GLU C 387 16.20 24.58 -23.59
C GLU C 387 15.84 25.95 -23.02
N ILE C 388 14.83 26.59 -23.61
CA ILE C 388 14.25 27.84 -23.10
C ILE C 388 12.93 27.48 -22.46
N TYR C 389 12.91 27.48 -21.14
CA TYR C 389 11.71 27.13 -20.43
C TYR C 389 11.08 28.37 -19.86
N GLY C 390 9.78 28.27 -19.59
CA GLY C 390 9.03 29.38 -18.98
C GLY C 390 7.50 29.30 -18.86
N PRO C 391 6.95 29.68 -17.70
CA PRO C 391 5.52 29.89 -17.54
C PRO C 391 4.83 30.23 -18.84
N GLU C 392 3.73 29.54 -19.12
CA GLU C 392 2.95 29.85 -20.31
C GLU C 392 2.72 31.35 -20.48
N SER C 393 2.73 31.81 -21.74
CA SER C 393 2.50 33.22 -22.07
C SER C 393 3.52 34.15 -21.39
N SER C 394 4.75 33.68 -21.26
CA SER C 394 5.82 34.46 -20.63
C SER C 394 6.56 35.34 -21.63
N GLY C 395 6.68 34.82 -22.84
CA GLY C 395 7.35 35.52 -23.88
C GLY C 395 8.28 34.58 -24.60
N LYS C 396 8.41 33.36 -24.09
CA LYS C 396 9.39 32.44 -24.63
C LYS C 396 9.41 32.40 -26.16
N THR C 397 8.25 32.17 -26.75
CA THR C 397 8.20 31.93 -28.21
C THR C 397 8.62 33.16 -29.03
N THR C 398 8.35 34.35 -28.50
CA THR C 398 8.78 35.57 -29.18
C THR C 398 10.29 35.51 -29.34
N LEU C 399 10.97 35.32 -28.21
CA LEU C 399 12.40 35.19 -28.16
C LEU C 399 12.86 34.09 -29.06
N THR C 400 12.07 33.02 -29.13
CA THR C 400 12.31 31.89 -30.02
C THR C 400 12.28 32.33 -31.47
N LEU C 401 11.20 33.00 -31.86
CA LEU C 401 11.08 33.49 -33.21
C LEU C 401 12.14 34.52 -33.54
N GLN C 402 12.73 35.09 -32.51
CA GLN C 402 13.72 36.12 -32.71
C GLN C 402 15.08 35.54 -33.06
N VAL C 403 15.38 34.35 -32.53
CA VAL C 403 16.61 33.68 -32.88
C VAL C 403 16.47 33.22 -34.31
N ILE C 404 15.31 32.63 -34.62
CA ILE C 404 15.02 32.23 -35.99
C ILE C 404 15.22 33.43 -36.90
N ALA C 405 14.90 34.61 -36.36
CA ALA C 405 15.02 35.86 -37.08
C ALA C 405 16.46 36.12 -37.49
N ALA C 406 17.32 36.31 -36.47
CA ALA C 406 18.71 36.71 -36.68
C ALA C 406 19.52 35.69 -37.50
N ALA C 407 19.17 34.41 -37.37
CA ALA C 407 19.88 33.37 -38.09
C ALA C 407 19.48 33.33 -39.56
N GLN C 408 18.22 33.70 -39.82
CA GLN C 408 17.70 33.72 -41.17
C GLN C 408 18.13 34.96 -41.95
N ARG C 409 18.59 35.96 -41.21
CA ARG C 409 19.04 37.21 -41.78
C ARG C 409 20.55 37.12 -42.04
N GLU C 410 21.15 36.00 -41.63
CA GLU C 410 22.53 35.70 -41.98
C GLU C 410 22.60 34.51 -42.92
N GLY C 411 21.77 34.52 -43.97
CA GLY C 411 21.75 33.46 -44.99
C GLY C 411 21.21 32.06 -44.60
N LYS C 412 21.33 31.70 -43.30
CA LYS C 412 21.02 30.34 -42.77
C LYS C 412 19.55 29.92 -42.92
N THR C 413 19.27 28.62 -43.01
CA THR C 413 17.88 28.13 -43.09
C THR C 413 17.53 27.17 -41.97
N CYS C 414 16.34 27.35 -41.41
CA CYS C 414 15.96 26.82 -40.09
C CYS C 414 14.71 25.97 -40.01
N ALA C 415 14.67 25.17 -38.96
CA ALA C 415 13.64 24.17 -38.79
C ALA C 415 12.67 24.49 -37.67
N PHE C 416 11.41 24.10 -37.87
CA PHE C 416 10.37 24.33 -36.89
C PHE C 416 9.56 23.08 -36.70
N ILE C 417 9.83 22.42 -35.60
CA ILE C 417 9.14 21.22 -35.24
C ILE C 417 8.02 21.67 -34.38
N ASP C 418 6.79 21.53 -34.87
CA ASP C 418 5.59 22.07 -34.19
C ASP C 418 4.51 21.06 -33.74
N ALA C 419 4.41 20.86 -32.44
CA ALA C 419 3.39 20.00 -31.89
C ALA C 419 2.32 20.82 -31.22
N GLU C 420 2.52 22.15 -31.17
CA GLU C 420 1.60 23.12 -30.52
C GLU C 420 0.48 23.63 -31.45
N HIS C 421 0.82 23.79 -32.71
CA HIS C 421 -0.09 24.32 -33.73
C HIS C 421 -0.48 25.71 -33.34
N ALA C 422 0.56 26.48 -33.04
CA ALA C 422 0.42 27.84 -32.54
C ALA C 422 0.86 28.89 -33.56
N LEU C 423 2.13 29.29 -33.46
CA LEU C 423 2.84 30.14 -34.42
C LEU C 423 1.98 31.13 -35.21
N ASP C 424 2.04 32.41 -34.85
CA ASP C 424 1.39 33.42 -35.67
C ASP C 424 2.31 33.86 -36.80
N PRO C 425 2.00 33.46 -38.04
CA PRO C 425 2.84 33.87 -39.16
C PRO C 425 3.02 35.39 -39.22
N ILE C 426 1.89 36.11 -39.18
CA ILE C 426 1.90 37.57 -39.32
C ILE C 426 2.81 38.27 -38.30
N TYR C 427 2.74 37.80 -37.06
CA TYR C 427 3.60 38.31 -36.00
C TYR C 427 5.07 37.97 -36.28
N ALA C 428 5.33 36.77 -36.80
CA ALA C 428 6.69 36.40 -37.12
C ALA C 428 7.22 37.33 -38.18
N ARG C 429 6.36 37.67 -39.12
CA ARG C 429 6.77 38.51 -40.23
C ARG C 429 7.11 39.93 -39.74
N LYS C 430 6.34 40.47 -38.80
CA LYS C 430 6.74 41.73 -38.24
C LYS C 430 8.00 41.50 -37.41
N LEU C 431 8.14 40.31 -36.84
CA LEU C 431 9.27 40.06 -35.96
C LEU C 431 10.62 40.01 -36.64
N GLY C 432 10.63 39.54 -37.88
CA GLY C 432 11.87 39.48 -38.68
C GLY C 432 12.12 38.15 -39.38
N VAL C 433 11.19 37.21 -39.21
CA VAL C 433 11.35 35.87 -39.77
C VAL C 433 10.87 35.86 -41.20
N ASP C 434 11.69 35.29 -42.06
CA ASP C 434 11.28 35.07 -43.45
C ASP C 434 10.51 33.79 -43.48
N ILE C 435 9.20 33.92 -43.32
CA ILE C 435 8.36 32.77 -43.21
C ILE C 435 8.47 31.86 -44.43
N ASP C 436 8.50 32.46 -45.62
CA ASP C 436 8.49 31.71 -46.87
C ASP C 436 9.58 30.64 -46.96
N ASN C 437 10.73 30.90 -46.34
CA ASN C 437 11.89 29.98 -46.35
C ASN C 437 11.96 29.06 -45.15
N LEU C 438 11.08 29.27 -44.17
CA LEU C 438 11.15 28.53 -42.93
C LEU C 438 10.68 27.11 -43.12
N LEU C 439 11.44 26.18 -42.58
CA LEU C 439 11.09 24.78 -42.70
C LEU C 439 10.24 24.41 -41.55
N CYS C 440 9.04 23.98 -41.88
CA CYS C 440 8.06 23.69 -40.86
C CYS C 440 7.65 22.24 -40.84
N SER C 441 7.60 21.70 -39.64
CA SER C 441 7.27 20.30 -39.47
C SER C 441 6.09 20.15 -38.54
N GLN C 442 5.10 19.37 -38.96
CA GLN C 442 3.92 19.10 -38.14
C GLN C 442 3.72 17.64 -37.87
N PRO C 443 4.47 17.08 -36.90
CA PRO C 443 4.64 15.64 -36.77
C PRO C 443 3.38 14.94 -36.30
N ASP C 444 3.23 13.70 -36.78
CA ASP C 444 2.16 12.82 -36.37
C ASP C 444 2.34 12.36 -34.91
N THR C 445 3.54 12.51 -34.36
CA THR C 445 3.75 12.08 -32.97
C THR C 445 5.10 12.31 -32.28
N GLY C 446 5.02 12.22 -30.95
CA GLY C 446 6.09 12.52 -30.03
C GLY C 446 7.39 11.97 -30.50
N GLU C 447 7.53 10.65 -30.49
CA GLU C 447 8.76 10.06 -30.97
C GLU C 447 9.01 10.51 -32.40
N GLN C 448 8.02 10.32 -33.28
CA GLN C 448 8.23 10.65 -34.69
C GLN C 448 8.85 12.04 -34.84
N ALA C 449 8.36 12.99 -34.06
CA ALA C 449 8.93 14.33 -34.03
C ALA C 449 10.43 14.29 -33.73
N LEU C 450 10.76 13.73 -32.57
CA LEU C 450 12.13 13.61 -32.12
C LEU C 450 13.03 12.97 -33.16
N GLU C 451 12.49 12.07 -33.97
CA GLU C 451 13.28 11.35 -34.96
C GLU C 451 13.47 12.17 -36.24
N ILE C 452 12.62 13.16 -36.43
CA ILE C 452 12.74 14.01 -37.61
C ILE C 452 13.89 14.98 -37.42
N CYS C 453 14.21 15.25 -36.17
CA CYS C 453 15.37 16.05 -35.85
C CYS C 453 16.65 15.28 -36.16
N ASP C 454 16.73 14.05 -35.68
CA ASP C 454 17.87 13.14 -35.91
C ASP C 454 18.40 13.30 -37.33
N ALA C 455 17.47 13.31 -38.27
CA ALA C 455 17.78 13.33 -39.68
C ALA C 455 17.93 14.75 -40.25
N LEU C 456 17.39 15.75 -39.56
CA LEU C 456 17.63 17.13 -39.96
C LEU C 456 18.98 17.59 -39.42
N ALA C 457 19.51 16.79 -38.49
CA ALA C 457 20.85 17.00 -37.99
C ALA C 457 21.83 16.47 -39.02
N ARG C 458 21.66 15.19 -39.40
CA ARG C 458 22.44 14.57 -40.48
C ARG C 458 22.02 15.15 -41.83
N SER C 459 21.96 16.49 -41.89
CA SER C 459 21.83 17.19 -43.12
C SER C 459 22.97 18.19 -43.23
N GLY C 460 23.18 18.96 -42.17
CA GLY C 460 24.29 19.92 -42.07
C GLY C 460 23.95 21.34 -42.53
N ALA C 461 23.05 21.41 -43.52
CA ALA C 461 22.54 22.67 -44.06
C ALA C 461 21.11 22.96 -43.56
N VAL C 462 20.78 22.34 -42.43
CA VAL C 462 19.74 22.84 -41.57
C VAL C 462 20.49 23.40 -40.37
N ASP C 463 20.41 24.71 -40.20
CA ASP C 463 21.28 25.40 -39.25
C ASP C 463 20.72 25.44 -37.83
N VAL C 464 19.43 25.78 -37.70
CA VAL C 464 18.78 25.72 -36.39
C VAL C 464 17.43 25.02 -36.37
N ILE C 465 17.26 24.16 -35.40
CA ILE C 465 16.05 23.43 -35.20
C ILE C 465 15.35 24.04 -34.01
N VAL C 466 14.05 24.32 -34.15
CA VAL C 466 13.19 24.80 -33.04
C VAL C 466 11.99 23.88 -32.78
N VAL C 467 11.94 23.37 -31.55
CA VAL C 467 10.95 22.35 -31.16
C VAL C 467 9.91 22.92 -30.20
N ASP C 468 8.64 22.83 -30.61
CA ASP C 468 7.51 23.49 -29.93
C ASP C 468 6.39 22.48 -29.63
N SER C 469 6.41 21.87 -28.45
CA SER C 469 7.41 22.09 -27.43
C SER C 469 7.28 20.97 -26.42
N VAL C 470 8.39 20.64 -25.74
CA VAL C 470 8.46 19.51 -24.79
C VAL C 470 7.12 18.89 -24.44
N ALA C 471 6.33 19.61 -23.63
CA ALA C 471 5.09 19.10 -23.10
C ALA C 471 4.14 18.59 -24.20
N ALA C 472 4.17 19.27 -25.35
CA ALA C 472 3.30 18.95 -26.51
C ALA C 472 3.75 17.79 -27.42
N LEU C 473 4.99 17.30 -27.21
CA LEU C 473 5.54 16.09 -27.88
C LEU C 473 5.02 14.80 -27.25
N THR C 474 3.69 14.68 -27.23
CA THR C 474 2.98 13.63 -26.53
C THR C 474 3.12 12.32 -27.31
N PRO C 475 3.78 11.34 -26.70
CA PRO C 475 4.26 10.06 -27.21
C PRO C 475 3.18 9.14 -27.74
N LYS C 476 3.60 8.02 -28.32
CA LYS C 476 2.70 7.06 -28.97
C LYS C 476 1.70 6.54 -27.98
N ALA C 477 2.20 5.92 -26.93
CA ALA C 477 1.38 5.21 -25.94
C ALA C 477 0.17 6.01 -25.46
N GLU C 478 0.34 7.33 -25.35
CA GLU C 478 -0.75 8.23 -25.01
C GLU C 478 -1.71 8.37 -26.19
N ILE C 479 -1.17 8.56 -27.39
CA ILE C 479 -2.01 8.67 -28.57
C ILE C 479 -2.83 7.42 -28.81
N GLU C 480 -2.20 6.36 -29.28
CA GLU C 480 -2.92 5.24 -29.85
C GLU C 480 -3.50 4.48 -28.65
N GLY C 481 -4.82 4.51 -28.51
CA GLY C 481 -5.45 4.07 -27.26
C GLY C 481 -4.63 4.72 -26.16
N GLU C 482 -4.34 3.98 -25.09
CA GLU C 482 -3.37 4.50 -24.13
C GLU C 482 -2.35 3.49 -23.65
N ILE C 483 -2.73 2.22 -23.64
CA ILE C 483 -1.90 1.11 -23.11
C ILE C 483 -1.18 1.44 -21.72
N GLY C 484 -1.85 1.09 -20.60
CA GLY C 484 -1.29 1.18 -19.22
C GLY C 484 -0.48 2.39 -18.71
N ASP C 485 -1.11 3.58 -18.75
CA ASP C 485 -0.56 4.85 -18.21
C ASP C 485 -0.79 4.91 -16.67
N SER C 486 0.24 5.36 -15.95
CA SER C 486 0.12 5.69 -14.52
C SER C 486 0.50 7.16 -14.19
N HIS C 487 -0.55 7.91 -13.85
CA HIS C 487 -0.52 9.19 -13.12
C HIS C 487 0.44 10.28 -13.70
N MET C 488 0.12 10.85 -14.89
CA MET C 488 0.70 12.14 -15.49
C MET C 488 1.44 12.26 -16.92
N GLY C 489 2.42 11.40 -17.22
CA GLY C 489 3.79 11.90 -17.32
C GLY C 489 4.74 10.81 -16.84
N LEU C 490 4.86 9.78 -17.67
CA LEU C 490 5.84 8.72 -17.46
C LEU C 490 6.72 8.67 -18.69
N ALA C 491 6.08 8.70 -19.86
CA ALA C 491 6.79 8.66 -21.10
C ALA C 491 7.69 9.90 -21.32
N ALA C 492 8.23 10.44 -20.22
CA ALA C 492 9.39 11.37 -20.27
C ALA C 492 10.69 10.60 -20.60
N ARG C 493 10.60 9.26 -20.54
CA ARG C 493 11.66 8.35 -20.95
C ARG C 493 11.81 8.37 -22.46
N MET C 494 10.74 8.71 -23.17
CA MET C 494 10.81 8.96 -24.60
C MET C 494 11.82 10.07 -24.90
N MET C 495 11.94 11.03 -23.98
CA MET C 495 12.96 12.05 -24.08
C MET C 495 14.34 11.40 -23.88
N SER C 496 14.53 10.82 -22.71
CA SER C 496 15.80 10.21 -22.37
C SER C 496 16.33 9.34 -23.51
N GLN C 497 15.41 8.73 -24.25
CA GLN C 497 15.70 7.82 -25.36
C GLN C 497 16.55 8.47 -26.44
N ALA C 498 15.89 8.96 -27.49
CA ALA C 498 16.55 9.50 -28.68
C ALA C 498 17.29 10.82 -28.39
N MET C 499 17.50 11.10 -27.10
CA MET C 499 18.27 12.26 -26.66
C MET C 499 19.78 12.05 -26.87
N ARG C 500 20.29 11.04 -26.19
CA ARG C 500 21.68 10.61 -26.29
C ARG C 500 22.25 10.86 -27.69
N LYS C 501 21.55 10.36 -28.70
CA LYS C 501 22.02 10.35 -30.08
C LYS C 501 22.04 11.73 -30.71
N LEU C 502 21.05 12.56 -30.37
CA LEU C 502 20.99 13.89 -30.95
C LEU C 502 22.23 14.71 -30.63
N ALA C 503 22.81 14.45 -29.46
CA ALA C 503 24.02 15.15 -29.01
C ALA C 503 25.09 15.22 -30.12
N GLY C 504 25.48 14.05 -30.63
CA GLY C 504 26.47 13.94 -31.70
C GLY C 504 25.99 14.50 -33.03
N ASN C 505 24.91 13.93 -33.55
CA ASN C 505 24.34 14.34 -34.85
C ASN C 505 24.27 15.86 -35.10
N LEU C 506 24.20 16.65 -34.03
CA LEU C 506 24.09 18.10 -34.13
C LEU C 506 25.43 18.81 -34.13
N LYS C 507 26.35 18.25 -33.36
CA LYS C 507 27.69 18.79 -33.19
C LYS C 507 28.51 18.69 -34.49
N GLN C 508 28.39 17.59 -35.21
CA GLN C 508 29.10 17.37 -36.51
C GLN C 508 28.26 17.80 -37.72
N SER C 509 27.43 18.83 -37.49
CA SER C 509 26.59 19.50 -38.50
C SER C 509 26.65 20.99 -38.28
N ASN C 510 26.95 21.38 -37.04
CA ASN C 510 26.69 22.72 -36.54
C ASN C 510 25.23 23.06 -36.74
N THR C 511 24.38 22.13 -36.34
CA THR C 511 22.95 22.35 -36.30
C THR C 511 22.58 22.68 -34.85
N LEU C 512 22.09 23.91 -34.63
CA LEU C 512 21.64 24.37 -33.31
C LEU C 512 20.16 24.04 -33.03
N LEU C 513 19.91 23.35 -31.92
CA LEU C 513 18.56 22.92 -31.62
C LEU C 513 18.09 23.51 -30.33
N ILE C 514 16.81 23.87 -30.34
CA ILE C 514 16.13 24.59 -29.26
C ILE C 514 14.85 23.91 -28.84
N PHE C 515 14.79 23.64 -27.56
CA PHE C 515 13.62 23.06 -26.92
C PHE C 515 12.85 24.11 -26.07
N ILE C 516 11.52 24.06 -26.08
CA ILE C 516 10.72 24.94 -25.24
C ILE C 516 9.89 24.13 -24.25
N ASN C 517 9.91 24.49 -22.97
CA ASN C 517 9.22 23.71 -21.90
C ASN C 517 8.30 24.65 -21.08
N GLN C 518 7.70 24.18 -19.96
CA GLN C 518 6.89 24.97 -18.94
C GLN C 518 7.09 24.70 -17.41
N GLY C 535 8.55 18.99 -18.42
CA GLY C 535 8.94 17.91 -19.32
C GLY C 535 9.76 16.74 -18.70
N GLY C 536 10.89 16.34 -19.32
CA GLY C 536 11.68 15.12 -18.89
C GLY C 536 13.08 15.37 -18.33
N ASN C 537 13.48 14.51 -17.38
CA ASN C 537 14.75 14.67 -16.61
C ASN C 537 16.02 14.85 -17.44
N ALA C 538 16.05 14.21 -18.61
CA ALA C 538 17.24 14.15 -19.44
C ALA C 538 17.74 15.51 -19.91
N LEU C 539 16.91 16.16 -20.70
CA LEU C 539 17.22 17.46 -21.24
C LEU C 539 17.95 18.36 -20.25
N LYS C 540 17.54 18.26 -18.99
CA LYS C 540 18.13 19.02 -17.89
C LYS C 540 19.66 19.02 -17.90
N PHE C 541 20.27 18.06 -18.61
CA PHE C 541 21.72 17.95 -18.59
C PHE C 541 22.29 18.04 -19.98
N TYR C 542 21.61 17.38 -20.91
CA TYR C 542 22.05 17.32 -22.31
C TYR C 542 21.90 18.70 -23.02
N ALA C 543 21.23 19.64 -22.36
CA ALA C 543 21.21 21.02 -22.82
C ALA C 543 22.56 21.64 -22.56
N SER C 544 23.10 22.31 -23.56
CA SER C 544 24.39 23.00 -23.43
C SER C 544 24.15 24.35 -22.73
N VAL C 545 22.98 24.95 -23.02
CA VAL C 545 22.52 26.18 -22.37
C VAL C 545 21.00 26.20 -22.08
N ARG C 546 20.66 26.82 -20.95
CA ARG C 546 19.31 26.83 -20.45
C ARG C 546 18.83 28.18 -19.96
N LEU C 547 17.63 28.49 -20.44
CA LEU C 547 16.95 29.75 -20.26
C LEU C 547 15.64 29.70 -19.45
N ASP C 548 15.54 30.64 -18.51
CA ASP C 548 14.34 30.90 -17.73
C ASP C 548 13.78 32.31 -18.09
N ILE C 549 12.86 32.36 -19.05
CA ILE C 549 12.17 33.58 -19.36
C ILE C 549 10.98 33.64 -18.43
N ARG C 550 10.70 34.82 -17.88
CA ARG C 550 9.50 35.08 -17.08
C ARG C 550 8.75 36.35 -17.58
N ARG C 551 7.82 36.88 -16.80
CA ARG C 551 7.25 38.18 -17.11
C ARG C 551 6.96 38.85 -15.79
N ILE C 552 7.29 40.12 -15.62
CA ILE C 552 7.03 40.78 -14.35
C ILE C 552 6.22 42.08 -14.40
N GLY C 553 6.28 42.82 -15.51
CA GLY C 553 5.76 44.19 -15.50
C GLY C 553 4.60 44.54 -16.38
N ALA C 554 4.89 44.58 -17.68
CA ALA C 554 4.02 45.18 -18.70
C ALA C 554 4.13 46.71 -18.70
N VAL C 555 4.13 47.32 -19.89
CA VAL C 555 4.25 48.78 -19.96
C VAL C 555 3.14 49.48 -20.77
N LYS C 556 3.04 50.79 -20.55
CA LYS C 556 1.91 51.61 -20.99
C LYS C 556 2.25 52.83 -21.88
N GLU C 557 1.39 53.06 -22.88
CA GLU C 557 1.37 54.27 -23.71
C GLU C 557 0.23 55.09 -23.17
N GLY C 558 0.48 55.76 -22.06
CA GLY C 558 -0.58 56.44 -21.34
C GLY C 558 -1.35 55.43 -20.50
N GLU C 559 -2.54 55.05 -20.96
CA GLU C 559 -3.41 54.09 -20.23
C GLU C 559 -3.51 52.72 -20.91
N ASN C 560 -3.17 52.67 -22.20
CA ASN C 560 -3.09 51.41 -22.94
C ASN C 560 -2.02 50.48 -22.33
N VAL C 561 -2.19 49.17 -22.49
CA VAL C 561 -1.18 48.18 -22.07
C VAL C 561 -0.57 47.58 -23.33
N VAL C 562 0.60 48.07 -23.68
CA VAL C 562 1.16 47.69 -24.96
C VAL C 562 2.50 46.96 -24.79
N GLY C 563 2.92 46.78 -23.53
CA GLY C 563 4.24 46.19 -23.22
C GLY C 563 4.27 45.00 -22.29
N SER C 564 5.42 44.35 -22.17
CA SER C 564 5.64 43.25 -21.22
C SER C 564 7.10 43.20 -20.76
N GLU C 565 7.35 43.57 -19.49
CA GLU C 565 8.69 43.58 -18.92
C GLU C 565 9.12 42.17 -18.54
N THR C 566 10.10 41.67 -19.28
CA THR C 566 10.56 40.30 -19.10
C THR C 566 11.91 40.22 -18.41
N ARG C 567 12.23 39.00 -17.93
CA ARG C 567 13.50 38.70 -17.27
C ARG C 567 13.95 37.30 -17.67
N VAL C 568 15.05 37.23 -18.39
CA VAL C 568 15.62 35.98 -18.79
C VAL C 568 16.82 35.67 -17.93
N LYS C 569 16.74 34.51 -17.29
CA LYS C 569 17.82 33.95 -16.49
C LYS C 569 18.50 32.81 -17.29
N VAL C 570 19.82 32.85 -17.34
CA VAL C 570 20.58 31.76 -17.94
C VAL C 570 21.02 30.93 -16.77
N VAL C 571 20.40 29.76 -16.60
CA VAL C 571 20.68 28.99 -15.40
C VAL C 571 21.61 27.83 -15.65
N LYS C 572 21.50 27.23 -16.82
CA LYS C 572 22.48 26.22 -17.19
C LYS C 572 23.41 26.78 -18.27
N ASN C 573 24.67 26.96 -17.93
CA ASN C 573 25.61 27.49 -18.91
C ASN C 573 26.96 26.81 -18.92
N LYS C 574 27.14 25.99 -19.96
CA LYS C 574 28.41 25.36 -20.22
C LYS C 574 29.10 26.09 -21.39
N ILE C 575 28.80 27.38 -21.60
CA ILE C 575 29.54 28.17 -22.58
C ILE C 575 30.46 29.11 -21.83
N ALA C 576 29.89 29.76 -20.81
CA ALA C 576 30.62 30.70 -19.99
C ALA C 576 29.98 30.86 -18.62
N ALA C 577 29.87 32.12 -18.19
CA ALA C 577 29.31 32.47 -16.90
C ALA C 577 27.84 32.04 -16.78
N PRO C 578 27.58 31.07 -15.90
CA PRO C 578 26.22 30.69 -15.61
C PRO C 578 25.56 31.64 -14.59
N PHE C 579 24.22 31.64 -14.51
CA PHE C 579 23.46 32.44 -13.54
C PHE C 579 23.47 33.95 -13.81
N LYS C 580 23.99 34.34 -14.97
CA LYS C 580 23.90 35.74 -15.37
C LYS C 580 22.48 35.98 -15.86
N GLN C 581 21.97 37.21 -15.74
CA GLN C 581 20.59 37.53 -16.12
C GLN C 581 20.43 38.79 -16.95
N ALA C 582 19.25 38.97 -17.51
CA ALA C 582 19.02 40.03 -18.47
C ALA C 582 17.57 40.52 -18.49
N GLU C 583 17.35 41.76 -18.04
CA GLU C 583 16.02 42.39 -18.09
C GLU C 583 15.86 43.26 -19.35
N PHE C 584 14.67 43.23 -19.94
CA PHE C 584 14.33 44.06 -21.11
C PHE C 584 12.82 44.08 -21.40
N GLN C 585 12.44 44.74 -22.49
CA GLN C 585 11.03 44.89 -22.82
C GLN C 585 10.62 44.12 -24.07
N ILE C 586 9.40 43.56 -24.06
CA ILE C 586 8.76 42.98 -25.25
C ILE C 586 7.48 43.70 -25.60
N LEU C 587 7.41 44.21 -26.81
CA LEU C 587 6.27 45.01 -27.23
C LEU C 587 5.35 44.25 -28.16
N TYR C 588 4.10 44.16 -27.73
CA TYR C 588 3.03 43.61 -28.54
C TYR C 588 3.13 44.12 -29.96
N GLY C 589 3.16 43.20 -30.91
CA GLY C 589 3.18 43.56 -32.32
C GLY C 589 4.39 44.34 -32.81
N GLU C 590 5.51 44.25 -32.09
CA GLU C 590 6.72 44.89 -32.57
C GLU C 590 7.91 44.01 -32.32
N GLY C 591 7.93 43.32 -31.19
CA GLY C 591 9.03 42.40 -30.90
C GLY C 591 9.85 42.77 -29.68
N ILE C 592 11.15 42.49 -29.68
CA ILE C 592 12.00 42.89 -28.59
C ILE C 592 12.48 44.37 -28.77
N ASN C 593 12.58 45.25 -27.79
CA ASN C 593 13.01 46.66 -27.80
C ASN C 593 14.53 46.95 -27.89
N PHE C 594 15.04 46.96 -29.12
CA PHE C 594 16.48 47.08 -29.40
C PHE C 594 16.98 48.25 -28.60
N TYR C 595 16.35 49.41 -28.82
CA TYR C 595 16.83 50.66 -28.27
C TYR C 595 16.59 50.73 -26.79
N GLY C 596 15.51 50.10 -26.39
CA GLY C 596 15.17 49.97 -25.00
C GLY C 596 16.37 49.52 -24.21
N GLU C 597 16.71 48.24 -24.29
CA GLU C 597 17.89 47.71 -23.63
C GLU C 597 19.19 48.48 -23.95
N LEU C 598 19.24 49.11 -25.13
CA LEU C 598 20.47 49.76 -25.58
C LEU C 598 20.85 50.87 -24.65
N VAL C 599 19.87 51.71 -24.39
CA VAL C 599 20.03 52.76 -23.42
C VAL C 599 20.65 52.16 -22.17
N ASP C 600 19.92 51.24 -21.57
CA ASP C 600 20.27 50.62 -20.28
C ASP C 600 21.72 50.16 -20.21
N LEU C 601 22.30 49.86 -21.37
CA LEU C 601 23.65 49.36 -21.41
C LEU C 601 24.64 50.52 -21.42
N GLY C 602 24.31 51.54 -22.21
CA GLY C 602 25.09 52.78 -22.24
C GLY C 602 24.92 53.59 -20.97
N VAL C 603 24.22 53.00 -20.02
CA VAL C 603 24.21 53.50 -18.68
C VAL C 603 25.46 52.91 -18.06
N LYS C 604 25.51 51.57 -18.01
CA LYS C 604 26.49 50.86 -17.22
C LYS C 604 27.88 50.98 -17.83
N GLU C 605 27.92 51.06 -19.15
CA GLU C 605 29.19 51.31 -19.81
C GLU C 605 29.24 52.78 -20.21
N LYS C 606 29.65 53.59 -19.24
CA LYS C 606 29.43 55.04 -19.23
C LYS C 606 29.60 55.74 -20.58
N LEU C 607 28.66 55.47 -21.50
CA LEU C 607 28.62 56.20 -22.77
C LEU C 607 27.50 57.24 -22.78
N ILE C 608 26.39 56.90 -22.11
CA ILE C 608 25.27 57.82 -21.87
C ILE C 608 25.09 58.10 -20.38
N GLU C 609 25.08 59.37 -20.06
CA GLU C 609 25.21 59.81 -18.68
C GLU C 609 23.85 59.97 -18.01
N LYS C 610 23.65 59.21 -16.94
CA LYS C 610 22.45 59.35 -16.11
C LYS C 610 22.62 60.47 -15.10
N ALA C 611 21.95 61.59 -15.38
CA ALA C 611 21.91 62.74 -14.46
C ALA C 611 20.60 62.76 -13.62
N GLY C 612 20.31 61.61 -12.99
CA GLY C 612 19.07 61.42 -12.23
C GLY C 612 17.89 60.92 -13.08
N ALA C 613 17.18 61.87 -13.70
CA ALA C 613 16.06 61.58 -14.59
C ALA C 613 16.39 61.95 -16.05
N TRP C 614 17.54 62.57 -16.23
CA TRP C 614 18.01 63.04 -17.51
C TRP C 614 19.00 62.09 -18.17
N TYR C 615 18.93 62.01 -19.47
CA TYR C 615 19.86 61.21 -20.22
C TYR C 615 20.74 62.05 -21.16
N SER C 616 22.03 62.11 -20.86
CA SER C 616 22.97 62.97 -21.60
C SER C 616 23.99 62.15 -22.43
N TYR C 617 24.31 62.64 -23.64
CA TYR C 617 25.32 62.01 -24.50
C TYR C 617 26.43 62.98 -24.86
N LYS C 618 27.50 62.92 -24.09
CA LYS C 618 28.60 63.87 -24.20
C LYS C 618 28.10 65.28 -24.03
N GLY C 619 27.77 65.62 -22.77
CA GLY C 619 27.35 66.99 -22.41
C GLY C 619 25.97 67.48 -22.90
N GLU C 620 25.67 67.23 -24.20
CA GLU C 620 24.39 67.57 -24.87
C GLU C 620 23.21 66.57 -24.54
N LYS C 621 22.05 67.12 -24.16
CA LYS C 621 20.99 66.37 -23.49
C LYS C 621 20.08 65.70 -24.49
N ILE C 622 19.82 64.42 -24.28
CA ILE C 622 19.15 63.57 -25.29
C ILE C 622 17.75 63.09 -24.96
N GLY C 623 17.44 63.01 -23.68
CA GLY C 623 16.12 62.57 -23.22
C GLY C 623 15.84 62.62 -21.70
N GLN C 624 14.59 62.89 -21.33
CA GLN C 624 14.20 62.89 -19.93
C GLN C 624 13.28 61.71 -19.70
N GLY C 625 13.64 60.86 -18.75
CA GLY C 625 12.93 59.57 -18.51
C GLY C 625 13.24 58.53 -19.59
N LYS C 626 13.52 57.28 -19.19
CA LYS C 626 13.90 56.23 -20.14
C LYS C 626 13.03 56.31 -21.43
N ALA C 627 11.79 56.76 -21.27
CA ALA C 627 10.86 56.93 -22.37
C ALA C 627 11.48 57.54 -23.61
N ASN C 628 11.87 58.79 -23.48
CA ASN C 628 12.33 59.59 -24.60
C ASN C 628 13.75 59.24 -25.00
N ALA C 629 14.54 58.79 -24.03
CA ALA C 629 15.87 58.31 -24.31
C ALA C 629 15.70 57.19 -25.33
N THR C 630 15.02 56.13 -24.94
CA THR C 630 14.72 55.06 -25.85
C THR C 630 14.51 55.75 -27.18
N ALA C 631 13.36 56.40 -27.35
CA ALA C 631 12.95 56.87 -28.67
C ALA C 631 13.83 57.97 -29.32
N TRP C 632 14.87 58.40 -28.63
CA TRP C 632 15.79 59.31 -29.25
C TRP C 632 16.69 58.51 -30.16
N LEU C 633 17.28 57.47 -29.62
CA LEU C 633 18.15 56.64 -30.40
C LEU C 633 17.44 56.21 -31.65
N LYS C 634 16.13 56.12 -31.58
CA LYS C 634 15.37 55.68 -32.75
C LYS C 634 15.58 56.57 -33.95
N ASP C 635 15.78 57.86 -33.71
CA ASP C 635 15.86 58.83 -34.80
C ASP C 635 17.28 59.17 -35.24
N ASN C 636 18.26 58.70 -34.48
CA ASN C 636 19.66 58.91 -34.84
C ASN C 636 20.41 57.56 -34.93
N PRO C 637 20.07 56.73 -35.92
CA PRO C 637 20.33 55.31 -35.84
C PRO C 637 21.79 54.99 -35.68
N GLU C 638 22.66 55.56 -36.51
CA GLU C 638 24.11 55.27 -36.47
C GLU C 638 24.71 55.55 -35.08
N THR C 639 24.31 56.66 -34.44
CA THR C 639 24.85 57.04 -33.15
C THR C 639 24.57 55.88 -32.19
N ALA C 640 23.43 55.25 -32.39
CA ALA C 640 23.12 54.08 -31.62
C ALA C 640 23.96 52.92 -32.07
N LYS C 641 23.73 52.51 -33.32
CA LYS C 641 24.39 51.33 -33.94
C LYS C 641 25.93 51.37 -33.83
N GLU C 642 26.46 52.52 -33.41
CA GLU C 642 27.86 52.65 -33.03
C GLU C 642 28.00 52.40 -31.52
N ILE C 643 27.09 52.98 -30.73
CA ILE C 643 27.05 52.75 -29.30
C ILE C 643 26.81 51.28 -29.06
N GLU C 644 25.94 50.70 -29.87
CA GLU C 644 25.82 49.26 -29.97
C GLU C 644 27.25 48.67 -30.01
N LYS C 645 27.90 48.84 -31.18
CA LYS C 645 29.23 48.34 -31.47
C LYS C 645 30.15 48.59 -30.30
N LYS C 646 30.08 49.78 -29.73
CA LYS C 646 30.94 50.13 -28.59
C LYS C 646 30.75 49.21 -27.37
N VAL C 647 29.53 48.71 -27.16
CA VAL C 647 29.34 47.81 -26.03
C VAL C 647 29.75 46.43 -26.43
N ARG C 648 29.59 46.17 -27.72
CA ARG C 648 30.04 44.91 -28.30
C ARG C 648 31.56 44.79 -28.32
N GLU C 649 32.25 45.93 -28.31
CA GLU C 649 33.71 45.92 -28.15
C GLU C 649 34.05 45.82 -26.66
N LEU C 650 33.15 46.34 -25.80
CA LEU C 650 33.37 46.44 -24.36
C LEU C 650 32.82 45.28 -23.53
N LEU C 651 32.09 44.35 -24.16
CA LEU C 651 31.69 43.09 -23.49
C LEU C 651 31.77 41.78 -24.35
N LEU C 652 32.51 41.82 -25.46
CA LEU C 652 32.72 40.66 -26.38
C LEU C 652 34.12 40.67 -27.06
N LYS C 679 25.37 22.50 -48.94
CA LYS C 679 24.91 22.90 -50.30
C LYS C 679 23.40 22.56 -50.43
N GLN C 680 22.77 22.96 -51.54
CA GLN C 680 21.37 22.59 -51.89
C GLN C 680 21.34 21.19 -52.51
N LYS C 681 22.54 20.64 -52.59
CA LYS C 681 22.87 19.28 -52.96
C LYS C 681 22.38 18.36 -51.82
N ALA C 682 22.85 18.62 -50.60
CA ALA C 682 22.61 17.75 -49.44
C ALA C 682 21.23 17.94 -48.81
N LEU C 683 20.67 19.14 -49.00
CA LEU C 683 19.37 19.50 -48.43
C LEU C 683 18.23 18.92 -49.26
N ALA C 684 18.13 19.34 -50.52
CA ALA C 684 17.06 18.91 -51.42
C ALA C 684 16.93 17.38 -51.47
N ALA C 685 17.97 16.69 -51.03
CA ALA C 685 18.01 15.22 -50.96
C ALA C 685 17.61 14.63 -49.59
N ALA C 686 18.13 15.20 -48.50
CA ALA C 686 17.79 14.74 -47.17
C ALA C 686 16.37 15.16 -46.77
N LEU C 687 15.72 15.96 -47.61
CA LEU C 687 14.31 16.34 -47.43
C LEU C 687 13.39 15.18 -47.79
N GLY C 688 13.33 14.88 -49.09
CA GLY C 688 12.52 13.79 -49.60
C GLY C 688 12.82 12.48 -48.92
N GLN C 689 13.85 12.48 -48.06
CA GLN C 689 14.27 11.32 -47.26
C GLN C 689 13.33 11.03 -46.10
N ILE C 690 12.60 12.05 -45.68
CA ILE C 690 11.76 11.92 -44.52
C ILE C 690 10.38 11.68 -45.02
N GLU C 691 10.09 12.26 -46.18
CA GLU C 691 8.83 12.06 -46.86
C GLU C 691 8.67 10.63 -47.32
N LYS C 692 9.78 10.00 -47.66
CA LYS C 692 9.80 8.58 -48.03
C LYS C 692 9.52 7.74 -46.77
N GLN C 693 10.13 8.14 -45.67
CA GLN C 693 10.22 7.29 -44.49
C GLN C 693 9.07 7.52 -43.51
N PHE C 694 8.60 8.76 -43.40
CA PHE C 694 7.66 9.15 -42.34
C PHE C 694 6.28 9.68 -42.77
N GLY C 695 5.61 9.00 -43.70
CA GLY C 695 4.33 9.50 -44.20
C GLY C 695 4.51 10.69 -45.12
N LYS C 696 3.82 10.68 -46.26
CA LYS C 696 4.09 11.61 -47.36
C LYS C 696 3.81 13.06 -46.94
N GLY C 697 4.85 13.88 -46.99
CA GLY C 697 4.73 15.30 -46.68
C GLY C 697 4.63 15.65 -45.20
N SER C 698 5.60 15.23 -44.41
CA SER C 698 5.58 15.59 -43.00
C SER C 698 6.59 16.67 -42.68
N ILE C 699 6.80 17.55 -43.64
CA ILE C 699 7.67 18.69 -43.45
C ILE C 699 7.73 19.44 -44.76
N MET C 700 7.91 20.76 -44.68
CA MET C 700 8.11 21.60 -45.88
C MET C 700 8.49 23.04 -45.61
N ARG C 701 9.01 23.69 -46.65
CA ARG C 701 9.20 25.12 -46.64
C ARG C 701 7.79 25.66 -46.63
N LEU C 702 7.57 26.72 -45.87
CA LEU C 702 6.25 27.27 -45.72
C LEU C 702 5.82 28.00 -46.96
N GLY C 703 6.78 28.42 -47.76
CA GLY C 703 6.49 29.22 -48.95
C GLY C 703 6.21 28.39 -50.19
N GLU C 704 5.99 27.09 -49.98
CA GLU C 704 5.89 26.16 -51.09
C GLU C 704 4.52 26.10 -51.77
N ASP C 705 4.56 26.04 -53.10
CA ASP C 705 3.39 25.90 -53.97
C ASP C 705 2.90 24.45 -54.06
N ARG C 706 3.81 23.53 -53.75
CA ARG C 706 3.57 22.08 -53.88
C ARG C 706 2.42 21.62 -52.96
N SER C 707 1.36 21.15 -53.62
CA SER C 707 0.25 20.46 -52.96
C SER C 707 0.22 19.01 -53.44
N MET C 708 0.18 18.07 -52.49
CA MET C 708 -0.09 16.65 -52.81
C MET C 708 -1.47 16.59 -53.46
N ASP C 709 -1.54 16.03 -54.66
CA ASP C 709 -2.78 16.04 -55.44
C ASP C 709 -3.74 14.96 -54.93
N VAL C 710 -4.47 15.35 -53.87
CA VAL C 710 -5.60 14.55 -53.38
C VAL C 710 -6.91 15.40 -53.49
N GLU C 711 -8.04 14.71 -53.62
CA GLU C 711 -9.29 15.38 -54.03
C GLU C 711 -9.90 16.18 -52.91
N THR C 712 -10.66 17.22 -53.29
CA THR C 712 -11.05 18.28 -52.37
C THR C 712 -12.55 18.59 -52.38
N ILE C 713 -13.15 18.77 -51.21
CA ILE C 713 -14.54 19.23 -51.12
C ILE C 713 -14.51 20.66 -50.63
N SER C 714 -15.16 21.56 -51.37
CA SER C 714 -15.21 23.00 -51.05
C SER C 714 -15.84 23.28 -49.67
N THR C 715 -15.21 24.13 -48.86
CA THR C 715 -15.76 24.46 -47.54
C THR C 715 -16.99 25.31 -47.68
N GLY C 716 -17.07 26.04 -48.79
CA GLY C 716 -18.14 26.98 -49.05
C GLY C 716 -17.52 28.35 -49.15
N SER C 717 -16.52 28.59 -48.30
CA SER C 717 -15.76 29.85 -48.30
C SER C 717 -14.48 29.79 -49.12
N LEU C 718 -14.52 30.47 -50.26
CA LEU C 718 -13.39 30.57 -51.18
C LEU C 718 -12.11 30.83 -50.46
N SER C 719 -12.12 31.82 -49.56
CA SER C 719 -10.91 32.18 -48.82
C SER C 719 -10.43 31.06 -47.87
N LEU C 720 -11.35 30.24 -47.37
CA LEU C 720 -10.95 29.08 -46.58
C LEU C 720 -10.27 28.04 -47.47
N ASP C 721 -10.93 27.68 -48.57
CA ASP C 721 -10.35 26.78 -49.55
C ASP C 721 -8.92 27.19 -49.81
N ILE C 722 -8.78 28.42 -50.26
CA ILE C 722 -7.49 29.01 -50.55
C ILE C 722 -6.46 28.79 -49.45
N ALA C 723 -6.75 29.27 -48.24
CA ALA C 723 -5.76 29.14 -47.18
C ALA C 723 -5.60 27.68 -46.70
N LEU C 724 -6.58 26.82 -47.03
CA LEU C 724 -6.47 25.41 -46.79
C LEU C 724 -5.33 24.87 -47.57
N GLY C 725 -5.01 25.51 -48.69
CA GLY C 725 -3.88 25.14 -49.53
C GLY C 725 -4.25 24.25 -50.69
N ALA C 726 -5.13 23.27 -50.43
CA ALA C 726 -5.54 22.26 -51.42
C ALA C 726 -6.80 22.66 -52.18
N GLY C 727 -7.52 23.65 -51.63
CA GLY C 727 -8.77 24.16 -52.23
C GLY C 727 -10.04 23.43 -51.78
N GLY C 728 -10.08 23.05 -50.50
CA GLY C 728 -11.15 22.23 -49.94
C GLY C 728 -10.60 21.18 -49.00
N LEU C 729 -11.48 20.52 -48.26
CA LEU C 729 -11.04 19.54 -47.30
C LEU C 729 -10.66 18.23 -47.96
N PRO C 730 -9.57 17.62 -47.45
CA PRO C 730 -9.03 16.32 -47.86
C PRO C 730 -9.99 15.17 -47.68
N MET C 731 -10.09 14.38 -48.73
CA MET C 731 -10.93 13.21 -48.78
C MET C 731 -10.31 12.08 -47.97
N GLY C 732 -11.13 11.42 -47.16
CA GLY C 732 -10.70 10.20 -46.44
C GLY C 732 -9.67 10.41 -45.33
N ARG C 733 -9.65 11.64 -44.83
CA ARG C 733 -8.77 12.01 -43.73
C ARG C 733 -9.63 12.57 -42.62
N ILE C 734 -9.09 12.64 -41.42
CA ILE C 734 -9.84 13.22 -40.32
C ILE C 734 -9.61 14.73 -40.18
N VAL C 735 -10.72 15.45 -40.02
CA VAL C 735 -10.72 16.90 -39.84
C VAL C 735 -11.36 17.29 -38.52
N GLU C 736 -10.64 18.10 -37.73
CA GLU C 736 -11.17 18.70 -36.52
C GLU C 736 -11.41 20.19 -36.78
N ILE C 737 -12.67 20.62 -36.70
CA ILE C 737 -13.03 22.03 -36.66
C ILE C 737 -13.48 22.30 -35.23
N TYR C 738 -12.82 23.24 -34.59
CA TYR C 738 -13.18 23.59 -33.24
C TYR C 738 -13.42 25.05 -33.13
N GLY C 739 -13.94 25.45 -31.98
CA GLY C 739 -14.10 26.87 -31.64
C GLY C 739 -14.94 27.10 -30.40
N PRO C 740 -15.09 28.37 -29.98
CA PRO C 740 -16.08 28.61 -28.93
C PRO C 740 -17.46 28.22 -29.42
N GLU C 741 -18.39 27.99 -28.49
CA GLU C 741 -19.81 27.92 -28.85
C GLU C 741 -20.23 29.20 -29.62
N SER C 742 -21.23 29.05 -30.48
CA SER C 742 -21.74 30.18 -31.28
C SER C 742 -20.63 30.93 -31.98
N SER C 743 -19.78 30.20 -32.70
CA SER C 743 -18.69 30.81 -33.47
C SER C 743 -19.01 30.86 -34.96
N GLY C 744 -19.49 29.71 -35.43
CA GLY C 744 -19.85 29.51 -36.82
C GLY C 744 -19.58 28.05 -37.16
N LYS C 745 -18.98 27.35 -36.21
CA LYS C 745 -18.48 26.01 -36.49
C LYS C 745 -19.53 25.10 -37.11
N THR C 746 -20.80 25.25 -36.71
CA THR C 746 -21.82 24.43 -37.34
C THR C 746 -22.19 24.95 -38.74
N THR C 747 -22.34 26.26 -38.91
CA THR C 747 -22.70 26.80 -40.22
C THR C 747 -21.79 26.20 -41.27
N LEU C 748 -20.51 26.29 -41.00
CA LEU C 748 -19.46 25.77 -41.84
C LEU C 748 -19.61 24.27 -42.00
N THR C 749 -19.74 23.59 -40.88
CA THR C 749 -20.02 22.17 -40.88
C THR C 749 -21.18 21.83 -41.82
N LEU C 750 -22.27 22.59 -41.76
CA LEU C 750 -23.42 22.30 -42.59
C LEU C 750 -23.17 22.65 -44.01
N GLN C 751 -22.27 23.60 -44.22
CA GLN C 751 -21.97 24.08 -45.56
C GLN C 751 -21.23 23.07 -46.43
N VAL C 752 -20.38 22.27 -45.78
CA VAL C 752 -19.66 21.23 -46.48
C VAL C 752 -20.59 20.09 -46.81
N ILE C 753 -21.46 19.75 -45.88
CA ILE C 753 -22.50 18.73 -46.08
C ILE C 753 -23.37 19.10 -47.27
N ALA C 754 -23.50 20.41 -47.50
CA ALA C 754 -24.25 20.95 -48.64
C ALA C 754 -23.45 20.74 -49.92
N ALA C 755 -22.29 21.41 -49.98
CA ALA C 755 -21.43 21.38 -51.15
C ALA C 755 -21.15 19.96 -51.64
N ALA C 756 -21.20 19.01 -50.71
CA ALA C 756 -21.01 17.61 -51.01
C ALA C 756 -22.24 17.02 -51.69
N GLN C 757 -23.39 17.33 -51.13
CA GLN C 757 -24.65 16.79 -51.59
C GLN C 757 -25.03 17.28 -52.97
N ARG C 758 -24.40 18.38 -53.38
CA ARG C 758 -24.63 18.94 -54.70
C ARG C 758 -23.55 18.50 -55.69
N GLU C 759 -22.85 17.42 -55.36
CA GLU C 759 -21.95 16.78 -56.29
C GLU C 759 -22.33 15.33 -56.39
N GLY C 760 -23.36 14.96 -55.64
CA GLY C 760 -23.84 13.58 -55.57
C GLY C 760 -23.49 12.91 -54.25
N LYS C 761 -22.20 12.98 -53.88
CA LYS C 761 -21.63 12.31 -52.70
C LYS C 761 -22.51 12.47 -51.45
N THR C 762 -22.90 11.35 -50.83
CA THR C 762 -23.86 11.39 -49.72
C THR C 762 -23.21 11.29 -48.35
N CYS C 763 -23.85 11.95 -47.39
CA CYS C 763 -23.24 12.29 -46.11
C CYS C 763 -24.00 11.79 -44.91
N ALA C 764 -23.29 11.72 -43.79
CA ALA C 764 -23.86 11.27 -42.55
C ALA C 764 -23.55 12.22 -41.41
N PHE C 765 -24.51 12.36 -40.52
CA PHE C 765 -24.46 13.29 -39.42
C PHE C 765 -24.77 12.55 -38.12
N ILE C 766 -23.75 12.42 -37.30
CA ILE C 766 -23.89 11.76 -36.04
C ILE C 766 -24.16 12.82 -35.01
N ASP C 767 -25.29 12.70 -34.32
CA ASP C 767 -25.72 13.75 -33.39
C ASP C 767 -25.77 13.38 -31.91
N ALA C 768 -24.86 13.98 -31.14
CA ALA C 768 -24.88 13.88 -29.70
C ALA C 768 -25.42 15.16 -29.09
N GLU C 769 -25.59 16.19 -29.94
CA GLU C 769 -25.97 17.55 -29.52
C GLU C 769 -27.48 17.82 -29.57
N HIS C 770 -28.12 17.25 -30.59
CA HIS C 770 -29.54 17.45 -30.84
C HIS C 770 -29.75 18.93 -30.94
N ALA C 771 -29.13 19.47 -31.98
CA ALA C 771 -29.08 20.90 -32.22
C ALA C 771 -29.79 21.24 -33.52
N LEU C 772 -29.00 21.10 -34.60
CA LEU C 772 -29.43 21.19 -36.00
C LEU C 772 -30.79 21.87 -36.31
N ASP C 773 -30.73 23.04 -36.93
CA ASP C 773 -31.94 23.68 -37.41
C ASP C 773 -32.22 23.25 -38.84
N PRO C 774 -33.21 22.38 -39.03
CA PRO C 774 -33.51 21.93 -40.36
C PRO C 774 -33.67 23.11 -41.30
N ILE C 775 -34.51 24.06 -40.90
CA ILE C 775 -34.87 25.20 -41.74
C ILE C 775 -33.62 25.97 -42.16
N TYR C 776 -32.71 26.23 -41.23
CA TYR C 776 -31.45 26.90 -41.55
C TYR C 776 -30.62 26.07 -42.54
N ALA C 777 -30.57 24.76 -42.34
CA ALA C 777 -29.81 23.93 -43.24
C ALA C 777 -30.42 24.02 -44.61
N ARG C 778 -31.75 23.94 -44.66
CA ARG C 778 -32.49 23.97 -45.91
C ARG C 778 -32.11 25.24 -46.68
N LYS C 779 -32.07 26.37 -45.97
CA LYS C 779 -31.77 27.63 -46.63
C LYS C 779 -30.28 27.77 -46.89
N LEU C 780 -29.47 26.96 -46.21
CA LEU C 780 -28.03 26.96 -46.47
C LEU C 780 -27.73 26.16 -47.72
N GLY C 781 -28.62 25.22 -48.02
CA GLY C 781 -28.53 24.42 -49.24
C GLY C 781 -28.38 22.92 -49.04
N VAL C 782 -28.85 22.42 -47.90
CA VAL C 782 -28.73 21.00 -47.56
C VAL C 782 -29.99 20.22 -47.94
N ASP C 783 -29.82 19.13 -48.66
CA ASP C 783 -30.91 18.22 -48.94
C ASP C 783 -31.11 17.41 -47.69
N ILE C 784 -31.93 17.96 -46.79
CA ILE C 784 -32.15 17.34 -45.51
C ILE C 784 -32.73 15.95 -45.67
N ASP C 785 -33.65 15.79 -46.61
CA ASP C 785 -34.35 14.54 -46.80
C ASP C 785 -33.38 13.37 -46.98
N ASN C 786 -32.30 13.60 -47.74
CA ASN C 786 -31.34 12.54 -48.12
C ASN C 786 -30.05 12.56 -47.31
N LEU C 787 -30.07 13.27 -46.19
CA LEU C 787 -28.94 13.29 -45.29
C LEU C 787 -29.14 12.20 -44.28
N LEU C 788 -28.05 11.64 -43.77
CA LEU C 788 -28.16 10.59 -42.80
C LEU C 788 -27.92 11.09 -41.41
N CYS C 789 -28.84 10.76 -40.52
CA CYS C 789 -28.71 11.18 -39.16
C CYS C 789 -28.67 10.00 -38.24
N SER C 790 -27.84 10.11 -37.20
CA SER C 790 -27.67 9.06 -36.19
C SER C 790 -27.55 9.61 -34.79
N GLN C 791 -28.60 9.37 -34.01
CA GLN C 791 -28.69 9.89 -32.67
C GLN C 791 -28.37 8.76 -31.69
N PRO C 792 -27.07 8.57 -31.44
CA PRO C 792 -26.59 7.39 -30.75
C PRO C 792 -26.83 7.49 -29.26
N ASP C 793 -26.75 6.33 -28.62
CA ASP C 793 -26.93 6.16 -27.17
C ASP C 793 -25.60 6.41 -26.41
N THR C 794 -24.47 5.94 -26.95
CA THR C 794 -23.19 6.16 -26.32
C THR C 794 -22.15 6.68 -27.27
N GLY C 795 -21.28 7.53 -26.74
CA GLY C 795 -20.13 8.01 -27.49
C GLY C 795 -19.46 6.85 -28.20
N GLU C 796 -19.06 5.85 -27.42
CA GLU C 796 -18.51 4.64 -27.99
C GLU C 796 -19.36 4.28 -29.21
N GLN C 797 -20.60 3.88 -28.97
CA GLN C 797 -21.51 3.48 -30.05
C GLN C 797 -21.42 4.45 -31.22
N ALA C 798 -21.50 5.73 -30.92
CA ALA C 798 -21.42 6.74 -31.93
C ALA C 798 -20.22 6.47 -32.82
N LEU C 799 -19.05 6.44 -32.22
CA LEU C 799 -17.83 6.22 -32.99
C LEU C 799 -17.96 4.94 -33.81
N GLU C 800 -18.33 3.86 -33.13
CA GLU C 800 -18.40 2.54 -33.75
C GLU C 800 -19.31 2.54 -34.97
N ILE C 801 -20.24 3.48 -35.00
CA ILE C 801 -21.13 3.59 -36.13
C ILE C 801 -20.34 4.11 -37.32
N CYS C 802 -19.55 5.14 -37.07
CA CYS C 802 -18.67 5.67 -38.09
C CYS C 802 -17.85 4.53 -38.66
N ASP C 803 -17.33 3.69 -37.77
CA ASP C 803 -16.51 2.54 -38.16
C ASP C 803 -17.05 1.86 -39.40
N ALA C 804 -18.26 1.31 -39.28
CA ALA C 804 -18.85 0.56 -40.39
C ALA C 804 -19.41 1.49 -41.46
N LEU C 805 -19.59 2.77 -41.12
CA LEU C 805 -19.98 3.76 -42.12
C LEU C 805 -18.78 4.08 -42.98
N ALA C 806 -17.60 3.87 -42.43
CA ALA C 806 -16.37 3.97 -43.19
C ALA C 806 -16.27 2.79 -44.15
N ARG C 807 -16.39 1.57 -43.62
CA ARG C 807 -16.43 0.35 -44.46
C ARG C 807 -17.78 0.23 -45.20
N SER C 808 -17.97 1.12 -46.17
CA SER C 808 -19.10 1.06 -47.08
C SER C 808 -18.65 1.70 -48.38
N GLY C 809 -17.89 2.79 -48.25
CA GLY C 809 -17.36 3.55 -49.39
C GLY C 809 -18.42 4.42 -50.02
N ALA C 810 -19.62 4.34 -49.43
CA ALA C 810 -20.82 5.00 -49.92
C ALA C 810 -21.25 6.16 -49.01
N VAL C 811 -20.64 6.24 -47.84
CA VAL C 811 -20.71 7.44 -47.04
C VAL C 811 -19.42 8.19 -47.38
N ASP C 812 -19.56 9.38 -47.95
CA ASP C 812 -18.38 10.13 -48.39
C ASP C 812 -17.99 11.22 -47.42
N VAL C 813 -18.89 11.51 -46.48
CA VAL C 813 -18.66 12.53 -45.50
C VAL C 813 -19.46 12.23 -44.26
N ILE C 814 -18.73 12.06 -43.17
CA ILE C 814 -19.33 11.91 -41.87
C ILE C 814 -19.05 13.18 -41.06
N VAL C 815 -20.08 13.67 -40.37
CA VAL C 815 -19.93 14.80 -39.46
C VAL C 815 -20.39 14.46 -38.03
N VAL C 816 -19.55 14.84 -37.07
CA VAL C 816 -19.76 14.53 -35.67
C VAL C 816 -19.91 15.79 -34.78
N ASP C 817 -21.11 15.94 -34.25
CA ASP C 817 -21.49 17.06 -33.39
C ASP C 817 -21.85 16.42 -32.04
N SER C 818 -20.97 16.51 -31.04
CA SER C 818 -19.65 17.09 -31.14
C SER C 818 -18.79 16.36 -30.15
N VAL C 819 -17.48 16.44 -30.35
CA VAL C 819 -16.51 15.72 -29.53
C VAL C 819 -16.80 15.75 -28.06
N ALA C 820 -16.93 16.94 -27.49
CA ALA C 820 -17.14 17.09 -26.06
C ALA C 820 -18.39 16.33 -25.59
N ALA C 821 -19.44 16.31 -26.43
CA ALA C 821 -20.72 15.68 -26.11
C ALA C 821 -20.77 14.14 -26.29
N LEU C 822 -19.76 13.59 -26.96
CA LEU C 822 -19.60 12.13 -27.10
C LEU C 822 -19.25 11.46 -25.77
N THR C 823 -20.03 11.78 -24.74
CA THR C 823 -19.72 11.31 -23.40
C THR C 823 -19.97 9.80 -23.33
N PRO C 824 -18.98 9.05 -22.84
CA PRO C 824 -18.86 7.59 -22.83
C PRO C 824 -19.86 6.85 -21.97
N LYS C 825 -19.89 5.52 -22.13
CA LYS C 825 -20.83 4.65 -21.42
C LYS C 825 -20.51 4.69 -19.95
N ALA C 826 -19.21 4.66 -19.65
CA ALA C 826 -18.72 4.77 -18.30
C ALA C 826 -19.37 5.94 -17.54
N GLU C 827 -19.49 7.08 -18.22
CA GLU C 827 -20.04 8.31 -17.63
C GLU C 827 -21.57 8.27 -17.65
N ILE C 828 -22.11 7.58 -18.64
CA ILE C 828 -23.55 7.37 -18.68
C ILE C 828 -23.97 6.50 -17.47
N GLU C 829 -23.04 5.89 -16.74
CA GLU C 829 -23.38 5.21 -15.48
C GLU C 829 -22.17 5.08 -14.54
N GLY C 838 -14.61 13.83 -17.30
CA GLY C 838 -13.39 13.77 -16.49
C GLY C 838 -12.23 13.08 -17.18
N LEU C 839 -12.12 11.76 -16.95
CA LEU C 839 -10.97 10.92 -17.38
C LEU C 839 -11.06 10.21 -18.79
N ALA C 840 -12.25 9.71 -19.16
CA ALA C 840 -12.44 8.93 -20.39
C ALA C 840 -12.43 9.74 -21.71
N ALA C 841 -11.39 10.55 -21.88
CA ALA C 841 -11.00 11.02 -23.19
C ALA C 841 -10.30 9.85 -23.89
N ARG C 842 -10.17 8.74 -23.16
CA ARG C 842 -9.54 7.47 -23.59
C ARG C 842 -10.34 6.81 -24.69
N MET C 843 -11.66 6.94 -24.57
CA MET C 843 -12.62 6.46 -25.55
C MET C 843 -12.28 7.06 -26.91
N MET C 844 -12.06 8.37 -26.93
CA MET C 844 -11.63 9.03 -28.15
C MET C 844 -10.37 8.40 -28.70
N SER C 845 -9.47 8.01 -27.81
CA SER C 845 -8.18 7.49 -28.21
C SER C 845 -8.34 6.13 -28.86
N GLN C 846 -9.38 5.41 -28.44
CA GLN C 846 -9.54 4.01 -28.77
C GLN C 846 -9.72 3.74 -30.27
N ALA C 847 -10.97 3.61 -30.69
CA ALA C 847 -11.33 3.27 -32.07
C ALA C 847 -10.87 4.36 -33.05
N MET C 848 -10.09 5.31 -32.54
CA MET C 848 -9.54 6.37 -33.35
C MET C 848 -8.64 5.81 -34.45
N ARG C 849 -7.57 5.11 -34.06
CA ARG C 849 -6.53 4.64 -34.99
C ARG C 849 -7.08 3.70 -36.06
N LYS C 850 -8.04 2.86 -35.68
CA LYS C 850 -8.67 1.91 -36.61
C LYS C 850 -9.51 2.63 -37.64
N LEU C 851 -10.19 3.68 -37.20
CA LEU C 851 -11.04 4.46 -38.07
C LEU C 851 -10.22 5.26 -39.05
N ALA C 852 -9.02 5.64 -38.62
CA ALA C 852 -8.10 6.41 -39.45
C ALA C 852 -7.93 5.78 -40.83
N GLY C 853 -7.61 4.48 -40.83
CA GLY C 853 -7.36 3.73 -42.06
C GLY C 853 -8.59 3.52 -42.92
N ASN C 854 -9.67 3.04 -42.31
CA ASN C 854 -10.89 2.66 -43.03
C ASN C 854 -11.40 3.75 -43.97
N LEU C 855 -10.90 4.97 -43.79
CA LEU C 855 -11.36 6.12 -44.53
C LEU C 855 -10.62 6.36 -45.86
N LYS C 856 -9.31 6.06 -45.88
CA LYS C 856 -8.51 6.13 -47.11
C LYS C 856 -8.99 5.16 -48.19
N GLN C 857 -9.57 4.03 -47.75
CA GLN C 857 -10.14 2.99 -48.64
C GLN C 857 -11.63 3.17 -48.89
N SER C 858 -12.12 4.40 -48.70
CA SER C 858 -13.52 4.75 -48.85
C SER C 858 -13.67 6.16 -49.37
N ASN C 859 -12.60 6.92 -49.24
CA ASN C 859 -12.61 8.37 -49.38
C ASN C 859 -13.50 9.03 -48.32
N THR C 860 -14.02 8.21 -47.41
CA THR C 860 -14.90 8.68 -46.33
C THR C 860 -14.26 9.79 -45.49
N LEU C 861 -14.65 11.03 -45.77
CA LEU C 861 -14.17 12.19 -45.04
C LEU C 861 -14.92 12.40 -43.73
N LEU C 862 -14.20 12.32 -42.62
CA LEU C 862 -14.82 12.52 -41.33
C LEU C 862 -14.37 13.83 -40.72
N ILE C 863 -15.37 14.59 -40.28
CA ILE C 863 -15.20 15.87 -39.60
C ILE C 863 -15.70 15.81 -38.14
N PHE C 864 -14.83 16.21 -37.24
CA PHE C 864 -15.16 16.34 -35.82
C PHE C 864 -15.39 17.82 -35.43
N ILE C 865 -16.12 18.04 -34.33
CA ILE C 865 -16.30 19.39 -33.79
C ILE C 865 -16.01 19.48 -32.28
N ASN C 866 -15.13 20.39 -31.86
CA ASN C 866 -14.70 20.46 -30.46
C ASN C 866 -15.02 21.87 -29.91
N GLN C 867 -14.64 22.17 -28.64
CA GLN C 867 -14.66 23.51 -27.93
C GLN C 867 -13.33 23.91 -27.17
N GLY C 884 -12.54 17.77 -25.26
CA GLY C 884 -12.07 16.70 -26.16
C GLY C 884 -10.80 15.94 -25.71
N GLY C 885 -10.41 14.88 -26.45
CA GLY C 885 -9.24 14.00 -26.09
C GLY C 885 -7.99 14.13 -26.96
N ASN C 886 -6.82 13.85 -26.38
CA ASN C 886 -5.50 14.16 -26.99
C ASN C 886 -5.23 13.56 -28.38
N ALA C 887 -5.83 12.42 -28.67
CA ALA C 887 -5.56 11.67 -29.90
C ALA C 887 -5.88 12.46 -31.17
N LEU C 888 -7.06 13.08 -31.16
CA LEU C 888 -7.56 13.77 -32.32
C LEU C 888 -6.55 14.76 -32.85
N LYS C 889 -5.94 15.53 -31.95
CA LYS C 889 -4.92 16.54 -32.28
C LYS C 889 -3.93 16.06 -33.34
N PHE C 890 -3.66 14.76 -33.33
CA PHE C 890 -2.64 14.22 -34.17
C PHE C 890 -3.21 13.52 -35.39
N TYR C 891 -4.14 12.59 -35.18
CA TYR C 891 -4.70 11.83 -36.32
C TYR C 891 -5.46 12.68 -37.34
N ALA C 892 -5.80 13.90 -36.94
CA ALA C 892 -6.39 14.86 -37.85
C ALA C 892 -5.37 15.21 -38.91
N SER C 893 -5.86 15.37 -40.13
CA SER C 893 -4.99 15.75 -41.22
C SER C 893 -5.11 17.23 -41.41
N VAL C 894 -6.28 17.77 -41.04
CA VAL C 894 -6.51 19.21 -41.07
C VAL C 894 -7.30 19.68 -39.84
N ARG C 895 -6.79 20.70 -39.17
CA ARG C 895 -7.46 21.31 -38.02
C ARG C 895 -7.75 22.78 -38.24
N LEU C 896 -9.05 23.10 -38.12
CA LEU C 896 -9.58 24.44 -38.34
C LEU C 896 -9.97 25.21 -37.06
N ASP C 897 -9.66 26.51 -37.04
CA ASP C 897 -9.96 27.38 -35.90
C ASP C 897 -10.93 28.47 -36.29
N ILE C 898 -12.20 28.29 -35.96
CA ILE C 898 -13.18 29.32 -36.23
C ILE C 898 -13.43 30.08 -34.95
N ARG C 899 -13.46 31.40 -35.05
CA ARG C 899 -13.83 32.30 -33.95
C ARG C 899 -14.71 33.40 -34.54
N ARG C 900 -15.63 33.93 -33.77
CA ARG C 900 -16.43 35.03 -34.28
C ARG C 900 -15.79 36.31 -33.77
N ILE C 901 -15.58 37.31 -34.63
CA ILE C 901 -14.90 38.53 -34.19
C ILE C 901 -15.71 39.84 -34.13
N GLY C 902 -16.57 40.08 -35.11
CA GLY C 902 -17.26 41.39 -35.23
C GLY C 902 -18.79 41.38 -35.20
N ALA C 903 -19.38 41.66 -36.35
CA ALA C 903 -20.82 41.78 -36.48
C ALA C 903 -21.13 42.62 -37.71
N VAL C 904 -22.27 42.36 -38.34
CA VAL C 904 -22.62 43.10 -39.55
C VAL C 904 -23.97 43.79 -39.42
N LYS C 905 -23.95 45.10 -39.64
CA LYS C 905 -25.13 45.92 -39.49
C LYS C 905 -25.73 46.45 -40.81
N GLU C 906 -27.04 46.22 -41.00
CA GLU C 906 -27.84 46.74 -42.12
C GLU C 906 -28.59 47.97 -41.66
N GLY C 907 -27.98 49.13 -41.94
CA GLY C 907 -28.39 50.40 -41.36
C GLY C 907 -28.02 50.38 -39.89
N GLU C 908 -28.86 49.75 -39.07
CA GLU C 908 -28.64 49.62 -37.65
C GLU C 908 -29.42 48.40 -37.14
N ASN C 909 -28.88 47.22 -37.39
CA ASN C 909 -29.55 45.98 -37.08
C ASN C 909 -28.59 44.77 -37.21
N VAL C 910 -28.36 44.06 -36.10
CA VAL C 910 -27.41 42.94 -36.05
C VAL C 910 -27.85 41.80 -36.95
N VAL C 911 -27.35 41.75 -38.19
CA VAL C 911 -27.78 40.68 -39.11
C VAL C 911 -26.66 39.73 -39.53
N GLY C 912 -25.47 39.90 -38.94
CA GLY C 912 -24.32 39.07 -39.29
C GLY C 912 -23.16 39.01 -38.32
N SER C 913 -22.43 37.88 -38.39
CA SER C 913 -21.24 37.66 -37.58
C SER C 913 -20.01 37.61 -38.49
N GLU C 914 -19.05 38.49 -38.23
CA GLU C 914 -17.80 38.47 -38.98
C GLU C 914 -16.88 37.42 -38.40
N THR C 915 -16.61 36.38 -39.18
CA THR C 915 -15.83 35.25 -38.68
C THR C 915 -14.42 35.21 -39.25
N ARG C 916 -13.58 34.39 -38.61
CA ARG C 916 -12.17 34.20 -38.99
C ARG C 916 -11.78 32.75 -38.78
N VAL C 917 -11.36 32.11 -39.87
CA VAL C 917 -10.94 30.73 -39.82
C VAL C 917 -9.43 30.63 -40.05
N LYS C 918 -8.76 29.95 -39.11
CA LYS C 918 -7.32 29.81 -39.11
C LYS C 918 -6.97 28.33 -39.23
N VAL C 919 -6.22 27.95 -40.27
CA VAL C 919 -5.85 26.56 -40.47
C VAL C 919 -4.62 26.30 -39.65
N VAL C 920 -4.79 25.77 -38.44
CA VAL C 920 -3.66 25.67 -37.53
C VAL C 920 -2.89 24.38 -37.70
N LYS C 921 -3.57 23.37 -38.22
CA LYS C 921 -2.87 22.14 -38.58
C LYS C 921 -3.20 21.76 -40.01
N ASN C 922 -2.17 21.58 -40.81
CA ASN C 922 -2.36 21.26 -42.22
C ASN C 922 -1.30 20.33 -42.82
N LYS C 923 -1.60 19.04 -42.81
CA LYS C 923 -0.75 18.04 -43.45
C LYS C 923 -1.35 17.68 -44.81
N ILE C 924 -1.78 18.71 -45.56
CA ILE C 924 -2.23 18.50 -46.93
C ILE C 924 -1.53 19.50 -47.84
N ALA C 925 -1.16 20.63 -47.25
CA ALA C 925 -0.43 21.68 -47.95
C ALA C 925 0.17 22.65 -46.94
N ALA C 926 0.15 23.93 -47.26
CA ALA C 926 0.70 24.95 -46.40
C ALA C 926 -0.18 25.23 -45.16
N PRO C 927 0.42 25.07 -43.96
CA PRO C 927 -0.27 25.35 -42.71
C PRO C 927 -0.11 26.80 -42.22
N PHE C 928 -1.03 27.22 -41.37
CA PHE C 928 -0.97 28.50 -40.66
C PHE C 928 -1.56 29.69 -41.41
N LYS C 929 -1.93 29.43 -42.66
CA LYS C 929 -2.58 30.46 -43.49
C LYS C 929 -4.03 30.65 -43.02
N GLN C 930 -4.57 31.86 -43.19
CA GLN C 930 -5.88 32.24 -42.65
C GLN C 930 -6.86 32.92 -43.63
N ALA C 931 -8.13 32.96 -43.25
CA ALA C 931 -9.18 33.43 -44.12
C ALA C 931 -10.32 34.04 -43.31
N GLU C 932 -10.72 35.27 -43.68
CA GLU C 932 -11.83 36.00 -43.03
C GLU C 932 -13.03 36.17 -43.96
N PHE C 933 -14.24 36.01 -43.42
CA PHE C 933 -15.44 36.05 -44.24
C PHE C 933 -16.69 36.31 -43.40
N GLN C 934 -17.80 36.58 -44.08
CA GLN C 934 -19.06 36.90 -43.42
C GLN C 934 -20.01 35.70 -43.34
N ILE C 935 -20.72 35.60 -42.21
CA ILE C 935 -21.87 34.68 -42.06
C ILE C 935 -23.13 35.48 -41.80
N LEU C 936 -24.14 35.27 -42.63
CA LEU C 936 -25.38 35.99 -42.47
C LEU C 936 -26.53 35.10 -41.99
N TYR C 937 -27.21 35.57 -40.95
CA TYR C 937 -28.37 34.88 -40.41
C TYR C 937 -29.33 34.54 -41.53
N GLY C 938 -29.58 33.26 -41.74
CA GLY C 938 -30.58 32.81 -42.70
C GLY C 938 -30.19 32.82 -44.17
N GLU C 939 -28.89 32.88 -44.45
CA GLU C 939 -28.38 32.76 -45.81
C GLU C 939 -27.03 32.03 -45.79
N GLY C 940 -26.28 32.20 -44.70
CA GLY C 940 -25.03 31.47 -44.50
C GLY C 940 -23.79 32.17 -44.98
N ILE C 941 -22.74 31.40 -45.20
CA ILE C 941 -21.47 31.93 -45.67
C ILE C 941 -21.69 32.85 -46.85
N ASN C 942 -21.02 33.99 -46.83
CA ASN C 942 -21.25 35.01 -47.83
C ASN C 942 -20.32 34.96 -49.04
N PHE C 943 -20.66 34.09 -49.98
CA PHE C 943 -19.87 33.77 -51.17
C PHE C 943 -19.34 35.01 -51.83
N TYR C 944 -20.26 35.92 -52.12
CA TYR C 944 -19.95 37.11 -52.90
C TYR C 944 -19.10 38.07 -52.11
N GLY C 945 -19.36 38.11 -50.82
CA GLY C 945 -18.69 39.04 -49.92
C GLY C 945 -17.18 38.89 -49.92
N GLU C 946 -16.73 37.64 -49.82
CA GLU C 946 -15.32 37.36 -49.92
C GLU C 946 -14.89 37.43 -51.40
N LEU C 947 -15.82 37.20 -52.31
CA LEU C 947 -15.47 37.19 -53.72
C LEU C 947 -15.00 38.56 -54.16
N VAL C 948 -15.68 39.59 -53.69
CA VAL C 948 -15.29 40.96 -53.97
C VAL C 948 -13.88 41.21 -53.49
N ASP C 949 -13.66 40.99 -52.20
CA ASP C 949 -12.35 41.16 -51.58
C ASP C 949 -11.21 40.46 -52.36
N LEU C 950 -11.48 39.26 -52.85
CA LEU C 950 -10.49 38.49 -53.57
C LEU C 950 -10.09 39.21 -54.85
N GLY C 951 -11.09 39.71 -55.56
CA GLY C 951 -10.87 40.37 -56.83
C GLY C 951 -10.19 41.71 -56.73
N VAL C 952 -10.11 42.23 -55.51
CA VAL C 952 -9.40 43.47 -55.24
C VAL C 952 -7.91 43.17 -55.07
N LYS C 953 -7.65 42.10 -54.32
CA LYS C 953 -6.26 41.68 -54.05
C LYS C 953 -5.70 40.86 -55.22
N GLU C 954 -6.56 40.47 -56.19
CA GLU C 954 -6.08 39.85 -57.44
C GLU C 954 -6.35 40.72 -58.66
N LYS C 955 -6.62 41.99 -58.40
CA LYS C 955 -6.55 43.07 -59.41
C LYS C 955 -7.56 42.98 -60.55
N LEU C 956 -8.58 42.13 -60.36
CA LEU C 956 -9.69 42.06 -61.29
C LEU C 956 -10.70 43.19 -61.06
N ILE C 957 -10.80 43.63 -59.80
CA ILE C 957 -11.66 44.75 -59.41
C ILE C 957 -10.84 45.85 -58.77
N GLU C 958 -11.10 47.09 -59.15
CA GLU C 958 -10.18 48.18 -58.88
C GLU C 958 -10.67 49.13 -57.82
N LYS C 959 -9.90 49.28 -56.75
CA LYS C 959 -10.26 50.14 -55.63
C LYS C 959 -9.78 51.58 -55.86
N ALA C 960 -10.73 52.48 -56.12
CA ALA C 960 -10.45 53.92 -56.26
C ALA C 960 -10.68 54.70 -54.95
N GLY C 961 -10.04 54.22 -53.88
CA GLY C 961 -10.24 54.73 -52.51
C GLY C 961 -11.49 54.13 -51.86
N ALA C 962 -12.66 54.63 -52.30
CA ALA C 962 -13.98 54.18 -51.84
C ALA C 962 -14.82 53.53 -52.96
N TRP C 963 -14.39 53.71 -54.20
CA TRP C 963 -15.14 53.25 -55.37
C TRP C 963 -14.67 51.89 -55.87
N TYR C 964 -15.63 51.09 -56.37
CA TYR C 964 -15.35 49.75 -56.84
C TYR C 964 -15.62 49.55 -58.35
N SER C 965 -14.54 49.40 -59.13
CA SER C 965 -14.65 49.34 -60.58
C SER C 965 -14.30 47.97 -61.15
N TYR C 966 -15.08 47.52 -62.14
CA TYR C 966 -14.75 46.32 -62.92
C TYR C 966 -14.42 46.64 -64.37
N LYS C 967 -13.17 47.06 -64.57
CA LYS C 967 -12.61 47.44 -65.90
C LYS C 967 -13.50 48.43 -66.71
N GLY C 968 -13.28 49.73 -66.48
CA GLY C 968 -14.05 50.82 -67.12
C GLY C 968 -15.36 51.10 -66.43
N GLU C 969 -16.16 50.05 -66.32
CA GLU C 969 -17.43 49.99 -65.56
C GLU C 969 -17.29 50.21 -64.02
N LYS C 970 -18.07 51.14 -63.47
CA LYS C 970 -18.11 51.40 -62.01
C LYS C 970 -19.27 50.64 -61.40
N ILE C 971 -18.96 49.68 -60.53
CA ILE C 971 -19.98 48.73 -60.04
C ILE C 971 -20.46 48.90 -58.61
N GLY C 972 -19.82 49.77 -57.85
CA GLY C 972 -20.22 50.03 -56.47
C GLY C 972 -19.42 51.05 -55.67
N GLN C 973 -20.00 51.50 -54.57
CA GLN C 973 -19.37 52.45 -53.67
C GLN C 973 -19.58 51.97 -52.27
N GLY C 974 -18.48 51.73 -51.56
CA GLY C 974 -18.51 51.07 -50.25
C GLY C 974 -18.72 49.56 -50.38
N LYS C 975 -17.80 48.79 -49.79
CA LYS C 975 -17.77 47.33 -49.97
C LYS C 975 -19.17 46.74 -50.14
N ALA C 976 -20.09 47.13 -49.26
CA ALA C 976 -21.45 46.60 -49.26
C ALA C 976 -22.14 46.67 -50.60
N ASN C 977 -22.39 47.89 -51.05
CA ASN C 977 -23.12 48.10 -52.27
C ASN C 977 -22.52 47.40 -53.48
N ALA C 978 -21.22 47.12 -53.39
CA ALA C 978 -20.51 46.41 -54.45
C ALA C 978 -20.79 44.93 -54.27
N THR C 979 -20.67 44.46 -53.04
CA THR C 979 -20.92 43.08 -52.73
C THR C 979 -22.19 42.72 -53.46
N ALA C 980 -23.27 43.35 -53.06
CA ALA C 980 -24.57 42.97 -53.56
C ALA C 980 -24.83 43.37 -55.03
N TRP C 981 -23.76 43.56 -55.80
CA TRP C 981 -23.91 43.83 -57.23
C TRP C 981 -23.56 42.58 -58.02
N LEU C 982 -22.65 41.79 -57.48
CA LEU C 982 -22.36 40.52 -58.07
C LEU C 982 -23.57 39.63 -57.88
N LYS C 983 -24.33 39.89 -56.82
CA LYS C 983 -25.56 39.14 -56.54
C LYS C 983 -26.65 39.49 -57.56
N ASP C 984 -26.45 40.60 -58.26
CA ASP C 984 -27.44 41.12 -59.18
C ASP C 984 -27.26 40.58 -60.61
N ASN C 985 -26.01 40.33 -61.03
CA ASN C 985 -25.75 39.63 -62.30
C ASN C 985 -24.67 38.53 -62.19
N PRO C 986 -25.09 37.28 -61.88
CA PRO C 986 -24.15 36.15 -61.66
C PRO C 986 -23.34 35.80 -62.91
N GLU C 987 -23.57 36.55 -64.00
CA GLU C 987 -22.86 36.37 -65.26
C GLU C 987 -21.37 36.66 -65.04
N THR C 988 -21.08 37.89 -64.62
CA THR C 988 -19.71 38.36 -64.44
C THR C 988 -19.12 37.71 -63.20
N ALA C 989 -19.98 37.30 -62.30
CA ALA C 989 -19.57 36.67 -61.06
C ALA C 989 -18.84 35.39 -61.38
N LYS C 990 -19.60 34.47 -61.96
CA LYS C 990 -19.12 33.14 -62.29
C LYS C 990 -17.85 33.16 -63.15
N GLU C 991 -17.60 34.29 -63.80
CA GLU C 991 -16.39 34.49 -64.60
C GLU C 991 -15.22 34.82 -63.67
N ILE C 992 -15.42 35.79 -62.78
CA ILE C 992 -14.37 36.20 -61.87
C ILE C 992 -14.14 35.11 -60.84
N GLU C 993 -15.21 34.44 -60.45
CA GLU C 993 -15.10 33.27 -59.59
C GLU C 993 -13.95 32.38 -60.06
N LYS C 994 -14.05 31.95 -61.31
CA LYS C 994 -13.10 31.02 -61.89
C LYS C 994 -11.72 31.66 -62.04
N LYS C 995 -11.69 32.90 -62.54
CA LYS C 995 -10.41 33.55 -62.84
C LYS C 995 -9.54 33.72 -61.59
N VAL C 996 -10.16 33.62 -60.42
CA VAL C 996 -9.44 33.66 -59.15
C VAL C 996 -9.00 32.27 -58.76
N ARG C 997 -9.89 31.31 -59.02
CA ARG C 997 -9.55 29.91 -58.85
C ARG C 997 -8.29 29.60 -59.65
N GLU C 998 -8.23 30.12 -60.88
CA GLU C 998 -7.07 29.96 -61.75
C GLU C 998 -5.80 30.62 -61.22
N LEU C 999 -5.97 31.72 -60.46
CA LEU C 999 -4.83 32.50 -59.96
C LEU C 999 -4.28 32.08 -58.59
N LEU C 1000 -5.00 31.20 -57.87
CA LEU C 1000 -4.54 30.66 -56.58
C LEU C 1000 -4.63 29.13 -56.35
N LEU C 1001 -5.39 28.43 -57.19
CA LEU C 1001 -5.44 26.94 -57.21
C LEU C 1001 -4.69 26.32 -58.45
N LYS C 1029 -22.02 0.94 -57.07
CA LYS C 1029 -23.43 1.39 -57.28
C LYS C 1029 -24.18 1.49 -55.91
N GLN C 1030 -25.51 1.44 -55.94
CA GLN C 1030 -26.37 1.49 -54.73
C GLN C 1030 -26.47 0.13 -54.04
N LYS C 1031 -25.50 -0.73 -54.37
CA LYS C 1031 -25.35 -2.09 -53.85
C LYS C 1031 -24.78 -2.07 -52.41
N ALA C 1032 -23.66 -1.36 -52.22
CA ALA C 1032 -22.97 -1.28 -50.94
C ALA C 1032 -23.75 -0.43 -49.91
N LEU C 1033 -24.57 0.49 -50.42
CA LEU C 1033 -25.35 1.43 -49.60
C LEU C 1033 -26.63 0.78 -49.10
N ALA C 1034 -27.56 0.55 -50.03
CA ALA C 1034 -28.91 0.05 -49.74
C ALA C 1034 -28.90 -1.32 -49.01
N ALA C 1035 -27.70 -1.79 -48.66
CA ALA C 1035 -27.52 -3.01 -47.85
C ALA C 1035 -26.84 -2.70 -46.51
N ALA C 1036 -25.66 -2.09 -46.55
CA ALA C 1036 -24.90 -1.87 -45.33
C ALA C 1036 -25.69 -1.06 -44.30
N LEU C 1037 -26.73 -0.36 -44.75
CA LEU C 1037 -27.58 0.44 -43.87
C LEU C 1037 -28.14 -0.36 -42.70
N GLY C 1038 -29.13 -1.18 -42.99
CA GLY C 1038 -29.82 -1.98 -41.97
C GLY C 1038 -28.88 -2.79 -41.11
N GLN C 1039 -27.71 -3.09 -41.66
CA GLN C 1039 -26.68 -3.87 -40.95
C GLN C 1039 -26.38 -3.23 -39.61
N ILE C 1040 -26.42 -1.91 -39.61
CA ILE C 1040 -26.04 -1.15 -38.45
C ILE C 1040 -27.18 -1.19 -37.46
N GLU C 1041 -28.39 -1.17 -37.98
CA GLU C 1041 -29.59 -1.27 -37.15
C GLU C 1041 -29.57 -2.59 -36.42
N LYS C 1042 -29.16 -3.63 -37.13
CA LYS C 1042 -29.12 -4.98 -36.54
C LYS C 1042 -28.05 -5.07 -35.46
N GLN C 1043 -26.88 -4.49 -35.73
CA GLN C 1043 -25.72 -4.60 -34.84
C GLN C 1043 -25.90 -3.93 -33.47
N PHE C 1044 -26.66 -2.81 -33.43
CA PHE C 1044 -26.76 -2.01 -32.21
C PHE C 1044 -28.18 -1.91 -31.65
N GLY C 1045 -28.96 -0.98 -32.19
CA GLY C 1045 -30.36 -0.78 -31.82
C GLY C 1045 -31.18 -0.55 -33.06
N LYS C 1046 -32.42 -1.07 -33.08
CA LYS C 1046 -33.29 -0.98 -34.25
C LYS C 1046 -33.80 0.46 -34.39
N GLY C 1047 -33.25 1.18 -35.37
CA GLY C 1047 -33.65 2.57 -35.67
C GLY C 1047 -32.77 3.67 -35.09
N SER C 1048 -31.45 3.50 -35.13
CA SER C 1048 -30.56 4.55 -34.65
C SER C 1048 -29.70 5.08 -35.77
N ILE C 1049 -30.21 4.97 -36.98
CA ILE C 1049 -29.71 5.71 -38.13
C ILE C 1049 -30.81 5.71 -39.17
N MET C 1050 -30.98 6.84 -39.89
CA MET C 1050 -31.90 6.88 -41.05
C MET C 1050 -31.81 8.12 -41.92
N ARG C 1051 -32.46 8.05 -43.08
CA ARG C 1051 -32.67 9.20 -43.95
C ARG C 1051 -33.72 10.05 -43.25
N LEU C 1052 -33.55 11.37 -43.29
CA LEU C 1052 -34.40 12.28 -42.53
C LEU C 1052 -35.74 12.56 -43.19
N GLY C 1053 -35.84 12.31 -44.49
CA GLY C 1053 -37.10 12.51 -45.23
C GLY C 1053 -37.84 11.20 -45.42
N GLU C 1054 -38.03 10.48 -44.30
CA GLU C 1054 -38.60 9.13 -44.31
C GLU C 1054 -39.97 8.95 -43.65
N ASP C 1055 -40.85 8.29 -44.40
CA ASP C 1055 -42.18 7.89 -43.95
C ASP C 1055 -42.06 6.82 -42.88
N ARG C 1056 -41.11 5.91 -43.11
CA ARG C 1056 -40.83 4.74 -42.27
C ARG C 1056 -40.77 5.06 -40.76
N SER C 1057 -41.93 5.00 -40.11
CA SER C 1057 -42.03 4.92 -38.67
C SER C 1057 -42.18 3.45 -38.27
N MET C 1058 -42.06 3.18 -36.97
CA MET C 1058 -42.09 1.80 -36.49
C MET C 1058 -43.39 1.53 -35.73
N ASP C 1059 -43.45 0.35 -35.12
CA ASP C 1059 -44.59 -0.08 -34.33
C ASP C 1059 -44.32 0.17 -32.86
N VAL C 1060 -44.99 1.15 -32.29
CA VAL C 1060 -45.07 1.20 -30.84
C VAL C 1060 -46.42 1.74 -30.45
N GLU C 1061 -46.87 1.36 -29.26
CA GLU C 1061 -47.98 2.02 -28.60
C GLU C 1061 -47.61 3.50 -28.42
N THR C 1062 -48.46 4.39 -28.93
CA THR C 1062 -48.21 5.82 -28.93
C THR C 1062 -49.33 6.58 -28.22
N ILE C 1063 -49.02 7.24 -27.11
CA ILE C 1063 -50.02 8.09 -26.42
C ILE C 1063 -50.11 9.40 -27.17
N SER C 1064 -51.29 9.97 -27.30
CA SER C 1064 -51.41 11.28 -27.95
C SER C 1064 -50.77 12.33 -27.04
N THR C 1065 -50.07 13.29 -27.61
CA THR C 1065 -49.35 14.25 -26.77
C THR C 1065 -50.29 15.33 -26.29
N GLY C 1066 -51.48 15.35 -26.85
CA GLY C 1066 -52.42 16.41 -26.56
C GLY C 1066 -52.55 17.32 -27.77
N SER C 1067 -51.41 17.61 -28.42
CA SER C 1067 -51.38 18.30 -29.72
C SER C 1067 -51.82 17.34 -30.82
N LEU C 1068 -51.65 17.78 -32.05
CA LEU C 1068 -51.97 16.97 -33.20
C LEU C 1068 -50.76 17.04 -34.07
N SER C 1069 -50.26 18.25 -34.27
CA SER C 1069 -49.10 18.44 -35.12
C SER C 1069 -47.85 17.96 -34.42
N LEU C 1070 -47.87 17.92 -33.08
CA LEU C 1070 -46.78 17.32 -32.36
C LEU C 1070 -46.73 15.83 -32.75
N ASP C 1071 -47.88 15.19 -32.69
CA ASP C 1071 -47.98 13.74 -32.90
C ASP C 1071 -47.77 13.43 -34.36
N ILE C 1072 -47.69 14.49 -35.16
CA ILE C 1072 -47.36 14.39 -36.56
C ILE C 1072 -45.90 14.63 -36.74
N ALA C 1073 -45.35 15.49 -35.90
CA ALA C 1073 -43.95 15.80 -36.02
C ALA C 1073 -43.14 14.70 -35.35
N LEU C 1074 -43.78 14.01 -34.40
CA LEU C 1074 -43.20 12.80 -33.87
C LEU C 1074 -43.06 11.80 -35.00
N GLY C 1075 -44.11 11.66 -35.82
CA GLY C 1075 -44.15 10.73 -36.97
C GLY C 1075 -44.79 9.39 -36.62
N ALA C 1076 -44.84 9.12 -35.30
CA ALA C 1076 -45.22 7.85 -34.72
C ALA C 1076 -46.68 7.86 -34.29
N GLY C 1077 -47.18 9.06 -33.99
CA GLY C 1077 -48.55 9.23 -33.52
C GLY C 1077 -48.61 9.77 -32.10
N GLY C 1078 -47.44 9.88 -31.48
CA GLY C 1078 -47.34 10.32 -30.10
C GLY C 1078 -46.13 9.70 -29.45
N LEU C 1079 -46.09 9.78 -28.11
CA LEU C 1079 -44.96 9.31 -27.31
C LEU C 1079 -44.93 7.80 -27.18
N PRO C 1080 -43.76 7.22 -27.46
CA PRO C 1080 -43.42 5.80 -27.44
C PRO C 1080 -43.55 5.18 -26.08
N MET C 1081 -44.48 4.22 -25.99
CA MET C 1081 -44.74 3.53 -24.74
C MET C 1081 -43.54 2.71 -24.28
N GLY C 1082 -43.09 3.03 -23.06
CA GLY C 1082 -42.06 2.26 -22.39
C GLY C 1082 -40.68 2.59 -22.88
N ARG C 1083 -40.45 3.87 -23.14
CA ARG C 1083 -39.10 4.38 -23.35
C ARG C 1083 -38.98 5.58 -22.43
N ILE C 1084 -37.97 6.43 -22.62
CA ILE C 1084 -37.96 7.66 -21.86
C ILE C 1084 -38.10 8.89 -22.75
N VAL C 1085 -38.81 9.88 -22.22
CA VAL C 1085 -39.09 11.10 -22.93
C VAL C 1085 -38.82 12.30 -22.09
N GLU C 1086 -38.00 13.19 -22.64
CA GLU C 1086 -37.61 14.41 -21.95
C GLU C 1086 -38.22 15.60 -22.65
N ILE C 1087 -38.91 16.43 -21.88
CA ILE C 1087 -39.39 17.71 -22.38
C ILE C 1087 -38.66 18.81 -21.64
N TYR C 1088 -38.15 19.77 -22.38
CA TYR C 1088 -37.43 20.81 -21.74
C TYR C 1088 -37.75 22.13 -22.33
N GLY C 1089 -37.30 23.18 -21.65
CA GLY C 1089 -37.51 24.55 -22.05
C GLY C 1089 -37.72 25.49 -20.87
N PRO C 1090 -37.49 26.78 -21.11
CA PRO C 1090 -37.58 27.91 -20.19
C PRO C 1090 -38.82 27.92 -19.32
N GLU C 1091 -38.75 28.72 -18.26
CA GLU C 1091 -39.82 28.81 -17.28
C GLU C 1091 -40.99 29.57 -17.85
N SER C 1092 -42.17 29.11 -17.45
CA SER C 1092 -43.42 29.58 -17.98
C SER C 1092 -43.38 29.40 -19.48
N SER C 1093 -43.01 28.21 -19.93
CA SER C 1093 -42.99 27.99 -21.36
C SER C 1093 -44.21 27.20 -21.73
N GLY C 1094 -44.65 26.39 -20.77
CA GLY C 1094 -45.82 25.56 -20.96
C GLY C 1094 -45.51 24.12 -20.73
N LYS C 1095 -44.30 23.91 -20.24
CA LYS C 1095 -43.77 22.58 -19.87
C LYS C 1095 -44.83 21.63 -19.21
N THR C 1096 -45.11 21.92 -17.93
CA THR C 1096 -46.18 21.32 -17.10
C THR C 1096 -47.52 21.11 -17.85
N THR C 1097 -48.11 22.22 -18.32
CA THR C 1097 -49.33 22.19 -19.13
C THR C 1097 -49.32 21.08 -20.18
N LEU C 1098 -48.23 21.00 -20.95
CA LEU C 1098 -48.15 20.03 -22.02
C LEU C 1098 -48.35 18.67 -21.45
N THR C 1099 -47.53 18.33 -20.44
CA THR C 1099 -47.59 17.01 -19.78
C THR C 1099 -49.00 16.68 -19.32
N LEU C 1100 -49.61 17.61 -18.59
CA LEU C 1100 -50.98 17.48 -18.11
C LEU C 1100 -51.98 17.28 -19.20
N GLN C 1101 -51.71 17.87 -20.37
CA GLN C 1101 -52.48 17.57 -21.55
C GLN C 1101 -52.29 16.11 -22.09
N VAL C 1102 -51.16 15.51 -21.75
CA VAL C 1102 -50.93 14.12 -22.10
C VAL C 1102 -51.64 13.22 -21.11
N ILE C 1103 -51.49 13.57 -19.83
CA ILE C 1103 -52.14 12.86 -18.75
C ILE C 1103 -53.62 12.86 -19.02
N ALA C 1104 -54.11 13.97 -19.55
CA ALA C 1104 -55.50 14.08 -19.90
C ALA C 1104 -55.88 12.99 -20.88
N ALA C 1105 -55.15 12.92 -21.99
CA ALA C 1105 -55.51 11.99 -23.08
C ALA C 1105 -54.90 10.58 -22.91
N ALA C 1106 -54.51 10.29 -21.68
CA ALA C 1106 -54.32 8.94 -21.25
C ALA C 1106 -55.58 8.58 -20.47
N GLN C 1107 -55.96 9.49 -19.57
CA GLN C 1107 -57.16 9.41 -18.74
C GLN C 1107 -58.34 9.12 -19.64
N ARG C 1108 -58.19 9.57 -20.87
CA ARG C 1108 -59.19 9.49 -21.89
C ARG C 1108 -59.34 8.07 -22.37
N GLU C 1109 -58.39 7.21 -22.00
CA GLU C 1109 -58.56 5.80 -22.27
C GLU C 1109 -57.97 4.90 -21.19
N GLY C 1110 -58.51 5.01 -19.98
CA GLY C 1110 -58.16 4.13 -18.86
C GLY C 1110 -56.78 4.33 -18.23
N LYS C 1111 -55.73 4.16 -19.04
CA LYS C 1111 -54.30 4.24 -18.66
C LYS C 1111 -54.10 5.14 -17.44
N THR C 1112 -53.71 4.55 -16.32
CA THR C 1112 -53.69 5.35 -15.09
C THR C 1112 -52.37 6.05 -14.87
N CYS C 1113 -52.45 7.15 -14.10
CA CYS C 1113 -51.37 8.10 -14.03
C CYS C 1113 -50.93 8.60 -12.67
N ALA C 1114 -49.62 8.71 -12.56
CA ALA C 1114 -49.01 9.34 -11.44
C ALA C 1114 -48.06 10.45 -11.94
N PHE C 1115 -47.99 11.49 -11.13
CA PHE C 1115 -47.39 12.74 -11.50
C PHE C 1115 -46.52 13.15 -10.33
N ILE C 1116 -45.24 12.88 -10.48
CA ILE C 1116 -44.31 13.10 -9.41
C ILE C 1116 -44.08 14.58 -9.31
N ASP C 1117 -44.66 15.21 -8.30
CA ASP C 1117 -44.65 16.67 -8.25
C ASP C 1117 -43.56 17.27 -7.35
N ALA C 1118 -42.30 16.95 -7.64
CA ALA C 1118 -41.19 17.47 -6.86
C ALA C 1118 -41.26 18.96 -6.67
N GLU C 1119 -41.68 19.67 -7.71
CA GLU C 1119 -41.66 21.12 -7.73
C GLU C 1119 -42.61 21.75 -6.71
N HIS C 1120 -43.58 20.98 -6.21
CA HIS C 1120 -44.64 21.54 -5.36
C HIS C 1120 -45.48 22.59 -6.13
N ALA C 1121 -45.58 22.35 -7.44
CA ALA C 1121 -46.34 23.16 -8.39
C ALA C 1121 -47.78 22.70 -8.45
N LEU C 1122 -48.32 22.61 -9.69
CA LEU C 1122 -49.70 22.10 -10.00
C LEU C 1122 -50.89 22.64 -9.17
N ASP C 1123 -51.78 23.36 -9.84
CA ASP C 1123 -53.01 23.84 -9.24
C ASP C 1123 -54.14 22.84 -9.61
N PRO C 1124 -54.45 21.89 -8.71
CA PRO C 1124 -55.36 20.82 -9.09
C PRO C 1124 -56.53 21.39 -9.88
N ILE C 1125 -57.11 22.47 -9.36
CA ILE C 1125 -58.16 23.19 -10.03
C ILE C 1125 -57.82 23.35 -11.53
N TYR C 1126 -56.79 24.16 -11.81
CA TYR C 1126 -56.27 24.35 -13.15
C TYR C 1126 -56.17 23.00 -13.88
N ALA C 1127 -55.60 22.01 -13.20
CA ALA C 1127 -55.45 20.71 -13.81
C ALA C 1127 -56.78 20.22 -14.34
N ARG C 1128 -57.80 20.32 -13.49
CA ARG C 1128 -59.12 19.81 -13.86
C ARG C 1128 -59.50 20.50 -15.13
N LYS C 1129 -59.35 21.83 -15.13
CA LYS C 1129 -59.79 22.66 -16.25
C LYS C 1129 -59.12 22.25 -17.55
N LEU C 1130 -57.95 21.60 -17.44
CA LEU C 1130 -57.21 21.10 -18.61
C LEU C 1130 -57.72 19.76 -19.08
N GLY C 1131 -58.33 19.02 -18.15
CA GLY C 1131 -59.09 17.80 -18.46
C GLY C 1131 -58.65 16.52 -17.79
N VAL C 1132 -57.98 16.60 -16.65
CA VAL C 1132 -57.48 15.39 -16.06
C VAL C 1132 -58.51 14.88 -15.10
N ASP C 1133 -58.45 13.58 -14.83
CA ASP C 1133 -59.26 13.01 -13.77
C ASP C 1133 -58.49 13.24 -12.49
N ILE C 1134 -58.90 14.27 -11.75
CA ILE C 1134 -58.18 14.73 -10.58
C ILE C 1134 -58.07 13.63 -9.55
N ASP C 1135 -59.11 12.82 -9.48
CA ASP C 1135 -59.23 11.87 -8.40
C ASP C 1135 -58.54 10.55 -8.73
N ASN C 1136 -58.29 10.32 -10.03
CA ASN C 1136 -57.63 9.11 -10.54
C ASN C 1136 -56.23 9.32 -11.08
N LEU C 1137 -55.57 10.36 -10.56
CA LEU C 1137 -54.21 10.71 -10.91
C LEU C 1137 -53.42 10.69 -9.61
N LEU C 1138 -53.17 9.50 -9.10
CA LEU C 1138 -52.63 9.39 -7.74
C LEU C 1138 -51.15 9.79 -7.81
N CYS C 1139 -50.82 10.80 -7.01
CA CYS C 1139 -49.59 11.57 -7.15
C CYS C 1139 -48.92 11.91 -5.82
N SER C 1140 -47.65 12.30 -5.93
CA SER C 1140 -46.73 12.38 -4.80
C SER C 1140 -46.17 13.78 -4.64
N GLN C 1141 -45.85 14.15 -3.40
CA GLN C 1141 -45.15 15.41 -3.13
C GLN C 1141 -43.83 15.16 -2.36
N PRO C 1142 -42.84 14.51 -3.02
CA PRO C 1142 -41.64 14.00 -2.37
C PRO C 1142 -40.83 15.05 -1.65
N ASP C 1143 -40.02 14.59 -0.70
CA ASP C 1143 -39.14 15.46 0.07
C ASP C 1143 -37.76 15.55 -0.65
N THR C 1144 -37.21 14.38 -1.00
CA THR C 1144 -35.88 14.31 -1.60
C THR C 1144 -35.97 13.89 -3.06
N GLY C 1145 -34.95 14.30 -3.82
CA GLY C 1145 -34.75 13.82 -5.18
C GLY C 1145 -34.84 12.30 -5.22
N GLU C 1146 -34.13 11.65 -4.30
CA GLU C 1146 -34.09 10.18 -4.28
C GLU C 1146 -35.46 9.55 -4.04
N GLN C 1147 -36.13 9.97 -2.97
CA GLN C 1147 -37.46 9.47 -2.70
C GLN C 1147 -38.22 9.43 -4.02
N ALA C 1148 -38.30 10.57 -4.71
CA ALA C 1148 -38.99 10.67 -5.99
C ALA C 1148 -38.53 9.59 -6.95
N LEU C 1149 -37.22 9.49 -7.16
CA LEU C 1149 -36.66 8.48 -8.04
C LEU C 1149 -37.12 7.08 -7.70
N GLU C 1150 -36.75 6.62 -6.50
CA GLU C 1150 -37.11 5.27 -6.07
C GLU C 1150 -38.63 5.04 -5.92
N ILE C 1151 -39.41 6.13 -5.96
CA ILE C 1151 -40.86 6.03 -6.02
C ILE C 1151 -41.24 5.63 -7.41
N CYS C 1152 -40.80 6.38 -8.40
CA CYS C 1152 -41.15 6.02 -9.76
C CYS C 1152 -40.45 4.74 -10.19
N ASP C 1153 -39.30 4.44 -9.59
CA ASP C 1153 -38.66 3.17 -9.84
C ASP C 1153 -39.65 2.06 -9.54
N ALA C 1154 -40.23 2.11 -8.34
CA ALA C 1154 -41.20 1.09 -7.89
C ALA C 1154 -42.53 1.12 -8.64
N LEU C 1155 -42.76 2.17 -9.46
CA LEU C 1155 -43.99 2.24 -10.25
C LEU C 1155 -43.72 1.76 -11.66
N ALA C 1156 -42.44 1.70 -12.00
CA ALA C 1156 -42.02 1.13 -13.27
C ALA C 1156 -42.15 -0.39 -13.22
N ARG C 1157 -41.84 -0.98 -12.07
CA ARG C 1157 -41.99 -2.42 -11.86
C ARG C 1157 -43.46 -2.78 -11.56
N SER C 1158 -44.23 -1.82 -11.02
CA SER C 1158 -45.63 -2.04 -10.57
C SER C 1158 -46.63 -2.25 -11.71
N GLY C 1159 -46.31 -3.23 -12.56
CA GLY C 1159 -47.16 -3.69 -13.66
C GLY C 1159 -47.69 -2.61 -14.59
N ALA C 1160 -49.01 -2.58 -14.77
CA ALA C 1160 -49.66 -1.56 -15.58
C ALA C 1160 -50.15 -0.33 -14.76
N VAL C 1161 -49.20 0.48 -14.27
CA VAL C 1161 -49.49 1.88 -13.92
C VAL C 1161 -48.87 2.67 -15.07
N ASP C 1162 -49.74 3.19 -15.94
CA ASP C 1162 -49.41 3.29 -17.38
C ASP C 1162 -48.60 4.48 -17.93
N VAL C 1163 -48.48 5.57 -17.18
CA VAL C 1163 -47.53 6.66 -17.55
C VAL C 1163 -47.21 7.62 -16.39
N ILE C 1164 -45.95 8.01 -16.32
CA ILE C 1164 -45.47 8.78 -15.19
C ILE C 1164 -44.82 10.08 -15.63
N VAL C 1165 -45.21 11.17 -14.99
CA VAL C 1165 -44.62 12.45 -15.29
C VAL C 1165 -43.86 12.99 -14.08
N VAL C 1166 -42.60 13.37 -14.29
CA VAL C 1166 -41.71 13.89 -13.24
C VAL C 1166 -41.44 15.38 -13.37
N ASP C 1167 -42.03 16.15 -12.47
CA ASP C 1167 -42.00 17.60 -12.49
C ASP C 1167 -41.35 18.03 -11.19
N SER C 1168 -40.09 18.44 -11.24
CA SER C 1168 -39.28 18.43 -12.44
C SER C 1168 -37.82 18.20 -12.05
N VAL C 1169 -37.05 17.67 -13.00
CA VAL C 1169 -35.64 17.40 -12.81
C VAL C 1169 -35.02 18.52 -11.96
N ALA C 1170 -35.59 19.71 -12.06
CA ALA C 1170 -35.17 20.88 -11.31
C ALA C 1170 -34.86 20.63 -9.84
N ALA C 1171 -35.88 20.36 -9.00
CA ALA C 1171 -35.69 20.20 -7.52
C ALA C 1171 -34.92 18.91 -7.08
N LEU C 1172 -34.27 18.30 -8.08
CA LEU C 1172 -33.41 17.14 -7.92
C LEU C 1172 -31.90 17.47 -8.06
N THR C 1173 -31.48 18.65 -7.59
CA THR C 1173 -30.11 18.83 -7.02
C THR C 1173 -30.26 18.47 -5.52
N PRO C 1174 -29.51 17.40 -5.07
CA PRO C 1174 -29.81 16.37 -4.00
C PRO C 1174 -30.87 16.65 -2.92
N LEU C 1189 -23.21 15.82 -7.31
CA LEU C 1189 -23.50 14.66 -8.16
C LEU C 1189 -24.99 14.60 -8.55
N ALA C 1190 -25.51 15.76 -8.94
CA ALA C 1190 -26.89 15.92 -9.44
C ALA C 1190 -27.20 15.23 -10.81
N ALA C 1191 -26.30 14.31 -11.19
CA ALA C 1191 -26.43 13.45 -12.39
C ALA C 1191 -25.83 12.07 -12.13
N ARG C 1192 -24.97 11.99 -11.12
CA ARG C 1192 -24.41 10.73 -10.69
C ARG C 1192 -25.48 10.01 -9.90
N MET C 1193 -26.33 10.81 -9.25
CA MET C 1193 -27.56 10.31 -8.62
C MET C 1193 -28.55 9.79 -9.69
N MET C 1194 -28.63 10.50 -10.79
CA MET C 1194 -29.53 10.17 -11.88
C MET C 1194 -29.07 8.92 -12.57
N SER C 1195 -27.88 9.03 -13.15
CA SER C 1195 -27.26 7.97 -13.92
C SER C 1195 -27.39 6.64 -13.19
N GLN C 1196 -27.71 6.72 -11.90
CA GLN C 1196 -27.98 5.55 -11.06
C GLN C 1196 -29.29 4.91 -11.55
N ALA C 1197 -30.43 5.47 -11.12
CA ALA C 1197 -31.73 4.88 -11.44
C ALA C 1197 -32.10 5.06 -12.92
N MET C 1198 -31.30 5.86 -13.62
CA MET C 1198 -31.51 6.04 -15.04
C MET C 1198 -31.24 4.75 -15.79
N ARG C 1199 -30.27 3.99 -15.31
CA ARG C 1199 -29.96 2.67 -15.87
C ARG C 1199 -31.09 1.69 -15.55
N LYS C 1200 -31.68 1.89 -14.37
CA LYS C 1200 -32.63 0.94 -13.75
C LYS C 1200 -34.03 1.10 -14.33
N LEU C 1201 -34.45 2.34 -14.52
CA LEU C 1201 -35.74 2.64 -15.11
C LEU C 1201 -35.73 2.35 -16.61
N ALA C 1202 -34.54 2.21 -17.18
CA ALA C 1202 -34.36 1.92 -18.60
C ALA C 1202 -34.89 0.57 -18.99
N GLY C 1203 -34.74 -0.41 -18.08
CA GLY C 1203 -35.10 -1.80 -18.31
C GLY C 1203 -36.31 -2.28 -17.52
N ASN C 1204 -36.87 -1.40 -16.68
CA ASN C 1204 -38.12 -1.67 -15.97
C ASN C 1204 -39.30 -1.13 -16.78
N LEU C 1205 -38.99 -0.33 -17.79
CA LEU C 1205 -40.04 0.24 -18.61
C LEU C 1205 -40.32 -0.59 -19.87
N LYS C 1206 -39.26 -0.96 -20.59
CA LYS C 1206 -39.37 -1.87 -21.76
C LYS C 1206 -40.07 -3.18 -21.34
N GLN C 1207 -40.21 -3.37 -20.03
CA GLN C 1207 -40.91 -4.52 -19.44
C GLN C 1207 -42.40 -4.23 -19.31
N SER C 1208 -42.73 -3.08 -18.69
CA SER C 1208 -44.10 -2.73 -18.22
C SER C 1208 -44.96 -1.88 -19.21
N ASN C 1209 -44.36 -1.56 -20.34
CA ASN C 1209 -44.89 -0.59 -21.28
C ASN C 1209 -45.08 0.78 -20.67
N THR C 1210 -45.05 0.84 -19.34
CA THR C 1210 -45.01 2.08 -18.60
C THR C 1210 -44.08 3.15 -19.26
N LEU C 1211 -44.65 4.33 -19.53
CA LEU C 1211 -43.90 5.44 -20.14
C LEU C 1211 -43.53 6.55 -19.13
N LEU C 1212 -42.34 7.15 -19.30
CA LEU C 1212 -41.84 8.13 -18.34
C LEU C 1212 -41.41 9.41 -19.01
N ILE C 1213 -41.97 10.50 -18.51
CA ILE C 1213 -41.73 11.83 -19.04
C ILE C 1213 -41.09 12.73 -18.02
N PHE C 1214 -39.85 13.10 -18.33
CA PHE C 1214 -39.08 14.01 -17.52
C PHE C 1214 -39.23 15.42 -18.10
N ILE C 1215 -39.28 16.41 -17.22
CA ILE C 1215 -39.18 17.80 -17.66
C ILE C 1215 -37.96 18.57 -17.09
N ASN C 1216 -37.44 19.53 -17.85
CA ASN C 1216 -36.19 20.24 -17.53
C ASN C 1216 -36.28 21.76 -17.93
N GLN C 1217 -35.22 22.59 -17.68
CA GLN C 1217 -35.15 24.10 -17.98
C GLN C 1217 -34.16 24.69 -19.07
N GLY C 1234 -28.72 21.12 -16.94
CA GLY C 1234 -29.40 20.44 -15.82
C GLY C 1234 -28.84 19.15 -15.17
N GLY C 1235 -28.70 18.06 -15.93
CA GLY C 1235 -28.27 16.71 -15.42
C GLY C 1235 -28.18 15.63 -16.51
N ASN C 1236 -26.98 15.48 -17.08
CA ASN C 1236 -26.72 14.87 -18.42
C ASN C 1236 -27.50 13.59 -18.79
N ALA C 1237 -26.87 12.45 -18.50
CA ALA C 1237 -27.35 11.10 -18.82
C ALA C 1237 -28.65 11.00 -19.59
N LEU C 1238 -29.75 11.33 -18.91
CA LEU C 1238 -31.09 11.40 -19.48
C LEU C 1238 -31.11 11.75 -20.97
N LYS C 1239 -30.37 12.81 -21.30
CA LYS C 1239 -30.13 13.28 -22.67
C LYS C 1239 -30.04 12.14 -23.68
N PHE C 1240 -29.37 11.07 -23.28
CA PHE C 1240 -29.18 9.90 -24.11
C PHE C 1240 -30.20 8.84 -23.80
N TYR C 1241 -30.58 8.73 -22.53
CA TYR C 1241 -31.49 7.67 -22.12
C TYR C 1241 -32.95 7.87 -22.56
N ALA C 1242 -33.21 8.98 -23.26
CA ALA C 1242 -34.51 9.20 -23.87
C ALA C 1242 -34.61 8.52 -25.24
N SER C 1243 -35.83 8.24 -25.67
CA SER C 1243 -36.05 7.82 -27.03
C SER C 1243 -36.72 8.97 -27.78
N VAL C 1244 -37.20 9.94 -27.01
CA VAL C 1244 -37.71 11.19 -27.57
C VAL C 1244 -37.51 12.40 -26.66
N ARG C 1245 -37.07 13.49 -27.28
CA ARG C 1245 -36.90 14.76 -26.58
C ARG C 1245 -37.71 15.89 -27.21
N LEU C 1246 -38.21 16.78 -26.36
CA LEU C 1246 -38.99 17.91 -26.78
C LEU C 1246 -38.43 19.27 -26.33
N ASP C 1247 -38.40 20.19 -27.29
CA ASP C 1247 -38.05 21.61 -27.04
C ASP C 1247 -39.29 22.49 -27.15
N ILE C 1248 -39.84 22.83 -25.99
CA ILE C 1248 -40.97 23.74 -25.88
C ILE C 1248 -40.46 25.18 -25.72
N ARG C 1249 -41.24 26.11 -26.23
CA ARG C 1249 -40.93 27.52 -26.11
C ARG C 1249 -42.16 28.36 -26.41
N ARG C 1250 -42.39 29.40 -25.63
CA ARG C 1250 -43.51 30.31 -25.87
C ARG C 1250 -43.02 31.42 -26.76
N ILE C 1251 -43.70 31.65 -27.88
CA ILE C 1251 -43.20 32.62 -28.86
C ILE C 1251 -44.14 33.71 -29.31
N GLY C 1252 -45.36 33.73 -28.78
CA GLY C 1252 -46.33 34.71 -29.26
C GLY C 1252 -47.20 35.32 -28.19
N ALA C 1253 -48.35 34.68 -28.00
CA ALA C 1253 -49.43 35.18 -27.15
C ALA C 1253 -50.67 35.41 -27.99
N VAL C 1254 -51.79 34.90 -27.52
CA VAL C 1254 -53.03 35.08 -28.21
C VAL C 1254 -53.84 36.11 -27.45
N LYS C 1255 -54.21 37.14 -28.18
CA LYS C 1255 -55.03 38.22 -27.64
C LYS C 1255 -56.46 38.07 -28.15
N GLU C 1256 -57.43 38.61 -27.41
CA GLU C 1256 -58.80 38.77 -27.94
C GLU C 1256 -59.18 40.24 -27.87
N GLY C 1257 -58.47 41.05 -28.64
CA GLY C 1257 -58.54 42.50 -28.54
C GLY C 1257 -57.54 43.12 -27.57
N GLU C 1258 -57.72 42.82 -26.28
CA GLU C 1258 -56.93 43.43 -25.20
C GLU C 1258 -56.44 42.41 -24.15
N ASN C 1259 -56.91 41.18 -24.25
CA ASN C 1259 -56.69 40.17 -23.21
C ASN C 1259 -55.58 39.16 -23.51
N VAL C 1260 -54.65 39.03 -22.58
CA VAL C 1260 -53.63 37.97 -22.65
C VAL C 1260 -54.26 36.61 -22.30
N VAL C 1261 -54.93 35.96 -23.26
CA VAL C 1261 -55.59 34.68 -22.93
C VAL C 1261 -54.89 33.47 -23.54
N GLY C 1262 -53.73 33.69 -24.16
CA GLY C 1262 -53.01 32.60 -24.82
C GLY C 1262 -51.49 32.64 -24.84
N SER C 1263 -50.90 31.59 -25.42
CA SER C 1263 -49.46 31.49 -25.64
C SER C 1263 -49.25 30.72 -26.92
N GLU C 1264 -48.73 31.38 -27.94
CA GLU C 1264 -48.38 30.70 -29.18
C GLU C 1264 -47.09 29.89 -28.98
N THR C 1265 -47.17 28.61 -29.33
CA THR C 1265 -46.15 27.69 -28.88
C THR C 1265 -45.54 26.88 -30.01
N ARG C 1266 -44.22 26.71 -29.93
CA ARG C 1266 -43.42 25.89 -30.85
C ARG C 1266 -42.67 24.82 -30.11
N VAL C 1267 -42.89 23.59 -30.54
CA VAL C 1267 -42.25 22.45 -29.98
C VAL C 1267 -41.45 21.78 -31.08
N LYS C 1268 -40.16 21.68 -30.84
CA LYS C 1268 -39.26 20.98 -31.73
C LYS C 1268 -39.01 19.56 -31.20
N VAL C 1269 -39.09 18.57 -32.09
CA VAL C 1269 -38.70 17.22 -31.77
C VAL C 1269 -37.20 17.19 -31.94
N VAL C 1270 -36.47 17.21 -30.83
CA VAL C 1270 -35.03 17.34 -30.91
C VAL C 1270 -34.38 15.99 -31.01
N LYS C 1271 -34.75 15.08 -30.11
CA LYS C 1271 -34.28 13.69 -30.16
C LYS C 1271 -35.41 12.74 -30.49
N ASN C 1272 -35.23 11.96 -31.57
CA ASN C 1272 -36.25 11.04 -32.06
C ASN C 1272 -35.69 9.71 -32.51
N LYS C 1273 -35.57 8.77 -31.57
CA LYS C 1273 -35.16 7.41 -31.89
C LYS C 1273 -36.43 6.57 -32.08
N ILE C 1274 -37.47 7.17 -32.65
CA ILE C 1274 -38.70 6.43 -32.95
C ILE C 1274 -39.04 6.53 -34.43
N ALA C 1275 -38.73 7.70 -35.00
CA ALA C 1275 -38.93 7.96 -36.42
C ALA C 1275 -38.02 9.12 -36.82
N ALA C 1276 -38.48 9.92 -37.76
CA ALA C 1276 -37.70 11.06 -38.23
C ALA C 1276 -37.58 12.19 -37.18
N PRO C 1277 -36.34 12.59 -36.87
CA PRO C 1277 -36.10 13.63 -35.89
C PRO C 1277 -36.14 15.04 -36.49
N PHE C 1278 -35.97 16.04 -35.63
CA PHE C 1278 -35.84 17.46 -36.02
C PHE C 1278 -37.03 18.09 -36.75
N LYS C 1279 -38.20 17.47 -36.61
CA LYS C 1279 -39.43 18.06 -37.14
C LYS C 1279 -40.12 18.88 -36.05
N GLN C 1280 -40.89 19.90 -36.45
CA GLN C 1280 -41.49 20.83 -35.49
C GLN C 1280 -42.95 21.08 -35.75
N ALA C 1281 -43.62 21.56 -34.71
CA ALA C 1281 -45.04 21.76 -34.75
C ALA C 1281 -45.38 23.00 -33.96
N GLU C 1282 -46.33 23.81 -34.46
CA GLU C 1282 -46.80 25.02 -33.77
C GLU C 1282 -48.28 24.93 -33.40
N PHE C 1283 -48.67 25.55 -32.28
CA PHE C 1283 -50.07 25.56 -31.87
C PHE C 1283 -50.39 26.54 -30.75
N GLN C 1284 -51.69 26.79 -30.54
CA GLN C 1284 -52.16 27.66 -29.47
C GLN C 1284 -52.43 26.92 -28.17
N ILE C 1285 -51.98 27.49 -27.05
CA ILE C 1285 -52.33 26.97 -25.71
C ILE C 1285 -53.22 27.97 -25.00
N LEU C 1286 -54.49 27.65 -24.79
CA LEU C 1286 -55.37 28.59 -24.15
C LEU C 1286 -55.45 28.41 -22.64
N TYR C 1287 -55.12 29.48 -21.94
CA TYR C 1287 -55.03 29.51 -20.49
C TYR C 1287 -56.31 29.03 -19.83
N GLY C 1288 -56.29 27.83 -19.28
CA GLY C 1288 -57.46 27.34 -18.56
C GLY C 1288 -58.48 26.65 -19.45
N GLU C 1289 -58.01 26.21 -20.62
CA GLU C 1289 -58.77 25.34 -21.49
C GLU C 1289 -57.78 24.28 -21.99
N GLY C 1290 -56.63 24.72 -22.47
CA GLY C 1290 -55.62 23.80 -22.90
C GLY C 1290 -55.26 23.93 -24.36
N ILE C 1291 -54.70 22.87 -24.90
CA ILE C 1291 -54.30 22.86 -26.28
C ILE C 1291 -55.51 23.13 -27.17
N ASN C 1292 -55.24 23.69 -28.35
CA ASN C 1292 -56.28 24.05 -29.30
C ASN C 1292 -56.58 23.07 -30.45
N PHE C 1293 -57.23 21.96 -30.10
CA PHE C 1293 -57.64 20.88 -31.01
C PHE C 1293 -57.84 21.46 -32.41
N TYR C 1294 -58.71 22.47 -32.46
CA TYR C 1294 -59.21 23.03 -33.70
C TYR C 1294 -58.25 24.03 -34.24
N GLY C 1295 -57.55 24.68 -33.31
CA GLY C 1295 -56.55 25.67 -33.66
C GLY C 1295 -55.60 25.11 -34.69
N GLU C 1296 -54.78 24.15 -34.25
CA GLU C 1296 -53.86 23.49 -35.16
C GLU C 1296 -54.58 22.72 -36.29
N LEU C 1297 -55.84 22.37 -36.09
CA LEU C 1297 -56.56 21.62 -37.09
C LEU C 1297 -56.79 22.43 -38.35
N VAL C 1298 -57.33 23.62 -38.18
CA VAL C 1298 -57.51 24.51 -39.31
C VAL C 1298 -56.27 24.47 -40.15
N ASP C 1299 -55.16 24.88 -39.54
CA ASP C 1299 -53.85 24.98 -40.20
C ASP C 1299 -53.44 23.71 -40.99
N LEU C 1300 -53.66 22.55 -40.38
CA LEU C 1300 -53.29 21.30 -41.00
C LEU C 1300 -54.14 21.11 -42.26
N GLY C 1301 -55.44 21.27 -42.10
CA GLY C 1301 -56.34 21.19 -43.23
C GLY C 1301 -56.03 22.15 -44.36
N VAL C 1302 -55.27 23.20 -44.05
CA VAL C 1302 -54.87 24.16 -45.06
C VAL C 1302 -53.75 23.61 -45.89
N LYS C 1303 -52.71 23.09 -45.21
CA LYS C 1303 -51.55 22.57 -45.92
C LYS C 1303 -51.88 21.21 -46.50
N GLU C 1304 -53.05 20.66 -46.19
CA GLU C 1304 -53.50 19.45 -46.85
C GLU C 1304 -54.70 19.66 -47.77
N LYS C 1305 -54.64 20.77 -48.50
CA LYS C 1305 -55.54 21.11 -49.62
C LYS C 1305 -57.04 20.93 -49.33
N LEU C 1306 -57.40 20.64 -48.08
CA LEU C 1306 -58.81 20.44 -47.65
C LEU C 1306 -59.58 21.74 -47.34
N ILE C 1307 -58.88 22.73 -46.76
CA ILE C 1307 -59.41 24.07 -46.61
C ILE C 1307 -58.49 25.02 -47.36
N GLU C 1308 -59.06 25.95 -48.13
CA GLU C 1308 -58.28 26.72 -49.08
C GLU C 1308 -58.10 28.18 -48.66
N LYS C 1309 -56.84 28.63 -48.64
CA LYS C 1309 -56.50 30.01 -48.23
C LYS C 1309 -56.65 30.99 -49.42
N ALA C 1310 -57.65 31.86 -49.32
CA ALA C 1310 -57.87 32.92 -50.31
C ALA C 1310 -57.42 34.29 -49.77
N GLY C 1311 -56.15 34.36 -49.38
CA GLY C 1311 -55.61 35.52 -48.62
C GLY C 1311 -56.06 35.51 -47.15
N ALA C 1312 -57.19 36.15 -46.89
CA ALA C 1312 -57.77 36.24 -45.55
C ALA C 1312 -58.95 35.28 -45.40
N TRP C 1313 -59.50 34.84 -46.53
CA TRP C 1313 -60.69 34.01 -46.57
C TRP C 1313 -60.34 32.53 -46.45
N TYR C 1314 -61.11 31.80 -45.66
CA TYR C 1314 -60.98 30.34 -45.58
C TYR C 1314 -62.17 29.62 -46.20
N SER C 1315 -61.90 28.67 -47.10
CA SER C 1315 -62.96 28.01 -47.89
C SER C 1315 -63.08 26.48 -47.64
N TYR C 1316 -64.29 25.94 -47.78
CA TYR C 1316 -64.55 24.49 -47.66
C TYR C 1316 -65.61 23.95 -48.61
N LYS C 1317 -65.14 23.28 -49.67
CA LYS C 1317 -65.98 22.79 -50.77
C LYS C 1317 -66.61 23.96 -51.56
N GLY C 1318 -65.80 24.98 -51.83
CA GLY C 1318 -66.27 26.22 -52.46
C GLY C 1318 -67.08 27.12 -51.53
N GLU C 1319 -67.38 26.61 -50.33
CA GLU C 1319 -68.18 27.29 -49.30
C GLU C 1319 -67.37 28.14 -48.31
N LYS C 1320 -67.86 29.35 -48.04
CA LYS C 1320 -67.19 30.29 -47.15
C LYS C 1320 -67.42 29.86 -45.70
N ILE C 1321 -66.33 29.78 -44.94
CA ILE C 1321 -66.40 29.30 -43.56
C ILE C 1321 -65.82 30.27 -42.52
N GLY C 1322 -64.80 31.03 -42.91
CA GLY C 1322 -64.20 32.00 -42.00
C GLY C 1322 -63.27 33.01 -42.66
N GLN C 1323 -63.24 34.21 -42.09
CA GLN C 1323 -62.31 35.24 -42.50
C GLN C 1323 -61.41 35.50 -41.30
N GLY C 1324 -60.09 35.38 -41.50
CA GLY C 1324 -59.10 35.45 -40.40
C GLY C 1324 -59.06 34.19 -39.53
N LYS C 1325 -57.86 33.58 -39.42
CA LYS C 1325 -57.69 32.29 -38.73
C LYS C 1325 -58.58 32.20 -37.51
N ALA C 1326 -58.61 33.30 -36.76
CA ALA C 1326 -59.50 33.49 -35.63
C ALA C 1326 -60.88 32.84 -35.85
N ASN C 1327 -61.72 33.50 -36.63
CA ASN C 1327 -63.11 33.09 -36.79
C ASN C 1327 -63.24 31.70 -37.43
N ALA C 1328 -62.21 31.34 -38.19
CA ALA C 1328 -62.15 30.03 -38.86
C ALA C 1328 -62.13 28.97 -37.81
N THR C 1329 -61.31 29.19 -36.79
CA THR C 1329 -61.21 28.26 -35.70
C THR C 1329 -62.60 28.03 -35.14
N ALA C 1330 -63.04 28.96 -34.30
CA ALA C 1330 -64.32 28.84 -33.61
C ALA C 1330 -65.53 28.49 -34.53
N TRP C 1331 -65.26 28.32 -35.83
CA TRP C 1331 -66.23 27.75 -36.75
C TRP C 1331 -66.24 26.24 -36.60
N LEU C 1332 -65.10 25.60 -36.85
CA LEU C 1332 -64.99 24.18 -36.66
C LEU C 1332 -65.45 23.73 -35.29
N LYS C 1333 -65.41 24.62 -34.32
CA LYS C 1333 -65.88 24.30 -32.97
C LYS C 1333 -67.37 24.02 -33.00
N ASP C 1334 -68.05 24.66 -33.94
CA ASP C 1334 -69.51 24.63 -34.02
C ASP C 1334 -70.04 23.68 -35.09
N ASN C 1335 -69.16 22.92 -35.74
CA ASN C 1335 -69.61 21.95 -36.74
C ASN C 1335 -68.91 20.60 -36.57
N PRO C 1336 -68.97 20.03 -35.34
CA PRO C 1336 -68.08 18.91 -34.99
C PRO C 1336 -68.07 17.87 -36.10
N GLU C 1337 -69.25 17.57 -36.64
CA GLU C 1337 -69.45 16.61 -37.71
C GLU C 1337 -68.41 16.79 -38.82
N THR C 1338 -68.52 17.92 -39.53
CA THR C 1338 -67.65 18.18 -40.67
C THR C 1338 -66.23 18.49 -40.20
N ALA C 1339 -66.03 18.51 -38.88
CA ALA C 1339 -64.71 18.74 -38.30
C ALA C 1339 -64.02 17.43 -38.13
N LYS C 1340 -64.59 16.60 -37.26
CA LYS C 1340 -64.12 15.25 -37.03
C LYS C 1340 -63.80 14.56 -38.36
N GLU C 1341 -64.54 14.92 -39.41
CA GLU C 1341 -64.38 14.33 -40.74
C GLU C 1341 -63.09 14.79 -41.42
N ILE C 1342 -62.64 15.99 -41.09
CA ILE C 1342 -61.36 16.45 -41.58
C ILE C 1342 -60.28 15.86 -40.71
N GLU C 1343 -60.53 15.81 -39.41
CA GLU C 1343 -59.58 15.20 -38.47
C GLU C 1343 -59.03 13.94 -39.10
N LYS C 1344 -59.91 12.97 -39.27
CA LYS C 1344 -59.53 11.69 -39.82
C LYS C 1344 -58.70 11.84 -41.11
N LYS C 1345 -59.19 12.63 -42.07
CA LYS C 1345 -58.58 12.64 -43.42
C LYS C 1345 -57.19 13.29 -43.47
N VAL C 1346 -56.76 13.81 -42.34
CA VAL C 1346 -55.40 14.29 -42.20
C VAL C 1346 -54.60 13.22 -41.50
N ARG C 1347 -55.22 12.63 -40.49
CA ARG C 1347 -54.66 11.47 -39.79
C ARG C 1347 -54.34 10.35 -40.78
N GLU C 1348 -55.15 10.22 -41.83
CA GLU C 1348 -54.90 9.24 -42.89
C GLU C 1348 -53.72 9.68 -43.75
N LEU C 1349 -53.50 10.99 -43.83
CA LEU C 1349 -52.45 11.53 -44.69
C LEU C 1349 -51.14 11.88 -43.97
N LEU C 1350 -51.06 11.63 -42.66
CA LEU C 1350 -49.80 11.74 -41.91
C LEU C 1350 -49.53 10.70 -40.78
N LEU C 1351 -50.33 9.62 -40.75
CA LEU C 1351 -50.19 8.51 -39.77
C LEU C 1351 -50.60 7.12 -40.37
N VAL D 12 -89.11 -7.12 -24.73
CA VAL D 12 -89.64 -7.07 -23.33
C VAL D 12 -89.67 -5.63 -22.74
N GLU D 13 -89.77 -5.53 -21.42
CA GLU D 13 -89.90 -4.24 -20.70
C GLU D 13 -88.55 -3.56 -20.45
N THR D 14 -88.54 -2.22 -20.52
CA THR D 14 -87.32 -1.43 -20.37
C THR D 14 -87.48 -0.17 -19.50
N ILE D 15 -86.48 0.07 -18.65
CA ILE D 15 -86.44 1.24 -17.77
C ILE D 15 -85.43 2.24 -18.30
N SER D 16 -85.82 3.51 -18.34
CA SER D 16 -84.98 4.60 -18.80
C SER D 16 -83.73 4.79 -17.92
N THR D 17 -82.56 4.89 -18.55
CA THR D 17 -81.29 5.01 -17.82
C THR D 17 -81.17 6.33 -17.08
N GLY D 18 -81.93 7.32 -17.54
CA GLY D 18 -81.74 8.67 -17.08
C GLY D 18 -81.09 9.47 -18.19
N SER D 19 -80.26 8.82 -19.01
CA SER D 19 -79.75 9.45 -20.24
C SER D 19 -80.50 8.97 -21.46
N LEU D 20 -80.63 9.88 -22.40
CA LEU D 20 -81.35 9.63 -23.62
C LEU D 20 -80.50 8.74 -24.53
N SER D 21 -79.25 9.12 -24.73
CA SER D 21 -78.43 8.44 -25.73
C SER D 21 -77.95 7.09 -25.24
N LEU D 22 -77.96 6.89 -23.92
CA LEU D 22 -77.66 5.57 -23.38
C LEU D 22 -78.75 4.62 -23.82
N ASP D 23 -79.99 5.07 -23.71
CA ASP D 23 -81.16 4.31 -24.15
C ASP D 23 -81.03 4.00 -25.64
N ILE D 24 -80.53 4.98 -26.39
CA ILE D 24 -80.37 4.90 -27.84
C ILE D 24 -79.34 3.85 -28.25
N ALA D 25 -78.19 3.84 -27.57
CA ALA D 25 -77.13 2.91 -27.89
C ALA D 25 -77.40 1.51 -27.33
N LEU D 26 -78.28 1.44 -26.34
CA LEU D 26 -78.79 0.17 -25.85
C LEU D 26 -79.57 -0.58 -26.92
N GLY D 27 -80.27 0.18 -27.77
CA GLY D 27 -81.15 -0.36 -28.84
C GLY D 27 -82.58 -0.68 -28.41
N ALA D 28 -82.80 -0.62 -27.10
CA ALA D 28 -84.03 -1.04 -26.41
C ALA D 28 -84.79 0.10 -25.75
N GLY D 29 -84.16 1.27 -25.66
CA GLY D 29 -84.76 2.42 -24.98
C GLY D 29 -84.83 2.19 -23.49
N GLY D 30 -83.77 1.61 -22.93
CA GLY D 30 -83.70 1.35 -21.49
C GLY D 30 -83.01 0.05 -21.15
N LEU D 31 -83.01 -0.30 -19.85
CA LEU D 31 -82.34 -1.52 -19.37
C LEU D 31 -83.29 -2.69 -19.14
N PRO D 32 -83.09 -3.78 -19.93
CA PRO D 32 -83.89 -5.01 -19.91
C PRO D 32 -84.26 -5.56 -18.52
N MET D 33 -85.55 -5.45 -18.21
CA MET D 33 -86.14 -6.00 -17.00
C MET D 33 -86.04 -7.51 -16.96
N GLY D 34 -85.67 -8.04 -15.81
CA GLY D 34 -85.53 -9.49 -15.62
C GLY D 34 -84.15 -10.04 -15.94
N ARG D 35 -83.21 -9.14 -16.24
CA ARG D 35 -81.85 -9.53 -16.60
C ARG D 35 -80.80 -8.93 -15.65
N ILE D 36 -79.58 -9.43 -15.75
CA ILE D 36 -78.50 -8.87 -14.96
C ILE D 36 -77.72 -7.88 -15.80
N VAL D 37 -77.47 -6.71 -15.20
CA VAL D 37 -76.79 -5.60 -15.86
C VAL D 37 -75.61 -5.10 -15.03
N GLU D 38 -74.45 -5.11 -15.66
CA GLU D 38 -73.20 -4.69 -15.02
C GLU D 38 -72.80 -3.32 -15.54
N ILE D 39 -72.57 -2.40 -14.61
CA ILE D 39 -71.98 -1.12 -14.93
C ILE D 39 -70.64 -1.07 -14.24
N TYR D 40 -69.60 -1.03 -15.05
CA TYR D 40 -68.27 -1.05 -14.53
C TYR D 40 -67.50 0.14 -15.03
N GLY D 41 -66.45 0.51 -14.32
CA GLY D 41 -65.58 1.61 -14.72
C GLY D 41 -64.85 2.25 -13.55
N PRO D 42 -63.73 2.94 -13.85
CA PRO D 42 -63.01 3.72 -12.85
C PRO D 42 -63.92 4.40 -11.84
N GLU D 43 -63.48 4.43 -10.59
CA GLU D 43 -64.22 5.08 -9.54
C GLU D 43 -64.38 6.56 -9.85
N SER D 44 -65.35 7.18 -9.19
CA SER D 44 -65.72 8.58 -9.40
C SER D 44 -65.85 8.90 -10.89
N SER D 45 -66.64 8.11 -11.59
CA SER D 45 -66.84 8.32 -13.01
C SER D 45 -68.31 8.48 -13.30
N GLY D 46 -69.11 8.50 -12.24
CA GLY D 46 -70.52 8.75 -12.39
C GLY D 46 -71.27 7.45 -12.27
N LYS D 47 -70.56 6.43 -11.80
CA LYS D 47 -71.12 5.10 -11.65
C LYS D 47 -72.45 5.14 -10.85
N THR D 48 -72.37 5.65 -9.61
CA THR D 48 -73.51 5.74 -8.67
C THR D 48 -74.60 6.75 -9.10
N THR D 49 -74.21 7.83 -9.76
CA THR D 49 -75.21 8.77 -10.27
C THR D 49 -76.11 8.06 -11.26
N LEU D 50 -75.52 7.50 -12.31
CA LEU D 50 -76.25 6.77 -13.34
C LEU D 50 -77.14 5.73 -12.71
N THR D 51 -76.59 5.01 -11.73
CA THR D 51 -77.34 4.08 -10.90
C THR D 51 -78.55 4.77 -10.27
N LEU D 52 -78.30 5.76 -9.41
CA LEU D 52 -79.39 6.43 -8.71
C LEU D 52 -80.38 7.05 -9.67
N GLN D 53 -80.00 7.12 -10.94
CA GLN D 53 -80.85 7.70 -11.96
C GLN D 53 -81.90 6.72 -12.47
N VAL D 54 -81.56 5.44 -12.52
CA VAL D 54 -82.54 4.45 -12.94
C VAL D 54 -83.50 4.20 -11.79
N ILE D 55 -82.98 4.31 -10.57
CA ILE D 55 -83.82 4.15 -9.39
C ILE D 55 -84.83 5.30 -9.33
N ALA D 56 -84.43 6.44 -9.90
CA ALA D 56 -85.31 7.60 -10.01
C ALA D 56 -86.40 7.33 -11.03
N ALA D 57 -86.01 7.09 -12.29
CA ALA D 57 -86.95 6.89 -13.40
C ALA D 57 -87.99 5.80 -13.16
N ALA D 58 -87.59 4.76 -12.43
CA ALA D 58 -88.46 3.66 -12.05
C ALA D 58 -89.31 4.00 -10.84
N GLN D 59 -88.73 4.80 -9.93
CA GLN D 59 -89.40 5.19 -8.68
C GLN D 59 -90.61 6.09 -8.92
N ARG D 60 -90.62 6.76 -10.06
CA ARG D 60 -91.69 7.68 -10.43
C ARG D 60 -92.69 6.90 -11.27
N GLU D 61 -92.73 5.59 -11.03
CA GLU D 61 -93.70 4.69 -11.65
C GLU D 61 -94.09 3.52 -10.73
N GLY D 62 -94.10 3.76 -9.42
CA GLY D 62 -94.43 2.73 -8.42
C GLY D 62 -93.24 1.82 -8.12
N LYS D 63 -92.95 0.94 -9.09
CA LYS D 63 -91.83 -0.05 -9.10
C LYS D 63 -90.85 0.05 -7.90
N THR D 64 -91.21 -0.53 -6.74
CA THR D 64 -90.39 -0.37 -5.52
C THR D 64 -89.01 -1.04 -5.67
N CYS D 65 -87.98 -0.36 -5.15
CA CYS D 65 -86.60 -0.71 -5.46
C CYS D 65 -85.68 -1.00 -4.30
N ALA D 66 -84.70 -1.86 -4.59
CA ALA D 66 -83.78 -2.36 -3.60
C ALA D 66 -82.36 -1.89 -3.85
N PHE D 67 -81.70 -1.52 -2.76
CA PHE D 67 -80.35 -1.05 -2.79
C PHE D 67 -79.46 -1.85 -1.88
N ILE D 68 -78.73 -2.80 -2.47
CA ILE D 68 -77.84 -3.67 -1.73
C ILE D 68 -76.54 -2.93 -1.48
N ASP D 69 -76.34 -2.48 -0.24
CA ASP D 69 -75.23 -1.59 0.08
C ASP D 69 -74.12 -2.18 0.93
N ALA D 70 -72.93 -2.20 0.38
CA ALA D 70 -71.77 -2.63 1.12
C ALA D 70 -70.73 -1.53 1.12
N GLU D 71 -70.99 -0.47 0.35
CA GLU D 71 -70.08 0.68 0.30
C GLU D 71 -70.28 1.59 1.50
N HIS D 72 -71.52 1.66 1.98
CA HIS D 72 -71.93 2.61 3.01
C HIS D 72 -71.64 4.03 2.52
N ALA D 73 -71.91 4.27 1.23
CA ALA D 73 -71.59 5.55 0.58
C ALA D 73 -72.81 6.49 0.47
N LEU D 74 -73.43 6.52 -0.70
CA LEU D 74 -74.77 7.10 -0.91
C LEU D 74 -75.12 8.37 -0.09
N ASP D 75 -75.21 9.50 -0.78
CA ASP D 75 -75.63 10.76 -0.16
C ASP D 75 -77.15 10.90 -0.30
N PRO D 76 -77.90 10.73 0.82
CA PRO D 76 -79.34 10.85 0.73
C PRO D 76 -79.77 12.11 -0.02
N ILE D 77 -79.05 13.21 0.23
CA ILE D 77 -79.43 14.52 -0.30
C ILE D 77 -79.19 14.60 -1.81
N TYR D 78 -77.99 14.20 -2.21
CA TYR D 78 -77.65 14.12 -3.63
C TYR D 78 -78.67 13.22 -4.33
N ALA D 79 -79.10 12.16 -3.64
CA ALA D 79 -80.10 11.28 -4.19
C ALA D 79 -81.39 12.05 -4.40
N ARG D 80 -81.80 12.81 -3.38
CA ARG D 80 -83.10 13.48 -3.40
C ARG D 80 -83.20 14.37 -4.62
N LYS D 81 -82.11 15.07 -4.92
CA LYS D 81 -82.07 16.02 -6.03
C LYS D 81 -81.92 15.31 -7.38
N LEU D 82 -81.45 14.07 -7.34
CA LEU D 82 -81.46 13.28 -8.54
C LEU D 82 -82.86 12.78 -8.84
N GLY D 83 -83.69 12.67 -7.80
CA GLY D 83 -85.12 12.40 -7.94
C GLY D 83 -85.62 11.04 -7.49
N VAL D 84 -85.03 10.51 -6.42
CA VAL D 84 -85.42 9.21 -5.91
C VAL D 84 -86.34 9.34 -4.71
N ASP D 85 -87.44 8.58 -4.71
CA ASP D 85 -88.31 8.54 -3.54
C ASP D 85 -87.55 7.80 -2.46
N ILE D 86 -86.81 8.55 -1.67
CA ILE D 86 -85.92 7.98 -0.68
C ILE D 86 -86.72 7.27 0.39
N ASP D 87 -87.78 7.91 0.84
CA ASP D 87 -88.61 7.38 1.90
C ASP D 87 -89.19 5.99 1.55
N ASN D 88 -89.12 5.62 0.27
CA ASN D 88 -89.72 4.39 -0.22
C ASN D 88 -88.69 3.50 -0.91
N LEU D 89 -87.45 3.57 -0.42
CA LEU D 89 -86.39 2.79 -1.04
C LEU D 89 -85.87 1.74 -0.10
N LEU D 90 -85.55 0.56 -0.62
CA LEU D 90 -85.06 -0.50 0.22
C LEU D 90 -83.57 -0.60 0.09
N CYS D 91 -82.89 -0.63 1.24
CA CYS D 91 -81.44 -0.79 1.28
C CYS D 91 -81.06 -2.05 2.06
N SER D 92 -79.94 -2.64 1.69
CA SER D 92 -79.50 -3.89 2.29
C SER D 92 -78.20 -3.64 2.98
N GLN D 93 -78.22 -3.65 4.31
CA GLN D 93 -77.02 -3.42 5.09
C GLN D 93 -76.41 -4.76 5.54
N PRO D 94 -75.85 -5.56 4.61
CA PRO D 94 -75.65 -6.98 4.89
C PRO D 94 -74.58 -7.19 5.94
N ASP D 95 -74.56 -8.39 6.52
CA ASP D 95 -73.54 -8.78 7.49
C ASP D 95 -72.31 -9.40 6.78
N THR D 96 -72.51 -9.90 5.56
CA THR D 96 -71.43 -10.50 4.76
C THR D 96 -71.77 -10.51 3.28
N GLY D 97 -70.74 -10.77 2.48
CA GLY D 97 -70.87 -10.85 1.02
C GLY D 97 -71.74 -12.00 0.60
N GLU D 98 -71.61 -13.12 1.30
CA GLU D 98 -72.53 -14.22 1.08
C GLU D 98 -73.94 -13.69 1.35
N GLN D 99 -74.25 -13.46 2.61
CA GLN D 99 -75.57 -12.96 3.04
C GLN D 99 -76.10 -11.90 2.07
N ALA D 100 -75.26 -10.97 1.66
CA ALA D 100 -75.65 -9.98 0.67
C ALA D 100 -76.17 -10.69 -0.56
N LEU D 101 -75.30 -11.50 -1.17
CA LEU D 101 -75.64 -12.21 -2.39
C LEU D 101 -76.75 -13.24 -2.20
N GLU D 102 -77.49 -13.13 -1.09
CA GLU D 102 -78.64 -14.00 -0.82
C GLU D 102 -79.90 -13.20 -0.56
N ILE D 103 -79.71 -12.00 -0.01
CA ILE D 103 -80.82 -11.13 0.29
C ILE D 103 -81.33 -10.58 -1.02
N CYS D 104 -80.39 -10.22 -1.88
CA CYS D 104 -80.73 -9.79 -3.23
C CYS D 104 -81.42 -10.94 -3.98
N ASP D 105 -81.03 -12.17 -3.68
CA ASP D 105 -81.65 -13.34 -4.28
C ASP D 105 -83.08 -13.47 -3.77
N ALA D 106 -83.24 -13.34 -2.47
CA ALA D 106 -84.53 -13.53 -1.83
C ALA D 106 -85.56 -12.54 -2.37
N LEU D 107 -85.12 -11.35 -2.74
CA LEU D 107 -86.03 -10.33 -3.25
C LEU D 107 -86.41 -10.64 -4.69
N ALA D 108 -85.48 -11.26 -5.40
CA ALA D 108 -85.74 -11.66 -6.77
C ALA D 108 -86.94 -12.59 -6.81
N ARG D 109 -87.02 -13.49 -5.83
CA ARG D 109 -88.11 -14.47 -5.75
C ARG D 109 -89.44 -13.81 -5.45
N SER D 110 -89.40 -12.77 -4.61
CA SER D 110 -90.62 -12.18 -4.07
C SER D 110 -91.39 -11.29 -5.05
N GLY D 111 -91.38 -11.69 -6.33
CA GLY D 111 -92.32 -11.21 -7.37
C GLY D 111 -92.37 -9.73 -7.70
N ALA D 112 -92.98 -8.96 -6.80
CA ALA D 112 -93.09 -7.51 -6.91
C ALA D 112 -92.05 -6.77 -6.00
N VAL D 113 -90.77 -6.98 -6.32
CA VAL D 113 -89.71 -6.06 -5.94
C VAL D 113 -88.96 -5.86 -7.23
N ASP D 114 -89.01 -4.65 -7.75
CA ASP D 114 -88.82 -4.47 -9.17
C ASP D 114 -87.41 -4.36 -9.70
N VAL D 115 -86.62 -3.43 -9.15
CA VAL D 115 -85.23 -3.35 -9.58
C VAL D 115 -84.23 -3.23 -8.42
N ILE D 116 -83.23 -4.10 -8.46
CA ILE D 116 -82.24 -4.27 -7.40
C ILE D 116 -80.89 -3.70 -7.81
N VAL D 117 -80.24 -2.97 -6.89
CA VAL D 117 -78.95 -2.38 -7.16
C VAL D 117 -77.91 -2.72 -6.10
N VAL D 118 -76.79 -3.29 -6.55
CA VAL D 118 -75.74 -3.76 -5.66
C VAL D 118 -74.54 -2.85 -5.67
N ASP D 119 -74.11 -2.47 -4.47
CA ASP D 119 -73.09 -1.46 -4.24
C ASP D 119 -72.19 -1.91 -3.09
N SER D 120 -71.02 -2.47 -3.40
CA SER D 120 -70.56 -2.71 -4.78
C SER D 120 -69.88 -4.07 -4.89
N VAL D 121 -69.76 -4.53 -6.13
CA VAL D 121 -69.12 -5.81 -6.38
C VAL D 121 -67.88 -5.98 -5.54
N ALA D 122 -67.04 -4.96 -5.55
CA ALA D 122 -65.77 -5.00 -4.86
C ALA D 122 -65.93 -5.16 -3.33
N ALA D 123 -66.98 -4.53 -2.78
CA ALA D 123 -67.22 -4.51 -1.32
C ALA D 123 -68.05 -5.71 -0.82
N LEU D 124 -68.45 -6.56 -1.77
CA LEU D 124 -69.06 -7.86 -1.46
C LEU D 124 -67.99 -8.88 -1.05
N THR D 125 -67.37 -8.60 0.09
CA THR D 125 -66.23 -9.35 0.58
C THR D 125 -66.74 -10.63 1.26
N PRO D 126 -66.29 -11.80 0.78
CA PRO D 126 -66.70 -13.15 1.24
C PRO D 126 -66.69 -13.35 2.75
N LYS D 127 -67.58 -14.21 3.24
CA LYS D 127 -67.70 -14.51 4.66
C LYS D 127 -66.38 -15.05 5.15
N ALA D 128 -65.69 -15.77 4.27
CA ALA D 128 -64.36 -16.29 4.55
C ALA D 128 -63.38 -15.18 4.93
N GLU D 129 -63.22 -14.17 4.06
CA GLU D 129 -62.29 -13.05 4.33
C GLU D 129 -62.64 -12.39 5.65
N ILE D 130 -63.93 -12.25 5.91
CA ILE D 130 -64.38 -11.54 7.08
C ILE D 130 -63.94 -12.22 8.35
N GLU D 131 -64.43 -13.47 8.39
CA GLU D 131 -64.71 -14.21 9.59
C GLU D 131 -63.39 -14.22 10.27
N GLY D 132 -62.37 -13.96 9.46
CA GLY D 132 -61.09 -13.56 9.97
C GLY D 132 -60.14 -14.71 10.12
N GLU D 133 -60.47 -15.81 9.45
CA GLU D 133 -59.58 -16.96 9.40
C GLU D 133 -59.24 -17.27 7.94
N ILE D 134 -58.22 -18.12 7.77
CA ILE D 134 -57.56 -18.48 6.48
C ILE D 134 -58.08 -17.78 5.17
N GLY D 135 -57.20 -17.01 4.53
CA GLY D 135 -57.41 -16.60 3.12
C GLY D 135 -56.68 -17.62 2.25
N ASP D 136 -57.14 -17.83 1.00
CA ASP D 136 -56.50 -18.82 0.10
C ASP D 136 -55.76 -18.22 -1.11
N SER D 137 -56.39 -18.17 -2.28
CA SER D 137 -55.71 -17.60 -3.44
C SER D 137 -55.58 -16.07 -3.33
N HIS D 138 -56.48 -15.46 -2.51
CA HIS D 138 -56.53 -13.99 -2.14
C HIS D 138 -57.34 -13.08 -3.15
N MET D 139 -58.65 -12.97 -2.95
CA MET D 139 -59.56 -12.53 -4.02
C MET D 139 -59.40 -13.31 -5.36
N GLY D 140 -59.25 -14.63 -5.22
CA GLY D 140 -59.99 -15.60 -6.05
C GLY D 140 -61.13 -16.32 -5.32
N LEU D 141 -61.37 -15.99 -4.05
CA LEU D 141 -62.48 -16.59 -3.28
C LEU D 141 -63.82 -15.92 -3.60
N ALA D 142 -63.74 -14.67 -4.05
CA ALA D 142 -64.91 -13.89 -4.46
C ALA D 142 -65.41 -14.29 -5.85
N ALA D 143 -64.48 -14.50 -6.78
CA ALA D 143 -64.79 -15.00 -8.12
C ALA D 143 -65.48 -16.40 -8.11
N ARG D 144 -65.46 -17.04 -6.93
CA ARG D 144 -66.11 -18.33 -6.70
C ARG D 144 -67.37 -18.23 -5.81
N MET D 145 -67.44 -17.22 -4.95
CA MET D 145 -68.72 -16.88 -4.30
C MET D 145 -69.68 -16.35 -5.36
N MET D 146 -69.14 -15.67 -6.36
CA MET D 146 -69.87 -15.25 -7.55
C MET D 146 -70.40 -16.48 -8.29
N SER D 147 -69.49 -17.28 -8.86
CA SER D 147 -69.82 -18.51 -9.59
C SER D 147 -70.92 -19.32 -8.90
N GLN D 148 -71.04 -19.11 -7.59
CA GLN D 148 -71.95 -19.85 -6.71
C GLN D 148 -73.41 -19.46 -6.92
N ALA D 149 -73.96 -18.65 -6.00
CA ALA D 149 -75.39 -18.29 -6.03
C ALA D 149 -75.79 -17.40 -7.23
N MET D 150 -75.12 -17.63 -8.38
CA MET D 150 -75.30 -16.86 -9.61
C MET D 150 -76.32 -17.45 -10.59
N ARG D 151 -76.19 -18.75 -10.87
CA ARG D 151 -77.19 -19.50 -11.64
C ARG D 151 -78.57 -19.33 -10.97
N LYS D 152 -78.61 -19.56 -9.66
CA LYS D 152 -79.83 -19.44 -8.83
C LYS D 152 -80.51 -18.06 -8.98
N LEU D 153 -79.70 -17.02 -9.15
CA LEU D 153 -80.22 -15.67 -9.42
C LEU D 153 -80.62 -15.48 -10.86
N ALA D 154 -79.75 -15.93 -11.77
CA ALA D 154 -79.98 -15.80 -13.21
C ALA D 154 -81.42 -16.05 -13.61
N GLY D 155 -82.04 -17.04 -12.95
CA GLY D 155 -83.40 -17.51 -13.24
C GLY D 155 -84.51 -16.95 -12.37
N ASN D 156 -84.17 -16.53 -11.15
CA ASN D 156 -85.15 -15.88 -10.25
C ASN D 156 -85.50 -14.46 -10.69
N LEU D 157 -85.03 -14.07 -11.88
CA LEU D 157 -85.22 -12.73 -12.38
C LEU D 157 -86.14 -12.71 -13.58
N LYS D 158 -85.87 -13.59 -14.54
CA LYS D 158 -86.79 -13.84 -15.65
C LYS D 158 -88.15 -14.28 -15.09
N GLN D 159 -88.17 -14.60 -13.79
CA GLN D 159 -89.38 -14.98 -13.07
C GLN D 159 -90.23 -13.75 -12.73
N SER D 160 -89.57 -12.71 -12.18
CA SER D 160 -90.25 -11.55 -11.58
C SER D 160 -90.25 -10.28 -12.44
N ASN D 161 -89.59 -10.36 -13.59
CA ASN D 161 -89.17 -9.19 -14.34
C ASN D 161 -88.24 -8.31 -13.51
N THR D 162 -87.65 -8.90 -12.47
CA THR D 162 -86.73 -8.21 -11.56
C THR D 162 -85.40 -7.87 -12.25
N LEU D 163 -85.11 -6.58 -12.38
CA LEU D 163 -83.85 -6.09 -12.99
C LEU D 163 -82.74 -5.89 -11.95
N LEU D 164 -81.60 -6.54 -12.16
CA LEU D 164 -80.51 -6.45 -11.20
C LEU D 164 -79.32 -5.79 -11.82
N ILE D 165 -78.86 -4.74 -11.15
CA ILE D 165 -77.77 -3.91 -11.64
C ILE D 165 -76.57 -3.98 -10.71
N PHE D 166 -75.46 -4.47 -11.27
CA PHE D 166 -74.20 -4.62 -10.53
C PHE D 166 -73.21 -3.50 -10.86
N ILE D 167 -72.59 -2.88 -9.85
CA ILE D 167 -71.55 -1.87 -10.08
C ILE D 167 -70.14 -2.31 -9.68
N ASN D 168 -69.19 -2.17 -10.60
CA ASN D 168 -67.87 -2.80 -10.51
C ASN D 168 -66.75 -1.81 -10.92
N GLN D 169 -65.46 -2.17 -10.71
CA GLN D 169 -64.22 -1.38 -11.10
C GLN D 169 -63.18 -2.13 -12.00
N GLY D 186 -63.03 -8.20 -10.90
CA GLY D 186 -62.82 -9.18 -9.84
C GLY D 186 -63.92 -10.21 -9.65
N GLY D 187 -64.17 -11.01 -10.70
CA GLY D 187 -65.15 -12.13 -10.65
C GLY D 187 -65.77 -12.55 -11.98
N ASN D 188 -65.10 -13.49 -12.67
CA ASN D 188 -65.40 -13.84 -14.08
C ASN D 188 -66.74 -14.55 -14.33
N ALA D 189 -67.45 -14.90 -13.26
CA ALA D 189 -68.78 -15.48 -13.36
C ALA D 189 -69.81 -14.44 -13.86
N LEU D 190 -69.95 -13.34 -13.14
CA LEU D 190 -70.90 -12.29 -13.46
C LEU D 190 -70.87 -11.85 -14.92
N LYS D 191 -69.70 -11.93 -15.53
CA LYS D 191 -69.49 -11.54 -16.92
C LYS D 191 -70.51 -12.15 -17.89
N PHE D 192 -70.75 -13.45 -17.76
CA PHE D 192 -71.54 -14.17 -18.78
C PHE D 192 -73.04 -14.17 -18.50
N TYR D 193 -73.40 -13.96 -17.23
CA TYR D 193 -74.81 -13.99 -16.82
C TYR D 193 -75.45 -12.59 -16.94
N ALA D 194 -74.62 -11.62 -17.27
CA ALA D 194 -75.10 -10.28 -17.55
C ALA D 194 -75.67 -10.25 -18.95
N SER D 195 -76.86 -9.68 -19.09
CA SER D 195 -77.43 -9.50 -20.41
C SER D 195 -76.95 -8.19 -21.00
N VAL D 196 -76.51 -7.28 -20.13
CA VAL D 196 -75.99 -5.99 -20.57
C VAL D 196 -74.87 -5.44 -19.68
N ARG D 197 -73.83 -4.90 -20.33
CA ARG D 197 -72.70 -4.32 -19.63
C ARG D 197 -72.31 -2.92 -20.11
N LEU D 198 -71.99 -2.06 -19.15
CA LEU D 198 -71.65 -0.66 -19.42
C LEU D 198 -70.26 -0.22 -18.95
N ASP D 199 -69.55 0.50 -19.81
CA ASP D 199 -68.19 1.06 -19.53
C ASP D 199 -68.23 2.59 -19.36
N ILE D 200 -68.62 3.00 -18.17
CA ILE D 200 -68.69 4.39 -17.82
C ILE D 200 -67.27 4.85 -17.53
N ARG D 201 -66.92 6.06 -18.00
CA ARG D 201 -65.65 6.69 -17.69
C ARG D 201 -65.77 8.22 -17.76
N ARG D 202 -65.15 8.92 -16.81
CA ARG D 202 -65.10 10.38 -16.87
C ARG D 202 -63.96 10.79 -17.78
N ILE D 203 -64.30 11.52 -18.84
CA ILE D 203 -63.32 11.80 -19.91
C ILE D 203 -63.15 13.26 -20.25
N GLY D 204 -63.84 14.12 -19.51
CA GLY D 204 -63.72 15.55 -19.76
C GLY D 204 -64.00 16.38 -18.54
N ALA D 205 -64.82 17.41 -18.74
CA ALA D 205 -65.30 18.29 -17.70
C ALA D 205 -66.03 19.44 -18.39
N VAL D 206 -67.04 19.98 -17.75
CA VAL D 206 -67.79 21.09 -18.37
C VAL D 206 -67.71 22.35 -17.53
N LYS D 207 -67.49 23.46 -18.22
CA LYS D 207 -67.24 24.74 -17.59
C LYS D 207 -68.35 25.79 -17.83
N GLU D 208 -68.51 26.75 -16.91
CA GLU D 208 -69.34 27.93 -17.14
C GLU D 208 -68.41 29.13 -17.28
N GLY D 209 -67.54 29.05 -18.28
CA GLY D 209 -66.45 30.01 -18.42
C GLY D 209 -65.29 29.75 -17.46
N GLU D 210 -65.54 29.88 -16.15
CA GLU D 210 -64.47 29.92 -15.13
C GLU D 210 -64.61 28.91 -13.99
N ASN D 211 -65.35 27.83 -14.21
CA ASN D 211 -65.63 26.88 -13.13
C ASN D 211 -65.63 25.38 -13.45
N VAL D 212 -65.50 24.57 -12.41
CA VAL D 212 -65.46 23.11 -12.56
C VAL D 212 -66.82 22.54 -13.00
N VAL D 213 -67.83 22.79 -12.17
CA VAL D 213 -69.23 22.28 -12.24
C VAL D 213 -69.63 21.04 -13.12
N GLY D 214 -68.90 20.78 -14.19
CA GLY D 214 -69.24 19.67 -15.09
C GLY D 214 -68.38 18.42 -15.01
N SER D 215 -68.77 17.40 -15.77
CA SER D 215 -68.06 16.14 -15.89
C SER D 215 -68.50 15.44 -17.16
N GLU D 216 -67.87 15.75 -18.29
CA GLU D 216 -68.23 15.12 -19.58
C GLU D 216 -67.96 13.61 -19.51
N THR D 217 -69.03 12.81 -19.66
CA THR D 217 -68.99 11.35 -19.45
C THR D 217 -69.27 10.52 -20.71
N ARG D 218 -68.64 9.35 -20.78
CA ARG D 218 -68.65 8.51 -21.97
C ARG D 218 -68.93 7.06 -21.59
N VAL D 219 -70.08 6.57 -22.04
CA VAL D 219 -70.53 5.24 -21.69
C VAL D 219 -70.54 4.37 -22.94
N LYS D 220 -69.90 3.22 -22.83
CA LYS D 220 -69.75 2.27 -23.92
C LYS D 220 -70.61 1.02 -23.63
N VAL D 221 -71.34 0.53 -24.62
CA VAL D 221 -72.11 -0.70 -24.49
C VAL D 221 -71.21 -1.84 -24.92
N VAL D 222 -70.77 -2.65 -23.96
CA VAL D 222 -69.86 -3.77 -24.26
C VAL D 222 -70.63 -5.08 -24.48
N LYS D 223 -71.59 -5.38 -23.61
CA LYS D 223 -72.42 -6.58 -23.77
C LYS D 223 -73.91 -6.27 -24.03
N ASN D 224 -74.43 -6.81 -25.13
CA ASN D 224 -75.82 -6.64 -25.52
C ASN D 224 -76.34 -7.86 -26.27
N LYS D 225 -77.13 -8.67 -25.56
CA LYS D 225 -77.87 -9.80 -26.14
C LYS D 225 -79.33 -9.39 -26.35
N ILE D 226 -79.61 -8.13 -26.04
CA ILE D 226 -80.94 -7.54 -26.22
C ILE D 226 -81.10 -6.83 -27.58
N ALA D 227 -80.03 -6.18 -28.07
CA ALA D 227 -80.02 -5.61 -29.43
C ALA D 227 -78.66 -5.76 -30.14
N ALA D 228 -78.01 -4.63 -30.44
CA ALA D 228 -76.68 -4.61 -31.05
C ALA D 228 -75.62 -4.08 -30.04
N PRO D 229 -74.52 -4.83 -29.83
CA PRO D 229 -73.40 -4.37 -28.99
C PRO D 229 -72.51 -3.30 -29.67
N PHE D 230 -71.39 -2.92 -29.03
CA PHE D 230 -70.34 -2.06 -29.62
C PHE D 230 -70.68 -0.58 -29.84
N LYS D 231 -71.95 -0.20 -29.72
CA LYS D 231 -72.35 1.20 -29.87
C LYS D 231 -72.11 1.99 -28.57
N GLN D 232 -71.59 3.21 -28.71
CA GLN D 232 -71.28 4.08 -27.57
C GLN D 232 -72.11 5.38 -27.58
N ALA D 233 -72.30 5.98 -26.40
CA ALA D 233 -73.09 7.20 -26.28
C ALA D 233 -72.52 8.13 -25.22
N GLU D 234 -72.54 9.44 -25.51
CA GLU D 234 -71.89 10.49 -24.70
C GLU D 234 -72.88 11.50 -24.08
N PHE D 235 -72.56 12.02 -22.90
CA PHE D 235 -73.42 12.98 -22.20
C PHE D 235 -72.71 13.76 -21.09
N GLN D 236 -73.49 14.35 -20.18
CA GLN D 236 -72.96 15.22 -19.14
C GLN D 236 -73.52 14.95 -17.73
N ILE D 237 -72.74 15.27 -16.70
CA ILE D 237 -73.16 15.16 -15.31
C ILE D 237 -72.89 16.46 -14.56
N LEU D 238 -73.88 16.99 -13.88
CA LEU D 238 -73.69 18.23 -13.16
C LEU D 238 -73.62 18.03 -11.65
N TYR D 239 -72.61 18.63 -11.05
CA TYR D 239 -72.37 18.56 -9.61
C TYR D 239 -73.59 18.99 -8.80
N GLY D 240 -74.36 18.02 -8.32
CA GLY D 240 -75.50 18.34 -7.47
C GLY D 240 -76.81 18.49 -8.23
N GLU D 241 -76.84 17.92 -9.44
CA GLU D 241 -78.07 17.92 -10.25
C GLU D 241 -78.30 16.66 -11.13
N GLY D 242 -77.23 15.98 -11.54
CA GLY D 242 -77.38 14.69 -12.24
C GLY D 242 -77.49 14.77 -13.74
N ILE D 243 -77.74 13.63 -14.40
CA ILE D 243 -77.73 13.58 -15.86
C ILE D 243 -78.61 14.65 -16.48
N ASN D 244 -78.19 15.26 -17.57
CA ASN D 244 -78.95 16.30 -18.22
C ASN D 244 -79.43 15.90 -19.60
N PHE D 245 -80.58 15.24 -19.63
CA PHE D 245 -81.10 14.69 -20.89
C PHE D 245 -81.62 15.76 -21.84
N TYR D 246 -81.93 16.93 -21.28
CA TYR D 246 -82.27 18.08 -22.09
C TYR D 246 -81.02 18.48 -22.87
N GLY D 247 -79.89 18.47 -22.17
CA GLY D 247 -78.61 18.76 -22.78
C GLY D 247 -78.41 17.93 -24.02
N GLU D 248 -78.53 16.61 -23.87
CA GLU D 248 -78.33 15.68 -24.98
C GLU D 248 -79.49 15.69 -25.97
N LEU D 249 -80.66 16.14 -25.51
CA LEU D 249 -81.84 16.17 -26.35
C LEU D 249 -81.61 17.08 -27.54
N VAL D 250 -81.20 18.31 -27.24
CA VAL D 250 -80.87 19.29 -28.26
C VAL D 250 -79.99 18.62 -29.30
N ASP D 251 -78.86 18.10 -28.84
CA ASP D 251 -77.85 17.44 -29.68
C ASP D 251 -78.45 16.31 -30.54
N LEU D 252 -79.46 15.63 -29.98
CA LEU D 252 -80.12 14.53 -30.68
C LEU D 252 -81.08 15.07 -31.72
N GLY D 253 -81.72 16.18 -31.39
CA GLY D 253 -82.60 16.86 -32.31
C GLY D 253 -81.83 17.43 -33.49
N VAL D 254 -80.56 17.74 -33.26
CA VAL D 254 -79.68 18.27 -34.31
C VAL D 254 -79.52 17.25 -35.44
N LYS D 255 -79.01 16.06 -35.10
CA LYS D 255 -78.71 15.04 -36.10
C LYS D 255 -79.99 14.45 -36.71
N GLU D 256 -81.10 14.57 -36.00
CA GLU D 256 -82.35 13.96 -36.45
C GLU D 256 -83.35 14.96 -37.03
N LYS D 257 -82.83 15.95 -37.75
CA LYS D 257 -83.62 16.95 -38.51
C LYS D 257 -84.50 17.88 -37.67
N LEU D 258 -85.28 17.29 -36.75
CA LEU D 258 -86.28 18.01 -35.92
C LEU D 258 -85.90 19.41 -35.41
N ILE D 259 -84.63 19.56 -35.01
CA ILE D 259 -84.09 20.86 -34.61
C ILE D 259 -83.12 21.38 -35.67
N GLU D 260 -83.22 22.67 -36.02
CA GLU D 260 -82.36 23.27 -37.03
C GLU D 260 -81.32 24.21 -36.45
N LYS D 261 -80.07 24.02 -36.88
CA LYS D 261 -78.92 24.82 -36.42
C LYS D 261 -78.59 25.91 -37.45
N ALA D 262 -78.86 27.17 -37.10
CA ALA D 262 -78.53 28.30 -37.95
C ALA D 262 -77.25 29.00 -37.48
N GLY D 263 -76.22 28.19 -37.24
CA GLY D 263 -74.92 28.68 -36.76
C GLY D 263 -74.81 28.76 -35.25
N ALA D 264 -75.33 29.86 -34.69
CA ALA D 264 -75.39 30.06 -33.25
C ALA D 264 -76.82 29.94 -32.69
N TRP D 265 -77.77 30.65 -33.31
CA TRP D 265 -79.18 30.61 -32.92
C TRP D 265 -79.83 29.27 -33.33
N TYR D 266 -80.29 28.51 -32.36
CA TYR D 266 -80.95 27.22 -32.62
C TYR D 266 -82.42 27.43 -32.97
N SER D 267 -82.99 26.53 -33.78
CA SER D 267 -84.37 26.67 -34.28
C SER D 267 -85.25 25.43 -34.08
N TYR D 268 -86.56 25.66 -34.12
CA TYR D 268 -87.58 24.58 -34.13
C TYR D 268 -88.65 24.85 -35.22
N LYS D 269 -88.20 24.90 -36.49
CA LYS D 269 -89.01 25.24 -37.68
C LYS D 269 -89.74 26.59 -37.58
N GLY D 270 -88.99 27.68 -37.79
CA GLY D 270 -89.54 29.04 -37.70
C GLY D 270 -89.51 29.64 -36.30
N GLU D 271 -90.08 28.88 -35.34
CA GLU D 271 -90.11 29.22 -33.89
C GLU D 271 -88.71 29.21 -33.22
N LYS D 272 -88.09 30.39 -33.09
CA LYS D 272 -86.74 30.54 -32.50
C LYS D 272 -86.72 30.17 -31.01
N ILE D 273 -85.71 29.41 -30.60
CA ILE D 273 -85.67 28.79 -29.26
C ILE D 273 -84.60 29.36 -28.31
N GLY D 274 -83.42 29.71 -28.84
CA GLY D 274 -82.38 30.33 -28.02
C GLY D 274 -81.05 30.54 -28.71
N GLN D 275 -80.16 31.22 -28.00
CA GLN D 275 -78.79 31.52 -28.49
C GLN D 275 -77.70 30.67 -27.81
N GLY D 276 -77.01 29.84 -28.62
CA GLY D 276 -75.98 28.89 -28.14
C GLY D 276 -76.55 27.54 -27.72
N LYS D 277 -75.72 26.68 -27.13
CA LYS D 277 -76.22 25.44 -26.54
C LYS D 277 -76.67 25.71 -25.09
N ALA D 278 -76.16 26.81 -24.52
CA ALA D 278 -76.44 27.22 -23.13
C ALA D 278 -77.91 27.63 -22.90
N ASN D 279 -78.49 28.37 -23.84
CA ASN D 279 -79.90 28.78 -23.77
C ASN D 279 -80.88 27.80 -24.43
N ALA D 280 -80.38 27.00 -25.37
CA ALA D 280 -81.19 26.00 -26.07
C ALA D 280 -81.60 24.90 -25.11
N THR D 281 -80.66 24.52 -24.26
CA THR D 281 -80.93 23.61 -23.17
C THR D 281 -81.80 24.32 -22.14
N ALA D 282 -81.44 25.55 -21.78
CA ALA D 282 -82.14 26.33 -20.75
C ALA D 282 -83.61 26.68 -21.08
N TRP D 283 -84.03 26.40 -22.31
CA TRP D 283 -85.42 26.65 -22.73
C TRP D 283 -86.33 25.41 -22.61
N LEU D 284 -85.84 24.25 -23.05
CA LEU D 284 -86.62 23.02 -22.96
C LEU D 284 -86.94 22.65 -21.51
N LYS D 285 -86.36 23.41 -20.58
CA LYS D 285 -86.61 23.28 -19.14
C LYS D 285 -87.92 23.98 -18.78
N ASP D 286 -88.13 25.17 -19.33
CA ASP D 286 -89.37 25.96 -19.15
C ASP D 286 -90.60 25.37 -19.89
N ASN D 287 -90.35 24.64 -20.99
CA ASN D 287 -91.41 24.05 -21.83
C ASN D 287 -91.49 22.52 -21.72
N PRO D 288 -92.35 21.99 -20.80
CA PRO D 288 -92.39 20.54 -20.55
C PRO D 288 -92.97 19.74 -21.72
N GLU D 289 -94.23 20.04 -22.09
CA GLU D 289 -95.00 19.30 -23.11
C GLU D 289 -94.33 19.17 -24.50
N THR D 290 -93.75 20.27 -24.97
CA THR D 290 -93.13 20.30 -26.30
C THR D 290 -91.87 19.42 -26.38
N ALA D 291 -91.17 19.29 -25.27
CA ALA D 291 -89.99 18.43 -25.19
C ALA D 291 -90.36 16.96 -25.34
N LYS D 292 -91.16 16.48 -24.37
CA LYS D 292 -91.68 15.11 -24.35
C LYS D 292 -92.07 14.61 -25.74
N GLU D 293 -92.53 15.52 -26.59
CA GLU D 293 -92.93 15.21 -27.96
C GLU D 293 -91.71 14.82 -28.77
N ILE D 294 -90.70 15.70 -28.78
CA ILE D 294 -89.51 15.48 -29.59
C ILE D 294 -88.74 14.28 -29.08
N GLU D 295 -88.70 14.13 -27.75
CA GLU D 295 -88.16 12.93 -27.09
C GLU D 295 -88.56 11.70 -27.90
N LYS D 296 -89.87 11.46 -27.94
CA LYS D 296 -90.43 10.28 -28.58
C LYS D 296 -90.02 10.14 -30.05
N LYS D 297 -90.19 11.21 -30.84
CA LYS D 297 -89.94 11.15 -32.28
C LYS D 297 -88.52 10.70 -32.62
N VAL D 298 -87.61 10.91 -31.68
CA VAL D 298 -86.26 10.43 -31.82
C VAL D 298 -86.20 8.94 -31.50
N ARG D 299 -86.82 8.55 -30.39
CA ARG D 299 -86.80 7.15 -29.92
C ARG D 299 -87.13 6.18 -31.04
N GLU D 300 -88.21 6.47 -31.76
CA GLU D 300 -88.71 5.59 -32.83
C GLU D 300 -87.83 5.60 -34.10
N LEU D 301 -86.96 6.61 -34.23
CA LEU D 301 -86.06 6.71 -35.38
C LEU D 301 -84.71 5.95 -35.21
N LEU D 302 -84.52 5.27 -34.06
CA LEU D 302 -83.28 4.52 -33.77
C LEU D 302 -83.47 3.07 -33.24
N LEU D 303 -84.17 2.93 -32.11
CA LEU D 303 -84.36 1.65 -31.38
C LEU D 303 -84.80 0.45 -32.25
N LYS D 330 -100.49 -7.53 -4.48
CA LYS D 330 -101.01 -6.38 -3.69
C LYS D 330 -99.85 -5.76 -2.85
N GLN D 331 -100.19 -4.92 -1.86
CA GLN D 331 -99.23 -4.24 -0.98
C GLN D 331 -98.79 -5.07 0.22
N LYS D 332 -99.28 -6.31 0.26
CA LYS D 332 -98.85 -7.31 1.24
C LYS D 332 -98.19 -8.54 0.55
N ALA D 333 -97.85 -8.37 -0.73
CA ALA D 333 -96.87 -9.22 -1.40
C ALA D 333 -95.48 -8.71 -0.99
N LEU D 334 -95.44 -7.44 -0.60
CA LEU D 334 -94.28 -6.77 -0.01
C LEU D 334 -94.25 -7.00 1.52
N ALA D 335 -95.08 -6.22 2.25
CA ALA D 335 -95.11 -6.17 3.75
C ALA D 335 -95.06 -7.52 4.48
N ALA D 336 -95.64 -8.55 3.86
CA ALA D 336 -95.55 -9.91 4.37
C ALA D 336 -94.21 -10.53 4.00
N ALA D 337 -93.83 -10.44 2.73
CA ALA D 337 -92.55 -10.99 2.24
C ALA D 337 -91.32 -10.24 2.77
N LEU D 338 -91.55 -9.08 3.41
CA LEU D 338 -90.50 -8.31 4.07
C LEU D 338 -90.13 -8.92 5.43
N GLY D 339 -91.05 -8.83 6.39
CA GLY D 339 -90.87 -9.44 7.72
C GLY D 339 -90.30 -10.83 7.60
N GLN D 340 -90.52 -11.45 6.44
CA GLN D 340 -89.96 -12.76 6.03
C GLN D 340 -88.44 -12.73 5.94
N ILE D 341 -87.91 -11.78 5.17
CA ILE D 341 -86.48 -11.65 5.01
C ILE D 341 -85.88 -11.17 6.32
N GLU D 342 -86.71 -10.49 7.12
CA GLU D 342 -86.32 -10.01 8.44
C GLU D 342 -86.10 -11.16 9.40
N LYS D 343 -87.15 -11.95 9.63
CA LYS D 343 -87.04 -13.12 10.51
C LYS D 343 -85.98 -14.11 10.02
N GLN D 344 -85.83 -14.21 8.68
CA GLN D 344 -84.93 -15.18 8.03
C GLN D 344 -83.44 -14.89 8.26
N PHE D 345 -83.09 -13.60 8.38
CA PHE D 345 -81.68 -13.14 8.47
C PHE D 345 -81.27 -12.27 9.70
N GLY D 346 -82.01 -12.38 10.82
CA GLY D 346 -81.80 -11.50 11.97
C GLY D 346 -82.58 -10.19 11.85
N LYS D 347 -83.18 -9.74 12.95
CA LYS D 347 -84.18 -8.64 12.93
C LYS D 347 -83.64 -7.26 12.48
N GLY D 348 -84.21 -6.74 11.39
CA GLY D 348 -83.80 -5.47 10.80
C GLY D 348 -82.54 -5.64 10.01
N SER D 349 -82.66 -5.91 8.72
CA SER D 349 -81.50 -5.98 7.84
C SER D 349 -81.91 -5.66 6.41
N ILE D 350 -83.07 -5.04 6.32
CA ILE D 350 -83.49 -4.37 5.12
C ILE D 350 -84.71 -3.55 5.51
N MET D 351 -84.87 -2.38 4.90
CA MET D 351 -86.05 -1.53 5.10
C MET D 351 -86.22 -0.39 4.10
N ARG D 352 -87.45 0.14 4.06
CA ARG D 352 -87.79 1.43 3.43
C ARG D 352 -87.10 2.45 4.32
N LEU D 353 -86.64 3.54 3.72
CA LEU D 353 -85.84 4.51 4.46
C LEU D 353 -86.69 5.43 5.35
N GLY D 354 -87.78 5.98 4.79
CA GLY D 354 -88.66 6.90 5.52
C GLY D 354 -89.59 6.18 6.47
N GLU D 355 -89.05 5.79 7.62
CA GLU D 355 -89.78 4.99 8.57
C GLU D 355 -89.62 5.45 9.99
N ASP D 356 -90.72 5.44 10.72
CA ASP D 356 -90.76 5.80 12.15
C ASP D 356 -90.47 4.59 13.02
N ARG D 357 -90.25 3.47 12.34
CA ARG D 357 -89.96 2.18 12.98
C ARG D 357 -88.51 2.09 13.50
N SER D 358 -88.39 2.29 14.82
CA SER D 358 -87.17 2.01 15.56
C SER D 358 -87.51 0.90 16.55
N MET D 359 -86.88 -0.27 16.41
CA MET D 359 -87.08 -1.38 17.36
C MET D 359 -86.68 -0.93 18.78
N ASP D 360 -87.32 -1.49 19.81
CA ASP D 360 -87.07 -1.03 21.21
C ASP D 360 -85.87 -1.75 21.90
N VAL D 361 -84.69 -1.58 21.34
CA VAL D 361 -83.43 -1.96 22.01
C VAL D 361 -82.80 -0.75 22.76
N GLU D 362 -82.03 -1.05 23.81
CA GLU D 362 -81.57 -0.05 24.81
C GLU D 362 -80.64 1.04 24.27
N THR D 363 -80.94 2.28 24.68
CA THR D 363 -80.33 3.47 24.10
C THR D 363 -79.42 4.22 25.08
N ILE D 364 -78.22 4.59 24.64
CA ILE D 364 -77.33 5.43 25.43
C ILE D 364 -77.02 6.70 24.67
N SER D 365 -77.32 7.85 25.27
CA SER D 365 -77.17 9.17 24.59
C SER D 365 -75.72 9.52 24.12
N THR D 366 -75.58 9.97 22.87
CA THR D 366 -74.28 10.33 22.34
C THR D 366 -73.79 11.62 22.93
N GLY D 367 -74.70 12.40 23.48
CA GLY D 367 -74.40 13.74 23.98
C GLY D 367 -75.05 14.76 23.09
N SER D 368 -75.22 14.40 21.82
CA SER D 368 -75.89 15.25 20.84
C SER D 368 -77.26 14.73 20.50
N LEU D 369 -78.26 15.59 20.74
CA LEU D 369 -79.63 15.36 20.30
C LEU D 369 -79.68 15.01 18.81
N SER D 370 -79.09 15.87 17.98
CA SER D 370 -79.13 15.68 16.53
C SER D 370 -78.45 14.37 16.06
N LEU D 371 -77.55 13.83 16.88
CA LEU D 371 -77.01 12.51 16.60
C LEU D 371 -78.03 11.45 16.97
N ASP D 372 -78.48 11.46 18.22
CA ASP D 372 -79.49 10.51 18.68
C ASP D 372 -80.60 10.40 17.65
N ILE D 373 -81.00 11.55 17.12
CA ILE D 373 -82.03 11.65 16.10
C ILE D 373 -81.70 10.87 14.83
N ALA D 374 -80.52 11.11 14.29
CA ALA D 374 -80.11 10.46 13.05
C ALA D 374 -79.67 8.97 13.23
N LEU D 375 -79.32 8.62 14.47
CA LEU D 375 -79.13 7.24 14.86
C LEU D 375 -80.43 6.51 14.59
N GLY D 376 -81.54 7.14 14.94
CA GLY D 376 -82.85 6.55 14.77
C GLY D 376 -83.38 6.08 16.10
N ALA D 377 -82.53 5.42 16.88
CA ALA D 377 -82.94 4.80 18.15
C ALA D 377 -82.98 5.77 19.32
N GLY D 378 -82.23 6.86 19.18
CA GLY D 378 -82.11 7.86 20.23
C GLY D 378 -80.98 7.52 21.20
N GLY D 379 -79.88 7.02 20.63
CA GLY D 379 -78.70 6.60 21.40
C GLY D 379 -78.04 5.37 20.81
N LEU D 380 -76.84 5.05 21.31
CA LEU D 380 -76.12 3.88 20.87
C LEU D 380 -76.62 2.57 21.50
N PRO D 381 -76.81 1.54 20.65
CA PRO D 381 -77.26 0.19 20.97
C PRO D 381 -76.47 -0.61 22.02
N MET D 382 -76.95 -0.57 23.26
CA MET D 382 -76.38 -1.34 24.36
C MET D 382 -76.17 -2.82 24.00
N GLY D 383 -74.91 -3.26 24.08
CA GLY D 383 -74.55 -4.65 23.81
C GLY D 383 -74.11 -4.95 22.38
N ARG D 384 -73.63 -3.92 21.69
CA ARG D 384 -73.22 -4.02 20.27
C ARG D 384 -71.85 -3.34 19.99
N ILE D 385 -71.37 -3.45 18.75
CA ILE D 385 -70.10 -2.85 18.40
C ILE D 385 -70.29 -1.59 17.59
N VAL D 386 -69.72 -0.49 18.09
CA VAL D 386 -69.81 0.81 17.42
C VAL D 386 -68.44 1.32 16.97
N GLU D 387 -68.28 1.53 15.66
CA GLU D 387 -67.06 2.14 15.13
C GLU D 387 -67.35 3.58 14.78
N ILE D 388 -66.68 4.51 15.49
CA ILE D 388 -66.69 5.94 15.17
C ILE D 388 -65.36 6.28 14.51
N TYR D 389 -65.38 6.46 13.19
CA TYR D 389 -64.17 6.75 12.50
C TYR D 389 -64.14 8.21 12.13
N GLY D 390 -62.93 8.73 11.88
CA GLY D 390 -62.73 10.12 11.45
C GLY D 390 -61.31 10.70 11.37
N PRO D 391 -61.03 11.43 10.28
CA PRO D 391 -59.82 12.23 10.20
C PRO D 391 -59.29 12.66 11.56
N GLU D 392 -58.00 12.47 11.78
CA GLU D 392 -57.38 12.90 13.02
C GLU D 392 -57.81 14.33 13.40
N SER D 393 -57.99 14.55 14.71
CA SER D 393 -58.35 15.87 15.24
C SER D 393 -59.69 16.37 14.68
N SER D 394 -60.60 15.44 14.43
CA SER D 394 -61.91 15.78 13.87
C SER D 394 -62.92 16.11 14.97
N GLY D 395 -62.77 15.43 16.10
CA GLY D 395 -63.65 15.63 17.20
C GLY D 395 -64.09 14.30 17.76
N LYS D 396 -63.71 13.22 17.08
CA LYS D 396 -64.19 11.90 17.48
C LYS D 396 -64.13 11.63 18.98
N THR D 397 -62.96 11.82 19.57
CA THR D 397 -62.76 11.45 20.97
C THR D 397 -63.63 12.26 21.93
N THR D 398 -63.93 13.50 21.60
CA THR D 398 -64.80 14.34 22.43
C THR D 398 -66.13 13.63 22.53
N LEU D 399 -66.70 13.33 21.37
CA LEU D 399 -67.94 12.62 21.26
C LEU D 399 -67.87 11.28 21.99
N THR D 400 -66.70 10.65 21.92
CA THR D 400 -66.42 9.41 22.63
C THR D 400 -66.53 9.62 24.13
N LEU D 401 -65.83 10.62 24.65
CA LEU D 401 -65.87 10.93 26.08
C LEU D 401 -67.24 11.38 26.50
N GLN D 402 -68.05 11.78 25.53
CA GLN D 402 -69.39 12.27 25.83
C GLN D 402 -70.37 11.11 26.07
N VAL D 403 -70.17 10.00 25.36
CA VAL D 403 -70.99 8.81 25.59
C VAL D 403 -70.62 8.25 26.95
N ILE D 404 -69.32 8.17 27.21
CA ILE D 404 -68.83 7.75 28.52
C ILE D 404 -69.49 8.63 29.57
N ALA D 405 -69.71 9.89 29.22
CA ALA D 405 -70.32 10.88 30.11
C ALA D 405 -71.72 10.44 30.49
N ALA D 406 -72.60 10.39 29.50
CA ALA D 406 -74.02 10.12 29.72
C ALA D 406 -74.31 8.75 30.35
N ALA D 407 -73.47 7.77 30.07
CA ALA D 407 -73.64 6.44 30.60
C ALA D 407 -73.21 6.38 32.07
N GLN D 408 -72.22 7.20 32.41
CA GLN D 408 -71.70 7.26 33.78
C GLN D 408 -72.59 8.06 34.70
N ARG D 409 -73.45 8.87 34.10
CA ARG D 409 -74.38 9.73 34.82
C ARG D 409 -75.69 8.97 35.04
N GLU D 410 -75.78 7.78 34.46
CA GLU D 410 -76.90 6.88 34.71
C GLU D 410 -76.41 5.66 35.47
N GLY D 411 -75.63 5.88 36.53
CA GLY D 411 -75.13 4.78 37.39
C GLY D 411 -74.08 3.81 36.83
N LYS D 412 -74.06 3.62 35.49
CA LYS D 412 -73.23 2.60 34.79
C LYS D 412 -71.72 2.82 34.92
N THR D 413 -70.92 1.77 34.86
CA THR D 413 -69.45 1.90 34.91
C THR D 413 -68.75 1.34 33.66
N CYS D 414 -67.77 2.11 33.16
CA CYS D 414 -67.25 1.97 31.78
C CYS D 414 -65.76 1.73 31.63
N ALA D 415 -65.42 1.18 30.48
CA ALA D 415 -64.07 0.74 30.20
C ALA D 415 -63.37 1.62 29.16
N PHE D 416 -62.06 1.77 29.34
CA PHE D 416 -61.24 2.55 28.45
C PHE D 416 -59.97 1.79 28.10
N ILE D 417 -59.99 1.23 26.91
CA ILE D 417 -58.86 0.49 26.42
C ILE D 417 -58.07 1.51 25.65
N ASP D 418 -56.87 1.84 26.14
CA ASP D 418 -56.04 2.92 25.58
C ASP D 418 -54.65 2.52 25.04
N ALA D 419 -54.52 2.58 23.73
CA ALA D 419 -53.24 2.31 23.10
C ALA D 419 -52.65 3.59 22.59
N GLU D 420 -53.40 4.70 22.71
CA GLU D 420 -53.00 6.05 22.23
C GLU D 420 -52.17 6.84 23.24
N HIS D 421 -52.50 6.65 24.52
CA HIS D 421 -51.86 7.37 25.62
C HIS D 421 -52.12 8.85 25.43
N ALA D 422 -53.40 9.13 25.20
CA ALA D 422 -53.85 10.48 24.90
C ALA D 422 -54.65 11.08 26.05
N LEU D 423 -55.99 10.93 25.96
CA LEU D 423 -56.96 11.26 27.02
C LEU D 423 -56.57 12.41 27.96
N ASP D 424 -57.19 13.57 27.78
CA ASP D 424 -56.98 14.64 28.76
C ASP D 424 -57.97 14.48 29.92
N PRO D 425 -57.48 14.08 31.09
CA PRO D 425 -58.37 13.95 32.24
C PRO D 425 -59.16 15.22 32.50
N ILE D 426 -58.46 16.34 32.61
CA ILE D 426 -59.08 17.63 32.96
C ILE D 426 -60.22 18.02 32.00
N TYR D 427 -60.00 17.81 30.71
CA TYR D 427 -61.04 18.05 29.71
C TYR D 427 -62.20 17.07 29.88
N ALA D 428 -61.91 15.82 30.22
CA ALA D 428 -62.99 14.87 30.45
C ALA D 428 -63.83 15.32 31.62
N ARG D 429 -63.16 15.85 32.64
CA ARG D 429 -63.87 16.29 33.85
C ARG D 429 -64.77 17.49 33.56
N LYS D 430 -64.35 18.43 32.72
CA LYS D 430 -65.26 19.47 32.30
C LYS D 430 -66.33 18.86 31.42
N LEU D 431 -65.99 17.80 30.69
CA LEU D 431 -66.91 17.20 29.73
C LEU D 431 -68.10 16.50 30.36
N GLY D 432 -67.87 15.91 31.53
CA GLY D 432 -68.94 15.22 32.29
C GLY D 432 -68.60 13.82 32.78
N VAL D 433 -67.37 13.40 32.51
CA VAL D 433 -66.92 12.06 32.87
C VAL D 433 -66.44 12.06 34.30
N ASP D 434 -66.91 11.08 35.06
CA ASP D 434 -66.39 10.86 36.39
C ASP D 434 -65.14 10.04 36.27
N ILE D 435 -64.02 10.72 36.18
CA ILE D 435 -62.76 10.06 35.93
C ILE D 435 -62.45 9.04 37.00
N ASP D 436 -62.69 9.40 38.26
CA ASP D 436 -62.33 8.56 39.40
C ASP D 436 -62.85 7.12 39.32
N ASN D 437 -64.02 6.95 38.70
CA ASN D 437 -64.69 5.64 38.55
C ASN D 437 -64.42 4.95 37.21
N LEU D 438 -63.74 5.65 36.30
CA LEU D 438 -63.53 5.12 34.98
C LEU D 438 -62.50 4.03 34.99
N LEU D 439 -62.81 2.94 34.30
CA LEU D 439 -61.89 1.83 34.24
C LEU D 439 -61.00 2.02 33.08
N CYS D 440 -59.72 2.10 33.37
CA CYS D 440 -58.75 2.39 32.35
C CYS D 440 -57.78 1.26 32.13
N SER D 441 -57.54 0.96 30.87
CA SER D 441 -56.66 -0.13 30.51
C SER D 441 -55.55 0.36 29.61
N GLN D 442 -54.30 0.03 29.95
CA GLN D 442 -53.15 0.41 29.14
C GLN D 442 -52.37 -0.80 28.68
N PRO D 443 -52.83 -1.48 27.62
CA PRO D 443 -52.37 -2.82 27.29
C PRO D 443 -50.96 -2.84 26.77
N ASP D 444 -50.28 -3.95 27.06
CA ASP D 444 -48.96 -4.24 26.57
C ASP D 444 -48.98 -4.52 25.05
N THR D 445 -50.15 -4.82 24.49
CA THR D 445 -50.21 -5.09 23.06
C THR D 445 -51.55 -5.36 22.37
N GLY D 446 -51.49 -5.23 21.04
CA GLY D 446 -52.60 -5.30 20.12
C GLY D 446 -53.54 -6.39 20.49
N GLU D 447 -53.11 -7.63 20.28
CA GLU D 447 -53.96 -8.75 20.64
C GLU D 447 -54.32 -8.65 22.11
N GLN D 448 -53.32 -8.53 22.99
CA GLN D 448 -53.60 -8.51 24.43
C GLN D 448 -54.73 -7.54 24.75
N ALA D 449 -54.71 -6.37 24.12
CA ALA D 449 -55.80 -5.42 24.27
C ALA D 449 -57.15 -6.05 23.92
N LEU D 450 -57.26 -6.53 22.68
CA LEU D 450 -58.47 -7.16 22.17
C LEU D 450 -58.99 -8.27 23.08
N GLU D 451 -58.09 -8.96 23.77
CA GLU D 451 -58.47 -10.08 24.63
C GLU D 451 -58.94 -9.60 26.00
N ILE D 452 -58.59 -8.36 26.37
CA ILE D 452 -59.01 -7.81 27.64
C ILE D 452 -60.47 -7.39 27.55
N CYS D 453 -60.91 -7.11 26.34
CA CYS D 453 -62.32 -6.84 26.11
C CYS D 453 -63.14 -8.12 26.28
N ASP D 454 -62.70 -9.20 25.63
CA ASP D 454 -63.35 -10.54 25.69
C ASP D 454 -63.85 -10.81 27.10
N ALA D 455 -62.97 -10.55 28.07
CA ALA D 455 -63.22 -10.85 29.46
C ALA D 455 -63.93 -9.72 30.21
N LEU D 456 -63.89 -8.49 29.69
CA LEU D 456 -64.68 -7.40 30.26
C LEU D 456 -66.11 -7.48 29.73
N ALA D 457 -66.29 -8.29 28.70
CA ALA D 457 -67.60 -8.61 28.20
C ALA D 457 -68.23 -9.65 29.11
N ARG D 458 -67.53 -10.77 29.31
CA ARG D 458 -67.94 -11.80 30.27
C ARG D 458 -67.76 -11.29 31.71
N SER D 459 -68.26 -10.08 31.95
CA SER D 459 -68.40 -9.56 33.28
C SER D 459 -69.85 -9.16 33.49
N GLY D 460 -70.41 -8.42 32.53
CA GLY D 460 -71.83 -8.01 32.54
C GLY D 460 -72.10 -6.66 33.20
N ALA D 461 -71.29 -6.35 34.23
CA ALA D 461 -71.34 -5.08 34.95
C ALA D 461 -70.18 -4.14 34.53
N VAL D 462 -69.65 -4.40 33.34
CA VAL D 462 -68.95 -3.39 32.58
C VAL D 462 -69.91 -3.07 31.46
N ASP D 463 -70.40 -1.83 31.47
CA ASP D 463 -71.50 -1.45 30.60
C ASP D 463 -71.05 -0.97 29.22
N VAL D 464 -70.04 -0.11 29.17
CA VAL D 464 -69.46 0.30 27.88
C VAL D 464 -67.93 0.25 27.82
N ILE D 465 -67.47 -0.34 26.73
CA ILE D 465 -66.06 -0.45 26.46
C ILE D 465 -65.72 0.57 25.38
N VAL D 466 -64.65 1.35 25.61
CA VAL D 466 -64.12 2.30 24.62
C VAL D 466 -62.65 2.02 24.26
N VAL D 467 -62.42 1.76 22.98
CA VAL D 467 -61.13 1.32 22.49
C VAL D 467 -60.45 2.41 21.63
N ASP D 468 -59.25 2.82 22.07
CA ASP D 468 -58.52 3.96 21.53
C ASP D 468 -57.09 3.57 21.11
N SER D 469 -56.89 3.17 19.86
CA SER D 469 -57.94 3.08 18.84
C SER D 469 -57.38 2.27 17.70
N VAL D 470 -58.27 1.61 16.95
CA VAL D 470 -57.88 0.70 15.86
C VAL D 470 -56.41 0.76 15.46
N ALA D 471 -56.03 1.85 14.79
CA ALA D 471 -54.69 1.98 14.21
C ALA D 471 -53.59 1.78 15.26
N ALA D 472 -53.85 2.21 16.50
CA ALA D 472 -52.90 2.14 17.62
C ALA D 472 -52.80 0.77 18.35
N LEU D 473 -53.71 -0.16 18.03
CA LEU D 473 -53.67 -1.56 18.51
C LEU D 473 -52.67 -2.40 17.72
N THR D 474 -51.43 -1.94 17.73
CA THR D 474 -50.38 -2.50 16.92
C THR D 474 -49.91 -3.83 17.49
N PRO D 475 -50.13 -4.91 16.73
CA PRO D 475 -49.99 -6.33 17.04
C PRO D 475 -48.61 -6.77 17.47
N LYS D 476 -48.50 -8.04 17.89
CA LYS D 476 -47.26 -8.59 18.43
C LYS D 476 -46.15 -8.51 17.40
N ALA D 477 -46.39 -9.14 16.26
CA ALA D 477 -45.38 -9.28 15.20
C ALA D 477 -44.63 -7.99 14.87
N GLU D 478 -45.36 -6.86 14.94
CA GLU D 478 -44.76 -5.55 14.77
C GLU D 478 -43.92 -5.19 15.99
N ILE D 479 -44.44 -5.39 17.18
CA ILE D 479 -43.70 -5.10 18.39
C ILE D 479 -42.41 -5.92 18.44
N GLU D 480 -42.58 -7.24 18.50
CA GLU D 480 -41.54 -8.19 18.85
C GLU D 480 -40.83 -8.59 17.55
N GLY D 481 -41.56 -9.25 16.64
CA GLY D 481 -41.07 -9.57 15.29
C GLY D 481 -40.85 -8.37 14.37
N GLU D 482 -40.92 -8.63 13.06
CA GLU D 482 -40.33 -7.73 12.05
C GLU D 482 -41.26 -6.70 11.38
N ILE D 483 -42.55 -6.74 11.72
CA ILE D 483 -43.61 -6.08 10.94
C ILE D 483 -44.22 -7.14 9.94
N GLY D 484 -45.32 -6.81 9.25
CA GLY D 484 -45.94 -7.70 8.22
C GLY D 484 -45.06 -7.92 7.00
N ASP D 485 -44.02 -7.07 6.89
CA ASP D 485 -42.91 -7.02 5.88
C ASP D 485 -43.22 -6.62 4.41
N SER D 486 -44.51 -6.37 4.15
CA SER D 486 -44.99 -5.32 3.24
C SER D 486 -45.73 -4.32 4.19
N HIS D 487 -45.12 -3.13 4.34
CA HIS D 487 -44.96 -2.39 5.63
C HIS D 487 -46.11 -1.85 6.53
N MET D 488 -46.12 -2.41 7.74
CA MET D 488 -47.24 -2.43 8.71
C MET D 488 -48.34 -3.45 8.28
N GLY D 489 -49.23 -2.96 7.44
CA GLY D 489 -50.67 -3.12 7.50
C GLY D 489 -51.08 -4.41 6.88
N LEU D 490 -50.74 -5.51 7.55
CA LEU D 490 -51.17 -6.84 7.16
C LEU D 490 -51.92 -7.44 8.35
N ALA D 491 -51.31 -7.31 9.52
CA ALA D 491 -51.89 -7.81 10.74
C ALA D 491 -53.24 -7.10 11.10
N ALA D 492 -53.99 -6.69 10.08
CA ALA D 492 -55.41 -6.37 10.21
C ALA D 492 -56.26 -7.64 10.39
N ARG D 493 -55.61 -8.78 10.15
CA ARG D 493 -56.17 -10.11 10.40
C ARG D 493 -56.27 -10.38 11.89
N MET D 494 -55.41 -9.72 12.68
CA MET D 494 -55.55 -9.72 14.12
C MET D 494 -56.93 -9.20 14.55
N MET D 495 -57.46 -8.26 13.78
CA MET D 495 -58.83 -7.78 13.99
C MET D 495 -59.81 -8.92 13.65
N SER D 496 -59.79 -9.37 12.40
CA SER D 496 -60.68 -10.40 11.94
C SER D 496 -60.76 -11.57 12.93
N GLN D 497 -59.63 -11.82 13.62
CA GLN D 497 -59.47 -12.92 14.57
C GLN D 497 -60.48 -12.84 15.72
N ALA D 498 -60.06 -12.27 16.84
CA ALA D 498 -60.84 -12.23 18.07
C ALA D 498 -62.09 -11.33 17.94
N MET D 499 -62.43 -10.97 16.70
CA MET D 499 -63.63 -10.20 16.40
C MET D 499 -64.89 -11.05 16.53
N ARG D 500 -64.96 -12.10 15.70
CA ARG D 500 -66.03 -13.07 15.70
C ARG D 500 -66.62 -13.28 17.10
N LYS D 501 -65.73 -13.57 18.05
CA LYS D 501 -66.11 -13.96 19.41
C LYS D 501 -66.68 -12.81 20.24
N LEU D 502 -66.15 -11.62 20.05
CA LEU D 502 -66.65 -10.48 20.80
C LEU D 502 -68.13 -10.23 20.56
N ALA D 503 -68.58 -10.53 19.35
CA ALA D 503 -70.00 -10.36 18.97
C ALA D 503 -70.95 -10.90 20.02
N GLY D 504 -70.79 -12.18 20.36
CA GLY D 504 -71.61 -12.86 21.38
C GLY D 504 -71.37 -12.35 22.79
N ASN D 505 -70.13 -12.46 23.28
CA ASN D 505 -69.74 -12.05 24.63
C ASN D 505 -70.31 -10.68 25.09
N LEU D 506 -70.60 -9.79 24.14
CA LEU D 506 -71.12 -8.45 24.44
C LEU D 506 -72.64 -8.38 24.49
N LYS D 507 -73.26 -9.17 23.62
CA LYS D 507 -74.72 -9.23 23.49
C LYS D 507 -75.39 -9.84 24.73
N GLN D 508 -74.78 -10.89 25.32
CA GLN D 508 -75.28 -11.54 26.55
C GLN D 508 -74.66 -10.98 27.84
N SER D 509 -74.37 -9.68 27.78
CA SER D 509 -73.84 -8.88 28.89
C SER D 509 -74.54 -7.53 28.89
N ASN D 510 -75.01 -7.14 27.70
CA ASN D 510 -75.36 -5.75 27.39
C ASN D 510 -74.17 -4.84 27.67
N THR D 511 -73.02 -5.26 27.17
CA THR D 511 -71.82 -4.46 27.20
C THR D 511 -71.67 -3.82 25.84
N LEU D 512 -71.74 -2.49 25.80
CA LEU D 512 -71.58 -1.69 24.57
C LEU D 512 -70.11 -1.32 24.29
N LEU D 513 -69.63 -1.69 23.12
CA LEU D 513 -68.25 -1.47 22.79
C LEU D 513 -68.09 -0.54 21.60
N ILE D 514 -67.09 0.33 21.70
CA ILE D 514 -66.82 1.38 20.75
C ILE D 514 -65.39 1.38 20.27
N PHE D 515 -65.26 1.33 18.97
CA PHE D 515 -63.99 1.40 18.29
C PHE D 515 -63.76 2.80 17.63
N ILE D 516 -62.51 3.31 17.66
CA ILE D 516 -62.19 4.55 16.98
C ILE D 516 -61.14 4.30 15.92
N ASN D 517 -61.37 4.77 14.69
CA ASN D 517 -60.45 4.52 13.54
C ASN D 517 -60.03 5.88 12.89
N GLN D 518 -59.32 5.87 11.73
CA GLN D 518 -58.94 7.07 10.87
C GLN D 518 -59.07 6.96 9.32
N GLY D 535 -57.94 1.07 9.48
CA GLY D 535 -57.81 -0.20 10.20
C GLY D 535 -58.07 -1.49 9.40
N GLY D 536 -58.91 -2.42 9.92
CA GLY D 536 -59.12 -3.76 9.31
C GLY D 536 -60.50 -4.05 8.73
N ASN D 537 -60.55 -4.86 7.67
CA ASN D 537 -61.78 -5.16 6.88
C ASN D 537 -62.99 -5.65 7.70
N ALA D 538 -62.71 -6.41 8.75
CA ALA D 538 -63.75 -7.09 9.55
C ALA D 538 -64.75 -6.15 10.19
N LEU D 539 -64.25 -5.31 11.09
CA LEU D 539 -65.06 -4.34 11.80
C LEU D 539 -66.13 -3.71 10.92
N LYS D 540 -65.77 -3.46 9.66
CA LYS D 540 -66.66 -2.86 8.66
C LYS D 540 -68.04 -3.51 8.63
N PHE D 541 -68.16 -4.71 9.16
CA PHE D 541 -69.42 -5.44 9.11
C PHE D 541 -69.93 -5.81 10.48
N TYR D 542 -69.01 -6.25 11.33
CA TYR D 542 -69.34 -6.66 12.69
C TYR D 542 -69.76 -5.47 13.59
N ALA D 543 -69.55 -4.24 13.10
CA ALA D 543 -70.11 -3.06 13.73
C ALA D 543 -71.62 -3.03 13.53
N SER D 544 -72.37 -2.81 14.60
CA SER D 544 -73.83 -2.72 14.51
C SER D 544 -74.19 -1.31 14.03
N VAL D 545 -73.38 -0.32 14.43
CA VAL D 545 -73.50 1.07 13.96
C VAL D 545 -72.15 1.77 13.72
N ARG D 546 -72.14 2.61 12.70
CA ARG D 546 -70.94 3.27 12.26
C ARG D 546 -71.09 4.74 11.97
N LEU D 547 -70.12 5.46 12.54
CA LEU D 547 -70.02 6.92 12.55
C LEU D 547 -68.83 7.54 11.77
N ASP D 548 -69.17 8.54 10.97
CA ASP D 548 -68.23 9.41 10.27
C ASP D 548 -68.31 10.84 10.83
N ILE D 549 -67.47 11.14 11.82
CA ILE D 549 -67.35 12.49 12.32
C ILE D 549 -66.32 13.17 11.45
N ARG D 550 -66.58 14.42 11.09
CA ARG D 550 -65.64 15.28 10.36
C ARG D 550 -65.48 16.66 11.05
N ARG D 551 -64.89 17.64 10.37
CA ARG D 551 -64.90 19.00 10.88
C ARG D 551 -64.96 19.90 9.67
N ILE D 552 -65.81 20.91 9.69
CA ILE D 552 -65.88 21.80 8.52
C ILE D 552 -65.70 23.31 8.77
N GLY D 553 -66.03 23.78 9.97
CA GLY D 553 -66.14 25.24 10.17
C GLY D 553 -65.21 25.91 11.13
N ALA D 554 -65.45 25.65 12.42
CA ALA D 554 -64.88 26.41 13.52
C ALA D 554 -65.62 27.74 13.74
N VAL D 555 -65.83 28.12 14.99
CA VAL D 555 -66.56 29.36 15.27
C VAL D 555 -65.85 30.34 16.20
N LYS D 556 -66.32 31.59 16.17
CA LYS D 556 -65.61 32.75 16.75
C LYS D 556 -66.40 33.57 17.80
N GLU D 557 -65.69 33.99 18.84
CA GLU D 557 -66.14 34.98 19.84
C GLU D 557 -65.48 36.28 19.46
N GLY D 558 -66.03 36.93 18.44
CA GLY D 558 -65.37 38.08 17.84
C GLY D 558 -64.28 37.61 16.90
N GLU D 559 -63.01 37.70 17.33
CA GLU D 559 -61.84 37.32 16.50
C GLU D 559 -61.15 36.03 16.98
N ASN D 560 -61.40 35.67 18.24
CA ASN D 560 -60.93 34.40 18.81
C ASN D 560 -61.53 33.20 18.04
N VAL D 561 -60.81 32.08 18.02
CA VAL D 561 -61.30 30.82 17.45
C VAL D 561 -61.56 29.87 18.60
N VAL D 562 -62.82 29.75 18.98
CA VAL D 562 -63.13 28.99 20.17
C VAL D 562 -64.06 27.80 19.85
N GLY D 563 -64.42 27.64 18.57
CA GLY D 563 -65.36 26.60 18.15
C GLY D 563 -64.92 25.65 17.06
N SER D 564 -65.69 24.59 16.82
CA SER D 564 -65.44 23.64 15.71
C SER D 564 -66.75 23.05 15.19
N GLU D 565 -67.16 23.45 13.98
CA GLU D 565 -68.41 22.99 13.37
C GLU D 565 -68.22 21.59 12.80
N THR D 566 -68.89 20.61 13.43
CA THR D 566 -68.74 19.22 13.04
C THR D 566 -69.95 18.67 12.31
N ARG D 567 -69.74 17.55 11.65
CA ARG D 567 -70.78 16.83 10.92
C ARG D 567 -70.59 15.31 11.10
N VAL D 568 -71.53 14.68 11.78
CA VAL D 568 -71.50 13.26 11.99
C VAL D 568 -72.48 12.60 11.05
N LYS D 569 -71.95 11.69 10.26
CA LYS D 569 -72.71 10.83 9.37
C LYS D 569 -72.84 9.41 9.98
N VAL D 570 -74.04 8.87 10.00
CA VAL D 570 -74.26 7.50 10.42
C VAL D 570 -74.34 6.73 9.14
N VAL D 571 -73.30 5.98 8.82
CA VAL D 571 -73.26 5.34 7.52
C VAL D 571 -73.59 3.87 7.57
N LYS D 572 -73.21 3.22 8.65
CA LYS D 572 -73.64 1.85 8.85
C LYS D 572 -74.68 1.80 9.97
N ASN D 573 -75.92 1.47 9.62
CA ASN D 573 -76.97 1.42 10.62
C ASN D 573 -77.90 0.23 10.50
N LYS D 574 -77.70 -0.71 11.40
CA LYS D 574 -78.57 -1.85 11.55
C LYS D 574 -79.47 -1.66 12.79
N ILE D 575 -79.73 -0.42 13.17
CA ILE D 575 -80.70 -0.14 14.24
C ILE D 575 -81.96 0.41 13.61
N ALA D 576 -81.74 1.38 12.71
CA ALA D 576 -82.83 2.03 12.00
C ALA D 576 -82.37 2.65 10.69
N ALA D 577 -82.81 3.88 10.45
CA ALA D 577 -82.50 4.61 9.24
C ALA D 577 -80.98 4.86 9.10
N PRO D 578 -80.37 4.23 8.09
CA PRO D 578 -78.97 4.50 7.78
C PRO D 578 -78.81 5.77 6.94
N PHE D 579 -77.62 6.35 6.91
CA PHE D 579 -77.29 7.52 6.07
C PHE D 579 -77.94 8.81 6.55
N LYS D 580 -78.53 8.78 7.72
CA LYS D 580 -79.02 10.02 8.32
C LYS D 580 -77.82 10.77 8.89
N GLN D 581 -77.89 12.11 8.96
CA GLN D 581 -76.76 12.92 9.43
C GLN D 581 -77.11 14.01 10.44
N ALA D 582 -76.09 14.59 11.04
CA ALA D 582 -76.31 15.50 12.15
C ALA D 582 -75.20 16.55 12.27
N GLU D 583 -75.54 17.81 11.99
CA GLU D 583 -74.59 18.94 12.17
C GLU D 583 -74.78 19.62 13.55
N PHE D 584 -73.67 20.02 14.16
CA PHE D 584 -73.67 20.73 15.45
C PHE D 584 -72.30 21.35 15.79
N GLN D 585 -72.19 21.93 16.98
CA GLN D 585 -70.97 22.61 17.37
C GLN D 585 -70.24 21.92 18.50
N ILE D 586 -68.90 21.93 18.44
CA ILE D 586 -68.03 21.51 19.56
C ILE D 586 -67.16 22.68 20.04
N LEU D 587 -67.28 22.99 21.33
CA LEU D 587 -66.57 24.12 21.89
C LEU D 587 -65.39 23.70 22.72
N TYR D 588 -64.23 24.21 22.33
CA TYR D 588 -63.00 24.06 23.07
C TYR D 588 -63.26 24.27 24.55
N GLY D 589 -62.86 23.31 25.37
CA GLY D 589 -62.97 23.43 26.82
C GLY D 589 -64.39 23.55 27.37
N GLU D 590 -65.39 23.10 26.62
CA GLU D 590 -66.75 23.09 27.13
C GLU D 590 -67.46 21.82 26.73
N GLY D 591 -67.24 21.36 25.51
CA GLY D 591 -67.85 20.10 25.07
C GLY D 591 -68.77 20.28 23.90
N ILE D 592 -69.83 19.47 23.83
CA ILE D 592 -70.82 19.60 22.78
C ILE D 592 -71.84 20.68 23.13
N ASN D 593 -72.10 21.54 22.20
CA ASN D 593 -72.99 22.63 22.45
C ASN D 593 -74.46 22.24 22.67
N PHE D 594 -74.78 21.77 23.88
CA PHE D 594 -76.11 21.27 24.22
C PHE D 594 -77.12 22.26 23.73
N TYR D 595 -76.98 23.48 24.21
CA TYR D 595 -77.95 24.51 23.99
C TYR D 595 -77.92 24.99 22.55
N GLY D 596 -76.73 24.98 21.97
CA GLY D 596 -76.54 25.30 20.57
C GLY D 596 -77.56 24.59 19.72
N GLU D 597 -77.37 23.30 19.52
CA GLU D 597 -78.33 22.48 18.77
C GLU D 597 -79.78 22.59 19.30
N LEU D 598 -79.94 22.85 20.60
CA LEU D 598 -81.25 22.83 21.21
C LEU D 598 -82.14 23.88 20.61
N VAL D 599 -81.61 25.07 20.53
CA VAL D 599 -82.27 26.16 19.86
C VAL D 599 -82.72 25.65 18.51
N ASP D 600 -81.76 25.24 17.68
CA ASP D 600 -81.99 24.83 16.29
C ASP D 600 -83.15 23.84 16.15
N LEU D 601 -83.44 23.09 17.21
CA LEU D 601 -84.50 22.10 17.16
C LEU D 601 -85.85 22.74 17.49
N GLY D 602 -85.85 23.61 18.50
CA GLY D 602 -87.02 24.43 18.84
C GLY D 602 -87.34 25.48 17.79
N VAL D 603 -86.59 25.44 16.71
CA VAL D 603 -86.94 26.18 15.52
C VAL D 603 -87.92 25.29 14.78
N LYS D 604 -87.45 24.09 14.40
CA LYS D 604 -88.19 23.23 13.49
C LYS D 604 -89.42 22.63 14.15
N GLU D 605 -89.35 22.40 15.45
CA GLU D 605 -90.52 21.97 16.20
C GLU D 605 -91.08 23.18 16.95
N LYS D 606 -91.88 23.96 16.21
CA LYS D 606 -92.25 25.34 16.56
C LYS D 606 -92.50 25.61 18.05
N LEU D 607 -91.45 25.55 18.86
CA LEU D 607 -91.52 25.93 20.27
C LEU D 607 -90.90 27.31 20.50
N ILE D 608 -89.84 27.60 19.72
CA ILE D 608 -89.19 28.91 19.70
C ILE D 608 -89.31 29.54 18.31
N GLU D 609 -89.82 30.76 18.31
CA GLU D 609 -90.28 31.40 17.08
C GLU D 609 -89.17 32.24 16.43
N LYS D 610 -88.80 31.86 15.21
CA LYS D 610 -87.86 32.64 14.41
C LYS D 610 -88.56 33.80 13.72
N ALA D 611 -88.35 35.01 14.24
CA ALA D 611 -88.85 36.24 13.63
C ALA D 611 -87.75 36.95 12.81
N GLY D 612 -87.12 36.19 11.90
CA GLY D 612 -86.00 36.66 11.09
C GLY D 612 -84.62 36.50 11.76
N ALA D 613 -84.26 37.48 12.58
CA ALA D 613 -83.00 37.48 13.33
C ALA D 613 -83.28 37.35 14.83
N TRP D 614 -84.56 37.42 15.17
CA TRP D 614 -85.03 37.41 16.55
C TRP D 614 -85.48 36.01 16.98
N TYR D 615 -85.24 35.70 18.26
CA TYR D 615 -85.70 34.44 18.81
C TYR D 615 -86.72 34.65 19.95
N SER D 616 -87.96 34.24 19.71
CA SER D 616 -89.06 34.48 20.64
C SER D 616 -89.59 33.17 21.25
N TYR D 617 -89.92 33.22 22.56
CA TYR D 617 -90.51 32.06 23.25
C TYR D 617 -91.87 32.39 23.87
N LYS D 618 -92.92 32.08 23.13
CA LYS D 618 -94.28 32.46 23.50
C LYS D 618 -94.38 33.98 23.66
N GLY D 619 -94.34 34.69 22.53
CA GLY D 619 -94.53 36.16 22.50
C GLY D 619 -93.40 37.03 23.05
N GLU D 620 -92.89 36.66 24.24
CA GLU D 620 -91.74 37.32 24.95
C GLU D 620 -90.32 36.98 24.36
N LYS D 621 -89.51 38.02 24.09
CA LYS D 621 -88.31 37.92 23.26
C LYS D 621 -87.10 37.46 24.05
N ILE D 622 -86.43 36.44 23.52
CA ILE D 622 -85.38 35.76 24.27
C ILE D 622 -83.94 35.98 23.77
N GLY D 623 -83.78 36.29 22.49
CA GLY D 623 -82.45 36.52 21.92
C GLY D 623 -82.40 37.00 20.47
N GLN D 624 -81.39 37.80 20.15
CA GLN D 624 -81.21 38.27 18.79
C GLN D 624 -79.95 37.62 18.26
N GLY D 625 -80.07 36.91 17.13
CA GLY D 625 -78.97 36.10 16.57
C GLY D 625 -78.71 34.82 17.37
N LYS D 626 -78.52 33.69 16.69
CA LYS D 626 -78.32 32.41 17.38
C LYS D 626 -77.43 32.54 18.62
N ALA D 627 -76.47 33.45 18.54
CA ALA D 627 -75.54 33.77 19.63
C ALA D 627 -76.20 33.80 20.99
N ASN D 628 -77.06 34.79 21.18
CA ASN D 628 -77.66 35.09 22.48
C ASN D 628 -78.80 34.11 22.81
N ALA D 629 -79.46 33.61 21.77
CA ALA D 629 -80.46 32.58 21.96
C ALA D 629 -79.78 31.43 22.67
N THR D 630 -78.79 30.84 22.00
CA THR D 630 -77.97 29.83 22.63
C THR D 630 -77.89 30.22 24.11
N ALA D 631 -77.07 31.22 24.41
CA ALA D 631 -76.69 31.55 25.80
C ALA D 631 -77.84 32.05 26.69
N TRP D 632 -79.05 32.16 26.13
CA TRP D 632 -80.18 32.46 26.97
C TRP D 632 -80.62 31.19 27.69
N LEU D 633 -80.83 30.13 26.93
CA LEU D 633 -81.21 28.88 27.52
C LEU D 633 -80.23 28.49 28.60
N LYS D 634 -78.99 28.95 28.50
CA LYS D 634 -77.97 28.63 29.51
C LYS D 634 -78.36 29.09 30.92
N ASP D 635 -79.04 30.22 31.02
CA ASP D 635 -79.37 30.82 32.32
C ASP D 635 -80.76 30.46 32.86
N ASN D 636 -81.60 29.83 32.04
CA ASN D 636 -82.93 29.38 32.47
C ASN D 636 -83.08 27.85 32.20
N PRO D 637 -82.32 27.02 32.96
CA PRO D 637 -82.04 25.64 32.56
C PRO D 637 -83.28 24.79 32.34
N GLU D 638 -84.18 24.77 33.30
CA GLU D 638 -85.41 23.96 33.22
C GLU D 638 -86.24 24.26 31.95
N THR D 639 -86.39 25.53 31.59
CA THR D 639 -87.18 25.96 30.42
C THR D 639 -86.59 25.25 29.21
N ALA D 640 -85.28 25.09 29.22
CA ALA D 640 -84.61 24.35 28.20
C ALA D 640 -84.88 22.87 28.40
N LYS D 641 -84.37 22.33 29.51
CA LYS D 641 -84.46 20.89 29.80
C LYS D 641 -85.89 20.33 29.73
N GLU D 642 -86.87 21.24 29.62
CA GLU D 642 -88.24 20.86 29.32
C GLU D 642 -88.46 20.91 27.82
N ILE D 643 -87.97 21.97 27.17
CA ILE D 643 -88.02 22.08 25.72
C ILE D 643 -87.24 20.92 25.10
N GLU D 644 -86.13 20.57 25.74
CA GLU D 644 -85.44 19.31 25.49
C GLU D 644 -86.50 18.20 25.44
N LYS D 645 -87.00 17.84 26.62
CA LYS D 645 -88.02 16.81 26.80
C LYS D 645 -89.11 16.90 25.75
N LYS D 646 -89.59 18.12 25.48
CA LYS D 646 -90.64 18.35 24.47
C LYS D 646 -90.26 17.87 23.07
N VAL D 647 -88.98 17.96 22.69
CA VAL D 647 -88.59 17.47 21.38
C VAL D 647 -88.36 15.98 21.46
N ARG D 648 -87.97 15.53 22.64
CA ARG D 648 -87.83 14.11 22.92
C ARG D 648 -89.17 13.40 22.95
N GLU D 649 -90.25 14.14 23.24
CA GLU D 649 -91.61 13.57 23.11
C GLU D 649 -92.06 13.66 21.64
N LEU D 650 -91.54 14.67 20.92
CA LEU D 650 -91.95 14.99 19.53
C LEU D 650 -91.09 14.35 18.41
N LEU D 651 -90.00 13.68 18.79
CA LEU D 651 -89.23 12.84 17.83
C LEU D 651 -88.69 11.48 18.34
N LEU D 652 -89.25 10.98 19.46
CA LEU D 652 -88.88 9.68 20.08
C LEU D 652 -90.08 8.97 20.77
N LYS D 679 -73.81 -6.49 40.11
CA LYS D 679 -73.51 -6.07 41.52
C LYS D 679 -71.99 -5.78 41.64
N GLN D 680 -71.52 -5.29 42.80
CA GLN D 680 -70.07 -5.11 43.12
C GLN D 680 -69.46 -6.43 43.58
N LYS D 681 -70.34 -7.42 43.61
CA LYS D 681 -70.09 -8.85 43.80
C LYS D 681 -69.31 -9.38 42.57
N ALA D 682 -69.90 -9.20 41.37
CA ALA D 682 -69.38 -9.76 40.10
C ALA D 682 -68.21 -8.95 39.51
N LEU D 683 -68.17 -7.65 39.84
CA LEU D 683 -67.15 -6.74 39.34
C LEU D 683 -65.83 -6.90 40.11
N ALA D 684 -65.87 -6.61 41.42
CA ALA D 684 -64.69 -6.68 42.29
C ALA D 684 -63.95 -8.03 42.18
N ALA D 685 -64.65 -9.05 41.65
CA ALA D 685 -64.10 -10.39 41.40
C ALA D 685 -63.55 -10.62 39.97
N ALA D 686 -64.30 -10.19 38.94
CA ALA D 686 -63.84 -10.31 37.55
C ALA D 686 -62.72 -9.31 37.21
N LEU D 687 -62.41 -8.41 38.16
CA LEU D 687 -61.28 -7.49 38.05
C LEU D 687 -59.96 -8.19 38.30
N GLY D 688 -59.73 -8.59 39.56
CA GLY D 688 -58.53 -9.32 39.94
C GLY D 688 -58.31 -10.56 39.12
N GLN D 689 -59.29 -10.90 38.26
CA GLN D 689 -59.25 -12.04 37.32
C GLN D 689 -58.31 -11.80 36.12
N ILE D 690 -58.07 -10.53 35.82
CA ILE D 690 -57.28 -10.18 34.66
C ILE D 690 -55.89 -9.88 35.15
N GLU D 691 -55.82 -9.36 36.37
CA GLU D 691 -54.56 -9.11 37.05
C GLU D 691 -53.83 -10.41 37.35
N LYS D 692 -54.58 -11.46 37.60
CA LYS D 692 -54.01 -12.80 37.82
C LYS D 692 -53.47 -13.32 36.47
N GLN D 693 -54.24 -13.09 35.42
CA GLN D 693 -54.01 -13.74 34.14
C GLN D 693 -53.09 -12.99 33.20
N PHE D 694 -53.16 -11.65 33.23
CA PHE D 694 -52.49 -10.80 32.23
C PHE D 694 -51.44 -9.81 32.74
N GLY D 695 -50.51 -10.26 33.58
CA GLY D 695 -49.50 -9.36 34.17
C GLY D 695 -50.11 -8.44 35.21
N LYS D 696 -49.43 -8.31 36.34
CA LYS D 696 -50.00 -7.68 37.55
C LYS D 696 -50.35 -6.19 37.30
N GLY D 697 -51.64 -5.85 37.43
CA GLY D 697 -52.12 -4.49 37.29
C GLY D 697 -52.23 -3.97 35.87
N SER D 698 -52.96 -4.68 35.02
CA SER D 698 -53.15 -4.22 33.64
C SER D 698 -54.52 -3.60 33.44
N ILE D 699 -55.03 -2.97 34.50
CA ILE D 699 -56.29 -2.26 34.44
C ILE D 699 -56.59 -1.73 35.83
N MET D 700 -57.31 -0.61 35.89
CA MET D 700 -57.78 -0.05 37.16
C MET D 700 -58.71 1.13 37.03
N ARG D 701 -59.41 1.42 38.13
CA ARG D 701 -60.16 2.65 38.30
C ARG D 701 -59.08 3.70 38.38
N LEU D 702 -59.35 4.82 37.74
CA LEU D 702 -58.36 5.87 37.67
C LEU D 702 -58.20 6.58 39.01
N GLY D 703 -59.23 6.49 39.84
CA GLY D 703 -59.24 7.19 41.11
C GLY D 703 -58.61 6.41 42.24
N GLU D 704 -57.91 5.33 41.89
CA GLU D 704 -57.38 4.41 42.89
C GLU D 704 -56.07 4.85 43.56
N ASP D 705 -56.05 4.63 44.89
CA ASP D 705 -54.88 4.88 45.76
C ASP D 705 -53.84 3.75 45.68
N ARG D 706 -54.31 2.57 45.26
CA ARG D 706 -53.51 1.34 45.22
C ARG D 706 -52.30 1.48 44.27
N SER D 707 -51.12 1.40 44.88
CA SER D 707 -49.86 1.31 44.17
C SER D 707 -49.24 -0.06 44.47
N MET D 708 -48.86 -0.79 43.42
CA MET D 708 -48.03 -2.00 43.57
C MET D 708 -46.73 -1.57 44.24
N ASP D 709 -46.38 -2.19 45.37
CA ASP D 709 -45.21 -1.77 46.14
C ASP D 709 -43.93 -2.38 45.48
N VAL D 710 -43.65 -2.02 44.19
CA VAL D 710 -42.29 -2.18 43.60
C VAL D 710 -41.47 -0.89 43.89
N GLU D 711 -40.15 -1.01 43.96
CA GLU D 711 -39.30 0.04 44.53
C GLU D 711 -39.12 1.20 43.59
N THR D 712 -38.88 2.37 44.17
CA THR D 712 -39.02 3.63 43.46
C THR D 712 -37.79 4.55 43.59
N ILE D 713 -37.38 5.17 42.48
CA ILE D 713 -36.33 6.20 42.54
C ILE D 713 -36.99 7.54 42.30
N SER D 714 -36.76 8.50 43.21
CA SER D 714 -37.34 9.84 43.13
C SER D 714 -36.94 10.58 41.83
N THR D 715 -37.90 11.19 41.15
CA THR D 715 -37.60 11.96 39.93
C THR D 715 -36.83 13.22 40.27
N GLY D 716 -37.06 13.71 41.48
CA GLY D 716 -36.49 14.97 41.93
C GLY D 716 -37.63 15.91 42.23
N SER D 717 -38.67 15.83 41.40
CA SER D 717 -39.88 16.61 41.57
C SER D 717 -40.99 15.86 42.30
N LEU D 718 -41.21 16.28 43.54
CA LEU D 718 -42.24 15.74 44.41
C LEU D 718 -43.54 15.55 43.69
N SER D 719 -43.98 16.57 42.97
CA SER D 719 -45.25 16.51 42.25
C SER D 719 -45.23 15.46 41.11
N LEU D 720 -44.06 15.21 40.52
CA LEU D 720 -43.93 14.15 39.53
C LEU D 720 -44.08 12.79 40.21
N ASP D 721 -43.28 12.57 41.26
CA ASP D 721 -43.39 11.35 42.07
C ASP D 721 -44.86 11.05 42.32
N ILE D 722 -45.51 12.01 42.95
CA ILE D 722 -46.91 11.93 43.28
C ILE D 722 -47.77 11.48 42.11
N ALA D 723 -47.76 12.22 41.01
CA ALA D 723 -48.64 11.88 39.89
C ALA D 723 -48.18 10.59 39.16
N LEU D 724 -46.92 10.21 39.40
CA LEU D 724 -46.40 8.94 38.94
C LEU D 724 -47.17 7.82 39.56
N GLY D 725 -47.70 8.07 40.76
CA GLY D 725 -48.53 7.11 41.46
C GLY D 725 -47.77 6.29 42.48
N ALA D 726 -46.56 5.85 42.09
CA ALA D 726 -45.73 4.98 42.92
C ALA D 726 -44.75 5.75 43.80
N GLY D 727 -44.54 7.02 43.45
CA GLY D 727 -43.61 7.91 44.18
C GLY D 727 -42.17 7.89 43.67
N GLY D 728 -42.02 7.78 42.36
CA GLY D 728 -40.70 7.61 41.72
C GLY D 728 -40.78 6.58 40.60
N LEU D 729 -39.72 6.50 39.80
CA LEU D 729 -39.72 5.60 38.67
C LEU D 729 -39.49 4.17 39.09
N PRO D 730 -40.24 3.24 38.45
CA PRO D 730 -40.14 1.80 38.61
C PRO D 730 -38.77 1.22 38.28
N MET D 731 -38.31 0.37 39.19
CA MET D 731 -37.04 -0.32 39.08
C MET D 731 -37.14 -1.45 38.08
N GLY D 732 -36.14 -1.55 37.20
CA GLY D 732 -36.02 -2.69 36.28
C GLY D 732 -37.07 -2.75 35.17
N ARG D 733 -37.65 -1.59 34.87
CA ARG D 733 -38.64 -1.44 33.82
C ARG D 733 -38.14 -0.38 32.85
N ILE D 734 -38.70 -0.36 31.65
CA ILE D 734 -38.30 0.66 30.71
C ILE D 734 -39.17 1.92 30.81
N VAL D 735 -38.48 3.06 30.81
CA VAL D 735 -39.12 4.38 30.87
C VAL D 735 -38.74 5.23 29.64
N GLU D 736 -39.77 5.77 28.98
CA GLU D 736 -39.59 6.73 27.92
C GLU D 736 -40.01 8.11 28.44
N ILE D 737 -39.06 9.04 28.48
CA ILE D 737 -39.35 10.45 28.67
C ILE D 737 -39.09 11.12 27.34
N TYR D 738 -40.11 11.80 26.84
CA TYR D 738 -39.99 12.48 25.59
C TYR D 738 -40.39 13.91 25.74
N GLY D 739 -40.15 14.69 24.68
CA GLY D 739 -40.63 16.06 24.59
C GLY D 739 -40.01 16.83 23.43
N PRO D 740 -40.43 18.09 23.25
CA PRO D 740 -39.67 18.90 22.30
C PRO D 740 -38.23 19.07 22.79
N GLU D 741 -37.33 19.43 21.88
CA GLU D 741 -36.00 19.92 22.27
C GLU D 741 -36.15 21.10 23.25
N SER D 742 -35.16 21.27 24.11
CA SER D 742 -35.16 22.34 25.11
C SER D 742 -36.47 22.42 25.90
N SER D 743 -36.90 21.28 26.44
CA SER D 743 -38.12 21.22 27.25
C SER D 743 -37.80 21.14 28.73
N GLY D 744 -36.86 20.26 29.03
CA GLY D 744 -36.42 20.00 30.39
C GLY D 744 -36.02 18.55 30.47
N LYS D 745 -36.28 17.82 29.39
CA LYS D 745 -36.14 16.38 29.42
C LYS D 745 -34.78 15.90 29.93
N THR D 746 -33.72 16.63 29.62
CA THR D 746 -32.42 16.25 30.15
C THR D 746 -32.27 16.63 31.62
N THR D 747 -32.69 17.84 32.01
CA THR D 747 -32.57 18.26 33.40
C THR D 747 -33.12 17.16 34.32
N LEU D 748 -34.32 16.72 33.99
CA LEU D 748 -34.99 15.67 34.70
C LEU D 748 -34.20 14.39 34.62
N THR D 749 -33.81 14.02 33.40
CA THR D 749 -32.94 12.89 33.18
C THR D 749 -31.73 12.92 34.10
N LEU D 750 -31.08 14.06 34.22
CA LEU D 750 -29.89 14.15 35.03
C LEU D 750 -30.24 14.13 36.47
N GLN D 751 -31.45 14.54 36.80
CA GLN D 751 -31.90 14.62 38.18
C GLN D 751 -32.10 13.27 38.85
N VAL D 752 -32.54 12.30 38.05
CA VAL D 752 -32.71 10.95 38.52
C VAL D 752 -31.36 10.28 38.70
N ILE D 753 -30.46 10.51 37.76
CA ILE D 753 -29.08 10.01 37.85
C ILE D 753 -28.42 10.52 39.11
N ALA D 754 -28.86 11.69 39.58
CA ALA D 754 -28.38 12.30 40.81
C ALA D 754 -28.97 11.56 42.00
N ALA D 755 -30.29 11.65 42.12
CA ALA D 755 -31.02 11.06 43.23
C ALA D 755 -30.66 9.60 43.45
N ALA D 756 -30.23 8.94 42.39
CA ALA D 756 -29.80 7.55 42.46
C ALA D 756 -28.41 7.44 43.09
N GLN D 757 -27.52 8.32 42.64
CA GLN D 757 -26.12 8.30 43.05
C GLN D 757 -25.96 8.67 44.51
N ARG D 758 -26.99 9.30 45.07
CA ARG D 758 -26.97 9.68 46.48
C ARG D 758 -27.74 8.65 47.33
N GLU D 759 -27.92 7.46 46.78
CA GLU D 759 -28.42 6.35 47.56
C GLU D 759 -27.44 5.20 47.43
N GLY D 760 -26.37 5.44 46.68
CA GLY D 760 -25.35 4.43 46.40
C GLY D 760 -25.42 3.90 44.97
N LYS D 761 -26.62 3.48 44.57
CA LYS D 761 -26.89 2.84 43.27
C LYS D 761 -26.20 3.57 42.10
N THR D 762 -25.38 2.85 41.32
CA THR D 762 -24.56 3.48 40.28
C THR D 762 -25.16 3.35 38.89
N CYS D 763 -24.90 4.37 38.09
CA CYS D 763 -25.64 4.63 36.85
C CYS D 763 -24.78 4.71 35.62
N ALA D 764 -25.43 4.53 34.47
CA ALA D 764 -24.74 4.58 33.20
C ALA D 764 -25.48 5.47 32.22
N PHE D 765 -24.69 6.17 31.41
CA PHE D 765 -25.17 7.16 30.48
C PHE D 765 -24.62 6.84 29.10
N ILE D 766 -25.52 6.42 28.22
CA ILE D 766 -25.15 6.11 26.86
C ILE D 766 -25.39 7.35 26.03
N ASP D 767 -24.34 7.86 25.38
CA ASP D 767 -24.44 9.13 24.66
C ASP D 767 -24.28 9.07 23.14
N ALA D 768 -25.38 9.34 22.45
CA ALA D 768 -25.36 9.49 21.02
C ALA D 768 -25.46 10.97 20.66
N GLU D 769 -25.71 11.80 21.67
CA GLU D 769 -25.96 13.24 21.49
C GLU D 769 -24.71 14.11 21.65
N HIS D 770 -23.86 13.72 22.59
CA HIS D 770 -22.66 14.47 22.93
C HIS D 770 -23.10 15.87 23.29
N ALA D 771 -23.87 15.91 24.38
CA ALA D 771 -24.54 17.11 24.84
C ALA D 771 -24.00 17.49 26.22
N LEU D 772 -24.61 16.86 27.22
CA LEU D 772 -24.22 16.89 28.63
C LEU D 772 -23.27 18.01 29.11
N ASP D 773 -23.82 18.92 29.91
CA ASP D 773 -22.98 19.93 30.55
C ASP D 773 -22.50 19.43 31.90
N PRO D 774 -21.22 19.04 31.98
CA PRO D 774 -20.70 18.55 33.23
C PRO D 774 -21.05 19.52 34.35
N ILE D 775 -20.71 20.78 34.16
CA ILE D 775 -20.87 21.81 35.19
C ILE D 775 -22.30 21.89 35.68
N TYR D 776 -23.26 21.89 34.75
CA TYR D 776 -24.67 21.90 35.12
C TYR D 776 -25.05 20.62 35.93
N ALA D 777 -24.53 19.48 35.51
CA ALA D 777 -24.83 18.25 36.23
C ALA D 777 -24.26 18.37 37.61
N ARG D 778 -23.03 18.85 37.72
CA ARG D 778 -22.34 18.99 38.99
C ARG D 778 -23.19 19.84 39.95
N LYS D 779 -23.75 20.94 39.43
CA LYS D 779 -24.54 21.82 40.28
C LYS D 779 -25.94 21.26 40.48
N LEU D 780 -26.35 20.31 39.64
CA LEU D 780 -27.63 19.64 39.84
C LEU D 780 -27.52 18.59 40.93
N GLY D 781 -26.31 18.08 41.11
CA GLY D 781 -26.01 17.12 42.17
C GLY D 781 -25.52 15.75 41.71
N VAL D 782 -24.90 15.70 40.53
CA VAL D 782 -24.40 14.45 39.96
C VAL D 782 -22.92 14.26 40.25
N ASP D 783 -22.59 13.09 40.78
CA ASP D 783 -21.20 12.71 40.96
C ASP D 783 -20.69 12.28 39.60
N ILE D 784 -20.23 13.26 38.84
CA ILE D 784 -19.80 13.04 37.49
C ILE D 784 -18.67 12.01 37.44
N ASP D 785 -17.75 12.12 38.38
CA ASP D 785 -16.56 11.28 38.39
C ASP D 785 -16.92 9.80 38.34
N ASN D 786 -17.98 9.41 39.08
CA ASN D 786 -18.38 8.00 39.23
C ASN D 786 -19.58 7.59 38.38
N LEU D 787 -19.90 8.42 37.40
CA LEU D 787 -20.96 8.10 36.46
C LEU D 787 -20.33 7.39 35.29
N LEU D 788 -21.09 6.51 34.65
CA LEU D 788 -20.56 5.77 33.52
C LEU D 788 -21.03 6.34 32.23
N CYS D 789 -20.09 6.61 31.34
CA CYS D 789 -20.44 7.16 30.05
C CYS D 789 -20.01 6.25 28.94
N SER D 790 -20.84 6.16 27.91
CA SER D 790 -20.57 5.34 26.75
C SER D 790 -20.94 5.99 25.45
N GLN D 791 -19.93 6.37 24.69
CA GLN D 791 -20.10 7.09 23.45
C GLN D 791 -19.94 6.12 22.30
N PRO D 792 -21.04 5.43 21.94
CA PRO D 792 -20.98 4.30 21.06
C PRO D 792 -20.87 4.73 19.62
N ASP D 793 -20.46 3.78 18.78
CA ASP D 793 -20.26 3.94 17.34
C ASP D 793 -21.59 3.72 16.57
N THR D 794 -22.38 2.74 16.98
CA THR D 794 -23.66 2.50 16.32
C THR D 794 -24.79 2.35 17.31
N GLY D 795 -25.96 2.81 16.88
CA GLY D 795 -27.18 2.62 17.65
C GLY D 795 -27.26 1.19 18.13
N GLU D 796 -27.21 0.26 17.18
CA GLU D 796 -27.16 -1.16 17.52
C GLU D 796 -26.21 -1.32 18.70
N GLN D 797 -24.92 -1.12 18.46
CA GLN D 797 -23.88 -1.26 19.49
C GLN D 797 -24.36 -0.63 20.80
N ALA D 798 -24.85 0.60 20.72
CA ALA D 798 -25.33 1.29 21.88
C ALA D 798 -26.27 0.39 22.65
N LEU D 799 -27.33 -0.05 22.01
CA LEU D 799 -28.31 -0.89 22.67
C LEU D 799 -27.63 -2.10 23.27
N GLU D 800 -26.85 -2.78 22.45
CA GLU D 800 -26.18 -4.03 22.84
C GLU D 800 -25.31 -3.85 24.08
N ILE D 801 -24.87 -2.62 24.31
CA ILE D 801 -24.09 -2.32 25.49
C ILE D 801 -25.00 -2.39 26.70
N CYS D 802 -26.17 -1.78 26.59
CA CYS D 802 -27.16 -1.87 27.65
C CYS D 802 -27.39 -3.33 27.99
N ASP D 803 -27.52 -4.16 26.95
CA ASP D 803 -27.75 -5.58 27.10
C ASP D 803 -26.93 -6.16 28.24
N ALA D 804 -25.61 -6.12 28.09
CA ALA D 804 -24.72 -6.72 29.07
C ALA D 804 -24.59 -5.83 30.31
N LEU D 805 -24.99 -4.56 30.20
CA LEU D 805 -25.04 -3.67 31.36
C LEU D 805 -26.22 -4.06 32.21
N ALA D 806 -27.21 -4.67 31.57
CA ALA D 806 -28.32 -5.22 32.28
C ALA D 806 -27.87 -6.48 33.02
N ARG D 807 -27.25 -7.42 32.31
CA ARG D 807 -26.68 -8.62 32.95
C ARG D 807 -25.39 -8.27 33.70
N SER D 808 -25.57 -7.57 34.82
CA SER D 808 -24.50 -7.28 35.76
C SER D 808 -25.13 -7.13 37.14
N GLY D 809 -26.28 -6.47 37.15
CA GLY D 809 -27.07 -6.21 38.37
C GLY D 809 -26.47 -5.08 39.19
N ALA D 810 -25.38 -4.54 38.64
CA ALA D 810 -24.54 -3.52 39.29
C ALA D 810 -24.71 -2.15 38.60
N VAL D 811 -25.33 -2.15 37.44
CA VAL D 811 -25.81 -0.93 36.85
C VAL D 811 -27.27 -0.88 37.25
N ASP D 812 -27.64 0.14 38.02
CA ASP D 812 -29.02 0.22 38.52
C ASP D 812 -29.88 1.21 37.74
N VAL D 813 -29.22 1.99 36.90
CA VAL D 813 -29.89 2.96 36.08
C VAL D 813 -29.08 3.26 34.84
N ILE D 814 -29.70 2.96 33.70
CA ILE D 814 -29.15 3.31 32.43
C ILE D 814 -29.97 4.46 31.82
N VAL D 815 -29.28 5.46 31.27
CA VAL D 815 -29.93 6.55 30.55
C VAL D 815 -29.41 6.69 29.13
N VAL D 816 -30.36 6.84 28.22
CA VAL D 816 -30.06 6.87 26.79
C VAL D 816 -30.49 8.19 26.12
N ASP D 817 -29.50 8.94 25.67
CA ASP D 817 -29.66 10.24 25.03
C ASP D 817 -29.11 10.05 23.60
N SER D 818 -29.97 9.92 22.60
CA SER D 818 -31.41 9.86 22.73
C SER D 818 -31.91 9.00 21.60
N VAL D 819 -33.11 8.46 21.75
CA VAL D 819 -33.70 7.56 20.78
C VAL D 819 -33.49 7.96 19.34
N ALA D 820 -33.90 9.18 18.99
CA ALA D 820 -33.82 9.63 17.61
C ALA D 820 -32.40 9.58 17.06
N ALA D 821 -31.43 9.86 17.94
CA ALA D 821 -29.99 9.91 17.58
C ALA D 821 -29.30 8.52 17.52
N LEU D 822 -29.95 7.47 18.04
CA LEU D 822 -29.47 6.10 17.92
C LEU D 822 -29.53 5.58 16.49
N THR D 823 -29.01 6.37 15.57
CA THR D 823 -29.11 6.05 14.16
C THR D 823 -28.23 4.82 13.84
N PRO D 824 -28.82 3.82 13.19
CA PRO D 824 -28.29 2.48 12.93
C PRO D 824 -27.09 2.39 12.02
N LYS D 825 -26.49 1.21 11.95
CA LYS D 825 -25.29 0.95 11.15
C LYS D 825 -25.63 1.10 9.69
N ALA D 826 -26.81 0.57 9.34
CA ALA D 826 -27.33 0.67 8.01
C ALA D 826 -27.29 2.12 7.47
N GLU D 827 -27.65 3.07 8.33
CA GLU D 827 -27.69 4.51 7.98
C GLU D 827 -26.30 5.11 8.06
N ILE D 828 -25.47 4.58 8.95
CA ILE D 828 -24.09 5.00 9.03
C ILE D 828 -23.38 4.61 7.71
N GLU D 829 -24.06 3.79 6.89
CA GLU D 829 -23.73 3.57 5.47
C GLU D 829 -24.97 3.59 4.54
N GLY D 838 -34.97 7.12 8.34
CA GLY D 838 -36.07 6.68 7.48
C GLY D 838 -36.81 5.45 7.99
N LEU D 839 -36.34 4.28 7.53
CA LEU D 839 -37.02 2.96 7.76
C LEU D 839 -36.58 2.13 9.04
N ALA D 840 -35.28 2.14 9.38
CA ALA D 840 -34.73 1.31 10.47
C ALA D 840 -35.05 1.81 11.89
N ALA D 841 -36.34 2.05 12.15
CA ALA D 841 -36.84 2.09 13.51
C ALA D 841 -36.95 0.62 13.96
N ARG D 842 -36.61 -0.30 13.05
CA ARG D 842 -36.62 -1.76 13.26
C ARG D 842 -35.57 -2.19 14.26
N MET D 843 -34.44 -1.48 14.22
CA MET D 843 -33.33 -1.66 15.14
C MET D 843 -33.84 -1.50 16.57
N MET D 844 -34.61 -0.44 16.81
CA MET D 844 -35.25 -0.24 18.10
C MET D 844 -36.12 -1.44 18.49
N SER D 845 -36.78 -2.02 17.50
CA SER D 845 -37.70 -3.10 17.75
C SER D 845 -36.95 -4.35 18.16
N GLN D 846 -35.73 -4.47 17.69
CA GLN D 846 -34.95 -5.71 17.79
C GLN D 846 -34.63 -6.12 19.23
N ALA D 847 -33.43 -5.77 19.67
CA ALA D 847 -32.92 -6.14 20.99
C ALA D 847 -33.78 -5.54 22.12
N MET D 848 -34.90 -4.96 21.73
CA MET D 848 -35.84 -4.38 22.67
C MET D 848 -36.37 -5.45 23.64
N ARG D 849 -37.05 -6.46 23.09
CA ARG D 849 -37.75 -7.47 23.88
C ARG D 849 -36.82 -8.25 24.79
N LYS D 850 -35.59 -8.52 24.33
CA LYS D 850 -34.59 -9.26 25.11
C LYS D 850 -34.11 -8.43 26.30
N LEU D 851 -33.97 -7.13 26.07
CA LEU D 851 -33.51 -6.21 27.09
C LEU D 851 -34.56 -6.02 28.15
N ALA D 852 -35.82 -6.12 27.74
CA ALA D 852 -36.97 -5.98 28.64
C ALA D 852 -36.80 -6.85 29.88
N GLY D 853 -36.53 -8.12 29.66
CA GLY D 853 -36.38 -9.11 30.73
C GLY D 853 -35.16 -8.92 31.60
N ASN D 854 -34.00 -8.78 30.96
CA ASN D 854 -32.72 -8.72 31.67
C ASN D 854 -32.70 -7.69 32.80
N LEU D 855 -33.68 -6.80 32.80
CA LEU D 855 -33.74 -5.70 33.76
C LEU D 855 -34.47 -6.02 35.06
N LYS D 856 -35.51 -6.85 34.97
CA LYS D 856 -36.23 -7.33 36.15
C LYS D 856 -35.33 -8.18 37.08
N GLN D 857 -34.34 -8.86 36.49
CA GLN D 857 -33.37 -9.69 37.22
C GLN D 857 -32.08 -8.93 37.57
N SER D 858 -32.18 -7.60 37.60
CA SER D 858 -31.06 -6.71 37.86
C SER D 858 -31.52 -5.47 38.61
N ASN D 859 -32.82 -5.25 38.57
CA ASN D 859 -33.43 -3.98 38.95
C ASN D 859 -32.95 -2.83 38.05
N THR D 860 -32.15 -3.19 37.03
CA THR D 860 -31.58 -2.21 36.10
C THR D 860 -32.68 -1.36 35.43
N LEU D 861 -32.84 -0.13 35.91
CA LEU D 861 -33.81 0.82 35.37
C LEU D 861 -33.26 1.55 34.14
N LEU D 862 -33.92 1.36 33.00
CA LEU D 862 -33.47 2.00 31.80
C LEU D 862 -34.46 3.08 31.39
N ILE D 863 -33.90 4.27 31.12
CA ILE D 863 -34.63 5.44 30.64
C ILE D 863 -34.19 5.83 29.25
N PHE D 864 -35.19 5.96 28.37
CA PHE D 864 -35.00 6.46 27.03
C PHE D 864 -35.44 7.95 26.88
N ILE D 865 -34.92 8.65 25.86
CA ILE D 865 -35.34 10.01 25.57
C ILE D 865 -35.69 10.21 24.09
N ASN D 866 -36.87 10.71 23.78
CA ASN D 866 -37.35 10.82 22.39
C ASN D 866 -37.69 12.31 22.10
N GLN D 867 -38.21 12.61 20.88
CA GLN D 867 -38.78 13.94 20.40
C GLN D 867 -40.17 13.84 19.67
N GLY D 884 -38.31 8.38 16.72
CA GLY D 884 -38.24 7.08 17.41
C GLY D 884 -39.06 5.94 16.79
N GLY D 885 -38.94 4.70 17.32
CA GLY D 885 -39.63 3.50 16.76
C GLY D 885 -40.78 2.93 17.59
N ASN D 886 -41.73 2.27 16.92
CA ASN D 886 -43.04 1.87 17.52
C ASN D 886 -42.99 0.97 18.78
N ALA D 887 -41.94 0.17 18.91
CA ALA D 887 -41.82 -0.80 19.99
C ALA D 887 -41.82 -0.18 21.38
N LEU D 888 -41.03 0.88 21.52
CA LEU D 888 -40.83 1.50 22.80
C LEU D 888 -42.16 1.87 23.44
N LYS D 889 -43.07 2.43 22.65
CA LYS D 889 -44.42 2.84 23.09
C LYS D 889 -45.09 1.81 24.01
N PHE D 890 -44.75 0.55 23.79
CA PHE D 890 -45.40 -0.52 24.48
C PHE D 890 -44.56 -1.10 25.59
N TYR D 891 -43.32 -1.50 25.27
CA TYR D 891 -42.47 -2.12 26.28
C TYR D 891 -42.12 -1.20 27.46
N ALA D 892 -42.35 0.09 27.28
CA ALA D 892 -42.21 1.05 28.36
C ALA D 892 -43.24 0.74 29.43
N SER D 893 -42.82 0.88 30.68
CA SER D 893 -43.73 0.66 31.79
C SER D 893 -44.27 2.01 32.22
N VAL D 894 -43.46 3.04 32.00
CA VAL D 894 -43.87 4.41 32.28
C VAL D 894 -43.39 5.36 31.19
N ARG D 895 -44.32 6.17 30.66
CA ARG D 895 -44.00 7.19 29.67
C ARG D 895 -44.36 8.59 30.13
N LEU D 896 -43.35 9.45 30.12
CA LEU D 896 -43.43 10.83 30.58
C LEU D 896 -43.47 11.88 29.47
N ASP D 897 -44.30 12.90 29.65
CA ASP D 897 -44.44 14.01 28.68
C ASP D 897 -44.02 15.34 29.29
N ILE D 898 -42.81 15.78 28.99
CA ILE D 898 -42.36 17.06 29.47
C ILE D 898 -42.51 18.05 28.35
N ARG D 899 -43.04 19.22 28.67
CA ARG D 899 -43.13 20.36 27.74
C ARG D 899 -42.79 21.62 28.55
N ARG D 900 -42.21 22.62 27.92
CA ARG D 900 -41.96 23.85 28.63
C ARG D 900 -43.10 24.80 28.31
N ILE D 901 -43.69 25.45 29.33
CA ILE D 901 -44.85 26.32 29.07
C ILE D 901 -44.68 27.83 29.25
N GLY D 902 -43.97 28.25 30.30
CA GLY D 902 -43.92 29.68 30.66
C GLY D 902 -42.54 30.34 30.70
N ALA D 903 -42.09 30.66 31.90
CA ALA D 903 -40.83 31.36 32.13
C ALA D 903 -40.88 32.04 33.48
N VAL D 904 -39.73 32.18 34.11
CA VAL D 904 -39.69 32.78 35.44
C VAL D 904 -38.78 34.00 35.50
N LYS D 905 -39.35 35.11 35.94
CA LYS D 905 -38.64 36.39 35.96
C LYS D 905 -38.29 36.87 37.38
N GLU D 906 -37.00 37.21 37.57
CA GLU D 906 -36.48 37.82 38.82
C GLU D 906 -36.35 39.32 38.60
N GLY D 907 -37.38 40.04 39.04
CA GLY D 907 -37.57 41.43 38.69
C GLY D 907 -37.96 41.51 37.22
N GLU D 908 -36.94 41.45 36.36
CA GLU D 908 -37.14 41.48 34.90
C GLU D 908 -35.91 40.81 34.24
N ASN D 909 -35.89 39.49 34.27
CA ASN D 909 -34.75 38.73 33.78
C ASN D 909 -35.10 37.24 33.67
N VAL D 910 -35.04 36.70 32.46
CA VAL D 910 -35.42 35.29 32.18
C VAL D 910 -34.50 34.31 32.90
N VAL D 911 -34.88 33.85 34.09
CA VAL D 911 -33.99 32.93 34.83
C VAL D 911 -34.60 31.53 35.05
N GLY D 912 -35.76 31.29 34.45
CA GLY D 912 -36.42 29.99 34.60
C GLY D 912 -37.47 29.58 33.58
N SER D 913 -37.65 28.27 33.42
CA SER D 913 -38.64 27.69 32.52
C SER D 913 -39.70 26.98 33.36
N GLU D 914 -40.96 27.39 33.22
CA GLU D 914 -42.06 26.71 33.90
C GLU D 914 -42.46 25.46 33.10
N THR D 915 -42.23 24.30 33.69
CA THR D 915 -42.46 23.05 32.98
C THR D 915 -43.69 22.32 33.48
N ARG D 916 -44.11 21.34 32.68
CA ARG D 916 -45.29 20.50 32.95
C ARG D 916 -45.02 19.07 32.49
N VAL D 917 -45.10 18.14 33.42
CA VAL D 917 -44.89 16.74 33.13
C VAL D 917 -46.19 15.97 33.28
N LYS D 918 -46.53 15.26 32.21
CA LYS D 918 -47.76 14.50 32.12
C LYS D 918 -47.43 13.00 31.99
N VAL D 919 -47.91 12.18 32.91
CA VAL D 919 -47.65 10.73 32.86
C VAL D 919 -48.68 10.13 31.96
N VAL D 920 -48.34 9.94 30.69
CA VAL D 920 -49.34 9.51 29.72
C VAL D 920 -49.46 8.02 29.64
N LYS D 921 -48.39 7.32 30.01
CA LYS D 921 -48.47 5.87 30.14
C LYS D 921 -47.97 5.44 31.49
N ASN D 922 -48.79 4.68 32.22
CA ASN D 922 -48.45 4.25 33.57
C ASN D 922 -49.00 2.87 33.95
N LYS D 923 -48.17 1.85 33.74
CA LYS D 923 -48.48 0.50 34.17
C LYS D 923 -47.74 0.20 35.48
N ILE D 924 -47.77 1.17 36.40
CA ILE D 924 -47.23 0.96 37.74
C ILE D 924 -48.26 1.38 38.77
N ALA D 925 -49.11 2.33 38.36
CA ALA D 925 -50.20 2.83 39.19
C ALA D 925 -51.20 3.59 38.33
N ALA D 926 -51.71 4.69 38.87
CA ALA D 926 -52.68 5.51 38.15
C ALA D 926 -52.06 6.34 37.01
N PRO D 927 -52.56 6.15 35.78
CA PRO D 927 -52.09 6.91 34.63
C PRO D 927 -52.87 8.19 34.37
N PHE D 928 -52.25 9.11 33.64
CA PHE D 928 -52.89 10.35 33.14
C PHE D 928 -52.84 11.52 34.11
N LYS D 929 -52.35 11.25 35.33
CA LYS D 929 -52.19 12.30 36.35
C LYS D 929 -50.98 13.16 35.98
N GLN D 930 -51.01 14.44 36.37
CA GLN D 930 -50.00 15.44 35.95
C GLN D 930 -49.40 16.30 37.08
N ALA D 931 -48.27 16.94 36.76
CA ALA D 931 -47.50 17.67 37.75
C ALA D 931 -46.76 18.83 37.10
N GLU D 932 -46.92 20.03 37.68
CA GLU D 932 -46.25 21.27 37.21
C GLU D 932 -45.20 21.77 38.21
N PHE D 933 -44.06 22.24 37.71
CA PHE D 933 -42.97 22.67 38.58
C PHE D 933 -41.98 23.58 37.86
N GLN D 934 -41.08 24.17 38.62
CA GLN D 934 -40.10 25.09 38.08
C GLN D 934 -38.72 24.46 37.84
N ILE D 935 -38.06 24.87 36.74
CA ILE D 935 -36.66 24.57 36.50
C ILE D 935 -35.88 25.88 36.43
N LEU D 936 -34.84 25.98 37.26
CA LEU D 936 -34.03 27.17 37.27
C LEU D 936 -32.63 26.97 36.70
N TYR D 937 -32.26 27.84 35.78
CA TYR D 937 -30.94 27.83 35.19
C TYR D 937 -29.90 27.75 36.28
N GLY D 938 -29.12 26.68 36.29
CA GLY D 938 -27.96 26.55 37.21
C GLY D 938 -28.28 26.14 38.64
N GLU D 939 -29.47 25.60 38.86
CA GLU D 939 -29.85 25.04 40.16
C GLU D 939 -30.74 23.81 39.95
N GLY D 940 -31.52 23.83 38.88
CA GLY D 940 -32.34 22.68 38.50
C GLY D 940 -33.75 22.68 39.03
N ILE D 941 -34.35 21.51 39.09
CA ILE D 941 -35.72 21.35 39.57
C ILE D 941 -35.88 22.06 40.90
N ASN D 942 -36.98 22.79 41.04
CA ASN D 942 -37.18 23.62 42.21
C ASN D 942 -37.96 22.98 43.33
N PHE D 943 -37.25 22.19 44.13
CA PHE D 943 -37.79 21.35 45.23
C PHE D 943 -38.79 22.12 46.06
N TYR D 944 -38.36 23.28 46.55
CA TYR D 944 -39.11 24.07 47.50
C TYR D 944 -40.31 24.69 46.83
N GLY D 945 -40.13 25.05 45.58
CA GLY D 945 -41.17 25.74 44.81
C GLY D 945 -42.46 24.96 44.71
N GLU D 946 -42.34 23.68 44.40
CA GLU D 946 -43.49 22.81 44.39
C GLU D 946 -43.85 22.44 45.82
N LEU D 947 -42.88 22.48 46.72
CA LEU D 947 -43.16 22.08 48.10
C LEU D 947 -44.15 23.01 48.75
N VAL D 948 -44.00 24.30 48.49
CA VAL D 948 -44.94 25.30 48.99
C VAL D 948 -46.33 25.00 48.48
N ASP D 949 -46.48 24.92 47.16
CA ASP D 949 -47.76 24.61 46.51
C ASP D 949 -48.46 23.38 47.11
N LEU D 950 -47.68 22.34 47.40
CA LEU D 950 -48.22 21.09 47.93
C LEU D 950 -48.83 21.35 49.30
N GLY D 951 -48.12 22.11 50.13
CA GLY D 951 -48.57 22.40 51.49
C GLY D 951 -49.77 23.33 51.58
N VAL D 952 -50.11 23.95 50.46
CA VAL D 952 -51.30 24.79 50.38
C VAL D 952 -52.50 23.91 50.09
N LYS D 953 -52.30 22.96 49.16
CA LYS D 953 -53.37 22.05 48.77
C LYS D 953 -53.51 20.88 49.77
N GLU D 954 -52.54 20.74 50.68
CA GLU D 954 -52.66 19.77 51.78
C GLU D 954 -52.75 20.45 53.16
N LYS D 955 -53.07 21.74 53.13
CA LYS D 955 -53.56 22.49 54.28
C LYS D 955 -52.57 22.65 55.45
N LEU D 956 -51.30 22.38 55.17
CA LEU D 956 -50.23 22.64 56.12
C LEU D 956 -49.83 24.12 56.11
N ILE D 957 -49.97 24.77 54.95
CA ILE D 957 -49.68 26.20 54.80
C ILE D 957 -50.91 26.91 54.31
N GLU D 958 -51.19 28.05 54.91
CA GLU D 958 -52.51 28.67 54.77
C GLU D 958 -52.51 29.92 53.91
N LYS D 959 -53.32 29.88 52.85
CA LYS D 959 -53.39 30.99 51.91
C LYS D 959 -54.43 32.03 52.35
N ALA D 960 -53.95 33.20 52.78
CA ALA D 960 -54.82 34.34 53.14
C ALA D 960 -54.98 35.34 52.00
N GLY D 961 -55.40 34.83 50.83
CA GLY D 961 -55.47 35.59 49.58
C GLY D 961 -54.11 35.71 48.90
N ALA D 962 -53.25 36.58 49.47
CA ALA D 962 -51.88 36.83 48.98
C ALA D 962 -50.81 36.42 50.03
N TRP D 963 -51.23 36.19 51.27
CA TRP D 963 -50.32 35.91 52.37
C TRP D 963 -50.13 34.41 52.62
N TYR D 964 -48.92 34.03 53.02
CA TYR D 964 -48.57 32.64 53.24
C TYR D 964 -48.20 32.33 54.71
N SER D 965 -49.08 31.61 55.41
CA SER D 965 -48.91 31.35 56.83
C SER D 965 -48.62 29.88 57.15
N TYR D 966 -47.70 29.65 58.09
CA TYR D 966 -47.45 28.32 58.66
C TYR D 966 -47.85 28.22 60.12
N LYS D 967 -49.15 28.03 60.34
CA LYS D 967 -49.77 27.90 61.66
C LYS D 967 -49.37 29.01 62.66
N GLY D 968 -50.14 30.10 62.64
CA GLY D 968 -49.89 31.29 63.50
C GLY D 968 -48.85 32.24 62.92
N GLU D 969 -47.67 31.66 62.67
CA GLU D 969 -46.52 32.29 61.97
C GLU D 969 -46.80 32.69 60.48
N LYS D 970 -46.52 33.94 60.13
CA LYS D 970 -46.64 34.43 58.75
C LYS D 970 -45.28 34.34 58.07
N ILE D 971 -45.18 33.50 57.04
CA ILE D 971 -43.85 33.19 56.45
C ILE D 971 -43.55 33.79 55.09
N GLY D 972 -44.53 34.41 54.45
CA GLY D 972 -44.31 35.06 53.14
C GLY D 972 -45.49 35.75 52.49
N GLN D 973 -45.19 36.58 51.50
CA GLN D 973 -46.21 37.31 50.76
C GLN D 973 -45.86 37.19 49.31
N GLY D 974 -46.76 36.61 48.51
CA GLY D 974 -46.51 36.28 47.11
C GLY D 974 -45.67 35.01 47.00
N LYS D 975 -46.18 34.02 46.27
CA LYS D 975 -45.56 32.69 46.19
C LYS D 975 -44.04 32.73 46.32
N ALA D 976 -43.41 33.62 45.57
CA ALA D 976 -41.96 33.74 45.52
C ALA D 976 -41.32 33.88 46.91
N ASN D 977 -41.61 34.99 47.57
CA ASN D 977 -40.99 35.30 48.85
C ASN D 977 -41.22 34.21 49.89
N ALA D 978 -42.26 33.42 49.69
CA ALA D 978 -42.55 32.30 50.57
C ALA D 978 -41.68 31.15 50.17
N THR D 979 -41.63 30.88 48.87
CA THR D 979 -40.81 29.82 48.36
C THR D 979 -39.49 29.91 49.08
N ALA D 980 -38.80 31.01 48.83
CA ALA D 980 -37.44 31.15 49.32
C ALA D 980 -37.34 31.38 50.84
N TRP D 981 -38.36 30.96 51.58
CA TRP D 981 -38.28 31.00 53.03
C TRP D 981 -38.04 29.61 53.59
N LEU D 982 -38.55 28.62 52.89
CA LEU D 982 -38.23 27.27 53.26
C LEU D 982 -36.77 27.02 52.97
N LYS D 983 -36.24 27.74 52.01
CA LYS D 983 -34.81 27.66 51.66
C LYS D 983 -33.94 28.27 52.77
N ASP D 984 -34.58 29.05 53.65
CA ASP D 984 -33.87 29.79 54.68
C ASP D 984 -33.76 29.01 56.00
N ASN D 985 -34.77 28.19 56.31
CA ASN D 985 -34.67 27.24 57.42
C ASN D 985 -35.17 25.80 57.09
N PRO D 986 -34.27 24.92 56.59
CA PRO D 986 -34.62 23.56 56.15
C PRO D 986 -35.16 22.68 57.29
N GLU D 987 -35.24 23.26 58.49
CA GLU D 987 -35.77 22.59 59.68
C GLU D 987 -37.25 22.25 59.45
N THR D 988 -38.06 23.28 59.22
CA THR D 988 -39.49 23.13 59.06
C THR D 988 -39.80 22.51 57.70
N ALA D 989 -38.86 22.66 56.79
CA ALA D 989 -39.00 22.14 55.45
C ALA D 989 -39.10 20.65 55.51
N LYS D 990 -38.00 20.05 55.96
CA LYS D 990 -37.85 18.61 56.04
C LYS D 990 -38.97 17.94 56.84
N GLU D 991 -39.66 18.73 57.66
CA GLU D 991 -40.82 18.25 58.42
C GLU D 991 -42.04 18.19 57.51
N ILE D 992 -42.30 19.30 56.81
CA ILE D 992 -43.46 19.36 55.92
C ILE D 992 -43.23 18.47 54.73
N GLU D 993 -41.98 18.40 54.27
CA GLU D 993 -41.59 17.45 53.22
C GLU D 993 -42.23 16.09 53.50
N LYS D 994 -41.92 15.54 54.66
CA LYS D 994 -42.37 14.21 55.03
C LYS D 994 -43.89 14.17 55.23
N LYS D 995 -44.44 15.16 55.93
CA LYS D 995 -45.86 15.15 56.27
C LYS D 995 -46.76 15.12 55.02
N VAL D 996 -46.20 15.51 53.88
CA VAL D 996 -46.91 15.45 52.61
C VAL D 996 -46.71 14.09 51.97
N ARG D 997 -45.49 13.58 52.10
CA ARG D 997 -45.18 12.21 51.69
C ARG D 997 -46.16 11.26 52.37
N GLU D 998 -46.40 11.49 53.65
CA GLU D 998 -47.35 10.70 54.44
C GLU D 998 -48.80 10.84 53.97
N LEU D 999 -49.15 12.01 53.42
CA LEU D 999 -50.53 12.29 53.01
C LEU D 999 -50.89 11.90 51.56
N LEU D 1000 -49.88 11.56 50.74
CA LEU D 1000 -50.10 11.10 49.36
C LEU D 1000 -49.37 9.82 48.89
N LEU D 1001 -48.36 9.38 49.64
CA LEU D 1001 -47.67 8.09 49.41
C LEU D 1001 -48.03 7.01 50.48
N LYS D 1029 -21.50 -7.81 45.72
CA LYS D 1029 -20.41 -6.83 46.05
C LYS D 1029 -19.83 -6.20 44.76
N GLN D 1030 -18.60 -5.67 44.83
CA GLN D 1030 -17.88 -5.06 43.70
C GLN D 1030 -17.23 -6.12 42.80
N LYS D 1031 -17.72 -7.35 42.93
CA LYS D 1031 -17.28 -8.54 42.19
C LYS D 1031 -17.85 -8.51 40.76
N ALA D 1032 -19.18 -8.33 40.64
CA ALA D 1032 -19.88 -8.33 39.34
C ALA D 1032 -19.57 -7.08 38.51
N LEU D 1033 -19.21 -6.00 39.20
CA LEU D 1033 -18.94 -4.69 38.59
C LEU D 1033 -17.51 -4.63 38.04
N ALA D 1034 -16.54 -4.59 38.96
CA ALA D 1034 -15.12 -4.41 38.65
C ALA D 1034 -14.56 -5.50 37.71
N ALA D 1035 -15.44 -6.39 37.24
CA ALA D 1035 -15.12 -7.41 36.23
C ALA D 1035 -15.91 -7.19 34.92
N ALA D 1036 -17.23 -7.17 35.01
CA ALA D 1036 -18.05 -7.09 33.81
C ALA D 1036 -17.73 -5.87 32.96
N LEU D 1037 -17.08 -4.87 33.57
CA LEU D 1037 -16.68 -3.65 32.87
C LEU D 1037 -15.87 -3.92 31.62
N GLY D 1038 -14.60 -4.27 31.80
CA GLY D 1038 -13.67 -4.50 30.71
C GLY D 1038 -14.20 -5.49 29.68
N GLN D 1039 -15.11 -6.35 30.12
CA GLN D 1039 -15.72 -7.37 29.25
C GLN D 1039 -16.31 -6.70 28.03
N ILE D 1040 -16.85 -5.51 28.24
CA ILE D 1040 -17.56 -4.82 27.20
C ILE D 1040 -16.54 -4.19 26.27
N GLU D 1041 -15.43 -3.74 26.84
CA GLU D 1041 -14.33 -3.17 26.07
C GLU D 1041 -13.80 -4.22 25.13
N LYS D 1042 -13.69 -5.45 25.62
CA LYS D 1042 -13.17 -6.55 24.83
C LYS D 1042 -14.14 -6.93 23.70
N GLN D 1043 -15.44 -6.95 24.02
CA GLN D 1043 -16.46 -7.40 23.07
C GLN D 1043 -16.64 -6.49 21.84
N PHE D 1044 -16.44 -5.18 22.01
CA PHE D 1044 -16.72 -4.21 20.95
C PHE D 1044 -15.50 -3.41 20.47
N GLY D 1045 -15.18 -2.34 21.19
CA GLY D 1045 -14.02 -1.50 20.92
C GLY D 1045 -13.34 -1.14 22.24
N LYS D 1046 -12.01 -1.08 22.21
CA LYS D 1046 -11.22 -0.83 23.42
C LYS D 1046 -11.39 0.65 23.82
N GLY D 1047 -12.16 0.87 24.87
CA GLY D 1047 -12.39 2.22 25.41
C GLY D 1047 -13.67 2.92 24.98
N SER D 1048 -14.78 2.18 24.94
CA SER D 1048 -16.04 2.82 24.60
C SER D 1048 -17.02 2.74 25.76
N ILE D 1049 -16.47 2.65 26.96
CA ILE D 1049 -17.21 2.90 28.19
C ILE D 1049 -16.19 3.21 29.27
N MET D 1050 -16.49 4.15 30.17
CA MET D 1050 -15.65 4.40 31.36
C MET D 1050 -16.24 5.30 32.42
N ARG D 1051 -15.58 5.33 33.58
CA ARG D 1051 -15.87 6.30 34.62
C ARG D 1051 -15.30 7.62 34.13
N LEU D 1052 -16.03 8.71 34.38
CA LEU D 1052 -15.68 10.01 33.82
C LEU D 1052 -14.58 10.73 34.57
N GLY D 1053 -14.33 10.34 35.81
CA GLY D 1053 -13.27 10.92 36.63
C GLY D 1053 -12.02 10.05 36.63
N GLU D 1054 -11.57 9.68 35.42
CA GLU D 1054 -10.48 8.74 35.23
C GLU D 1054 -9.20 9.28 34.62
N ASP D 1055 -8.09 8.95 35.29
CA ASP D 1055 -6.73 9.24 34.84
C ASP D 1055 -6.40 8.41 33.61
N ARG D 1056 -6.86 7.15 33.64
CA ARG D 1056 -6.63 6.15 32.60
C ARG D 1056 -6.88 6.65 31.15
N SER D 1057 -5.82 7.21 30.57
CA SER D 1057 -5.75 7.43 29.13
C SER D 1057 -4.99 6.24 28.51
N MET D 1058 -5.03 6.17 27.18
CA MET D 1058 -4.43 5.05 26.48
C MET D 1058 -3.15 5.49 25.74
N ASP D 1059 -2.60 4.58 24.94
CA ASP D 1059 -1.41 4.83 24.16
C ASP D 1059 -1.82 5.17 22.73
N VAL D 1060 -1.66 6.42 22.35
CA VAL D 1060 -1.64 6.75 20.93
C VAL D 1060 -0.69 7.87 20.69
N GLU D 1061 -0.16 7.92 19.47
CA GLU D 1061 0.54 9.11 18.98
C GLU D 1061 -0.43 10.28 19.03
N THR D 1062 -0.02 11.35 19.73
CA THR D 1062 -0.87 12.51 19.95
C THR D 1062 -0.20 13.79 19.43
N ILE D 1063 -0.82 14.43 18.44
CA ILE D 1063 -0.30 15.72 17.95
C ILE D 1063 -0.78 16.80 18.89
N SER D 1064 0.06 17.79 19.16
CA SER D 1064 -0.38 18.90 20.03
C SER D 1064 -1.45 19.69 19.28
N THR D 1065 -2.48 20.15 19.96
CA THR D 1065 -3.56 20.83 19.28
C THR D 1065 -3.20 22.26 19.04
N GLY D 1066 -2.13 22.71 19.64
CA GLY D 1066 -1.73 24.11 19.57
C GLY D 1066 -1.97 24.78 20.91
N SER D 1067 -3.11 24.44 21.54
CA SER D 1067 -3.38 24.79 22.94
C SER D 1067 -2.54 23.96 23.88
N LEU D 1068 -2.85 24.05 25.17
CA LEU D 1068 -2.17 23.27 26.19
C LEU D 1068 -3.24 22.65 27.01
N SER D 1069 -4.22 23.47 27.36
CA SER D 1069 -5.30 23.02 28.18
C SER D 1069 -6.24 22.19 27.36
N LEU D 1070 -6.22 22.38 26.04
CA LEU D 1070 -6.97 21.51 25.17
C LEU D 1070 -6.39 20.13 25.29
N ASP D 1071 -5.07 20.06 25.17
CA ASP D 1071 -4.36 18.77 25.17
C ASP D 1071 -4.35 18.14 26.57
N ILE D 1072 -4.85 18.90 27.52
CA ILE D 1072 -5.05 18.43 28.86
C ILE D 1072 -6.49 18.00 29.01
N ALA D 1073 -7.39 18.67 28.31
CA ALA D 1073 -8.79 18.30 28.41
C ALA D 1073 -9.08 17.11 27.53
N LEU D 1074 -8.25 16.92 26.52
CA LEU D 1074 -8.25 15.70 25.75
C LEU D 1074 -7.90 14.57 26.69
N GLY D 1075 -6.85 14.77 27.50
CA GLY D 1075 -6.38 13.75 28.50
C GLY D 1075 -5.25 12.90 27.95
N ALA D 1076 -5.14 12.91 26.63
CA ALA D 1076 -4.25 12.04 25.86
C ALA D 1076 -2.96 12.74 25.50
N GLY D 1077 -3.03 14.07 25.42
CA GLY D 1077 -1.88 14.91 25.05
C GLY D 1077 -2.11 15.64 23.74
N GLY D 1078 -3.23 15.34 23.09
CA GLY D 1078 -3.56 15.92 21.81
C GLY D 1078 -4.41 14.98 21.02
N LEU D 1079 -4.52 15.25 19.71
CA LEU D 1079 -5.37 14.49 18.82
C LEU D 1079 -4.75 13.16 18.42
N PRO D 1080 -5.54 12.08 18.53
CA PRO D 1080 -5.23 10.68 18.27
C PRO D 1080 -4.87 10.42 16.84
N MET D 1081 -3.63 9.96 16.63
CA MET D 1081 -3.14 9.70 15.30
C MET D 1081 -3.86 8.53 14.64
N GLY D 1082 -4.44 8.81 13.48
CA GLY D 1082 -5.07 7.81 12.66
C GLY D 1082 -6.46 7.42 13.13
N ARG D 1083 -7.22 8.41 13.60
CA ARG D 1083 -8.65 8.26 13.82
C ARG D 1083 -9.29 9.42 13.10
N ILE D 1084 -10.55 9.72 13.40
CA ILE D 1084 -11.10 10.93 12.85
C ILE D 1084 -11.48 11.93 13.92
N VAL D 1085 -11.31 13.19 13.58
CA VAL D 1085 -11.56 14.26 14.51
C VAL D 1085 -12.39 15.35 13.85
N GLU D 1086 -13.49 15.68 14.50
CA GLU D 1086 -14.37 16.74 14.03
C GLU D 1086 -14.32 17.94 14.95
N ILE D 1087 -14.08 19.11 14.36
CA ILE D 1087 -14.17 20.35 15.09
C ILE D 1087 -15.32 21.13 14.51
N TYR D 1088 -16.18 21.63 15.38
CA TYR D 1088 -17.30 22.36 14.88
C TYR D 1088 -17.57 23.60 15.70
N GLY D 1089 -18.45 24.45 15.18
CA GLY D 1089 -18.82 25.68 15.82
C GLY D 1089 -19.09 26.79 14.83
N PRO D 1090 -19.85 27.78 15.24
CA PRO D 1090 -20.29 28.99 14.53
C PRO D 1090 -19.19 29.70 13.73
N GLU D 1091 -19.64 30.55 12.81
CA GLU D 1091 -18.73 31.26 11.93
C GLU D 1091 -17.99 32.34 12.67
N SER D 1092 -16.75 32.49 12.25
CA SER D 1092 -15.82 33.36 12.90
C SER D 1092 -15.76 32.93 14.34
N SER D 1093 -15.56 31.64 14.59
CA SER D 1093 -15.40 31.18 15.96
C SER D 1093 -13.94 30.94 16.24
N GLY D 1094 -13.22 30.58 15.18
CA GLY D 1094 -11.81 30.33 15.27
C GLY D 1094 -11.47 28.93 14.76
N LYS D 1095 -12.49 28.29 14.22
CA LYS D 1095 -12.38 26.97 13.65
C LYS D 1095 -11.05 26.72 12.89
N THR D 1096 -10.96 27.31 11.69
CA THR D 1096 -9.79 27.37 10.81
C THR D 1096 -8.47 27.64 11.58
N THR D 1097 -8.38 28.80 12.24
CA THR D 1097 -7.24 29.16 13.08
C THR D 1097 -6.74 28.00 13.91
N LEU D 1098 -7.66 27.33 14.60
CA LEU D 1098 -7.27 26.26 15.49
C LEU D 1098 -6.52 25.24 14.72
N THR D 1099 -7.14 24.75 13.65
CA THR D 1099 -6.54 23.71 12.78
C THR D 1099 -5.13 24.08 12.32
N LEU D 1100 -5.02 25.28 11.76
CA LEU D 1100 -3.76 25.84 11.33
C LEU D 1100 -2.74 25.92 12.44
N GLN D 1101 -3.20 26.13 13.68
CA GLN D 1101 -2.32 26.00 14.83
C GLN D 1101 -1.86 24.54 15.08
N VAL D 1102 -2.63 23.56 14.58
CA VAL D 1102 -2.22 22.18 14.70
C VAL D 1102 -1.24 21.85 13.61
N ILE D 1103 -1.57 22.30 12.42
CA ILE D 1103 -0.71 22.13 11.28
C ILE D 1103 0.64 22.73 11.61
N ALA D 1104 0.62 23.83 12.35
CA ALA D 1104 1.85 24.49 12.75
C ALA D 1104 2.69 23.50 13.54
N ALA D 1105 2.11 22.93 14.59
CA ALA D 1105 2.88 22.10 15.52
C ALA D 1105 2.92 20.64 15.09
N ALA D 1106 2.66 20.43 13.82
CA ALA D 1106 3.05 19.22 13.17
C ALA D 1106 4.32 19.57 12.41
N GLN D 1107 4.23 20.68 11.68
CA GLN D 1107 5.31 21.27 10.90
C GLN D 1107 6.54 21.34 11.78
N ARG D 1108 6.25 21.48 13.07
CA ARG D 1108 7.22 21.68 14.11
C ARG D 1108 7.98 20.38 14.36
N GLU D 1109 7.49 19.29 13.81
CA GLU D 1109 8.25 18.06 13.84
C GLU D 1109 8.08 17.20 12.61
N GLY D 1110 8.47 17.74 11.44
CA GLY D 1110 8.52 16.98 10.18
C GLY D 1110 7.18 16.68 9.54
N LYS D 1111 6.31 15.96 10.27
CA LYS D 1111 4.96 15.47 9.84
C LYS D 1111 4.34 16.38 8.79
N THR D 1112 4.18 15.88 7.57
CA THR D 1112 3.82 16.78 6.50
C THR D 1112 2.33 16.86 6.32
N CYS D 1113 1.91 18.00 5.76
CA CYS D 1113 0.51 18.40 5.79
C CYS D 1113 -0.17 18.88 4.51
N ALA D 1114 -1.40 18.42 4.36
CA ALA D 1114 -2.22 18.92 3.31
C ALA D 1114 -3.53 19.39 3.95
N PHE D 1115 -4.07 20.43 3.32
CA PHE D 1115 -5.14 21.22 3.88
C PHE D 1115 -6.16 21.42 2.77
N ILE D 1116 -7.21 20.63 2.82
CA ILE D 1116 -8.17 20.57 1.74
C ILE D 1116 -9.02 21.79 1.87
N ASP D 1117 -8.80 22.77 1.01
CA ASP D 1117 -9.42 24.06 1.22
C ASP D 1117 -10.70 24.29 0.40
N ALA D 1118 -11.69 23.40 0.57
CA ALA D 1118 -12.96 23.52 -0.16
C ALA D 1118 -13.55 24.92 -0.09
N GLU D 1119 -13.44 25.55 1.07
CA GLU D 1119 -14.08 26.81 1.31
C GLU D 1119 -13.52 27.96 0.47
N HIS D 1120 -12.33 27.79 -0.11
CA HIS D 1120 -11.62 28.88 -0.82
C HIS D 1120 -11.29 30.05 0.16
N ALA D 1121 -11.07 29.66 1.43
CA ALA D 1121 -10.71 30.54 2.52
C ALA D 1121 -9.20 30.72 2.57
N LEU D 1122 -8.63 30.66 3.79
CA LEU D 1122 -7.17 30.76 4.08
C LEU D 1122 -6.35 31.91 3.39
N ASP D 1123 -5.83 32.82 4.22
CA ASP D 1123 -4.93 33.87 3.78
C ASP D 1123 -3.48 33.40 4.02
N PRO D 1124 -2.83 32.84 2.99
CA PRO D 1124 -1.55 32.23 3.23
C PRO D 1124 -0.73 33.09 4.15
N ILE D 1125 -0.69 34.38 3.85
CA ILE D 1125 -0.01 35.38 4.65
C ILE D 1125 -0.34 35.13 6.13
N TYR D 1126 -1.60 35.34 6.49
CA TYR D 1126 -2.11 35.04 7.83
C TYR D 1126 -1.60 33.67 8.31
N ALA D 1127 -1.72 32.67 7.45
CA ALA D 1127 -1.28 31.37 7.83
C ALA D 1127 0.16 31.43 8.33
N ARG D 1128 1.01 32.11 7.57
CA ARG D 1128 2.42 32.15 7.90
C ARG D 1128 2.50 32.70 9.29
N LYS D 1129 1.80 33.82 9.50
CA LYS D 1129 1.86 34.57 10.76
C LYS D 1129 1.47 33.69 11.95
N LEU D 1130 0.72 32.62 11.69
CA LEU D 1130 0.31 31.68 12.71
C LEU D 1130 1.37 30.62 12.98
N GLY D 1131 2.20 30.38 11.96
CA GLY D 1131 3.43 29.58 12.09
C GLY D 1131 3.55 28.36 11.21
N VAL D 1132 2.88 28.35 10.08
CA VAL D 1132 2.93 27.16 9.27
C VAL D 1132 4.05 27.31 8.29
N ASP D 1133 4.54 26.17 7.78
CA ASP D 1133 5.49 26.20 6.68
C ASP D 1133 4.64 26.30 5.43
N ILE D 1134 4.55 27.50 4.89
CA ILE D 1134 3.66 27.78 3.79
C ILE D 1134 4.00 26.94 2.61
N ASP D 1135 5.29 26.68 2.45
CA ASP D 1135 5.78 26.09 1.23
C ASP D 1135 5.72 24.56 1.31
N ASN D 1136 5.64 24.04 2.53
CA ASN D 1136 5.61 22.58 2.79
C ASN D 1136 4.26 22.08 3.30
N LEU D 1137 3.22 22.81 2.93
CA LEU D 1137 1.85 22.49 3.28
C LEU D 1137 1.10 22.35 1.96
N LEU D 1138 1.37 21.25 1.25
CA LEU D 1138 0.88 21.13 -0.13
C LEU D 1138 -0.63 20.84 -0.06
N CYS D 1139 -1.38 21.72 -0.70
CA CYS D 1139 -2.80 21.86 -0.48
C CYS D 1139 -3.60 22.11 -1.78
N SER D 1140 -4.91 21.89 -1.67
CA SER D 1140 -5.83 21.75 -2.80
C SER D 1140 -6.95 22.77 -2.75
N GLN D 1141 -7.44 23.18 -3.91
CA GLN D 1141 -8.61 24.04 -4.01
C GLN D 1141 -9.70 23.38 -4.86
N PRO D 1142 -10.29 22.28 -4.36
CA PRO D 1142 -11.17 21.41 -5.14
C PRO D 1142 -12.39 22.12 -5.72
N ASP D 1143 -12.95 21.53 -6.77
CA ASP D 1143 -14.15 22.04 -7.42
C ASP D 1143 -15.39 21.39 -6.77
N THR D 1144 -15.38 20.07 -6.64
CA THR D 1144 -16.53 19.34 -6.10
C THR D 1144 -16.24 18.75 -4.74
N GLY D 1145 -17.31 18.54 -3.97
CA GLY D 1145 -17.23 17.80 -2.73
C GLY D 1145 -16.50 16.49 -2.92
N GLU D 1146 -16.89 15.77 -3.96
CA GLU D 1146 -16.29 14.47 -4.23
C GLU D 1146 -14.78 14.54 -4.50
N GLN D 1147 -14.39 15.38 -5.46
CA GLN D 1147 -12.97 15.55 -5.77
C GLN D 1147 -12.24 15.61 -4.43
N ALA D 1148 -12.64 16.53 -3.57
CA ALA D 1148 -12.04 16.68 -2.27
C ALA D 1148 -11.95 15.36 -1.52
N LEU D 1149 -13.08 14.67 -1.39
CA LEU D 1149 -13.11 13.41 -0.68
C LEU D 1149 -12.09 12.44 -1.23
N GLU D 1150 -12.26 12.08 -2.50
CA GLU D 1150 -11.38 11.09 -3.14
C GLU D 1150 -9.93 11.58 -3.25
N ILE D 1151 -9.70 12.87 -2.99
CA ILE D 1151 -8.33 13.40 -2.89
C ILE D 1151 -7.77 12.97 -1.57
N CYS D 1152 -8.48 13.27 -0.49
CA CYS D 1152 -7.94 12.88 0.80
C CYS D 1152 -8.00 11.36 0.98
N ASP D 1153 -8.92 10.72 0.27
CA ASP D 1153 -8.94 9.27 0.28
C ASP D 1153 -7.58 8.76 -0.14
N ALA D 1154 -7.12 9.25 -1.29
CA ALA D 1154 -5.84 8.84 -1.85
C ALA D 1154 -4.64 9.31 -1.05
N LEU D 1155 -4.86 10.19 -0.07
CA LEU D 1155 -3.75 10.66 0.78
C LEU D 1155 -3.75 9.88 2.08
N ALA D 1156 -4.86 9.21 2.35
CA ALA D 1156 -4.95 8.33 3.47
C ALA D 1156 -4.17 7.04 3.18
N ARG D 1157 -4.25 6.58 1.93
CA ARG D 1157 -3.47 5.41 1.47
C ARG D 1157 -2.00 5.75 1.19
N SER D 1158 -1.74 7.02 0.85
CA SER D 1158 -0.39 7.52 0.45
C SER D 1158 0.63 7.57 1.59
N GLY D 1159 0.81 6.42 2.25
CA GLY D 1159 1.80 6.19 3.31
C GLY D 1159 1.84 7.23 4.41
N ALA D 1160 3.03 7.78 4.66
CA ALA D 1160 3.20 8.83 5.65
C ALA D 1160 3.08 10.27 5.05
N VAL D 1161 1.85 10.67 4.66
CA VAL D 1161 1.47 12.09 4.55
C VAL D 1161 0.62 12.34 5.80
N ASP D 1162 1.19 13.04 6.79
CA ASP D 1162 0.91 12.73 8.21
C ASP D 1162 -0.32 13.33 8.91
N VAL D 1163 -0.90 14.38 8.34
CA VAL D 1163 -2.19 14.87 8.84
C VAL D 1163 -2.94 15.79 7.86
N ILE D 1164 -4.25 15.62 7.80
CA ILE D 1164 -5.07 16.26 6.78
C ILE D 1164 -6.19 17.06 7.41
N VAL D 1165 -6.33 18.30 6.99
CA VAL D 1165 -7.42 19.16 7.46
C VAL D 1165 -8.37 19.50 6.31
N VAL D 1166 -9.66 19.24 6.53
CA VAL D 1166 -10.71 19.50 5.54
C VAL D 1166 -11.62 20.67 5.91
N ASP D 1167 -11.44 21.77 5.18
CA ASP D 1167 -12.09 23.06 5.43
C ASP D 1167 -12.91 23.38 4.19
N SER D 1168 -14.22 23.20 4.26
CA SER D 1168 -14.90 22.64 5.42
C SER D 1168 -16.11 21.86 4.94
N VAL D 1169 -16.56 20.89 5.74
CA VAL D 1169 -17.75 20.09 5.43
C VAL D 1169 -18.82 20.94 4.76
N ALA D 1170 -18.80 22.22 5.09
CA ALA D 1170 -19.70 23.21 4.52
C ALA D 1170 -19.93 23.09 3.00
N ALA D 1171 -18.93 23.44 2.18
CA ALA D 1171 -19.07 23.47 0.69
C ALA D 1171 -19.22 22.07 0.01
N LEU D 1172 -19.52 21.10 0.87
CA LEU D 1172 -19.78 19.72 0.49
C LEU D 1172 -21.27 19.35 0.62
N THR D 1173 -22.18 20.30 0.33
CA THR D 1173 -23.49 19.96 -0.27
C THR D 1173 -23.25 19.94 -1.80
N PRO D 1174 -23.49 18.75 -2.47
CA PRO D 1174 -22.81 18.15 -3.67
C PRO D 1174 -22.02 19.03 -4.65
N LEU D 1189 -28.41 14.26 -0.80
CA LEU D 1189 -27.62 13.23 -0.14
C LEU D 1189 -26.25 13.73 0.31
N ALA D 1190 -26.25 14.92 0.91
CA ALA D 1190 -25.07 15.58 1.49
C ALA D 1190 -24.46 14.87 2.73
N ALA D 1191 -24.86 13.60 2.92
CA ALA D 1191 -24.34 12.69 3.97
C ALA D 1191 -24.28 11.25 3.45
N ARG D 1192 -25.05 10.98 2.39
CA ARG D 1192 -25.02 9.69 1.74
C ARG D 1192 -23.77 9.65 0.90
N MET D 1193 -23.36 10.82 0.42
CA MET D 1193 -22.07 11.02 -0.22
C MET D 1193 -20.93 10.80 0.79
N MET D 1194 -21.12 11.29 2.01
CA MET D 1194 -20.13 11.19 3.07
C MET D 1194 -19.99 9.77 3.51
N SER D 1195 -21.09 9.26 4.04
CA SER D 1195 -21.16 7.93 4.60
C SER D 1195 -20.49 6.94 3.66
N GLN D 1196 -20.29 7.36 2.42
CA GLN D 1196 -19.56 6.58 1.43
C GLN D 1196 -18.08 6.49 1.84
N ALA D 1197 -17.31 7.54 1.56
CA ALA D 1197 -15.87 7.53 1.84
C ALA D 1197 -15.57 7.60 3.34
N MET D 1198 -16.62 7.83 4.14
CA MET D 1198 -16.46 7.87 5.58
C MET D 1198 -16.12 6.48 6.08
N ARG D 1199 -16.68 5.46 5.45
CA ARG D 1199 -16.37 4.07 5.76
C ARG D 1199 -14.94 3.75 5.34
N LYS D 1200 -14.52 4.37 4.24
CA LYS D 1200 -13.29 4.05 3.52
C LYS D 1200 -12.07 4.69 4.18
N LEU D 1201 -12.23 5.94 4.58
CA LEU D 1201 -11.19 6.64 5.27
C LEU D 1201 -11.01 6.14 6.70
N ALA D 1202 -12.02 5.40 7.17
CA ALA D 1202 -12.01 4.84 8.51
C ALA D 1202 -10.92 3.79 8.70
N GLY D 1203 -10.68 3.03 7.64
CA GLY D 1203 -9.73 1.90 7.65
C GLY D 1203 -8.46 2.13 6.86
N ASN D 1204 -8.37 3.30 6.20
CA ASN D 1204 -7.15 3.72 5.51
C ASN D 1204 -6.29 4.56 6.45
N LEU D 1205 -6.87 4.97 7.56
CA LEU D 1205 -6.16 5.78 8.52
C LEU D 1205 -5.52 4.95 9.62
N LYS D 1206 -6.28 4.05 10.22
CA LYS D 1206 -5.75 3.10 11.22
C LYS D 1206 -4.57 2.30 10.63
N GLN D 1207 -4.40 2.42 9.31
CA GLN D 1207 -3.29 1.80 8.58
C GLN D 1207 -2.07 2.72 8.56
N SER D 1208 -2.29 3.98 8.16
CA SER D 1208 -1.22 4.97 7.81
C SER D 1208 -0.79 5.92 8.95
N ASN D 1209 -1.44 5.76 10.11
CA ASN D 1209 -1.35 6.69 11.22
C ASN D 1209 -1.79 8.08 10.85
N THR D 1210 -1.87 8.34 9.55
CA THR D 1210 -2.47 9.55 9.02
C THR D 1210 -3.75 9.99 9.81
N LEU D 1211 -3.75 11.23 10.30
CA LEU D 1211 -4.87 11.81 11.05
C LEU D 1211 -5.71 12.79 10.22
N LEU D 1212 -7.04 12.78 10.43
CA LEU D 1212 -7.95 13.60 9.63
C LEU D 1212 -8.87 14.44 10.48
N ILE D 1213 -8.86 15.73 10.17
CA ILE D 1213 -9.63 16.71 10.92
C ILE D 1213 -10.63 17.41 10.04
N PHE D 1214 -11.89 17.15 10.34
CA PHE D 1214 -13.00 17.77 9.66
C PHE D 1214 -13.47 18.97 10.46
N ILE D 1215 -13.88 20.02 9.76
CA ILE D 1215 -14.54 21.15 10.43
C ILE D 1215 -15.99 21.40 9.95
N ASN D 1216 -16.85 21.90 10.84
CA ASN D 1216 -18.30 22.04 10.59
C ASN D 1216 -18.87 23.36 11.23
N GLN D 1217 -20.17 23.68 11.07
CA GLN D 1217 -20.88 24.95 11.61
C GLN D 1217 -21.99 24.88 12.74
N GLY D 1234 -25.43 19.70 9.82
CA GLY D 1234 -24.56 19.58 8.64
C GLY D 1234 -24.52 18.31 7.75
N GLY D 1235 -24.16 17.15 8.32
CA GLY D 1235 -23.98 15.86 7.58
C GLY D 1235 -23.55 14.70 8.47
N ASN D 1236 -24.56 13.94 8.96
CA ASN D 1236 -24.47 13.06 10.16
C ASN D 1236 -23.22 12.20 10.35
N ALA D 1237 -23.31 10.97 9.84
CA ALA D 1237 -22.28 9.92 9.94
C ALA D 1237 -21.03 10.28 10.75
N LEU D 1238 -20.21 11.15 10.17
CA LEU D 1238 -19.01 11.68 10.81
C LEU D 1238 -19.10 11.76 12.33
N LYS D 1239 -20.22 12.31 12.81
CA LYS D 1239 -20.59 12.39 14.23
C LYS D 1239 -20.15 11.18 15.04
N PHE D 1240 -20.30 10.02 14.43
CA PHE D 1240 -19.94 8.75 15.05
C PHE D 1240 -18.56 8.30 14.61
N TYR D 1241 -18.22 8.59 13.35
CA TYR D 1241 -16.95 8.10 12.81
C TYR D 1241 -15.71 8.84 13.34
N ALA D 1242 -15.94 9.82 14.23
CA ALA D 1242 -14.84 10.46 14.93
C ALA D 1242 -14.42 9.68 16.16
N SER D 1243 -13.18 9.88 16.59
CA SER D 1243 -12.76 9.37 17.88
C SER D 1243 -12.63 10.55 18.84
N VAL D 1244 -12.63 11.76 18.26
CA VAL D 1244 -12.69 12.99 19.04
C VAL D 1244 -13.43 14.12 18.34
N ARG D 1245 -14.29 14.80 19.10
CA ARG D 1245 -14.99 15.97 18.62
C ARG D 1245 -14.74 17.21 19.45
N LEU D 1246 -14.69 18.36 18.78
CA LEU D 1246 -14.47 19.63 19.42
C LEU D 1246 -15.57 20.67 19.19
N ASP D 1247 -15.98 21.32 20.28
CA ASP D 1247 -16.91 22.44 20.27
C ASP D 1247 -16.17 23.76 20.57
N ILE D 1248 -15.86 24.49 19.51
CA ILE D 1248 -15.23 25.80 19.61
C ILE D 1248 -16.32 26.87 19.67
N ARG D 1249 -16.01 27.96 20.36
CA ARG D 1249 -16.88 29.09 20.45
C ARG D 1249 -16.12 30.33 20.95
N ARG D 1250 -16.39 31.49 20.37
CA ARG D 1250 -15.75 32.72 20.80
C ARG D 1250 -16.65 33.34 21.84
N ILE D 1251 -16.10 33.63 23.01
CA ILE D 1251 -16.94 34.12 24.09
C ILE D 1251 -16.54 35.43 24.76
N GLY D 1252 -15.47 36.07 24.31
CA GLY D 1252 -15.01 37.27 24.98
C GLY D 1252 -14.51 38.35 24.08
N ALA D 1253 -13.20 38.33 23.82
CA ALA D 1253 -12.48 39.38 23.12
C ALA D 1253 -11.45 39.97 24.05
N VAL D 1254 -10.23 40.07 23.53
CA VAL D 1254 -9.18 40.65 24.30
C VAL D 1254 -8.91 42.03 23.76
N LYS D 1255 -8.99 43.01 24.66
CA LYS D 1255 -8.73 44.40 24.35
C LYS D 1255 -7.36 44.80 24.89
N GLU D 1256 -6.75 45.82 24.29
CA GLU D 1256 -5.58 46.46 24.89
C GLU D 1256 -5.86 47.94 25.09
N GLY D 1257 -6.83 48.22 25.95
CA GLY D 1257 -7.38 49.55 26.11
C GLY D 1257 -8.58 49.82 25.20
N GLU D 1258 -8.34 49.85 23.89
CA GLU D 1258 -9.36 50.24 22.89
C GLU D 1258 -9.39 49.30 21.68
N ASN D 1259 -8.43 48.39 21.60
CA ASN D 1259 -8.22 47.59 20.38
C ASN D 1259 -8.78 46.17 20.47
N VAL D 1260 -9.59 45.80 19.49
CA VAL D 1260 -10.04 44.42 19.34
C VAL D 1260 -8.91 43.54 18.80
N VAL D 1261 -8.00 43.07 19.66
CA VAL D 1261 -6.86 42.29 19.16
C VAL D 1261 -6.95 40.82 19.52
N GLY D 1262 -8.07 40.41 20.12
CA GLY D 1262 -8.23 39.03 20.56
C GLY D 1262 -9.61 38.40 20.50
N SER D 1263 -9.68 37.12 20.88
CA SER D 1263 -10.92 36.37 21.02
C SER D 1263 -10.74 35.36 22.15
N GLU D 1264 -11.46 35.57 23.24
CA GLU D 1264 -11.44 34.60 24.34
C GLU D 1264 -12.25 33.37 23.94
N THR D 1265 -11.61 32.22 24.06
CA THR D 1265 -12.15 31.03 23.44
C THR D 1265 -12.32 29.84 24.39
N ARG D 1266 -13.44 29.14 24.22
CA ARG D 1266 -13.77 27.91 24.96
C ARG D 1266 -14.03 26.78 24.02
N VAL D 1267 -13.28 25.72 24.25
CA VAL D 1267 -13.38 24.52 23.47
C VAL D 1267 -13.79 23.40 24.41
N LYS D 1268 -14.92 22.78 24.09
CA LYS D 1268 -15.41 21.62 24.82
C LYS D 1268 -15.04 20.36 24.06
N VAL D 1269 -14.50 19.37 24.78
CA VAL D 1269 -14.26 18.03 24.23
C VAL D 1269 -15.60 17.33 24.33
N VAL D 1270 -16.30 17.23 23.20
CA VAL D 1270 -17.67 16.71 23.24
C VAL D 1270 -17.66 15.22 23.07
N LYS D 1271 -16.96 14.73 22.05
CA LYS D 1271 -16.78 13.29 21.85
C LYS D 1271 -15.35 12.86 22.08
N ASN D 1272 -15.15 11.91 23.00
CA ASN D 1272 -13.82 11.46 23.38
C ASN D 1272 -13.73 9.97 23.57
N LYS D 1273 -13.46 9.25 22.49
CA LYS D 1273 -13.22 7.81 22.56
C LYS D 1273 -11.72 7.58 22.67
N ILE D 1274 -11.02 8.47 23.38
CA ILE D 1274 -9.58 8.29 23.60
C ILE D 1274 -9.27 8.28 25.10
N ALA D 1275 -10.03 9.07 25.83
CA ALA D 1275 -9.92 9.15 27.28
C ALA D 1275 -11.23 9.71 27.82
N ALA D 1276 -11.14 10.47 28.92
CA ALA D 1276 -12.31 11.06 29.52
C ALA D 1276 -12.95 12.19 28.67
N PRO D 1277 -14.25 12.06 28.37
CA PRO D 1277 -14.95 13.05 27.57
C PRO D 1277 -15.49 14.21 28.39
N PHE D 1278 -16.10 15.18 27.70
CA PHE D 1278 -16.81 16.32 28.32
C PHE D 1278 -15.99 17.27 29.19
N LYS D 1279 -14.67 17.25 29.01
CA LYS D 1279 -13.80 18.22 29.69
C LYS D 1279 -13.57 19.42 28.77
N GLN D 1280 -13.30 20.58 29.37
CA GLN D 1280 -13.19 21.81 28.61
C GLN D 1280 -11.96 22.63 28.96
N ALA D 1281 -11.61 23.52 28.05
CA ALA D 1281 -10.41 24.31 28.19
C ALA D 1281 -10.67 25.69 27.62
N GLU D 1282 -10.14 26.71 28.30
CA GLU D 1282 -10.28 28.11 27.84
C GLU D 1282 -8.90 28.73 27.52
N PHE D 1283 -8.86 29.64 26.55
CA PHE D 1283 -7.60 30.33 26.20
C PHE D 1283 -7.78 31.51 25.28
N GLN D 1284 -6.73 32.33 25.18
CA GLN D 1284 -6.71 33.50 24.29
C GLN D 1284 -6.19 33.15 22.88
N ILE D 1285 -6.89 33.65 21.84
CA ILE D 1285 -6.38 33.59 20.46
C ILE D 1285 -6.03 34.97 19.96
N LEU D 1286 -4.75 35.26 19.76
CA LEU D 1286 -4.39 36.58 19.33
C LEU D 1286 -4.30 36.71 17.82
N TYR D 1287 -5.09 37.63 17.29
CA TYR D 1287 -5.22 37.86 15.87
C TYR D 1287 -3.88 38.10 15.20
N GLY D 1288 -3.39 37.11 14.46
CA GLY D 1288 -2.14 37.31 13.72
C GLY D 1288 -0.89 36.98 14.52
N GLU D 1289 -1.10 36.20 15.57
CA GLU D 1289 0.00 35.60 16.33
C GLU D 1289 -0.42 34.17 16.59
N GLY D 1290 -1.64 33.99 17.09
CA GLY D 1290 -2.14 32.65 17.32
C GLY D 1290 -2.48 32.37 18.76
N ILE D 1291 -2.53 31.10 19.09
CA ILE D 1291 -2.83 30.69 20.43
C ILE D 1291 -1.81 31.28 21.40
N ASN D 1292 -2.18 31.23 22.65
CA ASN D 1292 -1.33 31.82 23.63
C ASN D 1292 -0.59 30.89 24.60
N PHE D 1293 0.46 30.26 24.08
CA PHE D 1293 1.36 29.32 24.79
C PHE D 1293 1.34 29.66 26.26
N TYR D 1294 1.70 30.91 26.54
CA TYR D 1294 1.97 31.39 27.88
C TYR D 1294 0.68 31.77 28.54
N GLY D 1295 -0.27 32.19 27.73
CA GLY D 1295 -1.59 32.57 28.21
C GLY D 1295 -2.16 31.48 29.09
N GLU D 1296 -2.50 30.35 28.46
CA GLU D 1296 -3.00 29.21 29.18
C GLU D 1296 -1.98 28.67 30.19
N LEU D 1297 -0.69 28.95 29.97
CA LEU D 1297 0.35 28.42 30.86
C LEU D 1297 0.25 29.01 32.24
N VAL D 1298 0.21 30.33 32.32
CA VAL D 1298 0.04 30.99 33.59
C VAL D 1298 -1.03 30.27 34.37
N ASP D 1299 -2.23 30.24 33.81
CA ASP D 1299 -3.43 29.64 34.44
C ASP D 1299 -3.22 28.22 34.96
N LEU D 1300 -2.55 27.41 34.15
CA LEU D 1300 -2.30 26.04 34.52
C LEU D 1300 -1.40 26.02 35.77
N GLY D 1301 -0.31 26.77 35.69
CA GLY D 1301 0.60 26.88 36.81
C GLY D 1301 -0.04 27.39 38.10
N VAL D 1302 -1.19 28.02 37.94
CA VAL D 1302 -1.92 28.52 39.08
C VAL D 1302 -2.64 27.38 39.76
N LYS D 1303 -3.39 26.62 38.97
CA LYS D 1303 -4.16 25.53 39.52
C LYS D 1303 -3.25 24.36 39.87
N GLU D 1304 -1.98 24.44 39.50
CA GLU D 1304 -1.02 23.43 39.96
C GLU D 1304 0.00 24.00 40.94
N LYS D 1305 -0.50 24.82 41.84
CA LYS D 1305 0.22 25.31 43.02
C LYS D 1305 1.64 25.85 42.78
N LEU D 1306 2.03 25.99 41.51
CA LEU D 1306 3.36 26.50 41.11
C LEU D 1306 3.47 28.03 41.07
N ILE D 1307 2.38 28.70 40.66
CA ILE D 1307 2.26 30.15 40.75
C ILE D 1307 1.06 30.44 41.63
N GLU D 1308 1.20 31.39 42.56
CA GLU D 1308 0.19 31.57 43.62
C GLU D 1308 -0.62 32.84 43.47
N LYS D 1309 -1.95 32.70 43.50
CA LYS D 1309 -2.87 33.83 43.30
C LYS D 1309 -3.11 34.54 44.63
N ALA D 1310 -2.61 35.77 44.74
CA ALA D 1310 -2.82 36.62 45.92
C ALA D 1310 -3.85 37.73 45.61
N GLY D 1311 -5.04 37.31 45.17
CA GLY D 1311 -6.05 38.22 44.63
C GLY D 1311 -5.71 38.66 43.21
N ALA D 1312 -4.99 39.77 43.10
CA ALA D 1312 -4.57 40.33 41.83
C ALA D 1312 -3.09 40.02 41.54
N TRP D 1313 -2.36 39.69 42.60
CA TRP D 1313 -0.93 39.49 42.53
C TRP D 1313 -0.61 38.05 42.12
N TYR D 1314 0.37 37.88 41.25
CA TYR D 1314 0.88 36.55 40.90
C TYR D 1314 2.32 36.32 41.44
N SER D 1315 2.53 35.20 42.15
CA SER D 1315 3.80 34.95 42.85
C SER D 1315 4.55 33.70 42.34
N TYR D 1316 5.89 33.73 42.43
CA TYR D 1316 6.74 32.59 42.06
C TYR D 1316 7.99 32.39 42.93
N LYS D 1317 7.91 31.41 43.83
CA LYS D 1317 8.92 31.15 44.85
C LYS D 1317 9.02 32.33 45.85
N GLY D 1318 7.86 32.83 46.27
CA GLY D 1318 7.78 34.01 47.14
C GLY D 1318 8.07 35.33 46.42
N GLU D 1319 8.49 35.22 45.16
CA GLU D 1319 8.86 36.35 44.30
C GLU D 1319 7.70 36.92 43.46
N LYS D 1320 7.60 38.24 43.43
CA LYS D 1320 6.55 38.94 42.68
C LYS D 1320 6.86 38.91 41.19
N ILE D 1321 5.89 38.49 40.39
CA ILE D 1321 6.11 38.35 38.95
C ILE D 1321 5.12 39.13 38.08
N GLY D 1322 3.89 39.29 38.55
CA GLY D 1322 2.90 40.05 37.80
C GLY D 1322 1.64 40.42 38.59
N GLN D 1323 1.06 41.56 38.25
CA GLN D 1323 -0.19 41.99 38.83
C GLN D 1323 -1.18 42.03 37.65
N GLY D 1324 -2.28 41.30 37.77
CA GLY D 1324 -3.26 41.15 36.67
C GLY D 1324 -2.80 40.18 35.59
N LYS D 1325 -3.62 39.14 35.32
CA LYS D 1325 -3.24 38.05 34.40
C LYS D 1325 -2.44 38.57 33.22
N ALA D 1326 -2.92 39.67 32.70
CA ALA D 1326 -2.26 40.43 31.66
C ALA D 1326 -0.73 40.40 31.81
N ASN D 1327 -0.23 41.22 32.73
CA ASN D 1327 1.20 41.44 32.86
C ASN D 1327 1.96 40.18 33.26
N ALA D 1328 1.23 39.27 33.89
CA ALA D 1328 1.79 37.98 34.30
C ALA D 1328 2.18 37.21 33.07
N THR D 1329 1.30 37.23 32.09
CA THR D 1329 1.55 36.54 30.85
C THR D 1329 2.87 37.05 30.30
N ALA D 1330 2.84 38.20 29.65
CA ALA D 1330 4.02 38.78 28.99
C ALA D 1330 5.30 38.85 29.88
N TRP D 1331 5.17 38.37 31.12
CA TRP D 1331 6.33 38.11 31.96
C TRP D 1331 7.01 36.80 31.55
N LEU D 1332 6.28 35.69 31.64
CA LEU D 1332 6.78 34.42 31.20
C LEU D 1332 7.34 34.49 29.81
N LYS D 1333 6.86 35.41 28.99
CA LYS D 1333 7.36 35.59 27.63
C LYS D 1333 8.82 35.98 27.67
N ASP D 1334 9.19 36.68 28.73
CA ASP D 1334 10.50 37.28 28.85
C ASP D 1334 11.45 36.48 29.75
N ASN D 1335 11.02 35.31 30.22
CA ASN D 1335 11.88 34.46 31.05
C ASN D 1335 11.85 33.01 30.62
N PRO D 1336 12.10 32.74 29.31
CA PRO D 1336 11.77 31.43 28.73
C PRO D 1336 12.26 30.32 29.64
N GLU D 1337 13.48 30.50 30.17
CA GLU D 1337 14.14 29.54 31.04
C GLU D 1337 13.18 29.05 32.12
N THR D 1338 12.80 29.97 33.01
CA THR D 1338 11.97 29.63 34.16
C THR D 1338 10.52 29.35 33.69
N ALA D 1339 10.29 29.50 32.40
CA ALA D 1339 8.98 29.23 31.83
C ALA D 1339 8.90 27.80 31.40
N LYS D 1340 9.73 27.48 30.41
CA LYS D 1340 9.91 26.12 29.94
C LYS D 1340 9.97 25.14 31.12
N GLU D 1341 10.52 25.60 32.24
CA GLU D 1341 10.70 24.75 33.42
C GLU D 1341 9.38 24.48 34.13
N ILE D 1342 8.44 25.41 34.01
CA ILE D 1342 7.11 25.18 34.51
C ILE D 1342 6.34 24.35 33.52
N GLU D 1343 6.53 24.63 32.24
CA GLU D 1343 5.90 23.84 31.19
C GLU D 1343 5.99 22.38 31.54
N LYS D 1344 7.22 21.87 31.57
CA LYS D 1344 7.47 20.46 31.87
C LYS D 1344 6.73 20.01 33.14
N LYS D 1345 6.88 20.74 34.25
CA LYS D 1345 6.37 20.26 35.56
C LYS D 1345 4.83 20.21 35.66
N VAL D 1346 4.15 20.70 34.63
CA VAL D 1346 2.72 20.56 34.51
C VAL D 1346 2.44 19.39 33.61
N ARG D 1347 3.20 19.31 32.52
CA ARG D 1347 3.16 18.17 31.63
C ARG D 1347 3.41 16.87 32.39
N GLU D 1348 4.25 16.93 33.43
CA GLU D 1348 4.51 15.76 34.28
C GLU D 1348 3.31 15.47 35.16
N LEU D 1349 2.54 16.51 35.47
CA LEU D 1349 1.38 16.40 36.37
C LEU D 1349 0.01 16.25 35.70
N LEU D 1350 0.00 16.22 34.36
CA LEU D 1350 -1.23 15.90 33.59
C LEU D 1350 -1.06 15.05 32.29
N LEU D 1351 0.13 14.45 32.09
CA LEU D 1351 0.45 13.58 30.93
C LEU D 1351 1.46 12.44 31.26
N VAL E 12 91.77 5.57 -17.77
CA VAL E 12 92.20 5.48 -16.33
C VAL E 12 92.15 4.03 -15.78
N GLU E 13 92.14 3.90 -14.44
CA GLU E 13 92.18 2.59 -13.74
C GLU E 13 90.80 1.95 -13.60
N THR E 14 90.76 0.60 -13.71
CA THR E 14 89.51 -0.16 -13.65
C THR E 14 89.58 -1.43 -12.81
N ILE E 15 88.52 -1.66 -12.04
CA ILE E 15 88.38 -2.84 -11.18
C ILE E 15 87.37 -3.79 -11.79
N SER E 16 87.73 -5.08 -11.83
CA SER E 16 86.87 -6.14 -12.38
C SER E 16 85.57 -6.31 -11.59
N THR E 17 84.45 -6.35 -12.30
CA THR E 17 83.13 -6.44 -11.67
C THR E 17 82.91 -7.77 -10.98
N GLY E 18 83.66 -8.77 -11.40
CA GLY E 18 83.40 -10.13 -10.98
C GLY E 18 82.80 -10.88 -12.14
N SER E 19 82.06 -10.20 -13.00
CA SER E 19 81.62 -10.79 -14.27
C SER E 19 82.46 -10.31 -15.44
N LEU E 20 82.64 -11.21 -16.39
CA LEU E 20 83.45 -10.94 -17.55
C LEU E 20 82.70 -10.02 -18.50
N SER E 21 81.45 -10.35 -18.79
CA SER E 21 80.72 -9.62 -19.81
C SER E 21 80.24 -8.27 -19.33
N LEU E 22 80.16 -8.10 -18.02
CA LEU E 22 79.88 -6.79 -17.47
C LEU E 22 81.02 -5.85 -17.82
N ASP E 23 82.24 -6.37 -17.63
CA ASP E 23 83.46 -5.63 -17.98
C ASP E 23 83.44 -5.29 -19.46
N ILE E 24 82.96 -6.23 -20.26
CA ILE E 24 82.90 -6.11 -21.72
C ILE E 24 81.94 -5.02 -22.18
N ALA E 25 80.74 -5.00 -21.58
CA ALA E 25 79.72 -4.02 -21.94
C ALA E 25 80.01 -2.64 -21.34
N LEU E 26 80.82 -2.63 -20.28
CA LEU E 26 81.33 -1.38 -19.73
C LEU E 26 82.21 -0.63 -20.74
N GLY E 27 82.96 -1.39 -21.55
CA GLY E 27 83.92 -0.85 -22.55
C GLY E 27 85.33 -0.60 -22.02
N ALA E 28 85.45 -0.70 -20.69
CA ALA E 28 86.63 -0.31 -19.92
C ALA E 28 87.31 -1.49 -19.24
N GLY E 29 86.65 -2.64 -19.21
CA GLY E 29 87.17 -3.83 -18.52
C GLY E 29 87.14 -3.63 -17.01
N GLY E 30 86.06 -3.02 -16.51
CA GLY E 30 85.90 -2.79 -15.08
C GLY E 30 85.22 -1.48 -14.76
N LEU E 31 85.13 -1.16 -13.47
CA LEU E 31 84.48 0.07 -12.99
C LEU E 31 85.44 1.22 -12.69
N PRO E 32 85.33 2.33 -13.46
CA PRO E 32 86.16 3.53 -13.36
C PRO E 32 86.46 4.04 -11.93
N MET E 33 87.72 3.88 -11.54
CA MET E 33 88.25 4.39 -10.27
C MET E 33 88.19 5.91 -10.22
N GLY E 34 87.74 6.42 -9.08
CA GLY E 34 87.64 7.87 -8.87
C GLY E 34 86.30 8.47 -9.27
N ARG E 35 85.36 7.61 -9.66
CA ARG E 35 84.04 8.04 -10.10
C ARG E 35 82.92 7.47 -9.24
N ILE E 36 81.72 8.00 -9.40
CA ILE E 36 80.57 7.46 -8.71
C ILE E 36 79.82 6.51 -9.61
N VAL E 37 79.48 5.35 -9.06
CA VAL E 37 78.83 4.26 -9.79
C VAL E 37 77.59 3.77 -9.06
N GLU E 38 76.47 3.83 -9.76
CA GLU E 38 75.18 3.45 -9.21
C GLU E 38 74.74 2.11 -9.79
N ILE E 39 74.43 1.18 -8.89
CA ILE E 39 73.82 -0.08 -9.28
C ILE E 39 72.44 -0.10 -8.69
N TYR E 40 71.46 -0.09 -9.57
CA TYR E 40 70.10 -0.04 -9.13
C TYR E 40 69.34 -1.20 -9.72
N GLY E 41 68.23 -1.55 -9.08
CA GLY E 41 67.36 -2.62 -9.57
C GLY E 41 66.51 -3.26 -8.48
N PRO E 42 65.41 -3.90 -8.86
CA PRO E 42 64.59 -4.68 -7.92
C PRO E 42 65.40 -5.41 -6.88
N GLU E 43 64.87 -5.45 -5.67
CA GLU E 43 65.53 -6.15 -4.57
C GLU E 43 65.66 -7.63 -4.90
N SER E 44 66.57 -8.29 -4.19
CA SER E 44 66.91 -9.69 -4.41
C SER E 44 67.13 -9.99 -5.90
N SER E 45 68.00 -9.21 -6.52
CA SER E 45 68.29 -9.40 -7.92
C SER E 45 69.77 -9.59 -8.11
N GLY E 46 70.50 -9.65 -7.01
CA GLY E 46 71.91 -9.94 -7.06
C GLY E 46 72.69 -8.68 -6.87
N LYS E 47 71.98 -7.65 -6.43
CA LYS E 47 72.56 -6.34 -6.21
C LYS E 47 73.83 -6.44 -5.33
N THR E 48 73.65 -6.96 -4.12
CA THR E 48 74.72 -7.12 -3.10
C THR E 48 75.81 -8.16 -3.47
N THR E 49 75.43 -9.22 -4.17
CA THR E 49 76.43 -10.16 -4.64
C THR E 49 77.43 -9.44 -5.54
N LEU E 50 76.92 -8.85 -6.62
CA LEU E 50 77.73 -8.12 -7.58
C LEU E 50 78.61 -7.13 -6.87
N THR E 51 78.02 -6.41 -5.92
CA THR E 51 78.75 -5.53 -5.02
C THR E 51 79.90 -6.28 -4.32
N LEU E 52 79.55 -7.27 -3.50
CA LEU E 52 80.56 -7.99 -2.75
C LEU E 52 81.60 -8.61 -3.64
N GLN E 53 81.29 -8.63 -4.93
CA GLN E 53 82.20 -9.21 -5.90
C GLN E 53 83.33 -8.27 -6.32
N VAL E 54 83.02 -6.98 -6.36
CA VAL E 54 84.05 -6.03 -6.70
C VAL E 54 84.94 -5.83 -5.48
N ILE E 55 84.35 -5.96 -4.30
CA ILE E 55 85.11 -5.85 -3.06
C ILE E 55 86.06 -7.02 -2.97
N ALA E 56 85.66 -8.14 -3.57
CA ALA E 56 86.52 -9.32 -3.66
C ALA E 56 87.69 -9.06 -4.59
N ALA E 57 87.39 -8.78 -5.87
CA ALA E 57 88.42 -8.59 -6.92
C ALA E 57 89.47 -7.53 -6.58
N ALA E 58 89.05 -6.50 -5.85
CA ALA E 58 89.93 -5.44 -5.40
C ALA E 58 90.68 -5.83 -4.13
N GLN E 59 90.03 -6.63 -3.29
CA GLN E 59 90.58 -7.06 -2.00
C GLN E 59 91.79 -8.00 -2.17
N ARG E 60 91.85 -8.64 -3.33
CA ARG E 60 92.91 -9.59 -3.65
C ARG E 60 93.99 -8.82 -4.39
N GLU E 61 94.05 -7.51 -4.13
CA GLU E 61 95.08 -6.65 -4.66
C GLU E 61 95.46 -5.50 -3.69
N GLY E 62 95.36 -5.77 -2.38
CA GLY E 62 95.65 -4.77 -1.35
C GLY E 62 94.48 -3.83 -1.12
N LYS E 63 94.27 -2.92 -2.09
CA LYS E 63 93.19 -1.89 -2.15
C LYS E 63 92.13 -1.99 -1.02
N THR E 64 92.42 -1.46 0.18
CA THR E 64 91.52 -1.61 1.33
C THR E 64 90.18 -0.89 1.10
N CYS E 65 89.10 -1.54 1.53
CA CYS E 65 87.74 -1.14 1.16
C CYS E 65 86.74 -0.84 2.24
N ALA E 66 85.81 0.04 1.91
CA ALA E 66 84.86 0.56 2.84
C ALA E 66 83.46 0.14 2.48
N PHE E 67 82.71 -0.22 3.52
CA PHE E 67 81.34 -0.67 3.39
C PHE E 67 80.41 0.16 4.26
N ILE E 68 79.76 1.14 3.65
CA ILE E 68 78.86 2.02 4.35
C ILE E 68 77.52 1.34 4.48
N ASP E 69 77.24 0.86 5.70
CA ASP E 69 76.07 0.00 5.92
C ASP E 69 74.91 0.59 6.71
N ALA E 70 73.75 0.65 6.07
CA ALA E 70 72.57 1.11 6.75
C ALA E 70 71.50 0.05 6.65
N GLU E 71 71.78 -1.00 5.87
CA GLU E 71 70.85 -2.12 5.74
C GLU E 71 70.93 -3.08 6.92
N HIS E 72 72.13 -3.19 7.49
CA HIS E 72 72.44 -4.17 8.53
C HIS E 72 72.12 -5.56 7.98
N ALA E 73 72.48 -5.79 6.71
CA ALA E 73 72.17 -7.04 6.01
C ALA E 73 73.36 -8.02 5.96
N LEU E 74 74.07 -8.05 4.83
CA LEU E 74 75.39 -8.68 4.71
C LEU E 74 75.66 -9.97 5.52
N ASP E 75 75.75 -11.09 4.82
CA ASP E 75 76.10 -12.37 5.44
C ASP E 75 77.62 -12.55 5.41
N PRO E 76 78.29 -12.44 6.57
CA PRO E 76 79.73 -12.59 6.57
C PRO E 76 80.17 -13.85 5.84
N ILE E 77 79.40 -14.92 6.00
CA ILE E 77 79.77 -16.24 5.47
C ILE E 77 79.65 -16.28 3.96
N TYR E 78 78.49 -15.83 3.47
CA TYR E 78 78.26 -15.71 2.04
C TYR E 78 79.35 -14.82 1.43
N ALA E 79 79.74 -13.79 2.17
CA ALA E 79 80.82 -12.94 1.71
C ALA E 79 82.09 -13.74 1.58
N ARG E 80 82.42 -14.53 2.59
CA ARG E 80 83.69 -15.24 2.66
C ARG E 80 83.84 -16.12 1.42
N LYS E 81 82.75 -16.77 1.04
CA LYS E 81 82.77 -17.70 -0.10
C LYS E 81 82.73 -16.96 -1.43
N LEU E 82 82.29 -15.71 -1.40
CA LEU E 82 82.40 -14.90 -2.58
C LEU E 82 83.84 -14.44 -2.78
N GLY E 83 84.60 -14.37 -1.68
CA GLY E 83 86.05 -14.14 -1.71
C GLY E 83 86.56 -12.81 -1.20
N VAL E 84 85.91 -12.27 -0.17
CA VAL E 84 86.30 -10.99 0.40
C VAL E 84 87.14 -11.18 1.66
N ASP E 85 88.26 -10.46 1.75
CA ASP E 85 89.05 -10.48 2.97
C ASP E 85 88.24 -9.73 4.02
N ILE E 86 87.43 -10.47 4.74
CA ILE E 86 86.49 -9.90 5.68
C ILE E 86 87.23 -9.23 6.82
N ASP E 87 88.23 -9.92 7.33
CA ASP E 87 89.00 -9.42 8.44
C ASP E 87 89.65 -8.05 8.17
N ASN E 88 89.68 -7.66 6.90
CA ASN E 88 90.35 -6.44 6.46
C ASN E 88 89.39 -5.51 5.73
N LEU E 89 88.13 -5.54 6.13
CA LEU E 89 87.13 -4.73 5.46
C LEU E 89 86.58 -3.67 6.39
N LEU E 90 86.31 -2.48 5.87
CA LEU E 90 85.83 -1.41 6.70
C LEU E 90 84.35 -1.28 6.48
N CYS E 91 83.60 -1.26 7.58
CA CYS E 91 82.14 -1.05 7.52
C CYS E 91 81.75 0.22 8.29
N SER E 92 80.66 0.86 7.86
CA SER E 92 80.22 2.11 8.45
C SER E 92 78.86 1.89 9.05
N GLN E 93 78.80 1.87 10.37
CA GLN E 93 77.53 1.66 11.07
C GLN E 93 76.95 3.00 11.51
N PRO E 94 76.47 3.84 10.57
CA PRO E 94 76.29 5.25 10.86
C PRO E 94 75.16 5.48 11.83
N ASP E 95 75.15 6.66 12.45
CA ASP E 95 74.07 7.07 13.35
C ASP E 95 72.91 7.74 12.57
N THR E 96 73.21 8.26 11.37
CA THR E 96 72.20 8.91 10.50
C THR E 96 72.64 8.94 9.06
N GLY E 97 71.70 9.27 8.20
CA GLY E 97 71.92 9.36 6.77
C GLY E 97 72.84 10.49 6.43
N GLU E 98 72.70 11.59 7.13
CA GLU E 98 73.68 12.66 7.00
C GLU E 98 75.05 12.09 7.35
N GLN E 99 75.26 11.82 8.64
CA GLN E 99 76.54 11.28 9.15
C GLN E 99 77.11 10.23 8.19
N ALA E 100 76.26 9.34 7.70
CA ALA E 100 76.69 8.36 6.72
C ALA E 100 77.31 9.07 5.53
N LEU E 101 76.52 9.91 4.88
CA LEU E 101 76.96 10.63 3.70
C LEU E 101 78.08 11.62 4.00
N GLU E 102 78.73 11.47 5.14
CA GLU E 102 79.89 12.30 5.52
C GLU E 102 81.10 11.45 5.85
N ILE E 103 80.83 10.24 6.36
CA ILE E 103 81.90 9.33 6.72
C ILE E 103 82.48 8.79 5.44
N CYS E 104 81.60 8.48 4.51
CA CYS E 104 82.02 8.08 3.18
C CYS E 104 82.80 9.21 2.49
N ASP E 105 82.41 10.46 2.79
CA ASP E 105 83.11 11.62 2.26
C ASP E 105 84.51 11.68 2.85
N ALA E 106 84.57 11.52 4.16
CA ALA E 106 85.82 11.66 4.89
C ALA E 106 86.85 10.65 4.41
N LEU E 107 86.39 9.48 3.99
CA LEU E 107 87.31 8.46 3.52
C LEU E 107 87.80 8.78 2.13
N ALA E 108 86.95 9.45 1.37
CA ALA E 108 87.31 9.87 0.03
C ALA E 108 88.54 10.75 0.09
N ARG E 109 88.58 11.62 1.09
CA ARG E 109 89.68 12.57 1.27
C ARG E 109 90.97 11.85 1.64
N SER E 110 90.85 10.80 2.45
CA SER E 110 92.01 10.16 3.06
C SER E 110 92.81 9.27 2.11
N GLY E 111 92.91 9.69 0.85
CA GLY E 111 93.91 9.22 -0.15
C GLY E 111 93.92 7.73 -0.50
N ALA E 112 94.45 6.93 0.43
CA ALA E 112 94.52 5.47 0.30
C ALA E 112 93.39 4.75 1.11
N VAL E 113 92.15 5.02 0.71
CA VAL E 113 91.04 4.12 0.99
C VAL E 113 90.38 3.98 -0.34
N ASP E 114 90.41 2.77 -0.88
CA ASP E 114 90.33 2.62 -2.32
C ASP E 114 88.96 2.56 -2.95
N VAL E 115 88.11 1.66 -2.48
CA VAL E 115 86.74 1.63 -3.00
C VAL E 115 85.65 1.50 -1.91
N ILE E 116 84.68 2.40 -2.02
CA ILE E 116 83.65 2.58 -1.00
C ILE E 116 82.32 2.07 -1.52
N VAL E 117 81.60 1.35 -0.66
CA VAL E 117 80.29 0.79 -1.03
C VAL E 117 79.17 1.14 -0.04
N VAL E 118 78.11 1.74 -0.55
CA VAL E 118 77.02 2.26 0.28
C VAL E 118 75.81 1.38 0.17
N ASP E 119 75.29 0.99 1.32
CA ASP E 119 74.22 0.01 1.46
C ASP E 119 73.24 0.46 2.56
N SER E 120 72.12 1.06 2.18
CA SER E 120 71.76 1.35 0.79
C SER E 120 71.13 2.72 0.65
N VAL E 121 71.09 3.22 -0.58
CA VAL E 121 70.52 4.52 -0.85
C VAL E 121 69.23 4.72 -0.09
N ALA E 122 68.38 3.71 -0.19
CA ALA E 122 67.07 3.78 0.43
C ALA E 122 67.13 3.91 1.96
N ALA E 123 68.11 3.22 2.57
CA ALA E 123 68.24 3.18 4.03
C ALA E 123 69.06 4.34 4.63
N LEU E 124 69.56 5.20 3.74
CA LEU E 124 70.19 6.48 4.10
C LEU E 124 69.13 7.52 4.45
N THR E 125 68.42 7.24 5.55
CA THR E 125 67.27 8.02 5.98
C THR E 125 67.77 9.26 6.71
N PRO E 126 67.39 10.46 6.23
CA PRO E 126 67.81 11.78 6.74
C PRO E 126 67.71 11.96 8.26
N LYS E 127 68.60 12.79 8.82
CA LYS E 127 68.62 13.05 10.26
C LYS E 127 67.29 13.63 10.68
N ALA E 128 66.69 14.38 9.76
CA ALA E 128 65.36 14.94 9.95
C ALA E 128 64.33 13.83 10.24
N GLU E 129 64.19 12.85 9.35
CA GLU E 129 63.20 11.76 9.52
C GLU E 129 63.44 11.06 10.85
N ILE E 130 64.71 10.87 11.19
CA ILE E 130 65.07 10.15 12.39
C ILE E 130 64.44 10.78 13.62
N GLU E 131 64.02 12.06 13.52
CA GLU E 131 63.02 12.65 14.48
C GLU E 131 61.52 12.92 13.99
N GLY E 132 61.26 12.79 12.69
CA GLY E 132 59.93 13.11 12.10
C GLY E 132 59.70 14.60 11.93
N GLU E 133 60.31 15.34 12.84
CA GLU E 133 60.31 16.81 12.93
C GLU E 133 58.97 17.47 12.62
N ILE E 134 58.50 18.25 13.60
CA ILE E 134 57.10 18.77 13.74
C ILE E 134 56.38 19.00 12.40
N SER E 137 55.29 18.03 -0.54
CA SER E 137 56.27 16.96 -0.69
C SER E 137 55.85 15.59 -0.09
N HIS E 138 56.10 14.50 -0.83
CA HIS E 138 56.03 13.10 -0.34
C HIS E 138 56.88 13.04 0.97
N MET E 139 58.20 12.81 0.80
CA MET E 139 59.25 13.31 1.70
C MET E 139 60.16 14.20 0.86
N GLY E 140 60.86 13.66 -0.16
CA GLY E 140 61.72 14.57 -0.92
C GLY E 140 62.81 15.26 -0.11
N LEU E 141 62.96 14.89 1.17
CA LEU E 141 64.02 15.43 2.03
C LEU E 141 65.36 14.74 1.78
N ALA E 142 65.28 13.50 1.31
CA ALA E 142 66.45 12.69 0.95
C ALA E 142 67.05 13.10 -0.38
N ALA E 143 66.19 13.36 -1.38
CA ALA E 143 66.61 13.88 -2.70
C ALA E 143 67.34 15.26 -2.59
N ARG E 144 67.26 15.87 -1.41
CA ARG E 144 67.93 17.14 -1.11
C ARG E 144 69.12 16.99 -0.14
N MET E 145 69.11 15.96 0.71
CA MET E 145 70.32 15.56 1.44
C MET E 145 71.35 15.02 0.45
N MET E 146 70.85 14.38 -0.61
CA MET E 146 71.65 13.96 -1.76
C MET E 146 72.27 15.19 -2.43
N SER E 147 71.41 16.03 -3.03
CA SER E 147 71.83 17.25 -3.73
C SER E 147 72.91 18.02 -2.95
N GLN E 148 72.93 17.78 -1.64
CA GLN E 148 73.79 18.47 -0.68
C GLN E 148 75.26 18.04 -0.80
N ALA E 149 75.73 17.19 0.13
CA ALA E 149 77.14 16.80 0.20
C ALA E 149 77.59 15.91 -1.00
N MET E 150 77.02 16.18 -2.18
CA MET E 150 77.26 15.43 -3.41
C MET E 150 78.36 16.01 -4.30
N ARG E 151 78.28 17.31 -4.57
CA ARG E 151 79.36 18.04 -5.24
C ARG E 151 80.67 17.82 -4.50
N LYS E 152 80.64 18.04 -3.18
CA LYS E 152 81.80 17.86 -2.28
C LYS E 152 82.44 16.46 -2.41
N LEU E 153 81.60 15.44 -2.66
CA LEU E 153 82.11 14.10 -2.91
C LEU E 153 82.59 13.92 -4.33
N ALA E 154 81.80 14.41 -5.27
CA ALA E 154 82.12 14.30 -6.70
C ALA E 154 83.61 14.52 -6.99
N GLY E 155 84.21 15.47 -6.28
CA GLY E 155 85.61 15.91 -6.47
C GLY E 155 86.64 15.28 -5.54
N ASN E 156 86.20 14.85 -4.35
CA ASN E 156 87.08 14.16 -3.41
C ASN E 156 87.43 12.72 -3.86
N LEU E 157 87.03 12.38 -5.07
CA LEU E 157 87.22 11.05 -5.59
C LEU E 157 88.21 11.02 -6.72
N LYS E 158 88.03 11.92 -7.69
CA LYS E 158 89.03 12.16 -8.72
C LYS E 158 90.36 12.55 -8.07
N GLN E 159 90.30 12.85 -6.76
CA GLN E 159 91.47 13.18 -5.95
C GLN E 159 92.26 11.92 -5.57
N SER E 160 91.54 10.89 -5.09
CA SER E 160 92.14 9.69 -4.46
C SER E 160 92.16 8.45 -5.35
N ASN E 161 91.57 8.57 -6.54
CA ASN E 161 91.17 7.42 -7.35
C ASN E 161 90.16 6.55 -6.60
N THR E 162 89.52 7.16 -5.59
CA THR E 162 88.53 6.48 -4.76
C THR E 162 87.23 6.19 -5.54
N LEU E 163 86.91 4.91 -5.73
CA LEU E 163 85.69 4.47 -6.43
C LEU E 163 84.52 4.28 -5.47
N LEU E 164 83.42 4.96 -5.74
CA LEU E 164 82.26 4.89 -4.86
C LEU E 164 81.08 4.28 -5.58
N ILE E 165 80.54 3.23 -4.97
CA ILE E 165 79.47 2.45 -5.54
C ILE E 165 78.20 2.53 -4.70
N PHE E 166 77.15 3.07 -5.32
CA PHE E 166 75.85 3.26 -4.66
C PHE E 166 74.85 2.18 -5.09
N ILE E 167 74.15 1.56 -4.14
CA ILE E 167 73.10 0.58 -4.46
C ILE E 167 71.67 1.06 -4.15
N ASN E 168 70.78 0.96 -5.15
CA ASN E 168 69.49 1.64 -5.11
C ASN E 168 68.37 0.68 -5.63
N GLN E 169 67.08 1.09 -5.50
CA GLN E 169 65.84 0.33 -5.99
C GLN E 169 64.88 1.14 -6.94
N GLY E 186 64.83 7.20 -5.72
CA GLY E 186 64.59 8.16 -4.64
C GLY E 186 65.70 9.16 -4.38
N GLY E 187 66.06 9.98 -5.38
CA GLY E 187 67.06 11.05 -5.23
C GLY E 187 67.77 11.48 -6.51
N ASN E 188 67.18 12.45 -7.22
CA ASN E 188 67.59 12.82 -8.60
C ASN E 188 68.98 13.50 -8.75
N ALA E 189 69.62 13.79 -7.62
CA ALA E 189 70.97 14.33 -7.63
C ALA E 189 71.99 13.28 -8.09
N LEU E 190 72.05 12.15 -7.36
CA LEU E 190 72.99 11.08 -7.65
C LEU E 190 73.05 10.69 -9.12
N LYS E 191 71.91 10.81 -9.80
CA LYS E 191 71.80 10.44 -11.21
C LYS E 191 72.90 11.04 -12.09
N PHE E 192 73.18 12.33 -11.94
CA PHE E 192 74.05 13.04 -12.86
C PHE E 192 75.52 13.00 -12.49
N TYR E 193 75.80 12.73 -11.21
CA TYR E 193 77.17 12.71 -10.70
C TYR E 193 77.77 11.31 -10.80
N ALA E 194 76.94 10.37 -11.20
CA ALA E 194 77.40 9.02 -11.49
C ALA E 194 78.05 9.00 -12.85
N SER E 195 79.24 8.40 -12.92
CA SER E 195 79.90 8.22 -14.20
C SER E 195 79.41 6.94 -14.86
N VAL E 196 78.88 6.03 -14.03
CA VAL E 196 78.37 4.76 -14.53
C VAL E 196 77.17 4.24 -13.74
N ARG E 197 76.17 3.74 -14.46
CA ARG E 197 74.97 3.18 -13.85
C ARG E 197 74.57 1.81 -14.39
N LEU E 198 74.17 0.94 -13.47
CA LEU E 198 73.81 -0.44 -13.79
C LEU E 198 72.38 -0.85 -13.42
N ASP E 199 71.69 -1.53 -14.35
CA ASP E 199 70.30 -2.06 -14.19
C ASP E 199 70.27 -3.58 -14.04
N ILE E 200 70.57 -4.03 -12.83
CA ILE E 200 70.58 -5.44 -12.51
C ILE E 200 69.13 -5.86 -12.33
N ARG E 201 68.79 -7.04 -12.84
CA ARG E 201 67.47 -7.64 -12.62
C ARG E 201 67.54 -9.15 -12.73
N ARG E 202 66.84 -9.86 -11.84
CA ARG E 202 66.76 -11.31 -11.92
C ARG E 202 65.66 -11.68 -12.92
N ILE E 203 66.03 -12.41 -13.98
CA ILE E 203 65.13 -12.63 -15.11
C ILE E 203 64.95 -14.08 -15.49
N GLY E 204 65.55 -14.97 -14.73
CA GLY E 204 65.42 -16.39 -15.02
C GLY E 204 65.59 -17.26 -13.81
N ALA E 205 66.40 -18.30 -13.97
CA ALA E 205 66.77 -19.22 -12.92
C ALA E 205 67.51 -20.38 -13.59
N VAL E 206 68.47 -20.96 -12.89
CA VAL E 206 69.23 -22.07 -13.49
C VAL E 206 69.03 -23.35 -12.68
N LYS E 207 68.85 -24.44 -13.41
CA LYS E 207 68.51 -25.74 -12.81
C LYS E 207 69.61 -26.81 -13.01
N GLU E 208 69.67 -27.79 -12.10
CA GLU E 208 70.48 -29.00 -12.29
C GLU E 208 69.53 -30.15 -12.52
N GLY E 209 68.73 -30.04 -13.58
CA GLY E 209 67.63 -30.96 -13.81
C GLY E 209 66.42 -30.68 -12.93
N GLU E 210 66.58 -30.83 -11.61
CA GLU E 210 65.44 -30.85 -10.67
C GLU E 210 65.52 -29.88 -9.51
N ASN E 211 66.31 -28.82 -9.65
CA ASN E 211 66.54 -27.90 -8.53
C ASN E 211 66.62 -26.40 -8.82
N VAL E 212 66.42 -25.60 -7.78
CA VAL E 212 66.44 -24.15 -7.89
C VAL E 212 67.84 -23.60 -8.22
N VAL E 213 68.79 -23.89 -7.33
CA VAL E 213 70.20 -23.42 -7.28
C VAL E 213 70.71 -22.20 -8.11
N GLY E 214 70.05 -21.89 -9.23
CA GLY E 214 70.49 -20.77 -10.08
C GLY E 214 69.66 -19.50 -10.02
N SER E 215 70.14 -18.49 -10.75
CA SER E 215 69.46 -17.20 -10.88
C SER E 215 70.03 -16.48 -12.12
N GLU E 216 69.46 -16.75 -13.29
CA GLU E 216 69.92 -16.11 -14.53
C GLU E 216 69.70 -14.58 -14.44
N THR E 217 70.80 -13.81 -14.49
CA THR E 217 70.78 -12.36 -14.26
C THR E 217 71.16 -11.52 -15.49
N ARG E 218 70.58 -10.32 -15.57
CA ARG E 218 70.71 -9.46 -16.74
C ARG E 218 71.00 -8.03 -16.30
N VAL E 219 72.18 -7.57 -16.67
CA VAL E 219 72.66 -6.26 -16.28
C VAL E 219 72.77 -5.37 -17.51
N LYS E 220 72.16 -4.20 -17.41
CA LYS E 220 72.12 -3.23 -18.49
C LYS E 220 72.99 -2.01 -18.09
N VAL E 221 73.80 -1.52 -19.04
CA VAL E 221 74.60 -0.32 -18.82
C VAL E 221 73.77 0.86 -19.28
N VAL E 222 73.29 1.66 -18.32
CA VAL E 222 72.44 2.81 -18.67
C VAL E 222 73.25 4.10 -18.81
N LYS E 223 74.16 4.36 -17.87
CA LYS E 223 75.04 5.52 -17.96
C LYS E 223 76.54 5.18 -18.11
N ASN E 224 77.15 5.73 -19.16
CA ASN E 224 78.56 5.52 -19.46
C ASN E 224 79.17 6.74 -20.16
N LYS E 225 79.93 7.51 -19.38
CA LYS E 225 80.74 8.62 -19.88
C LYS E 225 82.19 8.18 -20.00
N ILE E 226 82.42 6.90 -19.69
CA ILE E 226 83.73 6.27 -19.80
C ILE E 226 83.97 5.58 -21.17
N ALA E 227 82.91 4.97 -21.73
CA ALA E 227 82.98 4.43 -23.11
C ALA E 227 81.68 4.64 -23.91
N ALA E 228 81.02 3.54 -24.26
CA ALA E 228 79.73 3.57 -24.95
C ALA E 228 78.59 3.05 -24.05
N PRO E 229 77.50 3.84 -23.89
CA PRO E 229 76.31 3.39 -23.13
C PRO E 229 75.44 2.36 -23.90
N PHE E 230 74.27 2.00 -23.34
CA PHE E 230 73.24 1.19 -24.02
C PHE E 230 73.55 -0.30 -24.25
N LYS E 231 74.80 -0.71 -24.04
CA LYS E 231 75.17 -2.13 -24.20
C LYS E 231 74.81 -2.92 -22.95
N GLN E 232 74.26 -4.13 -23.14
CA GLN E 232 73.85 -5.02 -22.05
C GLN E 232 74.63 -6.34 -22.04
N ALA E 233 74.71 -6.96 -20.87
CA ALA E 233 75.47 -8.21 -20.71
C ALA E 233 74.82 -9.16 -19.71
N GLU E 234 74.81 -10.46 -20.03
CA GLU E 234 74.07 -11.50 -19.27
C GLU E 234 74.98 -12.54 -18.63
N PHE E 235 74.55 -13.07 -17.48
CA PHE E 235 75.33 -14.07 -16.75
C PHE E 235 74.54 -14.86 -15.71
N GLN E 236 75.22 -15.48 -14.75
CA GLN E 236 74.59 -16.37 -13.76
C GLN E 236 75.08 -16.15 -12.33
N ILE E 237 74.20 -16.46 -11.36
CA ILE E 237 74.54 -16.39 -9.94
C ILE E 237 74.17 -17.68 -9.23
N LEU E 238 75.11 -18.26 -8.50
CA LEU E 238 74.83 -19.51 -7.82
C LEU E 238 74.67 -19.33 -6.32
N TYR E 239 73.59 -19.91 -5.80
CA TYR E 239 73.26 -19.87 -4.37
C TYR E 239 74.41 -20.35 -3.49
N GLY E 240 75.17 -19.42 -2.95
CA GLY E 240 76.26 -19.78 -2.02
C GLY E 240 77.60 -19.96 -2.69
N GLU E 241 77.74 -19.38 -3.90
CA GLU E 241 79.01 -19.39 -4.62
C GLU E 241 79.34 -18.13 -5.46
N GLY E 242 78.32 -17.41 -5.92
CA GLY E 242 78.54 -16.10 -6.58
C GLY E 242 78.76 -16.16 -8.07
N ILE E 243 79.10 -15.03 -8.68
CA ILE E 243 79.17 -14.93 -10.13
C ILE E 243 80.03 -16.01 -10.76
N ASN E 244 79.57 -16.47 -11.97
CA ASN E 244 80.27 -17.55 -12.65
C ASN E 244 80.89 -17.19 -14.00
N PHE E 245 82.07 -16.56 -13.94
CA PHE E 245 82.70 -16.07 -15.17
C PHE E 245 83.28 -17.18 -16.01
N TYR E 246 83.52 -18.33 -15.38
CA TYR E 246 83.90 -19.53 -16.11
C TYR E 246 82.72 -19.94 -16.98
N GLY E 247 81.53 -19.87 -16.40
CA GLY E 247 80.29 -20.17 -17.09
C GLY E 247 80.22 -19.38 -18.38
N GLU E 248 80.35 -18.06 -18.27
CA GLU E 248 80.28 -17.18 -19.43
C GLU E 248 81.53 -17.25 -20.33
N LEU E 249 82.64 -17.70 -19.75
CA LEU E 249 83.89 -17.79 -20.48
C LEU E 249 83.74 -18.75 -21.64
N VAL E 250 83.30 -19.97 -21.33
CA VAL E 250 83.04 -20.99 -22.32
C VAL E 250 82.27 -20.34 -23.47
N ASP E 251 81.10 -19.78 -23.13
CA ASP E 251 80.20 -19.14 -24.09
C ASP E 251 80.90 -18.06 -24.93
N LEU E 252 81.86 -17.36 -24.31
CA LEU E 252 82.58 -16.32 -25.00
C LEU E 252 83.63 -16.92 -25.93
N GLY E 253 84.21 -18.03 -25.50
CA GLY E 253 85.17 -18.76 -26.32
C GLY E 253 84.50 -19.38 -27.53
N VAL E 254 83.21 -19.63 -27.40
CA VAL E 254 82.42 -20.20 -28.50
C VAL E 254 82.38 -19.21 -29.66
N LYS E 255 81.86 -18.02 -29.42
CA LYS E 255 81.68 -17.04 -30.50
C LYS E 255 83.01 -16.50 -31.02
N GLU E 256 84.05 -16.60 -30.20
CA GLU E 256 85.35 -16.03 -30.57
C GLU E 256 86.39 -17.07 -31.00
N LYS E 257 85.91 -18.09 -31.73
CA LYS E 257 86.73 -19.14 -32.37
C LYS E 257 87.52 -20.03 -31.40
N LEU E 258 88.22 -19.42 -30.45
CA LEU E 258 89.13 -20.11 -29.51
C LEU E 258 88.68 -21.48 -28.98
N ILE E 259 87.37 -21.60 -28.69
CA ILE E 259 86.78 -22.88 -28.29
C ILE E 259 85.90 -23.42 -29.42
N GLU E 260 86.00 -24.72 -29.68
CA GLU E 260 85.23 -25.35 -30.76
C GLU E 260 84.12 -26.25 -30.22
N LYS E 261 82.92 -26.06 -30.78
CA LYS E 261 81.73 -26.83 -30.40
C LYS E 261 81.46 -27.95 -31.41
N ALA E 262 81.67 -29.19 -30.98
CA ALA E 262 81.41 -30.36 -31.82
C ALA E 262 80.07 -31.01 -31.43
N GLY E 263 79.03 -30.18 -31.32
CA GLY E 263 77.69 -30.63 -30.93
C GLY E 263 77.44 -30.65 -29.43
N ALA E 264 77.89 -31.72 -28.78
CA ALA E 264 77.81 -31.87 -27.32
C ALA E 264 79.19 -31.74 -26.66
N TRP E 265 80.17 -32.51 -27.16
CA TRP E 265 81.55 -32.46 -26.64
C TRP E 265 82.26 -31.15 -27.06
N TYR E 266 82.63 -30.34 -26.08
CA TYR E 266 83.35 -29.09 -26.33
C TYR E 266 84.85 -29.32 -26.54
N SER E 267 85.50 -28.47 -27.33
CA SER E 267 86.92 -28.67 -27.69
C SER E 267 87.80 -27.44 -27.47
N TYR E 268 89.11 -27.68 -27.38
CA TYR E 268 90.14 -26.63 -27.35
C TYR E 268 91.30 -26.96 -28.32
N LYS E 269 90.96 -27.04 -29.61
CA LYS E 269 91.87 -27.45 -30.71
C LYS E 269 92.54 -28.81 -30.49
N GLY E 270 91.80 -29.89 -30.73
CA GLY E 270 92.31 -31.26 -30.53
C GLY E 270 92.15 -31.80 -29.11
N GLU E 271 92.64 -31.02 -28.14
CA GLU E 271 92.53 -31.29 -26.69
C GLU E 271 91.09 -31.22 -26.15
N LYS E 272 90.44 -32.39 -26.03
CA LYS E 272 89.05 -32.49 -25.55
C LYS E 272 88.89 -32.06 -24.08
N ILE E 273 87.87 -31.26 -23.80
CA ILE E 273 87.72 -30.60 -22.49
C ILE E 273 86.56 -31.09 -21.61
N GLY E 274 85.43 -31.45 -22.22
CA GLY E 274 84.31 -32.01 -21.48
C GLY E 274 83.04 -32.24 -22.27
N GLN E 275 82.07 -32.89 -21.63
CA GLN E 275 80.76 -33.18 -22.22
C GLN E 275 79.62 -32.27 -21.69
N GLY E 276 79.03 -31.47 -22.58
CA GLY E 276 77.98 -30.49 -22.23
C GLY E 276 78.53 -29.13 -21.83
N LYS E 277 77.66 -28.23 -21.37
CA LYS E 277 78.14 -26.98 -20.79
C LYS E 277 78.45 -27.20 -19.29
N ALA E 278 77.89 -28.27 -18.73
CA ALA E 278 78.03 -28.61 -17.30
C ALA E 278 79.45 -29.03 -16.90
N ASN E 279 80.09 -29.82 -17.76
CA ASN E 279 81.48 -30.25 -17.54
C ASN E 279 82.53 -29.32 -18.15
N ALA E 280 82.13 -28.55 -19.17
CA ALA E 280 83.02 -27.59 -19.85
C ALA E 280 83.37 -26.45 -18.90
N THR E 281 82.37 -26.01 -18.15
CA THR E 281 82.55 -25.07 -17.07
C THR E 281 83.32 -25.75 -15.94
N ALA E 282 82.89 -26.96 -15.56
CA ALA E 282 83.49 -27.70 -14.44
C ALA E 282 84.98 -28.09 -14.62
N TRP E 283 85.53 -27.87 -15.83
CA TRP E 283 86.94 -28.15 -16.12
C TRP E 283 87.85 -26.93 -15.95
N LEU E 284 87.41 -25.79 -16.49
CA LEU E 284 88.21 -24.57 -16.38
C LEU E 284 88.40 -24.15 -14.92
N LYS E 285 87.73 -24.86 -14.02
CA LYS E 285 87.85 -24.68 -12.57
C LYS E 285 89.11 -25.37 -12.05
N ASP E 286 89.36 -26.59 -12.55
CA ASP E 286 90.56 -27.39 -12.21
C ASP E 286 91.86 -26.85 -12.87
N ASN E 287 91.73 -26.16 -14.01
CA ASN E 287 92.87 -25.62 -14.78
C ASN E 287 92.97 -24.08 -14.72
N PRO E 288 93.75 -23.53 -13.76
CA PRO E 288 93.78 -22.08 -13.57
C PRO E 288 94.49 -21.34 -14.72
N GLU E 289 95.77 -21.67 -14.95
CA GLU E 289 96.65 -20.99 -15.93
C GLU E 289 96.09 -20.92 -17.38
N THR E 290 95.52 -22.02 -17.85
CA THR E 290 95.04 -22.09 -19.23
C THR E 290 93.83 -21.20 -19.45
N ALA E 291 93.02 -21.02 -18.41
CA ALA E 291 91.86 -20.14 -18.47
C ALA E 291 92.28 -18.70 -18.66
N LYS E 292 92.99 -18.19 -17.66
CA LYS E 292 93.54 -16.82 -17.63
C LYS E 292 94.07 -16.38 -19.01
N GLU E 293 94.58 -17.34 -19.77
CA GLU E 293 95.10 -17.10 -21.12
C GLU E 293 93.96 -16.71 -22.05
N ILE E 294 92.94 -17.57 -22.12
CA ILE E 294 91.84 -17.35 -23.03
C ILE E 294 91.04 -16.12 -22.64
N GLU E 295 90.89 -15.93 -21.32
CA GLU E 295 90.31 -14.70 -20.77
C GLU E 295 90.81 -13.51 -21.59
N LYS E 296 92.12 -13.29 -21.52
CA LYS E 296 92.76 -12.15 -22.15
C LYS E 296 92.48 -12.07 -23.66
N LYS E 297 92.71 -13.17 -24.39
CA LYS E 297 92.60 -13.16 -25.85
C LYS E 297 91.22 -12.71 -26.33
N VAL E 298 90.22 -12.87 -25.47
CA VAL E 298 88.89 -12.37 -25.74
C VAL E 298 88.84 -10.86 -25.50
N ARG E 299 89.36 -10.43 -24.34
CA ARG E 299 89.33 -9.02 -23.94
C ARG E 299 89.77 -8.12 -25.07
N GLU E 300 90.91 -8.44 -25.68
CA GLU E 300 91.52 -7.63 -26.75
C GLU E 300 90.76 -7.67 -28.08
N LEU E 301 89.89 -8.68 -28.25
CA LEU E 301 89.09 -8.81 -29.47
C LEU E 301 87.75 -8.02 -29.45
N LEU E 302 87.48 -7.30 -28.36
CA LEU E 302 86.23 -6.51 -28.21
C LEU E 302 86.39 -5.04 -27.71
N LEU E 303 86.98 -4.87 -26.54
CA LEU E 303 87.13 -3.55 -25.85
C LEU E 303 87.68 -2.41 -26.72
N LYS E 330 101.64 4.85 2.55
CA LYS E 330 102.04 3.65 3.36
C LYS E 330 100.81 3.08 4.12
N GLN E 331 101.05 2.21 5.11
CA GLN E 331 99.99 1.57 5.94
C GLN E 331 99.54 2.41 7.13
N LYS E 332 100.10 3.62 7.23
CA LYS E 332 99.68 4.65 8.18
C LYS E 332 99.13 5.91 7.49
N ALA E 333 98.86 5.79 6.19
CA ALA E 333 97.96 6.71 5.48
C ALA E 333 96.52 6.28 5.80
N LEU E 334 96.39 5.00 6.18
CA LEU E 334 95.15 4.38 6.70
C LEU E 334 95.06 4.59 8.22
N ALA E 335 95.79 3.76 8.98
CA ALA E 335 95.74 3.68 10.45
C ALA E 335 95.74 5.03 11.20
N ALA E 336 96.41 6.03 10.64
CA ALA E 336 96.38 7.39 11.17
C ALA E 336 95.09 8.09 10.74
N ALA E 337 94.77 8.04 9.44
CA ALA E 337 93.56 8.67 8.91
C ALA E 337 92.26 7.99 9.36
N LEU E 338 92.39 6.81 9.98
CA LEU E 338 91.25 6.08 10.58
C LEU E 338 90.84 6.69 11.91
N GLY E 339 91.70 6.54 12.93
CA GLY E 339 91.50 7.14 14.25
C GLY E 339 91.02 8.58 14.13
N GLN E 340 91.35 9.21 12.99
CA GLN E 340 90.88 10.56 12.58
C GLN E 340 89.37 10.61 12.42
N ILE E 341 88.83 9.70 11.60
CA ILE E 341 87.39 9.65 11.38
C ILE E 341 86.69 9.18 12.64
N GLU E 342 87.43 8.44 13.47
CA GLU E 342 86.94 7.97 14.76
C GLU E 342 86.74 9.12 15.72
N LYS E 343 87.82 9.84 16.02
CA LYS E 343 87.74 11.00 16.92
C LYS E 343 86.76 12.05 16.37
N GLN E 344 86.70 12.18 15.04
CA GLN E 344 85.90 13.21 14.36
C GLN E 344 84.39 13.00 14.51
N PHE E 345 83.95 11.73 14.59
CA PHE E 345 82.51 11.36 14.60
C PHE E 345 82.00 10.52 15.77
N GLY E 346 82.67 10.56 16.92
CA GLY E 346 82.35 9.69 18.05
C GLY E 346 83.06 8.33 17.95
N LYS E 347 83.56 7.82 19.07
CA LYS E 347 84.49 6.66 19.09
C LYS E 347 83.89 5.33 18.60
N GLY E 348 84.49 4.80 17.54
CA GLY E 348 84.04 3.56 16.91
C GLY E 348 82.82 3.80 16.04
N SER E 349 83.04 4.07 14.76
CA SER E 349 81.92 4.22 13.82
C SER E 349 82.40 3.92 12.43
N ILE E 350 83.52 3.22 12.38
CA ILE E 350 83.98 2.55 11.19
C ILE E 350 85.12 1.65 11.63
N MET E 351 85.23 0.48 11.01
CA MET E 351 86.35 -0.42 11.26
C MET E 351 86.51 -1.55 10.25
N ARG E 352 87.72 -2.14 10.27
CA ARG E 352 88.02 -3.45 9.66
C ARG E 352 87.21 -4.46 10.50
N LEU E 353 86.73 -5.51 9.85
CA LEU E 353 85.84 -6.44 10.53
C LEU E 353 86.58 -7.42 11.43
N GLY E 354 87.65 -8.02 10.92
CA GLY E 354 88.44 -9.00 11.68
C GLY E 354 89.37 -8.35 12.68
N GLU E 355 88.79 -7.95 13.80
CA GLU E 355 89.51 -7.21 14.81
C GLU E 355 89.24 -7.68 16.22
N ASP E 356 90.31 -7.75 17.01
CA ASP E 356 90.24 -8.13 18.43
C ASP E 356 89.98 -6.91 19.29
N ARG E 357 89.87 -5.76 18.63
CA ARG E 357 89.62 -4.47 19.26
C ARG E 357 88.15 -4.30 19.72
N SER E 358 87.95 -4.51 21.02
CA SER E 358 86.71 -4.16 21.70
C SER E 358 87.06 -3.10 22.73
N MET E 359 86.50 -1.90 22.57
CA MET E 359 86.72 -0.80 23.54
C MET E 359 86.23 -1.26 24.93
N ASP E 360 86.84 -0.76 26.01
CA ASP E 360 86.48 -1.21 27.38
C ASP E 360 85.27 -0.42 28.06
N VAL E 361 84.01 -0.66 27.59
CA VAL E 361 82.71 -0.23 28.19
C VAL E 361 81.97 -1.43 28.88
N GLU E 362 81.15 -1.12 29.88
CA GLU E 362 80.58 -2.11 30.82
C GLU E 362 79.66 -3.17 30.21
N THR E 363 79.87 -4.42 30.60
CA THR E 363 79.27 -5.58 29.96
C THR E 363 78.27 -6.32 30.88
N ILE E 364 77.09 -6.63 30.34
CA ILE E 364 76.12 -7.46 31.05
C ILE E 364 75.81 -8.70 30.23
N SER E 365 76.01 -9.88 30.84
CA SER E 365 75.88 -11.17 30.13
C SER E 365 74.46 -11.45 29.56
N THR E 366 74.39 -11.87 28.30
CA THR E 366 73.10 -12.17 27.66
C THR E 366 72.52 -13.47 28.19
N GLY E 367 73.37 -14.29 28.80
CA GLY E 367 72.99 -15.62 29.24
C GLY E 367 73.66 -16.66 28.37
N SER E 368 73.91 -16.30 27.12
CA SER E 368 74.63 -17.14 26.18
C SER E 368 76.05 -16.67 25.94
N LEU E 369 76.99 -17.56 26.23
CA LEU E 369 78.41 -17.37 25.90
C LEU E 369 78.56 -17.00 24.43
N SER E 370 78.00 -17.82 23.55
CA SER E 370 78.15 -17.60 22.10
C SER E 370 77.54 -16.27 21.61
N LEU E 371 76.61 -15.71 22.38
CA LEU E 371 76.14 -14.37 22.09
C LEU E 371 77.18 -13.35 22.54
N ASP E 372 77.55 -13.40 23.82
CA ASP E 372 78.56 -12.49 24.37
C ASP E 372 79.72 -12.42 23.41
N ILE E 373 80.11 -13.57 22.89
CA ILE E 373 81.22 -13.68 21.94
C ILE E 373 81.00 -12.87 20.66
N ALA E 374 79.84 -13.05 20.05
CA ALA E 374 79.57 -12.36 18.79
C ALA E 374 79.17 -10.88 18.99
N LEU E 375 78.75 -10.54 20.21
CA LEU E 375 78.58 -9.16 20.60
C LEU E 375 79.92 -8.46 20.43
N GLY E 376 80.97 -9.16 20.84
CA GLY E 376 82.31 -8.62 20.77
C GLY E 376 82.77 -8.18 22.14
N ALA E 377 81.89 -7.50 22.88
CA ALA E 377 82.23 -6.90 24.19
C ALA E 377 82.15 -7.89 25.33
N GLY E 378 81.37 -8.96 25.12
CA GLY E 378 81.15 -9.97 26.15
C GLY E 378 79.96 -9.61 27.04
N GLY E 379 78.93 -9.06 26.40
CA GLY E 379 77.72 -8.61 27.09
C GLY E 379 77.14 -7.34 26.50
N LEU E 380 75.93 -6.99 26.92
CA LEU E 380 75.28 -5.78 26.45
C LEU E 380 75.79 -4.50 27.13
N PRO E 381 76.06 -3.47 26.32
CA PRO E 381 76.55 -2.13 26.70
C PRO E 381 75.70 -1.33 27.71
N MET E 382 76.10 -1.41 28.98
CA MET E 382 75.48 -0.65 30.05
C MET E 382 75.35 0.84 29.70
N GLY E 383 74.10 1.33 29.69
CA GLY E 383 73.82 2.74 29.42
C GLY E 383 73.49 3.08 27.97
N ARG E 384 73.01 2.08 27.22
CA ARG E 384 72.72 2.23 25.80
C ARG E 384 71.36 1.61 25.42
N ILE E 385 70.96 1.76 24.16
CA ILE E 385 69.68 1.20 23.69
C ILE E 385 69.89 -0.05 22.88
N VAL E 386 69.24 -1.12 23.31
CA VAL E 386 69.33 -2.42 22.62
C VAL E 386 67.99 -2.87 22.07
N GLU E 387 67.91 -3.06 20.76
CA GLU E 387 66.70 -3.62 20.14
C GLU E 387 66.96 -5.07 19.77
N ILE E 388 66.21 -5.97 20.41
CA ILE E 388 66.20 -7.40 20.06
C ILE E 388 64.90 -7.67 19.32
N TYR E 389 65.01 -7.83 18.01
CA TYR E 389 63.84 -8.07 17.23
C TYR E 389 63.77 -9.52 16.83
N GLY E 390 62.58 -9.99 16.49
CA GLY E 390 62.37 -11.35 16.01
C GLY E 390 60.94 -11.88 15.82
N PRO E 391 60.69 -12.58 14.71
CA PRO E 391 59.46 -13.35 14.52
C PRO E 391 58.82 -13.77 15.82
N GLU E 392 57.52 -13.54 15.96
CA GLU E 392 56.81 -13.96 17.15
C GLU E 392 57.15 -15.41 17.54
N SER E 393 57.23 -15.67 18.85
CA SER E 393 57.51 -17.01 19.39
C SER E 393 58.87 -17.54 18.92
N SER E 394 59.84 -16.64 18.76
CA SER E 394 61.17 -17.02 18.28
C SER E 394 62.08 -17.42 19.43
N GLY E 395 61.88 -16.75 20.55
CA GLY E 395 62.68 -17.00 21.71
C GLY E 395 63.12 -15.69 22.32
N LYS E 396 62.83 -14.59 21.64
CA LYS E 396 63.33 -13.30 22.08
C LYS E 396 63.17 -13.05 23.57
N THR E 397 61.96 -13.22 24.08
CA THR E 397 61.67 -12.85 25.48
C THR E 397 62.45 -13.71 26.50
N THR E 398 62.72 -14.97 26.15
CA THR E 398 63.50 -15.83 27.02
C THR E 398 64.85 -15.17 27.24
N LEU E 399 65.50 -14.88 26.13
CA LEU E 399 66.78 -14.22 26.11
C LEU E 399 66.70 -12.90 26.85
N THR E 400 65.57 -12.22 26.72
CA THR E 400 65.27 -10.99 27.43
C THR E 400 65.28 -11.22 28.94
N LEU E 401 64.51 -12.20 29.39
CA LEU E 401 64.44 -12.54 30.80
C LEU E 401 65.77 -13.04 31.31
N GLN E 402 66.62 -13.48 30.40
CA GLN E 402 67.92 -14.00 30.78
C GLN E 402 68.92 -12.88 31.10
N VAL E 403 68.81 -11.75 30.40
CA VAL E 403 69.66 -10.59 30.71
C VAL E 403 69.21 -10.05 32.05
N ILE E 404 67.90 -9.92 32.22
CA ILE E 404 67.34 -9.50 33.50
C ILE E 404 67.89 -10.42 34.58
N ALA E 405 68.08 -11.68 34.23
CA ALA E 405 68.60 -12.70 35.15
C ALA E 405 69.99 -12.33 35.64
N ALA E 406 70.94 -12.29 34.71
CA ALA E 406 72.35 -12.09 35.02
C ALA E 406 72.64 -10.75 35.70
N ALA E 407 71.85 -9.73 35.36
CA ALA E 407 72.04 -8.41 35.94
C ALA E 407 71.52 -8.35 37.37
N GLN E 408 70.47 -9.14 37.63
CA GLN E 408 69.85 -9.20 38.95
C GLN E 408 70.66 -10.06 39.92
N ARG E 409 71.53 -10.89 39.36
CA ARG E 409 72.36 -11.79 40.13
C ARG E 409 73.69 -11.09 40.45
N GLU E 410 73.86 -9.89 39.91
CA GLU E 410 74.99 -9.04 40.26
C GLU E 410 74.51 -7.80 41.00
N GLY E 411 73.63 -8.01 42.00
CA GLY E 411 73.11 -6.92 42.84
C GLY E 411 72.13 -5.90 42.23
N LYS E 412 72.22 -5.69 40.91
CA LYS E 412 71.48 -4.63 40.15
C LYS E 412 69.95 -4.81 40.18
N THR E 413 69.20 -3.71 40.07
CA THR E 413 67.73 -3.79 40.02
C THR E 413 67.14 -3.17 38.75
N CYS E 414 66.17 -3.89 38.17
CA CYS E 414 65.75 -3.72 36.76
C CYS E 414 64.29 -3.43 36.50
N ALA E 415 64.04 -2.85 35.34
CA ALA E 415 62.73 -2.34 34.98
C ALA E 415 62.08 -3.17 33.89
N PHE E 416 60.76 -3.28 33.98
CA PHE E 416 59.97 -4.01 33.01
C PHE E 416 58.76 -3.22 32.58
N ILE E 417 58.86 -2.64 31.41
CA ILE E 417 57.81 -1.84 30.86
C ILE E 417 57.05 -2.82 30.03
N ASP E 418 55.81 -3.10 30.44
CA ASP E 418 54.97 -4.14 29.80
C ASP E 418 53.63 -3.69 29.17
N ALA E 419 53.59 -3.71 27.84
CA ALA E 419 52.38 -3.38 27.13
C ALA E 419 51.76 -4.64 26.54
N GLU E 420 52.47 -5.78 26.70
CA GLU E 420 52.03 -7.10 26.17
C GLU E 420 51.11 -7.87 27.11
N HIS E 421 51.37 -7.74 28.41
CA HIS E 421 50.63 -8.44 29.45
C HIS E 421 50.85 -9.92 29.26
N ALA E 422 52.12 -10.25 29.12
CA ALA E 422 52.55 -11.61 28.83
C ALA E 422 53.27 -12.25 30.02
N LEU E 423 54.59 -12.15 30.02
CA LEU E 423 55.48 -12.54 31.12
C LEU E 423 54.98 -13.68 32.03
N ASP E 424 55.56 -14.87 31.86
CA ASP E 424 55.26 -15.95 32.80
C ASP E 424 56.17 -15.85 34.02
N PRO E 425 55.61 -15.44 35.18
CA PRO E 425 56.43 -15.36 36.38
C PRO E 425 57.15 -16.67 36.67
N ILE E 426 56.40 -17.78 36.70
CA ILE E 426 56.95 -19.09 37.07
C ILE E 426 58.14 -19.49 36.19
N TYR E 427 58.02 -19.25 34.89
CA TYR E 427 59.12 -19.51 33.96
C TYR E 427 60.32 -18.59 34.23
N ALA E 428 60.05 -17.34 34.56
CA ALA E 428 61.13 -16.43 34.89
C ALA E 428 61.87 -16.95 36.11
N ARG E 429 61.12 -17.47 37.06
CA ARG E 429 61.71 -17.94 38.31
C ARG E 429 62.60 -19.16 38.06
N LYS E 430 62.19 -20.07 37.17
CA LYS E 430 63.10 -21.14 36.80
C LYS E 430 64.24 -20.55 36.01
N LEU E 431 63.99 -19.47 35.28
CA LEU E 431 65.00 -18.90 34.41
C LEU E 431 66.17 -18.25 35.13
N GLY E 432 65.89 -17.66 36.29
CA GLY E 432 66.92 -17.03 37.12
C GLY E 432 66.59 -15.64 37.62
N VAL E 433 65.39 -15.15 37.27
CA VAL E 433 64.97 -13.80 37.63
C VAL E 433 64.40 -13.81 39.02
N ASP E 434 64.85 -12.86 39.84
CA ASP E 434 64.25 -12.66 41.13
C ASP E 434 63.05 -11.78 40.94
N ILE E 435 61.91 -12.42 40.76
CA ILE E 435 60.70 -11.71 40.43
C ILE E 435 60.35 -10.69 41.50
N ASP E 436 60.49 -11.08 42.77
CA ASP E 436 60.08 -10.24 43.89
C ASP E 436 60.66 -8.82 43.86
N ASN E 437 61.88 -8.69 43.34
CA ASN E 437 62.60 -7.41 43.26
C ASN E 437 62.44 -6.69 41.93
N LEU E 438 61.79 -7.34 40.96
CA LEU E 438 61.70 -6.79 39.63
C LEU E 438 60.71 -5.65 39.60
N LEU E 439 61.10 -4.57 38.94
CA LEU E 439 60.24 -3.42 38.85
C LEU E 439 59.43 -3.57 37.61
N CYS E 440 58.12 -3.62 37.82
CA CYS E 440 57.20 -3.85 36.73
C CYS E 440 56.29 -2.68 36.48
N SER E 441 56.15 -2.34 35.20
CA SER E 441 55.34 -1.22 34.80
C SER E 441 54.28 -1.65 33.82
N GLN E 442 53.04 -1.29 34.08
CA GLN E 442 51.93 -1.60 33.18
C GLN E 442 51.21 -0.36 32.69
N PRO E 443 51.78 0.32 31.68
CA PRO E 443 51.40 1.69 31.33
C PRO E 443 50.03 1.77 30.72
N ASP E 444 49.38 2.89 31.00
CA ASP E 444 48.09 3.25 30.41
C ASP E 444 48.23 3.55 28.92
N THR E 445 49.45 3.83 28.44
CA THR E 445 49.62 4.12 27.02
C THR E 445 51.01 4.36 26.43
N GLY E 446 51.03 4.25 25.11
CA GLY E 446 52.21 4.28 24.26
C GLY E 446 53.17 5.33 24.70
N GLU E 447 52.79 6.59 24.49
CA GLU E 447 53.65 7.67 24.93
C GLU E 447 53.90 7.53 26.43
N GLN E 448 52.84 7.42 27.22
CA GLN E 448 53.02 7.37 28.67
C GLN E 448 54.10 6.37 29.05
N ALA E 449 54.08 5.21 28.41
CA ALA E 449 55.12 4.22 28.62
C ALA E 449 56.51 4.79 28.37
N LEU E 450 56.72 5.29 27.15
CA LEU E 450 58.00 5.89 26.74
C LEU E 450 58.49 6.96 27.70
N GLU E 451 57.57 7.68 28.33
CA GLU E 451 57.93 8.76 29.25
C GLU E 451 58.29 8.24 30.64
N ILE E 452 57.86 7.02 30.96
CA ILE E 452 58.18 6.42 32.25
C ILE E 452 59.62 5.95 32.25
N CYS E 453 60.14 5.68 31.07
CA CYS E 453 61.54 5.36 30.93
C CYS E 453 62.39 6.61 31.17
N ASP E 454 62.04 7.72 30.52
CA ASP E 454 62.73 9.02 30.65
C ASP E 454 63.14 9.26 32.09
N ALA E 455 62.20 9.01 32.98
CA ALA E 455 62.36 9.28 34.40
C ALA E 455 62.98 8.11 35.19
N LEU E 456 62.92 6.89 34.64
CA LEU E 456 63.64 5.77 35.25
C LEU E 456 65.11 5.80 34.82
N ALA E 457 65.39 6.62 33.81
CA ALA E 457 66.74 6.90 33.41
C ALA E 457 67.33 7.90 34.37
N ARG E 458 66.66 9.04 34.56
CA ARG E 458 67.05 10.04 35.56
C ARG E 458 66.74 9.50 36.96
N SER E 459 67.18 8.28 37.22
CA SER E 459 67.21 7.73 38.56
C SER E 459 68.64 7.29 38.86
N GLY E 460 69.23 6.53 37.92
CA GLY E 460 70.63 6.07 38.02
C GLY E 460 70.80 4.70 38.68
N ALA E 461 69.92 4.40 39.63
CA ALA E 461 69.86 3.11 40.33
C ALA E 461 68.71 2.22 39.82
N VAL E 462 68.27 2.53 38.60
CA VAL E 462 67.59 1.56 37.78
C VAL E 462 68.60 1.21 36.71
N ASP E 463 69.05 -0.04 36.73
CA ASP E 463 70.19 -0.45 35.93
C ASP E 463 69.84 -0.88 34.53
N VAL E 464 68.79 -1.71 34.39
CA VAL E 464 68.29 -2.08 33.06
C VAL E 464 66.77 -1.97 32.89
N ILE E 465 66.39 -1.35 31.78
CA ILE E 465 65.02 -1.18 31.42
C ILE E 465 64.72 -2.16 30.31
N VAL E 466 63.61 -2.90 30.44
CA VAL E 466 63.11 -3.82 29.39
C VAL E 466 61.68 -3.48 28.94
N VAL E 467 61.55 -3.19 27.64
CA VAL E 467 60.30 -2.70 27.08
C VAL E 467 59.67 -3.73 26.17
N ASP E 468 58.43 -4.10 26.51
CA ASP E 468 57.68 -5.21 25.89
C ASP E 468 56.30 -4.76 25.38
N SER E 469 56.20 -4.34 24.12
CA SER E 469 57.31 -4.27 23.18
C SER E 469 56.87 -3.43 22.03
N VAL E 470 57.82 -2.79 21.36
CA VAL E 470 57.55 -1.85 20.26
C VAL E 470 56.12 -1.84 19.75
N ALA E 471 55.74 -2.89 19.03
CA ALA E 471 54.43 -2.97 18.38
C ALA E 471 53.28 -2.74 19.35
N ALA E 472 53.44 -3.20 20.60
CA ALA E 472 52.41 -3.12 21.65
C ALA E 472 52.31 -1.76 22.40
N LEU E 473 53.27 -0.87 22.16
CA LEU E 473 53.25 0.53 22.67
C LEU E 473 52.35 1.42 21.84
N THR E 474 51.09 1.01 21.75
CA THR E 474 50.11 1.62 20.87
C THR E 474 49.66 2.96 21.44
N PRO E 475 49.97 4.04 20.70
CA PRO E 475 49.87 5.47 21.04
C PRO E 475 48.48 5.94 21.38
N LYS E 476 48.39 7.21 21.81
CA LYS E 476 47.13 7.80 22.26
C LYS E 476 46.09 7.78 21.17
N ALA E 477 46.42 8.42 20.05
CA ALA E 477 45.50 8.62 18.93
C ALA E 477 44.73 7.36 18.52
N GLU E 478 45.40 6.20 18.62
CA GLU E 478 44.78 4.91 18.38
C GLU E 478 43.84 4.56 19.53
N ILE E 479 44.30 4.74 20.77
CA ILE E 479 43.45 4.47 21.94
C ILE E 479 42.16 5.29 21.79
N GLU E 480 42.19 6.37 20.99
CA GLU E 480 40.94 6.78 20.26
C GLU E 480 41.15 7.28 18.82
N GLY E 489 49.64 2.30 11.35
CA GLY E 489 51.08 2.36 11.50
C GLY E 489 51.59 3.67 10.93
N LEU E 490 51.23 4.77 11.60
CA LEU E 490 51.75 6.09 11.26
C LEU E 490 52.43 6.64 12.51
N ALA E 491 51.74 6.50 13.64
CA ALA E 491 52.25 6.97 14.90
C ALA E 491 53.53 6.20 15.34
N ALA E 492 54.35 5.79 14.35
CA ALA E 492 55.75 5.40 14.59
C ALA E 492 56.62 6.65 14.85
N ARG E 493 56.04 7.82 14.58
CA ARG E 493 56.62 9.12 14.90
C ARG E 493 56.63 9.35 16.40
N MET E 494 55.69 8.71 17.11
CA MET E 494 55.73 8.68 18.56
C MET E 494 57.06 8.10 19.07
N MET E 495 57.61 7.16 18.31
CA MET E 495 58.93 6.64 18.60
C MET E 495 59.99 7.74 18.36
N SER E 496 60.06 8.20 17.13
CA SER E 496 61.03 9.21 16.75
C SER E 496 61.06 10.36 17.77
N GLN E 497 59.92 10.64 18.38
CA GLN E 497 59.72 11.74 19.35
C GLN E 497 60.65 11.60 20.54
N ALA E 498 60.12 11.02 21.63
CA ALA E 498 60.82 10.93 22.91
C ALA E 498 62.04 9.98 22.85
N MET E 499 62.46 9.63 21.63
CA MET E 499 63.66 8.82 21.40
C MET E 499 64.93 9.63 21.63
N ARG E 500 65.09 10.67 20.83
CA ARG E 500 66.20 11.62 20.92
C ARG E 500 66.68 11.79 22.35
N LYS E 501 65.75 12.09 23.25
CA LYS E 501 66.05 12.44 24.63
C LYS E 501 66.51 11.26 25.48
N LEU E 502 65.95 10.08 25.23
CA LEU E 502 66.35 8.92 26.00
C LEU E 502 67.84 8.61 25.84
N ALA E 503 68.38 8.93 24.68
CA ALA E 503 69.81 8.70 24.39
C ALA E 503 70.72 9.19 25.54
N GLY E 504 70.58 10.47 25.88
CA GLY E 504 71.36 11.10 26.96
C GLY E 504 71.01 10.57 28.34
N ASN E 505 69.73 10.73 28.74
CA ASN E 505 69.23 10.30 30.06
C ASN E 505 69.72 8.91 30.53
N LEU E 506 70.06 8.03 29.59
CA LEU E 506 70.50 6.67 29.89
C LEU E 506 72.00 6.56 30.05
N LYS E 507 72.72 7.33 29.24
CA LYS E 507 74.17 7.33 29.22
C LYS E 507 74.77 7.89 30.51
N GLN E 508 74.17 8.94 31.06
CA GLN E 508 74.61 9.56 32.35
C GLN E 508 73.89 9.01 33.57
N SER E 509 73.55 7.71 33.47
CA SER E 509 72.92 6.91 34.53
C SER E 509 73.56 5.53 34.55
N ASN E 510 74.09 5.15 33.39
CA ASN E 510 74.42 3.76 33.09
C ASN E 510 73.19 2.90 33.28
N THR E 511 72.08 3.37 32.69
CA THR E 511 70.85 2.61 32.63
C THR E 511 70.77 1.99 31.24
N LEU E 512 70.80 0.65 31.19
CA LEU E 512 70.70 -0.09 29.93
C LEU E 512 69.24 -0.42 29.54
N LEU E 513 68.85 -0.03 28.34
CA LEU E 513 67.49 -0.19 27.92
C LEU E 513 67.40 -1.06 26.71
N ILE E 514 66.36 -1.89 26.73
CA ILE E 514 66.11 -2.94 25.74
C ILE E 514 64.70 -2.88 25.16
N PHE E 515 64.67 -2.81 23.84
CA PHE E 515 63.44 -2.81 23.09
C PHE E 515 63.22 -4.17 22.39
N ILE E 516 61.97 -4.64 22.33
CA ILE E 516 61.63 -5.86 21.60
C ILE E 516 60.65 -5.56 20.47
N ASN E 517 60.94 -6.03 19.24
CA ASN E 517 60.11 -5.72 18.05
C ASN E 517 59.71 -7.05 17.35
N GLN E 518 59.07 -6.98 16.14
CA GLN E 518 58.72 -8.16 15.22
C GLN E 518 58.97 -8.02 13.70
N GLY E 535 58.04 -2.11 13.89
CA GLY E 535 57.90 -0.85 14.63
C GLY E 535 58.27 0.45 13.88
N GLY E 536 59.10 1.34 14.47
CA GLY E 536 59.41 2.69 13.89
C GLY E 536 60.85 2.94 13.42
N ASN E 537 61.00 3.75 12.36
CA ASN E 537 62.28 4.02 11.67
C ASN E 537 63.44 4.43 12.59
N ALA E 538 63.12 5.19 13.65
CA ALA E 538 64.12 5.82 14.52
C ALA E 538 65.05 4.83 15.20
N LEU E 539 64.45 3.99 16.04
CA LEU E 539 65.16 3.00 16.78
C LEU E 539 66.27 2.35 15.97
N LYS E 540 65.98 2.12 14.70
CA LYS E 540 66.93 1.51 13.75
C LYS E 540 68.33 2.11 13.82
N PHE E 541 68.45 3.30 14.38
CA PHE E 541 69.75 3.98 14.43
C PHE E 541 70.18 4.29 15.84
N TYR E 542 69.22 4.76 16.64
CA TYR E 542 69.47 5.13 18.03
C TYR E 542 69.77 3.91 18.92
N ALA E 543 69.57 2.70 18.39
CA ALA E 543 70.04 1.49 19.04
C ALA E 543 71.55 1.42 18.94
N SER E 544 72.20 1.14 20.06
CA SER E 544 73.67 1.00 20.07
C SER E 544 74.02 -0.42 19.59
N VAL E 545 73.16 -1.38 19.92
CA VAL E 545 73.25 -2.77 19.43
C VAL E 545 71.89 -3.41 19.09
N ARG E 546 71.92 -4.24 18.05
CA ARG E 546 70.72 -4.84 17.50
C ARG E 546 70.82 -6.32 17.20
N LEU E 547 69.80 -7.01 17.69
CA LEU E 547 69.67 -8.46 17.67
C LEU E 547 68.53 -9.02 16.81
N ASP E 548 68.88 -10.03 16.03
CA ASP E 548 67.95 -10.85 15.24
C ASP E 548 67.95 -12.29 15.78
N ILE E 549 67.02 -12.57 16.69
CA ILE E 549 66.81 -13.91 17.15
C ILE E 549 65.82 -14.55 16.20
N ARG E 550 66.06 -15.80 15.85
CA ARG E 550 65.13 -16.61 15.03
C ARG E 550 64.88 -17.99 15.68
N ARG E 551 64.31 -18.93 14.95
CA ARG E 551 64.23 -20.31 15.43
C ARG E 551 64.34 -21.17 14.21
N ILE E 552 65.15 -22.23 14.26
CA ILE E 552 65.28 -23.11 13.09
C ILE E 552 65.02 -24.61 13.28
N GLY E 553 65.25 -25.12 14.49
CA GLY E 553 65.29 -26.57 14.67
C GLY E 553 64.27 -27.24 15.57
N ALA E 554 64.42 -26.99 16.87
CA ALA E 554 63.74 -27.74 17.92
C ALA E 554 64.42 -29.11 18.15
N VAL E 555 64.54 -29.52 19.41
CA VAL E 555 65.20 -30.80 19.72
C VAL E 555 64.39 -31.77 20.59
N LYS E 556 64.82 -33.04 20.56
CA LYS E 556 64.04 -34.16 21.08
C LYS E 556 64.74 -35.03 22.16
N GLU E 557 63.93 -35.43 23.15
CA GLU E 557 64.29 -36.46 24.14
C GLU E 557 63.60 -37.72 23.69
N GLY E 558 64.19 -38.38 22.70
CA GLY E 558 63.52 -39.50 22.04
C GLY E 558 62.53 -38.98 21.02
N GLU E 559 61.23 -39.03 21.38
CA GLU E 559 60.15 -38.59 20.48
C GLU E 559 59.47 -37.29 20.94
N ASN E 560 59.64 -36.95 22.21
CA ASN E 560 59.17 -35.67 22.76
C ASN E 560 59.86 -34.49 22.07
N VAL E 561 59.18 -33.34 22.03
CA VAL E 561 59.76 -32.09 21.51
C VAL E 561 59.98 -31.17 22.69
N VAL E 562 61.21 -31.09 23.15
CA VAL E 562 61.47 -30.37 24.38
C VAL E 562 62.45 -29.21 24.15
N GLY E 563 62.90 -29.06 22.89
CA GLY E 563 63.91 -28.03 22.57
C GLY E 563 63.57 -27.04 21.45
N SER E 564 64.40 -26.01 21.29
CA SER E 564 64.27 -25.04 20.18
C SER E 564 65.64 -24.49 19.77
N GLU E 565 66.12 -24.89 18.60
CA GLU E 565 67.42 -24.46 18.09
C GLU E 565 67.33 -23.05 17.53
N THR E 566 67.98 -22.11 18.21
CA THR E 566 67.91 -20.70 17.84
C THR E 566 69.18 -20.20 17.20
N ARG E 567 69.06 -19.04 16.55
CA ARG E 567 70.17 -18.35 15.91
C ARG E 567 70.02 -16.84 16.11
N VAL E 568 70.94 -16.26 16.87
CA VAL E 568 70.95 -14.84 17.09
C VAL E 568 72.01 -14.20 16.23
N LYS E 569 71.56 -13.24 15.42
CA LYS E 569 72.42 -12.41 14.61
C LYS E 569 72.54 -11.01 15.26
N VAL E 570 73.76 -10.52 15.36
CA VAL E 570 74.00 -9.17 15.83
C VAL E 570 74.19 -8.37 14.56
N VAL E 571 73.20 -7.58 14.19
CA VAL E 571 73.28 -6.91 12.91
C VAL E 571 73.67 -5.45 13.00
N LYS E 572 73.23 -4.80 14.06
CA LYS E 572 73.71 -3.46 14.32
C LYS E 572 74.68 -3.47 15.51
N ASN E 573 75.95 -3.20 15.24
CA ASN E 573 76.93 -3.19 16.33
C ASN E 573 77.91 -2.03 16.29
N LYS E 574 77.67 -1.10 17.21
CA LYS E 574 78.57 0.01 17.42
C LYS E 574 79.37 -0.24 18.72
N ILE E 575 79.56 -1.51 19.10
CA ILE E 575 80.45 -1.83 20.22
C ILE E 575 81.71 -2.43 19.66
N ALA E 576 81.53 -3.36 18.73
CA ALA E 576 82.65 -4.04 18.09
C ALA E 576 82.26 -4.60 16.74
N ALA E 577 82.67 -5.85 16.51
CA ALA E 577 82.41 -6.55 15.26
C ALA E 577 80.90 -6.75 15.02
N PRO E 578 80.38 -6.08 13.99
CA PRO E 578 79.00 -6.29 13.58
C PRO E 578 78.86 -7.54 12.70
N PHE E 579 77.64 -8.07 12.58
CA PHE E 579 77.33 -9.21 11.70
C PHE E 579 77.89 -10.54 12.19
N LYS E 580 78.41 -10.56 13.41
CA LYS E 580 78.82 -11.83 14.01
C LYS E 580 77.55 -12.53 14.48
N GLN E 581 77.57 -13.87 14.52
CA GLN E 581 76.37 -14.64 14.90
C GLN E 581 76.61 -15.77 15.90
N ALA E 582 75.53 -16.33 16.43
CA ALA E 582 75.64 -17.26 17.54
C ALA E 582 74.50 -18.27 17.57
N GLU E 583 74.81 -19.54 17.29
CA GLU E 583 73.82 -20.63 17.39
C GLU E 583 73.88 -21.35 18.76
N PHE E 584 72.72 -21.71 19.28
CA PHE E 584 72.60 -22.45 20.55
C PHE E 584 71.20 -23.01 20.78
N GLN E 585 70.98 -23.60 21.95
CA GLN E 585 69.71 -24.24 22.24
C GLN E 585 68.92 -23.53 23.34
N ILE E 586 67.60 -23.51 23.19
CA ILE E 586 66.67 -23.08 24.25
C ILE E 586 65.73 -24.21 24.66
N LEU E 587 65.74 -24.56 25.93
CA LEU E 587 64.96 -25.68 26.42
C LEU E 587 63.73 -25.22 27.18
N TYR E 588 62.58 -25.68 26.69
CA TYR E 588 61.31 -25.49 27.36
C TYR E 588 61.46 -25.74 28.85
N GLY E 589 61.04 -24.77 29.66
CA GLY E 589 61.05 -24.91 31.10
C GLY E 589 62.42 -25.10 31.76
N GLU E 590 63.48 -24.67 31.08
CA GLU E 590 64.81 -24.72 31.69
C GLU E 590 65.60 -23.47 31.36
N GLY E 591 65.47 -22.98 30.14
CA GLY E 591 66.16 -21.74 29.76
C GLY E 591 67.15 -21.93 28.65
N ILE E 592 68.24 -21.17 28.68
CA ILE E 592 69.29 -21.32 27.69
C ILE E 592 70.25 -22.43 28.01
N ASN E 593 70.70 -23.00 26.84
CA ASN E 593 71.60 -24.11 26.99
C ASN E 593 73.05 -23.72 27.28
N PHE E 594 73.28 -23.22 28.48
CA PHE E 594 74.58 -22.72 28.90
C PHE E 594 75.60 -23.74 28.51
N TYR E 595 75.40 -24.96 29.02
CA TYR E 595 76.38 -26.01 28.91
C TYR E 595 76.44 -26.52 27.49
N GLY E 596 75.29 -26.51 26.83
CA GLY E 596 75.20 -26.86 25.42
C GLY E 596 76.30 -26.20 24.62
N GLU E 597 76.15 -24.91 24.36
CA GLU E 597 77.16 -24.14 23.65
C GLU E 597 78.56 -24.27 24.29
N LEU E 598 78.62 -24.49 25.61
CA LEU E 598 79.89 -24.48 26.33
C LEU E 598 80.79 -25.56 25.81
N VAL E 599 80.23 -26.76 25.72
CA VAL E 599 80.91 -27.86 25.14
C VAL E 599 81.48 -27.40 23.82
N ASP E 600 80.59 -27.02 22.91
CA ASP E 600 80.93 -26.65 21.53
C ASP E 600 82.12 -25.68 21.42
N LEU E 601 82.36 -24.92 22.48
CA LEU E 601 83.44 -23.94 22.49
C LEU E 601 84.76 -24.59 22.94
N GLY E 602 84.67 -25.43 23.98
CA GLY E 602 85.80 -26.24 24.42
C GLY E 602 86.16 -27.33 23.43
N VAL E 603 85.50 -27.32 22.29
CA VAL E 603 85.92 -28.11 21.17
C VAL E 603 86.96 -27.27 20.47
N LYS E 604 86.54 -26.08 20.02
CA LYS E 604 87.34 -25.25 19.13
C LYS E 604 88.55 -24.66 19.87
N GLU E 605 88.38 -24.38 21.16
CA GLU E 605 89.50 -23.93 21.97
C GLU E 605 89.99 -25.12 22.79
N LYS E 606 90.81 -25.95 22.14
CA LYS E 606 91.14 -27.33 22.55
C LYS E 606 91.30 -27.54 24.06
N LEU E 607 90.18 -27.44 24.79
CA LEU E 607 90.15 -27.78 26.21
C LEU E 607 89.48 -29.14 26.44
N ILE E 608 88.48 -29.43 25.60
CA ILE E 608 87.80 -30.73 25.57
C ILE E 608 88.00 -31.41 24.22
N GLU E 609 88.50 -32.64 24.28
CA GLU E 609 89.02 -33.33 23.11
C GLU E 609 87.95 -34.17 22.42
N LYS E 610 87.68 -33.83 21.16
CA LYS E 610 86.77 -34.61 20.34
C LYS E 610 87.51 -35.80 19.74
N ALA E 611 87.23 -37.00 20.28
CA ALA E 611 87.74 -38.27 19.74
C ALA E 611 86.69 -38.98 18.87
N GLY E 612 86.13 -38.24 17.89
CA GLY E 612 85.07 -38.73 17.01
C GLY E 612 83.68 -38.52 17.57
N ALA E 613 83.24 -39.47 18.40
CA ALA E 613 81.93 -39.42 19.06
C ALA E 613 82.11 -39.26 20.57
N TRP E 614 83.36 -39.33 21.00
CA TRP E 614 83.72 -39.26 22.41
C TRP E 614 84.16 -37.87 22.84
N TYR E 615 83.85 -37.50 24.07
CA TYR E 615 84.28 -36.23 24.61
C TYR E 615 85.21 -36.43 25.83
N SER E 616 86.47 -36.05 25.66
CA SER E 616 87.49 -36.26 26.68
C SER E 616 88.00 -34.96 27.30
N TYR E 617 88.23 -34.96 28.62
CA TYR E 617 88.80 -33.78 29.32
C TYR E 617 90.10 -34.11 30.05
N LYS E 618 91.21 -33.85 29.36
CA LYS E 618 92.52 -34.24 29.84
C LYS E 618 92.58 -35.74 30.05
N GLY E 619 92.61 -36.50 28.95
CA GLY E 619 92.77 -37.97 28.98
C GLY E 619 91.60 -38.80 29.48
N GLU E 620 91.00 -38.38 30.61
CA GLU E 620 89.80 -39.00 31.26
C GLU E 620 88.43 -38.66 30.56
N LYS E 621 87.64 -39.70 30.27
CA LYS E 621 86.51 -39.60 29.35
C LYS E 621 85.25 -39.09 30.03
N ILE E 622 84.63 -38.09 29.42
CA ILE E 622 83.54 -37.36 30.07
C ILE E 622 82.14 -37.57 29.49
N GLY E 623 82.06 -37.94 28.22
CA GLY E 623 80.76 -38.16 27.56
C GLY E 623 80.81 -38.68 26.14
N GLN E 624 79.82 -39.47 25.76
CA GLN E 624 79.71 -39.98 24.41
C GLN E 624 78.49 -39.33 23.77
N GLY E 625 78.70 -38.66 22.63
CA GLY E 625 77.66 -37.85 21.95
C GLY E 625 77.38 -36.56 22.69
N LYS E 626 77.25 -35.45 21.96
CA LYS E 626 77.05 -34.13 22.60
C LYS E 626 76.06 -34.20 23.77
N ALA E 627 75.10 -35.10 23.65
CA ALA E 627 74.10 -35.35 24.68
C ALA E 627 74.66 -35.35 26.09
N ASN E 628 75.48 -36.35 26.37
CA ASN E 628 75.99 -36.61 27.72
C ASN E 628 77.11 -35.65 28.10
N ALA E 629 77.85 -35.19 27.10
CA ALA E 629 78.86 -34.18 27.33
C ALA E 629 78.14 -33.00 27.94
N THR E 630 77.20 -32.44 27.19
CA THR E 630 76.37 -31.38 27.72
C THR E 630 76.17 -31.70 29.20
N ALA E 631 75.30 -32.68 29.46
CA ALA E 631 74.84 -32.95 30.83
C ALA E 631 75.92 -33.42 31.84
N TRP E 632 77.16 -33.58 31.38
CA TRP E 632 78.23 -33.88 32.30
C TRP E 632 78.64 -32.60 33.01
N LEU E 633 78.92 -31.56 32.23
CA LEU E 633 79.28 -30.31 32.79
C LEU E 633 78.24 -29.87 33.80
N LYS E 634 77.00 -30.31 33.62
CA LYS E 634 75.92 -29.93 34.54
C LYS E 634 76.21 -30.36 35.99
N ASP E 635 76.88 -31.49 36.17
CA ASP E 635 77.10 -32.04 37.51
C ASP E 635 78.44 -31.69 38.13
N ASN E 636 79.33 -31.10 37.35
CA ASN E 636 80.63 -30.66 37.84
C ASN E 636 80.83 -29.14 37.55
N PRO E 637 80.04 -28.28 38.22
CA PRO E 637 79.81 -26.91 37.76
C PRO E 637 81.08 -26.10 37.61
N GLU E 638 81.92 -26.06 38.64
CA GLU E 638 83.15 -25.28 38.61
C GLU E 638 84.07 -25.64 37.42
N THR E 639 84.22 -26.93 37.13
CA THR E 639 85.08 -27.40 36.03
C THR E 639 84.60 -26.73 34.75
N ALA E 640 83.29 -26.56 34.66
CA ALA E 640 82.71 -25.81 33.57
C ALA E 640 83.00 -24.33 33.72
N LYS E 641 82.43 -23.74 34.79
CA LYS E 641 82.51 -22.28 35.05
C LYS E 641 83.97 -21.76 35.07
N GLU E 642 84.92 -22.68 35.04
CA GLU E 642 86.33 -22.35 34.83
C GLU E 642 86.65 -22.46 33.34
N ILE E 643 86.19 -23.54 32.71
CA ILE E 643 86.34 -23.68 31.26
C ILE E 643 85.62 -22.53 30.56
N GLU E 644 84.48 -22.14 31.10
CA GLU E 644 83.85 -20.89 30.76
C GLU E 644 84.93 -19.80 30.75
N LYS E 645 85.34 -19.42 31.95
CA LYS E 645 86.35 -18.40 32.18
C LYS E 645 87.51 -18.55 31.21
N LYS E 646 87.98 -19.80 31.00
CA LYS E 646 89.10 -20.06 30.08
C LYS E 646 88.84 -19.61 28.64
N VAL E 647 87.58 -19.70 28.18
CA VAL E 647 87.29 -19.24 26.84
C VAL E 647 87.09 -17.74 26.85
N ARG E 648 86.61 -17.25 27.97
CA ARG E 648 86.49 -15.82 28.19
C ARG E 648 87.87 -15.12 28.30
N GLU E 649 88.91 -15.85 28.68
CA GLU E 649 90.28 -15.34 28.64
C GLU E 649 90.83 -15.49 27.20
N LEU E 650 90.34 -16.51 26.49
CA LEU E 650 90.85 -16.87 25.16
C LEU E 650 90.08 -16.25 23.96
N LEU E 651 88.98 -15.54 24.23
CA LEU E 651 88.29 -14.73 23.20
C LEU E 651 87.75 -13.34 23.63
N LEU E 652 88.25 -12.82 24.76
CA LEU E 652 87.85 -11.50 25.31
C LEU E 652 89.00 -10.80 26.07
N LYS E 679 72.33 3.41 45.33
CA LYS E 679 71.90 3.00 46.71
C LYS E 679 70.35 2.83 46.73
N GLN E 680 69.78 2.36 47.86
CA GLN E 680 68.31 2.29 48.08
C GLN E 680 67.79 3.65 48.53
N LYS E 681 68.75 4.57 48.62
CA LYS E 681 68.60 6.01 48.83
C LYS E 681 67.94 6.63 47.58
N ALA E 682 68.58 6.43 46.41
CA ALA E 682 68.17 7.05 45.14
C ALA E 682 66.97 6.35 44.48
N LEU E 683 66.80 5.05 44.78
CA LEU E 683 65.74 4.22 44.20
C LEU E 683 64.40 4.47 44.90
N ALA E 684 64.35 4.16 46.20
CA ALA E 684 63.12 4.30 46.98
C ALA E 684 62.51 5.71 46.84
N ALA E 685 63.31 6.67 46.38
CA ALA E 685 62.89 8.06 46.13
C ALA E 685 62.44 8.36 44.69
N ALA E 686 63.22 7.90 43.70
CA ALA E 686 62.85 8.07 42.30
C ALA E 686 61.67 7.18 41.87
N LEU E 687 61.23 6.29 42.77
CA LEU E 687 60.03 5.45 42.58
C LEU E 687 58.76 6.26 42.76
N GLY E 688 58.49 6.66 44.00
CA GLY E 688 57.34 7.48 44.34
C GLY E 688 57.27 8.74 43.53
N GLN E 689 58.31 9.00 42.73
CA GLN E 689 58.41 10.17 41.83
C GLN E 689 57.54 10.02 40.60
N ILE E 690 57.22 8.78 40.27
CA ILE E 690 56.48 8.51 39.06
C ILE E 690 55.05 8.33 39.46
N GLU E 691 54.86 7.79 40.66
CA GLU E 691 53.55 7.63 41.26
C GLU E 691 52.90 8.97 41.52
N LYS E 692 53.73 9.96 41.84
CA LYS E 692 53.25 11.34 42.03
C LYS E 692 52.83 11.93 40.68
N GLN E 693 53.63 11.64 39.66
CA GLN E 693 53.54 12.34 38.39
C GLN E 693 52.61 11.67 37.39
N PHE E 694 52.58 10.34 37.41
CA PHE E 694 51.90 9.56 36.35
C PHE E 694 50.74 8.65 36.77
N GLY E 695 49.81 9.16 37.57
CA GLY E 695 48.71 8.33 38.08
C GLY E 695 49.18 7.36 39.14
N LYS E 696 48.43 7.26 40.23
CA LYS E 696 48.87 6.57 41.44
C LYS E 696 49.11 5.06 41.19
N GLY E 697 50.36 4.62 41.39
CA GLY E 697 50.73 3.21 41.24
C GLY E 697 50.87 2.71 39.82
N SER E 698 51.70 3.36 39.03
CA SER E 698 51.93 2.91 37.66
C SER E 698 53.25 2.19 37.53
N ILE E 699 53.64 1.50 38.60
CA ILE E 699 54.86 0.70 38.60
C ILE E 699 55.03 0.12 39.99
N MET E 700 55.66 -1.05 40.07
CA MET E 700 56.01 -1.65 41.35
C MET E 700 56.86 -2.91 41.26
N ARG E 701 57.48 -3.25 42.39
CA ARG E 701 58.11 -4.55 42.56
C ARG E 701 56.95 -5.51 42.55
N LEU E 702 57.15 -6.65 41.90
CA LEU E 702 56.08 -7.62 41.76
C LEU E 702 55.81 -8.34 43.05
N GLY E 703 56.78 -8.35 43.96
CA GLY E 703 56.67 -9.08 45.23
C GLY E 703 56.05 -8.25 46.35
N GLU E 704 55.44 -7.11 45.98
CA GLU E 704 54.93 -6.16 46.96
C GLU E 704 53.55 -6.51 47.56
N ASP E 705 53.48 -6.32 48.87
CA ASP E 705 52.24 -6.47 49.67
C ASP E 705 51.30 -5.27 49.56
N ARG E 706 51.88 -4.13 49.18
CA ARG E 706 51.19 -2.83 49.13
C ARG E 706 50.05 -2.85 48.10
N SER E 707 48.84 -2.70 48.64
CA SER E 707 47.62 -2.48 47.87
C SER E 707 47.09 -1.08 48.16
N MET E 708 46.84 -0.29 47.11
CA MET E 708 46.10 0.98 47.23
C MET E 708 44.73 0.64 47.81
N ASP E 709 44.37 1.26 48.93
CA ASP E 709 43.12 0.92 49.63
C ASP E 709 41.86 1.58 48.95
N VAL E 710 41.23 0.93 47.91
CA VAL E 710 39.89 1.15 47.25
C VAL E 710 39.03 -0.12 47.46
N GLU E 711 37.71 0.04 47.43
CA GLU E 711 36.79 -1.00 47.92
C GLU E 711 36.66 -2.15 46.95
N THR E 712 36.34 -3.32 47.49
CA THR E 712 36.50 -4.59 46.76
C THR E 712 35.26 -5.49 46.79
N ILE E 713 34.91 -6.07 45.66
CA ILE E 713 33.83 -7.07 45.62
C ILE E 713 34.48 -8.42 45.39
N SER E 714 34.17 -9.37 46.26
CA SER E 714 34.72 -10.75 46.20
C SER E 714 34.38 -11.45 44.86
N THR E 715 35.38 -12.09 44.24
CA THR E 715 35.15 -12.81 42.99
C THR E 715 34.34 -14.06 43.25
N GLY E 716 34.46 -14.58 44.45
CA GLY E 716 33.84 -15.82 44.84
C GLY E 716 34.94 -16.80 45.21
N SER E 717 36.03 -16.73 44.45
CA SER E 717 37.21 -17.55 44.70
C SER E 717 38.28 -16.83 45.53
N LEU E 718 38.40 -17.28 46.77
CA LEU E 718 39.38 -16.77 47.72
C LEU E 718 40.74 -16.61 47.09
N SER E 719 41.20 -17.63 46.38
CA SER E 719 42.52 -17.57 45.77
C SER E 719 42.62 -16.53 44.65
N LEU E 720 41.50 -16.24 43.98
CA LEU E 720 41.47 -15.15 43.01
C LEU E 720 41.58 -13.80 43.71
N ASP E 721 40.72 -13.58 44.71
CA ASP E 721 40.79 -12.37 45.55
C ASP E 721 42.24 -12.11 45.92
N ILE E 722 42.83 -13.10 46.58
CA ILE E 722 44.20 -13.06 47.00
C ILE E 722 45.17 -12.61 45.90
N ALA E 723 45.22 -13.35 44.79
CA ALA E 723 46.16 -13.00 43.75
C ALA E 723 45.79 -11.69 43.02
N LEU E 724 44.52 -11.29 43.16
CA LEU E 724 44.07 -9.99 42.68
C LEU E 724 44.84 -8.90 43.39
N GLY E 725 45.25 -9.18 44.62
CA GLY E 725 46.07 -8.25 45.40
C GLY E 725 45.23 -7.42 46.37
N ALA E 726 44.08 -6.96 45.91
CA ALA E 726 43.22 -6.07 46.70
C ALA E 726 42.15 -6.84 47.48
N GLY E 727 41.94 -8.11 47.11
CA GLY E 727 40.94 -8.99 47.73
C GLY E 727 39.54 -8.92 47.13
N GLY E 728 39.48 -8.79 45.80
CA GLY E 728 38.23 -8.57 45.08
C GLY E 728 38.40 -7.54 43.99
N LEU E 729 37.41 -7.42 43.12
CA LEU E 729 37.50 -6.49 42.01
C LEU E 729 37.29 -5.06 42.44
N PRO E 730 38.09 -4.13 41.86
CA PRO E 730 38.02 -2.69 42.04
C PRO E 730 36.69 -2.08 41.63
N MET E 731 36.19 -1.24 42.51
CA MET E 731 34.95 -0.51 42.32
C MET E 731 35.15 0.63 41.35
N GLY E 732 34.21 0.77 40.41
CA GLY E 732 34.19 1.93 39.50
C GLY E 732 35.32 1.99 38.47
N ARG E 733 35.89 0.82 38.20
CA ARG E 733 36.94 0.66 37.22
C ARG E 733 36.49 -0.36 36.21
N ILE E 734 37.14 -0.38 35.05
CA ILE E 734 36.79 -1.39 34.05
C ILE E 734 37.61 -2.66 34.20
N VAL E 735 36.90 -3.79 34.14
CA VAL E 735 37.50 -5.12 34.21
C VAL E 735 37.20 -5.93 32.95
N GLU E 736 38.25 -6.49 32.35
CA GLU E 736 38.12 -7.44 31.25
C GLU E 736 38.48 -8.83 31.77
N ILE E 737 37.50 -9.73 31.72
CA ILE E 737 37.75 -11.15 31.92
C ILE E 737 37.57 -11.80 30.56
N TYR E 738 38.61 -12.50 30.13
CA TYR E 738 38.56 -13.14 28.85
C TYR E 738 38.93 -14.58 29.00
N GLY E 739 38.74 -15.33 27.92
CA GLY E 739 39.20 -16.71 27.83
C GLY E 739 38.66 -17.45 26.62
N PRO E 740 39.05 -18.73 26.44
CA PRO E 740 38.35 -19.51 25.42
C PRO E 740 36.87 -19.66 25.80
N GLU E 741 36.03 -19.97 24.82
CA GLU E 741 34.67 -20.42 25.11
C GLU E 741 34.73 -21.62 26.07
N SER E 742 33.67 -21.79 26.87
CA SER E 742 33.56 -22.88 27.86
C SER E 742 34.80 -22.99 28.73
N SER E 743 35.23 -21.88 29.32
CA SER E 743 36.39 -21.87 30.21
C SER E 743 35.96 -21.81 31.68
N GLY E 744 35.02 -20.91 31.93
CA GLY E 744 34.48 -20.66 33.25
C GLY E 744 34.12 -19.19 33.33
N LYS E 745 34.48 -18.45 32.28
CA LYS E 745 34.38 -17.01 32.32
C LYS E 745 32.99 -16.53 32.73
N THR E 746 31.95 -17.23 32.33
CA THR E 746 30.61 -16.81 32.78
C THR E 746 30.35 -17.22 34.24
N THR E 747 30.72 -18.44 34.63
CA THR E 747 30.48 -18.88 36.01
C THR E 747 30.97 -17.82 36.97
N LEU E 748 32.22 -17.42 36.76
CA LEU E 748 32.87 -16.38 37.52
C LEU E 748 32.11 -15.07 37.40
N THR E 749 31.82 -14.67 36.17
CA THR E 749 30.99 -13.51 35.89
C THR E 749 29.72 -13.53 36.73
N LEU E 750 29.04 -14.66 36.78
CA LEU E 750 27.78 -14.75 37.52
C LEU E 750 28.01 -14.75 38.99
N GLN E 751 29.19 -15.21 39.39
CA GLN E 751 29.54 -15.31 40.80
C GLN E 751 29.72 -13.97 41.50
N VAL E 752 30.26 -13.01 40.76
CA VAL E 752 30.43 -11.66 41.26
C VAL E 752 29.08 -10.98 41.35
N ILE E 753 28.22 -11.18 40.34
CA ILE E 753 26.86 -10.65 40.34
C ILE E 753 26.09 -11.16 41.55
N ALA E 754 26.48 -12.36 42.00
CA ALA E 754 25.90 -12.96 43.20
C ALA E 754 26.41 -12.27 44.44
N ALA E 755 27.72 -12.37 44.65
CA ALA E 755 28.39 -11.80 45.83
C ALA E 755 28.03 -10.34 46.06
N ALA E 756 27.70 -9.65 44.97
CA ALA E 756 27.29 -8.26 45.04
C ALA E 756 25.87 -8.13 45.55
N GLN E 757 24.99 -8.97 45.02
CA GLN E 757 23.57 -8.92 45.34
C GLN E 757 23.30 -9.32 46.79
N ARG E 758 24.26 -9.98 47.41
CA ARG E 758 24.14 -10.39 48.81
C ARG E 758 24.86 -9.40 49.73
N GLU E 759 25.12 -8.21 49.21
CA GLU E 759 25.59 -7.12 50.04
C GLU E 759 24.64 -5.93 49.87
N GLY E 760 23.62 -6.15 49.03
CA GLY E 760 22.65 -5.10 48.70
C GLY E 760 22.83 -4.56 47.28
N LYS E 761 24.07 -4.15 46.98
CA LYS E 761 24.45 -3.50 45.71
C LYS E 761 23.83 -4.19 44.49
N THR E 762 23.09 -3.44 43.67
CA THR E 762 22.33 -4.03 42.56
C THR E 762 23.03 -3.89 41.22
N CYS E 763 22.81 -4.90 40.37
CA CYS E 763 23.62 -5.16 39.19
C CYS E 763 22.85 -5.19 37.89
N ALA E 764 23.58 -5.01 36.81
CA ALA E 764 23.00 -5.01 35.49
C ALA E 764 23.79 -5.91 34.55
N PHE E 765 23.04 -6.57 33.67
CA PHE E 765 23.57 -7.56 32.76
C PHE E 765 23.12 -7.20 31.34
N ILE E 766 24.09 -6.79 30.54
CA ILE E 766 23.82 -6.44 29.17
C ILE E 766 24.10 -7.67 28.34
N ASP E 767 23.08 -8.14 27.60
CA ASP E 767 23.21 -9.41 26.87
C ASP E 767 23.16 -9.33 25.34
N ALA E 768 24.29 -9.61 24.72
CA ALA E 768 24.38 -9.73 23.28
C ALA E 768 24.47 -11.20 22.90
N GLU E 769 24.64 -12.06 23.92
CA GLU E 769 24.87 -13.51 23.75
C GLU E 769 23.58 -14.35 23.80
N HIS E 770 22.67 -13.96 24.68
CA HIS E 770 21.42 -14.68 24.92
C HIS E 770 21.82 -16.09 25.28
N ALA E 771 22.50 -16.17 26.42
CA ALA E 771 23.10 -17.40 26.90
C ALA E 771 22.46 -17.80 28.23
N LEU E 772 23.02 -17.20 29.28
CA LEU E 772 22.53 -17.23 30.67
C LEU E 772 21.53 -18.35 31.05
N ASP E 773 21.99 -19.27 31.87
CA ASP E 773 21.08 -20.27 32.42
C ASP E 773 20.51 -19.78 33.75
N PRO E 774 19.25 -19.37 33.74
CA PRO E 774 18.65 -18.87 34.97
C PRO E 774 18.90 -19.87 36.10
N ILE E 775 18.55 -21.12 35.86
CA ILE E 775 18.60 -22.18 36.87
C ILE E 775 19.99 -22.31 37.46
N TYR E 776 21.02 -22.32 36.61
CA TYR E 776 22.39 -22.36 37.08
C TYR E 776 22.73 -21.11 37.94
N ALA E 777 22.27 -19.93 37.51
CA ALA E 777 22.54 -18.72 38.27
C ALA E 777 21.89 -18.85 39.61
N ARG E 778 20.64 -19.31 39.59
CA ARG E 778 19.87 -19.45 40.83
C ARG E 778 20.63 -20.33 41.82
N LYS E 779 21.20 -21.43 41.33
CA LYS E 779 21.90 -22.36 42.20
C LYS E 779 23.29 -21.84 42.53
N LEU E 780 23.78 -20.89 41.73
CA LEU E 780 25.06 -20.26 42.04
C LEU E 780 24.89 -19.23 43.14
N GLY E 781 23.67 -18.69 43.25
CA GLY E 781 23.31 -17.74 44.29
C GLY E 781 22.88 -16.35 43.82
N VAL E 782 22.35 -16.26 42.61
CA VAL E 782 21.93 -14.99 42.03
C VAL E 782 20.45 -14.77 42.22
N ASP E 783 20.10 -13.61 42.74
CA ASP E 783 18.71 -13.19 42.83
C ASP E 783 18.32 -12.73 41.43
N ILE E 784 17.88 -13.69 40.63
CA ILE E 784 17.56 -13.42 39.25
C ILE E 784 16.47 -12.38 39.13
N ASP E 785 15.48 -12.47 40.00
CA ASP E 785 14.31 -11.60 39.95
C ASP E 785 14.71 -10.12 39.96
N ASN E 786 15.71 -9.77 40.77
CA ASN E 786 16.12 -8.38 40.99
C ASN E 786 17.39 -7.98 40.23
N LEU E 787 17.77 -8.81 39.25
CA LEU E 787 18.91 -8.50 38.40
C LEU E 787 18.37 -7.76 37.20
N LEU E 788 19.19 -6.88 36.63
CA LEU E 788 18.78 -6.12 35.48
C LEU E 788 19.34 -6.67 34.22
N CYS E 789 18.45 -6.90 33.26
CA CYS E 789 18.89 -7.43 32.00
C CYS E 789 18.55 -6.49 30.88
N SER E 790 19.46 -6.41 29.91
CA SER E 790 19.28 -5.56 28.74
C SER E 790 19.74 -6.21 27.47
N GLN E 791 18.77 -6.54 26.62
CA GLN E 791 19.02 -7.25 25.39
C GLN E 791 18.96 -6.24 24.24
N PRO E 792 20.09 -5.58 23.98
CA PRO E 792 20.13 -4.44 23.11
C PRO E 792 20.10 -4.85 21.66
N ASP E 793 19.77 -3.87 20.82
CA ASP E 793 19.69 -4.01 19.37
C ASP E 793 21.06 -3.81 18.68
N THR E 794 21.85 -2.84 19.18
CA THR E 794 23.19 -2.61 18.62
C THR E 794 24.25 -2.51 19.70
N GLY E 795 25.44 -3.00 19.35
CA GLY E 795 26.60 -2.85 20.20
C GLY E 795 26.68 -1.42 20.71
N GLU E 796 26.70 -0.48 19.77
CA GLU E 796 26.66 0.93 20.13
C GLU E 796 25.64 1.09 21.24
N GLN E 797 24.36 0.92 20.90
CA GLN E 797 23.26 1.07 21.87
C GLN E 797 23.62 0.40 23.19
N ALA E 798 24.09 -0.84 23.11
CA ALA E 798 24.47 -1.56 24.31
C ALA E 798 25.37 -0.68 25.17
N LEU E 799 26.50 -0.26 24.61
CA LEU E 799 27.44 0.54 25.36
C LEU E 799 26.74 1.76 25.93
N GLU E 800 26.04 2.48 25.06
CA GLU E 800 25.37 3.74 25.42
C GLU E 800 24.41 3.55 26.59
N ILE E 801 23.94 2.33 26.77
CA ILE E 801 23.06 2.04 27.88
C ILE E 801 23.88 2.06 29.16
N CYS E 802 25.05 1.40 29.12
CA CYS E 802 25.95 1.45 30.25
C CYS E 802 26.20 2.91 30.63
N ASP E 803 26.43 3.76 29.61
CA ASP E 803 26.67 5.18 29.81
C ASP E 803 25.78 5.77 30.90
N ALA E 804 24.46 5.77 30.65
CA ALA E 804 23.53 6.36 31.59
C ALA E 804 23.27 5.44 32.80
N LEU E 805 23.64 4.16 32.69
CA LEU E 805 23.59 3.25 33.83
C LEU E 805 24.73 3.59 34.78
N ALA E 806 25.78 4.18 34.23
CA ALA E 806 26.87 4.72 35.03
C ALA E 806 26.39 5.97 35.75
N ARG E 807 25.85 6.94 35.02
CA ARG E 807 25.25 8.15 35.62
C ARG E 807 23.91 7.81 36.28
N SER E 808 23.98 7.08 37.39
CA SER E 808 22.83 6.80 38.25
C SER E 808 23.36 6.62 39.67
N GLY E 809 24.50 5.92 39.76
CA GLY E 809 25.17 5.63 41.02
C GLY E 809 24.50 4.50 41.78
N ALA E 810 23.44 4.00 41.15
CA ALA E 810 22.54 2.99 41.71
C ALA E 810 22.71 1.63 41.01
N VAL E 811 23.43 1.64 39.88
CA VAL E 811 23.92 0.39 39.31
C VAL E 811 25.35 0.30 39.81
N ASP E 812 25.64 -0.73 40.59
CA ASP E 812 26.97 -0.85 41.20
C ASP E 812 27.86 -1.83 40.44
N VAL E 813 27.25 -2.59 39.56
CA VAL E 813 27.96 -3.58 38.76
C VAL E 813 27.23 -3.83 37.46
N ILE E 814 27.93 -3.54 36.38
CA ILE E 814 27.46 -3.85 35.06
C ILE E 814 28.29 -5.00 34.51
N VAL E 815 27.63 -5.96 33.88
CA VAL E 815 28.31 -7.06 33.19
C VAL E 815 27.89 -7.16 31.72
N VAL E 816 28.90 -7.31 30.88
CA VAL E 816 28.71 -7.32 29.44
C VAL E 816 29.16 -8.65 28.78
N ASP E 817 28.17 -9.36 28.25
CA ASP E 817 28.36 -10.65 27.59
C ASP E 817 27.92 -10.43 26.14
N SER E 818 28.86 -10.29 25.19
CA SER E 818 30.29 -10.26 25.43
C SER E 818 30.88 -9.40 24.35
N VAL E 819 32.08 -8.91 24.60
CA VAL E 819 32.77 -8.00 23.70
C VAL E 819 32.66 -8.37 22.24
N ALA E 820 33.06 -9.59 21.90
CA ALA E 820 33.06 -10.01 20.50
C ALA E 820 31.68 -9.91 19.86
N ALA E 821 30.64 -10.19 20.66
CA ALA E 821 29.25 -10.19 20.21
C ALA E 821 28.58 -8.81 20.10
N LEU E 822 29.21 -7.79 20.69
CA LEU E 822 28.76 -6.38 20.57
C LEU E 822 28.95 -5.85 19.15
N THR E 823 28.47 -6.61 18.19
CA THR E 823 28.68 -6.27 16.79
C THR E 823 27.86 -5.02 16.43
N PRO E 824 28.52 -4.01 15.84
CA PRO E 824 28.05 -2.66 15.58
C PRO E 824 26.91 -2.53 14.57
N LYS E 825 26.35 -1.33 14.49
CA LYS E 825 25.22 -1.03 13.62
C LYS E 825 25.67 -1.16 12.18
N ALA E 826 26.86 -0.64 11.93
CA ALA E 826 27.49 -0.74 10.62
C ALA E 826 27.45 -2.18 10.06
N GLU E 827 27.72 -3.16 10.93
CA GLU E 827 27.77 -4.58 10.55
C GLU E 827 26.36 -5.16 10.52
N ILE E 828 25.49 -4.62 11.36
CA ILE E 828 24.10 -5.01 11.32
C ILE E 828 23.48 -4.56 9.97
N GLU E 829 24.10 -3.58 9.29
CA GLU E 829 23.62 -2.99 8.01
C GLU E 829 24.46 -3.26 6.76
N GLY E 838 34.96 -7.38 11.39
CA GLY E 838 36.12 -6.95 10.62
C GLY E 838 36.84 -5.74 11.20
N LEU E 839 36.44 -4.56 10.73
CA LEU E 839 37.12 -3.26 11.03
C LEU E 839 36.60 -2.44 12.30
N ALA E 840 35.29 -2.42 12.53
CA ALA E 840 34.68 -1.60 13.60
C ALA E 840 34.88 -2.14 15.04
N ALA E 841 36.13 -2.41 15.38
CA ALA E 841 36.55 -2.47 16.77
C ALA E 841 36.64 -1.02 17.26
N ARG E 842 36.40 -0.08 16.35
CA ARG E 842 36.43 1.38 16.57
C ARG E 842 35.31 1.81 17.50
N MET E 843 34.18 1.13 17.37
CA MET E 843 33.01 1.32 18.22
C MET E 843 33.42 1.13 19.67
N MET E 844 34.15 0.05 19.94
CA MET E 844 34.68 -0.19 21.27
C MET E 844 35.55 0.98 21.74
N SER E 845 36.29 1.56 20.82
CA SER E 845 37.22 2.62 21.16
C SER E 845 36.46 3.88 21.54
N GLN E 846 35.27 4.03 20.98
CA GLN E 846 34.53 5.28 21.05
C GLN E 846 34.11 5.67 22.47
N ALA E 847 32.88 5.34 22.82
CA ALA E 847 32.28 5.72 24.10
C ALA E 847 33.03 5.08 25.27
N MET E 848 34.18 4.47 24.96
CA MET E 848 35.02 3.86 25.96
C MET E 848 35.51 4.89 26.98
N ARG E 849 36.24 5.89 26.49
CA ARG E 849 36.91 6.88 27.36
C ARG E 849 35.93 7.66 28.23
N LYS E 850 34.76 7.97 27.66
CA LYS E 850 33.71 8.72 28.39
C LYS E 850 33.13 7.88 29.52
N LEU E 851 32.98 6.58 29.26
CA LEU E 851 32.42 5.67 30.22
C LEU E 851 33.39 5.44 31.36
N ALA E 852 34.69 5.52 31.04
CA ALA E 852 35.76 5.34 32.01
C ALA E 852 35.53 6.18 33.26
N GLY E 853 35.29 7.48 33.04
CA GLY E 853 35.10 8.44 34.12
C GLY E 853 33.80 8.26 34.89
N ASN E 854 32.69 8.15 34.17
CA ASN E 854 31.36 8.11 34.77
C ASN E 854 31.23 7.06 35.89
N LEU E 855 32.19 6.15 35.94
CA LEU E 855 32.15 5.03 36.88
C LEU E 855 32.80 5.32 38.24
N LYS E 856 33.86 6.12 38.25
CA LYS E 856 34.51 6.57 39.49
C LYS E 856 33.57 7.42 40.36
N GLN E 857 32.63 8.13 39.71
CA GLN E 857 31.61 8.98 40.38
C GLN E 857 30.30 8.25 40.62
N SER E 858 30.37 6.90 40.63
CA SER E 858 29.21 6.04 40.80
C SER E 858 29.58 4.78 41.57
N ASN E 859 30.90 4.53 41.61
CA ASN E 859 31.44 3.24 42.00
C ASN E 859 30.99 2.11 41.05
N THR E 860 30.28 2.50 39.99
CA THR E 860 29.76 1.56 39.00
C THR E 860 30.87 0.69 38.38
N LEU E 861 30.98 -0.54 38.87
CA LEU E 861 31.96 -1.50 38.38
C LEU E 861 31.48 -2.20 37.10
N LEU E 862 32.23 -2.00 36.02
CA LEU E 862 31.86 -2.62 34.76
C LEU E 862 32.86 -3.70 34.41
N ILE E 863 32.30 -4.88 34.08
CA ILE E 863 33.02 -6.07 33.65
C ILE E 863 32.68 -6.43 32.19
N PHE E 864 33.73 -6.56 31.39
CA PHE E 864 33.63 -7.03 30.03
C PHE E 864 34.04 -8.53 29.90
N ILE E 865 33.58 -9.20 28.83
CA ILE E 865 34.00 -10.58 28.54
C ILE E 865 34.43 -10.76 27.09
N ASN E 866 35.63 -11.28 26.86
CA ASN E 866 36.20 -11.38 25.50
C ASN E 866 36.54 -12.87 25.21
N GLN E 867 37.13 -13.16 24.03
CA GLN E 867 37.71 -14.49 23.57
C GLN E 867 39.15 -14.43 22.94
N GLY E 884 37.64 -8.86 19.97
CA GLY E 884 37.55 -7.57 20.67
C GLY E 884 38.43 -6.44 20.14
N GLY E 885 38.30 -5.21 20.68
CA GLY E 885 39.05 -4.01 20.20
C GLY E 885 40.16 -3.48 21.11
N ASN E 886 41.17 -2.83 20.53
CA ASN E 886 42.44 -2.48 21.23
C ASN E 886 42.32 -1.61 22.50
N ALA E 887 41.27 -0.79 22.56
CA ALA E 887 41.10 0.18 23.65
C ALA E 887 41.00 -0.45 25.02
N LEU E 888 40.18 -1.50 25.09
CA LEU E 888 39.87 -2.15 26.34
C LEU E 888 41.14 -2.54 27.07
N LYS E 889 42.10 -3.12 26.33
CA LYS E 889 43.39 -3.57 26.87
C LYS E 889 44.00 -2.58 27.85
N PHE E 890 43.72 -1.31 27.62
CA PHE E 890 44.34 -0.27 28.38
C PHE E 890 43.43 0.32 29.43
N TYR E 891 42.23 0.74 29.04
CA TYR E 891 41.32 1.37 30.00
C TYR E 891 40.87 0.44 31.13
N ALA E 892 41.08 -0.85 30.95
CA ALA E 892 40.85 -1.83 31.99
C ALA E 892 41.80 -1.56 33.14
N SER E 893 41.28 -1.71 34.36
CA SER E 893 42.11 -1.53 35.53
C SER E 893 42.58 -2.89 35.97
N VAL E 894 41.78 -3.91 35.68
CA VAL E 894 42.14 -5.28 35.95
C VAL E 894 41.73 -6.21 34.82
N ARG E 895 42.67 -7.02 34.35
CA ARG E 895 42.41 -8.02 33.31
C ARG E 895 42.70 -9.45 33.76
N LEU E 896 41.66 -10.28 33.67
CA LEU E 896 41.68 -11.66 34.11
C LEU E 896 41.76 -12.69 32.99
N ASP E 897 42.56 -13.74 33.21
CA ASP E 897 42.74 -14.83 32.22
C ASP E 897 42.26 -16.17 32.78
N ILE E 898 41.07 -16.56 32.39
CA ILE E 898 40.56 -17.85 32.81
C ILE E 898 40.76 -18.83 31.68
N ARG E 899 41.24 -20.01 32.02
CA ARG E 899 41.37 -21.14 31.08
C ARG E 899 40.95 -22.40 31.84
N ARG E 900 40.39 -23.38 31.14
CA ARG E 900 40.06 -24.62 31.82
C ARG E 900 41.19 -25.59 31.56
N ILE E 901 41.69 -26.27 32.60
CA ILE E 901 42.85 -27.17 32.41
C ILE E 901 42.64 -28.67 32.56
N GLY E 902 41.84 -29.10 33.54
CA GLY E 902 41.74 -30.53 33.88
C GLY E 902 40.35 -31.15 33.80
N ALA E 903 39.81 -31.48 34.97
CA ALA E 903 38.52 -32.15 35.07
C ALA E 903 38.45 -32.85 36.42
N VAL E 904 37.25 -32.99 36.96
CA VAL E 904 37.10 -33.61 38.28
C VAL E 904 36.16 -34.79 38.24
N LYS E 905 36.68 -35.93 38.69
CA LYS E 905 35.94 -37.19 38.64
C LYS E 905 35.47 -37.69 40.03
N GLU E 906 34.16 -37.99 40.13
CA GLU E 906 33.54 -38.62 41.31
C GLU E 906 33.39 -40.11 41.07
N GLY E 907 34.37 -40.86 41.56
CA GLY E 907 34.56 -42.25 41.20
C GLY E 907 35.04 -42.31 39.77
N GLU E 908 34.10 -42.22 38.82
CA GLU E 908 34.39 -42.23 37.39
C GLU E 908 33.25 -41.53 36.66
N ASN E 909 33.26 -40.19 36.71
CA ASN E 909 32.17 -39.40 36.16
C ASN E 909 32.55 -37.91 36.10
N VAL E 910 32.59 -37.35 34.89
CA VAL E 910 33.03 -35.95 34.66
C VAL E 910 32.07 -34.97 35.34
N VAL E 911 32.38 -34.53 36.56
CA VAL E 911 31.47 -33.60 37.26
C VAL E 911 32.08 -32.23 37.54
N GLY E 912 33.29 -32.00 37.03
CA GLY E 912 33.97 -30.71 37.25
C GLY E 912 35.10 -30.32 36.32
N SER E 913 35.31 -29.01 36.20
CA SER E 913 36.38 -28.44 35.39
C SER E 913 37.40 -27.76 36.32
N GLU E 914 38.66 -28.19 36.25
CA GLU E 914 39.71 -27.56 37.02
C GLU E 914 40.19 -26.32 36.28
N THR E 915 39.95 -25.15 36.88
CA THR E 915 40.26 -23.89 36.21
C THR E 915 41.48 -23.19 36.80
N ARG E 916 41.98 -22.21 36.06
CA ARG E 916 43.15 -21.41 36.43
C ARG E 916 42.94 -19.97 35.98
N VAL E 917 42.97 -19.06 36.93
CA VAL E 917 42.82 -17.65 36.66
C VAL E 917 44.12 -16.92 36.90
N LYS E 918 44.56 -16.20 35.88
CA LYS E 918 45.80 -15.46 35.90
C LYS E 918 45.52 -13.95 35.76
N VAL E 919 45.96 -13.15 36.74
CA VAL E 919 45.72 -11.72 36.69
C VAL E 919 46.84 -11.12 35.87
N VAL E 920 46.58 -10.90 34.59
CA VAL E 920 47.66 -10.47 33.71
C VAL E 920 47.83 -8.98 33.66
N LYS E 921 46.75 -8.26 33.96
CA LYS E 921 46.86 -6.83 34.12
C LYS E 921 46.26 -6.39 35.45
N ASN E 922 47.06 -5.67 36.25
CA ASN E 922 46.62 -5.25 37.57
C ASN E 922 47.16 -3.90 38.02
N LYS E 923 46.37 -2.86 37.77
CA LYS E 923 46.68 -1.51 38.24
C LYS E 923 45.86 -1.23 39.50
N ILE E 924 45.80 -2.21 40.40
CA ILE E 924 45.17 -2.00 41.70
C ILE E 924 46.12 -2.48 42.80
N ALA E 925 46.97 -3.44 42.44
CA ALA E 925 47.99 -3.97 43.34
C ALA E 925 49.02 -4.75 42.53
N ALA E 926 49.48 -5.86 43.09
CA ALA E 926 50.46 -6.69 42.43
C ALA E 926 49.91 -7.49 41.22
N PRO E 927 50.50 -7.29 40.04
CA PRO E 927 50.10 -8.01 38.85
C PRO E 927 50.87 -9.31 38.63
N PHE E 928 50.29 -10.22 37.84
CA PHE E 928 50.92 -11.46 37.35
C PHE E 928 50.79 -12.64 38.30
N LYS E 929 50.22 -12.38 39.47
CA LYS E 929 49.97 -13.43 40.45
C LYS E 929 48.77 -14.27 39.98
N GLN E 930 48.74 -15.55 40.36
CA GLN E 930 47.74 -16.52 39.85
C GLN E 930 47.03 -17.39 40.91
N ALA E 931 45.92 -18.00 40.50
CA ALA E 931 45.06 -18.72 41.42
C ALA E 931 44.35 -19.85 40.71
N GLU E 932 44.43 -21.07 41.26
CA GLU E 932 43.77 -22.27 40.73
C GLU E 932 42.64 -22.78 41.65
N PHE E 933 41.53 -23.21 41.05
CA PHE E 933 40.38 -23.62 41.82
C PHE E 933 39.43 -24.49 41.01
N GLN E 934 38.45 -25.07 41.70
CA GLN E 934 37.49 -25.98 41.07
C GLN E 934 36.16 -25.30 40.76
N ILE E 935 35.57 -25.67 39.61
CA ILE E 935 34.19 -25.34 39.27
C ILE E 935 33.38 -26.61 39.11
N LEU E 936 32.29 -26.72 39.85
CA LEU E 936 31.45 -27.90 39.80
C LEU E 936 30.11 -27.64 39.14
N TYR E 937 29.78 -28.48 38.17
CA TYR E 937 28.50 -28.44 37.48
C TYR E 937 27.37 -28.35 38.49
N GLY E 938 26.62 -27.26 38.46
CA GLY E 938 25.43 -27.13 39.30
C GLY E 938 25.64 -26.75 40.77
N GLU E 939 26.81 -26.23 41.08
CA GLU E 939 27.11 -25.71 42.41
C GLU E 939 28.06 -24.49 42.29
N GLY E 940 28.91 -24.51 41.28
CA GLY E 940 29.78 -23.38 40.98
C GLY E 940 31.16 -23.43 41.61
N ILE E 941 31.78 -22.26 41.74
CA ILE E 941 33.10 -22.15 42.32
C ILE E 941 33.15 -22.89 43.64
N ASN E 942 34.22 -23.64 43.85
CA ASN E 942 34.31 -24.50 45.01
C ASN E 942 35.02 -23.89 46.21
N PHE E 943 34.27 -23.09 46.95
CA PHE E 943 34.74 -22.30 48.11
C PHE E 943 35.66 -23.11 48.99
N TYR E 944 35.16 -24.26 49.43
CA TYR E 944 35.83 -25.07 50.42
C TYR E 944 37.07 -25.72 49.83
N GLY E 945 36.97 -26.07 48.55
CA GLY E 945 38.04 -26.75 47.86
C GLY E 945 39.36 -26.00 47.87
N GLU E 946 39.29 -24.72 47.57
CA GLU E 946 40.45 -23.86 47.66
C GLU E 946 40.73 -23.53 49.13
N LEU E 947 39.69 -23.56 49.96
CA LEU E 947 39.87 -23.19 51.35
C LEU E 947 40.79 -24.16 52.06
N VAL E 948 40.63 -25.45 51.76
CA VAL E 948 41.51 -26.46 52.30
C VAL E 948 42.94 -26.20 51.91
N ASP E 949 43.18 -26.10 50.60
CA ASP E 949 44.51 -25.81 50.06
C ASP E 949 45.19 -24.60 50.72
N LEU E 950 44.42 -23.55 50.97
CA LEU E 950 44.94 -22.33 51.57
C LEU E 950 45.46 -22.62 52.98
N GLY E 951 44.68 -23.38 53.74
CA GLY E 951 45.01 -23.70 55.13
C GLY E 951 46.17 -24.65 55.28
N VAL E 952 46.59 -25.26 54.18
CA VAL E 952 47.76 -26.14 54.17
C VAL E 952 49.00 -25.28 53.98
N LYS E 953 48.90 -24.31 53.06
CA LYS E 953 50.01 -23.42 52.77
C LYS E 953 50.10 -22.27 53.78
N GLU E 954 49.07 -22.13 54.63
CA GLU E 954 49.12 -21.18 55.77
C GLU E 954 49.11 -21.88 57.13
N LYS E 955 49.40 -23.17 57.09
CA LYS E 955 49.78 -23.96 58.28
C LYS E 955 48.70 -24.12 59.36
N LEU E 956 47.46 -23.81 59.00
CA LEU E 956 46.32 -24.06 59.86
C LEU E 956 45.87 -25.52 59.80
N ILE E 957 46.09 -26.15 58.64
CA ILE E 957 45.79 -27.56 58.44
C ILE E 957 47.05 -28.31 58.03
N GLU E 958 47.26 -29.47 58.63
CA GLU E 958 48.56 -30.12 58.57
C GLU E 958 48.59 -31.35 57.68
N LYS E 959 49.46 -31.32 56.68
CA LYS E 959 49.59 -32.42 55.72
C LYS E 959 50.57 -33.48 56.23
N ALA E 960 50.04 -34.65 56.61
CA ALA E 960 50.86 -35.81 57.01
C ALA E 960 51.08 -36.79 55.85
N GLY E 961 51.59 -36.27 54.73
CA GLY E 961 51.73 -37.02 53.48
C GLY E 961 50.42 -37.10 52.69
N ALA E 962 49.51 -37.95 53.18
CA ALA E 962 48.18 -38.16 52.60
C ALA E 962 47.04 -37.74 53.56
N TRP E 963 47.37 -37.55 54.83
CA TRP E 963 46.40 -37.25 55.88
C TRP E 963 46.23 -35.76 56.15
N TYR E 964 45.00 -35.36 56.47
CA TYR E 964 44.66 -33.96 56.68
C TYR E 964 44.20 -33.67 58.13
N SER E 965 45.03 -32.98 58.90
CA SER E 965 44.77 -32.74 60.32
C SER E 965 44.48 -31.28 60.63
N TYR E 966 43.49 -31.05 61.51
CA TYR E 966 43.24 -29.71 62.06
C TYR E 966 43.52 -29.64 63.57
N LYS E 967 44.82 -29.48 63.88
CA LYS E 967 45.35 -29.39 65.26
C LYS E 967 44.85 -30.51 66.20
N GLY E 968 45.59 -31.64 66.22
CA GLY E 968 45.26 -32.82 67.03
C GLY E 968 44.23 -33.74 66.36
N GLU E 969 43.09 -33.13 66.03
CA GLU E 969 41.98 -33.71 65.24
C GLU E 969 42.36 -34.08 63.77
N LYS E 970 42.08 -35.32 63.38
CA LYS E 970 42.29 -35.80 62.00
C LYS E 970 40.98 -35.67 61.21
N ILE E 971 40.97 -34.81 60.19
CA ILE E 971 39.71 -34.45 59.53
C ILE E 971 39.49 -35.02 58.14
N GLY E 972 40.50 -35.67 57.56
CA GLY E 972 40.36 -36.27 56.23
C GLY E 972 41.57 -36.99 55.65
N GLN E 973 41.34 -37.80 54.62
CA GLN E 973 42.38 -38.53 53.95
C GLN E 973 42.14 -38.39 52.46
N GLY E 974 43.12 -37.82 51.76
CA GLY E 974 42.96 -37.46 50.35
C GLY E 974 42.17 -36.17 50.21
N LYS E 975 42.75 -35.18 49.51
CA LYS E 975 42.16 -33.83 49.43
C LYS E 975 40.64 -33.84 49.44
N ALA E 976 40.05 -34.70 48.62
CA ALA E 976 38.61 -34.79 48.48
C ALA E 976 37.86 -34.93 49.80
N ASN E 977 38.08 -36.05 50.47
CA ASN E 977 37.37 -36.36 51.68
C ASN E 977 37.53 -35.31 52.76
N ALA E 978 38.62 -34.53 52.67
CA ALA E 978 38.87 -33.44 53.59
C ALA E 978 38.05 -32.26 53.14
N THR E 979 38.09 -31.98 51.85
CA THR E 979 37.34 -30.88 51.29
C THR E 979 35.97 -30.96 51.91
N ALA E 980 35.27 -32.03 51.60
CA ALA E 980 33.87 -32.16 51.98
C ALA E 980 33.66 -32.41 53.49
N TRP E 981 34.63 -32.02 54.31
CA TRP E 981 34.45 -32.09 55.76
C TRP E 981 34.20 -30.70 56.32
N LEU E 982 34.78 -29.71 55.67
CA LEU E 982 34.48 -28.35 56.04
C LEU E 982 33.04 -28.06 55.65
N LYS E 983 32.55 -28.77 54.63
CA LYS E 983 31.16 -28.65 54.18
C LYS E 983 30.20 -29.25 55.22
N ASP E 984 30.76 -30.06 56.12
CA ASP E 984 29.96 -30.80 57.09
C ASP E 984 29.77 -30.03 58.41
N ASN E 985 30.76 -29.24 58.81
CA ASN E 985 30.62 -28.30 59.94
C ASN E 985 31.17 -26.88 59.67
N PRO E 986 30.32 -25.96 59.12
CA PRO E 986 30.74 -24.61 58.72
C PRO E 986 31.21 -23.77 59.92
N GLU E 987 31.19 -24.37 61.11
CA GLU E 987 31.64 -23.72 62.34
C GLU E 987 33.14 -23.41 62.23
N THR E 988 33.95 -24.46 62.04
CA THR E 988 35.39 -24.34 61.99
C THR E 988 35.82 -23.71 60.67
N ALA E 989 34.94 -23.83 59.68
CA ALA E 989 35.20 -23.29 58.37
C ALA E 989 35.32 -21.79 58.47
N LYS E 990 34.20 -21.19 58.85
CA LYS E 990 34.07 -19.73 58.95
C LYS E 990 35.14 -19.10 59.85
N GLU E 991 35.77 -19.92 60.69
CA GLU E 991 36.87 -19.49 61.55
C GLU E 991 38.16 -19.45 60.71
N ILE E 992 38.46 -20.54 60.02
CA ILE E 992 39.66 -20.62 59.23
C ILE E 992 39.55 -19.70 58.03
N GLU E 993 38.33 -19.59 57.49
CA GLU E 993 38.06 -18.63 56.43
C GLU E 993 38.69 -17.29 56.77
N LYS E 994 38.31 -16.74 57.93
CA LYS E 994 38.75 -15.43 58.36
C LYS E 994 40.25 -15.42 58.66
N LYS E 995 40.73 -16.44 59.37
CA LYS E 995 42.12 -16.47 59.82
C LYS E 995 43.12 -16.44 58.65
N VAL E 996 42.63 -16.80 57.46
CA VAL E 996 43.42 -16.74 56.24
C VAL E 996 43.30 -15.35 55.61
N ARG E 997 42.09 -14.81 55.66
CA ARG E 997 41.84 -13.43 55.26
C ARG E 997 42.80 -12.52 56.03
N GLU E 998 42.93 -12.78 57.33
CA GLU E 998 43.85 -12.02 58.19
C GLU E 998 45.32 -12.19 57.83
N LEU E 999 45.68 -13.35 57.29
CA LEU E 999 47.08 -13.67 56.97
C LEU E 999 47.56 -13.27 55.55
N LEU E 1000 46.61 -12.88 54.68
CA LEU E 1000 46.95 -12.40 53.31
C LEU E 1000 46.27 -11.10 52.81
N LEU E 1001 45.23 -10.65 53.50
CA LEU E 1001 44.58 -9.33 53.25
C LEU E 1001 44.89 -8.29 54.36
N LYS E 1029 19.13 7.23 47.95
CA LYS E 1029 17.99 6.28 48.18
C LYS E 1029 17.50 5.68 46.84
N GLN E 1030 16.26 5.18 46.82
CA GLN E 1030 15.60 4.60 45.62
C GLN E 1030 15.04 5.69 44.69
N LYS E 1031 15.55 6.91 44.89
CA LYS E 1031 15.19 8.13 44.15
C LYS E 1031 15.86 8.11 42.75
N ALA E 1032 17.19 7.91 42.73
CA ALA E 1032 17.98 7.90 41.48
C ALA E 1032 17.71 6.67 40.61
N LEU E 1033 17.28 5.58 41.25
CA LEU E 1033 17.02 4.30 40.59
C LEU E 1033 15.64 4.27 39.94
N ALA E 1034 14.61 4.25 40.79
CA ALA E 1034 13.20 4.11 40.38
C ALA E 1034 12.74 5.23 39.42
N ALA E 1035 13.68 6.10 39.04
CA ALA E 1035 13.44 7.14 38.02
C ALA E 1035 14.31 6.93 36.77
N ALA E 1036 15.63 6.87 36.95
CA ALA E 1036 16.54 6.80 35.82
C ALA E 1036 16.25 5.59 34.92
N LEU E 1037 15.54 4.61 35.47
CA LEU E 1037 15.16 3.41 34.72
C LEU E 1037 14.45 3.71 33.41
N GLY E 1038 13.18 4.10 33.52
CA GLY E 1038 12.35 4.37 32.36
C GLY E 1038 12.96 5.35 31.38
N GLN E 1039 13.86 6.19 31.90
CA GLN E 1039 14.56 7.21 31.10
C GLN E 1039 15.21 6.54 29.91
N ILE E 1040 15.71 5.35 30.14
CA ILE E 1040 16.48 4.64 29.15
C ILE E 1040 15.52 4.06 28.13
N GLU E 1041 14.37 3.62 28.62
CA GLU E 1041 13.32 3.10 27.75
C GLU E 1041 12.87 4.18 26.79
N LYS E 1042 12.75 5.39 27.31
CA LYS E 1042 12.31 6.52 26.49
C LYS E 1042 13.36 6.89 25.45
N GLN E 1043 14.63 6.88 25.85
CA GLN E 1043 15.75 7.33 25.00
C GLN E 1043 15.99 6.43 23.75
N PHE E 1044 15.75 5.13 23.90
CA PHE E 1044 16.09 4.17 22.84
C PHE E 1044 14.88 3.41 22.25
N GLY E 1045 14.50 2.34 22.93
CA GLY E 1045 13.34 1.53 22.57
C GLY E 1045 12.55 1.16 23.81
N LYS E 1046 11.22 1.12 23.69
CA LYS E 1046 10.35 0.87 24.84
C LYS E 1046 10.44 -0.61 25.21
N GLY E 1047 11.14 -0.89 26.33
CA GLY E 1047 11.30 -2.25 26.86
C GLY E 1047 12.59 -2.96 26.51
N SER E 1048 13.71 -2.26 26.57
CA SER E 1048 14.99 -2.91 26.30
C SER E 1048 15.88 -2.88 27.53
N ILE E 1049 15.24 -2.78 28.69
CA ILE E 1049 15.89 -3.08 29.97
C ILE E 1049 14.79 -3.38 30.95
N MET E 1050 15.00 -4.33 31.86
CA MET E 1050 14.07 -4.59 32.98
C MET E 1050 14.57 -5.53 34.07
N ARG E 1051 13.82 -5.57 35.18
CA ARG E 1051 14.01 -6.54 36.23
C ARG E 1051 13.46 -7.85 35.66
N LEU E 1052 14.14 -8.95 35.96
CA LEU E 1052 13.80 -10.25 35.34
C LEU E 1052 12.62 -10.96 35.99
N GLY E 1053 12.30 -10.58 37.23
CA GLY E 1053 11.16 -11.14 37.95
C GLY E 1053 9.94 -10.25 37.87
N GLU E 1054 9.59 -9.86 36.64
CA GLU E 1054 8.53 -8.87 36.39
C GLU E 1054 7.29 -9.37 35.68
N ASP E 1055 6.14 -9.03 36.27
CA ASP E 1055 4.80 -9.27 35.72
C ASP E 1055 4.59 -8.41 34.47
N ARG E 1056 5.07 -7.17 34.57
CA ARG E 1056 4.95 -6.15 33.53
C ARG E 1056 5.28 -6.63 32.10
N SER E 1057 4.27 -7.15 31.43
CA SER E 1057 4.30 -7.34 29.98
C SER E 1057 3.61 -6.13 29.33
N MET E 1058 3.74 -6.03 28.01
CA MET E 1058 3.22 -4.89 27.28
C MET E 1058 1.99 -5.30 26.45
N ASP E 1059 1.53 -4.36 25.63
CA ASP E 1059 0.39 -4.56 24.76
C ASP E 1059 0.89 -4.89 23.37
N VAL E 1060 0.72 -6.13 22.94
CA VAL E 1060 0.80 -6.42 21.52
C VAL E 1060 -0.17 -7.52 21.19
N GLU E 1061 -0.63 -7.53 19.94
CA GLU E 1061 -1.30 -8.71 19.37
C GLU E 1061 -0.35 -9.92 19.48
N THR E 1062 -0.83 -10.99 20.12
CA THR E 1062 -0.03 -12.18 20.38
C THR E 1062 -0.68 -13.42 19.79
N ILE E 1063 -0.01 -14.05 18.84
CA ILE E 1063 -0.52 -15.32 18.28
C ILE E 1063 -0.15 -16.43 19.24
N SER E 1064 -1.04 -17.42 19.42
CA SER E 1064 -0.68 -18.55 20.28
C SER E 1064 0.40 -19.37 19.59
N THR E 1065 1.38 -19.86 20.35
CA THR E 1065 2.51 -20.53 19.75
C THR E 1065 2.13 -21.95 19.44
N GLY E 1066 0.99 -22.39 19.96
CA GLY E 1066 0.58 -23.78 19.85
C GLY E 1066 0.71 -24.49 21.19
N SER E 1067 1.79 -24.17 21.91
CA SER E 1067 1.97 -24.55 23.32
C SER E 1067 1.09 -23.71 24.21
N LEU E 1068 1.29 -23.84 25.51
CA LEU E 1068 0.55 -23.06 26.49
C LEU E 1068 1.59 -22.50 27.40
N SER E 1069 2.50 -23.35 27.83
CA SER E 1069 3.56 -22.92 28.74
C SER E 1069 4.58 -22.10 27.98
N LEU E 1070 4.66 -22.28 26.67
CA LEU E 1070 5.49 -21.39 25.87
C LEU E 1070 4.91 -19.99 25.97
N ASP E 1071 3.61 -19.89 25.77
CA ASP E 1071 2.93 -18.61 25.73
C ASP E 1071 2.84 -18.01 27.11
N ILE E 1072 3.25 -18.80 28.08
CA ILE E 1072 3.37 -18.35 29.45
C ILE E 1072 4.79 -17.95 29.71
N ALA E 1073 5.74 -18.63 29.07
CA ALA E 1073 7.13 -18.31 29.27
C ALA E 1073 7.51 -17.09 28.46
N LEU E 1074 6.74 -16.87 27.38
CA LEU E 1074 6.82 -15.62 26.64
C LEU E 1074 6.43 -14.49 27.58
N GLY E 1075 5.32 -14.69 28.32
CA GLY E 1075 4.81 -13.69 29.28
C GLY E 1075 3.73 -12.82 28.68
N ALA E 1076 3.71 -12.80 27.35
CA ALA E 1076 2.92 -11.90 26.53
C ALA E 1076 1.64 -12.55 26.05
N GLY E 1077 1.67 -13.86 25.97
CA GLY E 1077 0.55 -14.66 25.48
C GLY E 1077 0.85 -15.39 24.18
N GLY E 1078 2.02 -15.10 23.62
CA GLY E 1078 2.42 -15.67 22.35
C GLY E 1078 3.35 -14.74 21.63
N LEU E 1079 3.54 -15.00 20.34
CA LEU E 1079 4.48 -14.25 19.53
C LEU E 1079 3.92 -12.88 19.12
N PRO E 1080 4.74 -11.81 19.32
CA PRO E 1080 4.47 -10.40 19.07
C PRO E 1080 4.23 -10.11 17.60
N MET E 1081 3.02 -9.65 17.32
CA MET E 1081 2.65 -9.35 15.95
C MET E 1081 3.43 -8.19 15.37
N GLY E 1082 4.08 -8.46 14.25
CA GLY E 1082 4.80 -7.43 13.49
C GLY E 1082 6.16 -7.07 14.06
N ARG E 1083 6.86 -8.10 14.57
CA ARG E 1083 8.28 -8.01 14.92
C ARG E 1083 8.94 -9.18 14.23
N ILE E 1084 10.17 -9.51 14.61
CA ILE E 1084 10.74 -10.72 14.08
C ILE E 1084 11.02 -11.73 15.16
N VAL E 1085 10.83 -12.99 14.79
CA VAL E 1085 10.98 -14.09 15.70
C VAL E 1085 11.81 -15.20 15.10
N GLU E 1086 12.85 -15.58 15.83
CA GLU E 1086 13.76 -16.63 15.39
C GLU E 1086 13.60 -17.84 16.27
N ILE E 1087 13.38 -18.98 15.65
CA ILE E 1087 13.41 -20.24 16.35
C ILE E 1087 14.57 -21.04 15.86
N TYR E 1088 15.36 -21.58 16.78
CA TYR E 1088 16.50 -22.33 16.35
C TYR E 1088 16.68 -23.56 17.15
N GLY E 1089 17.57 -24.41 16.69
CA GLY E 1089 17.87 -25.67 17.33
C GLY E 1089 18.19 -26.78 16.34
N PRO E 1090 18.89 -27.81 16.80
CA PRO E 1090 19.35 -29.00 16.09
C PRO E 1090 18.31 -29.65 15.20
N GLU E 1091 18.81 -30.48 14.28
CA GLU E 1091 17.95 -31.16 13.32
C GLU E 1091 17.12 -32.25 13.99
N SER E 1092 15.90 -32.39 13.48
CA SER E 1092 14.90 -33.26 14.04
C SER E 1092 14.74 -32.84 15.50
N SER E 1093 14.54 -31.55 15.75
CA SER E 1093 14.33 -31.13 17.12
C SER E 1093 12.85 -30.84 17.28
N GLY E 1094 12.23 -30.46 16.18
CA GLY E 1094 10.81 -30.17 16.19
C GLY E 1094 10.56 -28.76 15.71
N LYS E 1095 11.61 -28.15 15.21
CA LYS E 1095 11.59 -26.81 14.65
C LYS E 1095 10.34 -26.49 13.80
N THR E 1096 10.32 -27.06 12.59
CA THR E 1096 9.21 -27.09 11.62
C THR E 1096 7.83 -27.33 12.30
N THR E 1097 7.66 -28.50 12.92
CA THR E 1097 6.46 -28.84 13.66
C THR E 1097 5.93 -27.69 14.49
N LEU E 1098 6.82 -27.05 15.26
CA LEU E 1098 6.39 -25.98 16.16
C LEU E 1098 5.72 -24.92 15.35
N THR E 1099 6.42 -24.44 14.33
CA THR E 1099 5.91 -23.39 13.42
C THR E 1099 4.52 -23.71 12.86
N LEU E 1100 4.42 -24.91 12.30
CA LEU E 1100 3.16 -25.44 11.77
C LEU E 1100 2.06 -25.52 12.78
N GLN E 1101 2.43 -25.75 14.03
CA GLN E 1101 1.49 -25.60 15.11
C GLN E 1101 1.05 -24.14 15.36
N VAL E 1102 1.86 -23.18 14.96
CA VAL E 1102 1.48 -21.81 15.09
C VAL E 1102 0.60 -21.45 13.93
N ILE E 1103 1.00 -21.89 12.75
CA ILE E 1103 0.24 -21.66 11.55
C ILE E 1103 -1.14 -22.24 11.76
N ALA E 1104 -1.20 -23.34 12.47
CA ALA E 1104 -2.47 -23.97 12.77
C ALA E 1104 -3.36 -22.97 13.51
N ALA E 1105 -2.85 -22.44 14.61
CA ALA E 1105 -3.65 -21.59 15.50
C ALA E 1105 -3.63 -20.11 15.11
N ALA E 1106 -3.27 -19.88 13.86
CA ALA E 1106 -3.59 -18.65 13.20
C ALA E 1106 -4.79 -18.97 12.34
N GLN E 1107 -4.68 -20.09 11.61
CA GLN E 1107 -5.73 -20.64 10.74
C GLN E 1107 -7.02 -20.70 11.53
N ARG E 1108 -6.83 -20.86 12.83
CA ARG E 1108 -7.88 -21.04 13.79
C ARG E 1108 -8.64 -19.76 14.00
N GLU E 1109 -8.08 -18.66 13.51
CA GLU E 1109 -8.82 -17.41 13.52
C GLU E 1109 -8.52 -16.53 12.31
N GLY E 1110 -8.85 -17.04 11.11
CA GLY E 1110 -8.77 -16.26 9.87
C GLY E 1110 -7.37 -15.99 9.33
N LYS E 1111 -6.54 -15.29 10.14
CA LYS E 1111 -5.17 -14.83 9.82
C LYS E 1111 -4.50 -15.72 8.79
N THR E 1112 -4.28 -15.22 7.59
CA THR E 1112 -3.83 -16.10 6.52
C THR E 1112 -2.31 -16.23 6.46
N CYS E 1113 -1.87 -17.36 5.91
CA CYS E 1113 -0.48 -17.79 6.04
C CYS E 1113 0.27 -18.26 4.82
N ALA E 1114 1.51 -17.84 4.77
CA ALA E 1114 2.40 -18.34 3.78
C ALA E 1114 3.64 -18.86 4.49
N PHE E 1115 4.21 -19.88 3.89
CA PHE E 1115 5.22 -20.70 4.50
C PHE E 1115 6.31 -20.90 3.45
N ILE E 1116 7.37 -20.13 3.60
CA ILE E 1116 8.40 -20.10 2.61
C ILE E 1116 9.21 -21.34 2.79
N ASP E 1117 9.03 -22.30 1.90
CA ASP E 1117 9.62 -23.61 2.13
C ASP E 1117 10.95 -23.85 1.40
N ALA E 1118 11.94 -23.01 1.67
CA ALA E 1118 13.24 -23.13 1.02
C ALA E 1118 13.79 -24.54 1.09
N GLU E 1119 13.57 -25.18 2.23
CA GLU E 1119 14.16 -26.48 2.50
C GLU E 1119 13.65 -27.59 1.59
N HIS E 1120 12.53 -27.37 0.93
CA HIS E 1120 11.86 -28.43 0.15
C HIS E 1120 11.44 -29.60 1.06
N ALA E 1121 11.14 -29.23 2.31
CA ALA E 1121 10.66 -30.12 3.38
C ALA E 1121 9.13 -30.30 3.31
N LEU E 1122 8.49 -30.25 4.49
CA LEU E 1122 7.00 -30.32 4.67
C LEU E 1122 6.24 -31.43 3.91
N ASP E 1123 5.66 -32.33 4.68
CA ASP E 1123 4.77 -33.36 4.14
C ASP E 1123 3.30 -32.86 4.30
N PRO E 1124 2.72 -32.27 3.22
CA PRO E 1124 1.42 -31.62 3.37
C PRO E 1124 0.50 -32.48 4.22
N ILE E 1125 0.45 -33.76 3.89
CA ILE E 1125 -0.29 -34.75 4.65
C ILE E 1125 -0.06 -34.53 6.16
N TYR E 1126 1.17 -34.78 6.60
CA TYR E 1126 1.60 -34.53 7.98
C TYR E 1126 1.09 -33.17 8.45
N ALA E 1127 1.27 -32.16 7.62
CA ALA E 1127 0.85 -30.84 7.98
C ALA E 1127 -0.63 -30.88 8.37
N ARG E 1128 -1.43 -31.52 7.53
CA ARG E 1128 -2.86 -31.53 7.76
C ARG E 1128 -3.06 -32.11 9.12
N LYS E 1129 -2.41 -33.24 9.37
CA LYS E 1129 -2.57 -34.00 10.61
C LYS E 1129 -2.25 -33.16 11.84
N LEU E 1130 -1.46 -32.12 11.66
CA LEU E 1130 -1.11 -31.20 12.74
C LEU E 1130 -2.18 -30.12 12.95
N GLY E 1131 -2.92 -29.83 11.86
CA GLY E 1131 -4.11 -29.00 11.92
C GLY E 1131 -4.15 -27.75 11.04
N VAL E 1132 -3.40 -27.75 9.96
CA VAL E 1132 -3.36 -26.54 9.18
C VAL E 1132 -4.41 -26.66 8.11
N ASP E 1133 -4.86 -25.51 7.61
CA ASP E 1133 -5.72 -25.50 6.43
C ASP E 1133 -4.80 -25.59 5.25
N ILE E 1134 -4.71 -26.78 4.69
CA ILE E 1134 -3.73 -27.07 3.65
C ILE E 1134 -3.96 -26.21 2.45
N ASP E 1135 -5.21 -25.92 2.20
CA ASP E 1135 -5.60 -25.27 0.97
C ASP E 1135 -5.53 -23.75 1.06
N ASN E 1136 -5.52 -23.24 2.29
CA ASN E 1136 -5.45 -21.80 2.60
C ASN E 1136 -4.13 -21.33 3.22
N LEU E 1137 -3.07 -22.08 2.91
CA LEU E 1137 -1.73 -21.79 3.37
C LEU E 1137 -0.89 -21.66 2.11
N LEU E 1138 -1.08 -20.55 1.40
CA LEU E 1138 -0.49 -20.42 0.06
C LEU E 1138 1.01 -20.16 0.25
N CYS E 1139 1.80 -21.06 -0.35
CA CYS E 1139 3.20 -21.22 -0.04
C CYS E 1139 4.09 -21.48 -1.27
N SER E 1140 5.39 -21.29 -1.06
CA SER E 1140 6.36 -21.15 -2.12
C SER E 1140 7.45 -22.21 -2.00
N GLN E 1141 8.01 -22.59 -3.14
CA GLN E 1141 9.19 -23.47 -3.17
C GLN E 1141 10.36 -22.83 -3.92
N PRO E 1142 10.95 -21.75 -3.36
CA PRO E 1142 11.91 -20.89 -4.05
C PRO E 1142 13.14 -21.62 -4.55
N ASP E 1143 13.79 -21.02 -5.54
CA ASP E 1143 15.01 -21.55 -6.13
C ASP E 1143 16.21 -20.96 -5.36
N THR E 1144 16.22 -19.63 -5.21
CA THR E 1144 17.34 -18.92 -4.58
C THR E 1144 16.96 -18.36 -3.23
N GLY E 1145 17.98 -18.17 -2.39
CA GLY E 1145 17.83 -17.46 -1.13
C GLY E 1145 17.15 -16.12 -1.35
N GLU E 1146 17.62 -15.39 -2.35
CA GLU E 1146 17.08 -14.07 -2.64
C GLU E 1146 15.60 -14.10 -3.03
N GLN E 1147 15.25 -14.92 -4.02
CA GLN E 1147 13.86 -15.05 -4.43
C GLN E 1147 13.02 -15.12 -3.17
N ALA E 1148 13.34 -16.07 -2.29
CA ALA E 1148 12.63 -16.24 -1.02
C ALA E 1148 12.51 -14.93 -0.26
N LEU E 1149 13.66 -14.28 -0.04
CA LEU E 1149 13.68 -13.02 0.68
C LEU E 1149 12.72 -11.99 0.07
N GLU E 1150 12.99 -11.61 -1.17
CA GLU E 1150 12.18 -10.60 -1.87
C GLU E 1150 10.71 -11.06 -2.09
N ILE E 1151 10.44 -12.35 -1.88
CA ILE E 1151 9.06 -12.85 -1.89
C ILE E 1151 8.42 -12.43 -0.60
N CYS E 1152 9.04 -12.78 0.53
CA CYS E 1152 8.42 -12.38 1.78
C CYS E 1152 8.51 -10.88 2.01
N ASP E 1153 9.49 -10.24 1.39
CA ASP E 1153 9.55 -8.78 1.41
C ASP E 1153 8.22 -8.24 0.89
N ALA E 1154 7.84 -8.70 -0.30
CA ALA E 1154 6.61 -8.24 -0.95
C ALA E 1154 5.33 -8.71 -0.24
N LEU E 1155 5.45 -9.61 0.74
CA LEU E 1155 4.28 -10.06 1.49
C LEU E 1155 4.20 -9.31 2.81
N ALA E 1156 5.31 -8.68 3.17
CA ALA E 1156 5.34 -7.80 4.32
C ALA E 1156 4.61 -6.51 3.99
N ARG E 1157 4.78 -6.02 2.76
CA ARG E 1157 4.09 -4.82 2.28
C ARG E 1157 2.63 -5.13 1.88
N SER E 1158 2.36 -6.39 1.50
CA SER E 1158 1.05 -6.84 0.98
C SER E 1158 -0.06 -6.88 2.04
N GLY E 1159 -0.26 -5.74 2.70
CA GLY E 1159 -1.33 -5.51 3.69
C GLY E 1159 -1.46 -6.57 4.79
N ALA E 1160 -2.69 -7.10 4.92
CA ALA E 1160 -2.96 -8.17 5.89
C ALA E 1160 -2.83 -9.59 5.28
N VAL E 1161 -1.59 -10.01 4.98
CA VAL E 1161 -1.24 -11.44 4.87
C VAL E 1161 -0.49 -11.72 6.17
N ASP E 1162 -1.14 -12.42 7.09
CA ASP E 1162 -0.95 -12.15 8.53
C ASP E 1162 0.20 -12.78 9.29
N VAL E 1163 0.80 -13.84 8.76
CA VAL E 1163 2.04 -14.39 9.36
C VAL E 1163 2.84 -15.32 8.41
N ILE E 1164 4.17 -15.17 8.46
CA ILE E 1164 5.04 -15.81 7.50
C ILE E 1164 6.10 -16.63 8.18
N VAL E 1165 6.23 -17.90 7.76
CA VAL E 1165 7.27 -18.76 8.28
C VAL E 1165 8.30 -19.11 7.20
N VAL E 1166 9.58 -18.90 7.52
CA VAL E 1166 10.68 -19.15 6.59
C VAL E 1166 11.52 -20.35 6.99
N ASP E 1167 11.37 -21.43 6.23
CA ASP E 1167 11.98 -22.72 6.51
C ASP E 1167 12.88 -23.05 5.33
N SER E 1168 14.18 -22.92 5.51
CA SER E 1168 14.80 -22.39 6.73
C SER E 1168 16.09 -21.63 6.35
N VAL E 1169 16.49 -20.69 7.21
CA VAL E 1169 17.70 -19.90 6.99
C VAL E 1169 18.78 -20.78 6.40
N ALA E 1170 18.72 -22.06 6.69
CA ALA E 1170 19.63 -23.07 6.17
C ALA E 1170 19.97 -22.92 4.68
N ALA E 1171 19.04 -23.23 3.77
CA ALA E 1171 19.29 -23.23 2.28
C ALA E 1171 19.51 -21.83 1.66
N LEU E 1172 19.77 -20.87 2.54
CA LEU E 1172 20.10 -19.49 2.21
C LEU E 1172 21.59 -19.15 2.45
N THR E 1173 22.49 -20.12 2.22
CA THR E 1173 23.86 -19.79 1.73
C THR E 1173 23.72 -19.74 0.19
N PRO E 1174 24.04 -18.56 -0.43
CA PRO E 1174 23.47 -17.91 -1.67
C PRO E 1174 22.71 -18.77 -2.72
N LEU E 1189 28.92 -14.21 1.66
CA LEU E 1189 28.11 -13.16 2.28
C LEU E 1189 26.70 -13.66 2.62
N ALA E 1190 26.64 -14.86 3.19
CA ALA E 1190 25.39 -15.49 3.68
C ALA E 1190 24.70 -14.79 4.89
N ALA E 1191 25.11 -13.53 5.12
CA ALA E 1191 24.54 -12.63 6.15
C ALA E 1191 24.56 -11.17 5.66
N ARG E 1192 25.41 -10.90 4.67
CA ARG E 1192 25.46 -9.61 4.03
C ARG E 1192 24.27 -9.53 3.10
N MET E 1193 23.88 -10.68 2.58
CA MET E 1193 22.62 -10.84 1.84
C MET E 1193 21.41 -10.60 2.76
N MET E 1194 21.52 -11.11 3.98
CA MET E 1194 20.45 -11.02 4.96
C MET E 1194 20.30 -9.60 5.42
N SER E 1195 21.38 -9.12 6.05
CA SER E 1195 21.44 -7.80 6.63
C SER E 1195 20.86 -6.77 5.68
N GLN E 1196 20.74 -7.18 4.41
CA GLN E 1196 20.11 -6.36 3.38
C GLN E 1196 18.61 -6.25 3.69
N ALA E 1197 17.84 -7.28 3.34
CA ALA E 1197 16.38 -7.24 3.51
C ALA E 1197 15.97 -7.33 4.98
N MET E 1198 16.94 -7.61 5.85
CA MET E 1198 16.68 -7.65 7.27
C MET E 1198 16.34 -6.27 7.79
N ARG E 1199 16.96 -5.26 7.20
CA ARG E 1199 16.66 -3.85 7.53
C ARG E 1199 15.27 -3.48 7.00
N LYS E 1200 14.92 -4.08 5.86
CA LYS E 1200 13.75 -3.71 5.05
C LYS E 1200 12.47 -4.33 5.62
N LEU E 1201 12.58 -5.60 6.00
CA LEU E 1201 11.46 -6.30 6.60
C LEU E 1201 11.20 -5.81 8.02
N ALA E 1202 12.19 -5.10 8.58
CA ALA E 1202 12.09 -4.57 9.93
C ALA E 1202 11.02 -3.51 10.05
N GLY E 1203 10.88 -2.71 8.99
CA GLY E 1203 9.97 -1.56 8.95
C GLY E 1203 8.74 -1.75 8.07
N ASN E 1204 8.68 -2.90 7.39
CA ASN E 1204 7.50 -3.28 6.60
C ASN E 1204 6.55 -4.12 7.45
N LEU E 1205 7.04 -4.56 8.60
CA LEU E 1205 6.24 -5.37 9.49
C LEU E 1205 5.54 -4.55 10.56
N LYS E 1206 6.28 -3.67 11.24
CA LYS E 1206 5.70 -2.73 12.21
C LYS E 1206 4.58 -1.89 11.54
N GLN E 1207 4.51 -1.98 10.21
CA GLN E 1207 3.47 -1.32 9.41
C GLN E 1207 2.23 -2.23 9.29
N SER E 1208 2.44 -3.48 8.88
CA SER E 1208 1.38 -4.43 8.44
C SER E 1208 0.84 -5.39 9.53
N ASN E 1209 1.40 -5.26 10.72
CA ASN E 1209 1.21 -6.21 11.80
C ASN E 1209 1.65 -7.61 11.45
N THR E 1210 1.82 -7.85 10.16
CA THR E 1210 2.43 -9.07 9.65
C THR E 1210 3.64 -9.54 10.52
N LEU E 1211 3.58 -10.79 10.99
CA LEU E 1211 4.64 -11.41 11.82
C LEU E 1211 5.52 -12.40 11.03
N LEU E 1212 6.82 -12.43 11.34
CA LEU E 1212 7.76 -13.25 10.58
C LEU E 1212 8.60 -14.12 11.49
N ILE E 1213 8.58 -15.41 11.17
CA ILE E 1213 9.27 -16.41 11.95
C ILE E 1213 10.32 -17.13 11.12
N PHE E 1214 11.56 -16.90 11.52
CA PHE E 1214 12.71 -17.53 10.91
C PHE E 1214 13.09 -18.76 11.73
N ILE E 1215 13.53 -19.82 11.05
CA ILE E 1215 14.11 -20.97 11.74
C ILE E 1215 15.58 -21.25 11.36
N ASN E 1216 16.37 -21.78 12.30
CA ASN E 1216 17.83 -21.95 12.15
C ASN E 1216 18.31 -23.29 12.81
N GLN E 1217 19.63 -23.63 12.74
CA GLN E 1217 20.25 -24.92 13.31
C GLN E 1217 21.28 -24.89 14.51
N GLY E 1234 25.05 -19.77 11.94
CA GLY E 1234 24.26 -19.60 10.69
C GLY E 1234 24.33 -18.31 9.82
N GLY E 1235 23.94 -17.15 10.39
CA GLY E 1235 23.85 -15.85 9.66
C GLY E 1235 23.39 -14.69 10.54
N ASN E 1236 24.37 -13.97 11.12
CA ASN E 1236 24.22 -13.10 12.33
C ASN E 1236 22.97 -12.21 12.44
N ALA E 1237 23.12 -10.97 11.96
CA ALA E 1237 22.12 -9.90 12.01
C ALA E 1237 20.80 -10.24 12.71
N LEU E 1238 20.01 -11.09 12.08
CA LEU E 1238 18.76 -11.61 12.61
C LEU E 1238 18.73 -11.71 14.13
N LYS E 1239 19.80 -12.31 14.67
CA LYS E 1239 20.06 -12.42 16.11
C LYS E 1239 19.58 -11.21 16.91
N PHE E 1240 19.81 -10.03 16.34
CA PHE E 1240 19.44 -8.77 16.95
C PHE E 1240 18.11 -8.28 16.41
N TYR E 1241 17.85 -8.54 15.14
CA TYR E 1241 16.64 -8.02 14.51
C TYR E 1241 15.34 -8.73 14.94
N ALA E 1242 15.48 -9.73 15.82
CA ALA E 1242 14.32 -10.37 16.43
C ALA E 1242 13.83 -9.60 17.65
N SER E 1243 12.55 -9.78 17.98
CA SER E 1243 12.04 -9.28 19.24
C SER E 1243 11.82 -10.47 20.16
N VAL E 1244 11.84 -11.65 19.57
CA VAL E 1244 11.81 -12.90 20.33
C VAL E 1244 12.59 -14.04 19.67
N ARG E 1245 13.36 -14.75 20.47
CA ARG E 1245 14.09 -15.93 20.02
C ARG E 1245 13.74 -17.18 20.82
N LEU E 1246 13.71 -18.31 20.12
CA LEU E 1246 13.42 -19.60 20.72
C LEU E 1246 14.50 -20.66 20.54
N ASP E 1247 14.82 -21.32 21.64
CA ASP E 1247 15.72 -22.48 21.68
C ASP E 1247 14.94 -23.78 21.90
N ILE E 1248 14.69 -24.48 20.80
CA ILE E 1248 14.03 -25.77 20.84
C ILE E 1248 15.07 -26.88 20.96
N ARG E 1249 14.69 -27.97 21.61
CA ARG E 1249 15.54 -29.13 21.74
C ARG E 1249 14.71 -30.35 22.16
N ARG E 1250 14.99 -31.49 21.57
CA ARG E 1250 14.31 -32.72 21.94
C ARG E 1250 15.12 -33.39 23.03
N ILE E 1251 14.47 -33.69 24.15
CA ILE E 1251 15.22 -34.21 25.30
C ILE E 1251 14.75 -35.52 25.91
N GLY E 1252 13.71 -36.12 25.36
CA GLY E 1252 13.16 -37.32 25.98
C GLY E 1252 12.72 -38.39 25.01
N ALA E 1253 11.43 -38.33 24.67
CA ALA E 1253 10.73 -39.35 23.90
C ALA E 1253 9.61 -39.94 24.74
N VAL E 1254 8.43 -39.99 24.14
CA VAL E 1254 7.31 -40.56 24.81
C VAL E 1254 7.05 -41.92 24.23
N LYS E 1255 7.05 -42.90 25.11
CA LYS E 1255 6.78 -44.30 24.76
C LYS E 1255 5.37 -44.67 25.18
N GLU E 1256 4.77 -45.67 24.52
CA GLU E 1256 3.55 -46.29 25.03
C GLU E 1256 3.79 -47.78 25.21
N GLY E 1257 4.68 -48.10 26.13
CA GLY E 1257 5.20 -49.45 26.31
C GLY E 1257 6.45 -49.73 25.49
N GLU E 1258 6.31 -49.73 24.17
CA GLU E 1258 7.38 -50.12 23.24
C GLU E 1258 7.52 -49.17 22.04
N ASN E 1259 6.60 -48.23 21.91
CA ASN E 1259 6.50 -47.40 20.71
C ASN E 1259 7.07 -46.00 20.86
N VAL E 1260 7.96 -45.64 19.94
CA VAL E 1260 8.46 -44.27 19.85
C VAL E 1260 7.38 -43.36 19.25
N VAL E 1261 6.42 -42.90 20.05
CA VAL E 1261 5.34 -42.06 19.48
C VAL E 1261 5.44 -40.58 19.88
N GLY E 1262 6.52 -40.22 20.56
CA GLY E 1262 6.68 -38.85 21.03
C GLY E 1262 8.08 -38.25 21.09
N SER E 1263 8.15 -36.99 21.50
CA SER E 1263 9.39 -36.27 21.74
C SER E 1263 9.15 -35.28 22.87
N GLU E 1264 9.78 -35.52 24.02
CA GLU E 1264 9.70 -34.57 25.12
C GLU E 1264 10.57 -33.34 24.82
N THR E 1265 9.95 -32.17 24.91
CA THR E 1265 10.57 -30.99 24.34
C THR E 1265 10.70 -29.85 25.32
N ARG E 1266 11.84 -29.16 25.24
CA ARG E 1266 12.13 -27.96 26.03
C ARG E 1266 12.49 -26.81 25.13
N VAL E 1267 11.74 -25.73 25.33
CA VAL E 1267 11.91 -24.52 24.59
C VAL E 1267 12.29 -23.42 25.58
N LYS E 1268 13.45 -22.82 25.36
CA LYS E 1268 13.91 -21.69 26.14
C LYS E 1268 13.60 -20.41 25.37
N VAL E 1269 13.05 -19.42 26.06
CA VAL E 1269 12.89 -18.08 25.51
C VAL E 1269 14.24 -17.40 25.72
N VAL E 1270 15.02 -17.29 24.66
CA VAL E 1270 16.38 -16.81 24.81
C VAL E 1270 16.42 -15.32 24.67
N LYS E 1271 15.82 -14.79 23.61
CA LYS E 1271 15.68 -13.35 23.43
C LYS E 1271 14.24 -12.90 23.56
N ASN E 1272 14.00 -11.96 24.48
CA ASN E 1272 12.66 -11.49 24.75
C ASN E 1272 12.60 -9.99 24.98
N LYS E 1273 12.42 -9.24 23.89
CA LYS E 1273 12.21 -7.79 23.98
C LYS E 1273 10.70 -7.52 23.97
N ILE E 1274 9.93 -8.40 24.61
CA ILE E 1274 8.49 -8.21 24.74
C ILE E 1274 8.06 -8.23 26.20
N ALA E 1275 8.74 -9.06 26.98
CA ALA E 1275 8.53 -9.15 28.41
C ALA E 1275 9.78 -9.76 29.03
N ALA E 1276 9.60 -10.53 30.10
CA ALA E 1276 10.71 -11.16 30.79
C ALA E 1276 11.38 -12.28 29.98
N PRO E 1277 12.71 -12.17 29.76
CA PRO E 1277 13.44 -13.16 28.99
C PRO E 1277 13.88 -14.36 29.84
N PHE E 1278 14.53 -15.32 29.19
CA PHE E 1278 15.18 -16.48 29.82
C PHE E 1278 14.26 -17.44 30.62
N LYS E 1279 12.97 -17.37 30.34
CA LYS E 1279 12.03 -18.33 30.93
C LYS E 1279 11.84 -19.52 29.99
N GLN E 1280 11.51 -20.68 30.53
CA GLN E 1280 11.43 -21.90 29.75
C GLN E 1280 10.16 -22.68 29.99
N ALA E 1281 9.85 -23.54 29.03
CA ALA E 1281 8.63 -24.31 29.07
C ALA E 1281 8.89 -25.70 28.49
N GLU E 1282 8.29 -26.73 29.11
CA GLU E 1282 8.43 -28.11 28.65
C GLU E 1282 7.07 -28.68 28.23
N PHE E 1283 7.08 -29.58 27.24
CA PHE E 1283 5.83 -30.22 26.78
C PHE E 1283 6.06 -31.41 25.85
N GLN E 1284 4.99 -32.20 25.66
CA GLN E 1284 5.01 -33.35 24.73
C GLN E 1284 4.60 -32.98 23.31
N ILE E 1285 5.35 -33.47 22.31
CA ILE E 1285 4.95 -33.37 20.90
C ILE E 1285 4.62 -34.73 20.36
N LEU E 1286 3.36 -34.98 20.06
CA LEU E 1286 3.00 -36.29 19.59
C LEU E 1286 3.01 -36.41 18.06
N TYR E 1287 3.81 -37.36 17.58
CA TYR E 1287 4.04 -37.55 16.16
C TYR E 1287 2.75 -37.76 15.39
N GLY E 1288 2.33 -36.75 14.64
CA GLY E 1288 1.14 -36.90 13.80
C GLY E 1288 -0.16 -36.54 14.51
N GLU E 1289 -0.01 -35.78 15.59
CA GLU E 1289 -1.14 -35.17 16.27
C GLU E 1289 -0.72 -33.74 16.59
N GLY E 1290 0.46 -33.59 17.20
CA GLY E 1290 0.98 -32.28 17.49
C GLY E 1290 1.22 -32.04 18.95
N ILE E 1291 1.25 -30.77 19.31
CA ILE E 1291 1.48 -30.40 20.68
C ILE E 1291 0.38 -30.98 21.57
N ASN E 1292 0.63 -31.02 22.89
CA ASN E 1292 -0.31 -31.59 23.83
C ASN E 1292 -1.11 -30.66 24.75
N PHE E 1293 -2.09 -29.99 24.15
CA PHE E 1293 -3.04 -29.03 24.80
C PHE E 1293 -3.16 -29.40 26.27
N TYR E 1294 -3.56 -30.66 26.49
CA TYR E 1294 -3.96 -31.17 27.79
C TYR E 1294 -2.74 -31.58 28.58
N GLY E 1295 -1.74 -32.02 27.83
CA GLY E 1295 -0.48 -32.44 28.41
C GLY E 1295 0.02 -31.38 29.34
N GLU E 1296 0.45 -30.27 28.77
CA GLU E 1296 0.93 -29.15 29.56
C GLU E 1296 -0.17 -28.58 30.49
N LEU E 1297 -1.44 -28.84 30.16
CA LEU E 1297 -2.54 -28.30 30.95
C LEU E 1297 -2.59 -28.92 32.33
N VAL E 1298 -2.60 -30.24 32.38
CA VAL E 1298 -2.54 -30.92 33.65
C VAL E 1298 -1.53 -30.23 34.54
N ASP E 1299 -0.27 -30.23 34.09
CA ASP E 1299 0.89 -29.66 34.83
C ASP E 1299 0.67 -28.25 35.36
N LEU E 1300 0.11 -27.39 34.51
CA LEU E 1300 -0.15 -26.03 34.89
C LEU E 1300 -1.16 -26.00 36.04
N GLY E 1301 -2.27 -26.71 35.85
CA GLY E 1301 -3.28 -26.82 36.89
C GLY E 1301 -2.75 -27.36 38.20
N VAL E 1302 -1.61 -28.05 38.15
CA VAL E 1302 -0.99 -28.59 39.34
C VAL E 1302 -0.30 -27.49 40.11
N LYS E 1303 0.54 -26.72 39.40
CA LYS E 1303 1.29 -25.65 40.05
C LYS E 1303 0.38 -24.45 40.34
N GLU E 1304 -0.86 -24.49 39.84
CA GLU E 1304 -1.84 -23.47 40.23
C GLU E 1304 -2.97 -24.03 41.11
N LYS E 1305 -2.56 -24.88 42.05
CA LYS E 1305 -3.40 -25.38 43.15
C LYS E 1305 -4.80 -25.88 42.78
N LEU E 1306 -5.08 -25.97 41.47
CA LEU E 1306 -6.38 -26.44 40.95
C LEU E 1306 -6.52 -27.96 40.86
N ILE E 1307 -5.43 -28.65 40.54
CA ILE E 1307 -5.36 -30.11 40.62
C ILE E 1307 -4.24 -30.46 41.58
N GLU E 1308 -4.49 -31.41 42.48
CA GLU E 1308 -3.59 -31.63 43.63
C GLU E 1308 -2.80 -32.93 43.52
N LYS E 1309 -1.48 -32.81 43.67
CA LYS E 1309 -0.59 -33.98 43.54
C LYS E 1309 -0.50 -34.72 44.88
N ALA E 1310 -1.04 -35.93 44.91
CA ALA E 1310 -0.94 -36.82 46.09
C ALA E 1310 0.07 -37.96 45.85
N GLY E 1311 1.31 -37.57 45.54
CA GLY E 1311 2.35 -38.50 45.06
C GLY E 1311 2.13 -38.90 43.61
N ALA E 1312 1.37 -39.99 43.43
CA ALA E 1312 1.06 -40.52 42.10
C ALA E 1312 -0.39 -40.16 41.70
N TRP E 1313 -1.20 -39.83 42.69
CA TRP E 1313 -2.60 -39.56 42.50
C TRP E 1313 -2.86 -38.11 42.10
N TYR E 1314 -3.76 -37.89 41.14
CA TYR E 1314 -4.19 -36.55 40.77
C TYR E 1314 -5.64 -36.29 41.18
N SER E 1315 -5.89 -35.18 41.89
CA SER E 1315 -7.21 -34.90 42.47
C SER E 1315 -7.89 -33.62 41.91
N TYR E 1316 -9.23 -33.60 41.89
CA TYR E 1316 -10.02 -32.43 41.47
C TYR E 1316 -11.31 -32.22 42.23
N LYS E 1317 -11.29 -31.25 43.15
CA LYS E 1317 -12.38 -30.99 44.09
C LYS E 1317 -12.59 -32.18 45.06
N GLY E 1318 -11.49 -32.71 45.58
CA GLY E 1318 -11.53 -33.91 46.43
C GLY E 1318 -11.79 -35.20 45.66
N GLU E 1319 -12.10 -35.05 44.37
CA GLU E 1319 -12.43 -36.16 43.45
C GLU E 1319 -11.23 -36.76 42.70
N LYS E 1320 -11.15 -38.09 42.65
CA LYS E 1320 -10.06 -38.80 41.97
C LYS E 1320 -10.25 -38.76 40.47
N ILE E 1321 -9.19 -38.37 39.77
CA ILE E 1321 -9.28 -38.17 38.32
C ILE E 1321 -8.24 -38.96 37.53
N GLY E 1322 -7.06 -39.16 38.11
CA GLY E 1322 -6.02 -39.93 37.45
C GLY E 1322 -4.86 -40.35 38.33
N GLN E 1323 -4.29 -41.50 38.03
CA GLN E 1323 -3.08 -41.99 38.68
C GLN E 1323 -2.00 -42.04 37.60
N GLY E 1324 -0.88 -41.35 37.83
CA GLY E 1324 0.19 -41.20 36.83
C GLY E 1324 -0.15 -40.19 35.74
N LYS E 1325 0.70 -39.18 35.56
CA LYS E 1325 0.44 -38.05 34.63
C LYS E 1325 -0.25 -38.53 33.37
N ALA E 1326 0.26 -39.64 32.87
CA ALA E 1326 -0.33 -40.37 31.76
C ALA E 1326 -1.88 -40.31 31.77
N ASN E 1327 -2.49 -41.13 32.63
CA ASN E 1327 -3.95 -41.30 32.63
C ASN E 1327 -4.69 -40.02 32.99
N ALA E 1328 -4.00 -39.13 33.71
CA ALA E 1328 -4.54 -37.84 34.10
C ALA E 1328 -4.80 -37.05 32.86
N THR E 1329 -3.83 -37.06 31.95
CA THR E 1329 -3.96 -36.37 30.70
C THR E 1329 -5.24 -36.82 30.03
N ALA E 1330 -5.19 -37.97 29.36
CA ALA E 1330 -6.32 -38.50 28.58
C ALA E 1330 -7.66 -38.53 29.36
N TRP E 1331 -7.64 -38.08 30.62
CA TRP E 1331 -8.85 -37.80 31.36
C TRP E 1331 -9.45 -36.47 30.90
N LEU E 1332 -8.71 -35.40 31.08
CA LEU E 1332 -9.14 -34.11 30.63
C LEU E 1332 -9.57 -34.12 29.18
N LYS E 1333 -9.04 -35.05 28.40
CA LYS E 1333 -9.42 -35.18 27.00
C LYS E 1333 -10.91 -35.53 26.90
N ASP E 1334 -11.39 -36.23 27.91
CA ASP E 1334 -12.74 -36.78 27.90
C ASP E 1334 -13.74 -35.99 28.72
N ASN E 1335 -13.31 -34.84 29.26
CA ASN E 1335 -14.21 -33.99 30.02
C ASN E 1335 -14.10 -32.52 29.61
N PRO E 1336 -14.23 -32.23 28.30
CA PRO E 1336 -13.82 -30.91 27.78
C PRO E 1336 -14.35 -29.79 28.66
N GLU E 1337 -15.62 -29.94 29.07
CA GLU E 1337 -16.31 -28.98 29.91
C GLU E 1337 -15.45 -28.55 31.09
N THR E 1338 -15.18 -29.48 32.00
CA THR E 1338 -14.43 -29.18 33.21
C THR E 1338 -12.94 -28.94 32.88
N ALA E 1339 -12.59 -29.07 31.61
CA ALA E 1339 -11.23 -28.84 31.17
C ALA E 1339 -11.08 -27.41 30.77
N LYS E 1340 -11.82 -27.05 29.72
CA LYS E 1340 -11.91 -25.68 29.25
C LYS E 1340 -12.05 -24.72 30.44
N GLU E 1341 -12.72 -25.17 31.50
CA GLU E 1341 -12.97 -24.35 32.68
C GLU E 1341 -11.70 -24.11 33.50
N ILE E 1342 -10.79 -25.09 33.45
CA ILE E 1342 -9.50 -24.89 34.07
C ILE E 1342 -8.62 -24.05 33.16
N GLU E 1343 -8.70 -24.32 31.86
CA GLU E 1343 -7.96 -23.54 30.87
C GLU E 1343 -8.04 -22.08 31.24
N LYS E 1344 -9.25 -21.53 31.19
CA LYS E 1344 -9.49 -20.14 31.49
C LYS E 1344 -8.85 -19.73 32.84
N LYS E 1345 -9.12 -20.47 33.92
CA LYS E 1345 -8.71 -20.01 35.27
C LYS E 1345 -7.20 -20.02 35.52
N VAL E 1346 -6.44 -20.52 34.54
CA VAL E 1346 -4.99 -20.42 34.55
C VAL E 1346 -4.59 -19.23 33.69
N ARG E 1347 -5.26 -19.11 32.55
CA ARG E 1347 -5.13 -17.95 31.66
C ARG E 1347 -5.39 -16.65 32.43
N GLU E 1348 -6.32 -16.69 33.38
CA GLU E 1348 -6.62 -15.54 34.24
C GLU E 1348 -5.48 -15.31 35.23
N LEU E 1349 -4.77 -16.38 35.59
CA LEU E 1349 -3.71 -16.32 36.59
C LEU E 1349 -2.29 -16.20 36.04
N LEU E 1350 -2.16 -16.16 34.70
CA LEU E 1350 -0.86 -15.87 34.05
C LEU E 1350 -0.89 -15.01 32.74
N LEU E 1351 -2.03 -14.36 32.45
CA LEU E 1351 -2.23 -13.45 31.28
C LEU E 1351 -3.21 -12.29 31.57
N VAL F 12 -41.72 -20.17 12.14
CA VAL F 12 -42.03 -20.61 10.73
C VAL F 12 -41.40 -21.98 10.36
N GLU F 13 -41.31 -22.26 9.06
CA GLU F 13 -40.82 -23.55 8.53
C GLU F 13 -39.28 -23.62 8.44
N THR F 14 -38.73 -24.80 8.71
CA THR F 14 -37.27 -25.02 8.71
C THR F 14 -36.81 -26.32 8.04
N ILE F 15 -35.72 -26.20 7.27
CA ILE F 15 -35.11 -27.33 6.57
C ILE F 15 -33.83 -27.73 7.28
N SER F 16 -33.66 -29.03 7.48
CA SER F 16 -32.47 -29.60 8.13
C SER F 16 -31.19 -29.35 7.33
N THR F 17 -30.16 -28.86 8.02
CA THR F 17 -28.90 -28.50 7.37
C THR F 17 -28.17 -29.70 6.85
N GLY F 18 -28.48 -30.86 7.40
CA GLY F 18 -27.69 -32.05 7.16
C GLY F 18 -26.89 -32.37 8.41
N SER F 19 -26.49 -31.34 9.16
CA SER F 19 -25.89 -31.56 10.47
C SER F 19 -26.88 -31.30 11.57
N LEU F 20 -26.71 -32.07 12.64
CA LEU F 20 -27.58 -32.00 13.77
C LEU F 20 -27.29 -30.75 14.59
N SER F 21 -26.02 -30.54 14.89
CA SER F 21 -25.66 -29.45 15.80
C SER F 21 -25.74 -28.09 15.14
N LEU F 22 -25.71 -28.06 13.80
CA LEU F 22 -25.93 -26.82 13.09
C LEU F 22 -27.35 -26.38 13.35
N ASP F 23 -28.27 -27.35 13.26
CA ASP F 23 -29.68 -27.10 13.55
C ASP F 23 -29.84 -26.60 14.98
N ILE F 24 -29.07 -27.19 15.87
CA ILE F 24 -29.09 -26.87 17.30
C ILE F 24 -28.65 -25.43 17.60
N ALA F 25 -27.55 -25.02 16.97
CA ALA F 25 -27.00 -23.69 17.19
C ALA F 25 -27.79 -22.62 16.43
N LEU F 26 -28.53 -23.05 15.40
CA LEU F 26 -29.44 -22.19 14.71
C LEU F 26 -30.57 -21.73 15.63
N GLY F 27 -30.97 -22.62 16.55
CA GLY F 27 -32.09 -22.36 17.50
C GLY F 27 -33.48 -22.75 16.97
N ALA F 28 -33.51 -23.05 15.66
CA ALA F 28 -34.74 -23.26 14.87
C ALA F 28 -34.88 -24.70 14.36
N GLY F 29 -33.82 -25.48 14.46
CA GLY F 29 -33.82 -26.83 13.93
C GLY F 29 -33.84 -26.83 12.42
N GLY F 30 -33.06 -25.92 11.82
CA GLY F 30 -32.97 -25.82 10.37
C GLY F 30 -32.84 -24.41 9.88
N LEU F 31 -32.86 -24.25 8.55
CA LEU F 31 -32.72 -22.92 7.92
C LEU F 31 -34.04 -22.29 7.50
N PRO F 32 -34.41 -21.14 8.11
CA PRO F 32 -35.65 -20.38 7.89
C PRO F 32 -36.07 -20.20 6.43
N MET F 33 -37.16 -20.89 6.09
CA MET F 33 -37.81 -20.78 4.78
C MET F 33 -38.35 -19.39 4.53
N GLY F 34 -38.10 -18.89 3.32
CA GLY F 34 -38.56 -17.55 2.94
C GLY F 34 -37.57 -16.43 3.22
N ARG F 35 -36.38 -16.81 3.70
CA ARG F 35 -35.35 -15.84 4.04
C ARG F 35 -34.07 -16.03 3.23
N ILE F 36 -33.18 -15.05 3.31
CA ILE F 36 -31.89 -15.18 2.66
C ILE F 36 -30.86 -15.64 3.66
N VAL F 37 -30.08 -16.65 3.24
CA VAL F 37 -29.07 -17.29 4.09
C VAL F 37 -27.73 -17.33 3.39
N GLU F 38 -26.73 -16.75 4.06
CA GLU F 38 -25.38 -16.67 3.53
C GLU F 38 -24.47 -17.65 4.25
N ILE F 39 -23.78 -18.49 3.48
CA ILE F 39 -22.75 -19.34 4.00
C ILE F 39 -21.46 -18.89 3.39
N TYR F 40 -20.59 -18.38 4.23
CA TYR F 40 -19.34 -17.87 3.76
C TYR F 40 -18.20 -18.55 4.47
N GLY F 41 -17.02 -18.52 3.85
CA GLY F 41 -15.82 -19.08 4.44
C GLY F 41 -14.78 -19.47 3.43
N PRO F 42 -13.51 -19.58 3.86
CA PRO F 42 -12.43 -20.09 3.01
C PRO F 42 -12.87 -21.21 2.08
N GLU F 43 -12.33 -21.19 0.86
CA GLU F 43 -12.64 -22.22 -0.12
C GLU F 43 -12.19 -23.57 0.40
N SER F 44 -12.76 -24.60 -0.20
CA SER F 44 -12.51 -25.99 0.19
C SER F 44 -12.64 -26.17 1.71
N SER F 45 -13.76 -25.71 2.25
CA SER F 45 -13.99 -25.83 3.68
C SER F 45 -15.28 -26.56 3.94
N GLY F 46 -15.89 -27.04 2.87
CA GLY F 46 -17.08 -27.86 2.99
C GLY F 46 -18.29 -27.03 2.65
N LYS F 47 -18.02 -25.88 2.07
CA LYS F 47 -19.07 -24.94 1.71
C LYS F 47 -20.17 -25.63 0.87
N THR F 48 -19.77 -26.19 -0.28
CA THR F 48 -20.66 -26.87 -1.25
C THR F 48 -21.27 -28.18 -0.72
N THR F 49 -20.53 -28.93 0.10
CA THR F 49 -21.09 -30.13 0.70
C THR F 49 -22.31 -29.76 1.55
N LEU F 50 -22.10 -28.90 2.53
CA LEU F 50 -23.18 -28.43 3.41
C LEU F 50 -24.34 -27.96 2.60
N THR F 51 -24.06 -27.19 1.56
CA THR F 51 -25.04 -26.77 0.56
C THR F 51 -25.78 -27.99 0.00
N LEU F 52 -25.06 -28.87 -0.70
CA LEU F 52 -25.68 -30.00 -1.34
C LEU F 52 -26.41 -30.87 -0.35
N GLN F 53 -26.16 -30.61 0.93
CA GLN F 53 -26.79 -31.37 1.98
C GLN F 53 -28.21 -30.90 2.31
N VAL F 54 -28.44 -29.60 2.18
CA VAL F 54 -29.78 -29.09 2.43
C VAL F 54 -30.63 -29.41 1.22
N ILE F 55 -30.01 -29.43 0.04
CA ILE F 55 -30.71 -29.77 -1.19
C ILE F 55 -31.13 -31.23 -1.10
N ALA F 56 -30.35 -32.03 -0.38
CA ALA F 56 -30.67 -33.43 -0.13
C ALA F 56 -31.87 -33.54 0.80
N ALA F 57 -31.74 -33.01 2.01
CA ALA F 57 -32.78 -33.11 3.05
C ALA F 57 -34.17 -32.60 2.61
N ALA F 58 -34.16 -31.59 1.74
CA ALA F 58 -35.38 -31.01 1.18
C ALA F 58 -35.88 -31.81 0.00
N GLN F 59 -34.94 -32.39 -0.76
CA GLN F 59 -35.25 -33.16 -1.96
C GLN F 59 -35.99 -34.46 -1.64
N ARG F 60 -35.83 -34.94 -0.42
CA ARG F 60 -36.44 -36.17 0.04
C ARG F 60 -37.75 -35.81 0.71
N GLU F 61 -38.31 -34.67 0.28
CA GLU F 61 -39.62 -34.21 0.72
C GLU F 61 -40.38 -33.43 -0.37
N GLY F 62 -40.16 -33.81 -1.64
CA GLY F 62 -40.79 -33.13 -2.78
C GLY F 62 -40.08 -31.84 -3.16
N LYS F 63 -40.27 -30.82 -2.31
CA LYS F 63 -39.68 -29.46 -2.41
C LYS F 63 -38.64 -29.27 -3.53
N THR F 64 -39.09 -29.04 -4.77
CA THR F 64 -38.15 -28.96 -5.93
C THR F 64 -37.19 -27.76 -5.83
N CYS F 65 -35.94 -27.98 -6.20
CA CYS F 65 -34.88 -27.05 -5.90
C CYS F 65 -34.05 -26.53 -7.04
N ALA F 66 -33.53 -25.31 -6.82
CA ALA F 66 -32.82 -24.58 -7.85
C ALA F 66 -31.37 -24.37 -7.47
N PHE F 67 -30.52 -24.52 -8.47
CA PHE F 67 -29.10 -24.38 -8.32
C PHE F 67 -28.55 -23.36 -9.30
N ILE F 68 -28.35 -22.15 -8.82
CA ILE F 68 -27.83 -21.07 -9.65
C ILE F 68 -26.32 -21.20 -9.74
N ASP F 69 -25.83 -21.65 -10.88
CA ASP F 69 -24.43 -22.02 -11.03
C ASP F 69 -23.58 -21.12 -11.91
N ALA F 70 -22.56 -20.54 -11.32
CA ALA F 70 -21.63 -19.74 -12.08
C ALA F 70 -20.23 -20.29 -11.88
N GLU F 71 -20.10 -21.25 -10.96
CA GLU F 71 -18.81 -21.88 -10.71
C GLU F 71 -18.49 -22.94 -11.77
N HIS F 72 -19.54 -23.58 -12.29
CA HIS F 72 -19.41 -24.72 -13.19
C HIS F 72 -18.59 -25.80 -12.49
N ALA F 73 -18.88 -25.98 -11.19
CA ALA F 73 -18.11 -26.91 -10.34
C ALA F 73 -18.82 -28.27 -10.15
N LEU F 74 -19.50 -28.44 -9.01
CA LEU F 74 -20.47 -29.52 -8.78
C LEU F 74 -20.19 -30.90 -9.41
N ASP F 75 -19.84 -31.87 -8.58
CA ASP F 75 -19.64 -33.25 -9.02
C ASP F 75 -20.98 -34.00 -8.92
N PRO F 76 -21.61 -34.31 -10.07
CA PRO F 76 -22.87 -35.02 -10.04
C PRO F 76 -22.80 -36.24 -9.14
N ILE F 77 -21.68 -36.95 -9.19
CA ILE F 77 -21.52 -38.23 -8.49
C ILE F 77 -21.41 -38.03 -6.98
N TYR F 78 -20.54 -37.10 -6.59
CA TYR F 78 -20.42 -36.73 -5.19
C TYR F 78 -21.78 -36.27 -4.67
N ALA F 79 -22.53 -35.58 -5.53
CA ALA F 79 -23.87 -35.16 -5.15
C ALA F 79 -24.73 -36.38 -4.88
N ARG F 80 -24.67 -37.35 -5.79
CA ARG F 80 -25.58 -38.51 -5.73
C ARG F 80 -25.42 -39.20 -4.39
N LYS F 81 -24.17 -39.34 -3.96
CA LYS F 81 -23.86 -40.05 -2.72
C LYS F 81 -24.14 -39.20 -1.48
N LEU F 82 -24.23 -37.89 -1.68
CA LEU F 82 -24.66 -37.04 -0.61
C LEU F 82 -26.17 -37.17 -0.44
N GLY F 83 -26.86 -37.54 -1.53
CA GLY F 83 -28.30 -37.88 -1.48
C GLY F 83 -29.27 -36.93 -2.14
N VAL F 84 -28.86 -36.32 -3.25
CA VAL F 84 -29.71 -35.38 -3.96
C VAL F 84 -30.37 -36.03 -5.16
N ASP F 85 -31.67 -35.82 -5.32
CA ASP F 85 -32.36 -36.30 -6.51
C ASP F 85 -31.88 -35.43 -7.66
N ILE F 86 -30.82 -35.88 -8.30
CA ILE F 86 -30.16 -35.08 -9.32
C ILE F 86 -31.06 -34.91 -10.52
N ASP F 87 -31.71 -35.99 -10.92
CA ASP F 87 -32.60 -35.99 -12.08
C ASP F 87 -33.73 -34.96 -11.96
N ASN F 88 -33.95 -34.45 -10.75
CA ASN F 88 -35.04 -33.54 -10.46
C ASN F 88 -34.54 -32.23 -9.87
N LEU F 89 -33.36 -31.82 -10.29
CA LEU F 89 -32.79 -30.61 -9.75
C LEU F 89 -32.68 -29.54 -10.81
N LEU F 90 -32.93 -28.29 -10.44
CA LEU F 90 -32.85 -27.22 -11.42
C LEU F 90 -31.55 -26.47 -11.25
N CYS F 91 -30.84 -26.29 -12.36
CA CYS F 91 -29.58 -25.53 -12.36
C CYS F 91 -29.69 -24.33 -13.28
N SER F 92 -28.97 -23.27 -12.96
CA SER F 92 -29.03 -22.03 -13.72
C SER F 92 -27.67 -21.77 -14.32
N GLN F 93 -27.57 -21.94 -15.62
CA GLN F 93 -26.30 -21.71 -16.32
C GLN F 93 -26.29 -20.31 -16.93
N PRO F 94 -26.20 -19.24 -16.10
CA PRO F 94 -26.58 -17.91 -16.58
C PRO F 94 -25.60 -17.38 -17.59
N ASP F 95 -26.03 -16.38 -18.36
CA ASP F 95 -25.17 -15.70 -19.32
C ASP F 95 -24.38 -14.54 -18.67
N THR F 96 -24.90 -14.03 -17.55
CA THR F 96 -24.25 -12.94 -16.79
C THR F 96 -24.71 -12.91 -15.35
N GLY F 97 -23.98 -12.13 -14.54
CA GLY F 97 -24.25 -11.96 -13.13
C GLY F 97 -25.56 -11.25 -12.91
N GLU F 98 -25.85 -10.27 -13.76
CA GLU F 98 -27.17 -9.67 -13.73
C GLU F 98 -28.20 -10.77 -13.97
N GLN F 99 -28.27 -11.26 -15.22
CA GLN F 99 -29.20 -12.30 -15.61
C GLN F 99 -29.34 -13.36 -14.53
N ALA F 100 -28.23 -13.79 -13.94
CA ALA F 100 -28.26 -14.72 -12.85
C ALA F 100 -29.13 -14.17 -11.74
N LEU F 101 -28.76 -13.01 -11.23
CA LEU F 101 -29.47 -12.40 -10.14
C LEU F 101 -30.87 -11.97 -10.53
N GLU F 102 -31.37 -12.51 -11.65
CA GLU F 102 -32.77 -12.26 -12.08
C GLU F 102 -33.54 -13.55 -12.27
N ILE F 103 -32.82 -14.59 -12.64
CA ILE F 103 -33.44 -15.88 -12.85
C ILE F 103 -33.80 -16.44 -11.50
N CYS F 104 -32.88 -16.27 -10.54
CA CYS F 104 -33.15 -16.64 -9.17
C CYS F 104 -34.31 -15.83 -8.62
N ASP F 105 -34.44 -14.59 -9.08
CA ASP F 105 -35.56 -13.73 -8.68
C ASP F 105 -36.86 -14.28 -9.25
N ALA F 106 -36.82 -14.62 -10.53
CA ALA F 106 -37.99 -15.07 -11.23
C ALA F 106 -38.58 -16.34 -10.60
N LEU F 107 -37.70 -17.18 -10.06
CA LEU F 107 -38.15 -18.42 -9.44
C LEU F 107 -38.76 -18.14 -8.08
N ALA F 108 -38.26 -17.11 -7.43
CA ALA F 108 -38.79 -16.70 -6.15
C ALA F 108 -40.27 -16.38 -6.29
N ARG F 109 -40.63 -15.72 -7.40
CA ARG F 109 -42.01 -15.32 -7.66
C ARG F 109 -42.91 -16.51 -7.91
N SER F 110 -42.35 -17.52 -8.59
CA SER F 110 -43.16 -18.63 -9.08
C SER F 110 -43.57 -19.65 -8.01
N GLY F 111 -43.86 -19.14 -6.81
CA GLY F 111 -44.61 -19.85 -5.75
C GLY F 111 -44.06 -21.17 -5.20
N ALA F 112 -44.21 -22.21 -6.02
CA ALA F 112 -43.70 -23.55 -5.70
C ALA F 112 -42.37 -23.87 -6.44
N VAL F 113 -41.34 -23.10 -6.11
CA VAL F 113 -39.96 -23.52 -6.31
C VAL F 113 -39.33 -23.23 -4.98
N ASP F 114 -38.90 -24.28 -4.30
CA ASP F 114 -38.80 -24.20 -2.86
C ASP F 114 -37.54 -23.64 -2.25
N VAL F 115 -36.39 -24.19 -2.63
CA VAL F 115 -35.15 -23.61 -2.14
C VAL F 115 -34.07 -23.43 -3.23
N ILE F 116 -33.52 -22.23 -3.27
CA ILE F 116 -32.61 -21.76 -4.31
C ILE F 116 -31.18 -21.66 -3.76
N VAL F 117 -30.21 -22.15 -4.54
CA VAL F 117 -28.82 -22.09 -4.14
C VAL F 117 -27.92 -21.46 -5.19
N VAL F 118 -27.19 -20.42 -4.79
CA VAL F 118 -26.35 -19.65 -5.70
C VAL F 118 -24.88 -19.95 -5.50
N ASP F 119 -24.22 -20.25 -6.62
CA ASP F 119 -22.86 -20.73 -6.65
C ASP F 119 -22.13 -20.08 -7.83
N SER F 120 -21.33 -19.05 -7.55
CA SER F 120 -21.15 -18.47 -6.21
C SER F 120 -21.11 -16.95 -6.26
N VAL F 121 -21.32 -16.32 -5.10
CA VAL F 121 -21.31 -14.89 -5.01
C VAL F 121 -20.18 -14.31 -5.81
N ALA F 122 -18.99 -14.86 -5.62
CA ALA F 122 -17.79 -14.37 -6.26
C ALA F 122 -17.86 -14.47 -7.80
N ALA F 123 -18.47 -15.55 -8.30
CA ALA F 123 -18.54 -15.82 -9.74
C ALA F 123 -19.74 -15.16 -10.45
N LEU F 124 -20.55 -14.46 -9.66
CA LEU F 124 -21.61 -13.59 -10.16
C LEU F 124 -21.03 -12.26 -10.66
N THR F 125 -20.24 -12.37 -11.73
CA THR F 125 -19.48 -11.27 -12.28
C THR F 125 -20.41 -10.42 -13.15
N PRO F 126 -20.55 -9.12 -12.84
CA PRO F 126 -21.43 -8.15 -13.51
C PRO F 126 -21.36 -8.13 -15.03
N LYS F 127 -22.47 -7.80 -15.67
CA LYS F 127 -22.56 -7.74 -17.12
C LYS F 127 -21.55 -6.75 -17.63
N ALA F 128 -21.33 -5.72 -16.84
CA ALA F 128 -20.31 -4.71 -17.13
C ALA F 128 -18.93 -5.33 -17.31
N GLU F 129 -18.44 -6.07 -16.30
CA GLU F 129 -17.11 -6.70 -16.36
C GLU F 129 -17.01 -7.60 -17.59
N ILE F 130 -18.09 -8.31 -17.88
CA ILE F 130 -18.10 -9.26 -18.96
C ILE F 130 -17.79 -8.60 -20.29
N GLU F 131 -18.36 -7.44 -20.57
CA GLU F 131 -17.86 -6.69 -21.71
C GLU F 131 -16.45 -6.20 -21.35
N GLY F 132 -16.32 -5.54 -20.20
CA GLY F 132 -15.03 -5.05 -19.75
C GLY F 132 -15.11 -3.65 -19.21
N GLU F 133 -14.52 -2.73 -19.96
CA GLU F 133 -14.43 -1.29 -19.62
C GLU F 133 -14.18 -1.02 -18.13
N ILE F 134 -13.00 -0.45 -17.84
CA ILE F 134 -12.43 -0.33 -16.46
C ILE F 134 -13.49 -0.01 -15.39
N GLY F 135 -13.68 -0.96 -14.43
CA GLY F 135 -14.66 -0.86 -13.33
C GLY F 135 -14.50 0.33 -12.39
N ASP F 136 -13.41 0.31 -11.61
CA ASP F 136 -12.73 1.51 -11.10
C ASP F 136 -11.26 1.05 -11.04
N SER F 137 -11.01 0.17 -10.07
CA SER F 137 -10.13 -0.99 -10.20
C SER F 137 -11.08 -2.17 -9.96
N HIS F 138 -12.03 -2.32 -10.89
CA HIS F 138 -13.10 -3.38 -10.98
C HIS F 138 -14.19 -3.52 -9.85
N MET F 139 -13.90 -4.33 -8.81
CA MET F 139 -14.87 -4.96 -7.83
C MET F 139 -15.44 -4.08 -6.67
N GLY F 140 -15.95 -2.89 -7.03
CA GLY F 140 -17.11 -2.25 -6.39
C GLY F 140 -18.37 -2.16 -7.26
N LEU F 141 -18.33 -2.71 -8.47
CA LEU F 141 -19.51 -2.74 -9.37
C LEU F 141 -20.47 -3.88 -9.01
N ALA F 142 -19.92 -4.91 -8.38
CA ALA F 142 -20.68 -6.07 -7.91
C ALA F 142 -21.45 -5.76 -6.61
N ALA F 143 -20.78 -5.07 -5.67
CA ALA F 143 -21.41 -4.60 -4.43
C ALA F 143 -22.61 -3.65 -4.69
N ARG F 144 -22.75 -3.20 -5.94
CA ARG F 144 -23.84 -2.35 -6.38
C ARG F 144 -24.85 -3.08 -7.29
N MET F 145 -24.41 -4.11 -8.01
CA MET F 145 -25.36 -5.03 -8.66
C MET F 145 -26.11 -5.79 -7.57
N MET F 146 -25.43 -6.05 -6.45
CA MET F 146 -26.03 -6.61 -5.25
C MET F 146 -27.11 -5.65 -4.72
N SER F 147 -26.66 -4.48 -4.24
CA SER F 147 -27.55 -3.44 -3.69
C SER F 147 -28.82 -3.26 -4.54
N GLN F 148 -28.71 -3.66 -5.81
CA GLN F 148 -29.75 -3.48 -6.82
C GLN F 148 -30.93 -4.43 -6.62
N ALA F 149 -31.00 -5.50 -7.44
CA ALA F 149 -32.14 -6.42 -7.42
C ALA F 149 -32.25 -7.25 -6.12
N MET F 150 -31.85 -6.64 -5.00
CA MET F 150 -31.82 -7.26 -3.66
C MET F 150 -33.08 -7.05 -2.82
N ARG F 151 -33.53 -5.80 -2.72
CA ARG F 151 -34.82 -5.47 -2.12
C ARG F 151 -35.92 -6.29 -2.80
N LYS F 152 -35.94 -6.25 -4.14
CA LYS F 152 -36.92 -6.96 -4.99
C LYS F 152 -36.95 -8.48 -4.66
N LEU F 153 -35.81 -9.06 -4.31
CA LEU F 153 -35.75 -10.44 -3.88
C LEU F 153 -36.17 -10.62 -2.44
N ALA F 154 -35.66 -9.75 -1.58
CA ALA F 154 -35.94 -9.80 -0.14
C ALA F 154 -37.41 -10.14 0.16
N GLY F 155 -38.31 -9.59 -0.67
CA GLY F 155 -39.76 -9.73 -0.50
C GLY F 155 -40.44 -10.81 -1.32
N ASN F 156 -39.84 -11.18 -2.45
CA ASN F 156 -40.36 -12.26 -3.28
C ASN F 156 -40.13 -13.65 -2.65
N LEU F 157 -39.67 -13.65 -1.41
CA LEU F 157 -39.33 -14.88 -0.73
C LEU F 157 -40.26 -15.16 0.42
N LYS F 158 -40.49 -14.15 1.26
CA LYS F 158 -41.52 -14.19 2.28
C LYS F 158 -42.87 -14.44 1.62
N GLN F 159 -42.90 -14.32 0.29
CA GLN F 159 -44.08 -14.57 -0.54
C GLN F 159 -44.30 -16.08 -0.74
N SER F 160 -43.23 -16.78 -1.10
CA SER F 160 -43.30 -18.19 -1.56
C SER F 160 -42.85 -19.23 -0.53
N ASN F 161 -42.39 -18.74 0.63
CA ASN F 161 -41.60 -19.53 1.57
C ASN F 161 -40.31 -20.02 0.90
N THR F 162 -39.93 -19.35 -0.19
CA THR F 162 -38.72 -19.68 -0.95
C THR F 162 -37.44 -19.33 -0.17
N LEU F 163 -36.64 -20.35 0.16
CA LEU F 163 -35.37 -20.18 0.88
C LEU F 163 -34.18 -20.01 -0.08
N LEU F 164 -33.44 -18.92 0.09
CA LEU F 164 -32.34 -18.65 -0.80
C LEU F 164 -31.04 -18.66 -0.04
N ILE F 165 -30.12 -19.49 -0.52
CA ILE F 165 -28.83 -19.70 0.11
C ILE F 165 -27.69 -19.23 -0.77
N PHE F 166 -26.95 -18.24 -0.25
CA PHE F 166 -25.80 -17.66 -0.94
C PHE F 166 -24.46 -18.20 -0.41
N ILE F 167 -23.55 -18.61 -1.30
CA ILE F 167 -22.21 -19.05 -0.88
C ILE F 167 -21.09 -18.09 -1.27
N ASN F 168 -20.26 -17.71 -0.30
CA ASN F 168 -19.32 -16.59 -0.44
C ASN F 168 -17.93 -16.96 0.17
N GLN F 169 -16.89 -16.11 -0.04
CA GLN F 169 -15.48 -16.25 0.51
C GLN F 169 -14.96 -15.01 1.32
N GLY F 186 -17.24 -9.62 -0.65
CA GLY F 186 -17.35 -8.78 -1.83
C GLY F 186 -18.77 -8.34 -2.20
N GLY F 187 -19.44 -7.62 -1.30
CA GLY F 187 -20.78 -7.05 -1.55
C GLY F 187 -21.63 -6.78 -0.32
N ASN F 188 -21.49 -5.58 0.26
CA ASN F 188 -22.05 -5.23 1.59
C ASN F 188 -23.59 -5.14 1.68
N ALA F 189 -24.26 -5.25 0.55
CA ALA F 189 -25.72 -5.28 0.51
C ALA F 189 -26.26 -6.59 1.12
N LEU F 190 -25.85 -7.72 0.54
CA LEU F 190 -26.31 -9.04 0.99
C LEU F 190 -26.25 -9.25 2.50
N LYS F 191 -25.28 -8.61 3.14
CA LYS F 191 -25.06 -8.72 4.57
C LYS F 191 -26.33 -8.50 5.40
N PHE F 192 -27.08 -7.45 5.08
CA PHE F 192 -28.19 -7.03 5.95
C PHE F 192 -29.52 -7.70 5.61
N TYR F 193 -29.64 -8.19 4.38
CA TYR F 193 -30.88 -8.81 3.91
C TYR F 193 -30.88 -10.31 4.19
N ALA F 194 -29.76 -10.79 4.69
CA ALA F 194 -29.67 -12.16 5.14
C ALA F 194 -30.31 -12.28 6.52
N SER F 195 -31.16 -13.28 6.69
CA SER F 195 -31.73 -13.54 7.99
C SER F 195 -30.80 -14.44 8.79
N VAL F 196 -29.94 -15.18 8.08
CA VAL F 196 -28.98 -16.07 8.71
C VAL F 196 -27.64 -16.18 7.96
N ARG F 197 -26.55 -16.15 8.72
CA ARG F 197 -25.21 -16.25 8.16
C ARG F 197 -24.33 -17.28 8.86
N LEU F 198 -23.58 -18.04 8.04
CA LEU F 198 -22.71 -19.11 8.51
C LEU F 198 -21.22 -18.97 8.17
N ASP F 199 -20.35 -19.21 9.16
CA ASP F 199 -18.88 -19.16 9.04
C ASP F 199 -18.26 -20.56 9.08
N ILE F 200 -18.33 -21.24 7.95
CA ILE F 200 -17.77 -22.56 7.80
C ILE F 200 -16.27 -22.40 7.63
N ARG F 201 -15.49 -23.27 8.29
CA ARG F 201 -14.04 -23.34 8.11
C ARG F 201 -13.52 -24.74 8.40
N ARG F 202 -12.59 -25.22 7.60
CA ARG F 202 -11.95 -26.49 7.85
C ARG F 202 -10.83 -26.27 8.87
N ILE F 203 -10.92 -26.95 10.03
CA ILE F 203 -10.02 -26.66 11.15
C ILE F 203 -9.29 -27.87 11.70
N GLY F 204 -9.46 -29.02 11.07
CA GLY F 204 -8.80 -30.23 11.53
C GLY F 204 -8.59 -31.23 10.42
N ALA F 205 -8.92 -32.47 10.74
CA ALA F 205 -8.87 -33.60 9.83
C ALA F 205 -9.12 -34.84 10.65
N VAL F 206 -9.76 -35.85 10.06
CA VAL F 206 -10.04 -37.09 10.79
C VAL F 206 -9.34 -38.27 10.15
N LYS F 207 -8.76 -39.11 11.00
CA LYS F 207 -7.93 -40.22 10.57
C LYS F 207 -8.53 -41.60 10.92
N GLU F 208 -8.17 -42.64 10.15
CA GLU F 208 -8.44 -44.03 10.50
C GLU F 208 -7.13 -44.67 10.85
N GLY F 209 -6.46 -44.13 11.86
CA GLY F 209 -5.10 -44.51 12.19
C GLY F 209 -4.07 -43.88 11.25
N GLU F 210 -4.11 -44.25 9.97
CA GLU F 210 -3.03 -43.94 9.01
C GLU F 210 -3.46 -43.22 7.72
N ASN F 211 -4.61 -42.54 7.76
CA ASN F 211 -5.14 -41.95 6.53
C ASN F 211 -5.81 -40.58 6.65
N VAL F 212 -5.91 -39.91 5.51
CA VAL F 212 -6.51 -38.57 5.43
C VAL F 212 -8.01 -38.59 5.73
N VAL F 213 -8.75 -39.33 4.90
CA VAL F 213 -10.24 -39.45 4.83
C VAL F 213 -11.21 -38.43 5.51
N GLY F 214 -10.77 -37.76 6.57
CA GLY F 214 -11.62 -36.81 7.28
C GLY F 214 -11.36 -35.33 7.05
N SER F 215 -12.21 -34.50 7.64
CA SER F 215 -12.10 -33.05 7.61
C SER F 215 -12.93 -32.46 8.75
N GLU F 216 -12.34 -32.34 9.94
CA GLU F 216 -13.04 -31.78 11.10
C GLU F 216 -13.44 -30.32 10.83
N THR F 217 -14.74 -30.04 10.81
CA THR F 217 -15.29 -28.74 10.39
C THR F 217 -16.00 -27.98 11.51
N ARG F 218 -15.94 -26.65 11.44
CA ARG F 218 -16.42 -25.76 12.49
C ARG F 218 -17.23 -24.63 11.89
N VAL F 219 -18.52 -24.62 12.22
CA VAL F 219 -19.46 -23.66 11.68
C VAL F 219 -19.95 -22.75 12.78
N LYS F 220 -19.83 -21.45 12.53
CA LYS F 220 -20.20 -20.42 13.48
C LYS F 220 -21.48 -19.70 12.96
N VAL F 221 -22.44 -19.45 13.86
CA VAL F 221 -23.65 -18.69 13.52
C VAL F 221 -23.36 -17.23 13.81
N VAL F 222 -23.20 -16.43 12.76
CA VAL F 222 -22.88 -15.02 12.94
C VAL F 222 -24.13 -14.14 12.94
N LYS F 223 -25.04 -14.39 11.99
CA LYS F 223 -26.30 -13.64 11.94
C LYS F 223 -27.55 -14.53 12.18
N ASN F 224 -28.35 -14.13 13.16
CA ASN F 224 -29.58 -14.84 13.52
C ASN F 224 -30.63 -13.88 14.08
N LYS F 225 -31.61 -13.58 13.22
CA LYS F 225 -32.80 -12.80 13.60
C LYS F 225 -33.98 -13.77 13.80
N ILE F 226 -33.67 -15.06 13.68
CA ILE F 226 -34.64 -16.14 13.89
C ILE F 226 -34.61 -16.69 15.33
N ALA F 227 -33.43 -16.76 15.94
CA ALA F 227 -33.32 -17.11 17.37
C ALA F 227 -32.22 -16.32 18.11
N ALA F 228 -31.19 -17.02 18.58
CA ALA F 228 -30.04 -16.40 19.24
C ALA F 228 -28.77 -16.54 18.38
N PRO F 229 -28.07 -15.41 18.10
CA PRO F 229 -26.78 -15.45 17.38
C PRO F 229 -25.59 -15.96 18.23
N PHE F 230 -24.37 -15.89 17.70
CA PHE F 230 -23.12 -16.14 18.46
C PHE F 230 -22.82 -17.59 18.87
N LYS F 231 -23.80 -18.48 18.76
CA LYS F 231 -23.60 -19.90 19.10
C LYS F 231 -22.92 -20.64 17.94
N GLN F 232 -21.95 -21.50 18.27
CA GLN F 232 -21.19 -22.29 17.28
C GLN F 232 -21.40 -23.81 17.45
N ALA F 233 -21.20 -24.54 16.37
CA ALA F 233 -21.40 -25.99 16.39
C ALA F 233 -20.40 -26.71 15.50
N GLU F 234 -19.89 -27.86 15.97
CA GLU F 234 -18.78 -28.62 15.34
C GLU F 234 -19.19 -30.02 14.85
N PHE F 235 -18.57 -30.48 13.76
CA PHE F 235 -18.87 -31.78 13.18
C PHE F 235 -17.79 -32.32 12.22
N GLN F 236 -18.16 -33.28 11.38
CA GLN F 236 -17.21 -33.95 10.48
C GLN F 236 -17.70 -34.11 9.04
N ILE F 237 -16.75 -34.17 8.11
CA ILE F 237 -17.06 -34.41 6.69
C ILE F 237 -16.19 -35.55 6.15
N LEU F 238 -16.81 -36.54 5.50
CA LEU F 238 -16.04 -37.65 4.97
C LEU F 238 -15.92 -37.61 3.47
N TYR F 239 -14.69 -37.78 3.00
CA TYR F 239 -14.36 -37.78 1.58
C TYR F 239 -15.21 -38.76 0.80
N GLY F 240 -16.26 -38.28 0.15
CA GLY F 240 -17.08 -39.14 -0.69
C GLY F 240 -18.26 -39.76 0.03
N GLU F 241 -18.66 -39.14 1.14
CA GLU F 241 -19.84 -39.56 1.89
C GLU F 241 -20.66 -38.44 2.56
N GLY F 242 -20.02 -37.31 2.91
CA GLY F 242 -20.76 -36.13 3.41
C GLY F 242 -20.97 -36.08 4.91
N ILE F 243 -21.75 -35.10 5.37
CA ILE F 243 -21.90 -34.87 6.81
C ILE F 243 -22.24 -36.14 7.57
N ASN F 244 -21.38 -36.40 8.61
CA ASN F 244 -21.52 -37.58 9.45
C ASN F 244 -22.27 -37.32 10.73
N PHE F 245 -23.59 -37.31 10.61
CA PHE F 245 -24.43 -36.94 11.74
C PHE F 245 -24.48 -38.04 12.79
N TYR F 246 -24.16 -39.25 12.38
CA TYR F 246 -24.00 -40.34 13.32
C TYR F 246 -22.81 -40.03 14.20
N GLY F 247 -21.75 -39.53 13.58
CA GLY F 247 -20.53 -39.13 14.27
C GLY F 247 -20.86 -38.19 15.40
N GLU F 248 -21.57 -37.11 15.07
CA GLU F 248 -21.96 -36.10 16.06
C GLU F 248 -23.09 -36.58 17.00
N LEU F 249 -23.85 -37.58 16.56
CA LEU F 249 -24.97 -38.10 17.33
C LEU F 249 -24.47 -38.67 18.64
N VAL F 250 -23.51 -39.58 18.51
CA VAL F 250 -22.87 -40.17 19.66
C VAL F 250 -22.51 -39.07 20.65
N ASP F 251 -21.69 -38.12 20.18
CA ASP F 251 -21.20 -36.99 20.98
C ASP F 251 -22.36 -36.22 21.65
N LEU F 252 -23.50 -36.15 20.97
CA LEU F 252 -24.66 -35.43 21.48
C LEU F 252 -25.37 -36.27 22.53
N GLY F 253 -25.36 -37.58 22.32
CA GLY F 253 -25.92 -38.49 23.28
C GLY F 253 -25.11 -38.52 24.55
N VAL F 254 -23.82 -38.21 24.43
CA VAL F 254 -22.91 -38.15 25.57
C VAL F 254 -23.36 -37.09 26.56
N LYS F 255 -23.43 -35.84 26.10
CA LYS F 255 -23.75 -34.72 26.97
C LYS F 255 -25.21 -34.75 27.46
N GLU F 256 -26.06 -35.44 26.70
CA GLU F 256 -27.49 -35.45 27.01
C GLU F 256 -27.96 -36.76 27.66
N LYS F 257 -27.11 -37.30 28.54
CA LYS F 257 -27.41 -38.49 29.38
C LYS F 257 -27.67 -39.81 28.62
N LEU F 258 -28.53 -39.76 27.60
CA LEU F 258 -29.00 -40.93 26.83
C LEU F 258 -27.95 -42.01 26.54
N ILE F 259 -26.73 -41.59 26.22
CA ILE F 259 -25.61 -42.51 26.01
C ILE F 259 -24.63 -42.39 27.19
N GLU F 260 -24.16 -43.54 27.67
CA GLU F 260 -23.22 -43.55 28.80
C GLU F 260 -21.80 -43.94 28.39
N LYS F 261 -20.83 -43.14 28.86
CA LYS F 261 -19.41 -43.33 28.57
C LYS F 261 -18.73 -44.04 29.74
N ALA F 262 -18.34 -45.30 29.54
CA ALA F 262 -17.61 -46.06 30.55
C ALA F 262 -16.10 -46.10 30.23
N GLY F 263 -15.54 -44.92 29.95
CA GLY F 263 -14.12 -44.77 29.59
C GLY F 263 -13.83 -44.93 28.10
N ALA F 264 -13.73 -46.18 27.66
CA ALA F 264 -13.52 -46.52 26.25
C ALA F 264 -14.78 -47.15 25.62
N TRP F 265 -15.35 -48.17 26.28
CA TRP F 265 -16.58 -48.84 25.82
C TRP F 265 -17.81 -47.94 26.03
N TYR F 266 -18.47 -47.58 24.94
CA TYR F 266 -19.68 -46.75 25.01
C TYR F 266 -20.91 -47.60 25.32
N SER F 267 -21.91 -47.01 25.98
CA SER F 267 -23.11 -47.74 26.43
C SER F 267 -24.44 -47.10 26.03
N TYR F 268 -25.50 -47.91 26.02
CA TYR F 268 -26.89 -47.45 25.85
C TYR F 268 -27.82 -48.10 26.90
N LYS F 269 -27.53 -47.80 28.18
CA LYS F 269 -28.21 -48.38 29.37
C LYS F 269 -28.20 -49.92 29.41
N GLY F 270 -27.07 -50.50 29.81
CA GLY F 270 -26.90 -51.96 29.87
C GLY F 270 -26.45 -52.58 28.55
N GLU F 271 -27.19 -52.28 27.48
CA GLU F 271 -26.91 -52.72 26.10
C GLU F 271 -25.62 -52.11 25.51
N LYS F 272 -24.51 -52.87 25.56
CA LYS F 272 -23.20 -52.42 25.05
C LYS F 272 -23.20 -52.23 23.52
N ILE F 273 -22.62 -51.11 23.06
CA ILE F 273 -22.74 -50.69 21.66
C ILE F 273 -21.44 -50.75 20.84
N GLY F 274 -20.31 -50.45 21.46
CA GLY F 274 -19.01 -50.57 20.79
C GLY F 274 -17.81 -50.07 21.57
N GLN F 275 -16.62 -50.31 21.00
CA GLN F 275 -15.34 -49.87 21.58
C GLN F 275 -14.71 -48.66 20.86
N GLY F 276 -14.58 -47.54 21.57
CA GLY F 276 -14.06 -46.26 21.02
C GLY F 276 -15.15 -45.39 20.41
N LYS F 277 -14.76 -44.30 19.75
CA LYS F 277 -15.72 -43.51 18.99
C LYS F 277 -15.84 -44.09 17.57
N ALA F 278 -14.83 -44.87 17.17
CA ALA F 278 -14.75 -45.48 15.84
C ALA F 278 -15.81 -46.55 15.58
N ASN F 279 -16.08 -47.40 16.58
CA ASN F 279 -17.11 -48.43 16.49
C ASN F 279 -18.51 -47.97 16.98
N ALA F 280 -18.53 -46.94 17.82
CA ALA F 280 -19.78 -46.40 18.36
C ALA F 280 -20.55 -45.72 17.24
N THR F 281 -19.81 -45.03 16.39
CA THR F 281 -20.35 -44.46 15.18
C THR F 281 -20.69 -45.59 14.22
N ALA F 282 -19.76 -46.52 14.04
CA ALA F 282 -19.91 -47.61 13.09
C ALA F 282 -21.07 -48.58 13.38
N TRP F 283 -21.70 -48.43 14.56
CA TRP F 283 -22.85 -49.27 14.95
C TRP F 283 -24.21 -48.62 14.62
N LEU F 284 -24.37 -47.34 14.92
CA LEU F 284 -25.62 -46.66 14.62
C LEU F 284 -25.92 -46.61 13.13
N LYS F 285 -24.95 -47.09 12.33
CA LYS F 285 -25.09 -47.23 10.89
C LYS F 285 -25.88 -48.49 10.55
N ASP F 286 -25.56 -49.60 11.24
CA ASP F 286 -26.27 -50.89 11.09
C ASP F 286 -27.69 -50.89 11.69
N ASN F 287 -27.93 -50.03 12.70
CA ASN F 287 -29.23 -49.93 13.42
C ASN F 287 -30.01 -48.64 13.10
N PRO F 288 -30.91 -48.68 12.07
CA PRO F 288 -31.60 -47.44 11.64
C PRO F 288 -32.61 -46.91 12.67
N GLU F 289 -33.61 -47.73 13.01
CA GLU F 289 -34.73 -47.36 13.90
C GLU F 289 -34.33 -46.81 15.27
N THR F 290 -33.35 -47.44 15.92
CA THR F 290 -32.95 -47.07 17.26
C THR F 290 -32.27 -45.70 17.29
N ALA F 291 -31.59 -45.35 16.21
CA ALA F 291 -30.94 -44.05 16.08
C ALA F 291 -31.97 -42.92 16.02
N LYS F 292 -32.80 -42.97 14.98
CA LYS F 292 -33.91 -42.02 14.74
C LYS F 292 -34.63 -41.64 16.04
N GLU F 293 -34.68 -42.58 16.97
CA GLU F 293 -35.31 -42.36 18.27
C GLU F 293 -34.51 -41.36 19.08
N ILE F 294 -33.23 -41.65 19.26
CA ILE F 294 -32.36 -40.81 20.08
C ILE F 294 -32.19 -39.44 19.45
N GLU F 295 -32.09 -39.42 18.12
CA GLU F 295 -32.09 -38.18 17.34
C GLU F 295 -33.11 -37.23 17.96
N LYS F 296 -34.38 -37.63 17.91
CA LYS F 296 -35.49 -36.80 18.35
C LYS F 296 -35.34 -36.36 19.82
N LYS F 297 -35.07 -37.29 20.72
CA LYS F 297 -35.03 -36.99 22.15
C LYS F 297 -34.03 -35.90 22.50
N VAL F 298 -33.03 -35.74 21.63
CA VAL F 298 -32.08 -34.66 21.77
C VAL F 298 -32.70 -33.35 21.27
N ARG F 299 -33.31 -33.41 20.09
CA ARG F 299 -33.89 -32.22 19.45
C ARG F 299 -34.74 -31.43 20.42
N GLU F 300 -35.63 -32.13 21.13
CA GLU F 300 -36.59 -31.50 22.04
C GLU F 300 -35.95 -30.97 23.33
N LEU F 301 -34.73 -31.44 23.64
CA LEU F 301 -34.01 -30.98 24.85
C LEU F 301 -33.16 -29.71 24.64
N LEU F 302 -33.20 -29.12 23.43
CA LEU F 302 -32.43 -27.90 23.09
C LEU F 302 -33.22 -26.76 22.36
N LEU F 303 -33.77 -27.07 21.19
CA LEU F 303 -34.48 -26.10 20.30
C LEU F 303 -35.51 -25.18 20.98
N LYS F 330 -49.99 -26.83 -7.96
CA LYS F 330 -49.93 -28.16 -8.64
C LYS F 330 -48.56 -28.32 -9.36
N GLN F 331 -48.45 -29.30 -10.26
CA GLN F 331 -47.22 -29.60 -11.03
C GLN F 331 -47.08 -28.77 -12.31
N LYS F 332 -48.02 -27.84 -12.50
CA LYS F 332 -47.96 -26.84 -13.57
C LYS F 332 -47.92 -25.41 -12.99
N ALA F 333 -47.65 -25.30 -11.68
CA ALA F 333 -47.16 -24.07 -11.08
C ALA F 333 -45.65 -23.98 -11.37
N LEU F 334 -45.06 -25.16 -11.62
CA LEU F 334 -43.68 -25.33 -12.09
C LEU F 334 -43.63 -25.25 -13.63
N ALA F 335 -44.01 -26.34 -14.31
CA ALA F 335 -43.90 -26.54 -15.78
C ALA F 335 -44.36 -25.35 -16.65
N ALA F 336 -45.35 -24.61 -16.16
CA ALA F 336 -45.78 -23.39 -16.83
C ALA F 336 -44.84 -22.25 -16.48
N ALA F 337 -44.56 -22.06 -15.18
CA ALA F 337 -43.68 -21.00 -14.73
C ALA F 337 -42.20 -21.21 -15.13
N LEU F 338 -41.89 -22.40 -15.64
CA LEU F 338 -40.55 -22.72 -16.18
C LEU F 338 -40.36 -22.12 -17.56
N GLY F 339 -41.09 -22.67 -18.55
CA GLY F 339 -41.06 -22.16 -19.92
C GLY F 339 -41.12 -20.64 -19.94
N GLN F 340 -41.66 -20.09 -18.85
CA GLN F 340 -41.72 -18.64 -18.58
C GLN F 340 -40.33 -18.04 -18.45
N ILE F 341 -39.53 -18.61 -17.56
CA ILE F 341 -38.19 -18.11 -17.33
C ILE F 341 -37.35 -18.42 -18.55
N GLU F 342 -37.77 -19.44 -19.30
CA GLU F 342 -37.10 -19.81 -20.55
C GLU F 342 -37.30 -18.78 -21.62
N LYS F 343 -38.55 -18.50 -21.97
CA LYS F 343 -38.86 -17.49 -22.98
C LYS F 343 -38.33 -16.11 -22.54
N GLN F 344 -38.35 -15.85 -21.24
CA GLN F 344 -37.98 -14.55 -20.67
C GLN F 344 -36.49 -14.21 -20.81
N PHE F 345 -35.63 -15.24 -20.77
CA PHE F 345 -34.16 -15.07 -20.76
C PHE F 345 -33.34 -15.78 -21.86
N GLY F 346 -33.97 -16.09 -23.00
CA GLY F 346 -33.33 -16.91 -24.05
C GLY F 346 -33.53 -18.40 -23.80
N LYS F 347 -33.80 -19.16 -24.87
CA LYS F 347 -34.26 -20.56 -24.77
C LYS F 347 -33.24 -21.55 -24.16
N GLY F 348 -33.64 -22.16 -23.04
CA GLY F 348 -32.78 -23.08 -22.31
C GLY F 348 -31.76 -22.34 -21.48
N SER F 349 -32.09 -22.03 -20.22
CA SER F 349 -31.12 -21.42 -19.32
C SER F 349 -31.50 -21.74 -17.89
N ILE F 350 -32.31 -22.78 -17.76
CA ILE F 350 -32.51 -23.48 -16.52
C ILE F 350 -33.26 -24.76 -16.87
N MET F 351 -32.96 -25.84 -16.13
CA MET F 351 -33.66 -27.11 -16.28
C MET F 351 -33.42 -28.13 -15.17
N ARG F 352 -34.33 -29.12 -15.12
CA ARG F 352 -34.15 -30.37 -14.38
C ARG F 352 -33.04 -31.08 -15.11
N LEU F 353 -32.23 -31.84 -14.39
CA LEU F 353 -31.06 -32.44 -14.99
C LEU F 353 -31.37 -33.71 -15.79
N GLY F 354 -32.19 -34.60 -15.21
CA GLY F 354 -32.56 -35.87 -15.86
C GLY F 354 -33.63 -35.70 -16.93
N GLU F 355 -33.21 -35.22 -18.09
CA GLU F 355 -34.12 -34.88 -19.14
C GLU F 355 -33.67 -35.34 -20.50
N ASP F 356 -34.63 -35.85 -21.26
CA ASP F 356 -34.41 -36.32 -22.64
C ASP F 356 -34.56 -35.16 -23.64
N ARG F 357 -34.86 -33.99 -23.08
CA ARG F 357 -35.08 -32.76 -23.85
C ARG F 357 -33.76 -32.13 -24.34
N SER F 358 -33.46 -32.37 -25.61
CA SER F 358 -32.42 -31.67 -26.32
C SER F 358 -33.10 -30.91 -27.44
N MET F 359 -33.00 -29.57 -27.41
CA MET F 359 -33.55 -28.72 -28.49
C MET F 359 -32.91 -29.08 -29.83
N ASP F 360 -33.63 -28.93 -30.94
CA ASP F 360 -33.12 -29.36 -32.25
C ASP F 360 -32.24 -28.31 -32.94
N VAL F 361 -31.04 -28.14 -32.34
CA VAL F 361 -29.93 -27.37 -32.96
C VAL F 361 -28.82 -28.30 -33.49
N GLU F 362 -28.13 -27.84 -34.54
CA GLU F 362 -27.20 -28.66 -35.35
C GLU F 362 -25.98 -29.22 -34.63
N THR F 363 -25.72 -30.51 -34.87
CA THR F 363 -24.75 -31.30 -34.09
C THR F 363 -23.52 -31.72 -34.92
N ILE F 364 -22.34 -31.52 -34.36
CA ILE F 364 -21.11 -32.00 -34.98
C ILE F 364 -20.41 -32.95 -34.01
N SER F 365 -20.16 -34.17 -34.46
CA SER F 365 -19.58 -35.23 -33.61
C SER F 365 -18.18 -34.91 -33.02
N THR F 366 -18.00 -35.14 -31.71
CA THR F 366 -16.72 -34.88 -31.06
C THR F 366 -15.70 -35.91 -31.44
N GLY F 367 -16.17 -37.06 -31.93
CA GLY F 367 -15.31 -38.20 -32.22
C GLY F 367 -15.59 -39.30 -31.21
N SER F 368 -16.02 -38.91 -30.02
CA SER F 368 -16.39 -39.83 -28.98
C SER F 368 -17.88 -39.88 -28.80
N LEU F 369 -18.44 -41.08 -28.95
CA LEU F 369 -19.84 -41.38 -28.63
C LEU F 369 -20.17 -40.93 -27.21
N SER F 370 -19.38 -41.39 -26.22
CA SER F 370 -19.64 -41.07 -24.82
C SER F 370 -19.60 -39.55 -24.52
N LEU F 371 -18.90 -38.79 -25.35
CA LEU F 371 -18.94 -37.33 -25.23
C LEU F 371 -20.26 -36.83 -25.80
N ASP F 372 -20.54 -37.17 -27.06
CA ASP F 372 -21.79 -36.76 -27.69
C ASP F 372 -22.94 -37.00 -26.74
N ILE F 373 -22.90 -38.15 -26.08
CA ILE F 373 -23.90 -38.53 -25.11
C ILE F 373 -24.05 -37.56 -23.96
N ALA F 374 -22.93 -37.24 -23.32
CA ALA F 374 -22.96 -36.35 -22.17
C ALA F 374 -23.12 -34.84 -22.55
N LEU F 375 -22.82 -34.51 -23.80
CA LEU F 375 -23.15 -33.22 -24.36
C LEU F 375 -24.65 -33.07 -24.27
N GLY F 376 -25.37 -34.13 -24.59
CA GLY F 376 -26.81 -34.10 -24.56
C GLY F 376 -27.35 -34.03 -25.97
N ALA F 377 -26.75 -33.17 -26.79
CA ALA F 377 -27.24 -32.91 -28.16
C ALA F 377 -26.77 -33.93 -29.18
N GLY F 378 -25.67 -34.60 -28.84
CA GLY F 378 -25.04 -35.57 -29.75
C GLY F 378 -24.05 -34.90 -30.68
N GLY F 379 -23.29 -33.94 -30.15
CA GLY F 379 -22.31 -33.18 -30.91
C GLY F 379 -22.26 -31.73 -30.47
N LEU F 380 -21.25 -31.02 -30.94
CA LEU F 380 -21.10 -29.61 -30.62
C LEU F 380 -22.01 -28.69 -31.44
N PRO F 381 -22.67 -27.74 -30.76
CA PRO F 381 -23.59 -26.73 -31.30
C PRO F 381 -23.07 -25.79 -32.41
N MET F 382 -23.37 -26.16 -33.66
CA MET F 382 -23.02 -25.35 -34.82
C MET F 382 -23.46 -23.89 -34.66
N GLY F 383 -22.47 -22.98 -34.72
CA GLY F 383 -22.73 -21.53 -34.64
C GLY F 383 -22.58 -20.94 -33.25
N ARG F 384 -21.81 -21.60 -32.39
CA ARG F 384 -21.63 -21.20 -31.00
C ARG F 384 -20.13 -21.23 -30.56
N ILE F 385 -19.85 -20.79 -29.33
CA ILE F 385 -18.49 -20.80 -28.82
C ILE F 385 -18.26 -21.93 -27.85
N VAL F 386 -17.26 -22.74 -28.16
CA VAL F 386 -16.90 -23.88 -27.31
C VAL F 386 -15.50 -23.76 -26.72
N GLU F 387 -15.39 -23.74 -25.40
CA GLU F 387 -14.09 -23.73 -24.74
C GLU F 387 -13.82 -25.12 -24.20
N ILE F 388 -12.77 -25.77 -24.72
CA ILE F 388 -12.24 -27.05 -24.20
C ILE F 388 -10.98 -26.75 -23.44
N TYR F 389 -11.06 -26.79 -22.13
CA TYR F 389 -9.90 -26.49 -21.33
C TYR F 389 -9.34 -27.75 -20.75
N GLY F 390 -8.06 -27.70 -20.38
CA GLY F 390 -7.40 -28.83 -19.75
C GLY F 390 -5.89 -28.79 -19.51
N PRO F 391 -5.44 -29.21 -18.31
CA PRO F 391 -4.01 -29.45 -18.04
C PRO F 391 -3.22 -29.76 -19.31
N GLU F 392 -2.11 -29.09 -19.48
CA GLU F 392 -1.24 -29.36 -20.62
C GLU F 392 -1.03 -30.87 -20.83
N SER F 393 -0.96 -31.29 -22.09
CA SER F 393 -0.72 -32.70 -22.45
C SER F 393 -1.80 -33.62 -21.90
N SER F 394 -3.03 -33.11 -21.83
CA SER F 394 -4.16 -33.89 -21.30
C SER F 394 -4.83 -34.73 -22.38
N GLY F 395 -4.84 -34.18 -23.58
CA GLY F 395 -5.46 -34.84 -24.70
C GLY F 395 -6.32 -33.87 -25.45
N LYS F 396 -6.47 -32.66 -24.93
CA LYS F 396 -7.40 -31.69 -25.52
C LYS F 396 -7.28 -31.59 -27.04
N THR F 397 -6.07 -31.37 -27.54
CA THR F 397 -5.89 -31.09 -28.96
C THR F 397 -6.27 -32.28 -29.85
N THR F 398 -6.08 -33.49 -29.35
CA THR F 398 -6.47 -34.68 -30.10
C THR F 398 -7.94 -34.59 -30.37
N LEU F 399 -8.71 -34.43 -29.30
CA LEU F 399 -10.13 -34.28 -29.35
C LEU F 399 -10.51 -33.12 -30.25
N THR F 400 -9.70 -32.07 -30.20
CA THR F 400 -9.87 -30.91 -31.07
C THR F 400 -9.72 -31.29 -32.54
N LEU F 401 -8.63 -31.98 -32.88
CA LEU F 401 -8.39 -32.43 -34.25
C LEU F 401 -9.43 -33.43 -34.68
N GLN F 402 -10.12 -34.02 -33.71
CA GLN F 402 -11.13 -35.04 -34.01
C GLN F 402 -12.46 -34.41 -34.44
N VAL F 403 -12.79 -33.24 -33.89
CA VAL F 403 -13.96 -32.52 -34.32
C VAL F 403 -13.70 -32.01 -35.73
N ILE F 404 -12.53 -31.43 -35.92
CA ILE F 404 -12.12 -31.00 -37.25
C ILE F 404 -12.26 -32.18 -38.22
N ALA F 405 -12.00 -33.38 -37.70
CA ALA F 405 -12.07 -34.62 -38.48
C ALA F 405 -13.48 -34.84 -38.99
N ALA F 406 -14.42 -35.04 -38.06
CA ALA F 406 -15.79 -35.40 -38.39
C ALA F 406 -16.52 -34.34 -39.22
N ALA F 407 -16.17 -33.07 -39.02
CA ALA F 407 -16.81 -31.98 -39.76
C ALA F 407 -16.30 -31.92 -41.20
N GLN F 408 -15.03 -32.29 -41.36
CA GLN F 408 -14.38 -32.28 -42.68
C GLN F 408 -14.78 -33.48 -43.53
N ARG F 409 -15.32 -34.49 -42.85
CA ARG F 409 -15.75 -35.72 -43.50
C ARG F 409 -17.22 -35.59 -43.88
N GLU F 410 -17.82 -34.47 -43.49
CA GLU F 410 -19.17 -34.14 -43.92
C GLU F 410 -19.14 -32.92 -44.83
N GLY F 411 -18.24 -32.91 -45.80
CA GLY F 411 -18.11 -31.81 -46.78
C GLY F 411 -17.60 -30.45 -46.30
N LYS F 412 -17.79 -30.12 -45.01
CA LYS F 412 -17.52 -28.78 -44.42
C LYS F 412 -16.02 -28.39 -44.43
N THR F 413 -15.71 -27.09 -44.47
CA THR F 413 -14.31 -26.64 -44.42
C THR F 413 -14.04 -25.72 -43.24
N CYS F 414 -12.89 -25.96 -42.60
CA CYS F 414 -12.62 -25.47 -41.24
C CYS F 414 -11.37 -24.64 -41.03
N ALA F 415 -11.38 -23.88 -39.95
CA ALA F 415 -10.34 -22.90 -39.66
C ALA F 415 -9.47 -23.29 -38.49
N PHE F 416 -8.21 -22.91 -38.58
CA PHE F 416 -7.24 -23.19 -37.54
C PHE F 416 -6.42 -21.97 -37.23
N ILE F 417 -6.77 -21.33 -36.14
CA ILE F 417 -6.08 -20.15 -35.70
C ILE F 417 -5.05 -20.66 -34.76
N ASP F 418 -3.78 -20.50 -35.12
CA ASP F 418 -2.64 -21.09 -34.39
C ASP F 418 -1.59 -20.12 -33.84
N ALA F 419 -1.60 -19.97 -32.53
CA ALA F 419 -0.61 -19.16 -31.87
C ALA F 419 0.41 -20.04 -31.14
N GLU F 420 0.17 -21.37 -31.15
CA GLU F 420 1.02 -22.37 -30.47
C GLU F 420 2.19 -22.86 -31.31
N HIS F 421 1.95 -22.97 -32.61
CA HIS F 421 2.93 -23.48 -33.56
C HIS F 421 3.26 -24.89 -33.20
N ALA F 422 2.18 -25.64 -32.99
CA ALA F 422 2.25 -27.02 -32.53
C ALA F 422 1.87 -28.03 -33.62
N LEU F 423 0.59 -28.41 -33.62
CA LEU F 423 -0.05 -29.22 -34.66
C LEU F 423 0.85 -30.22 -35.43
N ASP F 424 0.72 -31.50 -35.11
CA ASP F 424 1.43 -32.49 -35.91
C ASP F 424 0.59 -32.88 -37.13
N PRO F 425 1.00 -32.44 -38.33
CA PRO F 425 0.25 -32.80 -39.53
C PRO F 425 0.06 -34.31 -39.65
N ILE F 426 1.15 -35.05 -39.56
CA ILE F 426 1.15 -36.52 -39.75
C ILE F 426 0.16 -37.21 -38.81
N TYR F 427 0.14 -36.79 -37.55
CA TYR F 427 -0.81 -37.31 -36.59
C TYR F 427 -2.25 -36.93 -36.95
N ALA F 428 -2.44 -35.72 -37.45
CA ALA F 428 -3.77 -35.32 -37.87
C ALA F 428 -4.23 -36.21 -39.00
N ARG F 429 -3.31 -36.53 -39.90
CA ARG F 429 -3.65 -37.33 -41.05
C ARG F 429 -4.05 -38.75 -40.66
N LYS F 430 -3.37 -39.34 -39.68
CA LYS F 430 -3.83 -40.61 -39.17
C LYS F 430 -5.15 -40.38 -38.43
N LEU F 431 -5.33 -39.20 -37.84
CA LEU F 431 -6.50 -38.94 -37.02
C LEU F 431 -7.80 -38.86 -37.81
N GLY F 432 -7.71 -38.35 -39.05
CA GLY F 432 -8.87 -38.23 -39.94
C GLY F 432 -9.06 -36.88 -40.61
N VAL F 433 -8.14 -35.97 -40.33
CA VAL F 433 -8.22 -34.61 -40.85
C VAL F 433 -7.63 -34.57 -42.24
N ASP F 434 -8.37 -33.94 -43.16
CA ASP F 434 -7.84 -33.69 -44.48
C ASP F 434 -7.03 -32.41 -44.42
N ILE F 435 -5.76 -32.58 -44.17
CA ILE F 435 -4.90 -31.45 -43.95
C ILE F 435 -4.91 -30.51 -45.14
N ASP F 436 -4.85 -31.08 -46.34
CA ASP F 436 -4.72 -30.28 -47.57
C ASP F 436 -5.78 -29.19 -47.71
N ASN F 437 -6.98 -29.45 -47.18
CA ASN F 437 -8.12 -28.51 -47.26
C ASN F 437 -8.27 -27.62 -46.02
N LEU F 438 -7.48 -27.89 -44.99
CA LEU F 438 -7.63 -27.18 -43.75
C LEU F 438 -7.13 -25.75 -43.86
N LEU F 439 -7.90 -24.82 -43.35
CA LEU F 439 -7.51 -23.44 -43.40
C LEU F 439 -6.73 -23.13 -42.17
N CYS F 440 -5.50 -22.71 -42.38
CA CYS F 440 -4.61 -22.48 -41.28
C CYS F 440 -4.19 -21.03 -41.19
N SER F 441 -4.23 -20.53 -39.98
CA SER F 441 -3.88 -19.14 -39.73
C SER F 441 -2.77 -19.03 -38.69
N GLN F 442 -1.73 -18.28 -39.02
CA GLN F 442 -0.62 -18.07 -38.10
C GLN F 442 -0.43 -16.60 -37.77
N PRO F 443 -1.24 -16.06 -36.84
CA PRO F 443 -1.38 -14.62 -36.67
C PRO F 443 -0.16 -13.97 -36.09
N ASP F 444 0.04 -12.72 -36.51
CA ASP F 444 1.10 -11.87 -36.01
C ASP F 444 0.81 -11.46 -34.55
N THR F 445 -0.44 -11.60 -34.09
CA THR F 445 -0.74 -11.22 -32.71
C THR F 445 -2.13 -11.42 -32.15
N GLY F 446 -2.16 -11.38 -30.81
CA GLY F 446 -3.30 -11.68 -29.96
C GLY F 446 -4.56 -11.10 -30.53
N GLU F 447 -4.68 -9.77 -30.48
CA GLU F 447 -5.85 -9.14 -31.04
C GLU F 447 -5.98 -9.55 -32.49
N GLN F 448 -4.94 -9.35 -33.29
CA GLN F 448 -5.04 -9.63 -34.72
C GLN F 448 -5.67 -11.00 -34.96
N ALA F 449 -5.26 -11.99 -34.17
CA ALA F 449 -5.85 -13.31 -34.25
C ALA F 449 -7.37 -13.24 -34.05
N LEU F 450 -7.78 -12.71 -32.91
CA LEU F 450 -9.20 -12.59 -32.55
C LEU F 450 -10.00 -11.89 -33.63
N GLU F 451 -9.38 -10.97 -34.35
CA GLU F 451 -10.08 -10.21 -35.39
C GLU F 451 -10.18 -10.98 -36.71
N ILE F 452 -9.33 -12.00 -36.88
CA ILE F 452 -9.36 -12.81 -38.09
C ILE F 452 -10.53 -13.77 -38.02
N CYS F 453 -10.96 -14.07 -36.80
CA CYS F 453 -12.17 -14.86 -36.60
C CYS F 453 -13.41 -14.05 -36.99
N ASP F 454 -13.50 -12.81 -36.47
CA ASP F 454 -14.61 -11.87 -36.76
C ASP F 454 -15.03 -11.98 -38.22
N ALA F 455 -14.03 -11.97 -39.09
CA ALA F 455 -14.23 -11.94 -40.54
C ALA F 455 -14.36 -13.34 -41.16
N LEU F 456 -13.89 -14.38 -40.45
CA LEU F 456 -14.12 -15.75 -40.91
C LEU F 456 -15.52 -16.20 -40.48
N ALA F 457 -16.09 -15.42 -39.58
CA ALA F 457 -17.48 -15.61 -39.19
C ALA F 457 -18.37 -15.02 -40.27
N ARG F 458 -18.14 -13.74 -40.60
CA ARG F 458 -18.84 -13.08 -41.71
C ARG F 458 -18.32 -13.63 -43.05
N SER F 459 -18.28 -14.95 -43.14
CA SER F 459 -18.05 -15.63 -44.40
C SER F 459 -19.20 -16.60 -44.62
N GLY F 460 -19.52 -17.39 -43.59
CA GLY F 460 -20.65 -18.34 -43.62
C GLY F 460 -20.28 -19.74 -44.10
N ALA F 461 -19.32 -19.81 -45.02
CA ALA F 461 -18.79 -21.07 -45.57
C ALA F 461 -17.40 -21.41 -44.95
N VAL F 462 -17.15 -20.82 -43.79
CA VAL F 462 -16.19 -21.37 -42.87
C VAL F 462 -17.05 -21.93 -41.75
N ASP F 463 -17.02 -23.25 -41.62
CA ASP F 463 -17.97 -23.96 -40.75
C ASP F 463 -17.51 -24.06 -39.31
N VAL F 464 -16.24 -24.43 -39.08
CA VAL F 464 -15.68 -24.43 -37.72
C VAL F 464 -14.32 -23.76 -37.59
N ILE F 465 -14.24 -22.92 -36.57
CA ILE F 465 -13.03 -22.21 -36.25
C ILE F 465 -12.42 -22.89 -35.03
N VAL F 466 -11.11 -23.19 -35.07
CA VAL F 466 -10.35 -23.72 -33.93
C VAL F 466 -9.17 -22.82 -33.54
N VAL F 467 -9.21 -22.35 -32.31
CA VAL F 467 -8.23 -21.39 -31.81
C VAL F 467 -7.28 -22.00 -30.78
N ASP F 468 -5.99 -21.93 -31.09
CA ASP F 468 -4.92 -22.63 -30.35
C ASP F 468 -3.81 -21.66 -29.92
N SER F 469 -3.92 -21.08 -28.73
CA SER F 469 -5.01 -21.31 -27.79
C SER F 469 -4.95 -20.22 -26.74
N VAL F 470 -6.09 -19.90 -26.16
CA VAL F 470 -6.20 -18.80 -25.19
C VAL F 470 -4.89 -18.21 -24.70
N ALA F 471 -4.17 -18.97 -23.86
CA ALA F 471 -2.96 -18.49 -23.21
C ALA F 471 -1.92 -17.97 -24.22
N ALA F 472 -1.87 -18.60 -25.40
CA ALA F 472 -0.90 -18.28 -26.46
C ALA F 472 -1.27 -17.08 -27.37
N LEU F 473 -2.51 -16.57 -27.24
CA LEU F 473 -2.99 -15.33 -27.91
C LEU F 473 -2.50 -14.07 -27.19
N THR F 474 -1.17 -14.00 -27.07
CA THR F 474 -0.50 -12.97 -26.29
C THR F 474 -0.55 -11.63 -27.02
N PRO F 475 -1.26 -10.66 -26.43
CA PRO F 475 -1.66 -9.35 -26.94
C PRO F 475 -0.52 -8.44 -27.34
N LYS F 476 -0.87 -7.28 -27.92
CA LYS F 476 0.09 -6.34 -28.48
C LYS F 476 1.03 -5.87 -27.39
N ALA F 477 0.45 -5.27 -26.36
CA ALA F 477 1.21 -4.61 -25.29
C ALA F 477 2.37 -5.44 -24.74
N GLU F 478 2.16 -6.76 -24.69
CA GLU F 478 3.19 -7.68 -24.30
C GLU F 478 4.23 -7.80 -25.40
N ILE F 479 3.78 -7.96 -26.65
CA ILE F 479 4.71 -8.05 -27.78
C ILE F 479 5.57 -6.79 -27.88
N GLU F 480 4.93 -5.67 -28.17
CA GLU F 480 5.67 -4.42 -28.44
C GLU F 480 6.12 -3.94 -27.07
N GLY F 481 5.35 -4.33 -26.07
CA GLY F 481 5.74 -4.15 -24.68
C GLY F 481 5.76 -2.69 -24.27
N GLU F 482 4.60 -2.04 -24.30
CA GLU F 482 4.42 -0.77 -23.60
C GLU F 482 3.98 -1.09 -22.16
N ILE F 483 4.94 -0.93 -21.22
CA ILE F 483 5.06 -1.65 -19.89
C ILE F 483 4.52 -3.14 -19.79
N GLY F 484 3.20 -3.31 -19.89
CA GLY F 484 2.54 -4.62 -19.65
C GLY F 484 1.58 -4.62 -18.44
N ASP F 485 1.52 -3.47 -17.73
CA ASP F 485 0.82 -3.22 -16.42
C ASP F 485 1.23 -4.26 -15.30
N SER F 486 1.68 -3.80 -14.11
CA SER F 486 2.41 -4.69 -13.13
C SER F 486 1.68 -5.95 -12.50
N HIS F 487 0.36 -6.12 -12.75
CA HIS F 487 -0.33 -7.44 -12.52
C HIS F 487 0.33 -8.44 -13.51
N MET F 488 0.14 -8.21 -14.82
CA MET F 488 0.55 -9.13 -15.94
C MET F 488 -0.19 -10.50 -15.82
N GLY F 489 -0.62 -11.02 -16.95
CA GLY F 489 -1.97 -11.53 -17.07
C GLY F 489 -2.95 -10.44 -16.67
N LEU F 490 -2.98 -9.36 -17.47
CA LEU F 490 -3.97 -8.28 -17.29
C LEU F 490 -4.75 -8.18 -18.60
N ALA F 491 -4.03 -8.17 -19.71
CA ALA F 491 -4.63 -8.09 -21.01
C ALA F 491 -5.54 -9.31 -21.33
N ALA F 492 -6.18 -9.88 -20.30
CA ALA F 492 -7.33 -10.77 -20.47
C ALA F 492 -8.59 -9.97 -20.86
N ARG F 493 -8.47 -8.64 -20.76
CA ARG F 493 -9.48 -7.69 -21.22
C ARG F 493 -9.52 -7.66 -22.74
N MET F 494 -8.40 -7.99 -23.37
CA MET F 494 -8.37 -8.20 -24.82
C MET F 494 -9.38 -9.28 -25.22
N MET F 495 -9.58 -10.26 -24.35
CA MET F 495 -10.61 -11.26 -24.57
C MET F 495 -11.99 -10.59 -24.45
N SER F 496 -12.27 -10.04 -23.27
CA SER F 496 -13.54 -9.42 -23.01
C SER F 496 -13.96 -8.50 -24.17
N GLN F 497 -12.97 -7.89 -24.82
CA GLN F 497 -13.16 -6.94 -25.92
C GLN F 497 -13.94 -7.54 -27.07
N ALA F 498 -13.21 -8.00 -28.08
CA ALA F 498 -13.78 -8.49 -29.34
C ALA F 498 -14.58 -9.80 -29.15
N MET F 499 -14.89 -10.12 -27.89
CA MET F 499 -15.71 -11.27 -27.55
C MET F 499 -17.18 -11.03 -27.86
N ARG F 500 -17.73 -10.03 -27.19
CA ARG F 500 -19.10 -9.57 -27.38
C ARG F 500 -19.56 -9.77 -28.82
N LYS F 501 -18.77 -9.27 -29.76
CA LYS F 501 -19.13 -9.20 -31.17
C LYS F 501 -19.12 -10.55 -31.86
N LEU F 502 -18.19 -11.41 -31.49
CA LEU F 502 -18.11 -12.73 -32.09
C LEU F 502 -19.40 -13.53 -31.89
N ALA F 503 -20.06 -13.30 -30.76
CA ALA F 503 -21.30 -13.99 -30.43
C ALA F 503 -22.28 -14.01 -31.60
N GLY F 504 -22.60 -12.81 -32.12
CA GLY F 504 -23.50 -12.63 -33.26
C GLY F 504 -22.94 -13.16 -34.56
N ASN F 505 -21.80 -12.61 -34.99
CA ASN F 505 -21.15 -12.98 -36.26
C ASN F 505 -21.09 -14.50 -36.55
N LEU F 506 -21.10 -15.32 -35.50
CA LEU F 506 -21.02 -16.77 -35.63
C LEU F 506 -22.37 -17.45 -35.75
N LYS F 507 -23.34 -16.91 -35.03
CA LYS F 507 -24.69 -17.42 -35.00
C LYS F 507 -25.42 -17.27 -36.34
N GLN F 508 -25.22 -16.14 -37.03
CA GLN F 508 -25.82 -15.88 -38.37
C GLN F 508 -24.88 -16.29 -39.53
N SER F 509 -24.10 -17.34 -39.28
CA SER F 509 -23.21 -17.97 -40.24
C SER F 509 -23.31 -19.47 -40.07
N ASN F 510 -23.71 -19.89 -38.88
CA ASN F 510 -23.52 -21.25 -38.39
C ASN F 510 -22.05 -21.63 -38.48
N THR F 511 -21.21 -20.72 -37.97
CA THR F 511 -19.79 -20.98 -37.85
C THR F 511 -19.54 -21.36 -36.39
N LEU F 512 -19.09 -22.60 -36.17
CA LEU F 512 -18.76 -23.11 -34.83
C LEU F 512 -17.30 -22.83 -34.42
N LEU F 513 -17.13 -22.16 -33.29
CA LEU F 513 -15.81 -21.77 -32.88
C LEU F 513 -15.44 -22.43 -31.56
N ILE F 514 -14.17 -22.82 -31.50
CA ILE F 514 -13.61 -23.58 -30.39
C ILE F 514 -12.33 -22.94 -29.85
N PHE F 515 -12.36 -22.69 -28.54
CA PHE F 515 -11.24 -22.17 -27.80
C PHE F 515 -10.56 -23.27 -26.94
N ILE F 516 -9.23 -23.23 -26.83
CA ILE F 516 -8.52 -24.15 -25.97
C ILE F 516 -7.76 -23.37 -24.89
N ASN F 517 -7.89 -23.77 -23.62
CA ASN F 517 -7.27 -23.05 -22.47
C ASN F 517 -6.42 -24.04 -21.61
N GLN F 518 -5.91 -23.61 -20.44
CA GLN F 518 -5.19 -24.46 -19.39
C GLN F 518 -5.51 -24.24 -17.89
N GLY F 535 -6.79 -18.46 -18.81
CA GLY F 535 -7.08 -17.34 -19.71
C GLY F 535 -7.92 -16.18 -19.11
N GLY F 536 -9.00 -15.72 -19.79
CA GLY F 536 -9.77 -14.52 -19.39
C GLY F 536 -11.20 -14.76 -18.94
N ASN F 537 -11.68 -13.93 -18.00
CA ASN F 537 -13.01 -14.07 -17.33
C ASN F 537 -14.22 -14.20 -18.26
N ALA F 538 -14.16 -13.52 -19.40
CA ALA F 538 -15.28 -13.41 -20.34
C ALA F 538 -15.77 -14.74 -20.89
N LEU F 539 -14.89 -15.39 -21.64
CA LEU F 539 -15.17 -16.68 -22.25
C LEU F 539 -15.99 -17.60 -21.34
N LYS F 540 -15.69 -17.55 -20.05
CA LYS F 540 -16.37 -18.33 -19.02
C LYS F 540 -17.89 -18.30 -19.14
N PHE F 541 -18.42 -17.32 -19.85
CA PHE F 541 -19.87 -17.16 -19.96
C PHE F 541 -20.34 -17.18 -21.39
N TYR F 542 -19.59 -16.48 -22.25
CA TYR F 542 -19.92 -16.39 -23.67
C TYR F 542 -19.72 -17.75 -24.41
N ALA F 543 -19.11 -18.74 -23.74
CA ALA F 543 -19.08 -20.11 -24.24
C ALA F 543 -20.47 -20.71 -24.10
N SER F 544 -20.95 -21.34 -25.18
CA SER F 544 -22.26 -22.00 -25.16
C SER F 544 -22.09 -23.37 -24.49
N VAL F 545 -20.91 -23.98 -24.71
CA VAL F 545 -20.52 -25.24 -24.05
C VAL F 545 -19.03 -25.31 -23.64
N ARG F 546 -18.80 -25.96 -22.52
CA ARG F 546 -17.48 -26.02 -21.93
C ARG F 546 -17.07 -27.38 -21.44
N LEU F 547 -15.84 -27.72 -21.84
CA LEU F 547 -15.19 -28.99 -21.65
C LEU F 547 -13.94 -28.99 -20.74
N ASP F 548 -13.93 -29.95 -19.83
CA ASP F 548 -12.80 -30.29 -18.96
C ASP F 548 -12.25 -31.69 -19.32
N ILE F 549 -11.27 -31.73 -20.21
CA ILE F 549 -10.59 -32.96 -20.51
C ILE F 549 -9.46 -33.06 -19.50
N ARG F 550 -9.24 -34.27 -18.97
CA ARG F 550 -8.11 -34.58 -18.08
C ARG F 550 -7.36 -35.84 -18.56
N ARG F 551 -6.51 -36.43 -17.73
CA ARG F 551 -5.92 -37.72 -18.03
C ARG F 551 -5.75 -38.41 -16.71
N ILE F 552 -6.14 -39.68 -16.63
CA ILE F 552 -5.96 -40.40 -15.36
C ILE F 552 -5.17 -41.72 -15.37
N GLY F 553 -5.16 -42.43 -16.51
CA GLY F 553 -4.67 -43.81 -16.50
C GLY F 553 -3.45 -44.16 -17.32
N ALA F 554 -3.63 -44.15 -18.64
CA ALA F 554 -2.70 -44.72 -19.60
C ALA F 554 -2.84 -46.25 -19.66
N VAL F 555 -2.76 -46.82 -20.86
CA VAL F 555 -2.89 -48.27 -21.00
C VAL F 555 -1.75 -48.97 -21.74
N LYS F 556 -1.68 -50.29 -21.56
CA LYS F 556 -0.53 -51.13 -21.94
C LYS F 556 -0.83 -52.30 -22.90
N GLU F 557 0.11 -52.51 -23.83
CA GLU F 557 0.17 -53.70 -24.69
C GLU F 557 1.25 -54.56 -24.10
N GLY F 558 0.91 -55.26 -23.03
CA GLY F 558 1.89 -55.98 -22.25
C GLY F 558 2.61 -55.02 -21.32
N GLU F 559 3.84 -54.64 -21.67
CA GLU F 559 4.67 -53.72 -20.85
C GLU F 559 4.84 -52.34 -21.47
N ASN F 560 4.60 -52.24 -22.78
CA ASN F 560 4.60 -50.95 -23.48
C ASN F 560 3.51 -50.02 -22.94
N VAL F 561 3.71 -48.71 -23.03
CA VAL F 561 2.70 -47.70 -22.66
C VAL F 561 2.20 -47.06 -23.94
N VAL F 562 1.05 -47.51 -24.39
CA VAL F 562 0.59 -47.08 -25.71
C VAL F 562 -0.74 -46.33 -25.62
N GLY F 563 -1.27 -46.20 -24.39
CA GLY F 563 -2.60 -45.60 -24.17
C GLY F 563 -2.68 -44.43 -23.21
N SER F 564 -3.83 -43.75 -23.16
CA SER F 564 -4.09 -42.68 -22.18
C SER F 564 -5.57 -42.62 -21.83
N GLU F 565 -5.92 -43.02 -20.61
CA GLU F 565 -7.31 -43.03 -20.13
C GLU F 565 -7.75 -41.62 -19.74
N THR F 566 -8.67 -41.08 -20.52
CA THR F 566 -9.11 -39.69 -20.33
C THR F 566 -10.50 -39.62 -19.75
N ARG F 567 -10.83 -38.43 -19.25
CA ARG F 567 -12.14 -38.11 -18.69
C ARG F 567 -12.54 -36.68 -19.07
N VAL F 568 -13.58 -36.56 -19.87
CA VAL F 568 -14.10 -35.29 -20.28
C VAL F 568 -15.35 -34.99 -19.50
N LYS F 569 -15.30 -33.85 -18.82
CA LYS F 569 -16.42 -33.30 -18.09
C LYS F 569 -17.04 -32.12 -18.91
N VAL F 570 -18.35 -32.11 -19.07
CA VAL F 570 -19.04 -31.01 -19.69
C VAL F 570 -19.55 -30.20 -18.52
N VAL F 571 -18.92 -29.06 -18.27
CA VAL F 571 -19.27 -28.32 -17.08
C VAL F 571 -20.16 -27.13 -17.35
N LYS F 572 -19.96 -26.50 -18.50
CA LYS F 572 -20.88 -25.46 -18.90
C LYS F 572 -21.73 -25.96 -20.07
N ASN F 573 -23.02 -26.13 -19.83
CA ASN F 573 -23.89 -26.60 -20.88
C ASN F 573 -25.24 -25.88 -20.98
N LYS F 574 -25.32 -25.04 -22.00
CA LYS F 574 -26.55 -24.38 -22.34
C LYS F 574 -27.18 -25.05 -23.59
N ILE F 575 -26.89 -26.33 -23.81
CA ILE F 575 -27.56 -27.08 -24.87
C ILE F 575 -28.54 -28.03 -24.23
N ALA F 576 -28.06 -28.72 -23.20
CA ALA F 576 -28.87 -29.68 -22.47
C ALA F 576 -28.34 -29.91 -21.06
N ALA F 577 -28.29 -31.18 -20.66
CA ALA F 577 -27.83 -31.58 -19.35
C ALA F 577 -26.37 -31.19 -19.10
N PRO F 578 -26.15 -30.25 -18.16
CA PRO F 578 -24.80 -29.89 -17.74
C PRO F 578 -24.24 -30.90 -16.73
N PHE F 579 -22.92 -30.93 -16.56
CA PHE F 579 -22.26 -31.77 -15.55
C PHE F 579 -22.28 -33.25 -15.86
N LYS F 580 -22.71 -33.60 -17.06
CA LYS F 580 -22.62 -35.00 -17.50
C LYS F 580 -21.18 -35.25 -17.89
N GLN F 581 -20.70 -36.50 -17.78
CA GLN F 581 -19.29 -36.84 -18.07
C GLN F 581 -19.08 -38.07 -18.92
N ALA F 582 -17.86 -38.26 -19.40
CA ALA F 582 -17.58 -39.29 -20.37
C ALA F 582 -16.15 -39.81 -20.29
N GLU F 583 -15.99 -41.07 -19.86
CA GLU F 583 -14.67 -41.72 -19.84
C GLU F 583 -14.42 -42.56 -21.09
N PHE F 584 -13.18 -42.54 -21.59
CA PHE F 584 -12.76 -43.32 -22.76
C PHE F 584 -11.24 -43.37 -22.93
N GLN F 585 -10.79 -43.99 -24.01
CA GLN F 585 -9.36 -44.14 -24.25
C GLN F 585 -8.84 -43.34 -25.44
N ILE F 586 -7.62 -42.80 -25.31
CA ILE F 586 -6.88 -42.21 -26.43
C ILE F 586 -5.58 -42.96 -26.70
N LEU F 587 -5.44 -43.44 -27.93
CA LEU F 587 -4.28 -44.24 -28.28
C LEU F 587 -3.28 -43.47 -29.11
N TYR F 588 -2.06 -43.43 -28.58
CA TYR F 588 -0.93 -42.87 -29.28
C TYR F 588 -0.93 -43.32 -30.71
N GLY F 589 -0.86 -42.37 -31.64
CA GLY F 589 -0.76 -42.68 -33.07
C GLY F 589 -1.95 -43.42 -33.69
N GLU F 590 -3.12 -43.34 -33.05
CA GLU F 590 -4.31 -43.94 -33.63
C GLU F 590 -5.51 -43.04 -33.44
N GLY F 591 -5.61 -42.40 -32.28
CA GLY F 591 -6.70 -41.46 -32.06
C GLY F 591 -7.60 -41.86 -30.92
N ILE F 592 -8.89 -41.56 -31.03
CA ILE F 592 -9.86 -41.97 -30.00
C ILE F 592 -10.34 -43.44 -30.21
N ASN F 593 -10.48 -44.29 -29.11
CA ASN F 593 -10.86 -45.76 -29.04
C ASN F 593 -12.33 -46.05 -29.29
N PHE F 594 -12.73 -46.00 -30.56
CA PHE F 594 -14.13 -46.15 -30.98
C PHE F 594 -14.69 -47.37 -30.28
N TYR F 595 -14.05 -48.51 -30.51
CA TYR F 595 -14.55 -49.77 -30.05
C TYR F 595 -14.42 -49.90 -28.56
N GLY F 596 -13.39 -49.28 -28.01
CA GLY F 596 -13.19 -49.22 -26.57
C GLY F 596 -14.46 -48.84 -25.86
N GLU F 597 -14.82 -47.56 -25.94
CA GLU F 597 -16.07 -47.08 -25.37
C GLU F 597 -17.32 -47.86 -25.85
N LEU F 598 -17.28 -48.40 -27.07
CA LEU F 598 -18.46 -49.05 -27.66
C LEU F 598 -18.88 -50.22 -26.85
N VAL F 599 -17.92 -51.05 -26.53
CA VAL F 599 -18.15 -52.16 -25.64
C VAL F 599 -18.85 -51.62 -24.42
N ASP F 600 -18.20 -50.71 -23.71
CA ASP F 600 -18.68 -50.15 -22.42
C ASP F 600 -20.14 -49.70 -22.45
N LEU F 601 -20.63 -49.38 -23.65
CA LEU F 601 -22.00 -48.91 -23.81
C LEU F 601 -22.95 -50.10 -23.97
N GLY F 602 -22.54 -51.06 -24.78
CA GLY F 602 -23.27 -52.31 -24.93
C GLY F 602 -23.22 -53.17 -23.67
N VAL F 603 -22.64 -52.62 -22.63
CA VAL F 603 -22.74 -53.20 -21.32
C VAL F 603 -24.03 -52.67 -20.78
N LYS F 604 -24.11 -51.34 -20.67
CA LYS F 604 -25.18 -50.68 -19.94
C LYS F 604 -26.51 -50.79 -20.70
N GLU F 605 -26.43 -50.80 -22.03
CA GLU F 605 -27.62 -51.02 -22.84
C GLU F 605 -27.62 -52.47 -23.30
N LYS F 606 -28.08 -53.34 -22.41
CA LYS F 606 -27.85 -54.79 -22.46
C LYS F 606 -27.87 -55.42 -23.86
N LEU F 607 -26.86 -55.11 -24.67
CA LEU F 607 -26.67 -55.77 -25.96
C LEU F 607 -25.54 -56.79 -25.91
N ILE F 608 -24.54 -56.48 -25.09
CA ILE F 608 -23.43 -57.38 -24.81
C ILE F 608 -23.39 -57.71 -23.33
N GLU F 609 -23.39 -59.01 -23.06
CA GLU F 609 -23.63 -59.52 -21.72
C GLU F 609 -22.33 -59.71 -20.93
N LYS F 610 -22.24 -58.98 -19.81
CA LYS F 610 -21.12 -59.13 -18.87
C LYS F 610 -21.35 -60.33 -17.95
N ALA F 611 -20.64 -61.43 -18.21
CA ALA F 611 -20.65 -62.61 -17.34
C ALA F 611 -19.43 -62.63 -16.41
N GLY F 612 -19.22 -61.52 -15.69
CA GLY F 612 -18.05 -61.33 -14.81
C GLY F 612 -16.82 -60.77 -15.51
N ALA F 613 -16.03 -61.68 -16.10
CA ALA F 613 -14.83 -61.33 -16.86
C ALA F 613 -15.03 -61.62 -18.35
N TRP F 614 -16.15 -62.25 -18.66
CA TRP F 614 -16.48 -62.68 -20.01
C TRP F 614 -17.41 -61.71 -20.73
N TYR F 615 -17.23 -61.56 -22.03
CA TYR F 615 -18.10 -60.73 -22.82
C TYR F 615 -18.85 -61.55 -23.88
N SER F 616 -20.17 -61.64 -23.72
CA SER F 616 -21.02 -62.48 -24.56
C SER F 616 -21.99 -61.65 -25.44
N TYR F 617 -22.17 -62.07 -26.69
CA TYR F 617 -23.12 -61.42 -27.62
C TYR F 617 -24.17 -62.37 -28.14
N LYS F 618 -25.32 -62.37 -27.48
CA LYS F 618 -26.37 -63.34 -27.73
C LYS F 618 -25.86 -64.76 -27.58
N GLY F 619 -25.63 -65.17 -26.32
CA GLY F 619 -25.22 -66.55 -25.98
C GLY F 619 -23.80 -67.00 -26.35
N GLU F 620 -23.39 -66.70 -27.60
CA GLU F 620 -22.03 -66.96 -28.16
C GLU F 620 -20.91 -65.96 -27.66
N LYS F 621 -19.78 -66.51 -27.20
CA LYS F 621 -18.80 -65.77 -26.41
C LYS F 621 -17.79 -65.04 -27.28
N ILE F 622 -17.60 -63.75 -26.99
CA ILE F 622 -16.86 -62.86 -27.89
C ILE F 622 -15.50 -62.37 -27.39
N GLY F 623 -15.31 -62.36 -26.07
CA GLY F 623 -14.05 -61.92 -25.49
C GLY F 623 -13.92 -62.04 -23.97
N GLN F 624 -12.71 -62.27 -23.49
CA GLN F 624 -12.45 -62.34 -22.07
C GLN F 624 -11.58 -61.15 -21.69
N GLY F 625 -12.05 -60.35 -20.74
CA GLY F 625 -11.41 -59.08 -20.36
C GLY F 625 -11.63 -58.00 -21.41
N LYS F 626 -11.96 -56.78 -20.98
CA LYS F 626 -12.26 -55.69 -21.93
C LYS F 626 -11.31 -55.69 -23.14
N ALA F 627 -10.07 -56.11 -22.89
CA ALA F 627 -9.01 -56.22 -23.90
C ALA F 627 -9.50 -56.78 -25.22
N ASN F 628 -9.89 -58.05 -25.18
CA ASN F 628 -10.22 -58.81 -26.37
C ASN F 628 -11.61 -58.46 -26.88
N ALA F 629 -12.47 -58.04 -25.97
CA ALA F 629 -13.79 -57.56 -26.35
C ALA F 629 -13.56 -56.41 -27.29
N THR F 630 -12.93 -55.36 -26.77
CA THR F 630 -12.56 -54.26 -27.60
C THR F 630 -12.22 -54.86 -28.96
N ALA F 631 -11.04 -55.47 -29.06
CA ALA F 631 -10.49 -55.89 -30.36
C ALA F 631 -11.29 -56.98 -31.14
N TRP F 632 -12.39 -57.46 -30.56
CA TRP F 632 -13.23 -58.35 -31.29
C TRP F 632 -14.06 -57.53 -32.25
N LEU F 633 -14.74 -56.53 -31.73
CA LEU F 633 -15.54 -55.68 -32.57
C LEU F 633 -14.71 -55.16 -33.72
N LYS F 634 -13.41 -55.05 -33.53
CA LYS F 634 -12.54 -54.54 -34.58
C LYS F 634 -12.61 -55.38 -35.85
N ASP F 635 -12.78 -56.69 -35.69
CA ASP F 635 -12.75 -57.61 -36.83
C ASP F 635 -14.12 -57.95 -37.43
N ASN F 636 -15.20 -57.55 -36.75
CA ASN F 636 -16.55 -57.77 -37.26
C ASN F 636 -17.30 -56.41 -37.31
N PRO F 637 -16.89 -55.53 -38.25
CA PRO F 637 -17.20 -54.11 -38.15
C PRO F 637 -18.69 -53.80 -38.10
N GLU F 638 -19.46 -54.33 -39.04
CA GLU F 638 -20.90 -54.09 -39.11
C GLU F 638 -21.65 -54.43 -37.79
N THR F 639 -21.31 -55.56 -37.17
CA THR F 639 -21.95 -56.03 -35.93
C THR F 639 -21.78 -54.92 -34.89
N ALA F 640 -20.63 -54.29 -34.94
CA ALA F 640 -20.39 -53.13 -34.11
C ALA F 640 -21.21 -51.96 -34.62
N LYS F 641 -20.88 -51.48 -35.82
CA LYS F 641 -21.51 -50.27 -36.44
C LYS F 641 -23.05 -50.34 -36.48
N GLU F 642 -23.60 -51.52 -36.15
CA GLU F 642 -25.02 -51.69 -35.92
C GLU F 642 -25.32 -51.53 -34.42
N ILE F 643 -24.49 -52.16 -33.58
CA ILE F 643 -24.59 -51.97 -32.13
C ILE F 643 -24.39 -50.51 -31.79
N GLU F 644 -23.46 -49.87 -32.50
CA GLU F 644 -23.35 -48.41 -32.52
C GLU F 644 -24.77 -47.84 -32.69
N LYS F 645 -25.28 -47.94 -33.92
CA LYS F 645 -26.59 -47.47 -34.30
C LYS F 645 -27.63 -47.80 -33.24
N LYS F 646 -27.60 -49.02 -32.71
CA LYS F 646 -28.53 -49.44 -31.67
C LYS F 646 -28.49 -48.59 -30.40
N VAL F 647 -27.31 -48.09 -30.03
CA VAL F 647 -27.25 -47.24 -28.86
C VAL F 647 -27.62 -45.83 -29.25
N ARG F 648 -27.36 -45.51 -30.51
CA ARG F 648 -27.78 -44.23 -31.09
C ARG F 648 -29.30 -44.13 -31.25
N GLU F 649 -29.98 -45.27 -31.35
CA GLU F 649 -31.44 -45.29 -31.31
C GLU F 649 -31.92 -45.27 -29.85
N LEU F 650 -31.11 -45.82 -28.95
CA LEU F 650 -31.48 -46.00 -27.53
C LEU F 650 -31.02 -44.86 -26.59
N LEU F 651 -30.26 -43.89 -27.10
CA LEU F 651 -29.95 -42.66 -26.35
C LEU F 651 -29.96 -41.32 -27.14
N LEU F 652 -30.59 -41.31 -28.33
CA LEU F 652 -30.71 -40.11 -29.21
C LEU F 652 -32.03 -40.10 -30.01
N LYS F 679 -21.14 -20.77 -51.00
CA LYS F 679 -20.57 -21.15 -52.33
C LYS F 679 -19.05 -20.84 -52.32
N GLN F 680 -18.32 -21.24 -53.38
CA GLN F 680 -16.90 -20.88 -53.59
C GLN F 680 -16.79 -19.47 -54.17
N LYS F 681 -17.97 -18.90 -54.36
CA LYS F 681 -18.23 -17.50 -54.71
C LYS F 681 -17.83 -16.62 -53.51
N ALA F 682 -18.41 -16.91 -52.33
CA ALA F 682 -18.26 -16.09 -51.13
C ALA F 682 -16.94 -16.33 -50.40
N LEU F 683 -16.40 -17.53 -50.57
CA LEU F 683 -15.17 -17.93 -49.89
C LEU F 683 -13.94 -17.36 -50.59
N ALA F 684 -13.74 -17.74 -51.85
CA ALA F 684 -12.57 -17.32 -52.65
C ALA F 684 -12.40 -15.78 -52.64
N ALA F 685 -13.48 -15.08 -52.27
CA ALA F 685 -13.50 -13.60 -52.18
C ALA F 685 -13.21 -13.07 -50.77
N ALA F 686 -13.83 -13.67 -49.74
CA ALA F 686 -13.60 -13.25 -48.36
C ALA F 686 -12.24 -13.72 -47.84
N LEU F 687 -11.54 -14.51 -48.65
CA LEU F 687 -10.16 -14.92 -48.36
C LEU F 687 -9.18 -13.79 -48.62
N GLY F 688 -8.99 -13.45 -49.89
CA GLY F 688 -8.12 -12.35 -50.30
C GLY F 688 -8.44 -11.04 -49.61
N GLN F 689 -9.55 -11.04 -48.85
CA GLN F 689 -10.02 -9.89 -48.06
C GLN F 689 -9.18 -9.65 -46.80
N ILE F 690 -8.52 -10.70 -46.34
CA ILE F 690 -7.78 -10.62 -45.12
C ILE F 690 -6.35 -10.41 -45.48
N GLU F 691 -5.97 -10.96 -46.62
CA GLU F 691 -4.64 -10.79 -47.19
C GLU F 691 -4.41 -9.34 -47.60
N LYS F 692 -5.49 -8.67 -48.01
CA LYS F 692 -5.43 -7.26 -48.35
C LYS F 692 -5.26 -6.46 -47.05
N GLN F 693 -5.98 -6.87 -46.02
CA GLN F 693 -6.14 -6.06 -44.81
C GLN F 693 -5.10 -6.32 -43.74
N PHE F 694 -4.67 -7.59 -43.61
CA PHE F 694 -3.83 -8.04 -42.49
C PHE F 694 -2.43 -8.59 -42.81
N GLY F 695 -1.66 -7.90 -43.65
CA GLY F 695 -0.35 -8.39 -44.08
C GLY F 695 -0.48 -9.57 -45.04
N LYS F 696 0.31 -9.52 -46.11
CA LYS F 696 0.14 -10.43 -47.24
C LYS F 696 0.34 -11.90 -46.84
N GLY F 697 -0.72 -12.70 -46.99
CA GLY F 697 -0.67 -14.13 -46.72
C GLY F 697 -0.70 -14.50 -45.26
N SER F 698 -1.73 -14.07 -44.55
CA SER F 698 -1.86 -14.46 -43.15
C SER F 698 -2.90 -15.54 -42.95
N ILE F 699 -3.05 -16.38 -43.95
CA ILE F 699 -3.96 -17.52 -43.87
C ILE F 699 -3.92 -18.24 -45.21
N MET F 700 -4.15 -19.55 -45.19
CA MET F 700 -4.24 -20.35 -46.41
C MET F 700 -4.68 -21.79 -46.20
N ARG F 701 -5.10 -22.41 -47.30
CA ARG F 701 -5.33 -23.84 -47.36
C ARG F 701 -3.93 -24.42 -47.25
N LEU F 702 -3.81 -25.50 -46.48
CA LEU F 702 -2.52 -26.10 -46.24
C LEU F 702 -1.99 -26.80 -47.46
N GLY F 703 -2.88 -27.18 -48.36
CA GLY F 703 -2.51 -27.94 -49.55
C GLY F 703 -2.13 -27.08 -50.72
N GLU F 704 -1.89 -25.79 -50.47
CA GLU F 704 -1.65 -24.83 -51.52
C GLU F 704 -0.23 -24.79 -52.07
N ASP F 705 -0.15 -24.70 -53.41
CA ASP F 705 1.11 -24.57 -54.17
C ASP F 705 1.63 -23.13 -54.17
N ARG F 706 0.73 -22.19 -53.92
CA ARG F 706 1.00 -20.75 -53.99
C ARG F 706 2.06 -20.34 -52.96
N SER F 707 3.20 -19.88 -53.50
CA SER F 707 4.26 -19.24 -52.75
C SER F 707 4.35 -17.76 -53.17
N MET F 708 4.34 -16.85 -52.19
CA MET F 708 4.66 -15.43 -52.44
C MET F 708 6.09 -15.40 -52.98
N ASP F 709 6.27 -14.80 -54.16
CA ASP F 709 7.58 -14.83 -54.82
C ASP F 709 8.46 -13.81 -54.15
N VAL F 710 8.76 -14.23 -52.88
CA VAL F 710 9.85 -13.52 -52.23
C VAL F 710 11.13 -14.38 -52.28
N GLU F 711 12.29 -13.72 -52.32
CA GLU F 711 13.54 -14.39 -52.66
C GLU F 711 14.07 -15.22 -51.51
N THR F 712 14.84 -16.25 -51.87
CA THR F 712 15.14 -17.34 -50.95
C THR F 712 16.64 -17.68 -50.88
N ILE F 713 17.15 -17.91 -49.67
CA ILE F 713 18.53 -18.40 -49.51
C ILE F 713 18.44 -19.83 -49.05
N SER F 714 19.13 -20.72 -49.77
CA SER F 714 19.14 -22.16 -49.48
C SER F 714 19.68 -22.48 -48.06
N THR F 715 18.99 -23.33 -47.31
CA THR F 715 19.43 -23.71 -45.97
C THR F 715 20.66 -24.57 -46.04
N GLY F 716 20.79 -25.27 -47.16
CA GLY F 716 21.86 -26.23 -47.36
C GLY F 716 21.24 -27.60 -47.55
N SER F 717 20.17 -27.83 -46.78
CA SER F 717 19.41 -29.07 -46.85
C SER F 717 18.19 -28.97 -47.74
N LEU F 718 18.30 -29.62 -48.89
CA LEU F 718 17.23 -29.69 -49.87
C LEU F 718 15.90 -29.97 -49.25
N SER F 719 15.83 -30.96 -48.37
CA SER F 719 14.59 -31.31 -47.74
C SER F 719 14.05 -30.21 -46.80
N LEU F 720 14.94 -29.40 -46.22
CA LEU F 720 14.51 -28.27 -45.43
C LEU F 720 13.91 -27.21 -46.34
N ASP F 721 14.65 -26.83 -47.38
CA ASP F 721 14.15 -25.89 -48.39
C ASP F 721 12.73 -26.26 -48.75
N ILE F 722 12.60 -27.49 -49.22
CA ILE F 722 11.33 -28.05 -49.62
C ILE F 722 10.23 -27.85 -48.58
N ALA F 723 10.43 -28.35 -47.37
CA ALA F 723 9.37 -28.24 -46.37
C ALA F 723 9.18 -26.78 -45.87
N LEU F 724 10.20 -25.94 -46.12
CA LEU F 724 10.10 -24.51 -45.86
C LEU F 724 9.02 -23.94 -46.69
N GLY F 725 8.78 -24.55 -47.84
CA GLY F 725 7.71 -24.14 -48.74
C GLY F 725 8.16 -23.23 -49.87
N ALA F 726 9.04 -22.29 -49.53
CA ALA F 726 9.52 -21.28 -50.47
C ALA F 726 10.83 -21.68 -51.15
N GLY F 727 11.51 -22.69 -50.57
CA GLY F 727 12.78 -23.21 -51.09
C GLY F 727 14.03 -22.51 -50.54
N GLY F 728 13.99 -22.15 -49.25
CA GLY F 728 15.03 -21.35 -48.61
C GLY F 728 14.44 -20.31 -47.68
N LEU F 729 15.28 -19.68 -46.87
CA LEU F 729 14.79 -18.71 -45.92
C LEU F 729 14.45 -17.40 -46.58
N PRO F 730 13.34 -16.78 -46.14
CA PRO F 730 12.85 -15.46 -46.56
C PRO F 730 13.82 -14.33 -46.30
N MET F 731 14.00 -13.52 -47.32
CA MET F 731 14.86 -12.36 -47.26
C MET F 731 14.21 -11.24 -46.48
N GLY F 732 14.99 -10.59 -45.60
CA GLY F 732 14.52 -9.38 -44.89
C GLY F 732 13.42 -9.60 -43.86
N ARG F 733 13.33 -10.84 -43.38
CA ARG F 733 12.37 -11.24 -42.35
C ARG F 733 13.16 -11.83 -41.21
N ILE F 734 12.52 -11.91 -40.04
CA ILE F 734 13.20 -12.54 -38.91
C ILE F 734 12.94 -14.05 -38.82
N VAL F 735 14.04 -14.79 -38.59
CA VAL F 735 14.00 -16.23 -38.45
C VAL F 735 14.55 -16.65 -37.09
N GLU F 736 13.77 -17.47 -36.37
CA GLU F 736 14.20 -18.12 -35.15
C GLU F 736 14.42 -19.61 -35.43
N ILE F 737 15.67 -20.05 -35.27
CA ILE F 737 16.00 -21.46 -35.22
C ILE F 737 16.37 -21.78 -33.78
N TYR F 738 15.66 -22.72 -33.20
CA TYR F 738 15.92 -23.08 -31.85
C TYR F 738 16.13 -24.56 -31.76
N GLY F 739 16.56 -25.00 -30.57
CA GLY F 739 16.67 -26.44 -30.25
C GLY F 739 17.42 -26.70 -28.97
N PRO F 740 17.54 -27.98 -28.58
CA PRO F 740 18.46 -28.25 -27.47
C PRO F 740 19.88 -27.88 -27.86
N GLU F 741 20.74 -27.70 -26.86
CA GLU F 741 22.18 -27.62 -27.12
C GLU F 741 22.62 -28.89 -27.89
N SER F 742 23.67 -28.74 -28.69
CA SER F 742 24.23 -29.85 -29.47
C SER F 742 23.15 -30.58 -30.28
N SER F 743 22.36 -29.82 -31.03
CA SER F 743 21.32 -30.41 -31.88
C SER F 743 21.74 -30.42 -33.35
N GLY F 744 22.26 -29.27 -33.76
CA GLY F 744 22.71 -29.04 -35.11
C GLY F 744 22.49 -27.58 -35.45
N LYS F 745 21.85 -26.89 -34.52
CA LYS F 745 21.39 -25.54 -34.80
C LYS F 745 22.48 -24.63 -35.33
N THR F 746 23.70 -24.79 -34.85
CA THR F 746 24.80 -23.98 -35.38
C THR F 746 25.25 -24.48 -36.77
N THR F 747 25.40 -25.79 -36.95
CA THR F 747 25.84 -26.33 -38.25
C THR F 747 25.00 -25.68 -39.35
N LEU F 748 23.68 -25.75 -39.15
CA LEU F 748 22.72 -25.19 -40.05
C LEU F 748 22.90 -23.68 -40.18
N THR F 749 22.96 -23.03 -39.04
CA THR F 749 23.27 -21.61 -38.99
C THR F 749 24.49 -21.28 -39.84
N LEU F 750 25.56 -22.06 -39.72
CA LEU F 750 26.78 -21.76 -40.45
C LEU F 750 26.61 -22.09 -41.91
N GLN F 751 25.70 -23.01 -42.20
CA GLN F 751 25.48 -23.46 -43.56
C GLN F 751 24.82 -22.43 -44.46
N VAL F 752 23.94 -21.64 -43.86
CA VAL F 752 23.30 -20.55 -44.57
C VAL F 752 24.27 -19.41 -44.82
N ILE F 753 25.07 -19.11 -43.82
CA ILE F 753 26.12 -18.10 -43.93
C ILE F 753 27.08 -18.47 -45.07
N ALA F 754 27.20 -19.77 -45.32
CA ALA F 754 28.03 -20.30 -46.42
C ALA F 754 27.32 -20.05 -47.74
N ALA F 755 26.16 -20.69 -47.89
CA ALA F 755 25.38 -20.62 -49.12
C ALA F 755 25.15 -19.19 -49.59
N ALA F 756 25.15 -18.26 -48.64
CA ALA F 756 25.00 -16.86 -48.94
C ALA F 756 26.26 -16.28 -49.51
N GLN F 757 27.38 -16.62 -48.88
CA GLN F 757 28.69 -16.09 -49.24
C GLN F 757 29.15 -16.56 -50.60
N ARG F 758 28.53 -17.64 -51.08
CA ARG F 758 28.85 -18.17 -52.40
C ARG F 758 27.84 -17.69 -53.45
N GLU F 759 27.13 -16.62 -53.12
CA GLU F 759 26.30 -15.94 -54.10
C GLU F 759 26.72 -14.48 -54.15
N GLY F 760 27.70 -14.15 -53.33
CA GLY F 760 28.19 -12.78 -53.18
C GLY F 760 27.76 -12.12 -51.88
N LYS F 761 26.46 -12.20 -51.59
CA LYS F 761 25.80 -11.54 -50.44
C LYS F 761 26.59 -11.72 -49.15
N THR F 762 26.96 -10.62 -48.47
CA THR F 762 27.84 -10.71 -47.30
C THR F 762 27.11 -10.63 -45.99
N CYS F 763 27.67 -11.33 -45.00
CA CYS F 763 26.98 -11.68 -43.76
C CYS F 763 27.67 -11.22 -42.49
N ALA F 764 26.89 -11.16 -41.43
CA ALA F 764 27.38 -10.74 -40.15
C ALA F 764 26.97 -11.71 -39.06
N PHE F 765 27.88 -11.88 -38.11
CA PHE F 765 27.74 -12.84 -37.04
C PHE F 765 27.97 -12.13 -35.71
N ILE F 766 26.89 -12.00 -34.95
CA ILE F 766 26.94 -11.37 -33.65
C ILE F 766 27.13 -12.46 -32.63
N ASP F 767 28.21 -12.38 -31.87
CA ASP F 767 28.55 -13.47 -30.94
C ASP F 767 28.51 -13.12 -29.46
N ALA F 768 27.53 -13.72 -28.78
CA ALA F 768 27.47 -13.65 -27.34
C ALA F 768 27.96 -14.96 -26.71
N GLU F 769 28.19 -15.97 -27.57
CA GLU F 769 28.52 -17.34 -27.14
C GLU F 769 30.01 -17.62 -27.11
N HIS F 770 30.73 -17.04 -28.06
CA HIS F 770 32.16 -17.26 -28.22
C HIS F 770 32.34 -18.75 -28.34
N ALA F 771 31.78 -19.26 -29.43
CA ALA F 771 31.74 -20.69 -29.70
C ALA F 771 32.53 -21.01 -30.97
N LEU F 772 31.82 -20.83 -32.09
CA LEU F 772 32.34 -20.90 -33.46
C LEU F 772 33.72 -21.59 -33.70
N ASP F 773 33.68 -22.74 -34.35
CA ASP F 773 34.90 -23.39 -34.77
C ASP F 773 35.28 -22.94 -36.17
N PRO F 774 36.29 -22.07 -36.26
CA PRO F 774 36.70 -21.59 -37.56
C PRO F 774 36.88 -22.76 -38.50
N ILE F 775 37.69 -23.73 -38.08
CA ILE F 775 38.09 -24.87 -38.91
C ILE F 775 36.87 -25.61 -39.44
N TYR F 776 35.90 -25.87 -38.57
CA TYR F 776 34.66 -26.51 -38.98
C TYR F 776 33.90 -25.64 -40.02
N ALA F 777 33.86 -24.34 -39.79
CA ALA F 777 33.17 -23.47 -40.72
C ALA F 777 33.86 -23.55 -42.04
N ARG F 778 35.19 -23.48 -41.99
CA ARG F 778 36.02 -23.51 -43.22
C ARG F 778 35.69 -24.76 -44.03
N LYS F 779 35.57 -25.90 -43.36
CA LYS F 779 35.31 -27.15 -44.05
C LYS F 779 33.83 -27.25 -44.41
N LEU F 780 32.98 -26.45 -43.77
CA LEU F 780 31.57 -26.42 -44.12
C LEU F 780 31.36 -25.59 -45.37
N GLY F 781 32.28 -24.65 -45.59
CA GLY F 781 32.29 -23.81 -46.80
C GLY F 781 32.13 -22.30 -46.58
N VAL F 782 32.53 -21.85 -45.40
CA VAL F 782 32.40 -20.43 -45.05
C VAL F 782 33.70 -19.67 -45.32
N ASP F 783 33.59 -18.56 -46.03
CA ASP F 783 34.72 -17.66 -46.21
C ASP F 783 34.86 -16.88 -44.92
N ILE F 784 35.60 -17.46 -43.98
CA ILE F 784 35.75 -16.87 -42.68
C ILE F 784 36.35 -15.50 -42.77
N ASP F 785 37.34 -15.34 -43.65
CA ASP F 785 38.07 -14.09 -43.75
C ASP F 785 37.14 -12.90 -43.98
N ASN F 786 36.10 -13.09 -44.82
CA ASN F 786 35.19 -12.02 -45.24
C ASN F 786 33.84 -12.03 -44.52
N LEU F 787 33.77 -12.77 -43.42
CA LEU F 787 32.58 -12.79 -42.59
C LEU F 787 32.74 -11.73 -41.55
N LEU F 788 31.62 -11.16 -41.10
CA LEU F 788 31.68 -10.13 -40.09
C LEU F 788 31.34 -10.64 -38.74
N CYS F 789 32.21 -10.36 -37.79
CA CYS F 789 31.98 -10.80 -36.43
C CYS F 789 31.88 -9.64 -35.49
N SER F 790 30.97 -9.77 -34.52
CA SER F 790 30.76 -8.74 -33.51
C SER F 790 30.54 -9.31 -32.13
N GLN F 791 31.53 -9.10 -31.27
CA GLN F 791 31.55 -9.65 -29.93
C GLN F 791 31.17 -8.55 -28.98
N PRO F 792 29.86 -8.34 -28.79
CA PRO F 792 29.35 -7.17 -28.11
C PRO F 792 29.46 -7.31 -26.62
N ASP F 793 29.37 -6.15 -25.95
CA ASP F 793 29.45 -6.00 -24.49
C ASP F 793 28.08 -6.27 -23.82
N THR F 794 27.01 -5.77 -24.43
CA THR F 794 25.69 -5.99 -23.88
C THR F 794 24.71 -6.47 -24.92
N GLY F 795 23.78 -7.31 -24.47
CA GLY F 795 22.68 -7.75 -25.31
C GLY F 795 22.07 -6.57 -26.03
N GLU F 796 21.64 -5.59 -25.26
CA GLU F 796 21.16 -4.34 -25.84
C GLU F 796 22.08 -3.98 -26.98
N GLN F 797 23.30 -3.58 -26.66
CA GLN F 797 24.30 -3.16 -27.67
C GLN F 797 24.27 -4.13 -28.86
N ALA F 798 24.31 -5.42 -28.57
CA ALA F 798 24.29 -6.41 -29.62
C ALA F 798 23.15 -6.10 -30.58
N LEU F 799 21.93 -6.06 -30.06
CA LEU F 799 20.77 -5.81 -30.90
C LEU F 799 20.97 -4.52 -31.68
N GLU F 800 21.31 -3.46 -30.96
CA GLU F 800 21.45 -2.13 -31.54
C GLU F 800 22.44 -2.12 -32.69
N ILE F 801 23.36 -3.07 -32.69
CA ILE F 801 24.32 -3.17 -33.76
C ILE F 801 23.60 -3.66 -35.01
N CYS F 802 22.78 -4.69 -34.83
CA CYS F 802 21.97 -5.17 -35.93
C CYS F 802 21.20 -4.00 -36.52
N ASP F 803 20.63 -3.16 -35.65
CA ASP F 803 19.86 -2.01 -36.06
C ASP F 803 20.49 -1.31 -37.24
N ALA F 804 21.69 -0.77 -37.03
CA ALA F 804 22.36 -0.01 -38.08
C ALA F 804 22.99 -0.93 -39.13
N LEU F 805 23.12 -2.22 -38.81
CA LEU F 805 23.56 -3.21 -39.80
C LEU F 805 22.42 -3.48 -40.76
N ALA F 806 21.21 -3.26 -40.28
CA ALA F 806 20.05 -3.31 -41.13
C ALA F 806 20.03 -2.10 -42.06
N ARG F 807 20.12 -0.90 -41.50
CA ARG F 807 20.23 0.32 -42.30
C ARG F 807 21.61 0.43 -42.95
N SER F 808 21.87 -0.44 -43.91
CA SER F 808 23.06 -0.38 -44.76
C SER F 808 22.69 -0.97 -46.11
N GLY F 809 21.92 -2.05 -46.04
CA GLY F 809 21.44 -2.78 -47.24
C GLY F 809 22.53 -3.66 -47.81
N ALA F 810 23.69 -3.63 -47.13
CA ALA F 810 24.92 -4.28 -47.56
C ALA F 810 25.26 -5.47 -46.65
N VAL F 811 24.56 -5.56 -45.53
CA VAL F 811 24.57 -6.78 -44.75
C VAL F 811 23.30 -7.49 -45.19
N ASP F 812 23.46 -8.67 -45.79
CA ASP F 812 22.30 -9.40 -46.32
C ASP F 812 21.83 -10.51 -45.40
N VAL F 813 22.66 -10.82 -44.41
CA VAL F 813 22.34 -11.86 -43.47
C VAL F 813 23.07 -11.61 -42.16
N ILE F 814 22.27 -11.45 -41.12
CA ILE F 814 22.78 -11.34 -39.79
C ILE F 814 22.44 -12.61 -39.03
N VAL F 815 23.40 -13.14 -38.28
CA VAL F 815 23.18 -14.29 -37.41
C VAL F 815 23.54 -13.98 -35.95
N VAL F 816 22.64 -14.37 -35.06
CA VAL F 816 22.75 -14.09 -33.64
C VAL F 816 22.83 -15.37 -32.77
N ASP F 817 24.01 -15.57 -32.17
CA ASP F 817 24.31 -16.69 -31.30
C ASP F 817 24.60 -16.08 -29.92
N SER F 818 23.64 -16.19 -28.98
CA SER F 818 22.31 -16.75 -29.18
C SER F 818 21.40 -16.02 -28.22
N VAL F 819 20.12 -16.07 -28.52
CA VAL F 819 19.11 -15.36 -27.75
C VAL F 819 19.30 -15.44 -26.27
N ALA F 820 19.39 -16.64 -25.72
CA ALA F 820 19.49 -16.81 -24.29
C ALA F 820 20.71 -16.09 -23.70
N ALA F 821 21.79 -16.07 -24.48
CA ALA F 821 23.07 -15.46 -24.06
C ALA F 821 23.14 -13.92 -24.19
N LEU F 822 22.19 -13.33 -24.91
CA LEU F 822 22.05 -11.87 -25.03
C LEU F 822 21.62 -11.24 -23.72
N THR F 823 22.31 -11.60 -22.65
CA THR F 823 21.94 -11.15 -21.34
C THR F 823 22.21 -9.63 -21.21
N PRO F 824 21.18 -8.87 -20.76
CA PRO F 824 21.10 -7.42 -20.72
C PRO F 824 22.05 -6.70 -19.78
N LYS F 825 22.11 -5.38 -19.91
CA LYS F 825 23.02 -4.53 -19.13
C LYS F 825 22.61 -4.61 -17.68
N ALA F 826 21.30 -4.58 -17.49
CA ALA F 826 20.70 -4.69 -16.17
C ALA F 826 21.28 -5.89 -15.38
N GLU F 827 21.44 -7.02 -16.09
CA GLU F 827 21.93 -8.26 -15.48
C GLU F 827 23.45 -8.24 -15.39
N ILE F 828 24.08 -7.54 -16.32
CA ILE F 828 25.51 -7.37 -16.27
C ILE F 828 25.85 -6.53 -15.04
N GLU F 829 24.83 -5.98 -14.38
CA GLU F 829 25.06 -5.16 -13.19
C GLU F 829 23.93 -5.27 -12.14
N GLY F 838 16.42 -13.72 -15.66
CA GLY F 838 15.16 -13.65 -14.91
C GLY F 838 14.04 -12.93 -15.67
N LEU F 839 13.93 -11.61 -15.40
CA LEU F 839 12.82 -10.74 -15.89
C LEU F 839 13.02 -10.00 -17.28
N ALA F 840 14.24 -9.51 -17.55
CA ALA F 840 14.52 -8.70 -18.75
C ALA F 840 14.59 -9.50 -20.08
N ALA F 841 13.56 -10.29 -20.34
CA ALA F 841 13.24 -10.72 -21.69
C ALA F 841 12.60 -9.52 -22.40
N ARG F 842 12.43 -8.42 -21.66
CA ARG F 842 11.86 -7.14 -22.11
C ARG F 842 12.75 -6.47 -23.14
N MET F 843 14.06 -6.62 -22.92
CA MET F 843 15.09 -6.13 -23.83
C MET F 843 14.84 -6.69 -25.22
N MET F 844 14.60 -8.00 -25.29
CA MET F 844 14.25 -8.63 -26.55
C MET F 844 13.01 -7.98 -27.17
N SER F 845 12.06 -7.59 -26.34
CA SER F 845 10.81 -7.04 -26.81
C SER F 845 11.04 -5.66 -27.41
N GLN F 846 12.05 -4.98 -26.91
CA GLN F 846 12.26 -3.57 -27.20
C GLN F 846 12.54 -3.27 -28.68
N ALA F 847 13.83 -3.15 -29.00
CA ALA F 847 14.28 -2.79 -30.35
C ALA F 847 13.87 -3.84 -31.39
N MET F 848 13.03 -4.78 -30.95
CA MET F 848 12.52 -5.82 -31.82
C MET F 848 11.70 -5.23 -32.96
N ARG F 849 10.64 -4.53 -32.62
CA ARG F 849 9.67 -4.03 -33.61
C ARG F 849 10.30 -3.07 -34.61
N LYS F 850 11.25 -2.25 -34.15
CA LYS F 850 11.95 -1.29 -35.02
C LYS F 850 12.84 -1.99 -36.02
N LEU F 851 13.47 -3.06 -35.55
CA LEU F 851 14.37 -3.85 -36.38
C LEU F 851 13.60 -4.62 -37.44
N ALA F 852 12.38 -4.99 -37.10
CA ALA F 852 11.50 -5.71 -38.00
C ALA F 852 11.44 -5.05 -39.37
N GLY F 853 11.14 -3.75 -39.37
CA GLY F 853 10.99 -2.97 -40.59
C GLY F 853 12.27 -2.75 -41.36
N ASN F 854 13.31 -2.31 -40.66
CA ASN F 854 14.58 -1.94 -41.29
C ASN F 854 15.14 -3.01 -42.23
N LEU F 855 14.61 -4.22 -42.11
CA LEU F 855 15.11 -5.38 -42.85
C LEU F 855 14.45 -5.57 -44.22
N LYS F 856 13.16 -5.25 -44.33
CA LYS F 856 12.43 -5.29 -45.61
C LYS F 856 13.00 -4.29 -46.62
N GLN F 857 13.57 -3.18 -46.12
CA GLN F 857 14.20 -2.13 -46.95
C GLN F 857 15.71 -2.34 -47.11
N SER F 858 16.16 -3.57 -46.91
CA SER F 858 17.57 -3.93 -46.98
C SER F 858 17.74 -5.34 -47.52
N ASN F 859 16.63 -6.08 -47.48
CA ASN F 859 16.63 -7.53 -47.65
C ASN F 859 17.45 -8.23 -46.54
N THR F 860 17.91 -7.44 -45.58
CA THR F 860 18.73 -7.94 -44.46
C THR F 860 18.00 -9.06 -43.70
N LEU F 861 18.41 -10.30 -43.97
CA LEU F 861 17.86 -11.48 -43.31
C LEU F 861 18.52 -11.72 -41.94
N LEU F 862 17.72 -11.66 -40.88
CA LEU F 862 18.25 -11.88 -39.56
C LEU F 862 17.73 -13.20 -39.01
N ILE F 863 18.69 -14.00 -38.52
CA ILE F 863 18.46 -15.29 -37.87
C ILE F 863 18.86 -15.25 -36.40
N PHE F 864 17.93 -15.65 -35.56
CA PHE F 864 18.16 -15.83 -34.13
C PHE F 864 18.35 -17.32 -33.75
N ILE F 865 18.99 -17.59 -32.60
CA ILE F 865 19.12 -18.95 -32.10
C ILE F 865 18.73 -19.05 -30.62
N ASN F 866 17.81 -19.96 -30.29
CA ASN F 866 17.29 -20.05 -28.91
C ASN F 866 17.54 -21.48 -28.37
N GLN F 867 17.07 -21.80 -27.14
CA GLN F 867 17.03 -23.15 -26.47
C GLN F 867 15.66 -23.55 -25.80
N GLY F 884 14.81 -17.44 -23.80
CA GLY F 884 14.43 -16.35 -24.70
C GLY F 884 13.16 -15.58 -24.33
N GLY F 885 12.82 -14.50 -25.06
CA GLY F 885 11.64 -13.62 -24.76
C GLY F 885 10.45 -13.71 -25.72
N ASN F 886 9.25 -13.42 -25.21
CA ASN F 886 7.97 -13.69 -25.92
C ASN F 886 7.78 -13.06 -27.31
N ALA F 887 8.43 -11.92 -27.53
CA ALA F 887 8.26 -11.16 -28.76
C ALA F 887 8.66 -11.91 -30.02
N LEU F 888 9.82 -12.56 -29.95
CA LEU F 888 10.39 -13.22 -31.08
C LEU F 888 9.42 -14.18 -31.70
N LYS F 889 8.73 -14.96 -30.86
CA LYS F 889 7.71 -15.96 -31.28
C LYS F 889 6.79 -15.44 -32.38
N PHE F 890 6.54 -14.13 -32.37
CA PHE F 890 5.60 -13.54 -33.27
C PHE F 890 6.25 -12.82 -34.44
N TYR F 891 7.18 -11.91 -34.14
CA TYR F 891 7.82 -11.14 -35.22
C TYR F 891 8.63 -11.99 -36.21
N ALA F 892 8.93 -13.22 -35.82
CA ALA F 892 9.56 -14.18 -36.70
C ALA F 892 8.62 -14.49 -37.85
N SER F 893 9.19 -14.62 -39.02
CA SER F 893 8.39 -14.96 -40.19
C SER F 893 8.51 -16.46 -40.40
N VAL F 894 9.64 -17.03 -39.96
CA VAL F 894 9.83 -18.45 -40.01
C VAL F 894 10.54 -18.95 -38.74
N ARG F 895 9.96 -19.99 -38.12
CA ARG F 895 10.56 -20.63 -36.96
C ARG F 895 10.86 -22.11 -37.17
N LEU F 896 12.13 -22.45 -36.98
CA LEU F 896 12.66 -23.78 -37.20
C LEU F 896 12.92 -24.58 -35.92
N ASP F 897 12.60 -25.87 -35.95
CA ASP F 897 12.82 -26.78 -34.80
C ASP F 897 13.81 -27.89 -35.14
N ILE F 898 15.06 -27.73 -34.73
CA ILE F 898 16.04 -28.77 -34.97
C ILE F 898 16.18 -29.55 -33.68
N ARG F 899 16.22 -30.87 -33.81
CA ARG F 899 16.49 -31.80 -32.72
C ARG F 899 17.39 -32.91 -33.26
N ARG F 900 18.26 -33.46 -32.45
CA ARG F 900 19.07 -34.56 -32.93
C ARG F 900 18.37 -35.85 -32.49
N ILE F 901 18.22 -36.82 -33.39
CA ILE F 901 17.50 -38.05 -33.02
C ILE F 901 18.28 -39.37 -32.93
N GLY F 902 19.22 -39.60 -33.85
CA GLY F 902 19.88 -40.92 -33.96
C GLY F 902 21.39 -40.93 -33.84
N ALA F 903 22.06 -41.20 -34.94
CA ALA F 903 23.50 -41.33 -34.99
C ALA F 903 23.89 -42.14 -36.20
N VAL F 904 25.06 -41.89 -36.75
CA VAL F 904 25.49 -42.61 -37.95
C VAL F 904 26.82 -43.34 -37.76
N LYS F 905 26.80 -44.63 -38.02
CA LYS F 905 27.96 -45.48 -37.78
C LYS F 905 28.64 -45.98 -39.07
N GLU F 906 29.95 -45.76 -39.17
CA GLU F 906 30.81 -46.28 -40.25
C GLU F 906 31.51 -47.54 -39.77
N GLY F 907 30.91 -48.67 -40.11
CA GLY F 907 31.27 -49.95 -39.54
C GLY F 907 30.78 -49.97 -38.10
N GLU F 908 31.58 -49.37 -37.21
CA GLU F 908 31.27 -49.27 -35.79
C GLU F 908 32.02 -48.07 -35.21
N ASN F 909 31.51 -46.87 -35.47
CA ASN F 909 32.19 -45.65 -35.09
C ASN F 909 31.27 -44.43 -35.25
N VAL F 910 30.97 -43.75 -34.15
CA VAL F 910 30.02 -42.61 -34.13
C VAL F 910 30.54 -41.45 -34.98
N VAL F 911 30.13 -41.36 -36.25
CA VAL F 911 30.63 -40.28 -37.12
C VAL F 911 29.56 -39.31 -37.58
N GLY F 912 28.35 -39.48 -37.07
CA GLY F 912 27.23 -38.62 -37.49
C GLY F 912 25.99 -38.55 -36.59
N SER F 913 25.29 -37.42 -36.69
CA SER F 913 24.06 -37.19 -35.95
C SER F 913 22.89 -37.10 -36.94
N GLU F 914 21.90 -37.98 -36.76
CA GLU F 914 20.70 -37.92 -37.60
C GLU F 914 19.76 -36.87 -37.05
N THR F 915 19.55 -35.81 -37.83
CA THR F 915 18.76 -34.69 -37.36
C THR F 915 17.39 -34.62 -38.02
N ARG F 916 16.52 -33.80 -37.42
CA ARG F 916 15.14 -33.59 -37.88
C ARG F 916 14.76 -32.12 -37.67
N VAL F 917 14.40 -31.46 -38.76
CA VAL F 917 14.00 -30.07 -38.72
C VAL F 917 12.53 -29.95 -39.05
N LYS F 918 11.83 -29.29 -38.13
CA LYS F 918 10.39 -29.11 -38.23
C LYS F 918 10.07 -27.61 -38.35
N VAL F 919 9.38 -27.20 -39.42
CA VAL F 919 9.03 -25.80 -39.62
C VAL F 919 7.75 -25.55 -38.87
N VAL F 920 7.84 -25.05 -37.65
CA VAL F 920 6.67 -24.95 -36.81
C VAL F 920 5.95 -23.65 -37.00
N LYS F 921 6.67 -22.63 -37.44
CA LYS F 921 6.01 -21.39 -37.83
C LYS F 921 6.44 -20.97 -39.22
N ASN F 922 5.46 -20.75 -40.09
CA ASN F 922 5.75 -20.42 -41.48
C ASN F 922 4.75 -19.45 -42.12
N LYS F 923 5.06 -18.17 -42.05
CA LYS F 923 4.27 -17.15 -42.74
C LYS F 923 4.96 -16.76 -44.06
N ILE F 924 5.42 -17.76 -44.80
CA ILE F 924 5.97 -17.54 -46.13
C ILE F 924 5.32 -18.51 -47.10
N ALA F 925 4.89 -19.65 -46.57
CA ALA F 925 4.20 -20.68 -47.33
C ALA F 925 3.51 -21.65 -46.39
N ALA F 926 3.54 -22.93 -46.74
CA ALA F 926 2.92 -23.96 -45.94
C ALA F 926 3.71 -24.30 -44.64
N PRO F 927 3.04 -24.15 -43.48
CA PRO F 927 3.64 -24.46 -42.19
C PRO F 927 3.43 -25.91 -41.75
N PHE F 928 4.29 -26.38 -40.86
CA PHE F 928 4.16 -27.67 -40.17
C PHE F 928 4.79 -28.85 -40.91
N LYS F 929 5.25 -28.58 -42.13
CA LYS F 929 5.93 -29.59 -42.94
C LYS F 929 7.34 -29.82 -42.38
N GLN F 930 7.86 -31.03 -42.55
CA GLN F 930 9.14 -31.45 -41.91
C GLN F 930 10.17 -32.12 -42.84
N ALA F 931 11.42 -32.19 -42.37
CA ALA F 931 12.52 -32.66 -43.19
C ALA F 931 13.59 -33.29 -42.33
N GLU F 932 14.00 -34.51 -42.67
CA GLU F 932 15.05 -35.27 -41.97
C GLU F 932 16.32 -35.44 -42.83
N PHE F 933 17.49 -35.31 -42.21
CA PHE F 933 18.74 -35.36 -42.95
C PHE F 933 19.92 -35.66 -42.04
N GLN F 934 21.08 -35.93 -42.64
CA GLN F 934 22.28 -36.28 -41.92
C GLN F 934 23.24 -35.09 -41.75
N ILE F 935 23.88 -35.02 -40.57
CA ILE F 935 25.02 -34.14 -40.32
C ILE F 935 26.25 -34.96 -39.99
N LEU F 936 27.33 -34.74 -40.74
CA LEU F 936 28.55 -35.47 -40.52
C LEU F 936 29.67 -34.62 -39.95
N TYR F 937 30.26 -35.12 -38.87
CA TYR F 937 31.39 -34.47 -38.24
C TYR F 937 32.41 -34.12 -39.29
N GLY F 938 32.70 -32.84 -39.45
CA GLY F 938 33.79 -32.38 -40.34
C GLY F 938 33.50 -32.35 -41.83
N GLU F 939 32.22 -32.40 -42.19
CA GLU F 939 31.79 -32.24 -43.58
C GLU F 939 30.45 -31.49 -43.63
N GLY F 940 29.64 -31.67 -42.60
CA GLY F 940 28.39 -30.92 -42.46
C GLY F 940 27.16 -31.60 -43.03
N ILE F 941 26.13 -30.79 -43.33
CA ILE F 941 24.89 -31.29 -43.88
C ILE F 941 25.18 -32.19 -45.06
N ASN F 942 24.50 -33.33 -45.11
CA ASN F 942 24.78 -34.33 -46.13
C ASN F 942 23.93 -34.25 -47.38
N PHE F 943 24.35 -33.36 -48.27
CA PHE F 943 23.64 -33.00 -49.52
C PHE F 943 23.15 -34.22 -50.24
N TYR F 944 24.07 -35.14 -50.50
CA TYR F 944 23.80 -36.29 -51.32
C TYR F 944 22.88 -37.26 -50.60
N GLY F 945 23.06 -37.34 -49.29
CA GLY F 945 22.32 -38.27 -48.46
C GLY F 945 20.82 -38.09 -48.56
N GLU F 946 20.36 -36.85 -48.47
CA GLU F 946 18.97 -36.56 -48.65
C GLU F 946 18.65 -36.58 -50.14
N LEU F 947 19.64 -36.36 -50.99
CA LEU F 947 19.39 -36.30 -52.42
C LEU F 947 18.93 -37.64 -52.92
N VAL F 948 19.56 -38.70 -52.43
CA VAL F 948 19.16 -40.05 -52.78
C VAL F 948 17.73 -40.30 -52.39
N ASP F 949 17.43 -40.08 -51.11
CA ASP F 949 16.07 -40.26 -50.60
C ASP F 949 14.99 -39.54 -51.43
N LEU F 950 15.30 -38.32 -51.86
CA LEU F 950 14.37 -37.52 -52.61
C LEU F 950 14.06 -38.21 -53.94
N GLY F 951 15.09 -38.71 -54.60
CA GLY F 951 14.95 -39.35 -55.91
C GLY F 951 14.26 -40.69 -55.87
N VAL F 952 14.08 -41.23 -54.67
CA VAL F 952 13.34 -42.45 -54.48
C VAL F 952 11.86 -42.12 -54.40
N LYS F 953 11.55 -41.06 -53.66
CA LYS F 953 10.17 -40.63 -53.48
C LYS F 953 9.67 -39.80 -54.68
N GLU F 954 10.59 -39.41 -55.56
CA GLU F 954 10.21 -38.75 -56.81
C GLU F 954 10.55 -39.59 -58.04
N LYS F 955 10.78 -40.88 -57.79
CA LYS F 955 10.78 -41.92 -58.82
C LYS F 955 11.87 -41.82 -59.89
N LEU F 956 12.87 -41.00 -59.62
CA LEU F 956 14.05 -40.92 -60.48
C LEU F 956 15.01 -42.07 -60.20
N ILE F 957 15.02 -42.55 -58.95
CA ILE F 957 15.84 -43.68 -58.53
C ILE F 957 14.97 -44.78 -57.97
N GLU F 958 15.24 -46.01 -58.36
CA GLU F 958 14.29 -47.09 -58.17
C GLU F 958 14.70 -48.07 -57.10
N LYS F 959 13.84 -48.23 -56.10
CA LYS F 959 14.12 -49.12 -54.98
C LYS F 959 13.65 -50.53 -55.27
N ALA F 960 14.60 -51.46 -55.47
CA ALA F 960 14.31 -52.89 -55.67
C ALA F 960 14.44 -53.70 -54.36
N GLY F 961 13.73 -53.24 -53.32
CA GLY F 961 13.84 -53.78 -51.96
C GLY F 961 15.05 -53.22 -51.22
N ALA F 962 16.23 -53.72 -51.59
CA ALA F 962 17.53 -53.31 -51.03
C ALA F 962 18.45 -52.64 -52.07
N TRP F 963 18.11 -52.80 -53.35
CA TRP F 963 18.93 -52.31 -54.45
C TRP F 963 18.52 -50.92 -54.96
N TYR F 964 19.51 -50.13 -55.37
CA TYR F 964 19.30 -48.77 -55.83
C TYR F 964 19.67 -48.55 -57.31
N SER F 965 18.65 -48.38 -58.15
CA SER F 965 18.86 -48.28 -59.61
C SER F 965 18.57 -46.89 -60.16
N TYR F 966 19.41 -46.44 -61.10
CA TYR F 966 19.15 -45.22 -61.86
C TYR F 966 18.90 -45.50 -63.34
N LYS F 967 17.67 -45.90 -63.62
CA LYS F 967 17.20 -46.24 -64.99
C LYS F 967 18.12 -47.21 -65.75
N GLY F 968 17.87 -48.53 -65.57
CA GLY F 968 18.65 -49.60 -66.20
C GLY F 968 19.92 -49.94 -65.42
N GLU F 969 20.73 -48.89 -65.23
CA GLU F 969 21.95 -48.86 -64.39
C GLU F 969 21.69 -49.12 -62.87
N LYS F 970 22.43 -50.07 -62.28
CA LYS F 970 22.37 -50.37 -60.83
C LYS F 970 23.50 -49.63 -60.14
N ILE F 971 23.15 -48.69 -59.27
CA ILE F 971 24.15 -47.77 -58.70
C ILE F 971 24.52 -47.98 -57.23
N GLY F 972 23.81 -48.85 -56.54
CA GLY F 972 24.14 -49.13 -55.14
C GLY F 972 23.27 -50.16 -54.42
N GLN F 973 23.78 -50.65 -53.28
CA GLN F 973 23.07 -51.63 -52.46
C GLN F 973 23.18 -51.17 -51.03
N GLY F 974 22.04 -50.92 -50.40
CA GLY F 974 21.99 -50.30 -49.07
C GLY F 974 22.22 -48.79 -49.15
N LYS F 975 21.28 -48.00 -48.60
CA LYS F 975 21.30 -46.55 -48.75
C LYS F 975 22.71 -45.96 -48.81
N ALA F 976 23.55 -46.39 -47.89
CA ALA F 976 24.90 -45.88 -47.78
C ALA F 976 25.69 -45.93 -49.09
N ASN F 977 25.96 -47.15 -49.55
CA ASN F 977 26.78 -47.37 -50.73
C ASN F 977 26.25 -46.63 -51.95
N ALA F 978 24.96 -46.31 -51.95
CA ALA F 978 24.34 -45.56 -53.02
C ALA F 978 24.61 -44.10 -52.79
N THR F 979 24.42 -43.67 -51.56
CA THR F 979 24.67 -42.31 -51.21
C THR F 979 25.98 -41.95 -51.86
N ALA F 980 27.03 -42.61 -51.39
CA ALA F 980 28.37 -42.22 -51.80
C ALA F 980 28.72 -42.60 -53.25
N TRP F 981 27.71 -42.75 -54.10
CA TRP F 981 27.95 -42.98 -55.52
C TRP F 981 27.67 -41.71 -56.29
N LEU F 982 26.74 -40.93 -55.80
CA LEU F 982 26.51 -39.64 -56.38
C LEU F 982 27.71 -38.78 -56.09
N LYS F 983 28.39 -39.06 -55.00
CA LYS F 983 29.61 -38.35 -54.62
C LYS F 983 30.75 -38.68 -55.57
N ASP F 984 30.58 -39.78 -56.31
CA ASP F 984 31.64 -40.29 -57.18
C ASP F 984 31.55 -39.73 -58.59
N ASN F 985 30.34 -39.47 -59.08
CA ASN F 985 30.16 -38.72 -60.35
C ASN F 985 29.09 -37.61 -60.29
N PRO F 986 29.51 -36.36 -59.93
CA PRO F 986 28.58 -35.23 -59.75
C PRO F 986 27.87 -34.83 -61.04
N GLU F 987 28.16 -35.57 -62.13
CA GLU F 987 27.54 -35.35 -63.44
C GLU F 987 26.04 -35.62 -63.32
N THR F 988 25.70 -36.85 -62.93
CA THR F 988 24.32 -37.30 -62.86
C THR F 988 23.64 -36.67 -61.65
N ALA F 989 24.45 -36.29 -60.68
CA ALA F 989 23.95 -35.69 -59.48
C ALA F 989 23.27 -34.40 -59.81
N LYS F 990 24.07 -33.47 -60.32
CA LYS F 990 23.65 -32.12 -60.65
C LYS F 990 22.45 -32.10 -61.59
N GLU F 991 22.23 -33.22 -62.28
CA GLU F 991 21.06 -33.39 -63.16
C GLU F 991 19.84 -33.72 -62.31
N ILE F 992 19.97 -34.72 -61.43
CA ILE F 992 18.86 -35.13 -60.60
C ILE F 992 18.57 -34.05 -59.57
N GLU F 993 19.62 -33.41 -59.08
CA GLU F 993 19.47 -32.25 -58.21
C GLU F 993 18.37 -31.33 -58.74
N LYS F 994 18.55 -30.87 -59.98
CA LYS F 994 17.65 -29.91 -60.61
C LYS F 994 16.28 -30.53 -60.86
N LYS F 995 16.26 -31.75 -61.39
CA LYS F 995 15.00 -32.39 -61.79
C LYS F 995 14.04 -32.57 -60.60
N VAL F 996 14.58 -32.51 -59.38
CA VAL F 996 13.78 -32.57 -58.17
C VAL F 996 13.34 -31.17 -57.77
N ARG F 997 14.24 -30.22 -57.94
CA ARG F 997 13.93 -28.82 -57.77
C ARG F 997 12.73 -28.47 -58.65
N GLU F 998 12.74 -28.96 -59.89
CA GLU F 998 11.64 -28.76 -60.83
C GLU F 998 10.33 -29.43 -60.40
N LEU F 999 10.43 -30.55 -59.66
CA LEU F 999 9.24 -31.31 -59.26
C LEU F 999 8.60 -30.92 -57.91
N LEU F 1000 9.29 -30.07 -57.14
CA LEU F 1000 8.75 -29.54 -55.87
C LEU F 1000 8.86 -28.01 -55.59
N LEU F 1001 9.67 -27.31 -56.37
CA LEU F 1001 9.75 -25.82 -56.36
C LEU F 1001 9.09 -25.16 -57.62
N LYS F 1029 26.65 -0.10 -54.53
CA LYS F 1029 28.07 -0.56 -54.64
C LYS F 1029 28.72 -0.71 -53.23
N GLN F 1030 30.05 -0.68 -53.17
CA GLN F 1030 30.83 -0.76 -51.91
C GLN F 1030 30.90 0.59 -51.18
N LYS F 1031 29.96 1.47 -51.56
CA LYS F 1031 29.80 2.84 -51.02
C LYS F 1031 29.14 2.78 -49.62
N ALA F 1032 27.99 2.08 -49.53
CA ALA F 1032 27.22 1.98 -48.29
C ALA F 1032 27.92 1.09 -47.23
N LEU F 1033 28.77 0.18 -47.71
CA LEU F 1033 29.47 -0.78 -46.86
C LEU F 1033 30.72 -0.17 -46.25
N ALA F 1034 31.72 0.06 -47.12
CA ALA F 1034 33.05 0.55 -46.73
C ALA F 1034 33.02 1.90 -45.98
N ALA F 1035 31.80 2.39 -45.70
CA ALA F 1035 31.59 3.58 -44.88
C ALA F 1035 30.81 3.25 -43.59
N ALA F 1036 29.63 2.66 -43.72
CA ALA F 1036 28.78 2.41 -42.56
C ALA F 1036 29.48 1.57 -41.50
N LEU F 1037 30.54 0.87 -41.89
CA LEU F 1037 31.32 0.04 -40.98
C LEU F 1037 31.81 0.81 -39.76
N GLY F 1038 32.84 1.62 -39.96
CA GLY F 1038 33.48 2.38 -38.88
C GLY F 1038 32.48 3.19 -38.06
N GLN F 1039 31.35 3.52 -38.68
CA GLN F 1039 30.29 4.30 -38.02
C GLN F 1039 29.91 3.64 -36.72
N ILE F 1040 29.91 2.32 -36.75
CA ILE F 1040 29.44 1.55 -35.63
C ILE F 1040 30.52 1.55 -34.55
N GLU F 1041 31.77 1.51 -35.00
CA GLU F 1041 32.91 1.57 -34.10
C GLU F 1041 32.86 2.88 -33.35
N LYS F 1042 32.52 3.96 -34.04
CA LYS F 1042 32.47 5.28 -33.44
C LYS F 1042 31.32 5.37 -32.43
N GLN F 1043 30.17 4.80 -32.79
CA GLN F 1043 28.95 4.91 -31.98
C GLN F 1043 29.02 4.21 -30.61
N PHE F 1044 29.75 3.09 -30.55
CA PHE F 1044 29.76 2.26 -29.34
C PHE F 1044 31.14 2.11 -28.69
N GLY F 1045 31.93 1.18 -29.20
CA GLY F 1045 33.30 0.95 -28.74
C GLY F 1045 34.23 0.74 -29.93
N LYS F 1046 35.46 1.24 -29.85
CA LYS F 1046 36.41 1.16 -30.96
C LYS F 1046 36.90 -0.28 -31.09
N GLY F 1047 36.40 -0.97 -32.12
CA GLY F 1047 36.80 -2.35 -32.42
C GLY F 1047 35.87 -3.45 -31.93
N SER F 1048 34.56 -3.25 -32.06
CA SER F 1048 33.62 -4.30 -31.67
C SER F 1048 32.83 -4.81 -32.86
N ILE F 1049 33.41 -4.67 -34.04
CA ILE F 1049 32.98 -5.37 -35.22
C ILE F 1049 34.15 -5.38 -36.19
N MET F 1050 34.37 -6.48 -36.92
CA MET F 1050 35.35 -6.53 -38.02
C MET F 1050 35.30 -7.75 -38.92
N ARG F 1051 36.03 -7.65 -40.03
CA ARG F 1051 36.28 -8.80 -40.91
C ARG F 1051 37.27 -9.68 -40.17
N LEU F 1052 37.08 -10.99 -40.25
CA LEU F 1052 37.86 -11.93 -39.45
C LEU F 1052 39.25 -12.22 -40.02
N GLY F 1053 39.44 -11.94 -41.30
CA GLY F 1053 40.73 -12.14 -41.96
C GLY F 1053 41.52 -10.84 -42.07
N GLU F 1054 41.64 -10.15 -40.92
CA GLU F 1054 42.22 -8.81 -40.86
C GLU F 1054 43.54 -8.67 -40.12
N ASP F 1055 44.49 -8.01 -40.79
CA ASP F 1055 45.80 -7.63 -40.24
C ASP F 1055 45.61 -6.58 -39.16
N ARG F 1056 44.68 -5.65 -39.44
CA ARG F 1056 44.38 -4.50 -38.59
C ARG F 1056 44.20 -4.85 -37.08
N SER F 1057 45.32 -4.82 -36.36
CA SER F 1057 45.32 -4.77 -34.92
C SER F 1057 45.47 -3.31 -34.47
N MET F 1058 45.27 -3.06 -33.19
CA MET F 1058 45.28 -1.71 -32.67
C MET F 1058 46.54 -1.47 -31.81
N ASP F 1059 46.58 -0.30 -31.18
CA ASP F 1059 47.66 0.09 -30.31
C ASP F 1059 47.28 -0.18 -28.87
N VAL F 1060 47.89 -1.19 -28.27
CA VAL F 1060 47.88 -1.27 -26.82
C VAL F 1060 49.19 -1.85 -26.35
N GLU F 1061 49.57 -1.50 -25.12
CA GLU F 1061 50.63 -2.19 -24.42
C GLU F 1061 50.22 -3.68 -24.29
N THR F 1062 51.09 -4.56 -24.78
CA THR F 1062 50.81 -5.99 -24.82
C THR F 1062 51.86 -6.78 -24.05
N ILE F 1063 51.46 -7.46 -22.97
CA ILE F 1063 52.39 -8.34 -22.22
C ILE F 1063 52.51 -9.65 -22.99
N SER F 1064 53.71 -10.23 -23.05
CA SER F 1064 53.85 -11.51 -23.75
C SER F 1064 53.12 -12.56 -22.90
N THR F 1065 52.43 -13.49 -23.53
CA THR F 1065 51.67 -14.47 -22.79
C THR F 1065 52.54 -15.58 -22.27
N GLY F 1066 53.78 -15.62 -22.75
CA GLY F 1066 54.71 -16.69 -22.42
C GLY F 1066 54.91 -17.58 -23.64
N SER F 1067 53.80 -17.85 -24.36
CA SER F 1067 53.84 -18.49 -25.68
C SER F 1067 54.34 -17.51 -26.73
N LEU F 1068 54.23 -17.91 -27.98
CA LEU F 1068 54.66 -17.08 -29.09
C LEU F 1068 53.52 -17.11 -30.04
N SER F 1069 53.02 -18.31 -30.29
CA SER F 1069 51.94 -18.47 -31.22
C SER F 1069 50.66 -18.00 -30.58
N LEU F 1070 50.60 -17.98 -29.25
CA LEU F 1070 49.47 -17.38 -28.61
C LEU F 1070 49.45 -15.90 -28.96
N ASP F 1071 50.60 -15.27 -28.79
CA ASP F 1071 50.73 -13.82 -28.97
C ASP F 1071 50.64 -13.47 -30.44
N ILE F 1072 50.58 -14.50 -31.26
CA ILE F 1072 50.37 -14.35 -32.67
C ILE F 1072 48.91 -14.58 -32.94
N ALA F 1073 48.28 -15.44 -32.15
CA ALA F 1073 46.89 -15.73 -32.38
C ALA F 1073 46.04 -14.65 -31.76
N LEU F 1074 46.61 -14.00 -30.76
CA LEU F 1074 46.03 -12.79 -30.25
C LEU F 1074 45.99 -11.75 -31.35
N GLY F 1075 47.10 -11.59 -32.09
CA GLY F 1075 47.23 -10.63 -33.21
C GLY F 1075 47.85 -9.32 -32.78
N ALA F 1076 47.81 -9.10 -31.47
CA ALA F 1076 48.17 -7.85 -30.84
C ALA F 1076 49.58 -7.87 -30.31
N GLY F 1077 50.05 -9.09 -30.00
CA GLY F 1077 51.41 -9.31 -29.43
C GLY F 1077 51.37 -9.87 -28.03
N GLY F 1078 50.16 -9.96 -27.48
CA GLY F 1078 49.98 -10.43 -26.14
C GLY F 1078 48.74 -9.83 -25.56
N LEU F 1079 48.59 -9.94 -24.23
CA LEU F 1079 47.40 -9.48 -23.52
C LEU F 1079 47.38 -7.97 -23.34
N PRO F 1080 46.22 -7.37 -23.67
CA PRO F 1080 45.93 -5.94 -23.66
C PRO F 1080 46.00 -5.31 -22.27
N MET F 1081 46.92 -4.37 -22.11
CA MET F 1081 47.11 -3.74 -20.81
C MET F 1081 45.92 -2.91 -20.40
N GLY F 1082 45.39 -3.25 -19.23
CA GLY F 1082 44.32 -2.48 -18.63
C GLY F 1082 42.95 -2.77 -19.21
N ARG F 1083 42.72 -4.04 -19.52
CA ARG F 1083 41.38 -4.53 -19.83
C ARG F 1083 41.18 -5.74 -18.94
N ILE F 1084 40.17 -6.56 -19.21
CA ILE F 1084 40.09 -7.81 -18.48
C ILE F 1084 40.25 -9.03 -19.37
N VAL F 1085 40.90 -10.07 -18.81
CA VAL F 1085 41.22 -11.26 -19.55
C VAL F 1085 40.87 -12.44 -18.76
N GLU F 1086 40.07 -13.30 -19.37
CA GLU F 1086 39.65 -14.56 -18.76
C GLU F 1086 40.28 -15.77 -19.43
N ILE F 1087 40.89 -16.63 -18.64
CA ILE F 1087 41.40 -17.88 -19.14
C ILE F 1087 40.60 -18.95 -18.47
N TYR F 1088 40.13 -19.88 -19.26
CA TYR F 1088 39.34 -20.95 -18.69
C TYR F 1088 39.68 -22.29 -19.30
N GLY F 1089 39.15 -23.34 -18.69
CA GLY F 1089 39.40 -24.70 -19.10
C GLY F 1089 39.50 -25.66 -17.93
N PRO F 1090 39.27 -26.94 -18.19
CA PRO F 1090 39.29 -28.09 -17.30
C PRO F 1090 40.48 -28.15 -16.36
N GLU F 1091 40.33 -28.97 -15.32
CA GLU F 1091 41.33 -29.09 -14.28
C GLU F 1091 42.52 -29.87 -14.80
N SER F 1092 43.68 -29.43 -14.31
CA SER F 1092 44.95 -29.92 -14.77
C SER F 1092 45.00 -29.70 -16.28
N SER F 1093 44.69 -28.49 -16.74
CA SER F 1093 44.78 -28.23 -18.15
C SER F 1093 46.03 -27.44 -18.40
N GLY F 1094 46.41 -26.66 -17.40
CA GLY F 1094 47.62 -25.85 -17.48
C GLY F 1094 47.31 -24.40 -17.22
N LYS F 1095 46.05 -24.17 -16.83
CA LYS F 1095 45.55 -22.86 -16.47
C LYS F 1095 46.58 -21.94 -15.72
N THR F 1096 46.76 -22.27 -14.45
CA THR F 1096 47.78 -21.71 -13.52
C THR F 1096 49.15 -21.53 -14.18
N THR F 1097 49.76 -22.61 -14.64
CA THR F 1097 51.03 -22.60 -15.35
C THR F 1097 51.11 -21.45 -16.37
N LEU F 1098 50.07 -21.36 -17.20
CA LEU F 1098 50.08 -20.35 -18.25
C LEU F 1098 50.28 -18.99 -17.63
N THR F 1099 49.39 -18.65 -16.69
CA THR F 1099 49.44 -17.35 -16.00
C THR F 1099 50.83 -17.04 -15.45
N LEU F 1100 51.37 -18.00 -14.71
CA LEU F 1100 52.69 -17.91 -14.13
C LEU F 1100 53.75 -17.71 -15.15
N GLN F 1101 53.55 -18.28 -16.32
CA GLN F 1101 54.42 -17.96 -17.43
C GLN F 1101 54.27 -16.48 -17.92
N VAL F 1102 53.13 -15.87 -17.65
CA VAL F 1102 52.95 -14.48 -17.99
C VAL F 1102 53.61 -13.61 -16.94
N ILE F 1103 53.37 -13.98 -15.69
CA ILE F 1103 53.94 -13.30 -14.57
C ILE F 1103 55.44 -13.32 -14.74
N ALA F 1104 55.95 -14.43 -15.28
CA ALA F 1104 57.37 -14.55 -15.53
C ALA F 1104 57.82 -13.44 -16.45
N ALA F 1105 57.17 -13.33 -17.61
CA ALA F 1105 57.62 -12.39 -18.63
C ALA F 1105 57.02 -10.99 -18.48
N ALA F 1106 56.56 -10.73 -17.27
CA ALA F 1106 56.38 -9.37 -16.81
C ALA F 1106 57.58 -9.03 -15.94
N GLN F 1107 57.87 -9.96 -15.03
CA GLN F 1107 59.01 -9.93 -14.15
C GLN F 1107 60.24 -9.63 -14.96
N ARG F 1108 60.16 -10.06 -16.21
CA ARG F 1108 61.25 -9.97 -17.15
C ARG F 1108 61.45 -8.54 -17.58
N GLU F 1109 60.48 -7.69 -17.27
CA GLU F 1109 60.70 -6.27 -17.49
C GLU F 1109 60.06 -5.39 -16.45
N GLY F 1110 60.52 -5.53 -15.20
CA GLY F 1110 60.11 -4.64 -14.08
C GLY F 1110 58.69 -4.86 -13.54
N LYS F 1111 57.68 -4.67 -14.42
CA LYS F 1111 56.23 -4.75 -14.14
C LYS F 1111 55.92 -5.68 -12.97
N THR F 1112 55.47 -5.11 -11.85
CA THR F 1112 55.37 -5.91 -10.65
C THR F 1112 54.02 -6.60 -10.52
N CYS F 1113 54.03 -7.71 -9.79
CA CYS F 1113 52.93 -8.64 -9.79
C CYS F 1113 52.39 -9.16 -8.51
N ALA F 1114 51.07 -9.26 -8.47
CA ALA F 1114 50.41 -9.90 -7.39
C ALA F 1114 49.49 -10.94 -7.96
N PHE F 1115 49.35 -11.99 -7.17
CA PHE F 1115 48.75 -13.24 -7.61
C PHE F 1115 47.79 -13.68 -6.51
N ILE F 1116 46.51 -13.43 -6.76
CA ILE F 1116 45.52 -13.63 -5.76
C ILE F 1116 45.25 -15.10 -5.72
N ASP F 1117 45.75 -15.75 -4.68
CA ASP F 1117 45.72 -17.21 -4.68
C ASP F 1117 44.58 -17.84 -3.88
N ALA F 1118 43.35 -17.48 -4.25
CA ALA F 1118 42.15 -18.00 -3.55
C ALA F 1118 42.20 -19.51 -3.38
N GLU F 1119 42.70 -20.19 -4.39
CA GLU F 1119 42.66 -21.64 -4.43
C GLU F 1119 43.52 -22.30 -3.37
N HIS F 1120 44.45 -21.56 -2.80
CA HIS F 1120 45.45 -22.14 -1.89
C HIS F 1120 46.32 -23.19 -2.63
N ALA F 1121 46.50 -22.93 -3.94
CA ALA F 1121 47.32 -23.73 -4.86
C ALA F 1121 48.79 -23.29 -4.82
N LEU F 1122 49.41 -23.18 -6.01
CA LEU F 1122 50.81 -22.70 -6.22
C LEU F 1122 51.94 -23.28 -5.30
N ASP F 1123 52.86 -24.00 -5.92
CA ASP F 1123 54.06 -24.50 -5.26
C ASP F 1123 55.20 -23.50 -5.55
N PRO F 1124 55.46 -22.58 -4.62
CA PRO F 1124 56.40 -21.52 -4.91
C PRO F 1124 57.59 -22.10 -5.63
N ILE F 1125 58.13 -23.20 -5.10
CA ILE F 1125 59.23 -23.93 -5.71
C ILE F 1125 58.99 -24.06 -7.23
N TYR F 1126 57.96 -24.82 -7.57
CA TYR F 1126 57.53 -24.95 -8.95
C TYR F 1126 57.49 -23.60 -9.64
N ALA F 1127 56.89 -22.63 -8.99
CA ALA F 1127 56.79 -21.32 -9.59
C ALA F 1127 58.18 -20.84 -10.03
N ARG F 1128 59.15 -20.98 -9.12
CA ARG F 1128 60.50 -20.47 -9.38
C ARG F 1128 60.96 -21.14 -10.63
N LYS F 1129 60.78 -22.47 -10.68
CA LYS F 1129 61.26 -23.31 -11.80
C LYS F 1129 60.69 -22.87 -13.13
N LEU F 1130 59.54 -22.18 -13.09
CA LEU F 1130 58.89 -21.63 -14.28
C LEU F 1130 59.43 -20.27 -14.69
N GLY F 1131 59.97 -19.56 -13.71
CA GLY F 1131 60.78 -18.36 -13.93
C GLY F 1131 60.30 -17.09 -13.26
N VAL F 1132 59.56 -17.20 -12.17
CA VAL F 1132 59.04 -15.99 -11.58
C VAL F 1132 60.01 -15.51 -10.54
N ASP F 1133 59.95 -14.21 -10.24
CA ASP F 1133 60.72 -13.67 -9.12
C ASP F 1133 59.85 -13.93 -7.89
N ILE F 1134 60.20 -14.98 -7.16
CA ILE F 1134 59.39 -15.45 -6.06
C ILE F 1134 59.25 -14.37 -5.03
N ASP F 1135 60.29 -13.57 -4.86
CA ASP F 1135 60.35 -12.66 -3.76
C ASP F 1135 59.70 -11.32 -4.10
N ASN F 1136 59.54 -11.06 -5.41
CA ASN F 1136 58.95 -9.82 -5.91
C ASN F 1136 57.59 -10.01 -6.55
N LEU F 1137 56.89 -11.04 -6.10
CA LEU F 1137 55.54 -11.38 -6.55
C LEU F 1137 54.66 -11.38 -5.29
N LEU F 1138 54.39 -10.20 -4.77
CA LEU F 1138 53.76 -10.09 -3.46
C LEU F 1138 52.28 -10.46 -3.63
N CYS F 1139 51.90 -11.49 -2.89
CA CYS F 1139 50.67 -12.23 -3.14
C CYS F 1139 49.91 -12.60 -1.86
N SER F 1140 48.64 -12.96 -2.05
CA SER F 1140 47.64 -13.04 -1.00
C SER F 1140 47.04 -14.44 -0.91
N GLN F 1141 46.63 -14.83 0.29
CA GLN F 1141 45.90 -16.09 0.50
C GLN F 1141 44.55 -15.83 1.20
N PRO F 1142 43.61 -15.18 0.48
CA PRO F 1142 42.36 -14.66 1.05
C PRO F 1142 41.51 -15.72 1.70
N ASP F 1143 40.65 -15.27 2.61
CA ASP F 1143 39.69 -16.13 3.29
C ASP F 1143 38.37 -16.17 2.49
N THR F 1144 37.85 -14.98 2.13
CA THR F 1144 36.57 -14.87 1.43
C THR F 1144 36.75 -14.41 0.00
N GLY F 1145 35.79 -14.79 -0.82
CA GLY F 1145 35.69 -14.28 -2.18
C GLY F 1145 35.80 -12.76 -2.20
N GLU F 1146 35.05 -12.11 -1.31
CA GLU F 1146 35.02 -10.66 -1.26
C GLU F 1146 36.39 -10.07 -0.92
N GLN F 1147 36.99 -10.52 0.18
CA GLN F 1147 38.30 -10.05 0.55
C GLN F 1147 39.14 -9.98 -0.71
N ALA F 1148 39.24 -11.11 -1.41
CA ALA F 1148 40.00 -11.18 -2.64
C ALA F 1148 39.62 -10.07 -3.61
N LEU F 1149 38.34 -9.95 -3.90
CA LEU F 1149 37.87 -8.92 -4.82
C LEU F 1149 38.33 -7.53 -4.41
N GLU F 1150 37.90 -7.10 -3.23
CA GLU F 1150 38.24 -5.75 -2.74
C GLU F 1150 39.74 -5.55 -2.49
N ILE F 1151 40.49 -6.66 -2.49
CA ILE F 1151 41.96 -6.58 -2.45
C ILE F 1151 42.44 -6.15 -3.82
N CYS F 1152 42.04 -6.87 -4.85
CA CYS F 1152 42.50 -6.49 -6.16
C CYS F 1152 41.85 -5.18 -6.62
N ASP F 1153 40.67 -4.88 -6.07
CA ASP F 1153 40.07 -3.60 -6.34
C ASP F 1153 41.07 -2.50 -5.95
N ALA F 1154 41.55 -2.59 -4.72
CA ALA F 1154 42.47 -1.60 -4.20
C ALA F 1154 43.86 -1.65 -4.88
N LEU F 1155 44.11 -2.66 -5.69
CA LEU F 1155 45.39 -2.74 -6.38
C LEU F 1155 45.23 -2.23 -7.80
N ALA F 1156 43.97 -2.13 -8.21
CA ALA F 1156 43.66 -1.55 -9.49
C ALA F 1156 43.82 -0.04 -9.40
N ARG F 1157 43.44 0.53 -8.25
CA ARG F 1157 43.60 1.98 -8.00
C ARG F 1157 45.05 2.33 -7.60
N SER F 1158 45.76 1.35 -7.02
CA SER F 1158 47.15 1.52 -6.48
C SER F 1158 48.22 1.75 -7.55
N GLY F 1159 47.99 2.77 -8.39
CA GLY F 1159 48.91 3.21 -9.44
C GLY F 1159 49.48 2.13 -10.36
N ALA F 1160 50.80 2.11 -10.44
CA ALA F 1160 51.48 1.10 -11.24
C ALA F 1160 51.89 -0.16 -10.40
N VAL F 1161 50.90 -0.97 -10.01
CA VAL F 1161 51.12 -2.41 -9.67
C VAL F 1161 50.59 -3.17 -10.88
N ASP F 1162 51.49 -3.69 -11.70
CA ASP F 1162 51.28 -3.73 -13.15
C ASP F 1162 50.50 -4.87 -13.77
N VAL F 1163 50.31 -5.97 -13.05
CA VAL F 1163 49.39 -7.05 -13.51
C VAL F 1163 48.98 -8.05 -12.41
N ILE F 1164 47.71 -8.44 -12.44
CA ILE F 1164 47.11 -9.21 -11.36
C ILE F 1164 46.47 -10.46 -11.87
N VAL F 1165 46.82 -11.58 -11.23
CA VAL F 1165 46.22 -12.87 -11.59
C VAL F 1165 45.37 -13.42 -10.44
N VAL F 1166 44.13 -13.77 -10.76
CA VAL F 1166 43.19 -14.28 -9.77
C VAL F 1166 42.88 -15.75 -9.95
N ASP F 1167 43.40 -16.54 -9.03
CA ASP F 1167 43.34 -18.01 -9.08
C ASP F 1167 42.59 -18.46 -7.84
N SER F 1168 41.35 -18.87 -7.99
CA SER F 1168 40.63 -18.82 -9.25
C SER F 1168 39.16 -18.58 -8.96
N VAL F 1169 38.44 -18.03 -9.95
CA VAL F 1169 37.01 -17.73 -9.83
C VAL F 1169 36.33 -18.84 -9.07
N ALA F 1170 36.90 -20.03 -9.15
CA ALA F 1170 36.42 -21.22 -8.44
C ALA F 1170 36.00 -20.99 -6.98
N ALA F 1171 36.96 -20.77 -6.06
CA ALA F 1171 36.67 -20.63 -4.60
C ALA F 1171 35.90 -19.34 -4.20
N LEU F 1172 35.32 -18.71 -5.22
CA LEU F 1172 34.49 -17.52 -5.10
C LEU F 1172 32.99 -17.84 -5.35
N THR F 1173 32.53 -19.03 -4.93
CA THR F 1173 31.12 -19.19 -4.47
C THR F 1173 31.18 -18.84 -2.94
N PRO F 1174 30.40 -17.79 -2.51
CA PRO F 1174 30.64 -16.78 -1.41
C PRO F 1174 31.63 -17.10 -0.26
N LEU F 1189 24.29 -16.04 -5.14
CA LEU F 1189 24.67 -14.88 -5.94
C LEU F 1189 26.17 -14.84 -6.23
N ALA F 1190 26.70 -15.99 -6.61
CA ALA F 1190 28.11 -16.17 -7.02
C ALA F 1190 28.51 -15.46 -8.34
N ALA F 1191 27.65 -14.51 -8.77
CA ALA F 1191 27.87 -13.63 -9.94
C ALA F 1191 27.27 -12.24 -9.70
N ARG F 1192 26.36 -12.17 -8.73
CA ARG F 1192 25.80 -10.91 -8.31
C ARG F 1192 26.83 -10.23 -7.44
N MET F 1193 27.62 -11.05 -6.75
CA MET F 1193 28.81 -10.58 -6.04
C MET F 1193 29.86 -10.05 -7.03
N MET F 1194 30.01 -10.74 -8.14
CA MET F 1194 30.98 -10.40 -9.15
C MET F 1194 30.58 -9.13 -9.83
N SER F 1195 29.44 -9.21 -10.50
CA SER F 1195 28.90 -8.13 -11.29
C SER F 1195 29.00 -6.81 -10.52
N GLN F 1196 29.23 -6.94 -9.21
CA GLN F 1196 29.46 -5.79 -8.34
C GLN F 1196 30.80 -5.15 -8.72
N ALA F 1197 31.89 -5.74 -8.23
CA ALA F 1197 33.23 -5.16 -8.45
C ALA F 1197 33.69 -5.32 -9.90
N MET F 1198 32.93 -6.09 -10.67
CA MET F 1198 33.23 -6.25 -12.08
C MET F 1198 33.03 -4.94 -12.81
N ARG F 1199 32.03 -4.17 -12.40
CA ARG F 1199 31.79 -2.83 -12.94
C ARG F 1199 32.91 -1.87 -12.52
N LYS F 1200 33.43 -2.10 -11.30
CA LYS F 1200 34.35 -1.19 -10.60
C LYS F 1200 35.77 -1.35 -11.11
N LEU F 1201 36.19 -2.60 -11.29
CA LEU F 1201 37.50 -2.90 -11.80
C LEU F 1201 37.60 -2.58 -13.27
N ALA F 1202 36.44 -2.42 -13.90
CA ALA F 1202 36.37 -2.10 -15.33
C ALA F 1202 36.95 -0.74 -15.65
N GLY F 1203 36.74 0.22 -14.73
CA GLY F 1203 37.13 1.62 -14.91
C GLY F 1203 38.31 2.05 -14.05
N ASN F 1204 38.79 1.14 -13.20
CA ASN F 1204 40.00 1.38 -12.40
C ASN F 1204 41.22 0.84 -13.13
N LEU F 1205 40.97 0.07 -14.18
CA LEU F 1205 42.06 -0.49 -14.94
C LEU F 1205 42.43 0.36 -16.16
N LYS F 1206 41.42 0.77 -16.94
CA LYS F 1206 41.64 1.69 -18.07
C LYS F 1206 42.31 2.97 -17.58
N GLN F 1207 42.38 3.13 -16.25
CA GLN F 1207 43.05 4.26 -15.61
C GLN F 1207 44.53 3.95 -15.38
N SER F 1208 44.81 2.78 -14.77
CA SER F 1208 46.13 2.39 -14.21
C SER F 1208 47.04 1.54 -15.15
N ASN F 1209 46.51 1.26 -16.34
CA ASN F 1209 47.09 0.31 -17.27
C ASN F 1209 47.22 -1.07 -16.67
N THR F 1210 47.10 -1.16 -15.34
CA THR F 1210 46.99 -2.41 -14.63
C THR F 1210 46.09 -3.45 -15.39
N LEU F 1211 46.64 -4.64 -15.66
CA LEU F 1211 45.93 -5.72 -16.33
C LEU F 1211 45.49 -6.85 -15.37
N LEU F 1212 44.31 -7.42 -15.63
CA LEU F 1212 43.73 -8.41 -14.72
C LEU F 1212 43.32 -9.68 -15.45
N ILE F 1213 43.83 -10.80 -14.92
CA ILE F 1213 43.60 -12.10 -15.50
C ILE F 1213 42.89 -13.00 -14.55
N PHE F 1214 41.67 -13.35 -14.94
CA PHE F 1214 40.84 -14.28 -14.21
C PHE F 1214 40.98 -15.67 -14.81
N ILE F 1215 40.95 -16.69 -13.96
CA ILE F 1215 40.88 -18.06 -14.44
C ILE F 1215 39.63 -18.83 -13.98
N ASN F 1216 39.14 -19.75 -14.80
CA ASN F 1216 37.86 -20.46 -14.57
C ASN F 1216 37.94 -21.96 -15.00
N GLN F 1217 36.86 -22.78 -14.84
CA GLN F 1217 36.79 -24.28 -15.17
C GLN F 1217 35.89 -24.85 -16.34
N GLY F 1234 30.35 -21.21 -14.50
CA GLY F 1234 30.97 -20.58 -13.34
C GLY F 1234 30.39 -19.30 -12.69
N GLY F 1235 30.32 -18.19 -13.44
CA GLY F 1235 29.86 -16.85 -12.92
C GLY F 1235 29.87 -15.75 -13.99
N ASN F 1236 28.70 -15.56 -14.63
CA ASN F 1236 28.55 -14.92 -15.96
C ASN F 1236 29.37 -13.64 -16.25
N ALA F 1237 28.75 -12.50 -15.97
CA ALA F 1237 29.26 -11.14 -16.24
C ALA F 1237 30.61 -11.06 -16.93
N LEU F 1238 31.65 -11.42 -16.17
CA LEU F 1238 33.03 -11.50 -16.65
C LEU F 1238 33.13 -11.83 -18.14
N LYS F 1239 32.40 -12.86 -18.55
CA LYS F 1239 32.25 -13.28 -19.95
C LYS F 1239 32.24 -12.12 -20.94
N PHE F 1240 31.56 -11.05 -20.54
CA PHE F 1240 31.45 -9.87 -21.36
C PHE F 1240 32.46 -8.82 -20.96
N TYR F 1241 32.76 -8.75 -19.67
CA TYR F 1241 33.65 -7.71 -19.18
C TYR F 1241 35.14 -7.94 -19.52
N ALA F 1242 35.45 -9.03 -20.22
CA ALA F 1242 36.79 -9.26 -20.76
C ALA F 1242 36.97 -8.56 -22.10
N SER F 1243 38.22 -8.29 -22.44
CA SER F 1243 38.53 -7.83 -23.78
C SER F 1243 39.23 -8.97 -24.50
N VAL F 1244 39.64 -9.97 -23.72
CA VAL F 1244 40.17 -11.22 -24.28
C VAL F 1244 39.89 -12.43 -23.40
N ARG F 1245 39.47 -13.51 -24.08
CA ARG F 1245 39.25 -14.79 -23.42
C ARG F 1245 40.07 -15.93 -24.02
N LEU F 1246 40.52 -16.84 -23.15
CA LEU F 1246 41.31 -17.98 -23.55
C LEU F 1246 40.70 -19.32 -23.17
N ASP F 1247 40.70 -20.23 -24.16
CA ASP F 1247 40.32 -21.63 -23.98
C ASP F 1247 41.55 -22.56 -24.02
N ILE F 1248 42.02 -22.93 -22.82
CA ILE F 1248 43.12 -23.85 -22.67
C ILE F 1248 42.58 -25.29 -22.57
N ARG F 1249 43.38 -26.23 -23.06
CA ARG F 1249 43.05 -27.62 -22.98
C ARG F 1249 44.30 -28.47 -23.22
N ARG F 1250 44.45 -29.54 -22.45
CA ARG F 1250 45.58 -30.45 -22.64
C ARG F 1250 45.13 -31.53 -23.59
N ILE F 1251 45.88 -31.74 -24.66
CA ILE F 1251 45.43 -32.69 -25.68
C ILE F 1251 46.39 -33.79 -26.09
N GLY F 1252 47.57 -33.85 -25.49
CA GLY F 1252 48.56 -34.83 -25.92
C GLY F 1252 49.35 -35.46 -24.81
N ALA F 1253 50.51 -34.85 -24.52
CA ALA F 1253 51.51 -35.39 -23.62
C ALA F 1253 52.79 -35.62 -24.37
N VAL F 1254 53.87 -35.12 -23.81
CA VAL F 1254 55.16 -35.31 -24.43
C VAL F 1254 55.90 -36.38 -23.64
N LYS F 1255 56.31 -37.41 -24.36
CA LYS F 1255 57.08 -38.52 -23.80
C LYS F 1255 58.55 -38.39 -24.21
N GLU F 1256 59.46 -38.95 -23.42
CA GLU F 1256 60.85 -39.12 -23.86
C GLU F 1256 61.21 -40.58 -23.80
N GLY F 1257 60.53 -41.35 -24.63
CA GLY F 1257 60.59 -42.81 -24.57
C GLY F 1257 59.51 -43.43 -23.68
N GLU F 1258 59.59 -43.15 -22.37
CA GLU F 1258 58.72 -43.79 -21.37
C GLU F 1258 58.19 -42.80 -20.33
N ASN F 1259 58.67 -41.55 -20.38
CA ASN F 1259 58.41 -40.57 -19.32
C ASN F 1259 57.34 -39.55 -19.69
N VAL F 1260 56.35 -39.41 -18.81
CA VAL F 1260 55.36 -38.35 -18.93
C VAL F 1260 55.98 -37.00 -18.50
N VAL F 1261 56.71 -36.33 -19.39
CA VAL F 1261 57.37 -35.07 -19.00
C VAL F 1261 56.73 -33.85 -19.62
N GLY F 1262 55.61 -34.05 -20.32
CA GLY F 1262 54.95 -32.93 -21.00
C GLY F 1262 53.44 -32.95 -21.12
N SER F 1263 52.90 -31.89 -21.72
CA SER F 1263 51.47 -31.74 -22.03
C SER F 1263 51.35 -30.93 -23.31
N GLU F 1264 50.89 -31.57 -24.37
CA GLU F 1264 50.64 -30.84 -25.62
C GLU F 1264 49.38 -30.03 -25.48
N THR F 1265 49.50 -28.75 -25.80
CA THR F 1265 48.45 -27.82 -25.40
C THR F 1265 47.93 -26.97 -26.54
N ARG F 1266 46.59 -26.79 -26.54
CA ARG F 1266 45.88 -25.92 -27.50
C ARG F 1266 45.08 -24.87 -26.79
N VAL F 1267 45.35 -23.64 -27.19
CA VAL F 1267 44.71 -22.50 -26.64
C VAL F 1267 43.99 -21.81 -27.78
N LYS F 1268 42.67 -21.67 -27.61
CA LYS F 1268 41.84 -20.92 -28.55
C LYS F 1268 41.57 -19.54 -28.01
N VAL F 1269 41.73 -18.53 -28.87
CA VAL F 1269 41.36 -17.17 -28.55
C VAL F 1269 39.87 -17.11 -28.82
N VAL F 1270 39.07 -17.14 -27.76
CA VAL F 1270 37.63 -17.25 -27.92
C VAL F 1270 37.01 -15.88 -28.04
N LYS F 1271 37.32 -14.99 -27.08
CA LYS F 1271 36.87 -13.60 -27.15
C LYS F 1271 38.04 -12.65 -27.39
N ASN F 1272 37.93 -11.86 -28.46
CA ASN F 1272 39.01 -10.95 -28.86
C ASN F 1272 38.50 -9.59 -29.31
N LYS F 1273 38.34 -8.68 -28.36
CA LYS F 1273 37.98 -7.31 -28.68
C LYS F 1273 39.27 -6.47 -28.76
N ILE F 1274 40.34 -7.08 -29.28
CA ILE F 1274 41.60 -6.35 -29.47
C ILE F 1274 42.04 -6.44 -30.93
N ALA F 1275 41.75 -7.58 -31.55
CA ALA F 1275 42.03 -7.81 -32.96
C ALA F 1275 41.14 -8.94 -33.43
N ALA F 1276 41.64 -9.74 -34.37
CA ALA F 1276 40.87 -10.86 -34.91
C ALA F 1276 40.67 -12.01 -33.91
N PRO F 1277 39.41 -12.39 -33.68
CA PRO F 1277 39.10 -13.44 -32.74
C PRO F 1277 39.16 -14.84 -33.35
N PHE F 1278 38.92 -15.86 -32.53
CA PHE F 1278 38.80 -17.27 -32.97
C PHE F 1278 40.02 -17.92 -33.63
N LYS F 1279 41.20 -17.32 -33.40
CA LYS F 1279 42.43 -17.91 -33.87
C LYS F 1279 43.03 -18.77 -32.76
N GLN F 1280 43.82 -19.78 -33.13
CA GLN F 1280 44.34 -20.74 -32.15
C GLN F 1280 45.82 -21.01 -32.31
N ALA F 1281 46.39 -21.54 -31.25
CA ALA F 1281 47.82 -21.76 -31.20
C ALA F 1281 48.08 -23.02 -30.40
N GLU F 1282 49.06 -23.81 -30.86
CA GLU F 1282 49.46 -25.04 -30.17
C GLU F 1282 50.91 -24.98 -29.70
N PHE F 1283 51.22 -25.65 -28.59
CA PHE F 1283 52.59 -25.69 -28.07
C PHE F 1283 52.82 -26.70 -26.95
N GLN F 1284 54.10 -26.98 -26.67
CA GLN F 1284 54.49 -27.87 -25.59
C GLN F 1284 54.67 -27.15 -24.25
N ILE F 1285 54.13 -27.73 -23.17
CA ILE F 1285 54.42 -27.26 -21.80
C ILE F 1285 55.24 -28.29 -21.05
N LEU F 1286 56.49 -27.98 -20.76
CA LEU F 1286 57.31 -28.95 -20.09
C LEU F 1286 57.28 -28.81 -18.57
N TYR F 1287 56.89 -29.89 -17.92
CA TYR F 1287 56.72 -29.94 -16.48
C TYR F 1287 57.95 -29.50 -15.72
N GLY F 1288 57.92 -28.30 -15.15
CA GLY F 1288 59.06 -27.86 -14.35
C GLY F 1288 60.15 -27.16 -15.14
N GLU F 1289 59.75 -26.70 -16.31
CA GLU F 1289 60.58 -25.80 -17.12
C GLU F 1289 59.65 -24.73 -17.66
N GLY F 1290 58.52 -25.15 -18.23
CA GLY F 1290 57.54 -24.21 -18.71
C GLY F 1290 57.26 -24.31 -20.19
N ILE F 1291 56.74 -23.23 -20.75
CA ILE F 1291 56.45 -23.18 -22.16
C ILE F 1291 57.72 -23.43 -23.03
N ASN F 1292 57.47 -23.72 -24.37
CA ASN F 1292 58.54 -24.08 -25.31
C ASN F 1292 58.96 -23.11 -26.42
N PHE F 1293 59.62 -22.02 -25.99
CA PHE F 1293 60.16 -20.92 -26.84
C PHE F 1293 60.47 -21.48 -28.21
N TYR F 1294 61.30 -22.52 -28.21
CA TYR F 1294 61.89 -23.10 -29.42
C TYR F 1294 60.93 -24.06 -30.05
N GLY F 1295 60.14 -24.71 -29.20
CA GLY F 1295 59.14 -25.65 -29.64
C GLY F 1295 58.30 -25.03 -30.73
N GLU F 1296 57.48 -24.05 -30.35
CA GLU F 1296 56.67 -23.34 -31.33
C GLU F 1296 57.49 -22.59 -32.40
N LEU F 1297 58.74 -22.29 -32.08
CA LEU F 1297 59.57 -21.54 -32.99
C LEU F 1297 59.87 -22.34 -34.22
N VAL F 1298 60.36 -23.56 -34.05
CA VAL F 1298 60.61 -24.44 -35.17
C VAL F 1298 59.45 -24.35 -36.13
N ASP F 1299 58.28 -24.71 -35.61
CA ASP F 1299 57.02 -24.75 -36.39
C ASP F 1299 56.72 -23.47 -37.19
N LEU F 1300 56.91 -22.34 -36.53
CA LEU F 1300 56.64 -21.08 -37.17
C LEU F 1300 57.59 -20.91 -38.35
N GLY F 1301 58.87 -21.12 -38.10
CA GLY F 1301 59.90 -21.03 -39.13
C GLY F 1301 59.66 -21.94 -40.30
N VAL F 1302 58.84 -22.97 -40.07
CA VAL F 1302 58.48 -23.91 -41.12
C VAL F 1302 57.45 -23.30 -42.02
N LYS F 1303 56.39 -22.76 -41.41
CA LYS F 1303 55.31 -22.18 -42.21
C LYS F 1303 55.73 -20.82 -42.75
N GLU F 1304 56.89 -20.31 -42.32
CA GLU F 1304 57.42 -19.10 -42.93
C GLU F 1304 58.69 -19.36 -43.75
N LYS F 1305 58.65 -20.44 -44.52
CA LYS F 1305 59.63 -20.78 -45.54
C LYS F 1305 61.11 -20.65 -45.14
N LEU F 1306 61.37 -20.40 -43.84
CA LEU F 1306 62.74 -20.27 -43.29
C LEU F 1306 63.44 -21.59 -42.95
N ILE F 1307 62.68 -22.56 -42.44
CA ILE F 1307 63.14 -23.93 -42.28
C ILE F 1307 62.26 -24.84 -43.13
N GLU F 1308 62.87 -25.78 -43.85
CA GLU F 1308 62.13 -26.51 -44.90
C GLU F 1308 61.87 -27.97 -44.52
N LYS F 1309 60.60 -28.39 -44.62
CA LYS F 1309 60.20 -29.74 -44.27
C LYS F 1309 60.40 -30.70 -45.44
N ALA F 1310 61.36 -31.61 -45.28
CA ALA F 1310 61.62 -32.65 -46.28
C ALA F 1310 61.09 -34.02 -45.81
N GLY F 1311 59.78 -34.06 -45.51
CA GLY F 1311 59.15 -35.19 -44.82
C GLY F 1311 59.48 -35.21 -43.32
N ALA F 1312 60.57 -35.89 -42.98
CA ALA F 1312 61.02 -36.03 -41.60
C ALA F 1312 62.21 -35.11 -41.32
N TRP F 1313 62.87 -34.69 -42.40
CA TRP F 1313 64.09 -33.91 -42.33
C TRP F 1313 63.77 -32.42 -42.19
N TYR F 1314 64.50 -31.71 -41.33
CA TYR F 1314 64.41 -30.25 -41.23
C TYR F 1314 65.68 -29.56 -41.74
N SER F 1315 65.51 -28.58 -42.64
CA SER F 1315 66.67 -27.97 -43.33
C SER F 1315 66.80 -26.45 -43.06
N TYR F 1316 68.04 -25.94 -43.09
CA TYR F 1316 68.33 -24.51 -42.91
C TYR F 1316 69.48 -23.98 -43.76
N LYS F 1317 69.13 -23.27 -44.82
CA LYS F 1317 70.08 -22.80 -45.84
C LYS F 1317 70.75 -23.97 -46.59
N GLY F 1318 69.92 -24.96 -46.97
CA GLY F 1318 70.41 -26.22 -47.58
C GLY F 1318 71.11 -27.16 -46.60
N GLU F 1319 71.32 -26.68 -45.37
CA GLU F 1319 72.00 -27.41 -44.30
C GLU F 1319 71.07 -28.26 -43.41
N LYS F 1320 71.50 -29.47 -43.12
CA LYS F 1320 70.73 -30.40 -42.30
C LYS F 1320 70.84 -30.03 -40.83
N ILE F 1321 69.70 -29.92 -40.16
CA ILE F 1321 69.66 -29.47 -38.77
C ILE F 1321 68.97 -30.41 -37.80
N GLY F 1322 67.96 -31.12 -38.27
CA GLY F 1322 67.27 -32.08 -37.43
C GLY F 1322 66.36 -33.05 -38.18
N GLN F 1323 66.23 -34.26 -37.65
CA GLN F 1323 65.31 -35.25 -38.18
C GLN F 1323 64.30 -35.50 -37.08
N GLY F 1324 63.02 -35.32 -37.38
CA GLY F 1324 61.94 -35.40 -36.36
C GLY F 1324 61.86 -34.17 -35.47
N LYS F 1325 60.68 -33.53 -35.43
CA LYS F 1325 60.48 -32.25 -34.72
C LYS F 1325 61.28 -32.20 -33.43
N ALA F 1326 61.20 -33.31 -32.72
CA ALA F 1326 62.00 -33.53 -31.55
C ALA F 1326 63.41 -32.92 -31.64
N ASN F 1327 64.30 -33.60 -32.35
CA ASN F 1327 65.71 -33.23 -32.38
C ASN F 1327 65.93 -31.84 -32.98
N ALA F 1328 64.99 -31.42 -33.82
CA ALA F 1328 65.04 -30.10 -34.44
C ALA F 1328 64.95 -29.05 -33.38
N THR F 1329 64.05 -29.26 -32.46
CA THR F 1329 63.88 -28.34 -31.38
C THR F 1329 65.22 -28.18 -30.70
N ALA F 1330 65.57 -29.13 -29.83
CA ALA F 1330 66.80 -29.06 -29.01
C ALA F 1330 68.08 -28.74 -29.82
N TRP F 1331 67.92 -28.55 -31.13
CA TRP F 1331 68.97 -28.00 -31.97
C TRP F 1331 69.03 -26.48 -31.78
N LEU F 1332 67.93 -25.81 -32.11
CA LEU F 1332 67.85 -24.39 -31.91
C LEU F 1332 68.21 -24.00 -30.50
N LYS F 1333 68.05 -24.90 -29.55
CA LYS F 1333 68.43 -24.62 -28.18
C LYS F 1333 69.92 -24.37 -28.08
N ASP F 1334 70.66 -25.03 -28.98
CA ASP F 1334 72.10 -25.03 -28.92
C ASP F 1334 72.76 -24.09 -29.92
N ASN F 1335 71.95 -23.28 -30.61
CA ASN F 1335 72.51 -22.31 -31.56
C ASN F 1335 71.84 -20.94 -31.42
N PRO F 1336 71.83 -20.41 -30.19
CA PRO F 1336 70.96 -19.27 -29.90
C PRO F 1336 71.07 -18.22 -30.98
N GLU F 1337 72.32 -17.95 -31.41
CA GLU F 1337 72.63 -16.96 -32.44
C GLU F 1337 71.69 -17.09 -33.65
N THR F 1338 71.81 -18.21 -34.36
CA THR F 1338 71.03 -18.42 -35.56
C THR F 1338 69.56 -18.71 -35.21
N ALA F 1339 69.25 -18.73 -33.92
CA ALA F 1339 67.89 -18.92 -33.47
C ALA F 1339 67.22 -17.59 -33.33
N LYS F 1340 67.73 -16.81 -32.40
CA LYS F 1340 67.30 -15.44 -32.20
C LYS F 1340 67.12 -14.73 -33.53
N GLU F 1341 67.94 -15.10 -34.51
CA GLU F 1341 67.91 -14.45 -35.84
C GLU F 1341 66.67 -14.86 -36.62
N ILE F 1342 66.15 -16.05 -36.35
CA ILE F 1342 64.90 -16.48 -36.96
C ILE F 1342 63.75 -15.87 -36.18
N GLU F 1343 63.90 -15.86 -34.85
CA GLU F 1343 62.90 -15.22 -34.00
C GLU F 1343 62.44 -13.92 -34.64
N LYS F 1344 63.36 -12.97 -34.72
CA LYS F 1344 63.07 -11.66 -35.27
C LYS F 1344 62.37 -11.77 -36.64
N LYS F 1345 62.91 -12.56 -37.58
CA LYS F 1345 62.41 -12.53 -38.98
C LYS F 1345 61.02 -13.14 -39.15
N VAL F 1346 60.48 -13.67 -38.06
CA VAL F 1346 59.09 -14.11 -38.02
C VAL F 1346 58.26 -13.02 -37.39
N ARG F 1347 58.80 -12.47 -36.31
CA ARG F 1347 58.23 -11.31 -35.66
C ARG F 1347 58.02 -10.16 -36.65
N GLU F 1348 58.92 -10.03 -37.63
CA GLU F 1348 58.80 -9.02 -38.68
C GLU F 1348 57.70 -9.40 -39.64
N LEU F 1349 57.43 -10.70 -39.75
CA LEU F 1349 56.45 -11.20 -40.71
C LEU F 1349 55.07 -11.51 -40.12
N LEU F 1350 54.90 -11.28 -38.81
CA LEU F 1350 53.56 -11.38 -38.16
C LEU F 1350 53.23 -10.34 -37.03
N LEU F 1351 54.05 -9.28 -36.93
CA LEU F 1351 53.87 -8.18 -35.96
C LEU F 1351 54.37 -6.79 -36.48
N VAL G 12 108.96 -74.59 -2.52
CA VAL G 12 108.87 -74.45 -4.00
C VAL G 12 108.12 -73.16 -4.44
N GLU G 13 107.67 -73.13 -5.70
CA GLU G 13 107.02 -71.95 -6.31
C GLU G 13 105.53 -71.85 -5.99
N THR G 14 105.04 -70.62 -5.82
CA THR G 14 103.63 -70.36 -5.45
C THR G 14 102.97 -69.21 -6.21
N ILE G 15 101.73 -69.44 -6.62
CA ILE G 15 100.92 -68.45 -7.32
C ILE G 15 99.87 -67.88 -6.38
N SER G 16 99.72 -66.56 -6.40
CA SER G 16 98.76 -65.84 -5.56
C SER G 16 97.30 -66.20 -5.91
N THR G 17 96.51 -66.51 -4.89
CA THR G 17 95.13 -66.94 -5.08
C THR G 17 94.25 -65.85 -5.60
N GLY G 18 94.67 -64.61 -5.39
CA GLY G 18 93.84 -63.47 -5.64
C GLY G 18 93.39 -62.89 -4.32
N SER G 19 93.23 -63.75 -3.30
CA SER G 19 93.02 -63.28 -1.93
C SER G 19 94.27 -63.33 -1.12
N LEU G 20 94.39 -62.37 -0.23
CA LEU G 20 95.55 -62.23 0.62
C LEU G 20 95.52 -63.30 1.71
N SER G 21 94.38 -63.42 2.39
CA SER G 21 94.31 -64.29 3.56
C SER G 21 94.24 -65.75 3.18
N LEU G 22 93.82 -66.04 1.95
CA LEU G 22 93.88 -67.39 1.45
C LEU G 22 95.34 -67.83 1.40
N ASP G 23 96.18 -66.93 0.87
CA ASP G 23 97.64 -67.15 0.78
C ASP G 23 98.19 -67.37 2.18
N ILE G 24 97.67 -66.60 3.13
CA ILE G 24 98.10 -66.64 4.53
C ILE G 24 97.78 -67.97 5.20
N ALA G 25 96.56 -68.46 5.01
CA ALA G 25 96.13 -69.71 5.62
C ALA G 25 96.70 -70.94 4.89
N LEU G 26 97.09 -70.74 3.64
CA LEU G 26 97.83 -71.75 2.90
C LEU G 26 99.18 -72.04 3.56
N GLY G 27 99.81 -71.01 4.13
CA GLY G 27 101.15 -71.10 4.76
C GLY G 27 102.32 -70.88 3.81
N ALA G 28 101.99 -70.83 2.52
CA ALA G 28 102.94 -70.82 1.40
C ALA G 28 102.91 -69.53 0.59
N GLY G 29 101.89 -68.70 0.83
CA GLY G 29 101.71 -67.46 0.06
C GLY G 29 101.30 -67.77 -1.36
N GLY G 30 100.42 -68.75 -1.54
CA GLY G 30 99.93 -69.12 -2.86
C GLY G 30 99.71 -70.60 -3.02
N LEU G 31 99.37 -71.02 -4.24
CA LEU G 31 99.10 -72.43 -4.53
C LEU G 31 100.27 -73.18 -5.18
N PRO G 32 100.80 -74.19 -4.47
CA PRO G 32 101.94 -75.02 -4.88
C PRO G 32 101.95 -75.48 -6.34
N MET G 33 102.88 -74.91 -7.10
CA MET G 33 103.14 -75.28 -8.49
C MET G 33 103.63 -76.72 -8.59
N GLY G 34 103.08 -77.44 -9.57
CA GLY G 34 103.45 -78.83 -9.80
C GLY G 34 102.62 -79.85 -9.04
N ARG G 35 101.60 -79.36 -8.34
CA ARG G 35 100.73 -80.22 -7.53
C ARG G 35 99.26 -80.14 -7.98
N ILE G 36 98.45 -81.06 -7.47
CA ILE G 36 97.03 -81.02 -7.75
C ILE G 36 96.29 -80.35 -6.62
N VAL G 37 95.41 -79.42 -6.99
CA VAL G 37 94.66 -78.58 -6.05
C VAL G 37 93.18 -78.63 -6.34
N GLU G 38 92.41 -79.03 -5.32
CA GLU G 38 90.96 -79.18 -5.43
C GLU G 38 90.28 -78.06 -4.69
N ILE G 39 89.39 -77.37 -5.39
CA ILE G 39 88.53 -76.39 -4.77
C ILE G 39 87.12 -76.90 -4.92
N TYR G 40 86.53 -77.20 -3.78
CA TYR G 40 85.20 -77.77 -3.78
C TYR G 40 84.29 -76.93 -2.94
N GLY G 41 83.00 -77.05 -3.18
CA GLY G 41 81.99 -76.35 -2.40
C GLY G 41 80.68 -76.13 -3.15
N PRO G 42 79.58 -75.90 -2.42
CA PRO G 42 78.31 -75.53 -3.02
C PRO G 42 78.45 -74.64 -4.23
N GLU G 43 77.60 -74.87 -5.23
CA GLU G 43 77.59 -74.06 -6.44
C GLU G 43 77.27 -72.61 -6.08
N SER G 44 77.62 -71.72 -7.01
CA SER G 44 77.47 -70.28 -6.84
C SER G 44 78.00 -69.81 -5.48
N SER G 45 79.24 -70.20 -5.20
CA SER G 45 79.85 -69.81 -3.93
C SER G 45 81.14 -69.09 -4.20
N GLY G 46 81.41 -68.84 -5.47
CA GLY G 46 82.58 -68.06 -5.84
C GLY G 46 83.67 -68.96 -6.33
N LYS G 47 83.28 -70.20 -6.57
CA LYS G 47 84.21 -71.23 -7.02
C LYS G 47 85.02 -70.75 -8.25
N THR G 48 84.30 -70.41 -9.32
CA THR G 48 84.87 -69.95 -10.60
C THR G 48 85.57 -68.58 -10.54
N THR G 49 85.07 -67.67 -9.70
CA THR G 49 85.75 -66.39 -9.53
C THR G 49 87.16 -66.63 -9.00
N LEU G 50 87.25 -67.29 -7.85
CA LEU G 50 88.52 -67.62 -7.23
C LEU G 50 89.44 -68.27 -8.23
N THR G 51 88.89 -69.23 -8.98
CA THR G 51 89.58 -69.85 -10.10
C THR G 51 90.11 -68.80 -11.07
N LEU G 52 89.21 -68.04 -11.70
CA LEU G 52 89.60 -67.06 -12.69
C LEU G 52 90.55 -66.05 -12.13
N GLN G 53 90.67 -66.03 -10.81
CA GLN G 53 91.55 -65.10 -10.14
C GLN G 53 93.01 -65.56 -10.13
N VAL G 54 93.24 -66.86 -10.06
CA VAL G 54 94.59 -67.35 -10.09
C VAL G 54 95.08 -67.29 -11.54
N ILE G 55 94.15 -67.48 -12.48
CA ILE G 55 94.48 -67.41 -13.90
C ILE G 55 94.88 -65.97 -14.22
N ALA G 56 94.31 -65.04 -13.47
CA ALA G 56 94.65 -63.63 -13.60
C ALA G 56 96.05 -63.38 -13.08
N ALA G 57 96.28 -63.66 -11.80
CA ALA G 57 97.57 -63.39 -11.12
C ALA G 57 98.77 -64.02 -11.82
N ALA G 58 98.55 -65.19 -12.42
CA ALA G 58 99.58 -65.88 -13.17
C ALA G 58 99.72 -65.34 -14.59
N GLN G 59 98.60 -64.88 -15.15
CA GLN G 59 98.54 -64.37 -16.53
C GLN G 59 99.32 -63.07 -16.70
N ARG G 60 99.49 -62.35 -15.58
CA ARG G 60 100.17 -61.08 -15.56
C ARG G 60 101.62 -61.34 -15.21
N GLU G 61 102.07 -62.55 -15.55
CA GLU G 61 103.46 -62.96 -15.41
C GLU G 61 103.91 -63.96 -16.50
N GLY G 62 103.33 -63.84 -17.70
CA GLY G 62 103.63 -64.73 -18.82
C GLY G 62 102.88 -66.05 -18.73
N LYS G 63 103.32 -66.90 -17.78
CA LYS G 63 102.76 -68.23 -17.44
C LYS G 63 101.45 -68.60 -18.18
N THR G 64 101.54 -69.08 -19.43
CA THR G 64 100.34 -69.35 -20.26
C THR G 64 99.49 -70.49 -19.66
N CYS G 65 98.17 -70.29 -19.70
CA CYS G 65 97.23 -71.11 -18.94
C CYS G 65 96.13 -71.84 -19.68
N ALA G 66 95.73 -72.97 -19.11
CA ALA G 66 94.80 -73.87 -19.73
C ALA G 66 93.52 -73.96 -18.94
N PHE G 67 92.42 -73.96 -19.67
CA PHE G 67 91.08 -74.04 -19.11
C PHE G 67 90.30 -75.20 -19.68
N ILE G 68 90.25 -76.29 -18.94
CA ILE G 68 89.57 -77.49 -19.37
C ILE G 68 88.12 -77.34 -19.06
N ASP G 69 87.33 -77.10 -20.10
CA ASP G 69 85.92 -76.72 -19.92
C ASP G 69 84.88 -77.75 -20.36
N ALA G 70 84.07 -78.18 -19.39
CA ALA G 70 82.99 -79.08 -19.69
C ALA G 70 81.69 -78.46 -19.21
N GLU G 71 81.79 -77.34 -18.51
CA GLU G 71 80.60 -76.62 -18.05
C GLU G 71 79.96 -75.77 -19.16
N HIS G 72 80.81 -75.28 -20.06
CA HIS G 72 80.41 -74.34 -21.09
C HIS G 72 79.80 -73.13 -20.41
N ALA G 73 80.41 -72.70 -19.30
CA ALA G 73 79.91 -71.59 -18.48
C ALA G 73 80.61 -70.24 -18.75
N LEU G 74 81.58 -69.88 -17.90
CA LEU G 74 82.55 -68.81 -18.16
C LEU G 74 82.05 -67.58 -18.95
N ASP G 75 81.94 -66.44 -18.26
CA ASP G 75 81.59 -65.17 -18.90
C ASP G 75 82.87 -64.45 -19.32
N PRO G 76 83.15 -64.39 -20.64
CA PRO G 76 84.37 -63.73 -21.09
C PRO G 76 84.52 -62.35 -20.46
N ILE G 77 83.40 -61.65 -20.33
CA ILE G 77 83.42 -60.26 -19.87
C ILE G 77 83.75 -60.16 -18.39
N TYR G 78 83.04 -60.96 -17.61
CA TYR G 78 83.32 -61.05 -16.18
C TYR G 78 84.79 -61.43 -15.98
N ALA G 79 85.29 -62.30 -16.85
CA ALA G 79 86.69 -62.68 -16.78
C ALA G 79 87.55 -61.46 -16.99
N ARG G 80 87.23 -60.69 -18.03
CA ARG G 80 88.07 -59.56 -18.45
C ARG G 80 88.27 -58.62 -17.29
N LYS G 81 87.19 -58.37 -16.54
CA LYS G 81 87.22 -57.43 -15.44
C LYS G 81 87.85 -58.04 -14.19
N LEU G 82 87.90 -59.35 -14.15
CA LEU G 82 88.65 -59.99 -13.11
C LEU G 82 90.15 -59.88 -13.39
N GLY G 83 90.51 -59.76 -14.67
CA GLY G 83 91.88 -59.44 -15.08
C GLY G 83 92.66 -60.54 -15.79
N VAL G 84 91.97 -61.34 -16.59
CA VAL G 84 92.61 -62.43 -17.32
C VAL G 84 92.89 -62.04 -18.75
N ASP G 85 94.11 -62.32 -19.22
CA ASP G 85 94.43 -62.10 -20.62
C ASP G 85 93.67 -63.16 -21.39
N ILE G 86 92.46 -62.81 -21.79
CA ILE G 86 91.57 -63.76 -22.42
C ILE G 86 92.11 -64.19 -23.77
N ASP G 87 92.60 -63.22 -24.54
CA ASP G 87 93.12 -63.48 -25.87
C ASP G 87 94.27 -64.50 -25.87
N ASN G 88 94.84 -64.77 -24.69
CA ASN G 88 96.00 -65.64 -24.55
C ASN G 88 95.71 -66.80 -23.59
N LEU G 89 94.47 -67.25 -23.57
CA LEU G 89 94.08 -68.32 -22.67
C LEU G 89 93.70 -69.56 -23.44
N LEU G 90 94.07 -70.72 -22.92
CA LEU G 90 93.76 -71.96 -23.60
C LEU G 90 92.58 -72.61 -22.95
N CYS G 91 91.58 -72.98 -23.76
CA CYS G 91 90.41 -73.68 -23.27
C CYS G 91 90.29 -75.04 -23.94
N SER G 92 89.69 -76.01 -23.23
CA SER G 92 89.59 -77.37 -23.72
C SER G 92 88.13 -77.70 -23.85
N GLN G 93 87.65 -77.79 -25.09
CA GLN G 93 86.26 -78.10 -25.35
C GLN G 93 86.08 -79.59 -25.66
N PRO G 94 86.26 -80.47 -24.65
CA PRO G 94 86.53 -81.88 -24.94
C PRO G 94 85.31 -82.56 -25.52
N ASP G 95 85.54 -83.71 -26.16
CA ASP G 95 84.47 -84.53 -26.70
C ASP G 95 83.94 -85.53 -25.64
N THR G 96 84.75 -85.82 -24.61
CA THR G 96 84.35 -86.73 -23.52
C THR G 96 85.19 -86.49 -22.28
N GLY G 97 84.73 -87.06 -21.17
CA GLY G 97 85.40 -86.97 -19.89
C GLY G 97 86.74 -87.67 -19.91
N GLU G 98 86.80 -88.81 -20.59
CA GLU G 98 88.09 -89.45 -20.82
C GLU G 98 88.99 -88.45 -21.55
N GLN G 99 88.69 -88.21 -22.83
CA GLN G 99 89.46 -87.28 -23.67
C GLN G 99 89.87 -86.03 -22.88
N ALA G 100 88.94 -85.46 -22.11
CA ALA G 100 89.26 -84.34 -21.26
C ALA G 100 90.42 -84.69 -20.36
N LEU G 101 90.23 -85.71 -19.54
CA LEU G 101 91.23 -86.14 -18.60
C LEU G 101 92.49 -86.68 -19.27
N GLU G 102 92.66 -86.38 -20.56
CA GLU G 102 93.88 -86.76 -21.30
C GLU G 102 94.52 -85.56 -21.95
N ILE G 103 93.71 -84.57 -22.30
CA ILE G 103 94.21 -83.36 -22.92
C ILE G 103 94.90 -82.57 -21.86
N CYS G 104 94.29 -82.52 -20.68
CA CYS G 104 94.93 -81.90 -19.53
C CYS G 104 96.23 -82.63 -19.17
N ASP G 105 96.26 -83.94 -19.38
CA ASP G 105 97.45 -84.74 -19.16
C ASP G 105 98.53 -84.34 -20.16
N ALA G 106 98.14 -84.27 -21.42
CA ALA G 106 99.06 -83.99 -22.50
C ALA G 106 99.77 -82.65 -22.31
N LEU G 107 99.05 -81.70 -21.71
CA LEU G 107 99.62 -80.37 -21.50
C LEU G 107 100.60 -80.40 -20.34
N ALA G 108 100.32 -81.28 -19.38
CA ALA G 108 101.19 -81.43 -18.24
C ALA G 108 102.58 -81.82 -18.72
N ARG G 109 102.63 -82.70 -19.73
CA ARG G 109 103.90 -83.20 -20.28
C ARG G 109 104.66 -82.08 -21.00
N SER G 110 103.92 -81.21 -21.68
CA SER G 110 104.52 -80.24 -22.59
C SER G 110 105.19 -79.05 -21.89
N GLY G 111 105.81 -79.33 -20.74
CA GLY G 111 106.82 -78.47 -20.08
C GLY G 111 106.40 -77.04 -19.68
N ALA G 112 106.29 -76.18 -20.68
CA ALA G 112 105.86 -74.78 -20.52
C ALA G 112 104.37 -74.58 -20.90
N VAL G 113 103.49 -75.24 -20.16
CA VAL G 113 102.10 -74.83 -20.05
C VAL G 113 101.86 -74.84 -18.56
N ASP G 114 101.62 -73.65 -17.99
CA ASP G 114 101.91 -73.45 -16.60
C ASP G 114 100.89 -73.84 -15.58
N VAL G 115 99.68 -73.33 -15.73
CA VAL G 115 98.63 -73.77 -14.81
C VAL G 115 97.29 -74.12 -15.50
N ILE G 116 96.77 -75.30 -15.14
CA ILE G 116 95.63 -75.92 -15.80
C ILE G 116 94.42 -75.87 -14.87
N VAL G 117 93.26 -75.52 -15.42
CA VAL G 117 92.03 -75.45 -14.66
C VAL G 117 90.87 -76.24 -15.27
N VAL G 118 90.30 -77.16 -14.49
CA VAL G 118 89.28 -78.09 -14.97
C VAL G 118 87.93 -77.71 -14.43
N ASP G 119 86.99 -77.62 -15.36
CA ASP G 119 85.64 -77.10 -15.11
C ASP G 119 84.61 -77.93 -15.89
N SER G 120 83.95 -78.86 -15.20
CA SER G 120 84.17 -79.16 -13.79
C SER G 120 84.16 -80.66 -13.52
N VAL G 121 84.68 -81.06 -12.37
CA VAL G 121 84.73 -82.45 -12.00
C VAL G 121 83.44 -83.14 -12.33
N ALA G 122 82.35 -82.52 -11.93
CA ALA G 122 81.04 -83.09 -12.12
C ALA G 122 80.68 -83.30 -13.61
N ALA G 123 81.11 -82.36 -14.46
CA ALA G 123 80.75 -82.37 -15.88
C ALA G 123 81.72 -83.19 -16.73
N LEU G 124 82.74 -83.76 -16.08
CA LEU G 124 83.65 -84.74 -16.69
C LEU G 124 82.97 -86.11 -16.75
N THR G 125 81.93 -86.19 -17.56
CA THR G 125 81.07 -87.36 -17.64
C THR G 125 81.73 -88.38 -18.56
N PRO G 126 81.99 -89.60 -18.04
CA PRO G 126 82.68 -90.71 -18.72
C PRO G 126 82.19 -91.03 -20.14
N LYS G 127 83.10 -91.51 -20.98
CA LYS G 127 82.79 -91.85 -22.37
C LYS G 127 81.70 -92.89 -22.38
N ALA G 128 81.73 -93.74 -21.37
CA ALA G 128 80.69 -94.75 -21.16
C ALA G 128 79.28 -94.11 -21.07
N GLU G 129 79.08 -93.18 -20.14
CA GLU G 129 77.77 -92.55 -19.95
C GLU G 129 77.33 -91.91 -21.25
N ILE G 130 78.27 -91.30 -21.96
CA ILE G 130 77.95 -90.58 -23.15
C ILE G 130 77.33 -91.45 -24.23
N GLU G 131 78.05 -92.49 -24.62
CA GLU G 131 77.79 -93.06 -25.94
C GLU G 131 76.55 -93.93 -25.93
N GLY G 132 75.89 -93.94 -24.77
CA GLY G 132 74.50 -94.34 -24.68
C GLY G 132 74.01 -95.25 -23.57
N GLU G 133 74.58 -95.15 -22.34
CA GLU G 133 74.38 -96.26 -21.39
C GLU G 133 74.43 -96.23 -19.83
N ILE G 134 75.16 -97.28 -19.35
CA ILE G 134 74.78 -98.27 -18.25
C ILE G 134 74.84 -97.87 -16.75
N GLY G 135 74.00 -98.56 -15.97
CA GLY G 135 73.79 -98.28 -14.54
C GLY G 135 73.26 -99.43 -13.70
N ASP G 136 74.15 -100.37 -13.39
CA ASP G 136 74.06 -101.30 -12.22
C ASP G 136 75.30 -101.05 -11.30
N SER G 137 76.27 -100.26 -11.82
CA SER G 137 77.17 -99.41 -11.00
C SER G 137 76.87 -97.93 -11.37
N HIS G 138 75.68 -97.46 -10.97
CA HIS G 138 75.11 -96.15 -11.35
C HIS G 138 76.16 -95.02 -11.27
N MET G 139 76.32 -94.42 -10.09
CA MET G 139 77.25 -93.26 -9.90
C MET G 139 78.66 -93.62 -9.34
N GLY G 140 79.34 -94.46 -10.10
CA GLY G 140 80.65 -94.97 -9.69
C GLY G 140 81.61 -95.26 -10.85
N LEU G 141 81.21 -94.95 -12.08
CA LEU G 141 82.09 -95.13 -13.25
C LEU G 141 83.09 -94.00 -13.40
N ALA G 142 82.72 -92.84 -12.85
CA ALA G 142 83.57 -91.64 -12.85
C ALA G 142 84.65 -91.73 -11.78
N ALA G 143 84.29 -92.19 -10.58
CA ALA G 143 85.25 -92.44 -9.49
C ALA G 143 86.36 -93.46 -9.87
N ARG G 144 86.15 -94.14 -11.01
CA ARG G 144 87.12 -95.10 -11.55
C ARG G 144 87.81 -94.59 -12.83
N MET G 145 87.16 -93.70 -13.58
CA MET G 145 87.87 -92.96 -14.63
C MET G 145 88.88 -92.02 -13.97
N MET G 146 88.52 -91.53 -12.79
CA MET G 146 89.42 -90.78 -11.92
C MET G 146 90.62 -91.64 -11.53
N SER G 147 90.36 -92.67 -10.73
CA SER G 147 91.38 -93.61 -10.26
C SER G 147 92.36 -94.00 -11.37
N GLN G 148 91.90 -93.86 -12.62
CA GLN G 148 92.63 -94.26 -13.82
C GLN G 148 93.79 -93.32 -14.15
N ALA G 149 93.61 -92.43 -15.14
CA ALA G 149 94.69 -91.55 -15.61
C ALA G 149 95.13 -90.49 -14.57
N MET G 150 95.09 -90.85 -13.29
CA MET G 150 95.40 -89.99 -12.15
C MET G 150 96.85 -90.07 -11.66
N ARG G 151 97.34 -91.29 -11.45
CA ARG G 151 98.76 -91.55 -11.18
C ARG G 151 99.61 -90.92 -12.27
N LYS G 152 99.27 -91.22 -13.54
CA LYS G 152 99.94 -90.71 -14.74
C LYS G 152 100.03 -89.15 -14.75
N LEU G 153 99.02 -88.50 -14.21
CA LEU G 153 99.05 -87.04 -14.06
C LEU G 153 99.84 -86.60 -12.84
N ALA G 154 99.61 -87.27 -11.72
CA ALA G 154 100.27 -86.96 -10.47
C ALA G 154 101.75 -86.61 -10.65
N GLY G 155 102.41 -87.33 -11.56
CA GLY G 155 103.86 -87.23 -11.83
C GLY G 155 104.25 -86.33 -13.01
N ASN G 156 103.35 -86.17 -13.98
CA ASN G 156 103.58 -85.28 -15.12
C ASN G 156 103.50 -83.79 -14.73
N LEU G 157 103.40 -83.53 -13.42
CA LEU G 157 103.24 -82.19 -12.94
C LEU G 157 104.46 -81.72 -12.16
N LYS G 158 104.92 -82.56 -11.24
CA LYS G 158 106.20 -82.35 -10.58
C LYS G 158 107.32 -82.27 -11.62
N GLN G 159 106.98 -82.66 -12.85
CA GLN G 159 107.89 -82.61 -14.00
C GLN G 159 107.99 -81.18 -14.54
N SER G 160 106.84 -80.52 -14.72
CA SER G 160 106.74 -79.23 -15.45
C SER G 160 106.57 -78.00 -14.56
N ASN G 161 106.47 -78.24 -13.25
CA ASN G 161 105.95 -77.26 -12.30
C ASN G 161 104.51 -76.88 -12.67
N THR G 162 103.87 -77.73 -13.47
CA THR G 162 102.49 -77.52 -13.91
C THR G 162 101.47 -77.67 -12.75
N LEU G 163 100.78 -76.58 -12.42
CA LEU G 163 99.77 -76.56 -11.35
C LEU G 163 98.37 -76.87 -11.89
N LEU G 164 97.73 -77.89 -11.33
CA LEU G 164 96.41 -78.30 -11.81
C LEU G 164 95.38 -78.10 -10.73
N ILE G 165 94.34 -77.36 -11.10
CA ILE G 165 93.28 -76.98 -10.19
C ILE G 165 91.94 -77.58 -10.60
N PHE G 166 91.40 -78.42 -9.72
CA PHE G 166 90.13 -79.10 -9.94
C PHE G 166 88.97 -78.42 -9.18
N ILE G 167 87.85 -78.15 -9.86
CA ILE G 167 86.65 -77.60 -9.18
C ILE G 167 85.48 -78.57 -9.06
N ASN G 168 84.96 -78.72 -7.83
CA ASN G 168 84.05 -79.83 -7.48
C ASN G 168 82.88 -79.32 -6.60
N GLN G 169 81.86 -80.17 -6.34
CA GLN G 169 80.65 -79.88 -5.48
C GLN G 169 80.40 -80.91 -4.32
N GLY G 186 82.18 -86.64 -5.75
CA GLY G 186 81.98 -87.70 -6.75
C GLY G 186 83.25 -88.24 -7.40
N GLY G 187 84.15 -88.80 -6.58
CA GLY G 187 85.39 -89.46 -7.08
C GLY G 187 86.54 -89.50 -6.10
N ASN G 188 86.60 -90.58 -5.28
CA ASN G 188 87.51 -90.68 -4.12
C ASN G 188 89.03 -90.80 -4.43
N ALA G 189 89.36 -90.93 -5.72
CA ALA G 189 90.75 -90.94 -6.16
C ALA G 189 91.40 -89.56 -5.99
N LEU G 190 90.83 -88.54 -6.64
CA LEU G 190 91.36 -87.19 -6.61
C LEU G 190 91.71 -86.69 -5.21
N LYS G 191 90.96 -87.16 -4.22
CA LYS G 191 91.15 -86.77 -2.83
C LYS G 191 92.61 -86.87 -2.35
N PHE G 192 93.26 -87.98 -2.65
CA PHE G 192 94.58 -88.25 -2.05
C PHE G 192 95.74 -87.70 -2.87
N TYR G 193 95.49 -87.46 -4.16
CA TYR G 193 96.55 -86.99 -5.07
C TYR G 193 96.59 -85.45 -5.10
N ALA G 194 95.64 -84.85 -4.41
CA ALA G 194 95.65 -83.42 -4.22
C ALA G 194 96.62 -83.05 -3.13
N SER G 195 97.47 -82.06 -3.40
CA SER G 195 98.38 -81.58 -2.38
C SER G 195 97.68 -80.52 -1.54
N VAL G 196 96.64 -79.93 -2.11
CA VAL G 196 95.87 -78.90 -1.42
C VAL G 196 94.39 -78.90 -1.79
N ARG G 197 93.54 -78.73 -0.77
CA ARG G 197 92.09 -78.69 -0.95
C ARG G 197 91.41 -77.53 -0.24
N LEU G 198 90.46 -76.93 -0.95
CA LEU G 198 89.73 -75.74 -0.47
C LEU G 198 88.21 -75.90 -0.37
N ASP G 199 87.65 -75.44 0.76
CA ASP G 199 86.19 -75.47 1.06
C ASP G 199 85.56 -74.08 1.00
N ILE G 200 85.30 -73.63 -0.21
CA ILE G 200 84.69 -72.35 -0.46
C ILE G 200 83.21 -72.49 -0.17
N ARG G 201 82.64 -71.48 0.48
CA ARG G 201 81.20 -71.40 0.71
C ARG G 201 80.74 -69.96 0.84
N ARG G 202 79.59 -69.62 0.25
CA ARG G 202 79.02 -68.29 0.43
C ARG G 202 78.22 -68.28 1.73
N ILE G 203 78.60 -67.39 2.66
CA ILE G 203 78.07 -67.43 4.02
C ILE G 203 77.50 -66.12 4.51
N GLY G 204 77.48 -65.12 3.64
CA GLY G 204 76.93 -63.83 4.03
C GLY G 204 76.40 -63.04 2.86
N ALA G 205 76.77 -61.77 2.83
CA ALA G 205 76.45 -60.85 1.75
C ALA G 205 76.88 -59.47 2.21
N VAL G 206 77.30 -58.62 1.28
CA VAL G 206 77.75 -57.29 1.66
C VAL G 206 76.87 -56.23 1.01
N LYS G 207 76.53 -55.23 1.81
CA LYS G 207 75.59 -54.18 1.42
C LYS G 207 76.23 -52.78 1.32
N GLU G 208 75.65 -51.90 0.48
CA GLU G 208 75.98 -50.48 0.47
C GLU G 208 74.79 -49.73 1.03
N GLY G 209 74.44 -50.05 2.27
CA GLY G 209 73.21 -49.57 2.88
C GLY G 209 71.97 -50.34 2.40
N GLU G 210 71.65 -50.23 1.11
CA GLU G 210 70.36 -50.68 0.57
C GLU G 210 70.44 -51.63 -0.62
N ASN G 211 71.56 -52.34 -0.77
CA ASN G 211 71.76 -53.18 -1.95
C ASN G 211 72.46 -54.53 -1.77
N VAL G 212 72.26 -55.42 -2.74
CA VAL G 212 72.84 -56.76 -2.70
C VAL G 212 74.38 -56.73 -2.85
N VAL G 213 74.84 -56.17 -3.97
CA VAL G 213 76.24 -56.12 -4.47
C VAL G 213 77.38 -57.01 -3.89
N GLY G 214 77.25 -57.47 -2.65
CA GLY G 214 78.30 -58.28 -2.03
C GLY G 214 78.02 -59.76 -1.89
N SER G 215 79.03 -60.49 -1.40
CA SER G 215 78.95 -61.92 -1.12
C SER G 215 80.08 -62.30 -0.17
N GLU G 216 79.84 -62.17 1.14
CA GLU G 216 80.85 -62.52 2.15
C GLU G 216 81.19 -64.02 2.09
N THR G 217 82.44 -64.34 1.76
CA THR G 217 82.88 -65.71 1.47
C THR G 217 83.90 -66.25 2.47
N ARG G 218 83.84 -67.57 2.68
CA ARG G 218 84.62 -68.26 3.71
C ARG G 218 85.27 -69.51 3.13
N VAL G 219 86.60 -69.49 3.10
CA VAL G 219 87.37 -70.57 2.51
C VAL G 219 88.16 -71.26 3.60
N LYS G 220 88.02 -72.57 3.64
CA LYS G 220 88.67 -73.42 4.63
C LYS G 220 89.77 -74.27 3.94
N VAL G 221 90.94 -74.37 4.56
CA VAL G 221 92.01 -75.21 4.05
C VAL G 221 91.84 -76.58 4.70
N VAL G 222 91.42 -77.57 3.90
CA VAL G 222 91.21 -78.92 4.44
C VAL G 222 92.43 -79.81 4.26
N LYS G 223 93.02 -79.79 3.07
CA LYS G 223 94.26 -80.56 2.82
C LYS G 223 95.50 -79.68 2.52
N ASN G 224 96.55 -79.89 3.31
CA ASN G 224 97.82 -79.18 3.17
C ASN G 224 99.00 -80.04 3.58
N LYS G 225 99.71 -80.55 2.57
CA LYS G 225 100.98 -81.26 2.75
C LYS G 225 102.14 -80.31 2.44
N ILE G 226 101.78 -79.05 2.13
CA ILE G 226 102.74 -77.98 1.86
C ILE G 226 103.11 -77.16 3.13
N ALA G 227 102.14 -76.94 4.01
CA ALA G 227 102.41 -76.32 5.32
C ALA G 227 101.58 -76.92 6.48
N ALA G 228 100.71 -76.11 7.07
CA ALA G 228 99.80 -76.56 8.13
C ALA G 228 98.34 -76.55 7.64
N PRO G 229 97.61 -77.69 7.78
CA PRO G 229 96.17 -77.75 7.46
C PRO G 229 95.25 -77.05 8.50
N PHE G 230 93.93 -77.19 8.35
CA PHE G 230 92.93 -76.75 9.35
C PHE G 230 92.74 -75.24 9.54
N LYS G 231 93.62 -74.41 8.98
CA LYS G 231 93.48 -72.95 9.08
C LYS G 231 92.49 -72.42 8.05
N GLN G 232 91.63 -71.49 8.46
CA GLN G 232 90.62 -70.89 7.58
C GLN G 232 90.82 -69.38 7.39
N ALA G 233 90.30 -68.84 6.28
CA ALA G 233 90.47 -67.43 5.96
C ALA G 233 89.25 -66.86 5.26
N GLU G 234 88.87 -65.63 5.62
CA GLU G 234 87.61 -64.98 5.18
C GLU G 234 87.84 -63.72 4.33
N PHE G 235 86.93 -63.46 3.40
CA PHE G 235 87.03 -62.29 2.50
C PHE G 235 85.72 -61.92 1.80
N GLN G 236 85.81 -61.16 0.71
CA GLN G 236 84.63 -60.65 0.01
C GLN G 236 84.70 -60.77 -1.52
N ILE G 237 83.53 -60.87 -2.16
CA ILE G 237 83.42 -60.92 -3.62
C ILE G 237 82.42 -59.88 -4.11
N LEU G 238 82.82 -59.06 -5.07
CA LEU G 238 81.90 -58.05 -5.58
C LEU G 238 81.37 -58.38 -6.95
N TYR G 239 80.06 -58.27 -7.09
CA TYR G 239 79.34 -58.52 -8.33
C TYR G 239 79.92 -57.73 -9.50
N GLY G 240 80.76 -58.36 -10.31
CA GLY G 240 81.29 -57.70 -11.50
C GLY G 240 82.63 -57.00 -11.27
N GLU G 241 83.32 -57.41 -10.20
CA GLU G 241 84.66 -56.88 -9.90
C GLU G 241 85.66 -57.87 -9.28
N GLY G 242 85.17 -58.89 -8.55
CA GLY G 242 86.04 -59.97 -8.05
C GLY G 242 86.65 -59.74 -6.69
N ILE G 243 87.55 -60.63 -6.27
CA ILE G 243 88.09 -60.58 -4.92
C ILE G 243 88.66 -59.22 -4.62
N ASN G 244 88.48 -58.74 -3.47
CA ASN G 244 88.99 -57.46 -3.17
C ASN G 244 90.06 -57.52 -2.11
N PHE G 245 91.31 -57.73 -2.53
CA PHE G 245 92.40 -57.93 -1.58
C PHE G 245 92.80 -56.66 -0.89
N TYR G 246 92.46 -55.53 -1.50
CA TYR G 246 92.63 -54.24 -0.85
C TYR G 246 91.68 -54.20 0.35
N GLY G 247 90.46 -54.69 0.15
CA GLY G 247 89.46 -54.78 1.20
C GLY G 247 90.03 -55.48 2.40
N GLU G 248 90.56 -56.69 2.19
CA GLU G 248 91.13 -57.49 3.27
C GLU G 248 92.49 -56.96 3.76
N LEU G 249 93.17 -56.20 2.91
CA LEU G 249 94.48 -55.66 3.23
C LEU G 249 94.37 -54.76 4.43
N VAL G 250 93.48 -53.79 4.33
CA VAL G 250 93.21 -52.88 5.42
C VAL G 250 93.05 -53.68 6.70
N ASP G 251 92.10 -54.60 6.69
CA ASP G 251 91.79 -55.46 7.85
C ASP G 251 93.01 -56.21 8.37
N LEU G 252 93.92 -56.57 7.47
CA LEU G 252 95.13 -57.29 7.84
C LEU G 252 96.16 -56.33 8.45
N GLY G 253 96.18 -55.12 7.93
CA GLY G 253 97.04 -54.06 8.47
C GLY G 253 96.60 -53.65 9.86
N VAL G 254 95.31 -53.83 10.14
CA VAL G 254 94.74 -53.52 11.45
C VAL G 254 95.37 -54.40 12.53
N LYS G 255 95.24 -55.71 12.38
CA LYS G 255 95.70 -56.64 13.40
C LYS G 255 97.23 -56.69 13.48
N GLU G 256 97.90 -56.28 12.39
CA GLU G 256 99.34 -56.38 12.34
C GLU G 256 100.06 -55.04 12.50
N LYS G 257 99.51 -54.21 13.41
CA LYS G 257 100.08 -52.91 13.82
C LYS G 257 100.21 -51.85 12.72
N LEU G 258 100.77 -52.23 11.56
CA LEU G 258 101.07 -51.33 10.44
C LEU G 258 100.06 -50.21 10.15
N ILE G 259 98.78 -50.54 10.26
CA ILE G 259 97.70 -49.56 10.12
C ILE G 259 97.06 -49.28 11.48
N GLU G 260 96.81 -48.01 11.79
CA GLU G 260 96.22 -47.62 13.07
C GLU G 260 94.78 -47.16 12.96
N LYS G 261 93.92 -47.71 13.82
CA LYS G 261 92.49 -47.41 13.85
C LYS G 261 92.18 -46.40 14.94
N ALA G 262 91.84 -45.18 14.54
CA ALA G 262 91.45 -44.13 15.49
C ALA G 262 89.92 -43.97 15.55
N GLY G 263 89.23 -45.11 15.70
CA GLY G 263 87.76 -45.15 15.76
C GLY G 263 87.11 -45.28 14.40
N ALA G 264 86.96 -44.15 13.70
CA ALA G 264 86.41 -44.11 12.35
C ALA G 264 87.49 -43.80 11.30
N TRP G 265 88.27 -42.74 11.53
CA TRP G 265 89.37 -42.35 10.63
C TRP G 265 90.55 -43.32 10.74
N TYR G 266 90.87 -44.00 9.65
CA TYR G 266 91.99 -44.93 9.61
C TYR G 266 93.31 -44.20 9.38
N SER G 267 94.41 -44.75 9.90
CA SER G 267 95.73 -44.08 9.85
C SER G 267 96.87 -44.96 9.30
N TYR G 268 97.93 -44.30 8.84
CA TYR G 268 99.20 -44.95 8.45
C TYR G 268 100.42 -44.21 9.06
N LYS G 269 100.47 -44.18 10.39
CA LYS G 269 101.48 -43.44 11.20
C LYS G 269 101.56 -41.94 10.87
N GLY G 270 100.61 -41.16 11.37
CA GLY G 270 100.55 -39.72 11.12
C GLY G 270 99.82 -39.34 9.84
N GLU G 271 100.22 -39.96 8.72
CA GLU G 271 99.61 -39.80 7.38
C GLU G 271 98.18 -40.36 7.28
N LYS G 272 97.17 -39.48 7.42
CA LYS G 272 95.74 -39.87 7.39
C LYS G 272 95.32 -40.40 6.00
N ILE G 273 94.58 -41.51 5.99
CA ILE G 273 94.29 -42.25 4.75
C ILE G 273 92.82 -42.20 4.28
N GLY G 274 91.88 -42.20 5.22
CA GLY G 274 90.46 -42.08 4.88
C GLY G 274 89.47 -42.25 6.02
N GLN G 275 88.20 -42.00 5.72
CA GLN G 275 87.10 -42.14 6.69
C GLN G 275 86.23 -43.40 6.47
N GLY G 276 86.23 -44.30 7.44
CA GLY G 276 85.49 -45.58 7.36
C GLY G 276 86.31 -46.70 6.73
N LYS G 277 85.70 -47.85 6.49
CA LYS G 277 86.37 -48.90 5.73
C LYS G 277 86.15 -48.67 4.23
N ALA G 278 85.12 -47.88 3.91
CA ALA G 278 84.71 -47.58 2.54
C ALA G 278 85.73 -46.72 1.76
N ASN G 279 86.31 -45.72 2.44
CA ASN G 279 87.34 -44.87 1.84
C ASN G 279 88.78 -45.37 2.07
N ALA G 280 88.96 -46.18 3.11
CA ALA G 280 90.28 -46.76 3.43
C ALA G 280 90.69 -47.75 2.37
N THR G 281 89.70 -48.53 1.93
CA THR G 281 89.87 -49.41 0.79
C THR G 281 90.00 -48.56 -0.48
N ALA G 282 89.11 -47.58 -0.63
CA ALA G 282 89.06 -46.73 -1.84
C ALA G 282 90.32 -45.88 -2.09
N TRP G 283 91.24 -45.85 -1.11
CA TRP G 283 92.49 -45.10 -1.24
C TRP G 283 93.67 -45.96 -1.72
N LEU G 284 93.82 -47.16 -1.16
CA LEU G 284 94.90 -48.04 -1.57
C LEU G 284 94.78 -48.44 -3.04
N LYS G 285 93.67 -48.04 -3.66
CA LYS G 285 93.42 -48.24 -5.09
C LYS G 285 94.17 -47.20 -5.91
N ASP G 286 94.12 -45.93 -5.45
CA ASP G 286 94.84 -44.81 -6.07
C ASP G 286 96.38 -44.85 -5.87
N ASN G 287 96.83 -45.49 -4.78
CA ASN G 287 98.25 -45.58 -4.41
C ASN G 287 98.84 -47.00 -4.58
N PRO G 288 99.43 -47.30 -5.76
CA PRO G 288 99.89 -48.66 -6.02
C PRO G 288 101.11 -49.08 -5.18
N GLU G 289 102.22 -48.33 -5.31
CA GLU G 289 103.52 -48.64 -4.67
C GLU G 289 103.47 -48.82 -3.16
N THR G 290 102.75 -47.95 -2.47
CA THR G 290 102.69 -47.97 -1.00
C THR G 290 101.95 -49.21 -0.48
N ALA G 291 100.98 -49.69 -1.24
CA ALA G 291 100.25 -50.90 -0.88
C ALA G 291 101.15 -52.13 -0.92
N LYS G 292 101.67 -52.43 -2.12
CA LYS G 292 102.61 -53.53 -2.37
C LYS G 292 103.63 -53.71 -1.25
N GLU G 293 104.01 -52.59 -0.63
CA GLU G 293 104.95 -52.59 0.49
C GLU G 293 104.33 -53.29 1.71
N ILE G 294 103.15 -52.81 2.12
CA ILE G 294 102.48 -53.33 3.31
C ILE G 294 102.07 -54.78 3.10
N GLU G 295 101.62 -55.07 1.88
CA GLU G 295 101.34 -56.44 1.44
C GLU G 295 102.43 -57.36 2.00
N LYS G 296 103.65 -57.14 1.55
CA LYS G 296 104.79 -57.98 1.90
C LYS G 296 105.02 -58.07 3.42
N LYS G 297 105.06 -56.92 4.10
CA LYS G 297 105.39 -56.89 5.54
C LYS G 297 104.44 -57.75 6.37
N VAL G 298 103.24 -57.97 5.85
CA VAL G 298 102.30 -58.88 6.48
C VAL G 298 102.66 -60.32 6.18
N ARG G 299 102.93 -60.61 4.90
CA ARG G 299 103.26 -61.97 4.44
C ARG G 299 104.30 -62.63 5.33
N GLU G 300 105.39 -61.92 5.61
CA GLU G 300 106.53 -62.42 6.39
C GLU G 300 106.22 -62.58 7.89
N LEU G 301 105.17 -61.91 8.37
CA LEU G 301 104.76 -61.99 9.78
C LEU G 301 103.80 -63.17 10.10
N LEU G 302 103.48 -64.00 9.11
CA LEU G 302 102.58 -65.17 9.29
C LEU G 302 103.07 -66.53 8.68
N LEU G 303 103.31 -66.56 7.37
CA LEU G 303 103.69 -67.77 6.60
C LEU G 303 104.81 -68.64 7.21
N LYS G 330 110.93 -72.19 -24.69
CA LYS G 330 110.67 -71.00 -25.55
C LYS G 330 109.15 -70.94 -25.89
N GLN G 331 108.78 -70.12 -26.89
CA GLN G 331 107.38 -69.93 -27.36
C GLN G 331 106.91 -70.96 -28.38
N LYS G 332 107.79 -71.93 -28.65
CA LYS G 332 107.49 -73.13 -29.46
C LYS G 332 107.63 -74.43 -28.65
N ALA G 333 107.73 -74.29 -27.32
CA ALA G 333 107.43 -75.39 -26.39
C ALA G 333 105.89 -75.47 -26.26
N LEU G 334 105.23 -74.35 -26.54
CA LEU G 334 103.77 -74.22 -26.65
C LEU G 334 103.32 -74.57 -28.09
N ALA G 335 103.48 -73.63 -29.02
CA ALA G 335 102.97 -73.70 -30.42
C ALA G 335 103.21 -75.02 -31.16
N ALA G 336 104.32 -75.69 -30.84
CA ALA G 336 104.59 -77.03 -31.37
C ALA G 336 103.79 -78.08 -30.58
N ALA G 337 103.88 -78.03 -29.24
CA ALA G 337 103.16 -78.96 -28.37
C ALA G 337 101.63 -78.78 -28.40
N LEU G 338 101.16 -77.69 -29.01
CA LEU G 338 99.72 -77.42 -29.24
C LEU G 338 99.19 -78.25 -30.39
N GLY G 339 99.61 -77.92 -31.63
CA GLY G 339 99.23 -78.66 -32.83
C GLY G 339 99.32 -80.15 -32.60
N GLN G 340 100.16 -80.53 -31.62
CA GLN G 340 100.33 -81.91 -31.11
C GLN G 340 99.02 -82.45 -30.50
N ILE G 341 98.47 -81.70 -29.55
CA ILE G 341 97.24 -82.09 -28.87
C ILE G 341 96.09 -82.00 -29.87
N GLU G 342 96.28 -81.14 -30.87
CA GLU G 342 95.31 -80.97 -31.95
C GLU G 342 95.25 -82.21 -32.82
N LYS G 343 96.36 -82.57 -33.45
CA LYS G 343 96.42 -83.75 -34.30
C LYS G 343 96.05 -85.00 -33.52
N GLN G 344 96.41 -85.03 -32.23
CA GLN G 344 96.25 -86.20 -31.35
C GLN G 344 94.78 -86.51 -31.02
N PHE G 345 93.94 -85.46 -30.95
CA PHE G 345 92.53 -85.59 -30.51
C PHE G 345 91.44 -85.06 -31.47
N GLY G 346 91.73 -84.98 -32.78
CA GLY G 346 90.81 -84.36 -33.75
C GLY G 346 91.02 -82.85 -33.83
N LYS G 347 90.97 -82.31 -35.06
CA LYS G 347 91.40 -80.92 -35.32
C LYS G 347 90.57 -79.81 -34.64
N GLY G 348 91.22 -79.01 -33.79
CA GLY G 348 90.59 -77.96 -33.03
C GLY G 348 89.84 -78.52 -31.86
N SER G 349 90.49 -78.60 -30.72
CA SER G 349 89.81 -79.01 -29.50
C SER G 349 90.54 -78.44 -28.29
N ILE G 350 91.34 -77.43 -28.57
CA ILE G 350 91.86 -76.53 -27.56
C ILE G 350 92.46 -75.35 -28.30
N MET G 351 92.34 -74.15 -27.72
CA MET G 351 92.97 -72.96 -28.27
C MET G 351 93.00 -71.75 -27.35
N ARG G 352 93.87 -70.78 -27.72
CA ARG G 352 93.88 -69.41 -27.20
C ARG G 352 92.60 -68.82 -27.72
N LEU G 353 91.99 -67.92 -26.94
CA LEU G 353 90.69 -67.40 -27.31
C LEU G 353 90.75 -66.32 -28.39
N GLY G 354 91.66 -65.36 -28.22
CA GLY G 354 91.81 -64.24 -29.16
C GLY G 354 92.56 -64.63 -30.42
N GLU G 355 91.86 -65.30 -31.32
CA GLU G 355 92.47 -65.84 -32.50
C GLU G 355 91.67 -65.60 -33.74
N ASP G 356 92.37 -65.26 -34.81
CA ASP G 356 91.77 -65.04 -36.14
C ASP G 356 91.70 -66.35 -36.92
N ARG G 357 92.17 -67.41 -36.27
CA ARG G 357 92.20 -68.76 -36.83
C ARG G 357 90.79 -69.45 -36.82
N SER G 358 90.17 -69.43 -38.00
CA SER G 358 88.99 -70.22 -38.27
C SER G 358 89.37 -71.20 -39.38
N MET G 359 89.31 -72.50 -39.08
CA MET G 359 89.60 -73.53 -40.10
C MET G 359 88.60 -73.38 -41.27
N ASP G 360 89.00 -73.75 -42.50
CA ASP G 360 88.13 -73.56 -43.67
C ASP G 360 87.12 -74.74 -43.92
N VAL G 361 86.17 -74.95 -42.95
CA VAL G 361 84.96 -75.83 -43.08
C VAL G 361 83.69 -75.01 -43.46
N GLU G 362 82.76 -75.67 -44.16
CA GLU G 362 81.63 -75.00 -44.85
C GLU G 362 80.63 -74.28 -43.95
N THR G 363 80.26 -73.07 -44.35
CA THR G 363 79.50 -72.14 -43.52
C THR G 363 78.10 -71.86 -44.04
N ILE G 364 77.10 -71.93 -43.16
CA ILE G 364 75.73 -71.56 -43.50
C ILE G 364 75.27 -70.44 -42.60
N SER G 365 74.86 -69.32 -43.19
CA SER G 365 74.50 -68.09 -42.43
C SER G 365 73.31 -68.26 -41.44
N THR G 366 73.49 -67.78 -40.21
CA THR G 366 72.43 -67.88 -39.20
C THR G 366 71.33 -66.92 -39.49
N GLY G 367 71.59 -65.92 -40.30
CA GLY G 367 70.65 -64.84 -40.57
C GLY G 367 71.13 -63.57 -39.92
N SER G 368 71.88 -63.73 -38.82
CA SER G 368 72.50 -62.60 -38.12
C SER G 368 74.00 -62.54 -38.35
N LEU G 369 74.45 -61.41 -38.89
CA LEU G 369 75.86 -61.07 -39.02
C LEU G 369 76.56 -61.24 -37.69
N SER G 370 76.04 -60.60 -36.64
CA SER G 370 76.69 -60.64 -35.32
C SER G 370 76.77 -62.06 -34.71
N LEU G 371 75.91 -62.95 -35.16
CA LEU G 371 76.05 -64.34 -34.78
C LEU G 371 77.19 -64.97 -35.57
N ASP G 372 77.11 -64.91 -36.90
CA ASP G 372 78.15 -65.45 -37.76
C ASP G 372 79.51 -65.05 -37.23
N ILE G 373 79.61 -63.79 -36.82
CA ILE G 373 80.83 -63.24 -36.25
C ILE G 373 81.30 -63.95 -34.99
N ALA G 374 80.41 -64.12 -34.03
CA ALA G 374 80.78 -64.78 -32.78
C ALA G 374 80.88 -66.33 -32.88
N LEU G 375 80.27 -66.90 -33.92
CA LEU G 375 80.49 -68.28 -34.29
C LEU G 375 81.97 -68.44 -34.58
N GLY G 376 82.54 -67.48 -35.29
CA GLY G 376 83.94 -67.52 -35.64
C GLY G 376 84.07 -67.88 -37.11
N ALA G 377 83.30 -68.87 -37.55
CA ALA G 377 83.42 -69.42 -38.91
C ALA G 377 82.66 -68.61 -39.94
N GLY G 378 81.66 -67.87 -39.46
CA GLY G 378 80.80 -67.10 -40.33
C GLY G 378 79.61 -67.91 -40.83
N GLY G 379 79.08 -68.73 -39.92
CA GLY G 379 77.95 -69.61 -40.22
C GLY G 379 78.06 -70.94 -39.52
N LEU G 380 76.97 -71.71 -39.54
CA LEU G 380 76.97 -73.04 -38.93
C LEU G 380 77.65 -74.12 -39.77
N PRO G 381 78.50 -74.93 -39.13
CA PRO G 381 79.27 -76.04 -39.68
C PRO G 381 78.50 -77.16 -40.39
N MET G 382 78.44 -77.06 -41.72
CA MET G 382 77.84 -78.07 -42.56
C MET G 382 78.36 -79.48 -42.24
N GLY G 383 77.43 -80.36 -41.86
CA GLY G 383 77.75 -81.76 -41.57
C GLY G 383 78.02 -82.07 -40.11
N ARG G 384 77.47 -81.23 -39.21
CA ARG G 384 77.70 -81.35 -37.77
C ARG G 384 76.39 -81.22 -36.96
N ILE G 385 76.47 -81.39 -35.65
CA ILE G 385 75.28 -81.27 -34.79
C ILE G 385 75.27 -79.97 -34.05
N VAL G 386 74.19 -79.21 -34.20
CA VAL G 386 74.04 -77.91 -33.55
C VAL G 386 72.86 -77.89 -32.60
N GLU G 387 73.12 -77.64 -31.32
CA GLU G 387 72.04 -77.49 -30.33
C GLU G 387 71.87 -76.02 -30.02
N ILE G 388 70.70 -75.47 -30.37
CA ILE G 388 70.28 -74.11 -29.99
C ILE G 388 69.26 -74.22 -28.87
N TYR G 389 69.68 -73.92 -27.67
CA TYR G 389 68.80 -74.05 -26.53
C TYR G 389 68.37 -72.70 -26.09
N GLY G 390 67.26 -72.65 -25.39
CA GLY G 390 66.73 -71.40 -24.82
C GLY G 390 65.33 -71.37 -24.18
N PRO G 391 65.21 -70.70 -23.01
CA PRO G 391 63.91 -70.40 -22.43
C PRO G 391 62.81 -70.33 -23.47
N GLU G 392 61.70 -71.00 -23.20
CA GLU G 392 60.54 -70.95 -24.09
C GLU G 392 60.22 -69.50 -24.53
N SER G 393 59.80 -69.34 -25.78
CA SER G 393 59.43 -68.04 -26.33
C SER G 393 60.60 -67.03 -26.28
N SER G 394 61.81 -67.52 -26.47
CA SER G 394 63.01 -66.68 -26.42
C SER G 394 63.33 -66.10 -27.79
N GLY G 395 63.04 -66.88 -28.80
CA GLY G 395 63.31 -66.47 -30.14
C GLY G 395 63.97 -67.58 -30.91
N LYS G 396 64.30 -68.66 -30.21
CA LYS G 396 65.05 -69.74 -30.82
C LYS G 396 64.55 -70.14 -32.20
N THR G 397 63.26 -70.44 -32.30
CA THR G 397 62.72 -70.98 -33.54
C THR G 397 62.80 -70.00 -34.72
N THR G 398 62.70 -68.70 -34.42
CA THR G 398 62.84 -67.71 -35.47
C THR G 398 64.20 -67.87 -36.12
N LEU G 399 65.23 -67.83 -35.28
CA LEU G 399 66.59 -68.02 -35.69
C LEU G 399 66.75 -69.34 -36.42
N THR G 400 66.03 -70.35 -35.96
CA THR G 400 65.97 -71.66 -36.58
C THR G 400 65.43 -71.57 -38.00
N LEU G 401 64.27 -70.95 -38.16
CA LEU G 401 63.68 -70.78 -39.47
C LEU G 401 64.53 -69.89 -40.36
N GLN G 402 65.42 -69.12 -39.75
CA GLN G 402 66.27 -68.22 -40.49
C GLN G 402 67.44 -68.94 -41.14
N VAL G 403 67.95 -69.98 -40.48
CA VAL G 403 69.00 -70.79 -41.07
C VAL G 403 68.39 -71.55 -42.23
N ILE G 404 67.21 -72.13 -41.98
CA ILE G 404 66.47 -72.81 -43.03
C ILE G 404 66.32 -71.87 -44.21
N ALA G 405 66.17 -70.59 -43.87
CA ALA G 405 66.00 -69.55 -44.88
C ALA G 405 67.21 -69.46 -45.79
N ALA G 406 68.35 -69.09 -45.20
CA ALA G 406 69.57 -68.83 -45.95
C ALA G 406 70.09 -70.04 -46.74
N ALA G 407 69.85 -71.23 -46.20
CA ALA G 407 70.30 -72.45 -46.85
C ALA G 407 69.42 -72.79 -48.05
N GLN G 408 68.15 -72.42 -47.95
CA GLN G 408 67.18 -72.70 -49.01
C GLN G 408 67.30 -71.70 -50.15
N ARG G 409 67.94 -70.58 -49.85
CA ARG G 409 68.13 -69.52 -50.82
C ARG G 409 69.46 -69.75 -51.56
N GLU G 410 70.20 -70.76 -51.13
CA GLU G 410 71.39 -71.20 -51.84
C GLU G 410 71.17 -72.58 -52.44
N GLY G 411 70.03 -72.77 -53.12
CA GLY G 411 69.69 -74.03 -53.79
C GLY G 411 69.37 -75.28 -52.93
N LYS G 412 69.92 -75.35 -51.70
CA LYS G 412 69.86 -76.52 -50.80
C LYS G 412 68.44 -76.88 -50.34
N THR G 413 68.17 -78.16 -50.05
CA THR G 413 66.85 -78.57 -49.53
C THR G 413 66.94 -79.25 -48.15
N CYS G 414 66.00 -78.85 -47.28
CA CYS G 414 66.11 -79.05 -45.82
C CYS G 414 65.00 -79.79 -45.13
N ALA G 415 65.34 -80.32 -43.95
CA ALA G 415 64.46 -81.21 -43.23
C ALA G 415 63.92 -80.58 -41.97
N PHE G 416 62.69 -80.94 -41.64
CA PHE G 416 62.03 -80.45 -40.44
C PHE G 416 61.35 -81.57 -39.70
N ILE G 417 62.00 -81.98 -38.62
CA ILE G 417 61.51 -83.04 -37.80
C ILE G 417 60.76 -82.33 -36.74
N ASP G 418 59.44 -82.53 -36.73
CA ASP G 418 58.53 -81.79 -35.82
C ASP G 418 57.69 -82.61 -34.83
N ALA G 419 58.04 -82.50 -33.56
CA ALA G 419 57.30 -83.16 -32.52
C ALA G 419 56.50 -82.14 -31.74
N GLU G 420 56.68 -80.87 -32.07
CA GLU G 420 55.99 -79.73 -31.38
C GLU G 420 54.61 -79.39 -31.96
N HIS G 421 54.48 -79.55 -33.27
CA HIS G 421 53.27 -79.22 -34.00
C HIS G 421 53.00 -77.75 -33.84
N ALA G 422 54.07 -76.98 -34.10
CA ALA G 422 54.06 -75.53 -33.92
C ALA G 422 54.10 -74.78 -35.24
N LEU G 423 55.33 -74.43 -35.66
CA LEU G 423 55.63 -73.85 -36.98
C LEU G 423 54.52 -73.02 -37.64
N ASP G 424 54.66 -71.71 -37.64
CA ASP G 424 53.73 -70.88 -38.39
C ASP G 424 54.20 -70.76 -39.85
N PRO G 425 53.51 -71.42 -40.78
CA PRO G 425 53.90 -71.32 -42.18
C PRO G 425 53.99 -69.86 -42.64
N ILE G 426 52.94 -69.09 -42.40
CA ILE G 426 52.85 -67.71 -42.88
C ILE G 426 54.03 -66.84 -42.40
N TYR G 427 54.40 -67.00 -41.13
CA TYR G 427 55.57 -66.31 -40.58
C TYR G 427 56.86 -66.79 -41.24
N ALA G 428 56.96 -68.08 -41.52
CA ALA G 428 58.14 -68.58 -42.20
C ALA G 428 58.25 -67.95 -43.57
N ARG G 429 57.10 -67.79 -44.22
CA ARG G 429 57.10 -67.24 -45.58
C ARG G 429 57.52 -65.78 -45.58
N LYS G 430 57.12 -65.01 -44.58
CA LYS G 430 57.66 -63.66 -44.48
C LYS G 430 59.13 -63.75 -44.10
N LEU G 431 59.49 -64.78 -43.35
CA LEU G 431 60.85 -64.91 -42.86
C LEU G 431 61.90 -65.17 -43.93
N GLY G 432 61.50 -65.91 -44.98
CA GLY G 432 62.39 -66.21 -46.11
C GLY G 432 62.43 -67.68 -46.52
N VAL G 433 61.64 -68.52 -45.83
CA VAL G 433 61.62 -69.95 -46.07
C VAL G 433 60.70 -70.25 -47.22
N ASP G 434 61.20 -71.05 -48.16
CA ASP G 434 60.34 -71.56 -49.22
C ASP G 434 59.63 -72.78 -48.68
N ILE G 435 58.45 -72.56 -48.14
CA ILE G 435 57.73 -73.60 -47.48
C ILE G 435 57.46 -74.75 -48.41
N ASP G 436 57.07 -74.44 -49.65
CA ASP G 436 56.65 -75.47 -50.61
C ASP G 436 57.68 -76.59 -50.82
N ASN G 437 58.96 -76.25 -50.70
CA ASN G 437 60.07 -77.20 -50.90
C ASN G 437 60.58 -77.83 -49.60
N LEU G 438 60.08 -77.35 -48.46
CA LEU G 438 60.59 -77.80 -47.19
C LEU G 438 60.12 -79.20 -46.87
N LEU G 439 61.05 -80.03 -46.41
CA LEU G 439 60.72 -81.39 -46.09
C LEU G 439 60.32 -81.42 -44.67
N CYS G 440 59.07 -81.83 -44.45
CA CYS G 440 58.52 -81.85 -43.12
C CYS G 440 58.17 -83.24 -42.62
N SER G 441 58.57 -83.50 -41.39
CA SER G 441 58.36 -84.80 -40.80
C SER G 441 57.58 -84.69 -39.53
N GLN G 442 56.52 -85.48 -39.40
CA GLN G 442 55.69 -85.49 -38.18
C GLN G 442 55.64 -86.84 -37.53
N PRO G 443 56.69 -87.20 -36.76
CA PRO G 443 56.93 -88.58 -36.36
C PRO G 443 55.93 -89.08 -35.35
N ASP G 444 55.66 -90.38 -35.45
CA ASP G 444 54.82 -91.10 -34.52
C ASP G 444 55.51 -91.23 -33.15
N THR G 445 56.82 -91.01 -33.07
CA THR G 445 57.51 -91.13 -31.78
C THR G 445 59.00 -90.83 -31.66
N GLY G 446 59.39 -90.61 -30.41
CA GLY G 446 60.70 -90.18 -29.99
C GLY G 446 61.77 -90.88 -30.73
N GLU G 447 61.94 -92.15 -30.46
CA GLU G 447 62.96 -92.89 -31.18
C GLU G 447 62.68 -92.80 -32.68
N GLN G 448 61.47 -93.13 -33.10
CA GLN G 448 61.16 -93.13 -34.53
C GLN G 448 61.66 -91.85 -35.20
N ALA G 449 61.44 -90.73 -34.55
CA ALA G 449 61.94 -89.46 -35.04
C ALA G 449 63.45 -89.52 -35.26
N LEU G 450 64.17 -89.80 -34.18
CA LEU G 450 65.63 -89.89 -34.20
C LEU G 450 66.16 -90.81 -35.29
N GLU G 451 65.40 -91.84 -35.62
CA GLU G 451 65.83 -92.81 -36.65
C GLU G 451 65.53 -92.31 -38.07
N ILE G 452 64.63 -91.34 -38.19
CA ILE G 452 64.31 -90.78 -39.49
C ILE G 452 65.44 -89.84 -39.94
N CYS G 453 66.16 -89.31 -38.97
CA CYS G 453 67.34 -88.52 -39.26
C CYS G 453 68.45 -89.42 -39.81
N ASP G 454 68.73 -90.52 -39.10
CA ASP G 454 69.76 -91.52 -39.48
C ASP G 454 69.76 -91.72 -40.99
N ALA G 455 68.55 -91.88 -41.53
CA ALA G 455 68.36 -92.20 -42.94
C ALA G 455 68.28 -90.95 -43.85
N LEU G 456 67.97 -89.79 -43.26
CA LEU G 456 68.03 -88.53 -44.02
C LEU G 456 69.47 -88.05 -44.09
N ALA G 457 70.31 -88.64 -43.24
CA ALA G 457 71.73 -88.39 -43.28
C ALA G 457 72.30 -89.20 -44.42
N ARG G 458 72.05 -90.51 -44.43
CA ARG G 458 72.44 -91.39 -45.52
C ARG G 458 71.56 -91.11 -46.75
N SER G 459 71.45 -89.84 -47.08
CA SER G 459 70.87 -89.43 -48.35
C SER G 459 71.89 -88.54 -49.06
N GLY G 460 72.43 -87.56 -48.34
CA GLY G 460 73.49 -86.65 -48.85
C GLY G 460 72.96 -85.36 -49.47
N ALA G 461 71.78 -85.46 -50.09
CA ALA G 461 71.07 -84.34 -50.71
C ALA G 461 69.88 -83.87 -49.83
N VAL G 462 69.97 -84.21 -48.54
CA VAL G 462 69.28 -83.46 -47.53
C VAL G 462 70.38 -82.69 -46.81
N ASP G 463 70.33 -81.38 -46.92
CA ASP G 463 71.44 -80.54 -46.52
C ASP G 463 71.40 -80.14 -45.07
N VAL G 464 70.24 -79.72 -44.57
CA VAL G 464 70.07 -79.42 -43.15
C VAL G 464 68.81 -80.02 -42.52
N ILE G 465 69.03 -80.64 -41.37
CA ILE G 465 67.97 -81.26 -40.59
C ILE G 465 67.71 -80.36 -39.40
N VAL G 466 66.43 -80.03 -39.18
CA VAL G 466 65.99 -79.27 -37.99
C VAL G 466 64.97 -80.03 -37.13
N VAL G 467 65.35 -80.25 -35.87
CA VAL G 467 64.59 -81.10 -34.96
C VAL G 467 63.94 -80.28 -33.86
N ASP G 468 62.61 -80.38 -33.78
CA ASP G 468 61.73 -79.53 -32.92
C ASP G 468 60.81 -80.39 -32.03
N SER G 469 61.25 -80.71 -30.82
CA SER G 469 62.54 -80.32 -30.28
C SER G 469 62.81 -81.18 -29.06
N VAL G 470 64.07 -81.40 -28.75
CA VAL G 470 64.51 -82.29 -27.65
C VAL G 470 63.38 -82.74 -26.72
N ALA G 471 62.89 -81.82 -25.89
CA ALA G 471 61.92 -82.14 -24.86
C ALA G 471 60.68 -82.83 -25.44
N ALA G 472 60.29 -82.45 -26.65
CA ALA G 472 59.09 -82.96 -27.33
C ALA G 472 59.24 -84.32 -28.04
N LEU G 473 60.48 -84.81 -28.15
CA LEU G 473 60.80 -86.16 -28.67
C LEU G 473 60.56 -87.24 -27.63
N THR G 474 59.33 -87.27 -27.13
CA THR G 474 58.94 -88.12 -26.01
C THR G 474 58.84 -89.58 -26.45
N PRO G 475 59.69 -90.43 -25.89
CA PRO G 475 60.01 -91.82 -26.23
C PRO G 475 58.84 -92.77 -26.13
N LYS G 476 59.07 -94.02 -26.54
CA LYS G 476 58.03 -95.04 -26.62
C LYS G 476 57.44 -95.29 -25.26
N ALA G 477 58.29 -95.67 -24.32
CA ALA G 477 57.89 -96.09 -22.98
C ALA G 477 56.88 -95.13 -22.31
N GLU G 478 57.05 -93.83 -22.57
CA GLU G 478 56.11 -92.82 -22.11
C GLU G 478 54.79 -92.90 -22.90
N ILE G 479 54.90 -93.01 -24.22
CA ILE G 479 53.71 -93.15 -25.06
C ILE G 479 52.89 -94.36 -24.54
N GLU G 480 53.54 -95.31 -23.85
CA GLU G 480 52.80 -96.16 -22.81
C GLU G 480 53.24 -96.08 -21.32
N GLY G 489 61.63 -88.14 -16.86
CA GLY G 489 62.89 -87.72 -17.45
C GLY G 489 63.96 -88.73 -17.11
N LEU G 490 63.83 -89.94 -17.67
CA LEU G 490 64.85 -90.97 -17.56
C LEU G 490 65.26 -91.36 -18.97
N ALA G 491 64.26 -91.56 -19.82
CA ALA G 491 64.50 -91.92 -21.19
C ALA G 491 65.26 -90.80 -21.98
N ALA G 492 66.12 -90.05 -21.29
CA ALA G 492 67.16 -89.23 -21.94
C ALA G 492 68.28 -90.11 -22.50
N ARG G 493 68.26 -91.39 -22.11
CA ARG G 493 69.13 -92.44 -22.63
C ARG G 493 68.77 -92.76 -24.07
N MET G 494 67.50 -92.55 -24.42
CA MET G 494 67.08 -92.62 -25.81
C MET G 494 67.90 -91.67 -26.68
N MET G 495 68.30 -90.54 -26.11
CA MET G 495 69.19 -89.62 -26.79
C MET G 495 70.58 -90.27 -26.91
N SER G 496 71.18 -90.59 -25.78
CA SER G 496 72.51 -91.16 -25.77
C SER G 496 72.64 -92.31 -26.78
N GLN G 497 71.54 -93.01 -27.00
CA GLN G 497 71.47 -94.18 -27.89
C GLN G 497 71.87 -93.82 -29.31
N ALA G 498 70.87 -93.55 -30.16
CA ALA G 498 71.07 -93.33 -31.60
C ALA G 498 71.83 -92.02 -31.89
N MET G 499 72.44 -91.45 -30.85
CA MET G 499 73.30 -90.28 -30.99
C MET G 499 74.65 -90.61 -31.62
N ARG G 500 75.40 -91.47 -30.95
CA ARG G 500 76.67 -91.99 -31.40
C ARG G 500 76.73 -92.09 -32.92
N LYS G 501 75.74 -92.77 -33.49
CA LYS G 501 75.71 -93.11 -34.91
C LYS G 501 75.45 -91.91 -35.82
N LEU G 502 74.62 -90.98 -35.38
CA LEU G 502 74.34 -89.81 -36.19
C LEU G 502 75.59 -89.00 -36.51
N ALA G 503 76.53 -89.00 -35.57
CA ALA G 503 77.81 -88.29 -35.74
C ALA G 503 78.43 -88.53 -37.12
N GLY G 504 78.67 -89.81 -37.45
CA GLY G 504 79.24 -90.24 -38.73
C GLY G 504 78.32 -89.97 -39.92
N ASN G 505 77.12 -90.58 -39.90
CA ASN G 505 76.13 -90.45 -40.98
C ASN G 505 75.94 -89.01 -41.54
N LEU G 506 76.21 -88.00 -40.72
CA LEU G 506 76.04 -86.60 -41.11
C LEU G 506 77.29 -86.00 -41.73
N LYS G 507 78.43 -86.40 -41.20
CA LYS G 507 79.73 -85.91 -41.63
C LYS G 507 80.07 -86.34 -43.07
N GLN G 508 79.73 -87.58 -43.44
CA GLN G 508 79.95 -88.12 -44.81
C GLN G 508 78.74 -87.93 -45.73
N SER G 509 78.02 -86.83 -45.49
CA SER G 509 76.87 -86.39 -46.27
C SER G 509 76.94 -84.88 -46.44
N ASN G 510 77.64 -84.23 -45.49
CA ASN G 510 77.53 -82.80 -45.26
C ASN G 510 76.09 -82.43 -45.04
N THR G 511 75.46 -83.21 -44.15
CA THR G 511 74.12 -82.92 -43.68
C THR G 511 74.25 -82.24 -42.31
N LEU G 512 73.83 -80.98 -42.23
CA LEU G 512 73.85 -80.21 -40.98
C LEU G 512 72.57 -80.36 -40.15
N LEU G 513 72.72 -80.78 -38.91
CA LEU G 513 71.59 -81.06 -38.08
C LEU G 513 71.55 -80.17 -36.86
N ILE G 514 70.33 -79.75 -36.53
CA ILE G 514 70.05 -78.77 -35.49
C ILE G 514 69.00 -79.25 -34.52
N PHE G 515 69.38 -79.23 -33.26
CA PHE G 515 68.52 -79.59 -32.14
C PHE G 515 68.06 -78.34 -31.36
N ILE G 516 66.81 -78.33 -30.90
CA ILE G 516 66.30 -77.23 -30.07
C ILE G 516 65.90 -77.75 -28.71
N ASN G 517 66.34 -77.12 -27.63
CA ASN G 517 66.08 -77.60 -26.24
C ASN G 517 65.46 -76.44 -25.40
N GLN G 518 65.28 -76.61 -24.06
CA GLN G 518 64.85 -75.56 -23.04
C GLN G 518 65.56 -75.48 -21.66
N GLY G 535 66.77 -81.35 -21.75
CA GLY G 535 66.87 -82.63 -22.45
C GLY G 535 67.88 -83.66 -21.90
N GLY G 536 68.75 -84.26 -22.74
CA GLY G 536 69.66 -85.37 -22.32
C GLY G 536 71.17 -85.08 -22.34
N ASN G 537 71.90 -85.73 -21.41
CA ASN G 537 73.35 -85.48 -21.17
C ASN G 537 74.25 -85.56 -22.40
N ALA G 538 73.91 -86.45 -23.32
CA ALA G 538 74.74 -86.75 -24.49
C ALA G 538 75.01 -85.57 -25.40
N LEU G 539 73.94 -85.07 -25.99
CA LEU G 539 74.00 -83.93 -26.89
C LEU G 539 75.00 -82.88 -26.45
N LYS G 540 75.06 -82.66 -25.14
CA LYS G 540 75.96 -81.69 -24.50
C LYS G 540 77.39 -81.76 -25.03
N PHE G 541 77.75 -82.89 -25.65
CA PHE G 541 79.11 -83.09 -26.11
C PHE G 541 79.17 -83.37 -27.59
N TYR G 542 78.24 -84.19 -28.06
CA TYR G 542 78.19 -84.57 -29.46
C TYR G 542 77.74 -83.39 -30.37
N ALA G 543 77.31 -82.28 -29.77
CA ALA G 543 77.10 -81.03 -30.49
C ALA G 543 78.44 -80.44 -30.87
N SER G 544 78.59 -80.04 -32.12
CA SER G 544 79.83 -79.41 -32.59
C SER G 544 79.80 -77.93 -32.19
N VAL G 545 78.59 -77.35 -32.21
CA VAL G 545 78.34 -75.98 -31.73
C VAL G 545 77.02 -75.81 -30.96
N ARG G 546 77.07 -74.95 -29.96
CA ARG G 546 75.97 -74.75 -29.05
C ARG G 546 75.64 -73.31 -28.74
N LEU G 547 74.34 -73.06 -28.85
CA LEU G 547 73.72 -71.74 -28.76
C LEU G 547 72.76 -71.54 -27.57
N ASP G 548 72.95 -70.40 -26.91
CA ASP G 548 72.08 -69.90 -25.84
C ASP G 548 71.42 -68.60 -26.31
N ILE G 549 70.23 -68.72 -26.89
CA ILE G 549 69.43 -67.57 -27.21
C ILE G 549 68.61 -67.23 -25.97
N ARG G 550 68.50 -65.94 -25.66
CA ARG G 550 67.64 -65.45 -24.57
C ARG G 550 66.75 -64.29 -25.08
N ARG G 551 66.11 -63.54 -24.17
CA ARG G 551 65.42 -62.32 -24.56
C ARG G 551 65.58 -61.37 -23.41
N ILE G 552 65.92 -60.11 -23.67
CA ILE G 552 66.08 -59.16 -22.57
C ILE G 552 65.27 -57.86 -22.64
N GLY G 553 64.94 -57.40 -23.84
CA GLY G 553 64.41 -56.04 -23.97
C GLY G 553 63.00 -55.83 -24.49
N ALA G 554 62.82 -56.11 -25.77
CA ALA G 554 61.64 -55.72 -26.54
C ALA G 554 61.69 -54.23 -26.93
N VAL G 555 61.27 -53.91 -28.16
CA VAL G 555 61.33 -52.51 -28.61
C VAL G 555 60.00 -51.96 -29.14
N LYS G 556 59.95 -50.63 -29.21
CA LYS G 556 58.71 -49.87 -29.42
C LYS G 556 58.69 -48.91 -30.63
N GLU G 557 57.52 -48.87 -31.31
CA GLU G 557 57.18 -47.89 -32.34
C GLU G 557 56.27 -46.91 -31.65
N GLY G 558 56.87 -46.01 -30.88
CA GLY G 558 56.09 -45.14 -30.02
C GLY G 558 55.69 -45.88 -28.76
N GLU G 559 54.42 -46.31 -28.69
CA GLU G 559 53.88 -47.01 -27.51
C GLU G 559 53.61 -48.49 -27.77
N ASN G 560 53.49 -48.86 -29.05
CA ASN G 560 53.35 -50.25 -29.46
C ASN G 560 54.58 -51.08 -29.05
N VAL G 561 54.39 -52.38 -28.84
CA VAL G 561 55.50 -53.31 -28.57
C VAL G 561 55.66 -54.19 -29.79
N VAL G 562 56.65 -53.88 -30.61
CA VAL G 562 56.76 -54.56 -31.88
C VAL G 562 58.08 -55.29 -32.00
N GLY G 563 58.93 -55.17 -30.96
CA GLY G 563 60.29 -55.76 -30.98
C GLY G 563 60.67 -56.72 -29.86
N SER G 564 61.81 -57.39 -30.01
CA SER G 564 62.36 -58.26 -28.95
C SER G 564 63.91 -58.28 -29.00
N GLU G 565 64.54 -57.64 -28.02
CA GLU G 565 66.01 -57.56 -27.95
C GLU G 565 66.58 -58.88 -27.43
N THR G 566 67.27 -59.59 -28.32
CA THR G 566 67.81 -60.90 -27.98
C THR G 566 69.32 -60.88 -27.79
N ARG G 567 69.81 -61.97 -27.18
CA ARG G 567 71.23 -62.17 -26.93
C ARG G 567 71.56 -63.64 -27.11
N VAL G 568 72.34 -63.94 -28.14
CA VAL G 568 72.79 -65.29 -28.41
C VAL G 568 74.22 -65.46 -27.93
N LYS G 569 74.40 -66.43 -27.06
CA LYS G 569 75.70 -66.85 -26.58
C LYS G 569 76.11 -68.18 -27.28
N VAL G 570 77.34 -68.23 -27.78
CA VAL G 570 77.87 -69.45 -28.34
C VAL G 570 78.69 -70.01 -27.22
N VAL G 571 78.20 -71.06 -26.58
CA VAL G 571 78.89 -71.56 -25.41
C VAL G 571 79.72 -72.81 -25.67
N LYS G 572 79.24 -73.66 -26.57
CA LYS G 572 80.08 -74.76 -27.01
C LYS G 572 80.57 -74.52 -28.44
N ASN G 573 81.87 -74.33 -28.59
CA ASN G 573 82.40 -74.08 -29.92
C ASN G 573 83.67 -74.83 -30.23
N LYS G 574 83.52 -75.86 -31.05
CA LYS G 574 84.64 -76.60 -31.57
C LYS G 574 84.86 -76.20 -33.04
N ILE G 575 84.48 -74.98 -33.42
CA ILE G 575 84.81 -74.47 -34.76
C ILE G 575 85.91 -73.43 -34.60
N ALA G 576 85.69 -72.54 -33.64
CA ALA G 576 86.64 -71.47 -33.35
C ALA G 576 86.49 -70.95 -31.92
N ALA G 577 86.50 -69.63 -31.78
CA ALA G 577 86.40 -68.97 -30.50
C ALA G 577 85.08 -69.29 -29.81
N PRO G 578 85.16 -70.01 -28.68
CA PRO G 578 83.99 -70.26 -27.85
C PRO G 578 83.69 -69.07 -26.93
N PHE G 579 82.47 -68.97 -26.42
CA PHE G 579 82.06 -67.93 -25.45
C PHE G 579 81.92 -66.54 -26.04
N LYS G 580 82.00 -66.44 -27.37
CA LYS G 580 81.75 -65.18 -28.03
C LYS G 580 80.24 -64.97 -28.06
N GLN G 581 79.77 -63.72 -28.05
CA GLN G 581 78.33 -63.43 -28.02
C GLN G 581 77.85 -62.38 -29.02
N ALA G 582 76.54 -62.27 -29.16
CA ALA G 582 75.98 -61.45 -30.22
C ALA G 582 74.61 -60.90 -29.86
N GLU G 583 74.52 -59.58 -29.65
CA GLU G 583 73.22 -58.91 -29.39
C GLU G 583 72.61 -58.32 -30.69
N PHE G 584 71.29 -58.43 -30.82
CA PHE G 584 70.55 -57.89 -31.96
C PHE G 584 69.03 -57.85 -31.73
N GLN G 585 68.27 -57.45 -32.75
CA GLN G 585 66.84 -57.32 -32.61
C GLN G 585 66.06 -58.32 -33.43
N ILE G 586 64.94 -58.80 -32.88
CA ILE G 586 63.95 -59.60 -33.61
C ILE G 586 62.60 -58.89 -33.67
N LEU G 587 62.10 -58.67 -34.88
CA LEU G 587 60.87 -57.95 -35.07
C LEU G 587 59.71 -58.84 -35.42
N TYR G 588 58.67 -58.76 -34.59
CA TYR G 588 57.42 -59.43 -34.83
C TYR G 588 57.02 -59.26 -36.26
N GLY G 589 56.74 -60.37 -36.94
CA GLY G 589 56.25 -60.35 -38.32
C GLY G 589 57.20 -59.77 -39.34
N GLU G 590 58.50 -59.75 -39.05
CA GLU G 590 59.47 -59.31 -40.05
C GLU G 590 60.71 -60.17 -40.01
N GLY G 591 61.13 -60.58 -38.83
CA GLY G 591 62.29 -61.47 -38.72
C GLY G 591 63.45 -60.87 -37.98
N ILE G 592 64.67 -61.21 -38.36
CA ILE G 592 65.84 -60.62 -37.74
C ILE G 592 66.21 -59.28 -38.38
N ASN G 593 66.75 -58.38 -37.60
CA ASN G 593 67.07 -57.05 -38.08
C ASN G 593 68.42 -56.92 -38.81
N PHE G 594 68.44 -57.33 -40.08
CA PHE G 594 69.67 -57.37 -40.89
C PHE G 594 70.35 -56.06 -40.73
N TYR G 595 69.62 -55.01 -41.06
CA TYR G 595 70.17 -53.67 -41.14
C TYR G 595 70.46 -53.13 -39.77
N GLY G 596 69.63 -53.53 -38.82
CA GLY G 596 69.84 -53.19 -37.41
C GLY G 596 71.28 -53.41 -36.99
N GLU G 597 71.65 -54.67 -36.79
CA GLU G 597 73.02 -55.02 -36.48
C GLU G 597 74.05 -54.45 -37.49
N LEU G 598 73.66 -54.26 -38.76
CA LEU G 598 74.59 -53.84 -39.80
C LEU G 598 75.18 -52.51 -39.50
N VAL G 599 74.31 -51.58 -39.15
CA VAL G 599 74.73 -50.29 -38.68
C VAL G 599 75.76 -50.48 -37.60
N ASP G 600 75.36 -51.11 -36.51
CA ASP G 600 76.21 -51.31 -35.32
C ASP G 600 77.63 -51.82 -35.62
N LEU G 601 77.79 -52.51 -36.76
CA LEU G 601 79.08 -53.06 -37.14
C LEU G 601 79.90 -52.00 -37.90
N GLY G 602 79.24 -51.28 -38.80
CA GLY G 602 79.86 -50.13 -39.49
C GLY G 602 80.11 -48.97 -38.56
N VAL G 603 79.83 -49.18 -37.29
CA VAL G 603 80.27 -48.28 -36.25
C VAL G 603 81.71 -48.70 -35.96
N LYS G 604 81.84 -49.93 -35.51
CA LYS G 604 83.10 -50.42 -34.95
C LYS G 604 84.17 -50.58 -36.03
N GLU G 605 83.73 -50.92 -37.23
CA GLU G 605 84.65 -50.97 -38.36
C GLU G 605 84.43 -49.70 -39.18
N LYS G 606 85.09 -48.65 -38.72
CA LYS G 606 84.81 -47.25 -39.11
C LYS G 606 84.44 -47.05 -40.57
N LEU G 607 83.27 -47.55 -40.96
CA LEU G 607 82.72 -47.27 -42.29
C LEU G 607 81.60 -46.23 -42.22
N ILE G 608 80.85 -46.26 -41.11
CA ILE G 608 79.81 -45.27 -40.81
C ILE G 608 80.16 -44.52 -39.53
N GLU G 609 80.17 -43.21 -39.63
CA GLU G 609 80.76 -42.35 -38.60
C GLU G 609 79.72 -41.91 -37.58
N LYS G 610 79.96 -42.30 -36.32
CA LYS G 610 79.13 -41.84 -35.20
C LYS G 610 79.57 -40.45 -34.74
N ALA G 611 78.77 -39.45 -35.10
CA ALA G 611 78.96 -38.06 -34.63
C ALA G 611 78.03 -37.73 -33.44
N GLY G 612 78.08 -38.59 -32.41
CA GLY G 612 77.20 -38.48 -31.24
C GLY G 612 75.84 -39.16 -31.40
N ALA G 613 74.89 -38.43 -32.00
CA ALA G 613 73.55 -38.94 -32.27
C ALA G 613 73.33 -39.08 -33.76
N TRP G 614 74.30 -38.60 -34.52
CA TRP G 614 74.22 -38.57 -35.97
C TRP G 614 74.97 -39.74 -36.61
N TYR G 615 74.45 -40.21 -37.74
CA TYR G 615 75.11 -41.27 -38.47
C TYR G 615 75.53 -40.80 -39.88
N SER G 616 76.84 -40.74 -40.11
CA SER G 616 77.39 -40.20 -41.36
C SER G 616 78.10 -41.28 -42.20
N TYR G 617 77.93 -41.23 -43.52
CA TYR G 617 78.61 -42.14 -44.44
C TYR G 617 79.45 -41.41 -45.47
N LYS G 618 80.74 -41.27 -45.15
CA LYS G 618 81.66 -40.46 -45.95
C LYS G 618 81.15 -39.03 -46.05
N GLY G 619 81.24 -38.29 -44.94
CA GLY G 619 80.88 -36.86 -44.92
C GLY G 619 79.40 -36.48 -44.99
N GLU G 620 78.68 -37.10 -45.95
CA GLU G 620 77.22 -36.94 -46.18
C GLU G 620 76.32 -37.73 -45.15
N LYS G 621 75.34 -37.03 -44.56
CA LYS G 621 74.60 -37.47 -43.36
C LYS G 621 73.45 -38.38 -43.69
N ILE G 622 73.41 -39.51 -43.01
CA ILE G 622 72.48 -40.60 -43.39
C ILE G 622 71.33 -40.86 -42.43
N GLY G 623 71.51 -40.52 -41.16
CA GLY G 623 70.47 -40.73 -40.17
C GLY G 623 70.75 -40.19 -38.77
N GLN G 624 69.70 -39.77 -38.07
CA GLN G 624 69.82 -39.31 -36.70
C GLN G 624 69.14 -40.31 -35.79
N GLY G 625 69.88 -40.85 -34.82
CA GLY G 625 69.41 -41.94 -33.95
C GLY G 625 69.37 -43.26 -34.67
N LYS G 626 69.84 -44.33 -34.03
CA LYS G 626 69.92 -45.66 -34.68
C LYS G 626 68.68 -45.95 -35.53
N ALA G 627 67.55 -45.43 -35.08
CA ALA G 627 66.26 -45.56 -35.75
C ALA G 627 66.36 -45.42 -37.26
N ASN G 628 66.69 -44.20 -37.68
CA ASN G 628 66.65 -43.83 -39.09
C ASN G 628 67.86 -44.37 -39.85
N ALA G 629 68.95 -44.55 -39.13
CA ALA G 629 70.13 -45.12 -39.71
C ALA G 629 69.69 -46.47 -40.18
N THR G 630 69.27 -47.30 -39.25
CA THR G 630 68.75 -48.60 -39.60
C THR G 630 68.03 -48.38 -40.93
N ALA G 631 66.85 -47.75 -40.87
CA ALA G 631 65.95 -47.71 -42.02
C ALA G 631 66.47 -46.92 -43.25
N TRP G 632 67.65 -46.33 -43.14
CA TRP G 632 68.25 -45.73 -44.31
C TRP G 632 68.81 -46.80 -45.20
N LEU G 633 69.63 -47.66 -44.61
CA LEU G 633 70.22 -48.75 -45.36
C LEU G 633 69.13 -49.53 -46.06
N LYS G 634 67.94 -49.54 -45.50
CA LYS G 634 66.83 -50.28 -46.09
C LYS G 634 66.54 -49.83 -47.53
N ASP G 635 66.70 -48.53 -47.80
CA ASP G 635 66.33 -47.97 -49.10
C ASP G 635 67.47 -47.86 -50.12
N ASN G 636 68.69 -48.09 -49.67
CA ASN G 636 69.86 -48.07 -50.55
C ASN G 636 70.62 -49.41 -50.42
N PRO G 637 70.00 -50.51 -50.91
CA PRO G 637 70.39 -51.87 -50.50
C PRO G 637 71.85 -52.21 -50.77
N GLU G 638 72.32 -51.98 -51.99
CA GLU G 638 73.70 -52.29 -52.39
C GLU G 638 74.74 -51.62 -51.48
N THR G 639 74.52 -50.34 -51.12
CA THR G 639 75.45 -49.59 -50.29
C THR G 639 75.61 -50.36 -48.99
N ALA G 640 74.52 -50.95 -48.56
CA ALA G 640 74.58 -51.80 -47.41
C ALA G 640 75.28 -53.09 -47.78
N LYS G 641 74.65 -53.87 -48.65
CA LYS G 641 75.13 -55.23 -49.04
C LYS G 641 76.62 -55.23 -49.50
N GLU G 642 77.18 -54.03 -49.68
CA GLU G 642 78.61 -53.87 -49.90
C GLU G 642 79.29 -53.62 -48.57
N ILE G 643 78.70 -52.76 -47.74
CA ILE G 643 79.19 -52.52 -46.38
C ILE G 643 79.15 -53.83 -45.60
N GLU G 644 78.10 -54.61 -45.83
CA GLU G 644 78.04 -56.01 -45.41
C GLU G 644 79.37 -56.66 -45.77
N LYS G 645 79.52 -56.91 -47.08
CA LYS G 645 80.71 -57.51 -47.66
C LYS G 645 82.00 -56.94 -47.06
N LYS G 646 82.06 -55.61 -46.91
CA LYS G 646 83.25 -54.97 -46.32
C LYS G 646 83.57 -55.43 -44.89
N VAL G 647 82.55 -55.78 -44.10
CA VAL G 647 82.82 -56.27 -42.75
C VAL G 647 83.13 -57.75 -42.81
N ARG G 648 82.56 -58.40 -43.81
CA ARG G 648 82.87 -59.79 -44.11
C ARG G 648 84.29 -59.99 -44.64
N GLU G 649 84.86 -58.95 -45.24
CA GLU G 649 86.27 -58.96 -45.61
C GLU G 649 87.12 -58.60 -44.39
N LEU G 650 86.56 -57.79 -43.48
CA LEU G 650 87.28 -57.24 -42.33
C LEU G 650 87.14 -58.05 -41.03
N LEU G 651 86.31 -59.09 -41.03
CA LEU G 651 86.26 -60.06 -39.90
C LEU G 651 86.11 -61.57 -40.26
N LEU G 652 86.40 -61.93 -41.53
CA LEU G 652 86.34 -63.32 -42.05
C LEU G 652 87.41 -63.61 -43.16
N LYS G 679 71.93 -84.43 -56.12
CA LYS G 679 71.00 -84.27 -57.28
C LYS G 679 69.56 -84.64 -56.82
N GLN G 680 68.55 -84.46 -57.70
CA GLN G 680 67.15 -84.92 -57.46
C GLN G 680 66.99 -86.40 -57.78
N LYS G 681 68.13 -86.94 -58.20
CA LYS G 681 68.42 -88.37 -58.41
C LYS G 681 68.41 -89.06 -57.02
N ALA G 682 69.27 -88.58 -56.10
CA ALA G 682 69.51 -89.19 -54.79
C ALA G 682 68.40 -88.88 -53.77
N LEU G 683 67.72 -87.75 -53.95
CA LEU G 683 66.67 -87.28 -53.05
C LEU G 683 65.35 -88.00 -53.31
N ALA G 684 64.81 -87.84 -54.52
CA ALA G 684 63.52 -88.44 -54.89
C ALA G 684 63.48 -89.95 -54.62
N ALA G 685 64.66 -90.55 -54.47
CA ALA G 685 64.84 -91.99 -54.15
C ALA G 685 64.97 -92.31 -52.65
N ALA G 686 65.80 -91.55 -51.92
CA ALA G 686 65.96 -91.73 -50.48
C ALA G 686 64.73 -91.25 -49.68
N LEU G 687 63.78 -90.63 -50.38
CA LEU G 687 62.49 -90.22 -49.80
C LEU G 687 61.58 -91.42 -49.60
N GLY G 688 61.10 -91.96 -50.72
CA GLY G 688 60.25 -93.15 -50.72
C GLY G 688 60.85 -94.30 -49.96
N GLN G 689 62.11 -94.14 -49.54
CA GLN G 689 62.86 -95.12 -48.74
C GLN G 689 62.39 -95.19 -47.29
N ILE G 690 61.79 -94.11 -46.82
CA ILE G 690 61.40 -94.02 -45.45
C ILE G 690 59.95 -94.35 -45.39
N GLU G 691 59.25 -94.00 -46.45
CA GLU G 691 57.85 -94.33 -46.60
C GLU G 691 57.64 -95.82 -46.71
N LYS G 692 58.61 -96.49 -47.30
CA LYS G 692 58.58 -97.96 -47.41
C LYS G 692 58.81 -98.55 -46.00
N GLN G 693 59.74 -97.93 -45.28
CA GLN G 693 60.28 -98.55 -44.06
C GLN G 693 59.54 -98.15 -42.79
N PHE G 694 59.04 -96.91 -42.76
CA PHE G 694 58.50 -96.33 -41.51
C PHE G 694 57.03 -95.90 -41.52
N GLY G 695 56.13 -96.74 -42.02
CA GLY G 695 54.71 -96.36 -42.14
C GLY G 695 54.48 -95.35 -43.26
N LYS G 696 53.45 -95.60 -44.05
CA LYS G 696 53.25 -94.87 -45.32
C LYS G 696 53.04 -93.37 -45.08
N GLY G 697 53.94 -92.57 -45.64
CA GLY G 697 53.84 -91.11 -45.57
C GLY G 697 54.23 -90.48 -44.24
N SER G 698 55.43 -90.75 -43.78
CA SER G 698 55.87 -90.14 -42.52
C SER G 698 56.85 -89.00 -42.78
N ILE G 699 56.66 -88.33 -43.89
CA ILE G 699 57.47 -87.18 -44.24
C ILE G 699 57.00 -86.68 -45.60
N MET G 700 57.13 -85.38 -45.83
CA MET G 700 56.86 -84.79 -47.13
C MET G 700 57.22 -83.30 -47.27
N ARG G 701 57.33 -82.86 -48.51
CA ARG G 701 57.40 -81.45 -48.82
C ARG G 701 56.05 -80.92 -48.40
N LEU G 702 56.04 -79.75 -47.80
CA LEU G 702 54.79 -79.17 -47.32
C LEU G 702 53.90 -78.68 -48.45
N GLY G 703 54.50 -78.43 -49.61
CA GLY G 703 53.78 -77.88 -50.75
C GLY G 703 53.18 -78.93 -51.66
N GLU G 704 53.12 -80.17 -51.16
CA GLU G 704 52.69 -81.30 -51.97
C GLU G 704 51.18 -81.48 -52.09
N ASP G 705 50.76 -81.79 -53.32
CA ASP G 705 49.36 -82.09 -53.69
C ASP G 705 48.97 -83.52 -53.35
N ARG G 706 49.99 -84.37 -53.22
CA ARG G 706 49.83 -85.81 -53.00
C ARG G 706 49.10 -86.10 -51.67
N SER G 707 47.91 -86.70 -51.82
CA SER G 707 47.13 -87.25 -50.71
C SER G 707 47.06 -88.78 -50.89
N MET G 708 47.40 -89.53 -49.84
CA MET G 708 47.15 -90.97 -49.78
C MET G 708 45.64 -91.14 -49.90
N ASP G 709 45.20 -91.93 -50.87
CA ASP G 709 43.77 -92.07 -51.14
C ASP G 709 43.08 -93.01 -50.11
N VAL G 710 42.71 -92.37 -48.94
CA VAL G 710 41.82 -92.93 -47.88
C VAL G 710 40.54 -92.05 -47.75
N GLU G 711 39.43 -92.67 -47.33
CA GLU G 711 38.11 -92.04 -47.45
C GLU G 711 37.90 -90.96 -46.42
N THR G 712 37.03 -90.01 -46.75
CA THR G 712 36.96 -88.73 -46.04
C THR G 712 35.55 -88.33 -45.63
N ILE G 713 35.38 -87.83 -44.41
CA ILE G 713 34.10 -87.28 -43.99
C ILE G 713 34.26 -85.78 -43.89
N SER G 714 33.37 -85.04 -44.56
CA SER G 714 33.41 -83.56 -44.59
C SER G 714 33.28 -82.94 -43.18
N THR G 715 34.13 -81.97 -42.85
CA THR G 715 34.05 -81.30 -41.55
C THR G 715 32.84 -80.43 -41.47
N GLY G 716 32.39 -79.97 -42.62
CA GLY G 716 31.27 -79.04 -42.73
C GLY G 716 31.79 -77.77 -43.37
N SER G 717 33.02 -77.41 -42.99
CA SER G 717 33.73 -76.24 -43.54
C SER G 717 34.66 -76.58 -44.70
N LEU G 718 34.23 -76.18 -45.89
CA LEU G 718 34.98 -76.37 -47.12
C LEU G 718 36.42 -76.03 -46.95
N SER G 719 36.69 -74.86 -46.35
CA SER G 719 38.07 -74.43 -46.16
C SER G 719 38.86 -75.33 -45.20
N LEU G 720 38.17 -75.95 -44.24
CA LEU G 720 38.83 -76.92 -43.37
C LEU G 720 39.19 -78.17 -44.17
N ASP G 721 38.20 -78.74 -44.86
CA ASP G 721 38.43 -79.87 -45.73
C ASP G 721 39.69 -79.63 -46.54
N ILE G 722 39.66 -78.52 -47.28
CA ILE G 722 40.76 -78.12 -48.12
C ILE G 722 42.09 -78.14 -47.40
N ALA G 723 42.22 -77.38 -46.32
CA ALA G 723 43.53 -77.32 -45.64
C ALA G 723 43.88 -78.65 -44.90
N LEU G 724 42.85 -79.47 -44.68
CA LEU G 724 43.05 -80.81 -44.17
C LEU G 724 43.88 -81.61 -45.14
N GLY G 725 43.77 -81.27 -46.41
CA GLY G 725 44.57 -81.89 -47.45
C GLY G 725 43.84 -83.00 -48.17
N ALA G 726 43.12 -83.82 -47.41
CA ALA G 726 42.43 -84.99 -47.95
C ALA G 726 40.97 -84.69 -48.33
N GLY G 727 40.46 -83.56 -47.82
CA GLY G 727 39.07 -83.12 -48.07
C GLY G 727 38.03 -83.63 -47.07
N GLY G 728 38.43 -83.71 -45.80
CA GLY G 728 37.63 -84.32 -44.74
C GLY G 728 38.48 -85.18 -43.82
N LEU G 729 37.90 -85.58 -42.69
CA LEU G 729 38.66 -86.35 -41.71
C LEU G 729 38.82 -87.79 -42.13
N PRO G 730 40.02 -88.33 -41.88
CA PRO G 730 40.41 -89.71 -42.12
C PRO G 730 39.58 -90.72 -41.37
N MET G 731 39.15 -91.73 -42.11
CA MET G 731 38.37 -92.83 -41.58
C MET G 731 39.24 -93.79 -40.80
N GLY G 732 38.75 -94.19 -39.63
CA GLY G 732 39.42 -95.23 -38.82
C GLY G 732 40.75 -94.83 -38.19
N ARG G 733 40.93 -93.52 -38.03
CA ARG G 733 42.11 -92.97 -37.41
C ARG G 733 41.66 -92.12 -36.25
N ILE G 734 42.58 -91.80 -35.36
CA ILE G 734 42.24 -90.93 -34.24
C ILE G 734 42.49 -89.45 -34.56
N VAL G 735 41.49 -88.65 -34.20
CA VAL G 735 41.53 -87.20 -34.38
C VAL G 735 41.35 -86.47 -33.06
N GLU G 736 42.26 -85.55 -32.78
CA GLU G 736 42.15 -84.66 -31.62
C GLU G 736 41.83 -83.27 -32.14
N ILE G 737 40.66 -82.76 -31.75
CA ILE G 737 40.32 -81.35 -31.92
C ILE G 737 40.38 -80.71 -30.56
N TYR G 738 41.19 -79.68 -30.42
CA TYR G 738 41.31 -79.03 -29.15
C TYR G 738 41.10 -77.58 -29.32
N GLY G 739 41.00 -76.88 -28.20
CA GLY G 739 40.94 -75.41 -28.16
C GLY G 739 40.56 -74.85 -26.80
N PRO G 740 40.53 -73.51 -26.68
CA PRO G 740 39.95 -72.98 -25.45
C PRO G 740 38.49 -73.38 -25.36
N GLU G 741 37.95 -73.31 -24.15
CA GLU G 741 36.49 -73.38 -23.98
C GLU G 741 35.81 -72.28 -24.85
N SER G 742 34.57 -72.54 -25.27
CA SER G 742 33.81 -71.61 -26.09
C SER G 742 34.59 -71.13 -27.29
N SER G 743 35.17 -72.05 -28.05
CA SER G 743 35.93 -71.70 -29.26
C SER G 743 35.12 -71.98 -30.52
N GLY G 744 34.53 -73.18 -30.52
CA GLY G 744 33.75 -73.68 -31.63
C GLY G 744 33.89 -75.17 -31.68
N LYS G 745 34.77 -75.67 -30.83
CA LYS G 745 35.18 -77.05 -30.92
C LYS G 745 34.00 -78.01 -30.93
N THR G 746 32.95 -77.69 -30.20
CA THR G 746 31.79 -78.57 -30.24
C THR G 746 30.97 -78.37 -31.52
N THR G 747 30.75 -77.12 -31.93
CA THR G 747 29.95 -76.87 -33.14
C THR G 747 30.46 -77.76 -34.26
N LEU G 748 31.77 -77.70 -34.47
CA LEU G 748 32.48 -78.47 -35.46
C LEU G 748 32.31 -79.94 -35.18
N THR G 749 32.55 -80.35 -33.95
CA THR G 749 32.30 -81.71 -33.50
C THR G 749 30.91 -82.17 -33.90
N LEU G 750 29.91 -81.36 -33.67
CA LEU G 750 28.55 -81.76 -33.98
C LEU G 750 28.30 -81.77 -35.45
N GLN G 751 29.05 -80.96 -36.16
CA GLN G 751 28.89 -80.80 -37.61
C GLN G 751 29.30 -82.04 -38.40
N VAL G 752 30.33 -82.72 -37.91
CA VAL G 752 30.81 -83.94 -38.53
C VAL G 752 29.82 -85.06 -38.24
N ILE G 753 29.32 -85.10 -37.02
CA ILE G 753 28.29 -86.07 -36.63
C ILE G 753 27.06 -85.93 -37.52
N ALA G 754 26.84 -84.71 -37.99
CA ALA G 754 25.75 -84.41 -38.92
C ALA G 754 26.07 -84.95 -40.29
N ALA G 755 27.12 -84.40 -40.88
CA ALA G 755 27.54 -84.76 -42.24
C ALA G 755 27.68 -86.26 -42.44
N ALA G 756 27.96 -86.95 -41.34
CA ALA G 756 28.07 -88.40 -41.36
C ALA G 756 26.69 -89.04 -41.42
N GLN G 757 25.77 -88.53 -40.60
CA GLN G 757 24.44 -89.09 -40.48
C GLN G 757 23.61 -88.90 -41.74
N ARG G 758 24.04 -87.97 -42.58
CA ARG G 758 23.37 -87.72 -43.85
C ARG G 758 24.06 -88.46 -45.01
N GLU G 759 24.85 -89.48 -44.68
CA GLU G 759 25.40 -90.36 -45.68
C GLU G 759 25.04 -91.77 -45.29
N GLY G 760 24.32 -91.88 -44.17
CA GLY G 760 23.93 -93.17 -43.61
C GLY G 760 24.71 -93.55 -42.36
N LYS G 761 26.04 -93.47 -42.46
CA LYS G 761 27.00 -93.89 -41.42
C LYS G 761 26.57 -93.41 -40.03
N THR G 762 26.43 -94.32 -39.06
CA THR G 762 25.90 -93.95 -37.74
C THR G 762 26.98 -93.79 -36.69
N CYS G 763 26.69 -92.87 -35.75
CA CYS G 763 27.69 -92.29 -34.87
C CYS G 763 27.38 -92.45 -33.40
N ALA G 764 28.43 -92.30 -32.60
CA ALA G 764 28.32 -92.42 -31.17
C ALA G 764 28.98 -91.26 -30.47
N PHE G 765 28.37 -90.86 -29.36
CA PHE G 765 28.77 -89.71 -28.60
C PHE G 765 28.94 -90.11 -27.14
N ILE G 766 30.18 -90.13 -26.70
CA ILE G 766 30.49 -90.47 -25.33
C ILE G 766 30.56 -89.18 -24.56
N ASP G 767 29.73 -89.06 -23.51
CA ASP G 767 29.63 -87.79 -22.77
C ASP G 767 30.08 -87.79 -21.32
N ALA G 768 31.18 -87.10 -21.07
CA ALA G 768 31.64 -86.88 -19.72
C ALA G 768 31.33 -85.45 -19.30
N GLU G 769 30.86 -84.65 -20.25
CA GLU G 769 30.62 -83.20 -20.08
C GLU G 769 29.18 -82.86 -19.68
N HIS G 770 28.24 -83.60 -20.26
CA HIS G 770 26.82 -83.36 -20.06
C HIS G 770 26.55 -81.92 -20.46
N ALA G 771 26.78 -81.67 -21.74
CA ALA G 771 26.73 -80.34 -22.31
C ALA G 771 25.62 -80.27 -23.35
N LEU G 772 25.99 -80.70 -24.55
CA LEU G 772 25.13 -80.90 -25.72
C LEU G 772 23.73 -80.25 -25.71
N ASP G 773 23.56 -79.25 -26.57
CA ASP G 773 22.25 -78.66 -26.77
C ASP G 773 21.52 -79.39 -27.89
N PRO G 774 20.54 -80.20 -27.52
CA PRO G 774 19.80 -80.94 -28.53
C PRO G 774 19.32 -79.99 -29.62
N ILE G 775 18.64 -78.94 -29.21
CA ILE G 775 18.02 -78.00 -30.13
C ILE G 775 19.03 -77.42 -31.12
N TYR G 776 20.20 -77.00 -30.62
CA TYR G 776 21.27 -76.51 -31.48
C TYR G 776 21.73 -77.60 -32.46
N ALA G 777 21.86 -78.84 -31.98
CA ALA G 777 22.30 -79.91 -32.85
C ALA G 777 21.25 -80.09 -33.92
N ARG G 778 19.98 -80.08 -33.51
CA ARG G 778 18.87 -80.30 -34.43
C ARG G 778 18.94 -79.26 -35.55
N LYS G 779 19.19 -78.00 -35.19
CA LYS G 779 19.24 -76.95 -36.19
C LYS G 779 20.55 -76.97 -36.96
N LEU G 780 21.57 -77.64 -36.41
CA LEU G 780 22.83 -77.81 -37.12
C LEU G 780 22.71 -78.88 -38.19
N GLY G 781 21.79 -79.81 -37.94
CA GLY G 781 21.47 -80.89 -38.88
C GLY G 781 21.70 -82.33 -38.39
N VAL G 782 21.64 -82.52 -37.06
CA VAL G 782 21.89 -83.82 -36.46
C VAL G 782 20.60 -84.55 -36.21
N ASP G 783 20.54 -85.80 -36.67
CA ASP G 783 19.42 -86.67 -36.34
C ASP G 783 19.66 -87.18 -34.93
N ILE G 784 19.19 -86.39 -33.98
CA ILE G 784 19.41 -86.68 -32.58
C ILE G 784 18.85 -88.02 -32.21
N ASP G 785 17.67 -88.31 -32.72
CA ASP G 785 16.97 -89.52 -32.37
C ASP G 785 17.84 -90.77 -32.57
N ASN G 786 18.59 -90.79 -33.68
CA ASN G 786 19.38 -91.97 -34.10
C ASN G 786 20.88 -91.86 -33.79
N LEU G 787 21.22 -90.92 -32.92
CA LEU G 787 22.59 -90.75 -32.47
C LEU G 787 22.75 -91.57 -31.23
N LEU G 788 23.95 -92.07 -30.99
CA LEU G 788 24.19 -92.87 -29.81
C LEU G 788 24.88 -92.08 -28.75
N CYS G 789 24.31 -92.13 -27.55
CA CYS G 789 24.89 -91.42 -26.44
C CYS G 789 25.27 -92.35 -25.33
N SER G 790 26.39 -92.05 -24.69
CA SER G 790 26.90 -92.85 -23.58
C SER G 790 27.47 -92.01 -22.47
N GLN G 791 26.74 -91.99 -21.35
CA GLN G 791 27.11 -91.20 -20.21
C GLN G 791 27.76 -92.08 -19.17
N PRO G 792 29.07 -92.29 -19.31
CA PRO G 792 29.77 -93.30 -18.57
C PRO G 792 30.06 -92.85 -17.16
N ASP G 793 30.37 -93.83 -16.32
CA ASP G 793 30.70 -93.66 -14.90
C ASP G 793 32.19 -93.32 -14.69
N THR G 794 33.07 -93.97 -15.44
CA THR G 794 34.50 -93.69 -15.35
C THR G 794 35.15 -93.48 -16.69
N GLY G 795 36.12 -92.58 -16.70
CA GLY G 795 36.94 -92.37 -17.88
C GLY G 795 37.35 -93.70 -18.47
N GLU G 796 38.00 -94.53 -17.65
CA GLU G 796 38.35 -95.88 -18.06
C GLU G 796 37.16 -96.45 -18.81
N GLN G 797 36.07 -96.70 -18.09
CA GLN G 797 34.87 -97.28 -18.67
C GLN G 797 34.55 -96.60 -20.01
N ALA G 798 34.56 -95.28 -20.00
CA ALA G 798 34.27 -94.54 -21.21
C ALA G 798 35.09 -95.09 -22.34
N LEU G 799 36.41 -95.06 -22.18
CA LEU G 799 37.30 -95.53 -23.23
C LEU G 799 36.93 -96.94 -23.63
N GLU G 800 36.82 -97.81 -22.63
CA GLU G 800 36.57 -99.24 -22.85
C GLU G 800 35.29 -99.47 -23.66
N ILE G 801 34.39 -98.49 -23.60
CA ILE G 801 33.17 -98.58 -24.37
C ILE G 801 33.52 -98.40 -25.86
N CYS G 802 34.32 -97.38 -26.14
CA CYS G 802 34.79 -97.17 -27.48
C CYS G 802 35.40 -98.48 -28.00
N ASP G 803 36.21 -99.13 -27.16
CA ASP G 803 36.86 -100.38 -27.50
C ASP G 803 35.94 -101.29 -28.30
N ALA G 804 34.87 -101.73 -27.66
CA ALA G 804 33.95 -102.67 -28.30
C ALA G 804 33.04 -101.96 -29.31
N LEU G 805 32.96 -100.62 -29.24
CA LEU G 805 32.24 -99.87 -30.26
C LEU G 805 33.06 -99.85 -31.52
N ALA G 806 34.37 -100.00 -31.36
CA ALA G 806 35.27 -100.16 -32.48
C ALA G 806 35.07 -101.54 -33.11
N ARG G 807 35.15 -102.60 -32.30
CA ARG G 807 34.85 -103.96 -32.76
C ARG G 807 33.34 -104.15 -32.96
N SER G 808 32.81 -103.51 -33.99
CA SER G 808 31.44 -103.69 -34.44
C SER G 808 31.39 -103.41 -35.93
N GLY G 809 32.14 -102.36 -36.33
CA GLY G 809 32.26 -101.92 -37.72
C GLY G 809 31.04 -101.14 -38.17
N ALA G 810 30.12 -100.99 -37.20
CA ALA G 810 28.81 -100.39 -37.41
C ALA G 810 28.69 -99.03 -36.71
N VAL G 811 29.66 -98.73 -35.86
CA VAL G 811 29.83 -97.38 -35.40
C VAL G 811 30.92 -96.83 -36.31
N ASP G 812 30.60 -95.79 -37.07
CA ASP G 812 31.55 -95.25 -38.04
C ASP G 812 32.22 -93.98 -37.55
N VAL G 813 31.68 -93.44 -36.47
CA VAL G 813 32.21 -92.23 -35.88
C VAL G 813 31.88 -92.17 -34.42
N ILE G 814 32.93 -92.13 -33.63
CA ILE G 814 32.81 -91.94 -32.20
C ILE G 814 33.32 -90.54 -31.86
N VAL G 815 32.57 -89.82 -31.01
CA VAL G 815 33.01 -88.53 -30.50
C VAL G 815 33.05 -88.50 -28.97
N VAL G 816 34.15 -87.96 -28.45
CA VAL G 816 34.43 -87.95 -27.02
C VAL G 816 34.57 -86.52 -26.46
N ASP G 817 33.61 -86.17 -25.61
CA ASP G 817 33.53 -84.87 -24.96
C ASP G 817 33.67 -85.14 -23.47
N SER G 818 34.83 -84.88 -22.86
CA SER G 818 36.03 -84.43 -23.53
C SER G 818 37.18 -84.96 -22.73
N VAL G 819 38.35 -85.01 -23.38
CA VAL G 819 39.56 -85.59 -22.78
C VAL G 819 39.78 -85.20 -21.35
N ALA G 820 39.82 -83.90 -21.08
CA ALA G 820 40.09 -83.41 -19.72
C ALA G 820 39.09 -83.96 -18.69
N ALA G 821 37.83 -84.11 -19.11
CA ALA G 821 36.74 -84.57 -18.25
C ALA G 821 36.67 -86.10 -18.03
N LEU G 822 37.40 -86.86 -18.85
CA LEU G 822 37.53 -88.33 -18.67
C LEU G 822 38.31 -88.68 -17.43
N THR G 823 37.92 -88.09 -16.31
CA THR G 823 38.65 -88.25 -15.07
C THR G 823 38.46 -89.69 -14.54
N PRO G 824 39.59 -90.37 -14.24
CA PRO G 824 39.73 -91.79 -13.93
C PRO G 824 39.08 -92.25 -12.64
N LYS G 825 39.03 -93.57 -12.46
CA LYS G 825 38.40 -94.19 -11.30
C LYS G 825 39.18 -93.84 -10.07
N ALA G 826 40.49 -93.88 -10.23
CA ALA G 826 41.41 -93.51 -9.18
C ALA G 826 41.05 -92.15 -8.54
N GLU G 827 40.69 -91.19 -9.40
CA GLU G 827 40.36 -89.82 -8.96
C GLU G 827 38.92 -89.77 -8.48
N ILE G 828 38.07 -90.63 -9.03
CA ILE G 828 36.71 -90.74 -8.55
C ILE G 828 36.74 -91.28 -7.11
N GLU G 829 37.95 -91.73 -6.74
CA GLU G 829 38.30 -92.27 -5.41
C GLU G 829 39.66 -91.73 -4.87
N GLY G 838 45.49 -84.74 -11.80
CA GLY G 838 46.91 -84.69 -11.44
C GLY G 838 47.79 -85.60 -12.28
N LEU G 839 47.99 -86.82 -11.78
CA LEU G 839 48.94 -87.82 -12.36
C LEU G 839 48.39 -88.84 -13.46
N ALA G 840 47.15 -89.33 -13.27
CA ALA G 840 46.58 -90.36 -14.15
C ALA G 840 46.13 -89.86 -15.56
N ALA G 841 47.04 -89.19 -16.25
CA ALA G 841 46.95 -89.07 -17.68
C ALA G 841 47.40 -90.41 -18.27
N ARG G 842 47.80 -91.32 -17.38
CA ARG G 842 48.25 -92.70 -17.69
C ARG G 842 47.13 -93.53 -18.26
N MET G 843 45.93 -93.29 -17.75
CA MET G 843 44.70 -93.92 -18.21
C MET G 843 44.54 -93.68 -19.70
N MET G 844 44.73 -92.43 -20.11
CA MET G 844 44.71 -92.09 -21.52
C MET G 844 45.74 -92.92 -22.30
N SER G 845 46.89 -93.15 -21.69
CA SER G 845 47.98 -93.83 -22.36
C SER G 845 47.63 -95.29 -22.58
N GLN G 846 46.81 -95.82 -21.68
CA GLN G 846 46.56 -97.25 -21.59
C GLN G 846 45.90 -97.84 -22.84
N ALA G 847 44.57 -97.98 -22.78
CA ALA G 847 43.78 -98.61 -23.84
C ALA G 847 43.86 -97.80 -25.14
N MET G 848 44.76 -96.82 -25.16
CA MET G 848 44.99 -96.02 -26.32
C MET G 848 45.47 -96.87 -27.49
N ARG G 849 46.62 -97.53 -27.32
CA ARG G 849 47.28 -98.26 -28.41
C ARG G 849 46.42 -99.38 -28.97
N LYS G 850 45.66 -100.05 -28.10
CA LYS G 850 44.78 -101.15 -28.52
C LYS G 850 43.62 -100.63 -29.37
N LEU G 851 43.12 -99.46 -28.99
CA LEU G 851 42.00 -98.84 -29.68
C LEU G 851 42.43 -98.36 -31.06
N ALA G 852 43.70 -97.96 -31.14
CA ALA G 852 44.28 -97.46 -32.39
C ALA G 852 43.99 -98.41 -33.55
N GLY G 853 44.31 -99.68 -33.35
CA GLY G 853 44.14 -100.72 -34.37
C GLY G 853 42.69 -101.04 -34.70
N ASN G 854 41.89 -101.29 -33.67
CA ASN G 854 40.51 -101.75 -33.84
C ASN G 854 39.69 -100.87 -34.79
N LEU G 855 40.21 -99.68 -35.08
CA LEU G 855 39.51 -98.72 -35.89
C LEU G 855 39.76 -98.83 -37.40
N LYS G 856 40.97 -99.20 -37.77
CA LYS G 856 41.32 -99.46 -39.17
C LYS G 856 40.52 -100.64 -39.77
N GLN G 857 40.13 -101.59 -38.91
CA GLN G 857 39.33 -102.77 -39.28
C GLN G 857 37.82 -102.56 -39.07
N SER G 858 37.41 -101.28 -39.02
CA SER G 858 36.03 -100.89 -38.77
C SER G 858 35.69 -99.63 -39.54
N ASN G 859 36.75 -98.94 -39.96
CA ASN G 859 36.67 -97.56 -40.44
C ASN G 859 36.17 -96.60 -39.33
N THR G 860 36.00 -97.17 -38.12
CA THR G 860 35.52 -96.40 -36.96
C THR G 860 36.39 -95.17 -36.68
N LEU G 861 35.91 -94.01 -37.09
CA LEU G 861 36.60 -92.74 -36.87
C LEU G 861 36.33 -92.19 -35.47
N LEU G 862 37.38 -92.05 -34.68
CA LEU G 862 37.22 -91.53 -33.35
C LEU G 862 37.84 -90.16 -33.25
N ILE G 863 37.03 -89.23 -32.70
CA ILE G 863 37.39 -87.84 -32.42
C ILE G 863 37.41 -87.55 -30.92
N PHE G 864 38.53 -87.00 -30.47
CA PHE G 864 38.70 -86.53 -29.11
C PHE G 864 38.59 -84.98 -29.02
N ILE G 865 38.28 -84.46 -27.83
CA ILE G 865 38.26 -83.02 -27.60
C ILE G 865 39.03 -82.61 -26.33
N ASN G 866 39.97 -81.69 -26.46
CA ASN G 866 40.86 -81.33 -25.34
C ASN G 866 40.72 -79.80 -25.08
N GLN G 867 41.51 -79.25 -24.12
CA GLN G 867 41.71 -77.77 -23.80
C GLN G 867 43.21 -77.30 -23.63
N GLY G 884 44.71 -82.88 -20.67
CA GLY G 884 44.86 -84.15 -21.39
C GLY G 884 46.21 -84.88 -21.22
N GLY G 885 46.36 -86.11 -21.78
CA GLY G 885 47.59 -86.95 -21.62
C GLY G 885 48.47 -87.11 -22.86
N ASN G 886 49.78 -87.33 -22.65
CA ASN G 886 50.80 -87.26 -23.72
C ASN G 886 50.61 -88.18 -24.94
N ALA G 887 49.95 -89.31 -24.72
CA ALA G 887 49.80 -90.33 -25.76
C ALA G 887 49.05 -89.84 -27.00
N LEU G 888 47.94 -89.15 -26.76
CA LEU G 888 47.08 -88.71 -27.82
C LEU G 888 47.82 -87.95 -28.87
N LYS G 889 48.69 -87.04 -28.43
CA LYS G 889 49.52 -86.19 -29.31
C LYS G 889 50.12 -86.97 -30.48
N PHE G 890 50.38 -88.24 -30.26
CA PHE G 890 51.07 -89.03 -31.24
C PHE G 890 50.14 -89.96 -31.99
N TYR G 891 49.34 -90.76 -31.27
CA TYR G 891 48.46 -91.72 -31.94
C TYR G 891 47.38 -91.07 -32.82
N ALA G 892 47.18 -89.76 -32.63
CA ALA G 892 46.31 -88.99 -33.50
C ALA G 892 46.88 -88.97 -34.90
N SER G 893 46.00 -89.07 -35.89
CA SER G 893 46.45 -89.02 -37.27
C SER G 893 46.26 -87.61 -37.76
N VAL G 894 45.27 -86.93 -37.16
CA VAL G 894 45.03 -85.53 -37.45
C VAL G 894 44.69 -84.74 -36.19
N ARG G 895 45.38 -83.62 -35.98
CA ARG G 895 45.13 -82.73 -34.86
C ARG G 895 44.76 -81.32 -35.30
N LEU G 896 43.57 -80.91 -34.84
CA LEU G 896 42.97 -79.62 -35.18
C LEU G 896 43.02 -78.56 -34.07
N ASP G 897 43.30 -77.32 -34.47
CA ASP G 897 43.39 -76.17 -33.53
C ASP G 897 42.33 -75.13 -33.83
N ILE G 898 41.25 -75.15 -33.07
CA ILE G 898 40.22 -74.15 -33.23
C ILE G 898 40.40 -73.11 -32.17
N ARG G 899 40.30 -71.85 -32.57
CA ARG G 899 40.33 -70.70 -31.65
C ARG G 899 39.28 -69.71 -32.17
N ARG G 900 38.66 -68.95 -31.28
CA ARG G 900 37.73 -67.94 -31.75
C ARG G 900 38.48 -66.61 -31.80
N ILE G 901 38.35 -65.86 -32.90
CA ILE G 901 39.13 -64.62 -33.02
C ILE G 901 38.38 -63.29 -33.00
N GLY G 902 37.23 -63.22 -33.66
CA GLY G 902 36.53 -61.95 -33.88
C GLY G 902 35.11 -61.84 -33.33
N ALA G 903 34.16 -61.79 -34.25
CA ALA G 903 32.74 -61.60 -33.92
C ALA G 903 32.02 -61.05 -35.14
N VAL G 904 30.75 -61.37 -35.28
CA VAL G 904 30.00 -60.91 -36.44
C VAL G 904 28.76 -60.13 -36.05
N LYS G 905 28.68 -58.91 -36.59
CA LYS G 905 27.61 -58.00 -36.23
C LYS G 905 26.59 -57.76 -37.37
N GLU G 906 25.31 -57.93 -37.05
CA GLU G 906 24.16 -57.62 -37.94
C GLU G 906 23.60 -56.27 -37.57
N GLY G 907 24.06 -55.26 -38.30
CA GLY G 907 23.85 -53.86 -37.93
C GLY G 907 24.70 -53.56 -36.71
N GLU G 908 24.18 -53.93 -35.54
CA GLU G 908 24.87 -53.74 -34.27
C GLU G 908 24.32 -54.75 -33.26
N ASN G 909 24.78 -56.00 -33.39
CA ASN G 909 24.27 -57.09 -32.59
C ASN G 909 25.14 -58.35 -32.74
N VAL G 910 25.74 -58.79 -31.63
CA VAL G 910 26.68 -59.94 -31.63
C VAL G 910 25.98 -61.23 -32.04
N VAL G 911 26.02 -61.59 -33.31
CA VAL G 911 25.32 -62.82 -33.75
C VAL G 911 26.26 -63.92 -34.29
N GLY G 912 27.57 -63.69 -34.19
CA GLY G 912 28.55 -64.66 -34.68
C GLY G 912 29.98 -64.57 -34.16
N SER G 913 30.65 -65.72 -34.19
CA SER G 913 32.05 -65.83 -33.80
C SER G 913 32.91 -66.16 -35.03
N GLU G 914 33.89 -65.32 -35.32
CA GLU G 914 34.80 -65.59 -36.42
C GLU G 914 35.89 -66.54 -35.92
N THR G 915 35.90 -67.75 -36.48
CA THR G 915 36.81 -68.78 -36.02
C THR G 915 37.95 -69.05 -37.00
N ARG G 916 38.97 -69.75 -36.50
CA ARG G 916 40.17 -70.10 -37.26
C ARG G 916 40.62 -71.51 -36.86
N VAL G 917 40.68 -72.41 -37.83
CA VAL G 917 41.11 -73.76 -37.60
C VAL G 917 42.45 -73.99 -38.28
N LYS G 918 43.40 -74.47 -37.48
CA LYS G 918 44.75 -74.73 -37.93
C LYS G 918 45.06 -76.24 -37.80
N VAL G 919 45.43 -76.88 -38.90
CA VAL G 919 45.74 -78.30 -38.88
C VAL G 919 47.17 -78.43 -38.46
N VAL G 920 47.42 -78.65 -37.18
CA VAL G 920 48.80 -78.62 -36.70
C VAL G 920 49.48 -79.95 -36.78
N LYS G 921 48.68 -81.02 -36.79
CA LYS G 921 49.23 -82.33 -37.07
C LYS G 921 48.46 -83.02 -38.18
N ASN G 922 49.17 -83.47 -39.22
CA ASN G 922 48.52 -84.08 -40.37
C ASN G 922 49.33 -85.18 -41.03
N LYS G 923 49.08 -86.41 -40.61
CA LYS G 923 49.68 -87.57 -41.24
C LYS G 923 48.66 -88.20 -42.21
N ILE G 924 47.98 -87.36 -42.99
CA ILE G 924 47.10 -87.83 -44.05
C ILE G 924 47.44 -87.13 -45.34
N ALA G 925 47.96 -85.92 -45.20
CA ALA G 925 48.41 -85.10 -46.33
C ALA G 925 49.30 -83.98 -45.84
N ALA G 926 49.13 -82.81 -46.44
CA ALA G 926 49.92 -81.66 -46.07
C ALA G 926 49.52 -81.03 -44.71
N PRO G 927 50.48 -80.95 -43.77
CA PRO G 927 50.25 -80.34 -42.48
C PRO G 927 50.54 -78.85 -42.42
N PHE G 928 49.96 -78.17 -41.44
CA PHE G 928 50.24 -76.77 -41.11
C PHE G 928 49.42 -75.76 -41.89
N LYS G 929 48.64 -76.26 -42.84
CA LYS G 929 47.74 -75.42 -43.63
C LYS G 929 46.53 -75.03 -42.78
N GLN G 930 45.95 -73.86 -43.05
CA GLN G 930 44.88 -73.27 -42.21
C GLN G 930 43.63 -72.77 -42.95
N ALA G 931 42.57 -72.56 -42.17
CA ALA G 931 41.27 -72.23 -42.75
C ALA G 931 40.46 -71.39 -41.79
N GLU G 932 39.95 -70.26 -42.28
CA GLU G 932 39.10 -69.32 -41.49
C GLU G 932 37.65 -69.30 -41.98
N PHE G 933 36.70 -69.25 -41.05
CA PHE G 933 35.29 -69.30 -41.43
C PHE G 933 34.39 -68.78 -40.30
N GLN G 934 33.12 -68.60 -40.63
CA GLN G 934 32.14 -68.06 -39.68
C GLN G 934 31.30 -69.14 -39.00
N ILE G 935 31.00 -68.93 -37.71
CA ILE G 935 29.99 -69.71 -36.98
C ILE G 935 28.88 -68.81 -36.51
N LEU G 936 27.65 -69.14 -36.88
CA LEU G 936 26.52 -68.32 -36.50
C LEU G 936 25.62 -68.98 -35.49
N TYR G 937 25.33 -68.25 -34.42
CA TYR G 937 24.43 -68.70 -33.36
C TYR G 937 23.16 -69.23 -33.99
N GLY G 938 22.87 -70.51 -33.79
CA GLY G 938 21.60 -71.10 -34.24
C GLY G 938 21.47 -71.45 -35.70
N GLU G 939 22.61 -71.54 -36.40
CA GLU G 939 22.63 -72.00 -37.80
C GLU G 939 23.93 -72.80 -38.04
N GLY G 940 24.99 -72.43 -37.33
CA GLY G 940 26.25 -73.18 -37.39
C GLY G 940 27.26 -72.68 -38.40
N ILE G 941 28.18 -73.57 -38.78
CA ILE G 941 29.21 -73.23 -39.75
C ILE G 941 28.58 -72.60 -40.97
N ASN G 942 29.20 -71.54 -41.44
CA ASN G 942 28.63 -70.76 -42.53
C ASN G 942 29.10 -71.15 -43.93
N PHE G 943 28.48 -72.20 -44.46
CA PHE G 943 28.83 -72.84 -45.73
C PHE G 943 29.09 -71.80 -46.81
N TYR G 944 28.12 -70.92 -46.99
CA TYR G 944 28.12 -69.99 -48.08
C TYR G 944 29.16 -68.92 -47.88
N GLY G 945 29.35 -68.57 -46.62
CA GLY G 945 30.28 -67.52 -46.25
C GLY G 945 31.71 -67.75 -46.70
N GLU G 946 32.18 -68.97 -46.46
CA GLU G 946 33.49 -69.35 -46.96
C GLU G 946 33.38 -69.65 -48.46
N LEU G 947 32.20 -70.02 -48.93
CA LEU G 947 32.06 -70.37 -50.34
C LEU G 947 32.33 -69.19 -51.22
N VAL G 948 31.83 -68.04 -50.82
CA VAL G 948 32.09 -66.81 -51.54
C VAL G 948 33.56 -66.54 -51.61
N ASP G 949 34.20 -66.47 -50.46
CA ASP G 949 35.66 -66.25 -50.37
C ASP G 949 36.48 -67.18 -51.29
N LEU G 950 36.08 -68.45 -51.36
CA LEU G 950 36.79 -69.44 -52.16
C LEU G 950 36.72 -69.06 -53.62
N GLY G 951 35.53 -68.67 -54.06
CA GLY G 951 35.30 -68.32 -55.46
C GLY G 951 35.94 -67.02 -55.91
N VAL G 952 36.43 -66.26 -54.95
CA VAL G 952 37.17 -65.04 -55.24
C VAL G 952 38.62 -65.40 -55.49
N LYS G 953 39.14 -66.29 -54.65
CA LYS G 953 40.53 -66.73 -54.76
C LYS G 953 40.69 -67.82 -55.82
N GLU G 954 39.57 -68.36 -56.33
CA GLU G 954 39.61 -69.27 -57.47
C GLU G 954 38.93 -68.70 -58.71
N LYS G 955 38.76 -67.38 -58.70
CA LYS G 955 38.45 -66.59 -59.89
C LYS G 955 37.12 -66.87 -60.58
N LEU G 956 36.24 -67.58 -59.87
CA LEU G 956 34.88 -67.78 -60.33
C LEU G 956 33.98 -66.57 -60.05
N ILE G 957 34.31 -65.83 -58.98
CA ILE G 957 33.62 -64.61 -58.61
C ILE G 957 34.60 -63.45 -58.55
N GLU G 958 34.20 -62.32 -59.11
CA GLU G 958 35.15 -61.27 -59.43
C GLU G 958 35.01 -60.06 -58.52
N LYS G 959 36.10 -59.73 -57.83
CA LYS G 959 36.13 -58.60 -56.90
C LYS G 959 36.47 -57.29 -57.61
N ALA G 960 35.48 -56.41 -57.74
CA ALA G 960 35.67 -55.05 -58.32
C ALA G 960 35.88 -53.98 -57.22
N GLY G 961 36.87 -54.24 -56.35
CA GLY G 961 37.12 -53.43 -55.15
C GLY G 961 36.17 -53.78 -54.00
N ALA G 962 34.92 -53.32 -54.14
CA ALA G 962 33.84 -53.56 -53.17
C ALA G 962 32.69 -54.40 -53.75
N TRP G 963 32.67 -54.54 -55.08
CA TRP G 963 31.58 -55.20 -55.79
C TRP G 963 31.87 -56.68 -56.08
N TYR G 964 30.82 -57.49 -56.03
CA TYR G 964 30.93 -58.92 -56.22
C TYR G 964 30.18 -59.44 -57.47
N SER G 965 30.93 -59.83 -58.49
CA SER G 965 30.33 -60.22 -59.77
C SER G 965 30.48 -61.71 -60.08
N TYR G 966 29.43 -62.32 -60.62
CA TYR G 966 29.49 -63.69 -61.16
C TYR G 966 29.32 -63.74 -62.68
N LYS G 967 30.41 -63.45 -63.37
CA LYS G 967 30.49 -63.42 -64.84
C LYS G 967 29.38 -62.59 -65.54
N GLY G 968 29.64 -61.30 -65.72
CA GLY G 968 28.68 -60.34 -66.31
C GLY G 968 27.67 -59.81 -65.30
N GLU G 969 26.96 -60.75 -64.68
CA GLU G 969 26.03 -60.55 -63.55
C GLU G 969 26.67 -60.00 -62.24
N LYS G 970 26.12 -58.90 -61.70
CA LYS G 970 26.57 -58.32 -60.43
C LYS G 970 25.69 -58.85 -59.30
N ILE G 971 26.28 -59.60 -58.39
CA ILE G 971 25.51 -60.34 -57.38
C ILE G 971 25.54 -59.81 -55.94
N GLY G 972 26.38 -58.83 -55.67
CA GLY G 972 26.44 -58.24 -54.33
C GLY G 972 27.46 -57.12 -54.12
N GLN G 973 27.28 -56.39 -53.02
CA GLN G 973 28.15 -55.29 -52.65
C GLN G 973 28.45 -55.43 -51.17
N GLY G 974 29.73 -55.59 -50.84
CA GLY G 974 30.15 -55.91 -49.46
C GLY G 974 29.94 -57.38 -49.17
N LYS G 975 31.01 -58.06 -48.76
CA LYS G 975 31.00 -59.53 -48.57
C LYS G 975 29.63 -60.05 -48.12
N ALA G 976 29.05 -59.41 -47.11
CA ALA G 976 27.80 -59.83 -46.53
C ALA G 976 26.69 -60.03 -47.55
N ASN G 977 26.28 -58.94 -48.18
CA ASN G 977 25.17 -58.95 -49.10
C ASN G 977 25.35 -59.96 -50.23
N ALA G 978 26.61 -60.30 -50.51
CA ALA G 978 26.92 -61.28 -51.54
C ALA G 978 26.75 -62.64 -50.94
N THR G 979 27.28 -62.81 -49.74
CA THR G 979 27.17 -64.07 -49.06
C THR G 979 25.74 -64.50 -49.21
N ALA G 980 24.84 -63.72 -48.64
CA ALA G 980 23.45 -64.12 -48.57
C ALA G 980 22.70 -64.04 -49.92
N TRP G 981 23.46 -64.12 -51.02
CA TRP G 981 22.82 -64.19 -52.33
C TRP G 981 22.91 -65.61 -52.88
N LEU G 982 23.97 -66.30 -52.51
CA LEU G 982 24.05 -67.69 -52.83
C LEU G 982 23.00 -68.44 -52.04
N LYS G 983 22.64 -67.91 -50.89
CA LYS G 983 21.58 -68.47 -50.04
C LYS G 983 20.21 -68.30 -50.70
N ASP G 984 20.14 -67.40 -51.67
CA ASP G 984 18.89 -67.04 -52.30
C ASP G 984 18.58 -67.89 -53.55
N ASN G 985 19.62 -68.30 -54.28
CA ASN G 985 19.46 -69.30 -55.36
C ASN G 985 20.53 -70.42 -55.36
N PRO G 986 20.26 -71.55 -54.64
CA PRO G 986 21.23 -72.65 -54.47
C PRO G 986 21.57 -73.33 -55.79
N GLU G 987 20.98 -72.83 -56.89
CA GLU G 987 21.23 -73.34 -58.23
C GLU G 987 22.70 -73.12 -58.60
N THR G 988 23.10 -71.85 -58.61
CA THR G 988 24.44 -71.45 -59.01
C THR G 988 25.43 -71.82 -57.92
N ALA G 989 24.92 -71.97 -56.71
CA ALA G 989 25.74 -72.30 -55.57
C ALA G 989 26.34 -73.66 -55.79
N LYS G 990 25.44 -74.65 -55.85
CA LYS G 990 25.80 -76.05 -55.98
C LYS G 990 26.70 -76.31 -57.20
N GLU G 991 26.70 -75.37 -58.15
CA GLU G 991 27.58 -75.43 -59.32
C GLU G 991 28.98 -74.98 -58.93
N ILE G 992 29.08 -73.82 -58.30
CA ILE G 992 30.36 -73.29 -57.91
C ILE G 992 30.94 -74.13 -56.80
N GLU G 993 30.08 -74.62 -55.91
CA GLU G 993 30.49 -75.57 -54.88
C GLU G 993 31.42 -76.62 -55.49
N LYS G 994 30.92 -77.32 -56.49
CA LYS G 994 31.63 -78.42 -57.11
C LYS G 994 32.88 -77.92 -57.85
N LYS G 995 32.72 -76.84 -58.61
CA LYS G 995 33.81 -76.35 -59.46
C LYS G 995 35.05 -75.97 -58.66
N VAL G 996 34.86 -75.75 -57.36
CA VAL G 996 35.96 -75.47 -56.45
C VAL G 996 36.53 -76.75 -55.90
N ARG G 997 35.62 -77.68 -55.62
CA ARG G 997 36.01 -79.03 -55.24
C ARG G 997 36.93 -79.60 -56.31
N GLU G 998 36.57 -79.38 -57.57
CA GLU G 998 37.38 -79.82 -58.71
C GLU G 998 38.74 -79.12 -58.81
N LEU G 999 38.81 -77.88 -58.33
CA LEU G 999 40.04 -77.09 -58.44
C LEU G 999 41.04 -77.22 -57.27
N LEU G 1000 40.60 -77.85 -56.16
CA LEU G 1000 41.49 -78.11 -55.00
C LEU G 1000 41.50 -79.54 -54.39
N LEU G 1001 40.52 -80.38 -54.75
CA LEU G 1001 40.48 -81.82 -54.40
C LEU G 1001 40.79 -82.75 -55.62
N LYS G 1029 25.32 -105.90 -42.56
CA LYS G 1029 23.93 -105.42 -42.37
C LYS G 1029 23.68 -104.95 -40.91
N GLN G 1030 22.41 -104.93 -40.49
CA GLN G 1030 22.02 -104.55 -39.11
C GLN G 1030 22.17 -105.71 -38.12
N LYS G 1031 22.99 -106.68 -38.54
CA LYS G 1031 23.32 -107.91 -37.80
C LYS G 1031 24.34 -107.58 -36.67
N ALA G 1032 25.45 -106.92 -37.04
CA ALA G 1032 26.53 -106.59 -36.11
C ALA G 1032 26.14 -105.48 -35.12
N LEU G 1033 25.18 -104.64 -35.53
CA LEU G 1033 24.70 -103.50 -34.75
C LEU G 1033 23.67 -103.92 -33.70
N ALA G 1034 22.48 -104.29 -34.20
CA ALA G 1034 21.32 -104.64 -33.36
C ALA G 1034 21.60 -105.79 -32.38
N ALA G 1035 22.85 -106.26 -32.35
CA ALA G 1035 23.32 -107.25 -31.37
C ALA G 1035 24.39 -106.70 -30.44
N ALA G 1036 25.49 -106.19 -31.01
CA ALA G 1036 26.62 -105.75 -30.21
C ALA G 1036 26.21 -104.67 -29.21
N LEU G 1037 25.06 -104.03 -29.44
CA LEU G 1037 24.55 -102.99 -28.55
C LEU G 1037 24.42 -103.46 -27.11
N GLY G 1038 23.41 -104.26 -26.84
CA GLY G 1038 23.11 -104.75 -25.49
C GLY G 1038 24.30 -105.41 -24.81
N GLN G 1039 25.23 -105.91 -25.63
CA GLN G 1039 26.45 -106.56 -25.14
C GLN G 1039 27.16 -105.66 -24.17
N ILE G 1040 27.12 -104.37 -24.47
CA ILE G 1040 27.86 -103.39 -23.72
C ILE G 1040 27.12 -103.13 -22.43
N GLU G 1041 25.79 -103.15 -22.51
CA GLU G 1041 24.95 -102.97 -21.34
C GLU G 1041 25.23 -104.08 -20.36
N LYS G 1042 25.39 -105.29 -20.89
CA LYS G 1042 25.65 -106.46 -20.04
C LYS G 1042 27.02 -106.38 -19.39
N GLN G 1043 28.02 -105.95 -20.17
CA GLN G 1043 29.42 -105.94 -19.71
C GLN G 1043 29.70 -104.95 -18.56
N PHE G 1044 28.99 -103.81 -18.54
CA PHE G 1044 29.28 -102.74 -17.59
C PHE G 1044 28.13 -102.42 -16.62
N GLY G 1045 27.21 -101.58 -17.08
CA GLY G 1045 26.01 -101.22 -16.33
C GLY G 1045 24.81 -101.22 -17.25
N LYS G 1046 23.67 -101.64 -16.73
CA LYS G 1046 22.44 -101.76 -17.53
C LYS G 1046 21.89 -100.37 -17.84
N GLY G 1047 22.07 -99.93 -19.08
CA GLY G 1047 21.58 -98.63 -19.54
C GLY G 1047 22.58 -97.49 -19.57
N SER G 1048 23.80 -97.76 -20.01
CA SER G 1048 24.78 -96.69 -20.13
C SER G 1048 25.20 -96.48 -21.56
N ILE G 1049 24.32 -96.85 -22.48
CA ILE G 1049 24.40 -96.43 -23.87
C ILE G 1049 23.01 -96.58 -24.45
N MET G 1050 22.60 -95.65 -25.32
CA MET G 1050 21.34 -95.79 -26.08
C MET G 1050 21.11 -94.81 -27.21
N ARG G 1051 20.11 -95.10 -28.02
CA ARG G 1051 19.61 -94.16 -29.03
C ARG G 1051 18.83 -93.11 -28.25
N LEU G 1052 18.96 -91.85 -28.66
CA LEU G 1052 18.40 -90.74 -27.90
C LEU G 1052 16.90 -90.51 -28.12
N GLY G 1053 16.37 -91.06 -29.21
CA GLY G 1053 14.96 -90.95 -29.51
C GLY G 1053 14.20 -92.21 -29.12
N GLU G 1054 14.40 -92.63 -27.87
CA GLU G 1054 13.89 -93.91 -27.37
C GLU G 1054 12.83 -93.84 -26.28
N ASP G 1055 11.76 -94.60 -26.51
CA ASP G 1055 10.66 -94.80 -25.57
C ASP G 1055 11.15 -95.61 -24.37
N ARG G 1056 11.98 -96.60 -24.69
CA ARG G 1056 12.55 -97.56 -23.73
C ARG G 1056 13.11 -96.91 -22.44
N SER G 1057 12.23 -96.75 -21.45
CA SER G 1057 12.63 -96.48 -20.08
C SER G 1057 12.65 -97.81 -19.32
N MET G 1058 13.20 -97.79 -18.11
CA MET G 1058 13.36 -99.00 -17.33
C MET G 1058 12.40 -99.01 -16.15
N ASP G 1059 12.57 -100.01 -15.29
CA ASP G 1059 11.76 -100.16 -14.08
C ASP G 1059 12.51 -99.61 -12.89
N VAL G 1060 12.05 -98.47 -12.36
CA VAL G 1060 12.46 -98.09 -11.02
C VAL G 1060 11.32 -97.37 -10.35
N GLU G 1061 11.31 -97.44 -9.01
CA GLU G 1061 10.46 -96.58 -8.20
C GLU G 1061 10.86 -95.13 -8.52
N THR G 1062 9.87 -94.34 -8.92
CA THR G 1062 10.08 -92.96 -9.34
C THR G 1062 9.26 -91.99 -8.51
N ILE G 1063 9.92 -91.10 -7.76
CA ILE G 1063 9.19 -90.04 -7.00
C ILE G 1063 8.84 -88.93 -7.96
N SER G 1064 7.66 -88.33 -7.80
CA SER G 1064 7.31 -87.22 -8.68
C SER G 1064 8.22 -86.03 -8.30
N THR G 1065 8.67 -85.27 -9.29
CA THR G 1065 9.61 -84.21 -9.00
C THR G 1065 8.87 -82.99 -8.52
N GLY G 1066 7.56 -83.02 -8.65
CA GLY G 1066 6.73 -81.87 -8.32
C GLY G 1066 6.18 -81.26 -9.60
N SER G 1067 7.04 -81.18 -10.63
CA SER G 1067 6.64 -80.83 -12.02
C SER G 1067 5.87 -81.97 -12.65
N LEU G 1068 5.62 -81.83 -13.95
CA LEU G 1068 4.93 -82.88 -14.68
C LEU G 1068 5.77 -83.10 -15.88
N SER G 1069 6.14 -81.99 -16.51
CA SER G 1069 6.94 -82.06 -17.72
C SER G 1069 8.37 -82.46 -17.37
N LEU G 1070 8.80 -82.20 -16.11
CA LEU G 1070 10.07 -82.68 -15.67
C LEU G 1070 10.03 -84.21 -15.70
N ASP G 1071 8.96 -84.74 -15.13
CA ASP G 1071 8.82 -86.18 -14.96
C ASP G 1071 8.52 -86.85 -16.28
N ILE G 1072 8.30 -86.01 -17.28
CA ILE G 1072 8.15 -86.47 -18.63
C ILE G 1072 9.47 -86.38 -19.34
N ALA G 1073 10.26 -85.38 -18.97
CA ALA G 1073 11.54 -85.19 -19.63
C ALA G 1073 12.54 -86.17 -19.01
N LEU G 1074 12.27 -86.59 -17.78
CA LEU G 1074 13.01 -87.67 -17.18
C LEU G 1074 12.77 -88.90 -18.02
N GLY G 1075 11.51 -89.13 -18.39
CA GLY G 1075 11.11 -90.29 -19.20
C GLY G 1075 10.63 -91.46 -18.34
N ALA G 1076 11.05 -91.41 -17.08
CA ALA G 1076 10.91 -92.50 -16.11
C ALA G 1076 9.67 -92.31 -15.22
N GLY G 1077 9.29 -91.04 -15.07
CA GLY G 1077 8.15 -90.68 -14.22
C GLY G 1077 8.58 -89.82 -13.03
N GLY G 1078 9.88 -89.65 -12.87
CA GLY G 1078 10.42 -88.92 -11.77
C GLY G 1078 11.79 -89.45 -11.42
N LEU G 1079 12.27 -89.06 -10.23
CA LEU G 1079 13.61 -89.39 -9.79
C LEU G 1079 13.73 -90.84 -9.30
N PRO G 1080 14.76 -91.55 -9.81
CA PRO G 1080 15.09 -92.95 -9.57
C PRO G 1080 15.43 -93.24 -8.12
N MET G 1081 14.61 -94.09 -7.51
CA MET G 1081 14.79 -94.43 -6.12
C MET G 1081 16.08 -95.20 -5.90
N GLY G 1082 16.92 -94.65 -5.00
CA GLY G 1082 18.12 -95.31 -4.55
C GLY G 1082 19.26 -95.20 -5.52
N ARG G 1083 19.38 -94.04 -6.16
CA ARG G 1083 20.57 -93.66 -6.94
C ARG G 1083 20.99 -92.29 -6.42
N ILE G 1084 21.84 -91.59 -7.13
CA ILE G 1084 22.08 -90.23 -6.72
C ILE G 1084 21.62 -89.25 -7.78
N VAL G 1085 21.13 -88.10 -7.29
CA VAL G 1085 20.61 -87.06 -8.16
C VAL G 1085 21.15 -85.69 -7.78
N GLU G 1086 21.71 -85.01 -8.77
CA GLU G 1086 22.27 -83.70 -8.54
C GLU G 1086 21.43 -82.69 -9.26
N ILE G 1087 21.02 -81.67 -8.53
CA ILE G 1087 20.39 -80.49 -9.13
C ILE G 1087 21.32 -79.29 -8.99
N TYR G 1088 21.55 -78.57 -10.07
CA TYR G 1088 22.43 -77.47 -9.95
C TYR G 1088 21.90 -76.30 -10.70
N GLY G 1089 22.54 -75.14 -10.48
CA GLY G 1089 22.19 -73.89 -11.11
C GLY G 1089 22.37 -72.70 -10.20
N PRO G 1090 22.49 -71.53 -10.80
CA PRO G 1090 22.69 -70.22 -10.19
C PRO G 1090 21.83 -69.92 -8.99
N GLU G 1091 22.25 -68.91 -8.23
CA GLU G 1091 21.57 -68.52 -7.02
C GLU G 1091 20.25 -67.83 -7.33
N SER G 1092 19.28 -68.11 -6.46
CA SER G 1092 17.92 -67.68 -6.64
C SER G 1092 17.46 -68.20 -7.99
N SER G 1093 17.68 -69.47 -8.26
CA SER G 1093 17.21 -70.02 -9.51
C SER G 1093 15.93 -70.79 -9.24
N GLY G 1094 15.84 -71.32 -8.02
CA GLY G 1094 14.71 -72.11 -7.58
C GLY G 1094 15.11 -73.48 -7.12
N LYS G 1095 16.41 -73.66 -7.01
CA LYS G 1095 17.05 -74.88 -6.58
C LYS G 1095 16.29 -75.57 -5.41
N THR G 1096 16.47 -74.98 -4.22
CA THR G 1096 15.75 -75.31 -2.95
C THR G 1096 14.23 -75.60 -3.16
N THR G 1097 13.49 -74.60 -3.65
CA THR G 1097 12.07 -74.73 -3.94
C THR G 1097 11.76 -76.04 -4.63
N LEU G 1098 12.53 -76.37 -5.68
CA LEU G 1098 12.24 -77.56 -6.47
C LEU G 1098 12.28 -78.73 -5.55
N THR G 1099 13.38 -78.88 -4.82
CA THR G 1099 13.59 -80.01 -3.89
C THR G 1099 12.41 -80.14 -2.92
N LEU G 1100 12.07 -79.02 -2.27
CA LEU G 1100 10.95 -78.95 -1.34
C LEU G 1100 9.63 -79.33 -1.96
N GLN G 1101 9.48 -79.05 -3.25
CA GLN G 1101 8.34 -79.57 -3.99
C GLN G 1101 8.38 -81.10 -4.19
N VAL G 1102 9.57 -81.69 -4.14
CA VAL G 1102 9.71 -83.13 -4.20
C VAL G 1102 9.39 -83.73 -2.84
N ILE G 1103 9.95 -83.11 -1.81
CA ILE G 1103 9.71 -83.52 -0.43
C ILE G 1103 8.24 -83.47 -0.18
N ALA G 1104 7.59 -82.49 -0.78
CA ALA G 1104 6.15 -82.37 -0.67
C ALA G 1104 5.48 -83.64 -1.15
N ALA G 1105 5.79 -84.02 -2.39
CA ALA G 1105 5.09 -85.14 -3.03
C ALA G 1105 5.74 -86.49 -2.76
N ALA G 1106 6.54 -86.50 -1.70
CA ALA G 1106 6.89 -87.72 -1.05
C ALA G 1106 5.96 -87.82 0.18
N GLN G 1107 5.89 -86.70 0.91
CA GLN G 1107 5.05 -86.53 2.09
C GLN G 1107 3.64 -86.95 1.74
N ARG G 1108 3.35 -86.77 0.46
CA ARG G 1108 2.05 -87.03 -0.15
C ARG G 1108 1.76 -88.54 -0.18
N GLU G 1109 2.79 -89.34 0.07
CA GLU G 1109 2.57 -90.76 0.19
C GLU G 1109 3.51 -91.38 1.18
N GLY G 1110 3.42 -90.95 2.44
CA GLY G 1110 4.15 -91.60 3.55
C GLY G 1110 5.65 -91.35 3.62
N LYS G 1111 6.37 -91.78 2.56
CA LYS G 1111 7.84 -91.70 2.43
C LYS G 1111 8.45 -90.55 3.24
N THR G 1112 9.20 -90.88 4.28
CA THR G 1112 9.61 -89.84 5.21
C THR G 1112 10.91 -89.20 4.82
N CYS G 1113 11.08 -87.96 5.27
CA CYS G 1113 12.11 -87.09 4.76
C CYS G 1113 12.99 -86.33 5.73
N ALA G 1114 14.26 -86.29 5.37
CA ALA G 1114 15.20 -85.45 6.04
C ALA G 1114 15.91 -84.57 5.01
N PHE G 1115 16.22 -83.36 5.48
CA PHE G 1115 16.64 -82.28 4.64
C PHE G 1115 17.86 -81.66 5.31
N ILE G 1116 19.02 -82.01 4.81
CA ILE G 1116 20.23 -81.64 5.44
C ILE G 1116 20.47 -80.19 5.10
N ASP G 1117 20.27 -79.32 6.07
CA ASP G 1117 20.27 -77.90 5.76
C ASP G 1117 21.57 -77.17 6.04
N ALA G 1118 22.66 -77.64 5.45
CA ALA G 1118 23.96 -77.03 5.66
C ALA G 1118 23.91 -75.52 5.50
N GLU G 1119 23.17 -75.07 4.53
CA GLU G 1119 23.17 -73.65 4.16
C GLU G 1119 22.61 -72.75 5.25
N HIS G 1120 21.89 -73.31 6.22
CA HIS G 1120 21.17 -72.51 7.21
C HIS G 1120 20.12 -71.60 6.54
N ALA G 1121 19.59 -72.13 5.42
CA ALA G 1121 18.52 -71.51 4.60
C ALA G 1121 17.13 -71.89 5.14
N LEU G 1122 16.21 -72.22 4.21
CA LEU G 1122 14.83 -72.67 4.50
C LEU G 1122 13.99 -71.88 5.53
N ASP G 1123 12.91 -71.29 5.03
CA ASP G 1123 11.92 -70.60 5.89
C ASP G 1123 10.77 -71.57 6.16
N PRO G 1124 10.79 -72.27 7.31
CA PRO G 1124 9.83 -73.34 7.52
C PRO G 1124 8.46 -72.88 7.06
N ILE G 1125 8.08 -71.68 7.46
CA ILE G 1125 6.84 -71.06 7.03
C ILE G 1125 6.65 -71.26 5.53
N TYR G 1126 7.52 -70.63 4.74
CA TYR G 1126 7.55 -70.79 3.28
C TYR G 1126 7.41 -72.27 2.91
N ALA G 1127 8.20 -73.12 3.57
CA ALA G 1127 8.16 -74.53 3.28
C ALA G 1127 6.72 -75.04 3.37
N ARG G 1128 6.04 -74.68 4.46
CA ARG G 1128 4.70 -75.17 4.67
C ARG G 1128 3.90 -74.77 3.46
N LYS G 1129 4.01 -73.49 3.10
CA LYS G 1129 3.21 -72.90 2.02
C LYS G 1129 3.42 -73.64 0.71
N LEU G 1130 4.56 -74.32 0.58
CA LEU G 1130 4.85 -75.11 -0.61
C LEU G 1130 4.24 -76.49 -0.55
N GLY G 1131 4.00 -76.96 0.69
CA GLY G 1131 3.20 -78.16 0.96
C GLY G 1131 3.86 -79.30 1.73
N VAL G 1132 4.86 -78.98 2.54
CA VAL G 1132 5.56 -80.06 3.19
C VAL G 1132 4.92 -80.26 4.52
N ASP G 1133 5.07 -81.46 5.07
CA ASP G 1133 4.68 -81.72 6.44
C ASP G 1133 5.84 -81.26 7.29
N ILE G 1134 5.68 -80.07 7.86
CA ILE G 1134 6.77 -79.40 8.57
C ILE G 1134 7.23 -80.23 9.73
N ASP G 1135 6.29 -80.94 10.35
CA ASP G 1135 6.54 -81.61 11.59
C ASP G 1135 7.10 -83.00 11.39
N ASN G 1136 6.90 -83.53 10.17
CA ASN G 1136 7.37 -84.88 9.77
C ASN G 1136 8.52 -84.88 8.76
N LEU G 1137 9.29 -83.79 8.78
CA LEU G 1137 10.45 -83.62 7.92
C LEU G 1137 11.62 -83.40 8.86
N LEU G 1138 12.07 -84.47 9.51
CA LEU G 1138 13.03 -84.30 10.59
C LEU G 1138 14.39 -84.04 9.95
N CYS G 1139 14.95 -82.89 10.32
CA CYS G 1139 16.05 -82.25 9.60
C CYS G 1139 17.15 -81.65 10.52
N SER G 1140 18.29 -81.39 9.90
CA SER G 1140 19.53 -81.12 10.60
C SER G 1140 20.09 -79.77 10.22
N GLN G 1141 20.81 -79.13 11.16
CA GLN G 1141 21.55 -77.89 10.89
C GLN G 1141 23.05 -78.05 11.21
N PRO G 1142 23.77 -78.88 10.43
CA PRO G 1142 25.12 -79.32 10.74
C PRO G 1142 26.10 -78.18 10.88
N ASP G 1143 27.19 -78.45 11.59
CA ASP G 1143 28.29 -77.51 11.80
C ASP G 1143 29.33 -77.69 10.67
N THR G 1144 29.76 -78.93 10.44
CA THR G 1144 30.80 -79.22 9.46
C THR G 1144 30.25 -79.97 8.26
N GLY G 1145 30.95 -79.83 7.14
CA GLY G 1145 30.66 -80.61 5.96
C GLY G 1145 30.58 -82.08 6.30
N GLU G 1146 31.57 -82.55 7.06
CA GLU G 1146 31.64 -83.96 7.41
C GLU G 1146 30.44 -84.42 8.24
N GLN G 1147 30.16 -83.73 9.33
CA GLN G 1147 29.01 -84.07 10.15
C GLN G 1147 27.85 -84.37 9.19
N ALA G 1148 27.53 -83.43 8.31
CA ALA G 1148 26.46 -83.58 7.36
C ALA G 1148 26.58 -84.87 6.59
N LEU G 1149 27.73 -85.10 6.00
CA LEU G 1149 27.96 -86.32 5.24
C LEU G 1149 27.67 -87.56 6.04
N GLU G 1150 28.42 -87.77 7.12
CA GLU G 1150 28.27 -88.96 7.97
C GLU G 1150 26.89 -89.04 8.65
N ILE G 1151 26.13 -87.93 8.62
CA ILE G 1151 24.74 -87.95 9.07
C ILE G 1151 23.92 -88.64 8.02
N CYS G 1152 24.00 -88.16 6.78
CA CYS G 1152 23.20 -88.81 5.75
C CYS G 1152 23.73 -90.20 5.44
N ASP G 1153 25.02 -90.42 5.69
CA ASP G 1153 25.58 -91.77 5.56
C ASP G 1153 24.75 -92.71 6.42
N ALA G 1154 24.61 -92.35 7.69
CA ALA G 1154 23.88 -93.16 8.65
C ALA G 1154 22.37 -93.21 8.38
N LEU G 1155 21.86 -92.39 7.48
CA LEU G 1155 20.44 -92.41 7.16
C LEU G 1155 20.21 -93.22 5.90
N ALA G 1156 21.31 -93.44 5.18
CA ALA G 1156 21.28 -94.31 4.03
C ALA G 1156 21.19 -95.76 4.48
N ARG G 1157 21.88 -96.08 5.58
CA ARG G 1157 21.82 -97.42 6.16
C ARG G 1157 20.56 -97.60 6.98
N SER G 1158 20.01 -96.50 7.50
CA SER G 1158 18.84 -96.51 8.43
C SER G 1158 17.52 -96.92 7.77
N GLY G 1159 17.55 -98.09 7.11
CA GLY G 1159 16.37 -98.74 6.52
C GLY G 1159 15.54 -97.86 5.59
N ALA G 1160 14.24 -97.80 5.86
CA ALA G 1160 13.33 -96.95 5.10
C ALA G 1160 13.15 -95.53 5.71
N VAL G 1161 14.19 -94.69 5.65
CA VAL G 1161 14.03 -93.22 5.72
C VAL G 1161 14.20 -92.77 4.28
N ASP G 1162 13.10 -92.39 3.64
CA ASP G 1162 12.91 -92.67 2.19
C ASP G 1162 13.46 -91.70 1.16
N VAL G 1163 13.79 -90.47 1.54
CA VAL G 1163 14.53 -89.56 0.63
C VAL G 1163 15.22 -88.37 1.34
N ILE G 1164 16.42 -88.03 0.87
CA ILE G 1164 17.27 -87.08 1.57
C ILE G 1164 17.70 -85.99 0.65
N VAL G 1165 17.50 -84.74 1.10
CA VAL G 1165 17.96 -83.59 0.35
C VAL G 1165 19.08 -82.85 1.07
N VAL G 1166 20.19 -82.62 0.36
CA VAL G 1166 21.37 -81.94 0.91
C VAL G 1166 21.58 -80.54 0.33
N ASP G 1167 21.31 -79.55 1.17
CA ASP G 1167 21.31 -78.13 0.78
C ASP G 1167 22.35 -77.45 1.65
N SER G 1168 23.51 -77.13 1.08
CA SER G 1168 23.87 -77.49 -0.30
C SER G 1168 25.38 -77.72 -0.38
N VAL G 1169 25.79 -78.51 -1.36
CA VAL G 1169 27.20 -78.82 -1.58
C VAL G 1169 28.05 -77.59 -1.28
N ALA G 1170 27.44 -76.44 -1.47
CA ALA G 1170 28.07 -75.15 -1.20
C ALA G 1170 28.88 -75.09 0.10
N ALA G 1171 28.22 -75.07 1.27
CA ALA G 1171 28.91 -74.89 2.59
C ALA G 1171 29.79 -76.09 3.03
N LEU G 1172 30.07 -76.95 2.05
CA LEU G 1172 30.93 -78.11 2.19
C LEU G 1172 32.29 -77.92 1.48
N THR G 1173 32.83 -76.68 1.48
CA THR G 1173 34.32 -76.47 1.52
C THR G 1173 34.69 -76.47 3.03
N PRO G 1174 35.56 -77.45 3.46
CA PRO G 1174 35.66 -78.19 4.76
C PRO G 1174 35.03 -77.61 6.05
N LEU G 1189 40.77 -79.93 -0.30
CA LEU G 1189 40.20 -81.23 -0.70
C LEU G 1189 38.68 -81.28 -0.55
N ALA G 1190 38.03 -80.21 -1.01
CA ALA G 1190 36.55 -80.08 -1.05
C ALA G 1190 35.83 -81.03 -2.03
N ALA G 1191 36.55 -82.07 -2.46
CA ALA G 1191 36.05 -83.18 -3.31
C ALA G 1191 36.73 -84.52 -2.94
N ARG G 1192 37.87 -84.41 -2.28
CA ARG G 1192 38.57 -85.57 -1.76
C ARG G 1192 37.82 -86.01 -0.52
N MET G 1193 37.24 -85.04 0.17
CA MET G 1193 36.30 -85.29 1.25
C MET G 1193 35.02 -85.98 0.74
N MET G 1194 34.56 -85.54 -0.42
CA MET G 1194 33.35 -86.05 -1.03
C MET G 1194 33.58 -87.45 -1.50
N SER G 1195 34.50 -87.57 -2.46
CA SER G 1195 34.83 -88.81 -3.12
C SER G 1195 34.97 -89.92 -2.08
N GLN G 1196 35.12 -89.51 -0.82
CA GLN G 1196 35.15 -90.44 0.30
C GLN G 1196 33.77 -91.09 0.44
N ALA G 1197 32.83 -90.38 1.08
CA ALA G 1197 31.51 -90.93 1.37
C ALA G 1197 30.66 -91.06 0.10
N MET G 1198 31.16 -90.51 -1.00
CA MET G 1198 30.48 -90.65 -2.26
C MET G 1198 30.51 -92.09 -2.72
N ARG G 1199 31.59 -92.79 -2.43
CA ARG G 1199 31.71 -94.22 -2.73
C ARG G 1199 30.78 -95.02 -1.83
N LYS G 1200 30.61 -94.51 -0.61
CA LYS G 1200 29.94 -95.23 0.50
C LYS G 1200 28.41 -95.12 0.39
N LEU G 1201 27.93 -93.93 0.07
CA LEU G 1201 26.52 -93.70 -0.11
C LEU G 1201 26.03 -94.33 -1.40
N ALA G 1202 26.97 -94.66 -2.28
CA ALA G 1202 26.66 -95.27 -3.58
C ALA G 1202 26.05 -96.64 -3.43
N GLY G 1203 26.52 -97.38 -2.42
CA GLY G 1203 26.13 -98.78 -2.18
C GLY G 1203 25.25 -98.98 -0.95
N ASN G 1204 25.00 -97.88 -0.22
CA ASN G 1204 24.07 -97.90 0.91
C ASN G 1204 22.69 -97.49 0.44
N LEU G 1205 22.61 -96.97 -0.77
CA LEU G 1205 21.34 -96.54 -1.31
C LEU G 1205 20.68 -97.62 -2.16
N LYS G 1206 21.44 -98.22 -3.08
CA LYS G 1206 20.94 -99.35 -3.89
C LYS G 1206 20.45 -100.48 -2.97
N GLN G 1207 20.76 -100.34 -1.68
CA GLN G 1207 20.32 -101.28 -0.64
C GLN G 1207 18.95 -100.87 -0.10
N SER G 1208 18.83 -99.60 0.30
CA SER G 1208 17.70 -99.05 1.10
C SER G 1208 16.55 -98.39 0.30
N ASN G 1209 16.72 -98.40 -1.02
CA ASN G 1209 15.89 -97.63 -1.93
C ASN G 1209 15.89 -96.14 -1.64
N THR G 1210 16.36 -95.80 -0.45
CA THR G 1210 16.63 -94.42 -0.10
C THR G 1210 17.27 -93.60 -1.27
N LEU G 1211 16.65 -92.47 -1.61
CA LEU G 1211 17.10 -91.58 -2.68
C LEU G 1211 17.77 -90.29 -2.14
N LEU G 1212 18.83 -89.83 -2.82
CA LEU G 1212 19.61 -88.68 -2.35
C LEU G 1212 19.78 -87.63 -3.41
N ILE G 1213 19.41 -86.42 -3.03
CA ILE G 1213 19.44 -85.28 -3.92
C ILE G 1213 20.37 -84.21 -3.41
N PHE G 1214 21.43 -84.01 -4.18
CA PHE G 1214 22.40 -82.98 -3.92
C PHE G 1214 22.06 -81.74 -4.75
N ILE G 1215 22.29 -80.56 -4.16
CA ILE G 1215 22.20 -79.31 -4.92
C ILE G 1215 23.52 -78.51 -4.98
N ASN G 1216 23.74 -77.79 -6.09
CA ASN G 1216 25.03 -77.12 -6.39
C ASN G 1216 24.79 -75.74 -7.09
N GLN G 1217 25.85 -74.95 -7.42
CA GLN G 1217 25.79 -73.56 -8.07
C GLN G 1217 26.34 -73.30 -9.52
N GLY G 1234 32.25 -76.65 -8.55
CA GLY G 1234 31.99 -77.01 -7.14
C GLY G 1234 32.75 -78.14 -6.40
N GLY G 1235 32.63 -79.39 -6.89
CA GLY G 1235 33.24 -80.59 -6.25
C GLY G 1235 32.96 -81.89 -7.01
N ASN G 1236 33.91 -82.26 -7.90
CA ASN G 1236 33.71 -83.19 -9.06
C ASN G 1236 32.86 -84.46 -8.83
N ALA G 1237 33.57 -85.54 -8.50
CA ALA G 1237 33.05 -86.89 -8.29
C ALA G 1237 31.55 -87.06 -8.55
N LEU G 1238 30.75 -86.51 -7.64
CA LEU G 1238 29.30 -86.50 -7.74
C LEU G 1238 28.78 -86.50 -9.18
N LYS G 1239 29.34 -85.60 -9.98
CA LYS G 1239 29.09 -85.48 -11.42
C LYS G 1239 28.85 -86.82 -12.11
N PHE G 1240 29.64 -87.81 -11.70
CA PHE G 1240 29.56 -89.16 -12.24
C PHE G 1240 28.71 -90.05 -11.36
N TYR G 1241 28.78 -89.83 -10.05
CA TYR G 1241 28.09 -90.71 -9.12
C TYR G 1241 26.57 -90.51 -9.09
N ALA G 1242 26.07 -89.58 -9.90
CA ALA G 1242 24.64 -89.42 -10.09
C ALA G 1242 24.09 -90.39 -11.13
N SER G 1243 22.80 -90.68 -11.05
CA SER G 1243 22.12 -91.39 -12.12
C SER G 1243 21.22 -90.41 -12.86
N VAL G 1244 21.01 -89.26 -12.24
CA VAL G 1244 20.33 -88.14 -12.88
C VAL G 1244 20.82 -86.75 -12.41
N ARG G 1245 21.01 -85.86 -13.38
CA ARG G 1245 21.38 -84.49 -13.10
C ARG G 1245 20.40 -83.50 -13.68
N LEU G 1246 20.19 -82.41 -12.94
CA LEU G 1246 19.30 -81.33 -13.35
C LEU G 1246 19.94 -79.94 -13.44
N ASP G 1247 19.64 -79.26 -14.55
CA ASP G 1247 20.03 -77.88 -14.78
C ASP G 1247 18.83 -76.96 -14.67
N ILE G 1248 18.69 -76.33 -13.51
CA ILE G 1248 17.65 -75.35 -13.27
C ILE G 1248 18.16 -73.95 -13.63
N ARG G 1249 17.24 -73.10 -14.07
CA ARG G 1249 17.55 -71.72 -14.39
C ARG G 1249 16.26 -70.89 -14.46
N ARG G 1250 16.30 -69.69 -13.92
CA ARG G 1250 15.14 -68.80 -13.98
C ARG G 1250 15.30 -67.96 -15.23
N ILE G 1251 14.26 -67.96 -16.07
CA ILE G 1251 14.39 -67.27 -17.37
C ILE G 1251 13.34 -66.25 -17.73
N GLY G 1252 12.38 -66.02 -16.85
CA GLY G 1252 11.29 -65.12 -17.20
C GLY G 1252 10.81 -64.22 -16.08
N ALA G 1253 9.80 -64.71 -15.36
CA ALA G 1253 9.08 -63.95 -14.35
C ALA G 1253 7.63 -63.84 -14.76
N VAL G 1254 6.74 -64.16 -13.84
CA VAL G 1254 5.34 -64.07 -14.09
C VAL G 1254 4.81 -62.84 -13.38
N LYS G 1255 4.21 -61.97 -14.17
CA LYS G 1255 3.59 -60.75 -13.67
C LYS G 1255 2.07 -60.90 -13.63
N GLU G 1256 1.41 -60.15 -12.76
CA GLU G 1256 -0.05 -60.03 -12.83
C GLU G 1256 -0.41 -58.57 -12.99
N GLY G 1257 -0.01 -58.01 -14.13
CA GLY G 1257 -0.09 -56.57 -14.37
C GLY G 1257 1.18 -55.82 -13.95
N GLU G 1258 1.46 -55.80 -12.64
CA GLU G 1258 2.56 -55.00 -12.07
C GLU G 1258 3.39 -55.78 -11.03
N ASN G 1259 2.93 -56.98 -10.68
CA ASN G 1259 3.50 -57.74 -9.56
C ASN G 1259 4.44 -58.85 -9.96
N VAL G 1260 5.64 -58.83 -9.38
CA VAL G 1260 6.59 -59.94 -9.53
C VAL G 1260 6.13 -61.12 -8.68
N VAL G 1261 5.20 -61.94 -9.17
CA VAL G 1261 4.71 -63.06 -8.35
C VAL G 1261 5.19 -64.42 -8.85
N GLY G 1262 6.06 -64.43 -9.84
CA GLY G 1262 6.54 -65.68 -10.43
C GLY G 1262 7.97 -65.77 -10.95
N SER G 1263 8.34 -66.94 -11.43
CA SER G 1263 9.62 -67.19 -12.08
C SER G 1263 9.39 -68.26 -13.14
N GLU G 1264 9.53 -67.88 -14.41
CA GLU G 1264 9.45 -68.85 -15.49
C GLU G 1264 10.73 -69.67 -15.54
N THR G 1265 10.57 -70.98 -15.50
CA THR G 1265 11.70 -71.84 -15.23
C THR G 1265 11.91 -72.94 -16.26
N ARG G 1266 13.19 -73.17 -16.59
CA ARG G 1266 13.62 -74.25 -17.50
C ARG G 1266 14.60 -75.14 -16.82
N VAL G 1267 14.26 -76.43 -16.84
CA VAL G 1267 15.07 -77.46 -16.27
C VAL G 1267 15.47 -78.41 -17.37
N LYS G 1268 16.78 -78.55 -17.55
CA LYS G 1268 17.34 -79.49 -18.50
C LYS G 1268 17.76 -80.75 -17.76
N VAL G 1269 17.39 -81.91 -18.30
CA VAL G 1269 17.90 -83.18 -17.81
C VAL G 1269 19.25 -83.35 -18.46
N VAL G 1270 20.31 -83.14 -17.70
CA VAL G 1270 21.64 -83.12 -18.29
C VAL G 1270 22.23 -84.48 -18.27
N LYS G 1271 22.20 -85.14 -17.10
CA LYS G 1271 22.65 -86.53 -16.97
C LYS G 1271 21.49 -87.46 -16.68
N ASN G 1272 21.33 -88.47 -17.53
CA ASN G 1272 20.21 -89.40 -17.43
C ASN G 1272 20.60 -90.84 -17.69
N LYS G 1273 21.05 -91.53 -16.64
CA LYS G 1273 21.34 -92.96 -16.75
C LYS G 1273 20.10 -93.74 -16.31
N ILE G 1274 18.91 -93.21 -16.64
CA ILE G 1274 17.65 -93.92 -16.33
C ILE G 1274 16.83 -94.12 -17.58
N ALA G 1275 16.91 -93.16 -18.48
CA ALA G 1275 16.25 -93.22 -19.78
C ALA G 1275 16.95 -92.27 -20.71
N ALA G 1276 16.19 -91.67 -21.61
CA ALA G 1276 16.74 -90.71 -22.57
C ALA G 1276 17.20 -89.37 -21.93
N PRO G 1277 18.47 -88.99 -22.15
CA PRO G 1277 19.01 -87.79 -21.58
C PRO G 1277 18.74 -86.56 -22.44
N PHE G 1278 19.17 -85.40 -21.97
CA PHE G 1278 19.14 -84.12 -22.70
C PHE G 1278 17.77 -83.59 -23.12
N LYS G 1279 16.73 -84.08 -22.46
CA LYS G 1279 15.38 -83.55 -22.67
C LYS G 1279 15.08 -82.46 -21.65
N GLN G 1280 14.21 -81.52 -22.01
CA GLN G 1280 13.95 -80.35 -21.17
C GLN G 1280 12.49 -80.07 -20.97
N ALA G 1281 12.21 -79.31 -19.93
CA ALA G 1281 10.85 -79.03 -19.53
C ALA G 1281 10.79 -77.62 -18.98
N GLU G 1282 9.71 -76.90 -19.32
CA GLU G 1282 9.49 -75.52 -18.84
C GLU G 1282 8.22 -75.43 -17.98
N PHE G 1283 8.21 -74.54 -16.99
CA PHE G 1283 7.02 -74.35 -16.14
C PHE G 1283 7.09 -73.13 -15.25
N GLN G 1284 5.94 -72.75 -14.69
CA GLN G 1284 5.84 -71.61 -13.77
C GLN G 1284 6.05 -72.03 -12.31
N ILE G 1285 6.84 -71.25 -11.57
CA ILE G 1285 6.96 -71.42 -10.10
C ILE G 1285 6.36 -70.23 -9.40
N LEU G 1286 5.25 -70.43 -8.71
CA LEU G 1286 4.61 -69.28 -8.08
C LEU G 1286 5.05 -69.10 -6.63
N TYR G 1287 5.58 -67.91 -6.36
CA TYR G 1287 6.15 -67.56 -5.06
C TYR G 1287 5.17 -67.79 -3.92
N GLY G 1288 5.38 -68.83 -3.13
CA GLY G 1288 4.54 -69.05 -1.98
C GLY G 1288 3.29 -69.86 -2.29
N GLU G 1289 3.35 -70.58 -3.39
CA GLU G 1289 2.35 -71.60 -3.74
C GLU G 1289 3.13 -72.81 -4.27
N GLY G 1290 4.04 -72.56 -5.19
CA GLY G 1290 4.87 -73.62 -5.71
C GLY G 1290 4.73 -73.84 -7.18
N ILE G 1291 5.10 -75.03 -7.61
CA ILE G 1291 5.00 -75.39 -9.01
C ILE G 1291 3.54 -75.25 -9.47
N ASN G 1292 3.33 -75.05 -10.75
CA ASN G 1292 2.00 -74.87 -11.27
C ASN G 1292 1.33 -76.07 -11.96
N PHE G 1293 0.86 -77.01 -11.14
CA PHE G 1293 0.16 -78.25 -11.55
C PHE G 1293 -0.53 -78.01 -12.87
N TYR G 1294 -1.38 -76.98 -12.88
CA TYR G 1294 -2.30 -76.69 -13.96
C TYR G 1294 -1.60 -75.92 -15.04
N GLY G 1295 -0.64 -75.13 -14.61
CA GLY G 1295 0.17 -74.34 -15.52
C GLY G 1295 0.70 -75.20 -16.63
N GLU G 1296 1.65 -76.08 -16.29
CA GLU G 1296 2.20 -77.01 -17.25
C GLU G 1296 1.14 -77.97 -17.83
N LEU G 1297 0.03 -78.15 -17.13
CA LEU G 1297 -1.00 -79.08 -17.59
C LEU G 1297 -1.67 -78.56 -18.85
N VAL G 1298 -2.15 -77.33 -18.82
CA VAL G 1298 -2.72 -76.73 -20.00
C VAL G 1298 -1.85 -77.06 -21.18
N ASP G 1299 -0.60 -76.61 -21.13
CA ASP G 1299 0.39 -76.77 -22.22
C ASP G 1299 0.50 -78.21 -22.73
N LEU G 1300 0.53 -79.16 -21.81
CA LEU G 1300 0.69 -80.54 -22.19
C LEU G 1300 -0.54 -80.95 -22.99
N GLY G 1301 -1.70 -80.65 -22.44
CA GLY G 1301 -2.94 -80.95 -23.13
C GLY G 1301 -3.06 -80.32 -24.49
N VAL G 1302 -2.25 -79.29 -24.73
CA VAL G 1302 -2.25 -78.63 -26.02
C VAL G 1302 -1.51 -79.47 -27.02
N LYS G 1303 -0.30 -79.89 -26.64
CA LYS G 1303 0.55 -80.65 -27.54
C LYS G 1303 0.06 -82.08 -27.63
N GLU G 1304 -0.91 -82.44 -26.80
CA GLU G 1304 -1.55 -83.75 -26.94
C GLU G 1304 -3.01 -83.66 -27.41
N LYS G 1305 -3.23 -82.77 -28.37
CA LYS G 1305 -4.47 -82.64 -29.14
C LYS G 1305 -5.77 -82.64 -28.33
N LEU G 1306 -5.65 -82.59 -26.99
CA LEU G 1306 -6.81 -82.57 -26.08
C LEU G 1306 -7.44 -81.17 -25.86
N ILE G 1307 -6.60 -80.13 -25.82
CA ILE G 1307 -7.07 -78.75 -25.83
C ILE G 1307 -6.50 -78.09 -27.07
N GLU G 1308 -7.32 -77.32 -27.79
CA GLU G 1308 -6.92 -76.86 -29.11
C GLU G 1308 -6.61 -75.36 -29.17
N LYS G 1309 -5.44 -75.02 -29.72
CA LYS G 1309 -5.01 -73.62 -29.81
C LYS G 1309 -5.57 -72.96 -31.06
N ALA G 1310 -6.49 -72.01 -30.86
CA ALA G 1310 -7.06 -71.21 -31.94
C ALA G 1310 -6.46 -69.78 -31.95
N GLY G 1311 -5.13 -69.71 -32.04
CA GLY G 1311 -4.37 -68.46 -31.82
C GLY G 1311 -4.27 -68.09 -30.34
N ALA G 1312 -5.25 -67.31 -29.88
CA ALA G 1312 -5.32 -66.87 -28.50
C ALA G 1312 -6.35 -67.66 -27.72
N TRP G 1313 -7.26 -68.31 -28.44
CA TRP G 1313 -8.39 -69.03 -27.85
C TRP G 1313 -8.00 -70.45 -27.49
N TYR G 1314 -8.44 -70.92 -26.33
CA TYR G 1314 -8.25 -72.31 -25.93
C TYR G 1314 -9.58 -73.08 -25.90
N SER G 1315 -9.62 -74.25 -26.55
CA SER G 1315 -10.88 -74.98 -26.75
C SER G 1315 -10.87 -76.39 -26.11
N TYR G 1316 -12.05 -76.86 -25.67
CA TYR G 1316 -12.25 -78.21 -25.12
C TYR G 1316 -13.58 -78.88 -25.47
N LYS G 1317 -13.49 -79.82 -26.41
CA LYS G 1317 -14.65 -80.48 -26.99
C LYS G 1317 -15.55 -79.49 -27.77
N GLY G 1318 -14.90 -78.64 -28.56
CA GLY G 1318 -15.59 -77.56 -29.29
C GLY G 1318 -16.04 -76.40 -28.40
N GLU G 1319 -15.88 -76.59 -27.08
CA GLU G 1319 -16.26 -75.62 -26.03
C GLU G 1319 -15.17 -74.61 -25.64
N LYS G 1320 -15.55 -73.34 -25.53
CA LYS G 1320 -14.61 -72.27 -25.18
C LYS G 1320 -14.30 -72.31 -23.69
N ILE G 1321 -13.02 -72.28 -23.36
CA ILE G 1321 -12.60 -72.41 -21.97
C ILE G 1321 -11.70 -71.29 -21.48
N GLY G 1322 -10.89 -70.72 -22.36
CA GLY G 1322 -10.02 -69.60 -21.97
C GLY G 1322 -9.39 -68.85 -23.14
N GLN G 1323 -9.18 -67.56 -22.94
CA GLN G 1323 -8.48 -66.73 -23.91
C GLN G 1323 -7.21 -66.27 -23.21
N GLY G 1324 -6.05 -66.53 -23.81
CA GLY G 1324 -4.74 -66.28 -23.18
C GLY G 1324 -4.37 -67.28 -22.09
N LYS G 1325 -3.21 -67.93 -22.26
CA LYS G 1325 -2.77 -69.03 -21.36
C LYS G 1325 -3.18 -68.77 -19.93
N ALA G 1326 -2.95 -67.52 -19.53
CA ALA G 1326 -3.39 -67.02 -18.25
C ALA G 1326 -4.75 -67.58 -17.82
N ASN G 1327 -5.84 -67.06 -18.39
CA ASN G 1327 -7.19 -67.40 -17.95
C ASN G 1327 -7.52 -68.88 -18.14
N ALA G 1328 -6.83 -69.50 -19.08
CA ALA G 1328 -6.98 -70.92 -19.36
C ALA G 1328 -6.57 -71.70 -18.17
N THR G 1329 -5.44 -71.30 -17.59
CA THR G 1329 -4.94 -71.96 -16.40
C THR G 1329 -6.03 -71.93 -15.36
N ALA G 1330 -6.17 -70.80 -14.68
CA ALA G 1330 -7.11 -70.66 -13.57
C ALA G 1330 -8.57 -71.13 -13.90
N TRP G 1331 -8.78 -71.61 -15.13
CA TRP G 1331 -9.99 -72.32 -15.48
C TRP G 1331 -9.94 -73.76 -14.97
N LEU G 1332 -8.98 -74.52 -15.44
CA LEU G 1332 -8.78 -75.85 -14.94
C LEU G 1332 -8.73 -75.91 -13.44
N LYS G 1333 -8.34 -74.82 -12.79
CA LYS G 1333 -8.29 -74.78 -11.33
C LYS G 1333 -9.69 -74.94 -10.78
N ASP G 1334 -10.66 -74.49 -11.55
CA ASP G 1334 -12.04 -74.43 -11.10
C ASP G 1334 -12.91 -75.57 -11.64
N ASN G 1335 -12.30 -76.53 -12.34
CA ASN G 1335 -13.05 -77.67 -12.86
C ASN G 1335 -12.33 -78.99 -12.60
N PRO G 1336 -11.96 -79.24 -11.33
CA PRO G 1336 -11.00 -80.30 -11.05
C PRO G 1336 -11.36 -81.57 -11.79
N GLU G 1337 -12.66 -81.88 -11.79
CA GLU G 1337 -13.20 -83.08 -12.44
C GLU G 1337 -12.63 -83.24 -13.84
N THR G 1338 -12.97 -82.30 -14.73
CA THR G 1338 -12.58 -82.38 -16.13
C THR G 1338 -11.08 -82.09 -16.28
N ALA G 1339 -10.43 -81.78 -15.16
CA ALA G 1339 -9.00 -81.52 -15.15
C ALA G 1339 -8.26 -82.79 -14.91
N LYS G 1340 -8.48 -83.34 -13.72
CA LYS G 1340 -7.97 -84.65 -13.34
C LYS G 1340 -8.13 -85.65 -14.49
N GLU G 1341 -9.20 -85.48 -15.27
CA GLU G 1341 -9.49 -86.40 -16.36
C GLU G 1341 -8.54 -86.21 -17.53
N ILE G 1342 -8.04 -85.00 -17.70
CA ILE G 1342 -7.01 -84.77 -18.69
C ILE G 1342 -5.67 -85.22 -18.14
N GLU G 1343 -5.42 -84.93 -16.86
CA GLU G 1343 -4.21 -85.36 -16.20
C GLU G 1343 -3.90 -86.79 -16.64
N LYS G 1344 -4.77 -87.71 -16.25
CA LYS G 1344 -4.59 -89.11 -16.55
C LYS G 1344 -4.29 -89.34 -18.03
N LYS G 1345 -5.09 -88.77 -18.93
CA LYS G 1345 -4.99 -89.13 -20.36
C LYS G 1345 -3.71 -88.61 -21.05
N VAL G 1346 -2.92 -87.86 -20.30
CA VAL G 1346 -1.62 -87.46 -20.77
C VAL G 1346 -0.61 -88.40 -20.17
N ARG G 1347 -0.81 -88.67 -18.88
CA ARG G 1347 -0.02 -89.67 -18.16
C ARG G 1347 -0.05 -91.01 -18.89
N GLU G 1348 -1.18 -91.33 -19.52
CA GLU G 1348 -1.31 -92.57 -20.30
C GLU G 1348 -0.52 -92.45 -21.61
N LEU G 1349 -0.36 -91.20 -22.08
CA LEU G 1349 0.31 -90.95 -23.35
C LEU G 1349 1.78 -90.55 -23.24
N LEU G 1350 2.32 -90.48 -22.03
CA LEU G 1350 3.77 -90.28 -21.82
C LEU G 1350 4.42 -91.05 -20.63
N LEU G 1351 3.71 -92.03 -20.06
CA LEU G 1351 4.20 -92.90 -18.94
C LEU G 1351 3.63 -94.34 -18.97
N VAL H 12 -26.58 -101.15 11.92
CA VAL H 12 -26.63 -100.67 13.34
C VAL H 12 -26.47 -99.14 13.49
N GLU H 13 -26.13 -98.68 14.70
CA GLU H 13 -26.04 -97.24 15.02
C GLU H 13 -24.68 -96.63 14.64
N THR H 14 -24.71 -95.37 14.20
CA THR H 14 -23.50 -94.66 13.75
C THR H 14 -23.39 -93.20 14.23
N ILE H 15 -22.17 -92.84 14.65
CA ILE H 15 -21.87 -91.48 15.10
C ILE H 15 -21.07 -90.75 14.03
N SER H 16 -21.47 -89.51 13.77
CA SER H 16 -20.81 -88.65 12.77
C SER H 16 -19.34 -88.33 13.13
N THR H 17 -18.44 -88.51 12.17
CA THR H 17 -17.02 -88.31 12.41
C THR H 17 -16.67 -86.88 12.67
N GLY H 18 -17.54 -85.98 12.22
CA GLY H 18 -17.22 -84.57 12.21
C GLY H 18 -16.97 -84.15 10.78
N SER H 19 -16.44 -85.06 9.96
CA SER H 19 -16.35 -84.83 8.51
C SER H 19 -17.44 -85.54 7.76
N LEU H 20 -17.87 -84.92 6.69
CA LEU H 20 -18.95 -85.43 5.87
C LEU H 20 -18.44 -86.59 5.03
N SER H 21 -17.31 -86.39 4.37
CA SER H 21 -16.85 -87.37 3.40
C SER H 21 -16.25 -88.57 4.07
N LEU H 22 -15.83 -88.41 5.32
CA LEU H 22 -15.36 -89.56 6.09
C LEU H 22 -16.53 -90.50 6.26
N ASP H 23 -17.68 -89.92 6.62
CA ASP H 23 -18.90 -90.68 6.80
C ASP H 23 -19.25 -91.37 5.49
N ILE H 24 -19.03 -90.67 4.39
CA ILE H 24 -19.34 -91.16 3.06
C ILE H 24 -18.49 -92.36 2.66
N ALA H 25 -17.19 -92.28 2.93
CA ALA H 25 -16.27 -93.36 2.57
C ALA H 25 -16.35 -94.53 3.54
N LEU H 26 -16.87 -94.25 4.73
CA LEU H 26 -17.18 -95.30 5.68
C LEU H 26 -18.26 -96.23 5.16
N GLY H 27 -19.20 -95.67 4.40
CA GLY H 27 -20.36 -96.41 3.84
C GLY H 27 -21.59 -96.48 4.77
N ALA H 28 -21.37 -96.06 6.02
CA ALA H 28 -22.32 -96.19 7.14
C ALA H 28 -22.84 -94.84 7.66
N GLY H 29 -22.23 -93.74 7.23
CA GLY H 29 -22.59 -92.42 7.70
C GLY H 29 -22.17 -92.24 9.15
N GLY H 30 -20.98 -92.73 9.49
CA GLY H 30 -20.45 -92.61 10.83
C GLY H 30 -19.67 -93.82 11.31
N LEU H 31 -19.25 -93.81 12.57
CA LEU H 31 -18.47 -94.90 13.14
C LEU H 31 -19.30 -95.90 13.96
N PRO H 32 -19.35 -97.16 13.50
CA PRO H 32 -20.10 -98.27 14.10
C PRO H 32 -20.00 -98.40 15.64
N MET H 33 -21.12 -98.10 16.30
CA MET H 33 -21.30 -98.26 17.73
C MET H 33 -21.17 -99.71 18.14
N GLY H 34 -20.43 -99.95 19.21
CA GLY H 34 -20.24 -101.29 19.74
C GLY H 34 -19.03 -102.02 19.19
N ARG H 35 -18.25 -101.33 18.37
CA ARG H 35 -17.07 -101.90 17.75
C ARG H 35 -15.80 -101.18 18.13
N ILE H 36 -14.66 -101.78 17.80
CA ILE H 36 -13.38 -101.13 18.03
C ILE H 36 -12.92 -100.46 16.75
N VAL H 37 -12.49 -99.19 16.89
CA VAL H 37 -12.07 -98.35 15.76
C VAL H 37 -10.70 -97.75 16.01
N GLU H 38 -9.80 -98.03 15.08
CA GLU H 38 -8.42 -97.57 15.17
C GLU H 38 -8.20 -96.43 14.19
N ILE H 39 -7.69 -95.31 14.71
CA ILE H 39 -7.23 -94.21 13.88
C ILE H 39 -5.74 -94.09 14.08
N TYR H 40 -5.01 -94.36 13.01
CA TYR H 40 -3.59 -94.34 13.09
C TYR H 40 -3.04 -93.40 12.06
N GLY H 41 -1.83 -92.94 12.30
CA GLY H 41 -1.12 -92.07 11.35
C GLY H 41 -0.06 -91.21 11.99
N PRO H 42 0.90 -90.72 11.19
CA PRO H 42 1.90 -89.77 11.66
C PRO H 42 1.37 -88.77 12.66
N GLU H 43 2.18 -88.45 13.66
CA GLU H 43 1.80 -87.48 14.67
C GLU H 43 1.54 -86.13 14.02
N SER H 44 0.82 -85.29 14.76
CA SER H 44 0.41 -83.97 14.29
C SER H 44 -0.19 -84.03 12.88
N SER H 45 -1.17 -84.92 12.70
CA SER H 45 -1.80 -85.08 11.41
C SER H 45 -3.28 -84.88 11.55
N GLY H 46 -3.70 -84.52 12.75
CA GLY H 46 -5.08 -84.19 12.99
C GLY H 46 -5.76 -85.34 13.69
N LYS H 47 -4.94 -86.25 14.18
CA LYS H 47 -5.41 -87.45 14.87
C LYS H 47 -6.40 -87.08 15.99
N THR H 48 -5.94 -86.27 16.93
CA THR H 48 -6.71 -85.83 18.13
C THR H 48 -7.88 -84.88 17.80
N THR H 49 -7.74 -84.06 16.76
CA THR H 49 -8.85 -83.22 16.35
C THR H 49 -10.03 -84.09 15.93
N LEU H 50 -9.79 -84.95 14.95
CA LEU H 50 -10.81 -85.87 14.45
C LEU H 50 -11.45 -86.62 15.58
N THR H 51 -10.61 -87.11 16.50
CA THR H 51 -11.06 -87.72 17.75
C THR H 51 -12.01 -86.78 18.50
N LEU H 52 -11.50 -85.63 18.93
CA LEU H 52 -12.31 -84.69 19.72
C LEU H 52 -13.56 -84.27 18.98
N GLN H 53 -13.60 -84.57 17.69
CA GLN H 53 -14.73 -84.22 16.87
C GLN H 53 -15.88 -85.20 17.00
N VAL H 54 -15.57 -86.47 17.21
CA VAL H 54 -16.64 -87.45 17.40
C VAL H 54 -17.17 -87.30 18.80
N ILE H 55 -16.30 -86.91 19.73
CA ILE H 55 -16.72 -86.68 21.11
C ILE H 55 -17.66 -85.49 21.14
N ALA H 56 -17.46 -84.58 20.20
CA ALA H 56 -18.34 -83.42 20.05
C ALA H 56 -19.70 -83.86 19.54
N ALA H 57 -19.72 -84.47 18.34
CA ALA H 57 -20.98 -84.86 17.66
C ALA H 57 -21.87 -85.76 18.50
N ALA H 58 -21.25 -86.59 19.34
CA ALA H 58 -21.96 -87.48 20.25
C ALA H 58 -22.36 -86.75 21.53
N GLN H 59 -21.54 -85.80 21.95
CA GLN H 59 -21.77 -85.04 23.18
C GLN H 59 -23.01 -84.14 23.09
N ARG H 60 -23.38 -83.79 21.86
CA ARG H 60 -24.52 -82.92 21.60
C ARG H 60 -25.73 -83.81 21.37
N GLU H 61 -25.69 -84.99 21.96
CA GLU H 61 -26.79 -85.93 21.95
C GLU H 61 -26.87 -86.79 23.23
N GLY H 62 -26.45 -86.20 24.36
CA GLY H 62 -26.45 -86.90 25.66
C GLY H 62 -25.23 -87.80 25.82
N LYS H 63 -25.26 -88.93 25.09
CA LYS H 63 -24.20 -89.97 25.01
C LYS H 63 -22.88 -89.63 25.77
N THR H 64 -22.85 -89.85 27.09
CA THR H 64 -21.67 -89.45 27.91
C THR H 64 -20.41 -90.24 27.53
N CYS H 65 -19.27 -89.54 27.49
CA CYS H 65 -18.05 -90.08 26.89
C CYS H 65 -16.81 -90.13 27.72
N ALA H 66 -15.97 -91.11 27.39
CA ALA H 66 -14.78 -91.40 28.15
C ALA H 66 -13.54 -91.14 27.37
N PHE H 67 -12.56 -90.56 28.06
CA PHE H 67 -11.28 -90.22 27.48
C PHE H 67 -10.14 -90.84 28.26
N ILE H 68 -9.65 -91.96 27.76
CA ILE H 68 -8.56 -92.67 28.41
C ILE H 68 -7.26 -92.02 28.02
N ASP H 69 -6.68 -91.28 28.97
CA ASP H 69 -5.52 -90.42 28.66
C ASP H 69 -4.18 -90.85 29.26
N ALA H 70 -3.22 -91.10 28.39
CA ALA H 70 -1.89 -91.42 28.84
C ALA H 70 -0.92 -90.45 28.22
N GLU H 71 -1.43 -89.62 27.30
CA GLU H 71 -0.59 -88.62 26.66
C GLU H 71 -0.39 -87.39 27.55
N HIS H 72 -1.42 -87.10 28.36
CA HIS H 72 -1.48 -85.88 29.15
C HIS H 72 -1.36 -84.68 28.21
N ALA H 73 -2.04 -84.77 27.07
CA ALA H 73 -1.95 -83.74 26.01
C ALA H 73 -3.13 -82.76 26.03
N LEU H 74 -4.10 -82.99 25.15
CA LEU H 74 -5.43 -82.35 25.21
C LEU H 74 -5.52 -80.89 25.72
N ASP H 75 -5.82 -79.97 24.80
CA ASP H 75 -6.03 -78.58 25.15
C ASP H 75 -7.52 -78.35 25.45
N PRO H 76 -7.86 -78.16 26.73
CA PRO H 76 -9.26 -77.96 27.06
C PRO H 76 -9.90 -76.90 26.15
N ILE H 77 -9.15 -75.84 25.85
CA ILE H 77 -9.69 -74.69 25.12
C ILE H 77 -9.95 -75.03 23.67
N TYR H 78 -8.94 -75.62 23.04
CA TYR H 78 -9.09 -76.11 21.68
C TYR H 78 -10.27 -77.08 21.61
N ALA H 79 -10.44 -77.88 22.65
CA ALA H 79 -11.56 -78.79 22.71
C ALA H 79 -12.86 -77.99 22.70
N ARG H 80 -12.93 -76.95 23.53
CA ARG H 80 -14.16 -76.21 23.73
C ARG H 80 -14.64 -75.67 22.41
N LYS H 81 -13.71 -75.17 21.61
CA LYS H 81 -14.05 -74.56 20.33
C LYS H 81 -14.33 -75.61 19.26
N LEU H 82 -13.87 -76.82 19.49
CA LEU H 82 -14.24 -77.90 18.61
C LEU H 82 -15.67 -78.33 18.90
N GLY H 83 -16.11 -78.09 20.15
CA GLY H 83 -17.52 -78.28 20.53
C GLY H 83 -17.84 -79.42 21.48
N VAL H 84 -16.94 -79.69 22.41
CA VAL H 84 -17.14 -80.78 23.35
C VAL H 84 -17.64 -80.26 24.69
N ASP H 85 -18.67 -80.90 25.25
CA ASP H 85 -19.11 -80.55 26.58
C ASP H 85 -18.05 -81.04 27.54
N ILE H 86 -17.09 -80.17 27.81
CA ILE H 86 -15.93 -80.53 28.60
C ILE H 86 -16.34 -80.87 30.03
N ASP H 87 -17.21 -80.03 30.59
CA ASP H 87 -17.66 -80.20 31.96
C ASP H 87 -18.32 -81.58 32.21
N ASN H 88 -18.66 -82.27 31.12
CA ASN H 88 -19.37 -83.54 31.19
C ASN H 88 -18.61 -84.66 30.50
N LEU H 89 -17.29 -84.56 30.55
CA LEU H 89 -16.48 -85.57 29.86
C LEU H 89 -15.68 -86.36 30.86
N LEU H 90 -15.54 -87.67 30.60
CA LEU H 90 -14.80 -88.51 31.53
C LEU H 90 -13.42 -88.76 30.98
N CYS H 91 -12.41 -88.54 31.82
CA CYS H 91 -11.03 -88.80 31.45
C CYS H 91 -10.41 -89.84 32.39
N SER H 92 -9.46 -90.61 31.87
CA SER H 92 -8.85 -91.69 32.64
C SER H 92 -7.38 -91.37 32.79
N GLN H 93 -6.99 -91.03 34.01
CA GLN H 93 -5.59 -90.70 34.28
C GLN H 93 -4.87 -91.91 34.88
N PRO H 94 -4.63 -92.98 34.09
CA PRO H 94 -4.35 -94.28 34.66
C PRO H 94 -3.00 -94.29 35.34
N ASP H 95 -2.80 -95.30 36.20
CA ASP H 95 -1.51 -95.49 36.88
C ASP H 95 -0.57 -96.38 36.03
N THR H 96 -1.15 -97.18 35.12
CA THR H 96 -0.37 -98.05 34.23
C THR H 96 -1.17 -98.42 32.99
N GLY H 97 -0.45 -98.98 32.01
CA GLY H 97 -1.03 -99.42 30.75
C GLY H 97 -1.98 -100.57 30.96
N GLU H 98 -1.64 -101.47 31.87
CA GLU H 98 -2.58 -102.50 32.26
C GLU H 98 -3.83 -101.81 32.78
N GLN H 99 -3.72 -101.22 33.97
CA GLN H 99 -4.83 -100.52 34.63
C GLN H 99 -5.67 -99.73 33.61
N ALA H 100 -5.00 -99.02 32.72
CA ALA H 100 -5.69 -98.30 31.67
C ALA H 100 -6.56 -99.25 30.90
N LEU H 101 -5.95 -100.27 30.31
CA LEU H 101 -6.65 -101.23 29.51
C LEU H 101 -7.62 -102.07 30.30
N GLU H 102 -7.96 -101.61 31.51
CA GLU H 102 -8.97 -102.28 32.34
C GLU H 102 -10.07 -101.33 32.75
N ILE H 103 -9.72 -100.06 32.85
CA ILE H 103 -10.70 -99.04 33.23
C ILE H 103 -11.60 -98.83 32.06
N CYS H 104 -10.99 -98.79 30.88
CA CYS H 104 -11.75 -98.71 29.63
C CYS H 104 -12.63 -99.94 29.47
N ASP H 105 -12.16 -101.08 29.98
CA ASP H 105 -12.93 -102.32 29.95
C ASP H 105 -14.12 -102.19 30.88
N ALA H 106 -13.86 -101.70 32.07
CA ALA H 106 -14.87 -101.60 33.10
C ALA H 106 -16.04 -100.71 32.66
N LEU H 107 -15.73 -99.69 31.86
CA LEU H 107 -16.77 -98.78 31.40
C LEU H 107 -17.59 -99.43 30.30
N ALA H 108 -16.94 -100.30 29.54
CA ALA H 108 -17.62 -101.01 28.49
C ALA H 108 -18.77 -101.81 29.08
N ARG H 109 -18.52 -102.42 30.24
CA ARG H 109 -19.52 -103.25 30.93
C ARG H 109 -20.69 -102.42 31.41
N SER H 110 -20.38 -101.19 31.86
CA SER H 110 -21.37 -100.39 32.57
C SER H 110 -22.42 -99.73 31.68
N GLY H 111 -22.81 -100.45 30.63
CA GLY H 111 -24.04 -100.19 29.84
C GLY H 111 -24.20 -98.85 29.14
N ALA H 112 -24.50 -97.83 29.94
CA ALA H 112 -24.63 -96.45 29.46
C ALA H 112 -23.36 -95.59 29.75
N VAL H 113 -22.25 -95.99 29.12
CA VAL H 113 -21.13 -95.09 28.89
C VAL H 113 -20.84 -95.31 27.43
N ASP H 114 -21.05 -94.27 26.64
CA ASP H 114 -21.33 -94.49 25.24
C ASP H 114 -20.17 -94.63 24.29
N VAL H 115 -19.26 -93.67 24.28
CA VAL H 115 -18.07 -93.83 23.45
C VAL H 115 -16.75 -93.47 24.16
N ILE H 116 -15.80 -94.40 24.05
CA ILE H 116 -14.53 -94.37 24.77
C ILE H 116 -13.39 -94.05 23.83
N VAL H 117 -12.50 -93.17 24.25
CA VAL H 117 -11.35 -92.78 23.45
C VAL H 117 -10.03 -92.92 24.19
N VAL H 118 -9.10 -93.66 23.59
CA VAL H 118 -7.82 -93.97 24.21
C VAL H 118 -6.69 -93.20 23.57
N ASP H 119 -5.91 -92.56 24.42
CA ASP H 119 -4.87 -91.62 24.02
C ASP H 119 -3.66 -91.81 24.93
N SER H 120 -2.64 -92.52 24.44
CA SER H 120 -2.64 -93.17 23.12
C SER H 120 -2.03 -94.57 23.18
N VAL H 121 -2.30 -95.37 22.16
CA VAL H 121 -1.78 -96.71 22.10
C VAL H 121 -0.33 -96.74 22.51
N ALA H 122 0.45 -95.83 21.96
CA ALA H 122 1.88 -95.78 22.21
C ALA H 122 2.21 -95.52 23.69
N ALA H 123 1.40 -94.68 24.34
CA ALA H 123 1.65 -94.27 25.73
C ALA H 123 1.02 -95.21 26.78
N LEU H 124 0.33 -96.25 26.28
CA LEU H 124 -0.13 -97.37 27.11
C LEU H 124 1.02 -98.34 27.43
N THR H 125 1.97 -97.83 28.22
CA THR H 125 3.22 -98.51 28.51
C THR H 125 2.95 -99.50 29.64
N PRO H 126 3.22 -100.79 29.39
CA PRO H 126 2.99 -101.92 30.30
C PRO H 126 3.49 -101.72 31.74
N LYS H 127 2.80 -102.34 32.69
CA LYS H 127 3.16 -102.24 34.12
C LYS H 127 4.56 -102.75 34.31
N ALA H 128 4.93 -103.73 33.49
CA ALA H 128 6.29 -104.27 33.47
C ALA H 128 7.33 -103.17 33.21
N GLU H 129 7.20 -102.45 32.09
CA GLU H 129 8.16 -101.39 31.73
C GLU H 129 8.25 -100.37 32.85
N ILE H 130 7.10 -100.07 33.45
CA ILE H 130 7.04 -99.04 34.47
C ILE H 130 7.94 -99.39 35.64
N GLU H 131 8.05 -100.70 35.95
CA GLU H 131 9.17 -101.31 36.75
C GLU H 131 10.41 -101.82 35.92
N GLY H 132 10.23 -102.99 35.27
CA GLY H 132 11.19 -103.60 34.29
C GLY H 132 11.45 -105.08 34.58
N GLU H 133 10.61 -105.98 34.06
CA GLU H 133 10.51 -107.33 34.70
C GLU H 133 10.76 -108.69 33.95
N ILE H 134 10.00 -109.07 32.89
CA ILE H 134 10.25 -110.40 32.15
C ILE H 134 11.54 -110.35 31.32
N SER H 137 13.00 -105.10 26.27
CA SER H 137 11.94 -104.39 26.98
C SER H 137 11.61 -103.00 26.39
N HIS H 138 11.07 -102.99 25.15
CA HIS H 138 10.36 -101.86 24.42
C HIS H 138 9.59 -102.42 23.15
N MET H 139 10.16 -103.49 22.56
CA MET H 139 9.67 -104.14 21.32
C MET H 139 8.97 -105.54 21.50
N GLY H 140 8.02 -105.69 22.48
CA GLY H 140 7.04 -106.78 22.31
C GLY H 140 6.20 -107.19 23.52
N LEU H 141 6.37 -106.51 24.66
CA LEU H 141 5.56 -106.78 25.87
C LEU H 141 4.20 -106.12 25.81
N ALA H 142 4.12 -105.04 25.03
CA ALA H 142 2.88 -104.30 24.78
C ALA H 142 1.97 -105.02 23.79
N ALA H 143 2.54 -105.53 22.69
CA ALA H 143 1.82 -106.36 21.71
C ALA H 143 1.18 -107.63 22.34
N ARG H 144 1.58 -107.94 23.59
CA ARG H 144 1.05 -109.07 24.36
C ARG H 144 0.14 -108.63 25.51
N MET H 145 0.34 -107.42 26.04
CA MET H 145 -0.66 -106.82 26.93
C MET H 145 -1.92 -106.50 26.13
N MET H 146 -1.72 -106.17 24.85
CA MET H 146 -2.81 -106.02 23.89
C MET H 146 -3.53 -107.34 23.71
N SER H 147 -2.84 -108.34 23.14
CA SER H 147 -3.40 -109.69 22.91
C SER H 147 -4.21 -110.19 24.11
N GLN H 148 -3.91 -109.63 25.27
CA GLN H 148 -4.49 -110.04 26.55
C GLN H 148 -5.93 -109.59 26.71
N ALA H 149 -6.17 -108.53 27.49
CA ALA H 149 -7.53 -108.07 27.81
C ALA H 149 -8.30 -107.50 26.58
N MET H 150 -8.04 -108.07 25.40
CA MET H 150 -8.61 -107.64 24.13
C MET H 150 -9.88 -108.38 23.71
N ARG H 151 -9.84 -109.71 23.77
CA ARG H 151 -11.03 -110.55 23.60
C ARG H 151 -12.11 -110.10 24.57
N LYS H 152 -11.75 -109.98 25.85
CA LYS H 152 -12.64 -109.54 26.94
C LYS H 152 -13.33 -108.19 26.62
N LEU H 153 -12.63 -107.30 25.93
CA LEU H 153 -13.22 -106.04 25.49
C LEU H 153 -14.05 -106.20 24.25
N ALA H 154 -13.51 -106.95 23.28
CA ALA H 154 -14.18 -107.18 22.00
C ALA H 154 -15.68 -107.41 22.16
N GLY H 155 -16.06 -108.13 23.22
CA GLY H 155 -17.44 -108.55 23.50
C GLY H 155 -18.21 -107.67 24.48
N ASN H 156 -17.49 -106.98 25.37
CA ASN H 156 -18.13 -106.05 26.29
C ASN H 156 -18.62 -104.77 25.60
N LEU H 157 -18.56 -104.75 24.28
CA LEU H 157 -18.91 -103.58 23.52
C LEU H 157 -20.16 -103.80 22.72
N LYS H 158 -20.22 -104.91 22.00
CA LYS H 158 -21.44 -105.38 21.34
C LYS H 158 -22.54 -105.54 22.38
N GLN H 159 -22.14 -105.50 23.64
CA GLN H 159 -23.06 -105.57 24.78
C GLN H 159 -23.76 -104.23 25.02
N SER H 160 -22.96 -103.14 25.02
CA SER H 160 -23.42 -101.82 25.46
C SER H 160 -23.70 -100.82 24.34
N ASN H 161 -23.44 -101.26 23.11
CA ASN H 161 -23.29 -100.36 21.97
C ASN H 161 -22.14 -99.37 22.19
N THR H 162 -21.26 -99.71 23.13
CA THR H 162 -20.10 -98.89 23.48
C THR H 162 -19.06 -98.86 22.34
N LEU H 163 -18.83 -97.68 21.78
CA LEU H 163 -17.84 -97.48 20.69
C LEU H 163 -16.46 -97.10 21.24
N LEU H 164 -15.44 -97.87 20.87
CA LEU H 164 -14.10 -97.62 21.39
C LEU H 164 -13.18 -97.26 20.26
N ILE H 165 -12.53 -96.11 20.44
CA ILE H 165 -11.65 -95.54 19.44
C ILE H 165 -10.22 -95.46 19.92
N PHE H 166 -9.35 -96.16 19.22
CA PHE H 166 -7.92 -96.22 19.54
C PHE H 166 -7.09 -95.32 18.62
N ILE H 167 -6.20 -94.51 19.21
CA ILE H 167 -5.28 -93.68 18.38
C ILE H 167 -3.81 -94.12 18.42
N ASN H 168 -3.20 -94.30 17.24
CA ASN H 168 -1.91 -95.00 17.11
C ASN H 168 -1.00 -94.25 16.10
N GLN H 169 0.30 -94.65 16.00
CA GLN H 169 1.35 -94.10 15.04
C GLN H 169 2.05 -95.15 14.12
N GLY H 186 2.57 -100.72 16.75
CA GLY H 186 3.13 -101.39 17.94
C GLY H 186 2.14 -102.25 18.73
N GLY H 187 1.57 -103.27 18.09
CA GLY H 187 0.67 -104.24 18.74
C GLY H 187 -0.34 -104.94 17.84
N ASN H 188 0.08 -106.08 17.26
CA ASN H 188 -0.66 -106.77 16.17
C ASN H 188 -2.01 -107.41 16.56
N ALA H 189 -2.33 -107.40 17.85
CA ALA H 189 -3.63 -107.87 18.32
C ALA H 189 -4.77 -106.92 17.89
N LEU H 190 -4.68 -105.66 18.29
CA LEU H 190 -5.70 -104.65 18.00
C LEU H 190 -6.13 -104.63 16.53
N LYS H 191 -5.21 -104.96 15.64
CA LYS H 191 -5.47 -104.97 14.20
C LYS H 191 -6.73 -105.72 13.81
N PHE H 192 -6.92 -106.92 14.36
CA PHE H 192 -7.98 -107.81 13.88
C PHE H 192 -9.31 -107.61 14.59
N TYR H 193 -9.25 -107.03 15.79
CA TYR H 193 -10.45 -106.85 16.61
C TYR H 193 -11.10 -105.49 16.32
N ALA H 194 -10.43 -104.70 15.49
CA ALA H 194 -10.98 -103.46 15.02
C ALA H 194 -11.97 -103.75 13.90
N SER H 195 -13.14 -103.14 13.98
CA SER H 195 -14.11 -103.27 12.91
C SER H 195 -13.84 -102.19 11.85
N VAL H 196 -13.16 -101.13 12.26
CA VAL H 196 -12.81 -100.04 11.35
C VAL H 196 -11.47 -99.38 11.66
N ARG H 197 -10.70 -99.12 10.61
CA ARG H 197 -9.40 -98.48 10.72
C ARG H 197 -9.19 -97.30 9.77
N LEU H 198 -8.60 -96.24 10.31
CA LEU H 198 -8.37 -95.00 9.57
C LEU H 198 -6.88 -94.57 9.45
N ASP H 199 -6.48 -94.16 8.23
CA ASP H 199 -5.13 -93.66 7.92
C ASP H 199 -5.12 -92.15 7.66
N ILE H 200 -5.12 -91.40 8.75
CA ILE H 200 -5.07 -89.97 8.71
C ILE H 200 -3.63 -89.56 8.41
N ARG H 201 -3.46 -88.56 7.54
CA ARG H 201 -2.15 -87.98 7.24
C ARG H 201 -2.30 -86.53 6.80
N ARG H 202 -1.42 -85.66 7.27
CA ARG H 202 -1.40 -84.27 6.81
C ARG H 202 -0.61 -84.20 5.50
N ILE H 203 -1.26 -83.76 4.44
CA ILE H 203 -0.69 -83.85 3.09
C ILE H 203 -0.64 -82.55 2.32
N GLY H 204 -1.06 -81.47 2.95
CA GLY H 204 -1.05 -80.19 2.30
C GLY H 204 -0.93 -79.03 3.27
N ALA H 205 -1.77 -78.04 3.04
CA ALA H 205 -1.88 -76.87 3.90
C ALA H 205 -2.80 -75.90 3.17
N VAL H 206 -3.58 -75.12 3.92
CA VAL H 206 -4.48 -74.16 3.28
C VAL H 206 -4.14 -72.73 3.67
N LYS H 207 -4.17 -71.86 2.67
CA LYS H 207 -3.73 -70.47 2.81
C LYS H 207 -4.88 -69.45 2.64
N GLU H 208 -4.73 -68.27 3.25
CA GLU H 208 -5.59 -67.12 2.98
C GLU H 208 -4.75 -66.10 2.23
N GLY H 209 -4.25 -66.50 1.08
CA GLY H 209 -3.27 -65.71 0.34
C GLY H 209 -1.87 -65.80 0.93
N GLU H 210 -1.70 -65.32 2.16
CA GLU H 210 -0.35 -65.10 2.75
C GLU H 210 -0.11 -65.75 4.11
N ASN H 211 -0.88 -66.79 4.44
CA ASN H 211 -0.80 -67.38 5.77
C ASN H 211 -0.90 -68.90 5.89
N VAL H 212 -0.42 -69.41 7.02
CA VAL H 212 -0.42 -70.87 7.29
C VAL H 212 -1.85 -71.42 7.47
N VAL H 213 -2.55 -70.88 8.47
CA VAL H 213 -3.89 -71.27 8.99
C VAL H 213 -4.55 -72.64 8.65
N GLY H 214 -4.20 -73.25 7.51
CA GLY H 214 -4.81 -74.52 7.11
C GLY H 214 -3.96 -75.78 7.27
N SER H 215 -4.58 -76.92 6.98
CA SER H 215 -3.92 -78.23 7.00
C SER H 215 -4.75 -79.20 6.18
N GLU H 216 -4.52 -79.25 4.86
CA GLU H 216 -5.24 -80.17 3.97
C GLU H 216 -4.98 -81.64 4.38
N THR H 217 -6.03 -82.35 4.79
CA THR H 217 -5.90 -83.69 5.38
C THR H 217 -6.57 -84.80 4.54
N ARG H 218 -6.00 -86.00 4.61
CA ARG H 218 -6.38 -87.12 3.77
C ARG H 218 -6.52 -88.38 4.61
N VAL H 219 -7.74 -88.89 4.69
CA VAL H 219 -8.06 -90.04 5.50
C VAL H 219 -8.46 -91.19 4.62
N LYS H 220 -7.80 -92.32 4.85
CA LYS H 220 -8.01 -93.53 4.07
C LYS H 220 -8.72 -94.58 4.96
N VAL H 221 -9.73 -95.26 4.41
CA VAL H 221 -10.42 -96.35 5.10
C VAL H 221 -9.69 -97.63 4.75
N VAL H 222 -8.96 -98.19 5.73
CA VAL H 222 -8.20 -99.41 5.48
C VAL H 222 -8.97 -100.66 5.87
N LYS H 223 -9.60 -100.64 7.05
CA LYS H 223 -10.45 -101.78 7.50
C LYS H 223 -11.94 -101.42 7.65
N ASN H 224 -12.79 -102.20 6.96
CA ASN H 224 -14.23 -102.01 6.98
C ASN H 224 -14.96 -103.34 6.79
N LYS H 225 -15.48 -103.86 7.90
CA LYS H 225 -16.34 -105.04 7.92
C LYS H 225 -17.81 -104.58 8.06
N ILE H 226 -17.98 -103.27 8.08
CA ILE H 226 -19.30 -102.63 8.16
C ILE H 226 -19.89 -102.30 6.77
N ALA H 227 -19.04 -101.88 5.82
CA ALA H 227 -19.46 -101.70 4.42
C ALA H 227 -18.39 -102.15 3.38
N ALA H 228 -17.88 -101.19 2.61
CA ALA H 228 -16.82 -101.46 1.64
C ALA H 228 -15.50 -100.77 2.08
N PRO H 229 -14.38 -101.53 2.14
CA PRO H 229 -13.05 -100.96 2.43
C PRO H 229 -12.43 -100.18 1.24
N PHE H 230 -11.17 -99.75 1.39
CA PHE H 230 -10.38 -99.16 0.28
C PHE H 230 -10.78 -97.76 -0.23
N LYS H 231 -11.95 -97.25 0.18
CA LYS H 231 -12.38 -95.91 -0.23
C LYS H 231 -11.74 -94.84 0.64
N GLN H 232 -11.29 -93.75 0.03
CA GLN H 232 -10.64 -92.63 0.73
C GLN H 232 -11.44 -91.33 0.61
N ALA H 233 -11.24 -90.42 1.57
CA ALA H 233 -11.96 -89.15 1.59
C ALA H 233 -11.08 -88.02 2.11
N GLU H 234 -11.20 -86.84 1.49
CA GLU H 234 -10.33 -85.66 1.75
C GLU H 234 -11.08 -84.45 2.31
N PHE H 235 -10.40 -83.67 3.15
CA PHE H 235 -11.00 -82.48 3.78
C PHE H 235 -9.97 -81.49 4.36
N GLN H 236 -10.43 -80.62 5.26
CA GLN H 236 -9.58 -79.55 5.81
C GLN H 236 -9.67 -79.38 7.33
N ILE H 237 -8.61 -78.87 7.94
CA ILE H 237 -8.57 -78.58 9.36
C ILE H 237 -8.08 -77.17 9.60
N LEU H 238 -8.82 -76.39 10.39
CA LEU H 238 -8.40 -75.02 10.64
C LEU H 238 -7.85 -74.82 12.04
N TYR H 239 -6.70 -74.17 12.11
CA TYR H 239 -6.00 -73.87 13.36
C TYR H 239 -6.90 -73.15 14.36
N GLY H 240 -7.48 -73.88 15.30
CA GLY H 240 -8.30 -73.27 16.35
C GLY H 240 -9.78 -73.21 16.02
N GLU H 241 -10.19 -74.06 15.07
CA GLU H 241 -11.61 -74.19 14.72
C GLU H 241 -12.10 -75.59 14.34
N GLY H 242 -11.22 -76.45 13.83
CA GLY H 242 -11.57 -77.85 13.59
C GLY H 242 -12.15 -78.17 12.23
N ILE H 243 -12.62 -79.41 12.03
CA ILE H 243 -13.05 -79.86 10.71
C ILE H 243 -14.10 -78.95 10.10
N ASN H 244 -14.18 -78.91 8.76
CA ASN H 244 -15.15 -78.05 8.09
C ASN H 244 -16.04 -78.75 7.08
N PHE H 245 -17.12 -79.36 7.58
CA PHE H 245 -17.98 -80.17 6.73
C PHE H 245 -18.83 -79.34 5.80
N TYR H 246 -19.01 -78.07 6.15
CA TYR H 246 -19.65 -77.12 5.27
C TYR H 246 -18.75 -76.94 4.04
N GLY H 247 -17.46 -76.82 4.30
CA GLY H 247 -16.46 -76.69 3.26
C GLY H 247 -16.63 -77.80 2.24
N GLU H 248 -16.63 -79.06 2.71
CA GLU H 248 -16.76 -80.24 1.85
C GLU H 248 -18.19 -80.43 1.32
N LEU H 249 -19.16 -79.85 2.01
CA LEU H 249 -20.55 -79.97 1.62
C LEU H 249 -20.76 -79.36 0.26
N VAL H 250 -20.36 -78.10 0.13
CA VAL H 250 -20.43 -77.40 -1.13
C VAL H 250 -19.91 -78.31 -2.22
N ASP H 251 -18.65 -78.73 -2.06
CA ASP H 251 -17.94 -79.60 -3.02
C ASP H 251 -18.74 -80.88 -3.35
N LEU H 252 -19.46 -81.39 -2.35
CA LEU H 252 -20.25 -82.60 -2.53
C LEU H 252 -21.54 -82.29 -3.28
N GLY H 253 -22.08 -81.10 -3.02
CA GLY H 253 -23.26 -80.63 -3.73
C GLY H 253 -22.96 -80.37 -5.19
N VAL H 254 -21.70 -80.05 -5.47
CA VAL H 254 -21.24 -79.81 -6.83
C VAL H 254 -21.40 -81.07 -7.68
N LYS H 255 -20.74 -82.15 -7.28
CA LYS H 255 -20.74 -83.38 -8.07
C LYS H 255 -22.11 -84.05 -8.08
N GLU H 256 -22.93 -83.75 -7.09
CA GLU H 256 -24.22 -84.42 -6.96
C GLU H 256 -25.41 -83.55 -7.36
N LYS H 257 -25.20 -82.78 -8.43
CA LYS H 257 -26.24 -81.95 -9.09
C LYS H 257 -26.84 -80.83 -8.22
N LEU H 258 -27.25 -81.17 -6.99
CA LEU H 258 -27.96 -80.26 -6.06
C LEU H 258 -27.50 -78.80 -6.05
N ILE H 259 -26.19 -78.58 -6.13
CA ILE H 259 -25.63 -77.23 -6.24
C ILE H 259 -25.09 -77.00 -7.65
N GLU H 260 -25.37 -75.83 -8.22
CA GLU H 260 -24.92 -75.50 -9.58
C GLU H 260 -23.79 -74.47 -9.60
N LYS H 261 -22.74 -74.79 -10.36
CA LYS H 261 -21.55 -73.94 -10.50
C LYS H 261 -21.63 -73.11 -11.81
N ALA H 262 -21.84 -71.80 -11.66
CA ALA H 262 -21.87 -70.90 -12.81
C ALA H 262 -20.54 -70.15 -12.96
N GLY H 263 -19.44 -70.92 -12.90
CA GLY H 263 -18.08 -70.37 -13.00
C GLY H 263 -17.49 -69.94 -11.67
N ALA H 264 -17.86 -68.73 -11.22
CA ALA H 264 -17.45 -68.20 -9.93
C ALA H 264 -18.60 -68.14 -8.92
N TRP H 265 -19.74 -67.57 -9.34
CA TRP H 265 -20.95 -67.49 -8.49
C TRP H 265 -21.62 -68.86 -8.37
N TYR H 266 -21.70 -69.38 -7.14
CA TYR H 266 -22.34 -70.67 -6.87
C TYR H 266 -23.86 -70.52 -6.75
N SER H 267 -24.61 -71.57 -7.11
CA SER H 267 -26.09 -71.50 -7.14
C SER H 267 -26.78 -72.64 -6.39
N TYR H 268 -28.04 -72.40 -6.04
CA TYR H 268 -28.95 -73.41 -5.49
C TYR H 268 -30.33 -73.38 -6.18
N LYS H 269 -30.32 -73.64 -7.50
CA LYS H 269 -31.50 -73.57 -8.40
C LYS H 269 -32.21 -72.20 -8.38
N GLY H 270 -31.64 -71.20 -9.07
CA GLY H 270 -32.20 -69.85 -9.11
C GLY H 270 -31.75 -68.95 -7.96
N GLU H 271 -31.92 -69.44 -6.72
CA GLU H 271 -31.49 -68.78 -5.48
C GLU H 271 -29.96 -68.68 -5.31
N LYS H 272 -29.40 -67.52 -5.66
CA LYS H 272 -27.94 -67.27 -5.60
C LYS H 272 -27.41 -67.29 -4.16
N ILE H 273 -26.28 -67.97 -3.94
CA ILE H 273 -25.78 -68.26 -2.59
C ILE H 273 -24.48 -67.51 -2.19
N GLY H 274 -23.57 -67.32 -3.15
CA GLY H 274 -22.35 -66.56 -2.89
C GLY H 274 -21.33 -66.52 -4.01
N GLN H 275 -20.30 -65.72 -3.83
CA GLN H 275 -19.18 -65.59 -4.78
C GLN H 275 -17.88 -66.30 -4.34
N GLY H 276 -17.45 -67.31 -5.12
CA GLY H 276 -16.27 -68.14 -4.79
C GLY H 276 -16.59 -69.35 -3.91
N LYS H 277 -15.57 -70.07 -3.46
CA LYS H 277 -15.80 -71.14 -2.48
C LYS H 277 -15.77 -70.53 -1.06
N ALA H 278 -15.16 -69.34 -0.94
CA ALA H 278 -14.99 -68.62 0.32
C ALA H 278 -16.31 -68.13 0.94
N ASN H 279 -17.21 -67.61 0.09
CA ASN H 279 -18.53 -67.16 0.55
C ASN H 279 -19.61 -68.24 0.48
N ALA H 280 -19.41 -69.24 -0.37
CA ALA H 280 -20.35 -70.35 -0.53
C ALA H 280 -20.37 -71.20 0.73
N THR H 281 -19.18 -71.39 1.29
CA THR H 281 -19.03 -72.02 2.58
C THR H 281 -19.56 -71.07 3.65
N ALA H 282 -19.16 -69.79 3.57
CA ALA H 282 -19.52 -68.79 4.58
C ALA H 282 -21.03 -68.49 4.70
N TRP H 283 -21.83 -69.04 3.78
CA TRP H 283 -23.30 -68.87 3.79
C TRP H 283 -24.03 -70.02 4.48
N LEU H 284 -23.67 -71.26 4.17
CA LEU H 284 -24.30 -72.41 4.79
C LEU H 284 -24.11 -72.41 6.30
N LYS H 285 -23.30 -71.47 6.79
CA LYS H 285 -23.05 -71.27 8.23
C LYS H 285 -24.20 -70.48 8.85
N ASP H 286 -24.65 -69.43 8.13
CA ASP H 286 -25.80 -68.60 8.53
C ASP H 286 -27.17 -69.31 8.39
N ASN H 287 -27.26 -70.27 7.46
CA ASN H 287 -28.51 -71.02 7.18
C ASN H 287 -28.48 -72.50 7.66
N PRO H 288 -28.95 -72.77 8.90
CA PRO H 288 -28.82 -74.13 9.47
C PRO H 288 -29.72 -75.16 8.76
N GLU H 289 -31.03 -74.91 8.78
CA GLU H 289 -32.05 -75.85 8.26
C GLU H 289 -31.86 -76.30 6.81
N THR H 290 -31.52 -75.37 5.93
CA THR H 290 -31.39 -75.65 4.50
C THR H 290 -30.20 -76.56 4.21
N ALA H 291 -29.16 -76.44 5.02
CA ALA H 291 -27.98 -77.29 4.89
C ALA H 291 -28.30 -78.75 5.21
N LYS H 292 -28.71 -78.98 6.46
CA LYS H 292 -29.12 -80.29 6.98
C LYS H 292 -29.92 -81.09 5.93
N GLU H 293 -30.68 -80.37 5.10
CA GLU H 293 -31.48 -80.99 4.05
C GLU H 293 -30.57 -81.58 2.98
N ILE H 294 -29.68 -80.76 2.44
CA ILE H 294 -28.81 -81.20 1.35
C ILE H 294 -27.85 -82.27 1.85
N GLU H 295 -27.37 -82.11 3.09
CA GLU H 295 -26.58 -83.12 3.78
C GLU H 295 -27.18 -84.50 3.45
N LYS H 296 -28.40 -84.70 3.90
CA LYS H 296 -29.06 -85.99 3.76
C LYS H 296 -29.14 -86.47 2.31
N LYS H 297 -29.63 -85.61 1.41
CA LYS H 297 -29.87 -86.01 0.01
C LYS H 297 -28.61 -86.56 -0.66
N VAL H 298 -27.46 -86.16 -0.15
CA VAL H 298 -26.19 -86.70 -0.62
C VAL H 298 -25.97 -88.08 -0.02
N ARG H 299 -26.17 -88.19 1.29
CA ARG H 299 -25.93 -89.43 2.03
C ARG H 299 -26.54 -90.61 1.33
N GLU H 300 -27.82 -90.47 0.94
CA GLU H 300 -28.59 -91.56 0.33
C GLU H 300 -28.17 -91.87 -1.11
N LEU H 301 -27.46 -90.93 -1.74
CA LEU H 301 -26.99 -91.13 -3.12
C LEU H 301 -25.63 -91.86 -3.24
N LEU H 302 -25.04 -92.26 -2.11
CA LEU H 302 -23.74 -92.97 -2.08
C LEU H 302 -23.66 -94.26 -1.19
N LEU H 303 -23.94 -94.11 0.11
CA LEU H 303 -23.80 -95.19 1.11
C LEU H 303 -24.45 -96.54 0.74
N LYS H 330 -30.19 -95.86 33.66
CA LYS H 330 -30.45 -94.51 34.24
C LYS H 330 -29.11 -93.79 34.48
N GLN H 331 -29.13 -92.70 35.27
CA GLN H 331 -27.95 -91.87 35.62
C GLN H 331 -27.15 -92.39 36.80
N LYS H 332 -27.58 -93.55 37.32
CA LYS H 332 -26.86 -94.30 38.35
C LYS H 332 -26.42 -95.69 37.83
N ALA H 333 -26.51 -95.88 36.52
CA ALA H 333 -25.78 -96.94 35.84
C ALA H 333 -24.33 -96.44 35.66
N LEU H 334 -24.19 -95.11 35.67
CA LEU H 334 -22.91 -94.39 35.68
C LEU H 334 -22.41 -94.22 37.13
N ALA H 335 -22.98 -93.25 37.84
CA ALA H 335 -22.54 -92.81 39.18
C ALA H 335 -22.25 -93.93 40.20
N ALA H 336 -22.98 -95.04 40.07
CA ALA H 336 -22.71 -96.22 40.88
C ALA H 336 -21.54 -96.99 40.30
N ALA H 337 -21.58 -97.24 39.00
CA ALA H 337 -20.51 -97.99 38.32
C ALA H 337 -19.19 -97.22 38.24
N LEU H 338 -19.23 -95.93 38.58
CA LEU H 338 -18.04 -95.08 38.67
C LEU H 338 -17.26 -95.36 39.95
N GLY H 339 -17.83 -94.97 41.08
CA GLY H 339 -17.23 -95.22 42.41
C GLY H 339 -16.70 -96.63 42.49
N GLN H 340 -17.27 -97.51 41.66
CA GLN H 340 -16.84 -98.91 41.46
C GLN H 340 -15.42 -99.00 40.92
N ILE H 341 -15.17 -98.32 39.81
CA ILE H 341 -13.86 -98.33 39.19
C ILE H 341 -12.89 -97.56 40.08
N GLU H 342 -13.44 -96.67 40.89
CA GLU H 342 -12.66 -95.89 41.85
C GLU H 342 -12.14 -96.76 42.96
N LYS H 343 -13.05 -97.41 43.69
CA LYS H 343 -12.66 -98.31 44.78
C LYS H 343 -11.79 -99.46 44.26
N GLN H 344 -12.05 -99.90 43.03
CA GLN H 344 -11.39 -101.06 42.41
C GLN H 344 -9.92 -100.81 42.09
N PHE H 345 -9.57 -99.56 41.76
CA PHE H 345 -8.22 -99.19 41.29
C PHE H 345 -7.46 -98.08 42.06
N GLY H 346 -7.81 -97.84 43.32
CA GLY H 346 -7.26 -96.72 44.09
C GLY H 346 -8.07 -95.44 43.88
N LYS H 347 -8.30 -94.68 44.94
CA LYS H 347 -9.27 -93.56 44.93
C LYS H 347 -8.93 -92.38 44.01
N GLY H 348 -9.82 -92.13 43.05
CA GLY H 348 -9.63 -91.09 42.05
C GLY H 348 -8.68 -91.52 40.97
N SER H 349 -9.19 -92.10 39.90
CA SER H 349 -8.36 -92.47 38.76
C SER H 349 -9.20 -92.51 37.51
N ILE H 350 -10.35 -91.88 37.62
CA ILE H 350 -11.13 -91.49 36.47
C ILE H 350 -12.19 -90.53 36.98
N MET H 351 -12.54 -89.54 36.16
CA MET H 351 -13.61 -88.59 36.47
C MET H 351 -14.10 -87.73 35.32
N ARG H 352 -15.29 -87.16 35.52
CA ARG H 352 -15.82 -86.04 34.72
C ARG H 352 -14.90 -84.87 35.03
N LEU H 353 -14.68 -83.98 34.06
CA LEU H 353 -13.69 -82.92 34.23
C LEU H 353 -14.23 -81.76 35.06
N GLY H 354 -15.44 -81.31 34.72
CA GLY H 354 -16.08 -80.18 35.42
C GLY H 354 -16.67 -80.54 36.77
N GLU H 355 -15.78 -80.66 37.75
CA GLU H 355 -16.17 -81.14 39.07
C GLU H 355 -15.58 -80.36 40.19
N ASP H 356 -16.41 -80.11 41.20
CA ASP H 356 -16.01 -79.40 42.42
C ASP H 356 -15.45 -80.36 43.45
N ARG H 357 -15.43 -81.63 43.06
CA ARG H 357 -14.93 -82.74 43.89
C ARG H 357 -13.39 -82.78 43.96
N SER H 358 -12.87 -82.27 45.07
CA SER H 358 -11.48 -82.43 45.45
C SER H 358 -11.47 -83.22 46.76
N MET H 359 -10.89 -84.42 46.75
CA MET H 359 -10.77 -85.23 47.96
C MET H 359 -9.96 -84.46 49.02
N ASP H 360 -10.23 -84.69 50.31
CA ASP H 360 -9.54 -83.92 51.38
C ASP H 360 -8.16 -84.56 51.86
N VAL H 361 -7.15 -84.80 50.98
CA VAL H 361 -5.71 -85.13 51.28
C VAL H 361 -4.86 -83.85 51.45
N GLU H 362 -3.77 -83.95 52.22
CA GLU H 362 -2.99 -82.80 52.73
C GLU H 362 -2.31 -81.93 51.66
N THR H 363 -2.44 -80.61 51.82
CA THR H 363 -2.08 -79.63 50.81
C THR H 363 -0.90 -78.76 51.23
N ILE H 364 0.07 -78.61 50.33
CA ILE H 364 1.18 -77.68 50.54
C ILE H 364 1.20 -76.64 49.41
N SER H 365 1.13 -75.36 49.79
CA SER H 365 1.03 -74.25 48.80
C SER H 365 2.22 -74.14 47.81
N THR H 366 1.92 -74.00 46.51
CA THR H 366 2.96 -73.89 45.51
C THR H 366 3.61 -72.54 45.56
N GLY H 367 2.94 -71.58 46.20
CA GLY H 367 3.39 -70.20 46.22
C GLY H 367 2.48 -69.34 45.37
N SER H 368 1.88 -69.98 44.35
CA SER H 368 0.91 -69.33 43.48
C SER H 368 -0.49 -69.79 43.76
N LEU H 369 -1.35 -68.84 44.10
CA LEU H 369 -2.78 -69.05 44.22
C LEU H 369 -3.33 -69.71 42.97
N SER H 370 -3.07 -69.11 41.81
CA SER H 370 -3.63 -69.64 40.55
C SER H 370 -3.14 -71.06 40.21
N LEU H 371 -2.01 -71.47 40.79
CA LEU H 371 -1.60 -72.86 40.68
C LEU H 371 -2.43 -73.72 41.61
N ASP H 372 -2.42 -73.38 42.90
CA ASP H 372 -3.20 -74.12 43.88
C ASP H 372 -4.60 -74.38 43.34
N ILE H 373 -5.16 -73.36 42.71
CA ILE H 373 -6.48 -73.42 42.11
C ILE H 373 -6.60 -74.48 41.03
N ALA H 374 -5.68 -74.47 40.08
CA ALA H 374 -5.73 -75.42 38.98
C ALA H 374 -5.24 -76.85 39.38
N LEU H 375 -4.49 -76.93 40.47
CA LEU H 375 -4.17 -78.20 41.08
C LEU H 375 -5.48 -78.86 41.44
N GLY H 376 -6.40 -78.07 41.98
CA GLY H 376 -7.69 -78.57 42.41
C GLY H 376 -7.73 -78.68 43.92
N ALA H 377 -6.67 -79.22 44.52
CA ALA H 377 -6.61 -79.50 45.96
C ALA H 377 -6.24 -78.29 46.79
N GLY H 378 -5.59 -77.32 46.15
CA GLY H 378 -5.10 -76.12 46.81
C GLY H 378 -3.71 -76.32 47.40
N GLY H 379 -2.87 -77.03 46.65
CA GLY H 379 -1.50 -77.35 47.04
C GLY H 379 -1.08 -78.73 46.59
N LEU H 380 0.22 -79.02 46.71
CA LEU H 380 0.75 -80.33 46.34
C LEU H 380 0.48 -81.41 47.41
N PRO H 381 0.02 -82.58 46.95
CA PRO H 381 -0.30 -83.79 47.73
C PRO H 381 0.83 -84.38 48.62
N MET H 382 0.81 -84.03 49.90
CA MET H 382 1.74 -84.57 50.89
C MET H 382 1.80 -86.09 50.86
N GLY H 383 3.01 -86.60 50.60
CA GLY H 383 3.26 -88.05 50.58
C GLY H 383 3.18 -88.69 49.20
N ARG H 384 3.39 -87.89 48.15
CA ARG H 384 3.29 -88.35 46.76
C ARG H 384 4.47 -87.88 45.89
N ILE H 385 4.49 -88.31 44.64
CA ILE H 385 5.57 -87.90 43.73
C ILE H 385 5.10 -86.85 42.75
N VAL H 386 5.80 -85.72 42.73
CA VAL H 386 5.47 -84.61 41.84
C VAL H 386 6.60 -84.32 40.85
N GLU H 387 6.30 -84.43 39.55
CA GLU H 387 7.27 -84.06 38.52
C GLU H 387 6.88 -82.72 37.93
N ILE H 388 7.74 -81.71 38.14
CA ILE H 388 7.62 -80.41 37.49
C ILE H 388 8.64 -80.34 36.38
N TYR H 389 8.16 -80.45 35.15
CA TYR H 389 9.06 -80.42 34.02
C TYR H 389 8.96 -79.11 33.32
N GLY H 390 10.01 -78.77 32.56
CA GLY H 390 10.03 -77.52 31.77
C GLY H 390 11.33 -77.10 31.08
N PRO H 391 11.23 -76.66 29.82
CA PRO H 391 12.33 -75.99 29.14
C PRO H 391 13.30 -75.31 30.10
N GLU H 392 14.57 -75.55 29.91
CA GLU H 392 15.58 -74.90 30.74
C GLU H 392 15.30 -73.40 30.88
N SER H 393 15.59 -72.87 32.06
CA SER H 393 15.43 -71.42 32.35
C SER H 393 13.99 -70.98 32.16
N SER H 394 13.06 -71.86 32.48
CA SER H 394 11.62 -71.56 32.33
C SER H 394 11.05 -70.89 33.58
N GLY H 395 11.58 -71.31 34.71
CA GLY H 395 11.14 -70.78 35.97
C GLY H 395 10.92 -71.91 36.94
N LYS H 396 11.05 -73.14 36.47
CA LYS H 396 10.73 -74.30 37.31
C LYS H 396 11.32 -74.22 38.72
N THR H 397 12.62 -73.99 38.81
CA THR H 397 13.28 -74.05 40.11
C THR H 397 12.81 -72.97 41.09
N THR H 398 12.40 -71.82 40.57
CA THR H 398 11.87 -70.76 41.41
C THR H 398 10.66 -71.30 42.13
N LEU H 399 9.73 -71.81 41.34
CA LEU H 399 8.52 -72.42 41.84
C LEU H 399 8.85 -73.55 42.80
N THR H 400 9.92 -74.27 42.50
CA THR H 400 10.44 -75.34 43.35
C THR H 400 10.86 -74.79 44.70
N LEU H 401 11.69 -73.74 44.69
CA LEU H 401 12.14 -73.12 45.93
C LEU H 401 11.00 -72.47 46.67
N GLN H 402 9.91 -72.24 45.96
CA GLN H 402 8.75 -71.60 46.57
C GLN H 402 7.92 -72.60 47.39
N VAL H 403 7.86 -73.85 46.95
CA VAL H 403 7.17 -74.87 47.73
C VAL H 403 7.99 -75.13 48.97
N ILE H 404 9.30 -75.26 48.80
CA ILE H 404 10.21 -75.41 49.92
C ILE H 404 9.96 -74.26 50.90
N ALA H 405 9.62 -73.10 50.34
CA ALA H 405 9.35 -71.89 51.12
C ALA H 405 8.18 -72.12 52.04
N ALA H 406 7.01 -72.33 51.45
CA ALA H 406 5.75 -72.41 52.19
C ALA H 406 5.71 -73.56 53.19
N ALA H 407 6.41 -74.64 52.88
CA ALA H 407 6.42 -75.80 53.76
C ALA H 407 7.33 -75.56 54.95
N GLN H 408 8.37 -74.77 54.74
CA GLN H 408 9.34 -74.44 55.78
C GLN H 408 8.82 -73.39 56.74
N ARG H 409 7.80 -72.67 56.28
CA ARG H 409 7.18 -71.59 57.04
C ARG H 409 6.02 -72.17 57.85
N GLU H 410 5.74 -73.45 57.65
CA GLU H 410 4.79 -74.18 58.49
C GLU H 410 5.50 -75.24 59.32
N GLY H 411 6.61 -74.84 59.96
CA GLY H 411 7.38 -75.74 60.84
C GLY H 411 8.17 -76.90 60.21
N LYS H 412 7.73 -77.39 59.04
CA LYS H 412 8.26 -78.61 58.37
C LYS H 412 9.73 -78.47 57.92
N THR H 413 10.47 -79.59 57.85
CA THR H 413 11.87 -79.55 57.36
C THR H 413 12.09 -80.45 56.14
N CYS H 414 12.84 -79.90 55.17
CA CYS H 414 12.85 -80.39 53.79
C CYS H 414 14.19 -80.78 53.19
N ALA H 415 14.12 -81.60 52.16
CA ALA H 415 15.28 -82.20 51.55
C ALA H 415 15.59 -81.66 50.17
N PHE H 416 16.88 -81.57 49.87
CA PHE H 416 17.33 -81.09 48.58
C PHE H 416 18.40 -82.00 48.02
N ILE H 417 17.98 -82.82 47.08
CA ILE H 417 18.87 -83.74 46.43
C ILE H 417 19.34 -83.00 45.22
N ASP H 418 20.64 -82.66 45.20
CA ASP H 418 21.22 -81.82 44.14
C ASP H 418 22.34 -82.44 43.28
N ALA H 419 22.01 -82.69 42.02
CA ALA H 419 22.98 -83.21 41.09
C ALA H 419 23.36 -82.12 40.10
N GLU H 420 22.69 -80.96 40.20
CA GLU H 420 22.91 -79.80 39.31
C GLU H 420 24.04 -78.87 39.76
N HIS H 421 24.16 -78.73 41.07
CA HIS H 421 25.14 -77.83 41.68
C HIS H 421 24.82 -76.43 41.25
N ALA H 422 23.55 -76.08 41.40
CA ALA H 422 23.01 -74.81 40.94
C ALA H 422 22.64 -73.90 42.11
N LEU H 423 21.37 -73.96 42.52
CA LEU H 423 20.82 -73.32 43.71
C LEU H 423 21.51 -72.03 44.17
N ASP H 424 20.87 -70.89 43.93
CA ASP H 424 21.39 -69.63 44.48
C ASP H 424 20.86 -69.44 45.91
N PRO H 425 21.74 -69.60 46.92
CA PRO H 425 21.29 -69.40 48.29
C PRO H 425 20.63 -68.04 48.48
N ILE H 426 21.32 -66.98 48.07
CA ILE H 426 20.86 -65.60 48.29
C ILE H 426 19.46 -65.35 47.70
N TYR H 427 19.22 -65.88 46.51
CA TYR H 427 17.91 -65.80 45.88
C TYR H 427 16.87 -66.60 46.68
N ALA H 428 17.27 -67.75 47.19
CA ALA H 428 16.35 -68.54 47.98
C ALA H 428 15.97 -67.75 49.22
N ARG H 429 16.94 -67.05 49.78
CA ARG H 429 16.70 -66.31 51.01
C ARG H 429 15.74 -65.14 50.77
N LYS H 430 15.85 -64.45 49.63
CA LYS H 430 14.84 -63.46 49.31
C LYS H 430 13.52 -64.17 49.02
N LEU H 431 13.60 -65.39 48.49
CA LEU H 431 12.40 -66.12 48.08
C LEU H 431 11.52 -66.55 49.23
N GLY H 432 12.13 -66.89 50.36
CA GLY H 432 11.40 -67.29 51.57
C GLY H 432 11.89 -68.55 52.24
N VAL H 433 12.95 -69.13 51.69
CA VAL H 433 13.50 -70.38 52.20
C VAL H 433 14.45 -70.10 53.33
N ASP H 434 14.27 -70.84 54.43
CA ASP H 434 15.22 -70.78 55.51
C ASP H 434 16.35 -71.72 55.18
N ILE H 435 17.36 -71.17 54.55
CA ILE H 435 18.45 -71.96 54.06
C ILE H 435 19.14 -72.73 55.19
N ASP H 436 19.34 -72.07 56.32
CA ASP H 436 20.08 -72.66 57.45
C ASP H 436 19.55 -74.03 57.89
N ASN H 437 18.25 -74.24 57.76
CA ASN H 437 17.57 -75.48 58.16
C ASN H 437 17.38 -76.47 57.03
N LEU H 438 17.70 -76.06 55.81
CA LEU H 438 17.43 -76.90 54.66
C LEU H 438 18.41 -78.05 54.60
N LEU H 439 17.88 -79.24 54.34
CA LEU H 439 18.71 -80.41 54.25
C LEU H 439 19.15 -80.56 52.82
N CYS H 440 20.45 -80.50 52.64
CA CYS H 440 21.02 -80.53 51.32
C CYS H 440 21.87 -81.76 51.07
N SER H 441 21.65 -82.38 49.92
CA SER H 441 22.36 -83.58 49.56
C SER H 441 23.07 -83.40 48.25
N GLN H 442 24.36 -83.75 48.22
CA GLN H 442 25.17 -83.66 47.01
C GLN H 442 25.75 -85.01 46.62
N PRO H 443 24.94 -85.86 45.97
CA PRO H 443 25.27 -87.28 45.84
C PRO H 443 26.41 -87.53 44.89
N ASP H 444 27.14 -88.59 45.21
CA ASP H 444 28.23 -89.09 44.38
C ASP H 444 27.68 -89.71 43.09
N THR H 445 26.39 -90.04 43.05
CA THR H 445 25.84 -90.63 41.84
C THR H 445 24.35 -90.95 41.73
N GLY H 446 23.95 -91.13 40.47
CA GLY H 446 22.59 -91.31 40.00
C GLY H 446 21.83 -92.23 40.92
N GLU H 447 22.17 -93.51 40.89
CA GLU H 447 21.50 -94.44 41.78
C GLU H 447 21.67 -93.96 43.21
N GLN H 448 22.91 -93.72 43.64
CA GLN H 448 23.14 -93.35 45.03
C GLN H 448 22.17 -92.25 45.48
N ALA H 449 21.98 -91.26 44.62
CA ALA H 449 21.01 -90.22 44.89
C ALA H 449 19.63 -90.80 45.17
N LEU H 450 19.10 -91.54 44.20
CA LEU H 450 17.79 -92.17 44.31
C LEU H 450 17.62 -92.99 45.56
N GLU H 451 18.71 -93.57 46.05
CA GLU H 451 18.65 -94.42 47.25
C GLU H 451 18.68 -93.62 48.55
N ILE H 452 19.13 -92.37 48.45
CA ILE H 452 19.18 -91.50 49.63
C ILE H 452 17.77 -91.00 49.93
N CYS H 453 16.93 -90.97 48.91
CA CYS H 453 15.53 -90.65 49.10
C CYS H 453 14.83 -91.78 49.84
N ASP H 454 15.01 -93.01 49.36
CA ASP H 454 14.43 -94.23 49.95
C ASP H 454 14.45 -94.14 51.47
N ALA H 455 15.61 -93.73 51.99
CA ALA H 455 15.87 -93.69 53.43
C ALA H 455 15.45 -92.36 54.08
N LEU H 456 15.31 -91.30 53.28
CA LEU H 456 14.75 -90.04 53.82
C LEU H 456 13.23 -90.13 53.85
N ALA H 457 12.71 -91.14 53.16
CA ALA H 457 11.30 -91.44 53.22
C ALA H 457 11.03 -92.20 54.50
N ARG H 458 11.76 -93.29 54.73
CA ARG H 458 11.70 -94.04 55.99
C ARG H 458 12.37 -93.23 57.10
N SER H 459 11.98 -91.97 57.19
CA SER H 459 12.31 -91.14 58.34
C SER H 459 11.01 -90.59 58.92
N GLY H 460 10.16 -90.04 58.05
CA GLY H 460 8.83 -89.52 58.43
C GLY H 460 8.81 -88.04 58.80
N ALA H 461 9.92 -87.58 59.38
CA ALA H 461 10.12 -86.16 59.75
C ALA H 461 11.06 -85.45 58.75
N VAL H 462 11.15 -86.02 57.55
CA VAL H 462 11.54 -85.27 56.38
C VAL H 462 10.26 -85.13 55.59
N ASP H 463 9.80 -83.89 55.47
CA ASP H 463 8.46 -83.64 54.95
C ASP H 463 8.40 -83.52 53.43
N VAL H 464 9.33 -82.78 52.83
CA VAL H 464 9.42 -82.72 51.37
C VAL H 464 10.84 -82.92 50.81
N ILE H 465 10.90 -83.76 49.81
CA ILE H 465 12.14 -84.05 49.12
C ILE H 465 12.08 -83.34 47.78
N VAL H 466 13.15 -82.62 47.44
CA VAL H 466 13.31 -81.98 46.12
C VAL H 466 14.56 -82.46 45.36
N VAL H 467 14.32 -83.02 44.19
CA VAL H 467 15.38 -83.65 43.41
C VAL H 467 15.72 -82.86 42.16
N ASP H 468 16.99 -82.46 42.05
CA ASP H 468 17.49 -81.53 41.02
C ASP H 468 18.69 -82.12 40.26
N SER H 469 18.45 -82.80 39.15
CA SER H 469 17.12 -83.04 38.59
C SER H 469 17.24 -84.14 37.57
N VAL H 470 16.15 -84.88 37.35
CA VAL H 470 16.13 -86.04 36.45
C VAL H 470 17.38 -86.21 35.57
N ALA H 471 17.50 -85.34 34.56
CA ALA H 471 18.56 -85.43 33.56
C ALA H 471 19.95 -85.48 34.19
N ALA H 472 20.12 -84.76 35.31
CA ALA H 472 21.42 -84.65 36.03
C ALA H 472 21.77 -85.82 37.00
N LEU H 473 20.81 -86.73 37.24
CA LEU H 473 21.01 -87.97 38.00
C LEU H 473 21.68 -89.05 37.16
N THR H 474 22.85 -88.70 36.64
CA THR H 474 23.56 -89.51 35.68
C THR H 474 24.19 -90.72 36.37
N PRO H 475 23.74 -91.92 36.02
CA PRO H 475 23.97 -93.23 36.60
C PRO H 475 25.41 -93.66 36.63
N LYS H 476 25.67 -94.81 37.27
CA LYS H 476 27.02 -95.33 37.47
C LYS H 476 27.71 -95.58 36.15
N ALA H 477 27.10 -96.43 35.34
CA ALA H 477 27.68 -96.90 34.08
C ALA H 477 28.26 -95.77 33.21
N GLU H 478 27.60 -94.61 33.23
CA GLU H 478 28.10 -93.42 32.56
C GLU H 478 29.31 -92.86 33.30
N ILE H 479 29.23 -92.75 34.62
CA ILE H 479 30.35 -92.25 35.41
C ILE H 479 31.57 -93.13 35.20
N GLU H 480 31.41 -94.41 35.47
CA GLU H 480 32.51 -95.34 35.29
C GLU H 480 32.80 -95.61 33.80
N GLY H 481 31.77 -95.60 32.97
CA GLY H 481 31.92 -95.52 31.49
C GLY H 481 31.40 -96.65 30.61
N GLU H 482 32.30 -97.20 29.81
CA GLU H 482 32.28 -98.61 29.34
C GLU H 482 31.67 -99.05 27.98
N ILE H 483 32.13 -100.23 27.57
CA ILE H 483 31.80 -100.93 26.31
C ILE H 483 30.79 -102.10 26.50
N GLY H 484 29.50 -101.77 26.47
CA GLY H 484 28.42 -102.76 26.53
C GLY H 484 27.23 -102.17 25.79
N ASP H 485 26.74 -101.04 26.31
CA ASP H 485 25.73 -100.21 25.64
C ASP H 485 26.36 -98.90 25.14
N SER H 486 26.11 -98.54 23.87
CA SER H 486 26.46 -97.19 23.33
C SER H 486 25.57 -96.13 24.01
N HIS H 487 26.05 -95.69 25.18
CA HIS H 487 25.23 -95.18 26.29
C HIS H 487 24.14 -94.09 26.01
N MET H 488 24.55 -92.81 26.09
CA MET H 488 23.73 -91.65 26.56
C MET H 488 22.49 -92.00 27.43
N GLY H 489 21.36 -92.24 26.77
CA GLY H 489 20.02 -92.24 27.35
C GLY H 489 19.42 -93.62 27.23
N LEU H 490 19.99 -94.56 27.98
CA LEU H 490 19.45 -95.90 28.11
C LEU H 490 19.17 -96.15 29.59
N ALA H 491 20.14 -95.80 30.42
CA ALA H 491 20.02 -95.96 31.85
C ALA H 491 18.88 -95.09 32.45
N ALA H 492 17.81 -94.85 31.67
CA ALA H 492 16.52 -94.39 32.20
C ALA H 492 15.79 -95.52 32.96
N ARG H 493 16.32 -96.74 32.80
CA ARG H 493 15.89 -97.93 33.54
C ARG H 493 16.31 -97.84 35.00
N MET H 494 17.38 -97.10 35.26
CA MET H 494 17.75 -96.75 36.63
C MET H 494 16.60 -96.03 37.35
N MET H 495 15.83 -95.24 36.59
CA MET H 495 14.62 -94.63 37.13
C MET H 495 13.60 -95.73 37.42
N SER H 496 13.19 -96.45 36.39
CA SER H 496 12.19 -97.49 36.53
C SER H 496 12.47 -98.38 37.73
N GLN H 497 13.76 -98.55 38.03
CA GLN H 497 14.24 -99.41 39.13
C GLN H 497 13.68 -99.00 40.49
N ALA H 498 14.47 -98.23 41.23
CA ALA H 498 14.16 -97.84 42.60
C ALA H 498 12.94 -96.90 42.68
N MET H 499 12.19 -96.82 41.59
CA MET H 499 10.94 -96.03 41.53
C MET H 499 9.82 -96.72 42.27
N ARG H 500 9.48 -97.90 41.80
CA ARG H 500 8.48 -98.77 42.40
C ARG H 500 8.41 -98.61 43.91
N LYS H 501 9.56 -98.74 44.55
CA LYS H 501 9.68 -98.77 46.01
C LYS H 501 9.43 -97.43 46.68
N LEU H 502 9.86 -96.36 46.04
CA LEU H 502 9.65 -95.04 46.61
C LEU H 502 8.18 -94.72 46.82
N ALA H 503 7.33 -95.27 45.95
CA ALA H 503 5.89 -95.07 46.03
C ALA H 503 5.34 -95.27 47.46
N GLY H 504 5.62 -96.45 48.01
CA GLY H 504 5.20 -96.81 49.38
C GLY H 504 5.91 -96.01 50.46
N ASN H 505 7.25 -96.12 50.51
CA ASN H 505 8.08 -95.43 51.51
C ASN H 505 7.69 -93.95 51.80
N LEU H 506 7.08 -93.29 50.81
CA LEU H 506 6.70 -91.87 50.93
C LEU H 506 5.29 -91.67 51.46
N LYS H 507 4.40 -92.59 51.08
CA LYS H 507 3.00 -92.56 51.47
C LYS H 507 2.81 -92.81 52.96
N GLN H 508 3.58 -93.74 53.55
CA GLN H 508 3.54 -94.05 55.00
C GLN H 508 4.56 -93.27 55.82
N SER H 509 4.83 -92.04 55.35
CA SER H 509 5.69 -91.05 55.99
C SER H 509 5.04 -89.67 55.89
N ASN H 510 4.18 -89.52 54.87
CA ASN H 510 3.74 -88.24 54.37
C ASN H 510 4.95 -87.38 54.01
N THR H 511 5.86 -88.01 53.26
CA THR H 511 6.99 -87.32 52.70
C THR H 511 6.65 -87.01 51.25
N LEU H 512 6.57 -85.72 50.92
CA LEU H 512 6.29 -85.25 49.55
C LEU H 512 7.57 -85.06 48.71
N LEU H 513 7.62 -85.73 47.56
CA LEU H 513 8.81 -85.71 46.76
C LEU H 513 8.53 -85.11 45.41
N ILE H 514 9.51 -84.32 44.95
CA ILE H 514 9.43 -83.52 43.74
C ILE H 514 10.62 -83.77 42.82
N PHE H 515 10.30 -84.13 41.60
CA PHE H 515 11.25 -84.31 40.53
C PHE H 515 11.23 -83.13 39.52
N ILE H 516 12.40 -82.74 39.00
CA ILE H 516 12.47 -81.70 37.98
C ILE H 516 13.08 -82.29 36.72
N ASN H 517 12.46 -82.07 35.55
CA ASN H 517 12.93 -82.65 34.26
C ASN H 517 13.09 -81.52 33.20
N GLN H 518 13.36 -81.87 31.91
CA GLN H 518 13.40 -80.93 30.70
C GLN H 518 12.74 -81.38 29.37
N GLY H 535 13.87 -87.15 30.57
CA GLY H 535 14.26 -88.23 31.50
C GLY H 535 13.74 -89.64 31.17
N GLY H 536 13.14 -90.35 32.15
CA GLY H 536 12.72 -91.78 31.99
C GLY H 536 11.22 -92.08 32.02
N ASN H 537 10.82 -93.11 31.25
CA ASN H 537 9.39 -93.48 31.02
C ASN H 537 8.54 -93.66 32.28
N ALA H 538 9.17 -94.16 33.34
CA ALA H 538 8.48 -94.56 34.57
C ALA H 538 7.75 -93.42 35.26
N LEU H 539 8.53 -92.45 35.70
CA LEU H 539 8.02 -91.28 36.39
C LEU H 539 6.71 -90.78 35.79
N LYS H 540 6.62 -90.85 34.47
CA LYS H 540 5.42 -90.44 33.71
C LYS H 540 4.12 -90.96 34.30
N PHE H 541 4.19 -92.01 35.13
CA PHE H 541 3.00 -92.61 35.68
C PHE H 541 2.98 -92.62 37.18
N TYR H 542 4.15 -92.92 37.75
CA TYR H 542 4.30 -92.98 39.20
C TYR H 542 4.22 -91.58 39.86
N ALA H 543 4.23 -90.53 39.05
CA ALA H 543 3.93 -89.18 39.54
C ALA H 543 2.44 -89.08 39.84
N SER H 544 2.11 -88.55 41.02
CA SER H 544 0.72 -88.36 41.40
C SER H 544 0.20 -87.08 40.76
N VAL H 545 1.09 -86.10 40.61
CA VAL H 545 0.81 -84.85 39.88
C VAL H 545 2.00 -84.33 39.03
N ARG H 546 1.65 -83.74 37.89
CA ARG H 546 2.63 -83.31 36.93
C ARG H 546 2.39 -81.93 36.34
N LEU H 547 3.49 -81.18 36.36
CA LEU H 547 3.58 -79.79 36.00
C LEU H 547 4.42 -79.47 34.74
N ASP H 548 3.82 -78.64 33.88
CA ASP H 548 4.46 -78.04 32.72
C ASP H 548 4.58 -76.50 32.91
N ILE H 549 5.70 -76.06 33.46
CA ILE H 549 5.99 -74.65 33.54
C ILE H 549 6.65 -74.27 32.23
N ARG H 550 6.29 -73.11 31.69
CA ARG H 550 6.93 -72.53 30.50
C ARG H 550 7.29 -71.05 30.74
N ARG H 551 7.61 -70.30 29.69
CA ARG H 551 7.77 -68.86 29.82
C ARG H 551 7.30 -68.27 28.52
N ILE H 552 6.50 -67.21 28.57
CA ILE H 552 6.03 -66.61 27.31
C ILE H 552 6.29 -65.10 27.11
N GLY H 553 6.39 -64.34 28.20
CA GLY H 553 6.34 -62.88 28.05
C GLY H 553 7.54 -62.07 28.46
N ALA H 554 7.77 -62.02 29.77
CA ALA H 554 8.69 -61.07 30.40
C ALA H 554 8.06 -59.67 30.52
N VAL H 555 8.29 -59.00 31.66
CA VAL H 555 7.70 -57.67 31.85
C VAL H 555 8.69 -56.57 32.22
N LYS H 556 8.23 -55.32 32.04
CA LYS H 556 9.10 -54.13 32.05
C LYS H 556 8.71 -53.03 33.07
N GLU H 557 9.74 -52.43 33.68
CA GLU H 557 9.66 -51.21 34.50
C GLU H 557 10.14 -50.09 33.60
N GLY H 558 9.27 -49.64 32.70
CA GLY H 558 9.68 -48.72 31.66
C GLY H 558 10.37 -49.47 30.54
N GLU H 559 11.71 -49.39 30.49
CA GLU H 559 12.52 -50.05 29.46
C GLU H 559 13.33 -51.24 29.97
N ASN H 560 13.55 -51.29 31.29
CA ASN H 560 14.18 -52.43 31.95
C ASN H 560 13.37 -53.72 31.74
N VAL H 561 14.04 -54.88 31.76
CA VAL H 561 13.39 -56.18 31.70
C VAL H 561 13.54 -56.83 33.07
N VAL H 562 12.48 -56.75 33.87
CA VAL H 562 12.60 -57.18 35.25
C VAL H 562 11.63 -58.33 35.56
N GLY H 563 10.85 -58.75 34.56
CA GLY H 563 9.82 -59.79 34.74
C GLY H 563 9.87 -60.99 33.82
N SER H 564 9.07 -62.02 34.12
CA SER H 564 8.92 -63.21 33.27
C SER H 564 7.51 -63.80 33.37
N GLU H 565 6.71 -63.65 32.32
CA GLU H 565 5.32 -64.14 32.30
C GLU H 565 5.30 -65.65 32.06
N THR H 566 4.90 -66.39 33.09
CA THR H 566 4.92 -67.84 33.02
C THR H 566 3.53 -68.44 32.91
N ARG H 567 3.50 -69.71 32.51
CA ARG H 567 2.27 -70.48 32.36
C ARG H 567 2.52 -71.93 32.82
N VAL H 568 1.87 -72.31 33.91
CA VAL H 568 1.97 -73.65 34.45
C VAL H 568 0.72 -74.42 34.08
N LYS H 569 0.97 -75.53 33.40
CA LYS H 569 -0.05 -76.50 33.06
C LYS H 569 0.06 -77.72 33.99
N VAL H 570 -1.07 -78.15 34.55
CA VAL H 570 -1.12 -79.37 35.35
C VAL H 570 -1.64 -80.40 34.38
N VAL H 571 -0.76 -81.28 33.93
CA VAL H 571 -1.18 -82.20 32.90
C VAL H 571 -1.47 -83.59 33.41
N LYS H 572 -0.74 -84.00 34.42
CA LYS H 572 -1.09 -85.25 35.09
C LYS H 572 -1.68 -84.96 36.45
N ASN H 573 -2.95 -85.25 36.62
CA ASN H 573 -3.59 -85.00 37.91
C ASN H 573 -4.50 -86.10 38.41
N LYS H 574 -3.99 -86.82 39.40
CA LYS H 574 -4.77 -87.83 40.10
C LYS H 574 -5.17 -87.28 41.47
N ILE H 575 -5.29 -85.96 41.60
CA ILE H 575 -5.83 -85.38 42.84
C ILE H 575 -7.23 -84.88 42.54
N ALA H 576 -7.35 -84.17 41.42
CA ALA H 576 -8.63 -83.61 40.99
C ALA H 576 -8.64 -83.36 39.49
N ALA H 577 -9.15 -82.19 39.11
CA ALA H 577 -9.26 -81.78 37.73
C ALA H 577 -7.89 -81.68 37.04
N PRO H 578 -7.66 -82.58 36.07
CA PRO H 578 -6.46 -82.50 35.26
C PRO H 578 -6.60 -81.47 34.12
N PHE H 579 -5.48 -81.02 33.56
CA PHE H 579 -5.46 -80.10 32.40
C PHE H 579 -5.91 -78.69 32.74
N LYS H 580 -6.07 -78.39 34.01
CA LYS H 580 -6.34 -77.02 34.41
C LYS H 580 -5.02 -76.24 34.34
N GLN H 581 -5.06 -74.93 34.10
CA GLN H 581 -3.83 -74.13 33.94
C GLN H 581 -3.83 -72.82 34.71
N ALA H 582 -2.66 -72.21 34.79
CA ALA H 582 -2.49 -71.05 35.65
C ALA H 582 -1.41 -70.08 35.15
N GLU H 583 -1.82 -68.90 34.70
CA GLU H 583 -0.88 -67.83 34.27
C GLU H 583 -0.59 -66.84 35.41
N PHE H 584 0.67 -66.41 35.51
CA PHE H 584 1.12 -65.42 36.49
C PHE H 584 2.52 -64.85 36.19
N GLN H 585 3.02 -64.02 37.09
CA GLN H 585 4.31 -63.38 36.87
C GLN H 585 5.39 -63.85 37.84
N ILE H 586 6.63 -63.96 37.33
CA ILE H 586 7.83 -64.17 38.16
C ILE H 586 8.80 -63.01 38.03
N LEU H 587 9.14 -62.40 39.15
CA LEU H 587 9.99 -61.24 39.15
C LEU H 587 11.40 -61.54 39.61
N TYR H 588 12.34 -61.23 38.74
CA TYR H 588 13.76 -61.32 39.05
C TYR H 588 14.02 -60.75 40.42
N GLY H 589 14.67 -61.53 41.26
CA GLY H 589 15.07 -61.08 42.59
C GLY H 589 13.94 -60.71 43.54
N GLU H 590 12.74 -61.23 43.30
CA GLU H 590 11.64 -61.02 44.24
C GLU H 590 10.82 -62.28 44.42
N GLY H 591 10.62 -63.02 43.34
CA GLY H 591 9.91 -64.29 43.45
C GLY H 591 8.63 -64.32 42.65
N ILE H 592 7.61 -65.02 43.15
CA ILE H 592 6.31 -65.06 42.49
C ILE H 592 5.43 -63.88 42.88
N ASN H 593 4.50 -63.51 41.99
CA ASN H 593 3.67 -62.32 42.21
C ASN H 593 2.35 -62.59 42.93
N PHE H 594 2.42 -62.78 44.25
CA PHE H 594 1.27 -63.12 45.08
C PHE H 594 0.14 -62.19 44.71
N TYR H 595 0.41 -60.90 44.86
CA TYR H 595 -0.61 -59.88 44.72
C TYR H 595 -1.02 -59.71 43.28
N GLY H 596 -0.06 -59.92 42.39
CA GLY H 596 -0.31 -59.90 40.96
C GLY H 596 -1.54 -60.71 40.61
N GLU H 597 -1.41 -62.03 40.65
CA GLU H 597 -2.53 -62.92 40.43
C GLU H 597 -3.75 -62.63 41.35
N LEU H 598 -3.51 -62.11 42.54
CA LEU H 598 -4.58 -61.92 43.52
C LEU H 598 -5.61 -60.96 43.00
N VAL H 599 -5.15 -59.85 42.50
CA VAL H 599 -6.00 -58.89 41.85
C VAL H 599 -6.84 -59.63 40.84
N ASP H 600 -6.18 -60.25 39.86
CA ASP H 600 -6.82 -60.93 38.72
C ASP H 600 -7.97 -61.86 39.15
N LEU H 601 -7.91 -62.35 40.38
CA LEU H 601 -8.91 -63.28 40.86
C LEU H 601 -10.09 -62.51 41.43
N GLY H 602 -9.79 -61.45 42.19
CA GLY H 602 -10.81 -60.54 42.70
C GLY H 602 -11.45 -59.71 41.60
N VAL H 603 -11.07 -60.02 40.37
CA VAL H 603 -11.76 -59.52 39.21
C VAL H 603 -12.93 -60.48 39.02
N LYS H 604 -12.58 -61.73 38.79
CA LYS H 604 -13.53 -62.72 38.33
C LYS H 604 -14.51 -63.09 39.44
N GLU H 605 -14.02 -63.06 40.68
CA GLU H 605 -14.91 -63.28 41.83
C GLU H 605 -15.24 -61.90 42.44
N LYS H 606 -16.22 -61.24 41.82
CA LYS H 606 -16.48 -59.80 41.96
C LYS H 606 -16.28 -59.24 43.37
N LEU H 607 -15.02 -59.18 43.80
CA LEU H 607 -14.68 -58.52 45.06
C LEU H 607 -14.02 -57.16 44.79
N ILE H 608 -13.27 -57.09 43.69
CA ILE H 608 -12.67 -55.85 43.21
C ILE H 608 -13.22 -55.52 41.83
N GLU H 609 -13.72 -54.30 41.72
CA GLU H 609 -14.53 -53.90 40.57
C GLU H 609 -13.69 -53.26 39.46
N LYS H 610 -13.72 -53.90 38.28
CA LYS H 610 -13.06 -53.36 37.09
C LYS H 610 -13.95 -52.33 36.42
N ALA H 611 -13.60 -51.05 36.59
CA ALA H 611 -14.27 -49.95 35.90
C ALA H 611 -13.49 -49.49 34.66
N GLY H 612 -13.17 -50.44 33.78
CA GLY H 612 -12.35 -50.21 32.58
C GLY H 612 -10.84 -50.30 32.83
N ALA H 613 -10.25 -49.19 33.27
CA ALA H 613 -8.83 -49.11 33.60
C ALA H 613 -8.63 -48.91 35.11
N TRP H 614 -9.74 -48.71 35.80
CA TRP H 614 -9.76 -48.41 37.22
C TRP H 614 -10.04 -49.66 38.05
N TYR H 615 -9.42 -49.72 39.22
CA TYR H 615 -9.67 -50.82 40.14
C TYR H 615 -10.29 -50.32 41.46
N SER H 616 -11.54 -50.70 41.70
CA SER H 616 -12.30 -50.22 42.85
C SER H 616 -12.60 -51.35 43.87
N TYR H 617 -12.51 -51.03 45.17
CA TYR H 617 -12.86 -51.97 46.24
C TYR H 617 -13.94 -51.45 47.16
N LYS H 618 -15.18 -51.85 46.84
CA LYS H 618 -16.36 -51.33 47.51
C LYS H 618 -16.44 -49.81 47.36
N GLY H 619 -16.75 -49.34 46.16
CA GLY H 619 -16.94 -47.91 45.88
C GLY H 619 -15.71 -47.00 45.87
N GLU H 620 -14.87 -47.14 46.90
CA GLU H 620 -13.57 -46.41 47.07
C GLU H 620 -12.40 -46.95 46.17
N LYS H 621 -11.72 -46.03 45.46
CA LYS H 621 -10.84 -46.36 44.33
C LYS H 621 -9.44 -46.72 44.80
N ILE H 622 -8.94 -47.85 44.32
CA ILE H 622 -7.69 -48.43 44.85
C ILE H 622 -6.48 -48.39 43.90
N GLY H 623 -6.73 -48.35 42.59
CA GLY H 623 -5.62 -48.32 41.62
C GLY H 623 -6.04 -48.16 40.16
N GLN H 624 -5.19 -47.50 39.39
CA GLN H 624 -5.44 -47.34 37.97
C GLN H 624 -4.39 -48.15 37.23
N GLY H 625 -4.84 -49.06 36.37
CA GLY H 625 -3.95 -50.03 35.68
C GLY H 625 -3.45 -51.12 36.62
N LYS H 626 -3.48 -52.38 36.17
CA LYS H 626 -3.07 -53.51 37.03
C LYS H 626 -1.84 -53.17 37.89
N ALA H 627 -0.97 -52.34 37.32
CA ALA H 627 0.25 -51.86 37.97
C ALA H 627 0.03 -51.52 39.45
N ASN H 628 -0.74 -50.46 39.67
CA ASN H 628 -0.90 -49.88 41.00
C ASN H 628 -1.87 -50.68 41.85
N ALA H 629 -2.81 -51.37 41.20
CA ALA H 629 -3.69 -52.28 41.89
C ALA H 629 -2.80 -53.29 42.57
N THR H 630 -2.06 -54.05 41.78
CA THR H 630 -1.09 -54.97 42.33
C THR H 630 -0.55 -54.30 43.60
N ALA H 631 0.32 -53.31 43.41
CA ALA H 631 1.07 -52.72 44.53
C ALA H 631 0.24 -51.98 45.61
N TRP H 632 -1.07 -51.91 45.44
CA TRP H 632 -1.89 -51.39 46.50
C TRP H 632 -2.07 -52.45 47.56
N LEU H 633 -2.50 -53.64 47.15
CA LEU H 633 -2.66 -54.72 48.08
C LEU H 633 -1.40 -54.93 48.87
N LYS H 634 -0.26 -54.57 48.30
CA LYS H 634 1.02 -54.75 48.99
C LYS H 634 1.08 -53.99 50.31
N ASP H 635 0.43 -52.82 50.36
CA ASP H 635 0.51 -51.95 51.55
C ASP H 635 -0.63 -52.12 52.56
N ASN H 636 -1.67 -52.86 52.17
CA ASN H 636 -2.80 -53.13 53.07
C ASN H 636 -3.00 -54.66 53.18
N PRO H 637 -2.04 -55.36 53.84
CA PRO H 637 -1.86 -56.81 53.66
C PRO H 637 -3.11 -57.61 54.02
N GLU H 638 -3.68 -57.38 55.20
CA GLU H 638 -4.87 -58.12 55.67
C GLU H 638 -6.05 -58.05 54.67
N THR H 639 -6.31 -56.86 54.11
CA THR H 639 -7.42 -56.66 53.19
C THR H 639 -7.24 -57.62 52.03
N ALA H 640 -5.97 -57.83 51.68
CA ALA H 640 -5.65 -58.82 50.68
C ALA H 640 -5.83 -60.20 51.26
N LYS H 641 -5.00 -60.54 52.26
CA LYS H 641 -4.97 -61.89 52.87
C LYS H 641 -6.36 -62.35 53.35
N GLU H 642 -7.33 -61.44 53.34
CA GLU H 642 -8.71 -61.79 53.56
C GLU H 642 -9.39 -62.04 52.22
N ILE H 643 -9.13 -61.16 51.25
CA ILE H 643 -9.62 -61.35 49.89
C ILE H 643 -9.06 -62.66 49.33
N GLU H 644 -7.81 -62.93 49.66
CA GLU H 644 -7.21 -64.25 49.48
C GLU H 644 -8.23 -65.28 49.99
N LYS H 645 -8.34 -65.36 51.32
CA LYS H 645 -9.23 -66.28 52.01
C LYS H 645 -10.60 -66.32 51.34
N LYS H 646 -11.15 -65.16 50.97
CA LYS H 646 -12.46 -65.11 50.31
C LYS H 646 -12.52 -65.88 48.98
N VAL H 647 -11.43 -65.94 48.24
CA VAL H 647 -11.44 -66.71 47.00
C VAL H 647 -11.18 -68.17 47.32
N ARG H 648 -10.44 -68.39 48.39
CA ARG H 648 -10.22 -69.74 48.91
C ARG H 648 -11.48 -70.36 49.51
N GLU H 649 -12.43 -69.53 49.92
CA GLU H 649 -13.76 -70.01 50.33
C GLU H 649 -14.63 -70.19 49.08
N LEU H 650 -14.37 -69.38 48.04
CA LEU H 650 -15.20 -69.34 46.83
C LEU H 650 -14.71 -70.25 45.68
N LEU H 651 -13.55 -70.89 45.84
CA LEU H 651 -13.10 -71.94 44.89
C LEU H 651 -12.42 -73.19 45.50
N LEU H 652 -12.60 -73.42 46.81
CA LEU H 652 -12.04 -74.58 47.53
C LEU H 652 -12.96 -75.07 48.69
N LYS H 679 9.22 -85.75 65.65
CA LYS H 679 9.97 -84.99 66.71
C LYS H 679 11.44 -84.81 66.22
N GLN H 680 12.26 -84.06 66.98
CA GLN H 680 13.74 -83.93 66.76
C GLN H 680 14.48 -85.11 67.36
N LYS H 681 13.66 -85.99 67.96
CA LYS H 681 13.98 -87.32 68.46
C LYS H 681 14.30 -88.23 67.24
N ALA H 682 13.34 -88.35 66.31
CA ALA H 682 13.42 -89.27 65.17
C ALA H 682 14.32 -88.76 64.03
N LEU H 683 14.46 -87.45 63.94
CA LEU H 683 15.24 -86.79 62.88
C LEU H 683 16.74 -86.84 63.19
N ALA H 684 17.14 -86.21 64.31
CA ALA H 684 18.55 -86.13 64.73
C ALA H 684 19.23 -87.52 64.77
N ALA H 685 18.39 -88.57 64.82
CA ALA H 685 18.84 -89.98 64.81
C ALA H 685 18.88 -90.63 63.41
N ALA H 686 17.84 -90.43 62.60
CA ALA H 686 17.81 -90.98 61.24
C ALA H 686 18.73 -90.21 60.29
N LEU H 687 19.32 -89.12 60.78
CA LEU H 687 20.35 -88.37 60.04
C LEU H 687 21.68 -89.09 60.04
N GLY H 688 22.32 -89.14 61.21
CA GLY H 688 23.58 -89.85 61.39
C GLY H 688 23.53 -91.29 60.94
N GLN H 689 22.32 -91.75 60.57
CA GLN H 689 22.07 -93.11 60.05
C GLN H 689 22.53 -93.28 58.61
N ILE H 690 22.65 -92.18 57.90
CA ILE H 690 23.01 -92.24 56.51
C ILE H 690 24.49 -91.93 56.41
N GLU H 691 24.95 -91.10 57.34
CA GLU H 691 26.36 -90.78 57.46
C GLU H 691 27.19 -92.00 57.87
N LYS H 692 26.56 -92.89 58.65
CA LYS H 692 27.19 -94.16 59.03
C LYS H 692 27.25 -95.08 57.80
N GLN H 693 26.16 -95.08 57.01
CA GLN H 693 25.95 -96.09 55.99
C GLN H 693 26.51 -95.69 54.63
N PHE H 694 26.44 -94.41 54.30
CA PHE H 694 26.72 -93.92 52.94
C PHE H 694 27.88 -92.93 52.76
N GLY H 695 29.03 -93.21 53.36
CA GLY H 695 30.17 -92.28 53.31
C GLY H 695 29.93 -91.05 54.18
N LYS H 696 30.94 -90.67 54.94
CA LYS H 696 30.80 -89.69 56.02
C LYS H 696 30.37 -88.31 55.47
N GLY H 697 29.20 -87.84 55.91
CA GLY H 697 28.69 -86.53 55.53
C GLY H 697 28.11 -86.41 54.14
N SER H 698 27.14 -87.25 53.81
CA SER H 698 26.52 -87.16 52.52
C SER H 698 25.16 -86.51 52.59
N ILE H 699 25.03 -85.58 53.53
CA ILE H 699 23.80 -84.82 53.67
C ILE H 699 23.98 -83.90 54.86
N MET H 700 23.30 -82.74 54.82
CA MET H 700 23.29 -81.82 55.96
C MET H 700 22.34 -80.65 55.81
N ARG H 701 22.04 -80.01 56.95
CA ARG H 701 21.39 -78.70 56.98
C ARG H 701 22.42 -77.77 56.39
N LEU H 702 21.95 -76.84 55.57
CA LEU H 702 22.85 -75.94 54.89
C LEU H 702 23.44 -74.91 55.83
N GLY H 703 22.75 -74.68 56.94
CA GLY H 703 23.16 -73.65 57.89
C GLY H 703 24.12 -74.14 58.94
N GLU H 704 24.69 -75.33 58.71
CA GLU H 704 25.53 -76.00 59.70
C GLU H 704 26.97 -75.51 59.77
N ASP H 705 27.45 -75.35 61.01
CA ASP H 705 28.83 -74.96 61.35
C ASP H 705 29.80 -76.16 61.28
N ARG H 706 29.23 -77.35 61.38
CA ARG H 706 29.99 -78.61 61.46
C ARG H 706 30.80 -78.85 60.17
N SER H 707 32.12 -78.86 60.35
CA SER H 707 33.08 -79.27 59.33
C SER H 707 33.78 -80.54 59.81
N MET H 708 33.79 -81.57 58.96
CA MET H 708 34.63 -82.77 59.18
C MET H 708 36.08 -82.27 59.23
N ASP H 709 36.79 -82.59 60.31
CA ASP H 709 38.16 -82.09 60.47
C ASP H 709 39.27 -82.95 59.65
N VAL H 710 39.57 -82.82 58.30
CA VAL H 710 40.71 -83.28 57.39
C VAL H 710 41.56 -82.03 57.03
N GLU H 711 42.83 -82.23 56.67
CA GLU H 711 43.81 -81.15 56.62
C GLU H 711 43.63 -80.27 55.40
N THR H 712 44.04 -79.01 55.52
CA THR H 712 43.64 -77.95 54.60
C THR H 712 44.82 -77.12 54.06
N ILE H 713 44.82 -76.84 52.76
CA ILE H 713 45.80 -75.91 52.19
C ILE H 713 45.08 -74.64 51.84
N SER H 714 45.59 -73.51 52.33
CA SER H 714 44.99 -72.18 52.10
C SER H 714 44.93 -71.82 50.61
N THR H 715 43.78 -71.32 50.15
CA THR H 715 43.61 -70.93 48.75
C THR H 715 44.42 -69.69 48.46
N GLY H 716 44.63 -68.88 49.50
CA GLY H 716 45.30 -67.59 49.38
C GLY H 716 44.31 -66.52 49.80
N SER H 717 43.06 -66.73 49.42
CA SER H 717 41.97 -65.85 49.79
C SER H 717 41.21 -66.30 51.03
N LEU H 718 41.42 -65.57 52.11
CA LEU H 718 40.76 -65.79 53.38
C LEU H 718 39.30 -66.06 53.22
N SER H 719 38.61 -65.21 52.44
CA SER H 719 37.17 -65.36 52.25
C SER H 719 36.80 -66.65 51.49
N LEU H 720 37.70 -67.13 50.63
CA LEU H 720 37.49 -68.42 49.97
C LEU H 720 37.62 -69.55 50.98
N ASP H 721 38.74 -69.55 51.72
CA ASP H 721 38.94 -70.53 52.81
C ASP H 721 37.66 -70.63 53.62
N ILE H 722 37.25 -69.49 54.15
CA ILE H 722 36.05 -69.39 54.95
C ILE H 722 34.84 -70.04 54.30
N ALA H 723 34.45 -69.60 53.11
CA ALA H 723 33.24 -70.15 52.49
C ALA H 723 33.45 -71.62 52.02
N LEU H 724 34.71 -72.02 51.90
CA LEU H 724 35.06 -73.41 51.64
C LEU H 724 34.57 -74.27 52.76
N GLY H 725 34.50 -73.68 53.95
CA GLY H 725 33.98 -74.37 55.12
C GLY H 725 35.06 -74.97 56.00
N ALA H 726 36.06 -75.57 55.36
CA ALA H 726 37.14 -76.29 56.05
C ALA H 726 38.35 -75.39 56.31
N GLY H 727 38.41 -74.26 55.60
CA GLY H 727 39.51 -73.29 55.70
C GLY H 727 40.69 -73.55 54.76
N GLY H 728 40.38 -74.01 53.54
CA GLY H 728 41.39 -74.43 52.57
C GLY H 728 40.95 -75.70 51.85
N LEU H 729 41.67 -76.05 50.79
CA LEU H 729 41.29 -77.20 50.00
C LEU H 729 41.66 -78.50 50.68
N PRO H 730 40.75 -79.50 50.60
CA PRO H 730 40.93 -80.86 51.09
C PRO H 730 42.11 -81.60 50.48
N MET H 731 42.87 -82.23 51.37
CA MET H 731 44.02 -83.02 51.02
C MET H 731 43.60 -84.35 50.44
N GLY H 732 44.24 -84.75 49.34
CA GLY H 732 44.05 -86.11 48.76
C GLY H 732 42.68 -86.36 48.12
N ARG H 733 42.02 -85.26 47.76
CA ARG H 733 40.72 -85.31 47.09
C ARG H 733 40.84 -84.57 45.77
N ILE H 734 39.89 -84.81 44.87
CA ILE H 734 39.91 -84.09 43.62
C ILE H 734 39.13 -82.77 43.69
N VAL H 735 39.74 -81.71 43.15
CA VAL H 735 39.15 -80.40 43.08
C VAL H 735 39.06 -79.92 41.64
N GLU H 736 37.87 -79.47 41.23
CA GLU H 736 37.65 -78.81 39.95
C GLU H 736 37.41 -77.33 40.19
N ILE H 737 38.31 -76.50 39.66
CA ILE H 737 38.08 -75.08 39.58
C ILE H 737 37.84 -74.77 38.12
N TYR H 738 36.71 -74.16 37.83
CA TYR H 738 36.37 -73.84 36.47
C TYR H 738 36.01 -72.40 36.37
N GLY H 739 35.88 -71.93 35.13
CA GLY H 739 35.37 -70.59 34.84
C GLY H 739 35.52 -70.18 33.39
N PRO H 740 35.05 -68.98 33.03
CA PRO H 740 35.42 -68.49 31.70
C PRO H 740 36.93 -68.31 31.62
N GLU H 741 37.46 -68.26 30.39
CA GLU H 741 38.83 -67.79 30.16
C GLU H 741 39.01 -66.39 30.78
N SER H 742 40.25 -66.09 31.19
CA SER H 742 40.58 -64.81 31.81
C SER H 742 39.62 -64.44 32.95
N SER H 743 39.42 -65.36 33.89
CA SER H 743 38.56 -65.12 35.06
C SER H 743 39.38 -64.85 36.31
N GLY H 744 40.38 -65.70 36.49
CA GLY H 744 41.28 -65.66 37.62
C GLY H 744 41.69 -67.06 37.95
N LYS H 745 41.09 -68.01 37.26
CA LYS H 745 41.25 -69.41 37.61
C LYS H 745 42.69 -69.83 37.72
N THR H 746 43.57 -69.29 36.88
CA THR H 746 44.98 -69.62 37.02
C THR H 746 45.63 -68.90 38.21
N THR H 747 45.35 -67.61 38.39
CA THR H 747 45.94 -66.86 39.51
C THR H 747 45.78 -67.66 40.80
N LEU H 748 44.55 -68.07 41.03
CA LEU H 748 44.17 -68.86 42.17
C LEU H 748 44.90 -70.18 42.17
N THR H 749 44.85 -70.86 41.04
CA THR H 749 45.60 -72.09 40.83
C THR H 749 47.05 -71.91 41.23
N LEU H 750 47.68 -70.82 40.82
CA LEU H 750 49.09 -70.61 41.13
C LEU H 750 49.28 -70.24 42.56
N GLN H 751 48.24 -69.67 43.16
CA GLN H 751 48.30 -69.22 44.55
C GLN H 751 48.36 -70.35 45.58
N VAL H 752 47.68 -71.45 45.25
CA VAL H 752 47.71 -72.62 46.11
C VAL H 752 49.05 -73.33 45.98
N ILE H 753 49.56 -73.42 44.75
CA ILE H 753 50.90 -73.98 44.49
C ILE H 753 51.96 -73.20 45.28
N ALA H 754 51.69 -71.92 45.54
CA ALA H 754 52.56 -71.06 46.33
C ALA H 754 52.43 -71.43 47.79
N ALA H 755 51.22 -71.23 48.33
CA ALA H 755 50.93 -71.46 49.73
C ALA H 755 51.38 -72.84 50.20
N ALA H 756 51.42 -73.79 49.26
CA ALA H 756 51.88 -75.14 49.54
C ALA H 756 53.39 -75.20 49.65
N GLN H 757 54.06 -74.53 48.72
CA GLN H 757 55.50 -74.55 48.64
C GLN H 757 56.17 -73.84 49.80
N ARG H 758 55.39 -73.01 50.49
CA ARG H 758 55.89 -72.29 51.66
C ARG H 758 55.49 -73.00 52.95
N GLU H 759 55.14 -74.28 52.83
CA GLU H 759 54.95 -75.11 54.00
C GLU H 759 55.85 -76.34 53.86
N GLY H 760 56.60 -76.37 52.75
CA GLY H 760 57.46 -77.50 52.42
C GLY H 760 56.91 -78.36 51.29
N LYS H 761 55.65 -78.78 51.44
CA LYS H 761 54.95 -79.70 50.51
C LYS H 761 55.18 -79.34 49.03
N THR H 762 55.69 -80.30 48.25
CA THR H 762 56.08 -80.01 46.87
C THR H 762 55.05 -80.45 45.85
N CYS H 763 54.98 -79.68 44.76
CA CYS H 763 53.86 -79.68 43.82
C CYS H 763 54.24 -79.98 42.39
N ALA H 764 53.24 -80.39 41.63
CA ALA H 764 53.43 -80.73 40.24
C ALA H 764 52.38 -80.04 39.37
N PHE H 765 52.83 -79.65 38.19
CA PHE H 765 52.04 -78.87 37.25
C PHE H 765 52.09 -79.57 35.89
N ILE H 766 50.95 -80.14 35.52
CA ILE H 766 50.83 -80.81 34.25
C ILE H 766 50.29 -79.80 33.25
N ASP H 767 51.03 -79.56 32.18
CA ASP H 767 50.67 -78.50 31.23
C ASP H 767 50.29 -78.96 29.82
N ALA H 768 49.02 -78.80 29.50
CA ALA H 768 48.54 -79.00 28.16
C ALA H 768 48.30 -77.66 27.47
N GLU H 769 48.40 -76.57 28.26
CA GLU H 769 48.07 -75.20 27.81
C GLU H 769 49.30 -74.42 27.30
N HIS H 770 50.42 -74.63 27.96
CA HIS H 770 51.66 -73.92 27.66
C HIS H 770 51.34 -72.44 27.77
N ALA H 771 51.00 -72.07 29.00
CA ALA H 771 50.53 -70.74 29.32
C ALA H 771 51.50 -70.07 30.28
N LEU H 772 51.29 -70.38 31.56
CA LEU H 772 52.14 -70.03 32.70
C LEU H 772 53.17 -68.90 32.53
N ASP H 773 52.93 -67.78 33.20
CA ASP H 773 53.91 -66.71 33.23
C ASP H 773 54.84 -66.90 34.41
N PRO H 774 56.08 -67.34 34.15
CA PRO H 774 57.01 -67.55 35.24
C PRO H 774 57.06 -66.31 36.12
N ILE H 775 57.29 -65.15 35.49
CA ILE H 775 57.49 -63.89 36.20
C ILE H 775 56.31 -63.58 37.12
N TYR H 776 55.09 -63.74 36.61
CA TYR H 776 53.90 -63.53 37.42
C TYR H 776 53.86 -64.54 38.60
N ALA H 777 54.22 -65.79 38.35
CA ALA H 777 54.19 -66.77 39.42
C ALA H 777 55.20 -66.36 40.46
N ARG H 778 56.39 -65.95 39.99
CA ARG H 778 57.47 -65.55 40.87
C ARG H 778 56.99 -64.43 41.80
N LYS H 779 56.27 -63.46 41.24
CA LYS H 779 55.80 -62.32 42.03
C LYS H 779 54.58 -62.70 42.85
N LEU H 780 53.92 -63.80 42.48
CA LEU H 780 52.80 -64.30 43.27
C LEU H 780 53.29 -65.06 44.49
N GLY H 781 54.50 -65.60 44.37
CA GLY H 781 55.17 -66.27 45.48
C GLY H 781 55.50 -67.75 45.25
N VAL H 782 55.66 -68.14 43.99
CA VAL H 782 55.95 -69.52 43.64
C VAL H 782 57.45 -69.74 43.46
N ASP H 783 57.97 -70.78 44.13
CA ASP H 783 59.33 -71.20 43.92
C ASP H 783 59.33 -71.99 42.62
N ILE H 784 59.49 -71.26 41.53
CA ILE H 784 59.43 -71.87 40.22
C ILE H 784 60.47 -72.95 40.05
N ASP H 785 61.67 -72.69 40.55
CA ASP H 785 62.81 -73.58 40.38
C ASP H 785 62.47 -75.00 40.85
N ASN H 786 61.75 -75.10 41.97
CA ASN H 786 61.45 -76.40 42.63
C ASN H 786 60.03 -76.91 42.38
N LEU H 787 59.37 -76.33 41.38
CA LEU H 787 58.06 -76.79 40.97
C LEU H 787 58.25 -77.81 39.89
N LEU H 788 57.34 -78.77 39.80
CA LEU H 788 57.45 -79.80 38.80
C LEU H 788 56.55 -79.55 37.64
N CYS H 789 57.12 -79.59 36.45
CA CYS H 789 56.33 -79.36 35.26
C CYS H 789 56.37 -80.56 34.36
N SER H 790 55.22 -80.82 33.73
CA SER H 790 55.09 -81.94 32.79
C SER H 790 54.27 -81.59 31.58
N GLN H 791 54.96 -81.51 30.45
CA GLN H 791 54.36 -81.11 29.19
C GLN H 791 54.12 -82.34 28.36
N PRO H 792 52.98 -83.02 28.59
CA PRO H 792 52.75 -84.33 28.07
C PRO H 792 52.35 -84.28 26.62
N ASP H 793 52.46 -85.45 25.98
CA ASP H 793 52.13 -85.67 24.56
C ASP H 793 50.62 -85.96 24.37
N THR H 794 50.03 -86.75 25.27
CA THR H 794 48.61 -87.06 25.18
C THR H 794 47.90 -86.87 26.50
N GLY H 795 46.66 -86.43 26.39
CA GLY H 795 45.78 -86.33 27.55
C GLY H 795 45.89 -87.59 28.38
N GLU H 796 45.64 -88.73 27.75
CA GLU H 796 45.81 -90.01 28.40
C GLU H 796 47.11 -89.95 29.18
N GLN H 797 48.23 -89.90 28.47
CA GLN H 797 49.56 -89.86 29.10
C GLN H 797 49.56 -88.89 30.27
N ALA H 798 49.05 -87.68 30.02
CA ALA H 798 49.00 -86.68 31.08
C ALA H 798 48.40 -87.29 32.34
N LEU H 799 47.18 -87.80 32.24
CA LEU H 799 46.52 -88.37 33.39
C LEU H 799 47.38 -89.44 34.01
N GLU H 800 47.84 -90.37 33.18
CA GLU H 800 48.61 -91.52 33.63
C GLU H 800 49.86 -91.09 34.41
N ILE H 801 50.33 -89.88 34.15
CA ILE H 801 51.47 -89.37 34.87
C ILE H 801 51.04 -89.06 36.30
N CYS H 802 49.90 -88.41 36.43
CA CYS H 802 49.34 -88.15 37.74
C CYS H 802 49.26 -89.45 38.50
N ASP H 803 48.79 -90.50 37.83
CA ASP H 803 48.65 -91.83 38.42
C ASP H 803 49.83 -92.16 39.32
N ALA H 804 51.00 -92.27 38.72
CA ALA H 804 52.20 -92.65 39.46
C ALA H 804 52.75 -91.50 40.31
N LEU H 805 52.31 -90.27 40.00
CA LEU H 805 52.66 -89.12 40.84
C LEU H 805 51.84 -89.18 42.12
N ALA H 806 50.70 -89.84 42.04
CA ALA H 806 49.91 -90.13 43.21
C ALA H 806 50.61 -91.19 44.05
N ARG H 807 50.96 -92.33 43.45
CA ARG H 807 51.74 -93.37 44.14
C ARG H 807 53.20 -92.94 44.29
N SER H 808 53.41 -91.97 45.18
CA SER H 808 54.74 -91.54 45.59
C SER H 808 54.63 -91.00 47.01
N GLY H 809 53.54 -90.27 47.24
CA GLY H 809 53.23 -89.65 48.54
C GLY H 809 54.05 -88.41 48.78
N ALA H 810 54.88 -88.11 47.78
CA ALA H 810 55.86 -87.02 47.80
C ALA H 810 55.46 -85.86 46.87
N VAL H 811 54.46 -86.11 46.03
CA VAL H 811 53.80 -85.03 45.34
C VAL H 811 52.56 -84.77 46.18
N ASP H 812 52.45 -83.57 46.73
CA ASP H 812 51.34 -83.26 47.64
C ASP H 812 50.26 -82.46 46.97
N VAL H 813 50.58 -81.95 45.79
CA VAL H 813 49.64 -81.15 45.02
C VAL H 813 49.95 -81.24 43.53
N ILE H 814 49.00 -81.75 42.80
CA ILE H 814 49.07 -81.79 41.36
C ILE H 814 48.08 -80.78 40.81
N VAL H 815 48.52 -80.02 39.80
CA VAL H 815 47.63 -79.10 39.10
C VAL H 815 47.62 -79.37 37.60
N VAL H 816 46.40 -79.38 37.04
CA VAL H 816 46.17 -79.72 35.65
C VAL H 816 45.52 -78.57 34.85
N ASP H 817 46.28 -78.03 33.91
CA ASP H 817 45.90 -76.93 33.04
C ASP H 817 45.92 -77.51 31.61
N SER H 818 44.77 -77.82 31.03
CA SER H 818 43.46 -77.74 31.67
C SER H 818 42.62 -78.82 31.04
N VAL H 819 41.53 -79.20 31.73
CA VAL H 819 40.65 -80.28 31.29
C VAL H 819 40.35 -80.27 29.82
N ALA H 820 39.82 -79.15 29.31
CA ALA H 820 39.42 -79.06 27.92
C ALA H 820 40.57 -79.36 26.97
N ALA H 821 41.78 -78.94 27.34
CA ALA H 821 42.99 -79.10 26.53
C ALA H 821 43.64 -80.50 26.58
N LEU H 822 43.22 -81.33 27.54
CA LEU H 822 43.66 -82.73 27.65
C LEU H 822 43.11 -83.58 26.51
N THR H 823 43.27 -83.09 25.29
CA THR H 823 42.68 -83.74 24.15
C THR H 823 43.42 -85.07 23.88
N PRO H 824 42.66 -86.17 23.75
CA PRO H 824 43.09 -87.56 23.70
C PRO H 824 43.89 -87.97 22.47
N LYS H 825 44.46 -89.18 22.53
CA LYS H 825 45.30 -89.72 21.46
C LYS H 825 44.47 -89.92 20.22
N ALA H 826 43.26 -90.42 20.45
CA ALA H 826 42.30 -90.62 19.39
C ALA H 826 42.13 -89.36 18.52
N GLU H 827 42.09 -88.20 19.17
CA GLU H 827 41.90 -86.91 18.49
C GLU H 827 43.21 -86.40 17.92
N ILE H 828 44.31 -86.76 18.59
CA ILE H 828 45.62 -86.44 18.07
C ILE H 828 45.83 -87.21 16.74
N GLU H 829 44.95 -88.19 16.45
CA GLU H 829 44.78 -88.86 15.11
C GLU H 829 43.38 -88.65 14.45
N GLY H 838 35.14 -83.73 20.60
CA GLY H 838 33.83 -84.28 20.30
C GLY H 838 33.33 -85.28 21.34
N LEU H 839 33.63 -86.56 21.08
CA LEU H 839 33.10 -87.72 21.86
C LEU H 839 33.98 -88.23 23.08
N ALA H 840 35.31 -88.25 22.95
CA ALA H 840 36.21 -88.82 23.96
C ALA H 840 36.40 -87.95 25.22
N ALA H 841 35.28 -87.55 25.83
CA ALA H 841 35.27 -87.15 27.22
C ALA H 841 35.36 -88.43 28.05
N ARG H 842 35.36 -89.57 27.35
CA ARG H 842 35.46 -90.94 27.92
C ARG H 842 36.80 -91.17 28.58
N MET H 843 37.84 -90.59 27.97
CA MET H 843 39.20 -90.61 28.49
C MET H 843 39.21 -90.06 29.91
N MET H 844 38.55 -88.93 30.11
CA MET H 844 38.40 -88.36 31.44
C MET H 844 37.75 -89.35 32.38
N SER H 845 36.79 -90.10 31.87
CA SER H 845 36.02 -91.02 32.71
C SER H 845 36.90 -92.18 33.16
N GLN H 846 37.89 -92.51 32.33
CA GLN H 846 38.66 -93.73 32.49
C GLN H 846 39.47 -93.79 33.79
N ALA H 847 40.74 -93.43 33.70
CA ALA H 847 41.68 -93.51 34.80
C ALA H 847 41.26 -92.57 35.95
N MET H 848 40.07 -92.01 35.83
CA MET H 848 39.51 -91.16 36.86
C MET H 848 39.36 -91.91 38.19
N ARG H 849 38.56 -92.97 38.18
CA ARG H 849 38.20 -93.69 39.40
C ARG H 849 39.40 -94.28 40.12
N LYS H 850 40.38 -94.75 39.36
CA LYS H 850 41.61 -95.34 39.92
C LYS H 850 42.45 -94.28 40.60
N LEU H 851 42.49 -93.11 40.01
CA LEU H 851 43.27 -91.99 40.53
C LEU H 851 42.64 -91.46 41.81
N ALA H 852 41.31 -91.57 41.89
CA ALA H 852 40.56 -91.11 43.04
C ALA H 852 41.16 -91.65 44.34
N GLY H 853 41.35 -92.97 44.38
CA GLY H 853 41.88 -93.67 45.56
C GLY H 853 43.33 -93.35 45.88
N ASN H 854 44.20 -93.47 44.87
CA ASN H 854 45.64 -93.32 45.06
C ASN H 854 46.04 -92.05 45.80
N LEU H 855 45.10 -91.10 45.90
CA LEU H 855 45.36 -89.79 46.49
C LEU H 855 45.13 -89.73 48.01
N LYS H 856 44.14 -90.47 48.50
CA LYS H 856 43.88 -90.59 49.95
C LYS H 856 45.05 -91.25 50.69
N GLN H 857 45.79 -92.11 50.00
CA GLN H 857 46.98 -92.81 50.54
C GLN H 857 48.30 -92.09 50.22
N SER H 858 48.19 -90.79 49.93
CA SER H 858 49.33 -89.96 49.55
C SER H 858 49.14 -88.54 50.07
N ASN H 859 47.89 -88.23 50.41
CA ASN H 859 47.43 -86.87 50.63
C ASN H 859 47.55 -86.02 49.35
N THR H 860 47.95 -86.68 48.26
CA THR H 860 48.14 -86.02 46.96
C THR H 860 46.87 -85.28 46.50
N LEU H 861 46.87 -83.95 46.68
CA LEU H 861 45.76 -83.11 46.27
C LEU H 861 45.83 -82.76 44.78
N LEU H 862 44.82 -83.18 44.03
CA LEU H 862 44.81 -82.89 42.62
C LEU H 862 43.72 -81.88 42.31
N ILE H 863 44.13 -80.84 41.57
CA ILE H 863 43.26 -79.77 41.07
C ILE H 863 43.17 -79.78 39.54
N PHE H 864 41.94 -79.79 39.06
CA PHE H 864 41.64 -79.66 37.64
C PHE H 864 41.17 -78.23 37.28
N ILE H 865 41.29 -77.86 36.01
CA ILE H 865 40.75 -76.59 35.53
C ILE H 865 39.92 -76.74 34.25
N ASN H 866 38.68 -76.24 34.25
CA ASN H 866 37.76 -76.44 33.13
C ASN H 866 37.32 -75.05 32.59
N GLN H 867 36.40 -75.03 31.59
CA GLN H 867 35.67 -73.82 31.00
C GLN H 867 34.12 -73.99 30.82
N GLY H 884 34.93 -80.15 28.97
CA GLY H 884 35.25 -81.23 29.91
C GLY H 884 34.28 -82.43 29.93
N GLY H 885 34.59 -83.50 30.70
CA GLY H 885 33.79 -84.75 30.74
C GLY H 885 33.00 -85.00 32.03
N ASN H 886 31.88 -85.72 31.91
CA ASN H 886 30.87 -85.86 33.01
C ASN H 886 31.38 -86.41 34.36
N ALA H 887 32.42 -87.24 34.34
CA ALA H 887 32.92 -87.92 35.52
C ALA H 887 33.39 -86.97 36.61
N LEU H 888 34.16 -85.98 36.20
CA LEU H 888 34.78 -85.06 37.13
C LEU H 888 33.76 -84.45 38.06
N LYS H 889 32.61 -84.03 37.51
CA LYS H 889 31.50 -83.42 38.26
C LYS H 889 31.22 -84.14 39.58
N PHE H 890 31.47 -85.43 39.59
CA PHE H 890 31.11 -86.23 40.73
C PHE H 890 32.30 -86.60 41.60
N TYR H 891 33.35 -87.15 40.99
CA TYR H 891 34.52 -87.57 41.78
C TYR H 891 35.25 -86.40 42.48
N ALA H 892 34.94 -85.18 42.07
CA ALA H 892 35.44 -83.99 42.74
C ALA H 892 34.86 -83.95 44.14
N SER H 893 35.68 -83.53 45.09
CA SER H 893 35.22 -83.40 46.45
C SER H 893 34.85 -81.95 46.67
N VAL H 894 35.50 -81.07 45.92
CA VAL H 894 35.19 -79.65 45.95
C VAL H 894 35.25 -79.03 44.55
N ARG H 895 34.17 -78.32 44.19
CA ARG H 895 34.11 -77.61 42.90
C ARG H 895 33.90 -76.11 43.08
N LEU H 896 34.85 -75.36 42.49
CA LEU H 896 34.90 -73.91 42.58
C LEU H 896 34.47 -73.17 41.32
N ASP H 897 33.73 -72.08 41.50
CA ASP H 897 33.25 -71.25 40.38
C ASP H 897 33.82 -69.84 40.44
N ILE H 898 34.86 -69.58 39.64
CA ILE H 898 35.42 -68.26 39.59
C ILE H 898 34.88 -67.57 38.37
N ARG H 899 34.47 -66.32 38.53
CA ARG H 899 34.05 -65.45 37.43
C ARG H 899 34.62 -64.06 37.71
N ARG H 900 34.94 -63.29 36.68
CA ARG H 900 35.41 -61.94 36.91
C ARG H 900 34.21 -61.02 36.76
N ILE H 901 34.01 -60.10 37.70
CA ILE H 901 32.81 -59.23 37.64
C ILE H 901 33.00 -57.74 37.35
N GLY H 902 34.03 -57.11 37.94
CA GLY H 902 34.18 -55.65 37.89
C GLY H 902 35.47 -55.12 37.27
N ALA H 903 36.31 -54.55 38.14
CA ALA H 903 37.56 -53.92 37.72
C ALA H 903 37.96 -52.92 38.79
N VAL H 904 39.26 -52.70 38.92
CA VAL H 904 39.76 -51.79 39.94
C VAL H 904 40.62 -50.67 39.37
N LYS H 905 40.21 -49.44 39.66
CA LYS H 905 40.86 -48.27 39.12
C LYS H 905 41.68 -47.46 40.14
N GLU H 906 42.95 -47.20 39.80
CA GLU H 906 43.86 -46.33 40.57
C GLU H 906 43.89 -44.94 39.95
N GLY H 907 43.06 -44.07 40.51
CA GLY H 907 42.74 -42.79 39.89
C GLY H 907 41.86 -43.05 38.68
N GLU H 908 42.51 -43.41 37.57
CA GLU H 908 41.83 -43.72 36.31
C GLU H 908 42.74 -44.63 35.46
N ASN H 909 42.80 -45.90 35.84
CA ASN H 909 43.72 -46.85 35.21
C ASN H 909 43.37 -48.30 35.62
N VAL H 910 43.03 -49.13 34.64
CA VAL H 910 42.59 -50.52 34.88
C VAL H 910 43.71 -51.36 35.48
N VAL H 911 43.78 -51.48 36.81
CA VAL H 911 44.88 -52.24 37.42
C VAL H 911 44.41 -53.49 38.19
N GLY H 912 43.12 -53.79 38.11
CA GLY H 912 42.57 -54.95 38.81
C GLY H 912 41.24 -55.53 38.35
N SER H 913 41.04 -56.81 38.62
CA SER H 913 39.81 -57.51 38.29
C SER H 913 39.12 -57.91 39.60
N GLU H 914 37.89 -57.46 39.79
CA GLU H 914 37.10 -57.86 40.95
C GLU H 914 36.48 -59.22 40.70
N THR H 915 36.91 -60.22 41.45
CA THR H 915 36.47 -61.59 41.23
C THR H 915 35.48 -62.07 42.27
N ARG H 916 34.83 -63.19 41.96
CA ARG H 916 33.84 -63.83 42.82
C ARG H 916 33.95 -65.35 42.69
N VAL H 917 34.22 -66.01 43.81
CA VAL H 917 34.34 -67.45 43.85
C VAL H 917 33.18 -68.05 44.61
N LYS H 918 32.50 -68.99 43.95
CA LYS H 918 31.33 -69.65 44.50
C LYS H 918 31.61 -71.15 44.64
N VAL H 919 31.49 -71.67 45.86
CA VAL H 919 31.75 -73.10 46.11
C VAL H 919 30.47 -73.84 45.80
N VAL H 920 30.36 -74.36 44.59
CA VAL H 920 29.09 -74.94 44.17
C VAL H 920 28.97 -76.39 44.53
N LYS H 921 30.10 -77.06 44.68
CA LYS H 921 30.10 -78.41 45.20
C LYS H 921 31.05 -78.54 46.37
N ASN H 922 30.55 -79.03 47.50
CA ASN H 922 31.34 -79.12 48.71
C ASN H 922 30.99 -80.31 49.59
N LYS H 923 31.70 -81.41 49.39
CA LYS H 923 31.58 -82.58 50.24
C LYS H 923 32.74 -82.60 51.26
N ILE H 924 33.02 -81.44 51.86
CA ILE H 924 33.99 -81.35 52.94
C ILE H 924 33.37 -80.59 54.10
N ALA H 925 32.43 -79.72 53.78
CA ALA H 925 31.68 -78.95 54.76
C ALA H 925 30.45 -78.35 54.13
N ALA H 926 30.13 -77.12 54.50
CA ALA H 926 28.96 -76.43 53.97
C ALA H 926 29.13 -75.95 52.50
N PRO H 927 28.23 -76.41 51.61
CA PRO H 927 28.27 -76.01 50.22
C PRO H 927 27.43 -74.77 49.92
N PHE H 928 27.73 -74.12 48.79
CA PHE H 928 26.95 -73.00 48.23
C PHE H 928 27.30 -71.63 48.79
N LYS H 929 28.19 -71.62 49.79
CA LYS H 929 28.68 -70.36 50.38
C LYS H 929 29.67 -69.71 49.41
N GLN H 930 29.76 -68.38 49.45
CA GLN H 930 30.54 -67.60 48.46
C GLN H 930 31.48 -66.54 49.04
N ALA H 931 32.41 -66.09 48.21
CA ALA H 931 33.48 -65.20 48.64
C ALA H 931 33.94 -64.29 47.51
N GLU H 932 33.97 -62.97 47.77
CA GLU H 932 34.41 -61.97 46.79
C GLU H 932 35.73 -61.29 47.22
N PHE H 933 36.61 -61.07 46.26
CA PHE H 933 37.94 -60.51 46.55
C PHE H 933 38.60 -59.89 45.32
N GLN H 934 39.70 -59.20 45.55
CA GLN H 934 40.41 -58.51 44.48
C GLN H 934 41.63 -59.29 43.96
N ILE H 935 41.86 -59.22 42.65
CA ILE H 935 43.10 -59.68 42.02
C ILE H 935 43.78 -58.51 41.35
N LEU H 936 45.04 -58.28 41.72
CA LEU H 936 45.79 -57.18 41.15
C LEU H 936 46.91 -57.63 40.22
N TYR H 937 46.93 -57.05 39.02
CA TYR H 937 47.96 -57.31 38.04
C TYR H 937 49.31 -57.19 38.69
N GLY H 938 50.07 -58.28 38.71
CA GLY H 938 51.45 -58.26 39.19
C GLY H 938 51.68 -58.28 40.69
N GLU H 939 50.64 -58.65 41.44
CA GLU H 939 50.76 -58.84 42.90
C GLU H 939 49.86 -59.99 43.34
N GLY H 940 48.75 -60.20 42.63
CA GLY H 940 47.87 -61.34 42.86
C GLY H 940 46.72 -61.09 43.82
N ILE H 941 46.20 -62.17 44.38
CA ILE H 941 45.10 -62.09 45.32
C ILE H 941 45.40 -61.06 46.38
N ASN H 942 44.40 -60.24 46.69
CA ASN H 942 44.60 -59.13 47.60
C ASN H 942 44.28 -59.40 49.07
N PHE H 943 45.24 -60.03 49.75
CA PHE H 943 45.13 -60.51 51.14
C PHE H 943 44.47 -59.48 52.03
N TYR H 944 45.03 -58.28 52.01
CA TYR H 944 44.64 -57.22 52.92
C TYR H 944 43.28 -56.69 52.57
N GLY H 945 43.00 -56.66 51.27
CA GLY H 945 41.75 -56.11 50.76
C GLY H 945 40.52 -56.80 51.32
N GLU H 946 40.54 -58.12 51.33
CA GLU H 946 39.47 -58.88 51.94
C GLU H 946 39.64 -58.85 53.46
N LEU H 947 40.87 -58.66 53.93
CA LEU H 947 41.10 -58.68 55.36
C LEU H 947 40.36 -57.55 56.04
N VAL H 948 40.40 -56.38 55.42
CA VAL H 948 39.68 -55.22 55.92
C VAL H 948 38.20 -55.52 56.02
N ASP H 949 37.61 -55.92 54.90
CA ASP H 949 36.19 -56.27 54.83
C ASP H 949 35.76 -57.25 55.93
N LEU H 950 36.61 -58.24 56.21
CA LEU H 950 36.32 -59.27 57.19
C LEU H 950 36.21 -58.64 58.57
N GLY H 951 37.15 -57.75 58.88
CA GLY H 951 37.19 -57.10 60.19
C GLY H 951 36.08 -56.09 60.43
N VAL H 952 35.36 -55.74 59.37
CA VAL H 952 34.22 -54.87 59.48
C VAL H 952 33.00 -55.69 59.86
N LYS H 953 32.87 -56.85 59.21
CA LYS H 953 31.75 -57.75 59.45
C LYS H 953 31.99 -58.62 60.70
N GLU H 954 33.21 -58.59 61.23
CA GLU H 954 33.50 -59.24 62.52
C GLU H 954 33.88 -58.24 63.62
N LYS H 955 33.55 -56.97 63.36
CA LYS H 955 33.48 -55.92 64.38
C LYS H 955 34.82 -55.55 65.04
N LEU H 956 35.91 -55.98 64.44
CA LEU H 956 37.25 -55.57 64.86
C LEU H 956 37.61 -54.18 64.33
N ILE H 957 37.06 -53.83 63.17
CA ILE H 957 37.24 -52.53 62.55
C ILE H 957 35.90 -51.86 62.35
N GLU H 958 35.82 -50.58 62.68
CA GLU H 958 34.54 -49.92 62.84
C GLU H 958 34.23 -48.93 61.74
N LYS H 959 33.11 -49.16 61.06
CA LYS H 959 32.69 -48.32 59.94
C LYS H 959 31.85 -47.13 60.42
N ALA H 960 32.42 -45.93 60.35
CA ALA H 960 31.72 -44.67 60.68
C ALA H 960 31.15 -43.99 59.43
N GLY H 961 30.36 -44.74 58.65
CA GLY H 961 29.85 -44.31 57.34
C GLY H 961 30.89 -44.48 56.23
N ALA H 962 31.87 -43.57 56.23
CA ALA H 962 32.99 -43.55 55.28
C ALA H 962 34.36 -43.77 55.93
N TRP H 963 34.39 -43.65 57.27
CA TRP H 963 35.63 -43.71 58.05
C TRP H 963 35.92 -45.10 58.59
N TYR H 964 37.20 -45.46 58.65
CA TYR H 964 37.63 -46.77 59.09
C TYR H 964 38.49 -46.73 60.37
N SER H 965 37.93 -47.18 61.48
CA SER H 965 38.59 -47.09 62.79
C SER H 965 39.01 -48.45 63.35
N TYR H 966 40.19 -48.49 63.94
CA TYR H 966 40.64 -49.67 64.71
C TYR H 966 40.78 -49.37 66.20
N LYS H 967 39.64 -49.41 66.89
CA LYS H 967 39.52 -49.14 68.35
C LYS H 967 40.22 -47.85 68.82
N GLY H 968 39.49 -46.74 68.78
CA GLY H 968 39.99 -45.40 69.15
C GLY H 968 40.76 -44.72 68.02
N GLU H 969 41.78 -45.41 67.54
CA GLU H 969 42.60 -45.09 66.37
C GLU H 969 41.82 -45.06 65.01
N LYS H 970 41.94 -43.95 64.26
CA LYS H 970 41.34 -43.81 62.92
C LYS H 970 42.37 -44.18 61.87
N ILE H 971 42.12 -45.25 61.12
CA ILE H 971 43.16 -45.80 60.23
C ILE H 971 42.96 -45.59 58.73
N GLY H 972 41.81 -45.06 58.33
CA GLY H 972 41.56 -44.80 56.91
C GLY H 972 40.22 -44.20 56.54
N GLN H 973 40.13 -43.68 55.33
CA GLN H 973 38.91 -43.08 54.82
C GLN H 973 38.72 -43.58 53.39
N GLY H 974 37.61 -44.26 53.15
CA GLY H 974 37.38 -44.96 51.89
C GLY H 974 38.14 -46.28 51.84
N LYS H 975 37.43 -47.38 51.60
CA LYS H 975 38.00 -48.73 51.68
C LYS H 975 39.47 -48.78 51.27
N ALA H 976 39.78 -48.16 50.13
CA ALA H 976 41.13 -48.15 49.57
C ALA H 976 42.20 -47.73 50.56
N ASN H 977 42.14 -46.47 50.97
CA ASN H 977 43.16 -45.90 51.84
C ASN H 977 43.33 -46.66 53.14
N ALA H 978 42.29 -47.39 53.53
CA ALA H 978 42.34 -48.23 54.71
C ALA H 978 43.04 -49.52 54.36
N THR H 979 42.64 -50.10 53.24
CA THR H 979 43.25 -51.33 52.78
C THR H 979 44.73 -51.15 52.94
N ALA H 980 45.29 -50.22 52.19
CA ALA H 980 46.74 -50.05 52.14
C ALA H 980 47.35 -49.45 53.42
N TRP H 981 46.67 -49.59 54.55
CA TRP H 981 47.23 -49.19 55.83
C TRP H 981 47.67 -50.41 56.61
N LEU H 982 46.97 -51.52 56.42
CA LEU H 982 47.41 -52.75 56.99
C LEU H 982 48.69 -53.17 56.30
N LYS H 983 48.85 -52.76 55.05
CA LYS H 983 50.07 -53.03 54.27
C LYS H 983 51.26 -52.23 54.82
N ASP H 984 50.95 -51.21 55.62
CA ASP H 984 51.97 -50.28 56.12
C ASP H 984 52.54 -50.73 57.48
N ASN H 985 51.71 -51.37 58.31
CA ASN H 985 52.21 -52.02 59.55
C ASN H 985 51.65 -53.44 59.79
N PRO H 986 52.34 -54.48 59.26
CA PRO H 986 51.87 -55.88 59.34
C PRO H 986 51.78 -56.39 60.78
N GLU H 987 52.11 -55.52 61.74
CA GLU H 987 52.04 -55.83 63.17
C GLU H 987 50.58 -56.12 63.55
N THR H 988 49.73 -55.11 63.36
CA THR H 988 48.32 -55.18 63.74
C THR H 988 47.58 -56.10 62.78
N ALA H 989 48.14 -56.25 61.58
CA ALA H 989 47.54 -57.09 60.56
C ALA H 989 47.50 -58.50 61.05
N LYS H 990 48.69 -59.05 61.23
CA LYS H 990 48.89 -60.44 61.64
C LYS H 990 48.13 -60.79 62.92
N GLU H 991 47.74 -59.78 63.69
CA GLU H 991 46.93 -59.96 64.90
C GLU H 991 45.47 -60.14 64.49
N ILE H 992 44.97 -59.23 63.67
CA ILE H 992 43.57 -59.30 63.25
C ILE H 992 43.39 -60.49 62.33
N GLU H 993 44.40 -60.77 61.51
CA GLU H 993 44.41 -61.97 60.67
C GLU H 993 43.94 -63.17 61.50
N LYS H 994 44.64 -63.43 62.60
CA LYS H 994 44.38 -64.58 63.42
C LYS H 994 43.03 -64.46 64.13
N LYS H 995 42.73 -63.29 64.67
CA LYS H 995 41.51 -63.10 65.47
C LYS H 995 40.24 -63.37 64.67
N VAL H 996 40.36 -63.33 63.35
CA VAL H 996 39.25 -63.65 62.45
C VAL H 996 39.24 -65.13 62.15
N ARG H 997 40.44 -65.69 61.99
CA ARG H 997 40.61 -67.14 61.88
C ARG H 997 39.94 -67.81 63.08
N GLU H 998 40.16 -67.25 64.27
CA GLU H 998 39.54 -67.74 65.51
C GLU H 998 38.02 -67.61 65.54
N LEU H 999 37.49 -66.60 64.86
CA LEU H 999 36.04 -66.32 64.87
C LEU H 999 35.21 -67.02 63.79
N LEU H 1000 35.87 -67.64 62.81
CA LEU H 1000 35.19 -68.42 61.74
C LEU H 1000 35.75 -69.83 61.40
N LEU H 1001 36.96 -70.15 61.86
CA LEU H 1001 37.56 -71.50 61.76
C LEU H 1001 37.60 -72.23 63.12
N LYS H 1029 61.03 -89.77 53.69
CA LYS H 1029 62.16 -88.84 53.36
C LYS H 1029 62.24 -88.59 51.83
N GLN H 1030 63.41 -88.15 51.34
CA GLN H 1030 63.67 -87.91 49.91
C GLN H 1030 63.99 -89.20 49.14
N LYS H 1031 63.60 -90.32 49.77
CA LYS H 1031 63.78 -91.70 49.26
C LYS H 1031 62.74 -91.99 48.15
N ALA H 1032 61.46 -91.74 48.45
CA ALA H 1032 60.35 -92.01 47.52
C ALA H 1032 60.32 -91.03 46.33
N LEU H 1033 60.87 -89.83 46.55
CA LEU H 1033 60.91 -88.75 45.56
C LEU H 1033 62.04 -88.93 44.56
N ALA H 1034 63.28 -88.73 45.05
CA ALA H 1034 64.50 -88.76 44.24
C ALA H 1034 64.71 -90.09 43.49
N ALA H 1035 63.73 -91.00 43.59
CA ALA H 1035 63.71 -92.26 42.84
C ALA H 1035 62.52 -92.33 41.88
N ALA H 1036 61.30 -92.18 42.39
CA ALA H 1036 60.10 -92.34 41.58
C ALA H 1036 60.09 -91.39 40.38
N LEU H 1037 60.90 -90.33 40.45
CA LEU H 1037 61.01 -89.36 39.36
C LEU H 1037 61.34 -89.99 38.02
N GLY H 1038 62.60 -90.38 37.85
CA GLY H 1038 63.10 -90.96 36.60
C GLY H 1038 62.26 -92.13 36.12
N GLN H 1039 61.57 -92.79 37.05
CA GLN H 1039 60.71 -93.93 36.73
C GLN H 1039 59.72 -93.55 35.65
N ILE H 1040 59.27 -92.31 35.72
CA ILE H 1040 58.24 -91.84 34.83
C ILE H 1040 58.85 -91.54 33.48
N GLU H 1041 60.08 -91.04 33.51
CA GLU H 1041 60.84 -90.78 32.29
C GLU H 1041 61.03 -92.07 31.54
N LYS H 1042 61.32 -93.14 32.27
CA LYS H 1042 61.55 -94.45 31.65
C LYS H 1042 60.26 -95.02 31.06
N GLN H 1043 59.15 -94.86 31.80
CA GLN H 1043 57.86 -95.46 31.41
C GLN H 1043 57.26 -94.88 30.13
N PHE H 1044 57.48 -93.58 29.87
CA PHE H 1044 56.83 -92.89 28.75
C PHE H 1044 57.80 -92.34 27.69
N GLY H 1045 58.32 -91.14 27.96
CA GLY H 1045 59.30 -90.49 27.10
C GLY H 1045 60.40 -89.87 27.96
N LYS H 1046 61.63 -89.92 27.46
CA LYS H 1046 62.79 -89.43 28.22
C LYS H 1046 62.76 -87.89 28.24
N GLY H 1047 62.39 -87.33 29.40
CA GLY H 1047 62.34 -85.88 29.61
C GLY H 1047 60.98 -85.22 29.47
N SER H 1048 59.94 -85.85 30.01
CA SER H 1048 58.62 -85.24 29.97
C SER H 1048 58.11 -84.96 31.37
N ILE H 1049 59.04 -84.78 32.29
CA ILE H 1049 58.77 -84.18 33.59
C ILE H 1049 60.11 -83.68 34.14
N MET H 1050 60.11 -82.52 34.81
CA MET H 1050 61.31 -82.05 35.52
C MET H 1050 61.11 -80.87 36.45
N ARG H 1051 62.13 -80.61 37.27
CA ARG H 1051 62.22 -79.38 38.07
C ARG H 1051 62.55 -78.27 37.08
N LEU H 1052 61.94 -77.10 37.28
CA LEU H 1052 62.05 -76.01 36.31
C LEU H 1052 63.34 -75.20 36.41
N GLY H 1053 64.01 -75.30 37.57
CA GLY H 1053 65.29 -74.62 37.77
C GLY H 1053 66.47 -75.54 37.57
N GLU H 1054 66.47 -76.24 36.43
CA GLU H 1054 67.44 -77.29 36.13
C GLU H 1054 68.42 -77.02 34.99
N ASP H 1055 69.69 -77.25 35.31
CA ASP H 1055 70.82 -77.20 34.37
C ASP H 1055 70.70 -78.33 33.36
N ARG H 1056 70.30 -79.50 33.88
CA ARG H 1056 70.17 -80.75 33.13
C ARG H 1056 69.43 -80.60 31.77
N SER H 1057 70.21 -80.29 30.74
CA SER H 1057 69.77 -80.46 29.36
C SER H 1057 70.29 -81.81 28.84
N MET H 1058 69.80 -82.21 27.67
CA MET H 1058 70.14 -83.52 27.13
C MET H 1058 71.05 -83.37 25.92
N ASP H 1059 71.30 -84.49 25.25
CA ASP H 1059 72.14 -84.54 24.06
C ASP H 1059 71.26 -84.54 22.84
N VAL H 1060 71.27 -83.44 22.11
CA VAL H 1060 70.79 -83.49 20.74
C VAL H 1060 71.59 -82.53 19.89
N GLU H 1061 71.67 -82.82 18.60
CA GLU H 1061 72.12 -81.87 17.61
C GLU H 1061 71.21 -80.64 17.68
N THR H 1062 71.81 -79.48 17.90
CA THR H 1062 71.07 -78.22 18.08
C THR H 1062 71.49 -77.16 17.05
N ILE H 1063 70.56 -76.75 16.19
CA ILE H 1063 70.85 -75.67 15.23
C ILE H 1063 70.72 -74.37 15.97
N SER H 1064 71.59 -73.39 15.65
CA SER H 1064 71.46 -72.08 16.29
C SER H 1064 70.19 -71.43 15.75
N THR H 1065 69.44 -70.73 16.61
CA THR H 1065 68.17 -70.16 16.21
C THR H 1065 68.41 -68.86 15.48
N GLY H 1066 69.64 -68.36 15.55
CA GLY H 1066 69.96 -67.06 14.99
C GLY H 1066 70.19 -66.07 16.11
N SER H 1067 69.35 -66.15 17.14
CA SER H 1067 69.56 -65.45 18.40
C SER H 1067 70.70 -66.08 19.19
N LEU H 1068 70.85 -65.64 20.43
CA LEU H 1068 71.86 -66.17 21.31
C LEU H 1068 71.13 -66.47 22.59
N SER H 1069 70.32 -65.50 23.03
CA SER H 1069 69.58 -65.66 24.27
C SER H 1069 68.42 -66.59 24.05
N LEU H 1070 67.98 -66.73 22.81
CA LEU H 1070 67.00 -67.74 22.51
C LEU H 1070 67.62 -69.10 22.79
N ASP H 1071 68.82 -69.30 22.25
CA ASP H 1071 69.50 -70.60 22.33
C ASP H 1071 70.00 -70.85 23.75
N ILE H 1072 69.86 -69.83 24.58
CA ILE H 1072 70.13 -69.93 25.98
C ILE H 1072 68.85 -70.21 26.72
N ALA H 1073 67.76 -69.66 26.22
CA ALA H 1073 66.48 -69.86 26.87
C ALA H 1073 65.93 -71.23 26.50
N LEU H 1074 66.37 -71.74 25.34
CA LEU H 1074 66.12 -73.12 24.99
C LEU H 1074 66.80 -74.01 26.02
N GLY H 1075 68.06 -73.69 26.36
CA GLY H 1075 68.85 -74.44 27.35
C GLY H 1075 69.74 -75.48 26.69
N ALA H 1076 69.38 -75.83 25.45
CA ALA H 1076 69.95 -76.92 24.69
C ALA H 1076 71.05 -76.44 23.73
N GLY H 1077 70.95 -75.17 23.35
CA GLY H 1077 71.87 -74.56 22.40
C GLY H 1077 71.19 -74.17 21.10
N GLY H 1078 69.91 -74.52 20.97
CA GLY H 1078 69.16 -74.24 19.76
C GLY H 1078 68.09 -75.30 19.58
N LEU H 1079 67.53 -75.34 18.38
CA LEU H 1079 66.42 -76.25 18.06
C LEU H 1079 66.89 -77.68 17.85
N PRO H 1080 66.19 -78.64 18.51
CA PRO H 1080 66.42 -80.08 18.53
C PRO H 1080 66.26 -80.73 17.17
N MET H 1081 67.35 -81.29 16.68
CA MET H 1081 67.35 -81.92 15.37
C MET H 1081 66.46 -83.15 15.34
N GLY H 1082 65.52 -83.12 14.40
CA GLY H 1082 64.66 -84.27 14.14
C GLY H 1082 63.54 -84.42 15.14
N ARG H 1083 62.97 -83.29 15.56
CA ARG H 1083 61.72 -83.26 16.30
C ARG H 1083 60.84 -82.28 15.57
N ILE H 1084 59.76 -81.83 16.19
CA ILE H 1084 59.01 -80.75 15.56
C ILE H 1084 59.02 -79.49 16.39
N VAL H 1085 59.03 -78.36 15.70
CA VAL H 1085 59.11 -77.09 16.34
C VAL H 1085 58.10 -76.14 15.74
N GLU H 1086 57.30 -75.56 16.62
CA GLU H 1086 56.30 -74.60 16.22
C GLU H 1086 56.65 -73.21 16.71
N ILE H 1087 56.66 -72.25 15.79
CA ILE H 1087 56.80 -70.86 16.15
C ILE H 1087 55.50 -70.17 15.82
N TYR H 1088 54.99 -69.41 16.76
CA TYR H 1088 53.75 -68.73 16.50
C TYR H 1088 53.77 -67.32 17.00
N GLY H 1089 52.75 -66.57 16.61
CA GLY H 1089 52.59 -65.19 16.99
C GLY H 1089 51.98 -64.34 15.89
N PRO H 1090 51.40 -63.20 16.27
CA PRO H 1090 50.73 -62.18 15.45
C PRO H 1090 51.45 -61.80 14.16
N GLU H 1091 50.70 -61.17 13.26
CA GLU H 1091 51.23 -60.80 11.97
C GLU H 1091 52.16 -59.63 12.10
N SER H 1092 53.18 -59.67 11.25
CA SER H 1092 54.29 -58.72 11.29
C SER H 1092 54.88 -58.77 12.70
N SER H 1093 55.18 -59.98 13.19
CA SER H 1093 55.78 -60.08 14.51
C SER H 1093 57.24 -60.36 14.31
N GLY H 1094 57.55 -61.02 13.20
CA GLY H 1094 58.91 -61.38 12.87
C GLY H 1094 59.07 -62.86 12.69
N LYS H 1095 57.94 -63.54 12.69
CA LYS H 1095 57.84 -64.96 12.48
C LYS H 1095 58.83 -65.51 11.42
N THR H 1096 58.49 -65.25 10.16
CA THR H 1096 59.30 -65.50 8.94
C THR H 1096 60.80 -65.15 9.12
N THR H 1097 61.09 -63.88 9.38
CA THR H 1097 62.45 -63.40 9.65
C THR H 1097 63.22 -64.35 10.55
N LEU H 1098 62.60 -64.76 11.66
CA LEU H 1098 63.29 -65.60 12.61
C LEU H 1098 63.73 -66.86 11.94
N THR H 1099 62.79 -67.54 11.31
CA THR H 1099 63.07 -68.78 10.60
C THR H 1099 64.23 -68.63 9.61
N LEU H 1100 64.14 -67.61 8.76
CA LEU H 1100 65.16 -67.29 7.79
C LEU H 1100 66.51 -67.02 8.39
N GLN H 1101 66.50 -66.47 9.60
CA GLN H 1101 67.73 -66.38 10.39
C GLN H 1101 68.28 -67.77 10.86
N VAL H 1102 67.40 -68.77 10.95
CA VAL H 1102 67.84 -70.09 11.28
C VAL H 1102 68.40 -70.75 10.04
N ILE H 1103 67.65 -70.59 8.94
CA ILE H 1103 68.06 -71.11 7.66
C ILE H 1103 69.43 -70.57 7.33
N ALA H 1104 69.65 -69.31 7.72
CA ALA H 1104 70.93 -68.67 7.51
C ALA H 1104 72.00 -69.48 8.21
N ALA H 1105 71.82 -69.72 9.50
CA ALA H 1105 72.87 -70.36 10.31
C ALA H 1105 72.79 -71.90 10.30
N ALA H 1106 72.10 -72.41 9.29
CA ALA H 1106 72.27 -73.78 8.87
C ALA H 1106 73.19 -73.72 7.66
N GLN H 1107 72.83 -72.83 6.72
CA GLN H 1107 73.60 -72.53 5.49
C GLN H 1107 75.07 -72.32 5.85
N ARG H 1108 75.24 -71.85 7.08
CA ARG H 1108 76.50 -71.47 7.65
C ARG H 1108 77.31 -72.71 7.95
N GLU H 1109 76.67 -73.87 7.90
CA GLU H 1109 77.42 -75.09 8.01
C GLU H 1109 76.84 -76.21 7.17
N GLY H 1110 76.80 -76.01 5.85
CA GLY H 1110 76.40 -77.08 4.90
C GLY H 1110 74.91 -77.43 4.84
N LYS H 1111 74.37 -77.90 5.99
CA LYS H 1111 72.97 -78.36 6.19
C LYS H 1111 72.02 -77.70 5.22
N THR H 1112 71.49 -78.48 4.28
CA THR H 1112 70.74 -77.85 3.20
C THR H 1112 69.26 -77.69 3.53
N CYS H 1113 68.64 -76.70 2.88
CA CYS H 1113 67.34 -76.20 3.28
C CYS H 1113 66.26 -76.01 2.22
N ALA H 1114 65.06 -76.39 2.63
CA ALA H 1114 63.91 -76.11 1.84
C ALA H 1114 62.92 -75.40 2.73
N PHE H 1115 62.17 -74.52 2.08
CA PHE H 1115 61.34 -73.54 2.73
C PHE H 1115 60.00 -73.55 2.02
N ILE H 1116 59.05 -74.23 2.62
CA ILE H 1116 57.77 -74.47 2.00
C ILE H 1116 57.00 -73.18 2.10
N ASP H 1117 56.89 -72.47 0.99
CA ASP H 1117 56.36 -71.12 1.04
C ASP H 1117 54.87 -71.02 0.66
N ALA H 1118 54.02 -71.73 1.40
CA ALA H 1118 52.58 -71.71 1.13
C ALA H 1118 52.04 -70.31 1.02
N GLU H 1119 52.52 -69.43 1.87
CA GLU H 1119 51.99 -68.10 1.97
C GLU H 1119 52.20 -67.25 0.70
N HIS H 1120 53.10 -67.66 -0.17
CA HIS H 1120 53.50 -66.84 -1.34
C HIS H 1120 54.12 -65.49 -0.88
N ALA H 1121 54.78 -65.56 0.29
CA ALA H 1121 55.51 -64.46 0.94
C ALA H 1121 56.94 -64.37 0.42
N LEU H 1122 57.90 -64.17 1.35
CA LEU H 1122 59.36 -64.09 1.09
C LEU H 1122 59.86 -63.24 -0.09
N ASP H 1123 60.62 -62.19 0.23
CA ASP H 1123 61.27 -61.36 -0.76
C ASP H 1123 62.73 -61.86 -0.91
N PRO H 1124 63.01 -62.71 -1.92
CA PRO H 1124 64.32 -63.35 -1.98
C PRO H 1124 65.39 -62.34 -1.66
N ILE H 1125 65.30 -61.18 -2.29
CA ILE H 1125 66.20 -60.07 -2.03
C ILE H 1125 66.41 -59.92 -0.51
N TYR H 1126 65.34 -59.53 0.18
CA TYR H 1126 65.33 -59.43 1.65
C TYR H 1126 66.01 -60.65 2.26
N ALA H 1127 65.62 -61.82 1.79
CA ALA H 1127 66.18 -63.03 2.33
C ALA H 1127 67.69 -62.96 2.27
N ARG H 1128 68.22 -62.57 1.11
CA ARG H 1128 69.66 -62.55 0.92
C ARG H 1128 70.21 -61.66 2.00
N LYS H 1129 69.61 -60.48 2.15
CA LYS H 1129 70.09 -59.46 3.08
C LYS H 1129 70.15 -59.97 4.51
N LEU H 1130 69.37 -60.99 4.82
CA LEU H 1130 69.37 -61.62 6.12
C LEU H 1130 70.47 -62.66 6.28
N GLY H 1131 70.89 -63.21 5.15
CA GLY H 1131 72.10 -64.06 5.06
C GLY H 1131 71.92 -65.48 4.53
N VAL H 1132 70.89 -65.72 3.74
CA VAL H 1132 70.68 -67.07 3.30
C VAL H 1132 71.37 -67.26 1.99
N ASP H 1133 71.70 -68.51 1.67
CA ASP H 1133 72.21 -68.83 0.35
C ASP H 1133 70.97 -69.00 -0.53
N ILE H 1134 70.68 -67.95 -1.29
CA ILE H 1134 69.45 -67.89 -2.06
C ILE H 1134 69.39 -69.02 -3.04
N ASP H 1135 70.54 -69.42 -3.56
CA ASP H 1135 70.58 -70.34 -4.66
C ASP H 1135 70.59 -71.80 -4.17
N ASN H 1136 70.95 -72.00 -2.90
CA ASN H 1136 71.02 -73.32 -2.27
C ASN H 1136 69.94 -73.56 -1.22
N LEU H 1137 68.83 -72.87 -1.39
CA LEU H 1137 67.67 -73.01 -0.53
C LEU H 1137 66.51 -73.40 -1.43
N LEU H 1138 66.53 -74.65 -1.88
CA LEU H 1138 65.60 -75.06 -2.93
C LEU H 1138 64.22 -75.23 -2.27
N CYS H 1139 63.28 -74.47 -2.82
CA CYS H 1139 62.01 -74.18 -2.17
C CYS H 1139 60.80 -74.20 -3.13
N SER H 1140 59.61 -74.30 -2.52
CA SER H 1140 58.36 -74.65 -3.21
C SER H 1140 57.33 -73.56 -3.05
N GLN H 1141 56.45 -73.43 -4.04
CA GLN H 1141 55.31 -72.53 -3.95
C GLN H 1141 53.99 -73.29 -4.18
N PRO H 1142 53.63 -74.19 -3.25
CA PRO H 1142 52.53 -75.15 -3.42
C PRO H 1142 51.19 -74.51 -3.71
N ASP H 1143 50.31 -75.31 -4.30
CA ASP H 1143 48.95 -74.89 -4.64
C ASP H 1143 48.03 -75.24 -3.45
N THR H 1144 48.11 -76.49 -2.98
CA THR H 1144 47.23 -76.97 -1.92
C THR H 1144 47.98 -77.22 -0.63
N GLY H 1145 47.25 -77.15 0.47
CA GLY H 1145 47.77 -77.56 1.77
C GLY H 1145 48.40 -78.94 1.70
N GLU H 1146 47.69 -79.87 1.07
CA GLU H 1146 48.18 -81.23 0.97
C GLU H 1146 49.49 -81.36 0.18
N GLN H 1147 49.51 -80.82 -1.04
CA GLN H 1147 50.73 -80.83 -1.83
C GLN H 1147 51.88 -80.51 -0.90
N ALA H 1148 51.80 -79.36 -0.22
CA ALA H 1148 52.82 -78.93 0.73
C ALA H 1148 53.19 -80.00 1.73
N LEU H 1149 52.18 -80.54 2.41
CA LEU H 1149 52.41 -81.60 3.37
C LEU H 1149 53.18 -82.76 2.79
N GLU H 1150 52.60 -83.43 1.79
CA GLU H 1150 53.22 -84.59 1.16
C GLU H 1150 54.53 -84.27 0.43
N ILE H 1151 54.82 -82.98 0.23
CA ILE H 1151 56.12 -82.54 -0.27
C ILE H 1151 57.11 -82.66 0.85
N CYS H 1152 56.83 -82.03 1.99
CA CYS H 1152 57.78 -82.14 3.08
C CYS H 1152 57.81 -83.55 3.66
N ASP H 1153 56.71 -84.29 3.53
CA ASP H 1153 56.70 -85.69 3.92
C ASP H 1153 57.85 -86.38 3.20
N ALA H 1154 57.88 -86.25 1.88
CA ALA H 1154 58.89 -86.88 1.03
C ALA H 1154 60.30 -86.30 1.22
N LEU H 1155 60.43 -85.19 1.95
CA LEU H 1155 61.75 -84.61 2.22
C LEU H 1155 62.21 -85.03 3.59
N ALA H 1156 61.27 -85.53 4.39
CA ALA H 1156 61.59 -86.09 5.67
C ALA H 1156 62.24 -87.46 5.48
N ARG H 1157 61.75 -88.22 4.49
CA ARG H 1157 62.33 -89.52 4.14
C ARG H 1157 63.60 -89.37 3.30
N SER H 1158 63.70 -88.25 2.57
CA SER H 1158 64.82 -87.98 1.62
C SER H 1158 66.17 -87.73 2.28
N GLY H 1159 66.57 -88.69 3.12
CA GLY H 1159 67.89 -88.71 3.79
C GLY H 1159 68.29 -87.43 4.51
N ALA H 1160 69.48 -86.93 4.17
CA ALA H 1160 69.97 -85.67 4.74
C ALA H 1160 69.63 -84.43 3.87
N VAL H 1161 68.34 -84.05 3.83
CA VAL H 1161 67.93 -82.68 3.48
C VAL H 1161 67.57 -82.06 4.85
N ASP H 1162 68.43 -81.19 5.36
CA ASP H 1162 68.66 -81.11 6.81
C ASP H 1162 67.75 -80.27 7.69
N VAL H 1163 66.98 -79.35 7.10
CA VAL H 1163 65.93 -78.63 7.87
C VAL H 1163 64.87 -77.94 6.99
N ILE H 1164 63.62 -78.01 7.44
CA ILE H 1164 62.50 -77.59 6.64
C ILE H 1164 61.65 -76.59 7.37
N VAL H 1165 61.36 -75.47 6.70
CA VAL H 1165 60.48 -74.45 7.27
C VAL H 1165 59.19 -74.34 6.47
N VAL H 1166 58.05 -74.42 7.18
CA VAL H 1166 56.72 -74.34 6.57
C VAL H 1166 56.00 -73.06 6.89
N ASP H 1167 55.89 -72.20 5.88
CA ASP H 1167 55.34 -70.85 6.00
C ASP H 1167 54.13 -70.77 5.07
N SER H 1168 52.92 -70.81 5.63
CA SER H 1168 52.70 -71.02 7.05
C SER H 1168 51.40 -71.79 7.24
N VAL H 1169 51.28 -72.49 8.37
CA VAL H 1169 50.08 -73.26 8.70
C VAL H 1169 48.83 -72.54 8.24
N ALA H 1170 48.94 -71.21 8.19
CA ALA H 1170 47.89 -70.33 7.72
C ALA H 1170 47.14 -70.82 6.46
N ALA H 1171 47.78 -70.76 5.28
CA ALA H 1171 47.12 -71.09 3.99
C ALA H 1171 46.78 -72.59 3.80
N LEU H 1172 46.82 -73.30 4.93
CA LEU H 1172 46.47 -74.71 5.04
C LEU H 1172 45.12 -74.93 5.76
N THR H 1173 44.15 -74.01 5.55
CA THR H 1173 42.71 -74.39 5.54
C THR H 1173 42.40 -74.82 4.08
N PRO H 1174 41.97 -76.10 3.88
CA PRO H 1174 42.19 -77.04 2.72
C PRO H 1174 42.59 -76.49 1.33
N LEU H 1189 38.01 -79.64 8.23
CA LEU H 1189 39.00 -80.53 8.84
C LEU H 1189 40.42 -80.04 8.63
N ALA H 1190 40.61 -78.73 8.86
CA ALA H 1190 41.93 -78.04 8.82
C ALA H 1190 42.94 -78.45 9.92
N ALA H 1191 42.66 -79.60 10.56
CA ALA H 1191 43.51 -80.26 11.57
C ALA H 1191 43.41 -81.79 11.46
N ARG H 1192 42.32 -82.25 10.84
CA ARG H 1192 42.14 -83.67 10.57
C ARG H 1192 43.02 -84.01 9.39
N MET H 1193 43.21 -83.03 8.52
CA MET H 1193 44.21 -83.11 7.45
C MET H 1193 45.63 -83.15 8.02
N MET H 1194 45.87 -82.36 9.06
CA MET H 1194 47.17 -82.26 9.71
C MET H 1194 47.47 -83.53 10.43
N SER H 1195 46.64 -83.81 11.43
CA SER H 1195 46.78 -84.96 12.31
C SER H 1195 47.10 -86.20 11.50
N GLN H 1196 46.85 -86.11 10.19
CA GLN H 1196 47.20 -87.17 9.25
C GLN H 1196 48.72 -87.26 9.15
N ALA H 1197 49.33 -86.37 8.36
CA ALA H 1197 50.78 -86.42 8.12
C ALA H 1197 51.58 -86.00 9.36
N MET H 1198 50.88 -85.49 10.37
CA MET H 1198 51.53 -85.13 11.60
C MET H 1198 52.04 -86.36 12.32
N ARG H 1199 51.31 -87.46 12.21
CA ARG H 1199 51.74 -88.75 12.75
C ARG H 1199 52.94 -89.28 11.97
N LYS H 1200 52.94 -88.98 10.66
CA LYS H 1200 53.85 -89.57 9.67
C LYS H 1200 55.20 -88.88 9.70
N LEU H 1201 55.18 -87.56 9.79
CA LEU H 1201 56.39 -86.77 9.86
C LEU H 1201 57.05 -86.93 11.22
N ALA H 1202 56.29 -87.44 12.18
CA ALA H 1202 56.77 -87.65 13.55
C ALA H 1202 57.87 -88.69 13.62
N GLY H 1203 57.74 -89.72 12.77
CA GLY H 1203 58.65 -90.88 12.76
C GLY H 1203 59.56 -90.96 11.55
N ASN H 1204 59.40 -90.00 10.63
CA ASN H 1204 60.30 -89.87 9.48
C ASN H 1204 61.41 -88.88 9.81
N LEU H 1205 61.26 -88.16 10.91
CA LEU H 1205 62.25 -87.18 11.32
C LEU H 1205 63.24 -87.76 12.31
N LYS H 1206 62.75 -88.43 13.35
CA LYS H 1206 63.60 -89.12 14.32
C LYS H 1206 64.51 -90.14 13.59
N GLN H 1207 64.21 -90.37 12.32
CA GLN H 1207 65.00 -91.23 11.44
C GLN H 1207 66.14 -90.44 10.76
N SER H 1208 65.78 -89.31 10.14
CA SER H 1208 66.64 -88.52 9.21
C SER H 1208 67.43 -87.35 9.84
N ASN H 1209 67.23 -87.17 11.15
CA ASN H 1209 67.68 -86.00 11.88
C ASN H 1209 67.12 -84.71 11.33
N THR H 1210 66.58 -84.78 10.11
CA THR H 1210 65.83 -83.69 9.53
C THR H 1210 64.89 -82.99 10.56
N LEU H 1211 65.05 -81.66 10.67
CA LEU H 1211 64.24 -80.83 11.59
C LEU H 1211 63.14 -80.02 10.86
N LEU H 1212 61.97 -79.87 11.50
CA LEU H 1212 60.83 -79.22 10.86
C LEU H 1212 60.25 -78.14 11.73
N ILE H 1213 60.14 -76.96 11.12
CA ILE H 1213 59.66 -75.77 11.80
C ILE H 1213 58.40 -75.25 11.16
N PHE H 1214 57.31 -75.32 11.93
CA PHE H 1214 56.03 -74.81 11.52
C PHE H 1214 55.86 -73.41 12.10
N ILE H 1215 55.21 -72.53 11.33
CA ILE H 1215 54.81 -71.23 11.85
C ILE H 1215 53.28 -71.00 11.85
N ASN H 1216 52.78 -70.23 12.82
CA ASN H 1216 51.32 -70.05 13.04
C ASN H 1216 50.99 -68.57 13.49
N GLN H 1217 49.70 -68.20 13.71
CA GLN H 1217 49.21 -66.80 14.09
C GLN H 1217 48.56 -66.50 15.50
N GLY H 1234 44.41 -71.95 15.39
CA GLY H 1234 44.82 -72.43 14.06
C GLY H 1234 44.55 -73.88 13.56
N GLY H 1235 45.12 -74.88 14.26
CA GLY H 1235 45.03 -76.33 13.87
C GLY H 1235 45.77 -77.27 14.83
N ASN H 1236 45.01 -77.80 15.82
CA ASN H 1236 45.52 -78.35 17.11
C ASN H 1236 46.78 -79.23 17.07
N ALA H 1237 46.55 -80.53 16.96
CA ALA H 1237 47.57 -81.60 16.99
C ALA H 1237 49.01 -81.15 17.21
N LEU H 1238 49.56 -80.52 16.18
CA LEU H 1238 50.90 -79.93 16.20
C LEU H 1238 51.34 -79.47 17.59
N LYS H 1239 50.45 -78.73 18.26
CA LYS H 1239 50.59 -78.26 19.65
C LYS H 1239 51.31 -79.26 20.54
N PHE H 1240 50.97 -80.54 20.34
CA PHE H 1240 51.54 -81.62 21.11
C PHE H 1240 52.68 -82.28 20.36
N TYR H 1241 52.57 -82.34 19.04
CA TYR H 1241 53.58 -83.04 18.26
C TYR H 1241 54.92 -82.29 18.11
N ALA H 1242 55.00 -81.11 18.74
CA ALA H 1242 56.26 -80.39 18.82
C ALA H 1242 57.09 -80.87 20.00
N SER H 1243 58.41 -80.66 19.92
CA SER H 1243 59.26 -80.85 21.07
C SER H 1243 59.70 -79.49 21.58
N VAL H 1244 59.47 -78.47 20.75
CA VAL H 1244 59.66 -77.09 21.14
C VAL H 1244 58.70 -76.12 20.46
N ARG H 1245 58.17 -75.20 21.26
CA ARG H 1245 57.31 -74.13 20.76
C ARG H 1245 57.81 -72.75 21.11
N LEU H 1246 57.61 -71.82 20.19
CA LEU H 1246 58.02 -70.44 20.36
C LEU H 1246 56.90 -69.42 20.24
N ASP H 1247 56.88 -68.49 21.20
CA ASP H 1247 55.99 -67.32 21.20
C ASP H 1247 56.75 -66.04 20.88
N ILE H 1248 56.67 -65.62 19.62
CA ILE H 1248 57.27 -64.39 19.16
C ILE H 1248 56.26 -63.25 19.29
N ARG H 1249 56.77 -62.05 19.52
CA ARG H 1249 55.96 -60.85 19.62
C ARG H 1249 56.84 -59.61 19.48
N ARG H 1250 56.35 -58.63 18.74
CA ARG H 1250 57.07 -57.37 18.60
C ARG H 1250 56.59 -56.44 19.68
N ILE H 1251 57.51 -55.89 20.47
CA ILE H 1251 57.10 -55.09 21.62
C ILE H 1251 57.68 -53.69 21.74
N GLY H 1252 58.51 -53.28 20.80
CA GLY H 1252 59.17 -51.99 20.93
C GLY H 1252 59.29 -51.21 19.66
N ALA H 1253 60.44 -51.39 18.99
CA ALA H 1253 60.85 -50.61 17.84
C ALA H 1253 62.14 -49.88 18.16
N VAL H 1254 63.09 -50.02 17.26
CA VAL H 1254 64.35 -49.34 17.44
C VAL H 1254 64.38 -48.16 16.50
N LYS H 1255 64.61 -46.99 17.08
CA LYS H 1255 64.71 -45.74 16.36
C LYS H 1255 66.19 -45.33 16.28
N GLU H 1256 66.54 -44.54 15.26
CA GLU H 1256 67.84 -43.87 15.24
C GLU H 1256 67.61 -42.38 15.12
N GLY H 1257 67.00 -41.82 16.15
CA GLY H 1257 66.51 -40.43 16.14
C GLY H 1257 65.07 -40.32 15.65
N GLU H 1258 64.84 -40.64 14.38
CA GLU H 1258 63.54 -40.43 13.72
C GLU H 1258 63.10 -41.63 12.88
N ASN H 1259 63.98 -42.62 12.72
CA ASN H 1259 63.77 -43.72 11.77
C ASN H 1259 63.31 -45.01 12.41
N VAL H 1260 62.21 -45.54 11.89
CA VAL H 1260 61.75 -46.88 12.28
C VAL H 1260 62.64 -47.96 11.63
N VAL H 1261 63.81 -48.25 12.22
CA VAL H 1261 64.70 -49.22 11.58
C VAL H 1261 64.76 -50.56 12.33
N GLY H 1262 63.93 -50.70 13.35
CA GLY H 1262 63.96 -51.93 14.17
C GLY H 1262 62.64 -52.43 14.76
N SER H 1263 62.74 -53.56 15.45
CA SER H 1263 61.64 -54.16 16.19
C SER H 1263 62.21 -54.86 17.41
N GLU H 1264 61.91 -54.33 18.60
CA GLU H 1264 62.33 -54.98 19.84
C GLU H 1264 61.46 -56.21 20.09
N THR H 1265 62.11 -57.35 20.28
CA THR H 1265 61.40 -58.62 20.21
C THR H 1265 61.58 -59.50 21.42
N ARG H 1266 60.49 -60.12 21.85
CA ARG H 1266 60.46 -61.09 22.94
C ARG H 1266 59.92 -62.42 22.48
N VAL H 1267 60.71 -63.44 22.73
CA VAL H 1267 60.38 -64.80 22.37
C VAL H 1267 60.34 -65.61 23.63
N LYS H 1268 59.18 -66.19 23.90
CA LYS H 1268 59.00 -67.09 25.02
C LYS H 1268 59.10 -68.54 24.54
N VAL H 1269 59.86 -69.34 25.27
CA VAL H 1269 59.91 -70.78 25.04
C VAL H 1269 58.70 -71.33 25.77
N VAL H 1270 57.65 -71.66 25.02
CA VAL H 1270 56.41 -72.05 25.65
C VAL H 1270 56.38 -73.53 25.90
N LYS H 1271 56.69 -74.31 24.86
CA LYS H 1271 56.80 -75.78 25.00
C LYS H 1271 58.25 -76.23 24.84
N ASN H 1272 58.76 -76.93 25.84
CA ASN H 1272 60.15 -77.37 25.85
C ASN H 1272 60.32 -78.78 26.39
N LYS H 1273 60.19 -79.76 25.50
CA LYS H 1273 60.48 -81.15 25.87
C LYS H 1273 61.93 -81.47 25.51
N ILE H 1274 62.83 -80.49 25.69
CA ILE H 1274 64.25 -80.72 25.45
C ILE H 1274 65.05 -80.37 26.67
N ALA H 1275 64.59 -79.35 27.39
CA ALA H 1275 65.18 -78.91 28.65
C ALA H 1275 64.14 -78.14 29.43
N ALA H 1276 64.60 -77.15 30.19
CA ALA H 1276 63.71 -76.34 30.99
C ALA H 1276 62.80 -75.41 30.15
N PRO H 1277 61.48 -75.51 30.35
CA PRO H 1277 60.53 -74.71 29.59
C PRO H 1277 60.28 -73.34 30.21
N PHE H 1278 59.45 -72.53 29.55
CA PHE H 1278 58.98 -71.22 30.06
C PHE H 1278 60.03 -70.13 30.31
N LYS H 1279 61.21 -70.31 29.71
CA LYS H 1279 62.24 -69.28 29.78
C LYS H 1279 62.12 -68.35 28.56
N GLN H 1280 62.56 -67.11 28.70
CA GLN H 1280 62.39 -66.12 27.64
C GLN H 1280 63.64 -65.33 27.33
N ALA H 1281 63.64 -64.74 26.15
CA ALA H 1281 64.80 -64.03 25.67
C ALA H 1281 64.34 -62.83 24.88
N GLU H 1282 65.05 -61.71 25.03
CA GLU H 1282 64.74 -60.47 24.30
C GLU H 1282 65.90 -60.06 23.39
N PHE H 1283 65.59 -59.42 22.26
CA PHE H 1283 66.64 -58.95 21.35
C PHE H 1283 66.13 -58.02 20.26
N GLN H 1284 67.07 -57.33 19.60
CA GLN H 1284 66.77 -56.43 18.46
C GLN H 1284 66.77 -57.16 17.11
N ILE H 1285 65.75 -56.89 16.27
CA ILE H 1285 65.75 -57.34 14.88
C ILE H 1285 65.88 -56.16 13.96
N LEU H 1286 67.00 -56.04 13.27
CA LEU H 1286 67.17 -54.89 12.40
C LEU H 1286 66.71 -55.15 10.97
N TYR H 1287 65.79 -54.32 10.51
CA TYR H 1287 65.17 -54.45 9.21
C TYR H 1287 66.18 -54.49 8.09
N GLY H 1288 66.41 -55.67 7.50
CA GLY H 1288 67.32 -55.76 6.37
C GLY H 1288 68.77 -55.96 6.75
N GLU H 1289 68.97 -56.44 7.98
CA GLU H 1289 70.26 -56.91 8.44
C GLU H 1289 69.98 -58.21 9.20
N GLY H 1290 69.02 -58.16 10.12
CA GLY H 1290 68.64 -59.35 10.86
C GLY H 1290 68.83 -59.23 12.33
N ILE H 1291 68.93 -60.37 13.00
CA ILE H 1291 69.11 -60.40 14.42
C ILE H 1291 70.41 -59.67 14.81
N ASN H 1292 70.51 -59.31 16.10
CA ASN H 1292 71.63 -58.51 16.57
C ASN H 1292 72.69 -59.20 17.44
N PHE H 1293 73.53 -59.99 16.78
CA PHE H 1293 74.65 -60.75 17.37
C PHE H 1293 75.14 -60.03 18.61
N TYR H 1294 75.50 -58.76 18.39
CA TYR H 1294 76.20 -57.92 19.36
C TYR H 1294 75.21 -57.30 20.29
N GLY H 1295 74.01 -57.06 19.78
CA GLY H 1295 72.93 -56.50 20.56
C GLY H 1295 72.74 -57.28 21.84
N GLU H 1296 72.26 -58.53 21.70
CA GLU H 1296 72.10 -59.40 22.85
C GLU H 1296 73.42 -59.72 23.56
N LEU H 1297 74.54 -59.59 22.84
CA LEU H 1297 75.84 -59.91 23.42
C LEU H 1297 76.20 -58.94 24.53
N VAL H 1298 76.14 -57.65 24.25
CA VAL H 1298 76.39 -56.64 25.28
C VAL H 1298 75.69 -57.07 26.54
N ASP H 1299 74.36 -57.19 26.46
CA ASP H 1299 73.48 -57.52 27.60
C ASP H 1299 73.93 -58.75 28.37
N LEU H 1300 74.29 -59.79 27.65
CA LEU H 1300 74.72 -61.03 28.28
C LEU H 1300 76.00 -60.76 29.09
N GLY H 1301 76.98 -60.13 28.45
CA GLY H 1301 78.23 -59.77 29.11
C GLY H 1301 78.04 -58.89 30.33
N VAL H 1302 76.88 -58.26 30.42
CA VAL H 1302 76.56 -57.41 31.56
C VAL H 1302 76.16 -58.28 32.72
N LYS H 1303 75.22 -59.20 32.47
CA LYS H 1303 74.74 -60.05 33.56
C LYS H 1303 75.76 -61.13 33.88
N GLU H 1304 76.81 -61.23 33.08
CA GLU H 1304 77.93 -62.12 33.42
C GLU H 1304 79.22 -61.37 33.80
N LYS H 1305 79.03 -60.30 34.57
CA LYS H 1305 80.09 -59.55 35.25
C LYS H 1305 81.31 -59.18 34.39
N LEU H 1306 81.21 -59.42 33.08
CA LEU H 1306 82.29 -59.12 32.12
C LEU H 1306 82.32 -57.65 31.61
N ILE H 1307 81.14 -57.06 31.44
CA ILE H 1307 81.01 -55.64 31.17
C ILE H 1307 80.17 -55.04 32.30
N GLU H 1308 80.59 -53.89 32.82
CA GLU H 1308 80.01 -53.38 34.07
C GLU H 1308 79.14 -52.16 33.86
N LYS H 1309 77.91 -52.21 34.38
CA LYS H 1309 76.94 -51.12 34.22
C LYS H 1309 77.14 -50.05 35.30
N ALA H 1310 77.59 -48.88 34.87
CA ALA H 1310 77.76 -47.72 35.77
C ALA H 1310 76.65 -46.68 35.55
N GLY H 1311 75.40 -47.13 35.68
CA GLY H 1311 74.23 -46.34 35.28
C GLY H 1311 74.03 -46.32 33.77
N ALA H 1312 74.62 -45.33 33.12
CA ALA H 1312 74.54 -45.17 31.67
C ALA H 1312 75.85 -45.63 30.99
N TRP H 1313 76.92 -45.70 31.78
CA TRP H 1313 78.25 -46.02 31.29
C TRP H 1313 78.47 -47.52 31.22
N TYR H 1314 79.11 -47.98 30.15
CA TYR H 1314 79.50 -49.38 30.03
C TYR H 1314 81.04 -49.53 30.07
N SER H 1315 81.52 -50.43 30.94
CA SER H 1315 82.96 -50.55 31.19
C SER H 1315 83.54 -51.94 30.83
N TYR H 1316 84.83 -51.96 30.44
CA TYR H 1316 85.56 -53.22 30.12
C TYR H 1316 87.03 -53.22 30.53
N LYS H 1317 87.30 -53.92 31.64
CA LYS H 1317 88.62 -53.94 32.27
C LYS H 1317 89.00 -52.55 32.81
N GLY H 1318 88.04 -51.89 33.45
CA GLY H 1318 88.22 -50.52 33.93
C GLY H 1318 88.18 -49.47 32.82
N GLU H 1319 88.15 -49.95 31.57
CA GLU H 1319 88.16 -49.12 30.37
C GLU H 1319 86.77 -48.72 29.84
N LYS H 1320 86.61 -47.45 29.48
CA LYS H 1320 85.34 -46.92 28.99
C LYS H 1320 85.13 -47.36 27.55
N ILE H 1321 83.95 -47.92 27.28
CA ILE H 1321 83.64 -48.48 25.95
C ILE H 1321 82.38 -47.91 25.29
N GLY H 1322 81.39 -47.56 26.10
CA GLY H 1322 80.17 -46.98 25.56
C GLY H 1322 79.26 -46.35 26.60
N GLN H 1323 78.55 -45.31 26.17
CA GLN H 1323 77.54 -44.66 27.00
C GLN H 1323 76.20 -44.88 26.29
N GLY H 1324 75.24 -45.48 26.99
CA GLY H 1324 73.96 -45.86 26.38
C GLY H 1324 74.06 -47.12 25.53
N LYS H 1325 73.25 -48.15 25.86
CA LYS H 1325 73.32 -49.48 25.20
C LYS H 1325 73.64 -49.34 23.71
N ALA H 1326 72.94 -48.39 23.09
CA ALA H 1326 73.17 -47.98 21.71
C ALA H 1326 74.65 -48.04 21.32
N ASN H 1327 75.42 -47.03 21.75
CA ASN H 1327 76.81 -46.88 21.33
C ASN H 1327 77.70 -48.04 21.79
N ALA H 1328 77.29 -48.69 22.87
CA ALA H 1328 77.99 -49.85 23.39
C ALA H 1328 77.96 -50.96 22.37
N THR H 1329 76.80 -51.17 21.79
CA THR H 1329 76.64 -52.17 20.76
C THR H 1329 77.67 -51.91 19.68
N ALA H 1330 77.37 -50.96 18.78
CA ALA H 1330 78.22 -50.65 17.62
C ALA H 1330 79.72 -50.42 17.96
N TRP H 1331 80.06 -50.54 19.25
CA TRP H 1331 81.44 -50.63 19.69
C TRP H 1331 81.97 -52.03 19.44
N LEU H 1332 81.35 -53.02 20.08
CA LEU H 1332 81.74 -54.40 19.85
C LEU H 1332 81.77 -54.77 18.39
N LYS H 1333 81.01 -54.06 17.58
CA LYS H 1333 81.00 -54.29 16.13
C LYS H 1333 82.36 -53.99 15.56
N ASP H 1334 83.05 -53.04 16.19
CA ASP H 1334 84.31 -52.52 15.68
C ASP H 1334 85.56 -53.10 16.38
N ASN H 1335 85.36 -54.07 17.27
CA ASN H 1335 86.49 -54.70 17.94
C ASN H 1335 86.33 -56.22 17.97
N PRO H 1336 86.13 -56.84 16.78
CA PRO H 1336 85.68 -58.23 16.75
C PRO H 1336 86.52 -59.09 17.69
N GLU H 1337 87.83 -58.86 17.69
CA GLU H 1337 88.79 -59.59 18.53
C GLU H 1337 88.28 -59.71 19.97
N THR H 1338 88.21 -58.57 20.65
CA THR H 1338 87.84 -58.53 22.06
C THR H 1338 86.32 -58.82 22.22
N ALA H 1339 85.64 -59.02 21.10
CA ALA H 1339 84.23 -59.35 21.10
C ALA H 1339 84.09 -60.83 21.14
N LYS H 1340 84.54 -61.46 20.06
CA LYS H 1340 84.59 -62.91 19.94
C LYS H 1340 85.11 -63.53 21.24
N GLU H 1341 85.99 -62.80 21.92
CA GLU H 1341 86.60 -63.30 23.16
C GLU H 1341 85.60 -63.30 24.32
N ILE H 1342 84.65 -62.39 24.28
CA ILE H 1342 83.58 -62.40 25.26
C ILE H 1342 82.55 -63.43 24.87
N GLU H 1343 82.27 -63.51 23.57
CA GLU H 1343 81.35 -64.52 23.06
C GLU H 1343 81.62 -65.85 23.75
N LYS H 1344 82.80 -66.40 23.49
CA LYS H 1344 83.20 -67.67 24.07
C LYS H 1344 82.96 -67.72 25.59
N LYS H 1345 83.46 -66.72 26.33
CA LYS H 1345 83.46 -66.81 27.81
C LYS H 1345 82.08 -66.72 28.45
N VAL H 1346 81.05 -66.51 27.62
CA VAL H 1346 79.66 -66.58 28.06
C VAL H 1346 79.13 -67.93 27.66
N ARG H 1347 79.48 -68.35 26.45
CA ARG H 1347 79.19 -69.68 25.96
C ARG H 1347 79.74 -70.75 26.92
N GLU H 1348 80.87 -70.46 27.55
CA GLU H 1348 81.46 -71.36 28.55
C GLU H 1348 80.65 -71.33 29.85
N LEU H 1349 79.99 -70.20 30.10
CA LEU H 1349 79.24 -70.00 31.34
C LEU H 1349 77.72 -70.24 31.23
N LEU H 1350 77.24 -70.63 30.03
CA LEU H 1350 75.82 -71.07 29.85
C LEU H 1350 75.57 -72.25 28.86
N LEU H 1351 76.64 -72.96 28.44
CA LEU H 1351 76.57 -74.12 27.53
C LEU H 1351 77.67 -75.18 27.81
#